data_5XJX
#
_entry.id   5XJX
#
_cell.length_a   116.172
_cell.length_b   114.395
_cell.length_c   191.952
_cell.angle_alpha   89.57
_cell.angle_beta   90.46
_cell.angle_gamma   59.86
#
_symmetry.space_group_name_H-M   'P 1'
#
loop_
_entity.id
_entity.type
_entity.pdbx_description
1 polymer 'Protein TOO MANY MOUTHS'
2 polymer 'LRR receptor-like serine/threonine-protein kinase ERL1'
#
loop_
_entity_poly.entity_id
_entity_poly.type
_entity_poly.pdbx_seq_one_letter_code
_entity_poly.pdbx_strand_id
1 'polypeptide(L)'
;TSDSTAPSALIDGPQTGFTMTNDGARTEPDEQDAVYDIMRATGNDWAAAIPDVCRGRWHGIECMPDQDNVYHVVSLSFGA
LSDDTAFPTCDPQRSYVSESLTRLKHLKALFFYRCLGRAPQRIPAFLGRLGSSLQTLVLRENGFLGPIPDELGNLTNLKV
LDLHKNHLNGSIPLSFNRFSGLRSLDLSGNRLTGSIPGFVLPALSVLDLNQNLLTGPVPPTLTSCGSLIKIDLSRNRVTG
PIPESINRLNQLVLLDLSYNRLSGPFPSSLQGLNSLQALMLKGNTKFSTTIPENAFKGLKNLMILVLSNTNIQGSIPKSL
TRLNSLRVLHLEGNNLTGEIPLEFRDVKHLSELRLNDNSLTGPVPFERDTVWRMRRKLRLYNNAGLCVNRDSDLDDAFGS
KSGSTVRLCDAETSRPAPSGTVQHLSREEDGAL
;
C,F,D,L,H,J
2 'polypeptide(L)'
;SAMNNEGKALMAIKGSFSNLVNMLLDWDDVHNSDLCSWRGVFCDNVSYSVVSLNLSSLNLGGEISPAIGDLRNLQSIDLQ
GNKLAGQIPDEIGNCASLVYLDLSENLLYGDIPFSISKLKQLETLNLKNNQLTGPVPATLTQIPNLKRLDLAGNHLTGEI
SRLLYWNEVLQYLGLRGNMLTGTLSSDMCQLTGLWYFDVRGNNLTGTIPESIGNCTSFQILDISYNQITGEIPYNIGFLQ
VATLSLQGNRLTGRIPEVIGLMQALAVLDLSDNELVGPIPPILGNLSFTGKLYLHGNMLTGPIPSELGNMSRLSYLQLND
NKLVGTIPPELGKLEQLFELNLANNRLVGPIPSNISSCAALNQFNVHGNLLSGSIPLAFRNLGSLTYLNLSSNNFKGKIP
VELGHIINLDKLDLSGNNFSGSIPLTLGDLEHLLILNLSRNHLSGQLPAEFGNLRSIQMIDVSFNLLSGVIPTELGQLQN
LNSLILNNNKLHGKIPDQLTNCFTLVNLNVSFNNLSGIVPPMKNFSRFAPASFVGNPYLCGNWVGSICGPHHHHHH
;
K,G,A,I,B,E
#
# COMPACT_ATOMS: atom_id res chain seq x y z
N GLY A 24 31.90 11.20 55.73
CA GLY A 24 32.44 10.01 55.08
C GLY A 24 32.77 10.23 53.62
N ALA A 25 32.79 11.49 53.20
CA ALA A 25 33.11 11.85 51.82
C ALA A 25 34.63 12.00 51.66
N ARG A 26 35.11 11.69 50.46
CA ARG A 26 36.54 11.77 50.17
C ARG A 26 36.75 12.43 48.81
N THR A 27 37.98 12.88 48.59
CA THR A 27 38.34 13.60 47.39
C THR A 27 38.70 12.64 46.27
N GLU A 28 38.35 13.03 45.04
CA GLU A 28 38.69 12.23 43.87
C GLU A 28 40.20 12.01 43.81
N PRO A 29 40.66 10.76 43.70
CA PRO A 29 42.11 10.49 43.90
C PRO A 29 43.02 11.18 42.89
N ASP A 30 42.67 11.16 41.60
CA ASP A 30 43.55 11.77 40.61
C ASP A 30 43.55 13.29 40.74
N GLU A 31 42.39 13.89 41.03
CA GLU A 31 42.37 15.32 41.32
C GLU A 31 43.25 15.65 42.52
N GLN A 32 43.28 14.76 43.51
CA GLN A 32 44.10 14.99 44.69
C GLN A 32 45.59 14.89 44.36
N ASP A 33 45.99 13.83 43.68
CA ASP A 33 47.40 13.69 43.29
C ASP A 33 47.83 14.86 42.40
N ALA A 34 46.92 15.33 41.54
CA ALA A 34 47.20 16.51 40.74
C ALA A 34 47.40 17.73 41.62
N VAL A 35 46.58 17.86 42.67
CA VAL A 35 46.78 18.96 43.63
C VAL A 35 48.15 18.86 44.27
N TYR A 36 48.52 17.67 44.77
CA TYR A 36 49.87 17.45 45.29
C TYR A 36 50.94 17.95 44.33
N ASP A 37 50.81 17.60 43.04
CA ASP A 37 51.87 17.93 42.11
C ASP A 37 51.88 19.42 41.77
N ILE A 38 50.70 20.03 41.67
CA ILE A 38 50.62 21.48 41.47
C ILE A 38 51.31 22.20 42.61
N MET A 39 51.02 21.78 43.85
CA MET A 39 51.62 22.42 45.01
C MET A 39 53.13 22.19 45.07
N ARG A 40 53.57 20.97 44.77
CA ARG A 40 54.99 20.68 44.72
C ARG A 40 55.69 21.56 43.69
N ALA A 41 55.07 21.75 42.52
CA ALA A 41 55.65 22.60 41.48
C ALA A 41 55.67 24.05 41.89
N THR A 42 54.69 24.50 42.68
CA THR A 42 54.65 25.89 43.10
C THR A 42 55.57 26.19 44.29
N GLY A 43 56.21 25.17 44.86
CA GLY A 43 57.12 25.35 45.97
C GLY A 43 56.58 24.89 47.30
N ASN A 44 55.32 24.48 47.34
CA ASN A 44 54.63 24.10 48.57
C ASN A 44 54.47 22.60 48.68
N ASP A 45 55.59 21.88 48.75
CA ASP A 45 55.58 20.42 48.77
C ASP A 45 54.79 19.87 49.96
N TRP A 46 54.55 20.68 50.99
CA TRP A 46 53.82 20.21 52.16
C TRP A 46 52.45 19.67 51.83
N ALA A 47 51.79 20.20 50.81
CA ALA A 47 50.44 19.73 50.50
C ALA A 47 50.45 18.26 50.12
N ALA A 48 51.59 17.72 49.70
CA ALA A 48 51.65 16.29 49.37
C ALA A 48 51.37 15.40 50.59
N ALA A 49 51.44 15.94 51.80
CA ALA A 49 51.23 15.12 53.00
C ALA A 49 49.80 15.08 53.50
N ILE A 50 48.93 15.98 53.06
CA ILE A 50 47.55 15.99 53.59
C ILE A 50 46.82 14.74 53.12
N PRO A 51 46.20 13.98 54.04
CA PRO A 51 45.51 12.74 53.60
C PRO A 51 44.38 13.03 52.64
N ASP A 52 43.63 14.10 52.86
CA ASP A 52 42.56 14.51 51.96
C ASP A 52 42.58 16.02 51.83
N VAL A 53 43.01 16.53 50.68
CA VAL A 53 43.15 17.98 50.50
C VAL A 53 41.79 18.67 50.46
N CYS A 54 40.72 17.94 50.14
CA CYS A 54 39.42 18.56 50.01
C CYS A 54 38.70 18.72 51.34
N ARG A 55 38.99 17.84 52.29
CA ARG A 55 38.47 17.95 53.65
C ARG A 55 39.49 18.59 54.59
N GLY A 56 40.76 18.57 54.19
CA GLY A 56 41.79 19.35 54.86
C GLY A 56 42.02 20.63 54.08
N ARG A 57 40.96 21.07 53.40
CA ARG A 57 40.91 22.30 52.60
C ARG A 57 41.74 23.42 53.22
N TRP A 58 42.66 23.97 52.44
CA TRP A 58 43.39 25.16 52.84
C TRP A 58 42.80 26.40 52.18
N HIS A 59 43.11 27.57 52.77
CA HIS A 59 42.70 28.82 52.13
C HIS A 59 43.43 28.96 50.80
N GLY A 60 42.69 28.89 49.72
CA GLY A 60 43.28 28.93 48.40
C GLY A 60 42.81 27.77 47.57
N ILE A 61 42.30 26.74 48.23
CA ILE A 61 41.68 25.61 47.57
C ILE A 61 40.23 25.52 48.02
N GLU A 62 39.34 25.22 47.07
CA GLU A 62 37.92 25.03 47.36
C GLU A 62 37.44 23.78 46.65
N CYS A 63 36.68 22.96 47.36
CA CYS A 63 36.11 21.76 46.79
C CYS A 63 34.60 21.83 46.86
N MET A 64 33.96 21.02 46.02
CA MET A 64 32.53 20.87 46.09
C MET A 64 32.20 19.46 45.65
N PRO A 65 31.25 18.81 46.31
CA PRO A 65 30.94 17.42 45.99
C PRO A 65 29.85 17.30 44.93
N ASP A 66 29.96 16.23 44.16
CA ASP A 66 28.89 15.89 43.23
C ASP A 66 27.79 15.14 43.97
N GLN A 67 26.77 14.70 43.24
CA GLN A 67 25.70 13.94 43.85
C GLN A 67 26.18 12.61 44.43
N ASP A 68 27.37 12.15 44.00
CA ASP A 68 27.91 10.86 44.38
C ASP A 68 28.81 10.91 45.63
N ASN A 69 28.72 11.99 46.41
CA ASN A 69 29.51 12.15 47.64
C ASN A 69 31.01 12.08 47.38
N VAL A 70 31.45 12.59 46.23
CA VAL A 70 32.87 12.68 45.89
C VAL A 70 33.22 14.15 45.70
N TYR A 71 34.32 14.58 46.33
CA TYR A 71 34.76 15.96 46.25
C TYR A 71 35.50 16.22 44.94
N HIS A 72 35.29 17.41 44.37
CA HIS A 72 36.05 17.86 43.21
C HIS A 72 36.64 19.24 43.50
N VAL A 73 37.86 19.45 43.02
CA VAL A 73 38.56 20.73 43.18
C VAL A 73 37.97 21.74 42.19
N VAL A 74 37.70 22.96 42.67
CA VAL A 74 36.85 23.91 41.94
C VAL A 74 37.56 25.25 41.83
N SER A 75 38.32 25.62 42.86
CA SER A 75 39.07 26.85 42.86
C SER A 75 40.47 26.57 43.38
N LEU A 76 41.44 27.32 42.87
CA LEU A 76 42.83 27.17 43.31
C LEU A 76 43.52 28.51 43.22
N SER A 77 44.03 28.99 44.35
CA SER A 77 44.61 30.33 44.43
C SER A 77 46.02 30.29 45.01
N PHE A 78 46.88 31.16 44.47
CA PHE A 78 48.24 31.31 44.92
C PHE A 78 48.62 32.78 44.94
N GLY A 79 49.52 33.13 45.83
CA GLY A 79 49.97 34.50 45.92
C GLY A 79 49.40 35.23 47.12
N ALA A 80 50.15 36.21 47.60
CA ALA A 80 49.75 36.99 48.78
C ALA A 80 48.80 38.11 48.36
N LEU A 81 47.58 37.71 48.01
CA LEU A 81 46.49 38.67 47.87
C LEU A 81 46.05 39.17 49.23
N SER A 82 46.31 38.39 50.28
CA SER A 82 45.97 38.71 51.67
C SER A 82 44.46 38.70 51.87
N ASP A 83 44.03 39.33 52.95
CA ASP A 83 42.69 39.30 53.55
C ASP A 83 42.90 39.36 55.06
N ASP A 84 42.09 38.60 55.79
CA ASP A 84 42.54 38.13 57.10
C ASP A 84 43.58 37.05 56.93
N THR A 85 43.31 36.08 56.05
CA THR A 85 44.20 34.99 55.68
C THR A 85 44.88 35.28 54.34
N ALA A 86 45.99 34.59 54.09
CA ALA A 86 46.70 34.70 52.83
C ALA A 86 46.77 33.34 52.14
N PHE A 87 46.91 33.39 50.81
CA PHE A 87 47.03 32.18 50.01
C PHE A 87 48.47 31.68 50.06
N PRO A 88 48.71 30.45 49.61
CA PRO A 88 50.09 29.98 49.50
C PRO A 88 50.89 30.83 48.53
N THR A 89 52.12 31.15 48.91
CA THR A 89 53.04 31.87 48.05
C THR A 89 53.96 30.88 47.35
N CYS A 90 54.66 31.37 46.34
CA CYS A 90 55.51 30.55 45.49
C CYS A 90 56.98 30.86 45.73
N ASP A 91 57.75 29.82 46.01
CA ASP A 91 59.19 29.92 46.17
C ASP A 91 59.79 30.53 44.90
N PRO A 92 60.47 31.67 45.01
CA PRO A 92 61.02 32.30 43.80
C PRO A 92 62.13 31.50 43.12
N GLN A 93 62.70 30.51 43.80
CA GLN A 93 63.74 29.69 43.18
C GLN A 93 63.17 28.50 42.41
N ARG A 94 62.03 27.96 42.82
CA ARG A 94 61.59 26.66 42.33
C ARG A 94 60.30 26.69 41.52
N SER A 95 59.43 27.67 41.75
CA SER A 95 58.03 27.53 41.34
C SER A 95 57.85 27.61 39.83
N TYR A 96 56.77 27.00 39.37
CA TYR A 96 56.32 27.10 37.99
C TYR A 96 54.88 26.61 37.95
N VAL A 97 54.18 26.92 36.87
CA VAL A 97 52.81 26.48 36.68
C VAL A 97 52.84 25.09 36.03
N SER A 98 52.37 24.09 36.77
CA SER A 98 52.48 22.71 36.33
C SER A 98 51.36 22.33 35.38
N GLU A 99 51.71 21.56 34.35
CA GLU A 99 50.71 21.04 33.42
C GLU A 99 49.67 20.16 34.11
N SER A 100 49.95 19.67 35.32
CA SER A 100 49.00 18.81 36.02
C SER A 100 47.69 19.52 36.31
N LEU A 101 47.63 20.84 36.14
CA LEU A 101 46.36 21.56 36.21
C LEU A 101 45.33 20.98 35.25
N THR A 102 45.78 20.37 34.15
CA THR A 102 44.84 19.80 33.19
C THR A 102 44.14 18.57 33.75
N ARG A 103 44.67 17.97 34.82
CA ARG A 103 44.00 16.84 35.45
C ARG A 103 42.81 17.26 36.31
N LEU A 104 42.70 18.54 36.64
CA LEU A 104 41.56 19.05 37.41
C LEU A 104 40.45 19.36 36.43
N LYS A 105 39.56 18.37 36.23
CA LYS A 105 38.56 18.47 35.18
C LYS A 105 37.51 19.53 35.50
N HIS A 106 37.29 19.82 36.78
CA HIS A 106 36.17 20.66 37.20
C HIS A 106 36.61 22.05 37.66
N LEU A 107 37.86 22.44 37.45
CA LEU A 107 38.36 23.73 37.93
C LEU A 107 37.52 24.87 37.40
N LYS A 108 36.95 25.66 38.33
CA LYS A 108 36.15 26.82 37.97
C LYS A 108 36.93 28.13 38.06
N ALA A 109 37.88 28.25 38.98
CA ALA A 109 38.62 29.50 39.14
C ALA A 109 40.08 29.22 39.47
N LEU A 110 40.97 30.00 38.83
CA LEU A 110 42.42 29.85 39.02
C LEU A 110 43.02 31.23 39.26
N PHE A 111 43.67 31.39 40.43
CA PHE A 111 44.32 32.63 40.83
C PHE A 111 45.82 32.42 40.98
N PHE A 112 46.60 33.27 40.33
CA PHE A 112 48.02 33.47 40.62
C PHE A 112 48.24 34.97 40.75
N TYR A 113 48.69 35.41 41.93
CA TYR A 113 48.91 36.83 42.18
C TYR A 113 50.33 37.03 42.68
N ARG A 114 51.15 37.69 41.87
CA ARG A 114 52.53 38.03 42.24
C ARG A 114 53.33 36.78 42.60
N CYS A 115 53.03 35.69 41.90
CA CYS A 115 53.68 34.40 42.10
C CYS A 115 54.77 34.28 41.04
N LEU A 116 55.97 34.72 41.39
CA LEU A 116 57.07 34.87 40.44
C LEU A 116 57.94 33.62 40.43
N GLY A 117 58.26 33.14 39.24
CA GLY A 117 59.19 32.06 39.08
C GLY A 117 60.63 32.54 39.11
N ARG A 118 61.54 31.62 38.78
CA ARG A 118 62.96 31.95 38.84
C ARG A 118 63.37 32.86 37.69
N ALA A 119 62.77 32.68 36.51
CA ALA A 119 63.38 33.18 35.30
C ALA A 119 62.29 33.47 34.27
N PRO A 120 62.59 33.72 32.99
CA PRO A 120 61.51 33.87 32.00
C PRO A 120 60.56 32.67 31.99
N GLN A 121 59.26 32.97 31.99
CA GLN A 121 58.22 31.98 31.82
C GLN A 121 57.08 32.58 31.02
N ARG A 122 56.56 31.81 30.07
CA ARG A 122 55.44 32.23 29.25
C ARG A 122 54.13 31.73 29.85
N ILE A 123 53.03 32.33 29.41
CA ILE A 123 51.73 31.79 29.77
C ILE A 123 51.64 30.40 29.16
N PRO A 124 51.44 29.36 29.95
CA PRO A 124 51.43 28.00 29.38
C PRO A 124 50.20 27.76 28.52
N ALA A 125 50.43 27.13 27.37
CA ALA A 125 49.34 26.86 26.44
C ALA A 125 48.38 25.81 26.98
N PHE A 126 48.88 24.90 27.83
CA PHE A 126 48.01 23.83 28.31
C PHE A 126 46.84 24.35 29.13
N LEU A 127 46.84 25.63 29.49
CA LEU A 127 45.69 26.21 30.19
C LEU A 127 44.43 26.09 29.36
N GLY A 128 44.56 26.00 28.03
CA GLY A 128 43.39 25.79 27.19
C GLY A 128 42.73 24.44 27.38
N ARG A 129 43.48 23.43 27.86
CA ARG A 129 43.01 22.06 27.97
C ARG A 129 42.05 21.83 29.13
N LEU A 130 41.66 22.87 29.87
CA LEU A 130 40.64 22.71 30.90
C LEU A 130 39.44 23.60 30.56
N GLY A 131 38.89 23.45 29.36
CA GLY A 131 38.07 24.47 28.73
C GLY A 131 36.77 24.87 29.39
N SER A 132 35.76 23.97 29.37
CA SER A 132 34.40 24.41 29.68
C SER A 132 34.22 24.77 31.15
N SER A 133 35.00 24.16 32.04
CA SER A 133 34.78 24.39 33.48
C SER A 133 35.24 25.78 33.90
N LEU A 134 36.38 26.24 33.38
CA LEU A 134 36.99 27.47 33.87
C LEU A 134 36.14 28.68 33.54
N GLN A 135 35.86 29.50 34.56
CA GLN A 135 35.16 30.76 34.40
C GLN A 135 35.97 31.97 34.87
N THR A 136 37.01 31.76 35.66
CA THR A 136 37.86 32.84 36.16
C THR A 136 39.32 32.45 35.99
N LEU A 137 40.04 33.20 35.17
CA LEU A 137 41.48 33.02 35.04
C LEU A 137 42.16 34.34 35.39
N VAL A 138 42.87 34.35 36.50
CA VAL A 138 43.57 35.54 36.98
C VAL A 138 45.04 35.19 37.10
N LEU A 139 45.86 35.78 36.24
CA LEU A 139 47.32 35.65 36.27
C LEU A 139 47.92 37.04 36.44
N ARG A 140 47.76 37.63 37.62
CA ARG A 140 48.07 39.04 37.82
C ARG A 140 49.50 39.21 38.34
N GLU A 141 50.27 40.06 37.65
CA GLU A 141 51.61 40.47 38.07
C GLU A 141 52.52 39.28 38.38
N ASN A 142 52.68 38.40 37.40
CA ASN A 142 53.48 37.19 37.56
C ASN A 142 54.77 37.19 36.77
N GLY A 143 55.05 38.25 36.01
CA GLY A 143 56.25 38.29 35.20
C GLY A 143 56.21 37.45 33.95
N PHE A 144 55.02 37.07 33.49
CA PHE A 144 54.90 36.25 32.27
C PHE A 144 55.43 37.01 31.06
N LEU A 145 56.07 36.27 30.15
CA LEU A 145 56.69 36.83 28.95
C LEU A 145 56.00 36.30 27.69
N GLY A 146 56.45 36.83 26.55
CA GLY A 146 56.07 36.33 25.26
C GLY A 146 54.65 36.63 24.90
N PRO A 147 54.17 36.02 23.82
CA PRO A 147 52.82 36.28 23.35
C PRO A 147 51.79 35.54 24.19
N ILE A 148 50.57 36.08 24.18
CA ILE A 148 49.45 35.38 24.80
C ILE A 148 49.14 34.12 23.98
N PRO A 149 49.06 32.95 24.60
CA PRO A 149 48.76 31.73 23.84
C PRO A 149 47.40 31.82 23.17
N ASP A 150 47.34 31.39 21.92
CA ASP A 150 46.08 31.41 21.19
C ASP A 150 45.05 30.49 21.82
N GLU A 151 45.50 29.36 22.38
CA GLU A 151 44.60 28.34 22.90
C GLU A 151 43.95 28.74 24.21
N LEU A 152 44.31 29.90 24.77
CA LEU A 152 43.48 30.50 25.80
C LEU A 152 42.05 30.73 25.31
N GLY A 153 41.85 30.74 23.98
CA GLY A 153 40.51 30.82 23.43
C GLY A 153 39.65 29.60 23.68
N ASN A 154 40.26 28.46 24.05
CA ASN A 154 39.46 27.28 24.39
C ASN A 154 38.63 27.48 25.64
N LEU A 155 39.05 28.38 26.54
CA LEU A 155 38.34 28.63 27.80
C LEU A 155 37.04 29.36 27.46
N THR A 156 36.07 28.59 26.98
CA THR A 156 34.89 29.16 26.34
C THR A 156 34.01 29.91 27.35
N ASN A 157 33.86 29.37 28.55
CA ASN A 157 32.97 29.95 29.54
C ASN A 157 33.66 30.98 30.43
N LEU A 158 34.86 31.41 30.07
CA LEU A 158 35.56 32.45 30.82
C LEU A 158 34.68 33.68 30.97
N LYS A 159 34.55 34.14 32.22
CA LYS A 159 33.82 35.37 32.51
C LYS A 159 34.71 36.46 33.08
N VAL A 160 35.84 36.12 33.70
CA VAL A 160 36.83 37.09 34.15
C VAL A 160 38.20 36.63 33.67
N LEU A 161 38.87 37.47 32.89
CA LEU A 161 40.24 37.22 32.47
C LEU A 161 41.10 38.39 32.90
N ASP A 162 42.15 38.13 33.68
CA ASP A 162 42.99 39.18 34.21
C ASP A 162 44.45 38.82 33.94
N LEU A 163 45.09 39.58 33.05
CA LEU A 163 46.50 39.43 32.72
C LEU A 163 47.27 40.71 33.02
N HIS A 164 46.88 41.40 34.07
CA HIS A 164 47.40 42.74 34.35
C HIS A 164 48.87 42.72 34.72
N LYS A 165 49.60 43.73 34.22
CA LYS A 165 51.00 44.00 34.56
C LYS A 165 51.88 42.75 34.49
N ASN A 166 51.95 42.18 33.29
CA ASN A 166 52.96 41.20 32.93
C ASN A 166 53.91 41.86 31.92
N HIS A 167 54.53 41.06 31.05
CA HIS A 167 55.43 41.56 30.03
C HIS A 167 55.10 40.88 28.70
N LEU A 168 53.88 41.06 28.21
CA LEU A 168 53.33 40.19 27.17
C LEU A 168 53.67 40.74 25.78
N ASN A 169 54.37 39.92 25.00
CA ASN A 169 54.75 40.26 23.64
C ASN A 169 53.54 40.25 22.71
N GLY A 170 53.69 40.94 21.58
CA GLY A 170 52.86 40.66 20.42
C GLY A 170 51.43 41.16 20.54
N SER A 171 50.55 40.49 19.81
CA SER A 171 49.18 40.94 19.59
C SER A 171 48.22 40.28 20.57
N ILE A 172 47.04 40.87 20.68
CA ILE A 172 45.94 40.24 21.39
C ILE A 172 45.36 39.13 20.51
N PRO A 173 45.27 37.89 21.00
CA PRO A 173 44.80 36.79 20.15
C PRO A 173 43.38 37.04 19.65
N LEU A 174 43.16 36.70 18.37
CA LEU A 174 41.83 36.83 17.79
C LEU A 174 40.86 35.80 18.36
N SER A 175 41.36 34.67 18.87
CA SER A 175 40.50 33.65 19.44
C SER A 175 39.75 34.11 20.68
N PHE A 176 40.11 35.28 21.24
CA PHE A 176 39.30 35.89 22.28
C PHE A 176 37.88 36.16 21.79
N ASN A 177 37.64 36.07 20.49
CA ASN A 177 36.29 36.11 19.95
C ASN A 177 35.39 35.08 20.61
N ARG A 178 35.96 33.95 21.05
CA ARG A 178 35.17 32.84 21.58
C ARG A 178 34.67 33.06 23.02
N PHE A 179 35.13 34.11 23.71
CA PHE A 179 34.67 34.38 25.09
C PHE A 179 33.29 35.06 25.05
N SER A 180 32.29 34.28 24.64
CA SER A 180 30.96 34.85 24.45
C SER A 180 30.36 35.38 25.75
N GLY A 181 30.62 34.68 26.86
CA GLY A 181 30.11 35.07 28.15
C GLY A 181 30.99 35.99 28.97
N LEU A 182 32.07 36.51 28.39
CA LEU A 182 33.06 37.26 29.15
C LEU A 182 32.45 38.50 29.79
N ARG A 183 32.68 38.66 31.09
CA ARG A 183 32.22 39.82 31.83
C ARG A 183 33.30 40.88 32.03
N SER A 184 34.57 40.47 32.15
CA SER A 184 35.64 41.38 32.53
C SER A 184 36.93 41.00 31.84
N LEU A 185 37.49 41.92 31.05
CA LEU A 185 38.76 41.67 30.37
C LEU A 185 39.77 42.72 30.81
N ASP A 186 40.87 42.28 31.42
CA ASP A 186 41.90 43.19 31.94
C ASP A 186 43.26 42.73 31.42
N LEU A 187 43.80 43.45 30.44
CA LEU A 187 45.12 43.19 29.87
C LEU A 187 46.07 44.35 30.13
N SER A 188 45.82 45.13 31.18
CA SER A 188 46.53 46.37 31.41
C SER A 188 47.99 46.13 31.77
N GLY A 189 48.83 47.10 31.39
CA GLY A 189 50.21 47.13 31.82
C GLY A 189 51.12 46.11 31.17
N ASN A 190 50.91 45.81 29.89
CA ASN A 190 51.81 44.92 29.16
C ASN A 190 52.44 45.64 27.98
N ARG A 191 52.91 44.88 27.00
CA ARG A 191 53.51 45.44 25.79
C ARG A 191 52.78 44.95 24.55
N LEU A 192 51.46 44.85 24.64
CA LEU A 192 50.66 44.34 23.54
C LEU A 192 50.66 45.32 22.36
N THR A 193 50.78 44.78 21.16
CA THR A 193 50.88 45.57 19.94
C THR A 193 49.77 45.18 18.97
N GLY A 194 49.74 45.84 17.82
CA GLY A 194 48.71 45.63 16.84
C GLY A 194 47.46 46.43 17.19
N SER A 195 46.48 46.34 16.30
CA SER A 195 45.22 47.03 16.54
C SER A 195 44.34 46.20 17.45
N ILE A 196 43.47 46.87 18.19
CA ILE A 196 42.52 46.21 19.07
C ILE A 196 41.59 45.35 18.23
N PRO A 197 41.63 44.02 18.37
CA PRO A 197 40.73 43.18 17.59
C PRO A 197 39.27 43.49 17.95
N GLY A 198 38.41 43.40 16.95
CA GLY A 198 37.02 43.75 17.14
C GLY A 198 36.11 42.60 17.48
N PHE A 199 36.13 42.15 18.73
CA PHE A 199 35.14 41.19 19.18
C PHE A 199 33.82 41.90 19.49
N VAL A 200 32.73 41.15 19.38
CA VAL A 200 31.43 41.63 19.83
C VAL A 200 31.02 40.77 21.01
N LEU A 201 31.34 41.23 22.23
CA LEU A 201 31.09 40.49 23.45
C LEU A 201 29.86 41.07 24.12
N PRO A 202 28.70 40.42 24.06
CA PRO A 202 27.46 41.08 24.48
C PRO A 202 27.32 41.29 25.97
N ALA A 203 28.00 40.51 26.81
CA ALA A 203 27.92 40.63 28.25
C ALA A 203 29.12 41.34 28.86
N LEU A 204 30.03 41.84 28.04
CA LEU A 204 31.25 42.44 28.54
C LEU A 204 30.95 43.73 29.29
N SER A 205 31.45 43.82 30.52
CA SER A 205 31.19 44.97 31.39
C SER A 205 32.39 45.90 31.55
N VAL A 206 33.59 45.36 31.79
CA VAL A 206 34.80 46.17 31.88
C VAL A 206 35.81 45.71 30.83
N LEU A 207 36.34 46.68 30.09
CA LEU A 207 37.41 46.46 29.11
C LEU A 207 38.56 47.37 29.49
N ASP A 208 39.65 46.79 29.99
CA ASP A 208 40.82 47.55 30.42
C ASP A 208 42.03 47.09 29.63
N LEU A 209 42.49 47.93 28.70
CA LEU A 209 43.67 47.67 27.90
C LEU A 209 44.70 48.79 28.04
N ASN A 210 44.66 49.53 29.14
CA ASN A 210 45.48 50.72 29.25
C ASN A 210 46.94 50.36 29.48
N GLN A 211 47.82 51.28 29.09
CA GLN A 211 49.27 51.13 29.20
C GLN A 211 49.73 49.88 28.45
N ASN A 212 49.58 49.96 27.13
CA ASN A 212 50.16 48.99 26.20
C ASN A 212 50.73 49.73 25.01
N LEU A 213 50.83 49.06 23.87
CA LEU A 213 51.31 49.69 22.64
C LEU A 213 50.34 49.44 21.50
N LEU A 214 49.04 49.50 21.81
CA LEU A 214 48.01 49.24 20.82
C LEU A 214 47.87 50.41 19.86
N THR A 215 47.46 50.10 18.63
CA THR A 215 47.45 51.08 17.55
C THR A 215 46.13 50.96 16.80
N GLY A 216 46.04 51.64 15.66
CA GLY A 216 44.86 51.60 14.83
C GLY A 216 43.73 52.45 15.36
N PRO A 217 42.58 52.39 14.71
CA PRO A 217 41.42 53.16 15.16
C PRO A 217 40.74 52.48 16.34
N VAL A 218 39.77 53.20 16.90
CA VAL A 218 38.81 52.58 17.81
C VAL A 218 38.02 51.57 17.01
N PRO A 219 38.04 50.29 17.39
CA PRO A 219 37.27 49.29 16.66
C PRO A 219 35.80 49.68 16.62
N PRO A 220 35.15 49.57 15.47
CA PRO A 220 33.72 49.90 15.41
C PRO A 220 32.89 48.96 16.27
N THR A 221 33.21 47.67 16.24
CA THR A 221 32.49 46.67 17.03
C THR A 221 32.50 46.99 18.52
N LEU A 222 33.45 47.82 18.96
CA LEU A 222 33.45 48.26 20.36
C LEU A 222 32.09 48.83 20.75
N THR A 223 31.52 49.69 19.90
CA THR A 223 30.24 50.31 20.23
C THR A 223 29.07 49.32 20.24
N SER A 224 29.31 48.04 19.95
CA SER A 224 28.27 47.02 19.97
C SER A 224 28.28 46.16 21.22
N CYS A 225 29.23 46.37 22.12
CA CYS A 225 29.23 45.70 23.43
C CYS A 225 28.49 46.60 24.41
N GLY A 226 27.16 46.47 24.45
CA GLY A 226 26.33 47.41 25.16
C GLY A 226 26.33 47.29 26.67
N SER A 227 26.86 46.21 27.22
CA SER A 227 26.95 46.03 28.66
C SER A 227 28.14 46.77 29.26
N LEU A 228 28.96 47.41 28.44
CA LEU A 228 30.20 48.02 28.92
C LEU A 228 29.90 49.18 29.86
N ILE A 229 30.47 49.12 31.06
CA ILE A 229 30.44 50.24 32.00
C ILE A 229 31.79 50.93 32.11
N LYS A 230 32.88 50.30 31.70
CA LYS A 230 34.22 50.88 31.80
C LYS A 230 35.01 50.55 30.55
N ILE A 231 35.53 51.58 29.89
CA ILE A 231 36.45 51.42 28.77
C ILE A 231 37.69 52.21 29.11
N ASP A 232 38.80 51.52 29.37
CA ASP A 232 40.08 52.15 29.68
C ASP A 232 41.05 51.78 28.56
N LEU A 233 41.28 52.72 27.64
CA LEU A 233 42.25 52.56 26.57
C LEU A 233 43.41 53.53 26.72
N SER A 234 43.58 54.11 27.91
CA SER A 234 44.56 55.17 28.10
C SER A 234 45.98 54.66 27.92
N ARG A 235 46.87 55.57 27.53
CA ARG A 235 48.28 55.28 27.29
C ARG A 235 48.44 54.13 26.29
N ASN A 236 48.03 54.41 25.06
CA ASN A 236 48.28 53.54 23.92
C ASN A 236 48.65 54.42 22.74
N ARG A 237 48.51 53.89 21.54
CA ARG A 237 48.80 54.61 20.30
C ARG A 237 47.59 54.54 19.38
N VAL A 238 46.40 54.57 19.97
CA VAL A 238 45.16 54.48 19.19
C VAL A 238 44.95 55.80 18.44
N THR A 239 44.64 55.69 17.15
CA THR A 239 44.49 56.84 16.27
C THR A 239 43.05 56.95 15.79
N GLY A 240 42.76 58.06 15.12
CA GLY A 240 41.48 58.27 14.50
C GLY A 240 40.51 59.06 15.35
N PRO A 241 39.25 59.09 14.94
CA PRO A 241 38.24 59.85 15.69
C PRO A 241 37.43 58.97 16.63
N ILE A 242 36.84 59.58 17.65
CA ILE A 242 35.88 58.88 18.50
C ILE A 242 34.66 58.59 17.64
N PRO A 243 34.31 57.32 17.43
CA PRO A 243 33.20 57.02 16.51
C PRO A 243 31.90 57.60 17.03
N GLU A 244 31.10 58.14 16.10
CA GLU A 244 29.84 58.75 16.48
C GLU A 244 28.83 57.74 17.00
N SER A 245 29.20 56.46 17.06
CA SER A 245 28.33 55.39 17.50
C SER A 245 28.57 54.98 18.96
N ILE A 246 29.34 55.78 19.72
CA ILE A 246 29.47 55.50 21.14
C ILE A 246 28.16 55.77 21.87
N ASN A 247 27.26 56.53 21.24
CA ASN A 247 25.94 56.80 21.82
C ASN A 247 25.17 55.54 22.16
N ARG A 248 25.55 54.40 21.56
CA ARG A 248 24.89 53.14 21.83
C ARG A 248 25.29 52.52 23.17
N LEU A 249 26.29 53.10 23.84
CA LEU A 249 26.80 52.54 25.09
C LEU A 249 26.08 53.20 26.27
N ASN A 250 24.78 52.90 26.36
CA ASN A 250 23.88 53.55 27.30
C ASN A 250 24.18 53.18 28.75
N GLN A 251 25.07 52.23 29.00
CA GLN A 251 25.43 51.83 30.35
C GLN A 251 26.84 52.24 30.75
N LEU A 252 27.54 52.97 29.87
CA LEU A 252 28.96 53.26 30.07
C LEU A 252 29.15 54.31 31.14
N VAL A 253 29.95 53.99 32.16
CA VAL A 253 30.20 54.89 33.29
C VAL A 253 31.48 55.68 33.09
N LEU A 254 32.57 55.02 32.68
CA LEU A 254 33.88 55.63 32.58
C LEU A 254 34.46 55.37 31.19
N LEU A 255 34.88 56.45 30.52
CA LEU A 255 35.54 56.34 29.23
C LEU A 255 36.85 57.10 29.30
N ASP A 256 37.96 56.38 29.29
CA ASP A 256 39.29 56.96 29.42
C ASP A 256 40.05 56.68 28.13
N LEU A 257 40.30 57.73 27.36
CA LEU A 257 41.05 57.65 26.12
C LEU A 257 42.29 58.53 26.17
N SER A 258 42.80 58.79 27.37
CA SER A 258 43.91 59.70 27.56
C SER A 258 45.20 59.13 26.98
N TYR A 259 46.05 60.03 26.51
CA TYR A 259 47.41 59.71 26.03
C TYR A 259 47.35 58.69 24.89
N ASN A 260 46.61 59.06 23.85
CA ASN A 260 46.62 58.29 22.61
C ASN A 260 46.95 59.27 21.47
N ARG A 261 46.60 58.89 20.26
CA ARG A 261 46.81 59.75 19.10
C ARG A 261 45.48 59.98 18.41
N LEU A 262 44.45 60.27 19.21
CA LEU A 262 43.13 60.52 18.69
C LEU A 262 43.06 61.90 18.03
N SER A 263 42.09 62.05 17.13
CA SER A 263 41.93 63.29 16.40
C SER A 263 40.45 63.64 16.36
N GLY A 264 40.18 64.91 16.03
CA GLY A 264 38.82 65.40 15.96
C GLY A 264 38.02 64.80 14.82
N PRO A 265 36.72 65.10 14.78
CA PRO A 265 36.09 65.96 15.78
C PRO A 265 35.42 65.17 16.90
N PHE A 266 34.79 65.87 17.84
CA PHE A 266 33.84 65.21 18.70
C PHE A 266 32.65 64.75 17.87
N PRO A 267 31.96 63.69 18.30
CA PRO A 267 30.65 63.40 17.71
C PRO A 267 29.73 64.61 17.88
N SER A 268 28.88 64.83 16.87
CA SER A 268 27.99 65.99 16.92
C SER A 268 27.07 65.90 18.13
N SER A 269 26.79 64.70 18.62
CA SER A 269 25.87 64.50 19.73
C SER A 269 26.39 63.34 20.57
N LEU A 270 26.39 63.53 21.88
CA LEU A 270 26.84 62.51 22.83
C LEU A 270 25.71 62.08 23.75
N GLN A 271 24.45 62.28 23.32
CA GLN A 271 23.30 62.21 24.21
C GLN A 271 22.97 60.80 24.67
N GLY A 272 23.33 59.78 23.89
CA GLY A 272 23.03 58.42 24.32
C GLY A 272 23.91 57.90 25.43
N LEU A 273 24.85 58.69 25.91
CA LEU A 273 25.78 58.28 26.96
C LEU A 273 25.32 58.73 28.35
N ASN A 274 24.09 58.42 28.73
CA ASN A 274 23.74 58.53 30.14
C ASN A 274 24.40 57.38 30.92
N SER A 275 24.58 57.59 32.21
CA SER A 275 25.38 56.82 33.16
C SER A 275 26.86 57.20 33.05
N LEU A 276 27.26 58.01 32.07
CA LEU A 276 28.65 58.41 31.92
C LEU A 276 29.01 59.41 33.01
N GLN A 277 29.90 59.02 33.91
CA GLN A 277 30.34 59.91 34.99
C GLN A 277 31.68 60.57 34.70
N ALA A 278 32.52 59.96 33.86
CA ALA A 278 33.89 60.42 33.68
C ALA A 278 34.33 60.20 32.24
N LEU A 279 34.80 61.27 31.60
CA LEU A 279 35.34 61.18 30.25
C LEU A 279 36.68 61.89 30.23
N MET A 280 37.75 61.15 29.93
CA MET A 280 39.10 61.71 29.90
C MET A 280 39.73 61.51 28.54
N LEU A 281 40.21 62.60 27.94
CA LEU A 281 40.94 62.54 26.68
C LEU A 281 42.27 63.27 26.80
N LYS A 282 42.80 63.43 28.02
CA LYS A 282 44.00 64.21 28.24
C LYS A 282 45.19 63.66 27.46
N GLY A 283 45.94 64.56 26.83
CA GLY A 283 47.19 64.22 26.19
C GLY A 283 47.10 63.73 24.77
N ASN A 284 45.92 63.73 24.17
CA ASN A 284 45.78 63.50 22.72
C ASN A 284 46.14 64.82 22.03
N THR A 285 47.45 65.07 21.94
CA THR A 285 47.98 66.40 21.66
C THR A 285 47.69 66.88 20.24
N LYS A 286 47.07 66.06 19.40
CA LYS A 286 46.69 66.48 18.06
C LYS A 286 45.20 66.24 17.83
N PHE A 287 44.40 66.38 18.89
CA PHE A 287 42.95 66.27 18.75
C PHE A 287 42.43 67.36 17.82
N SER A 288 42.74 68.62 18.15
CA SER A 288 42.67 69.75 17.22
C SER A 288 41.28 69.90 16.59
N THR A 289 40.31 70.18 17.45
CA THR A 289 38.96 70.49 17.02
C THR A 289 38.39 71.53 17.99
N THR A 290 37.13 71.89 17.77
CA THR A 290 36.42 72.76 18.70
C THR A 290 35.38 71.95 19.45
N ILE A 291 34.81 72.58 20.47
CA ILE A 291 33.75 71.94 21.25
C ILE A 291 32.44 72.62 20.88
N PRO A 292 31.65 72.03 19.99
CA PRO A 292 30.36 72.64 19.66
C PRO A 292 29.48 72.76 20.90
N GLU A 293 28.68 73.83 20.94
CA GLU A 293 27.70 73.98 22.00
C GLU A 293 26.83 72.74 22.13
N ASN A 294 26.54 72.09 21.01
CA ASN A 294 25.65 70.94 20.96
C ASN A 294 26.29 69.65 21.44
N ALA A 295 27.61 69.65 21.70
CA ALA A 295 28.34 68.41 21.86
C ALA A 295 27.96 67.68 23.16
N PHE A 296 28.11 68.35 24.30
CA PHE A 296 28.00 67.69 25.61
C PHE A 296 26.64 67.88 26.27
N LYS A 297 25.63 68.27 25.52
CA LYS A 297 24.30 68.43 26.08
C LYS A 297 23.68 67.06 26.37
N GLY A 298 22.98 66.95 27.50
CA GLY A 298 22.24 65.76 27.84
C GLY A 298 22.95 64.79 28.78
N LEU A 299 24.21 65.03 29.10
CA LEU A 299 24.97 64.12 29.97
C LEU A 299 24.54 64.39 31.40
N LYS A 300 23.48 63.69 31.81
CA LYS A 300 22.87 63.93 33.12
C LYS A 300 23.80 63.59 34.28
N ASN A 301 24.65 62.58 34.12
CA ASN A 301 25.48 62.08 35.20
C ASN A 301 26.96 62.39 35.01
N LEU A 302 27.30 63.28 34.08
CA LEU A 302 28.70 63.63 33.85
C LEU A 302 29.24 64.40 35.04
N MET A 303 30.18 63.78 35.77
CA MET A 303 30.83 64.41 36.90
C MET A 303 32.23 64.91 36.58
N ILE A 304 32.97 64.21 35.73
CA ILE A 304 34.39 64.48 35.48
C ILE A 304 34.59 64.59 33.97
N LEU A 305 35.12 65.73 33.53
CA LEU A 305 35.39 65.96 32.11
C LEU A 305 36.80 66.54 32.01
N VAL A 306 37.73 65.75 31.48
CA VAL A 306 39.12 66.16 31.38
C VAL A 306 39.48 66.25 29.89
N LEU A 307 39.73 67.47 29.43
CA LEU A 307 40.08 67.72 28.03
C LEU A 307 41.36 68.54 27.93
N SER A 308 42.30 68.30 28.85
CA SER A 308 43.52 69.10 28.90
C SER A 308 44.56 68.60 27.92
N ASN A 309 45.34 69.55 27.38
CA ASN A 309 46.48 69.27 26.51
C ASN A 309 46.07 68.40 25.32
N THR A 310 45.12 68.92 24.55
CA THR A 310 44.67 68.25 23.33
C THR A 310 44.54 69.20 22.14
N ASN A 311 45.08 70.42 22.27
CA ASN A 311 45.03 71.41 21.19
C ASN A 311 43.59 71.71 20.79
N ILE A 312 42.69 71.75 21.77
CA ILE A 312 41.30 72.09 21.52
C ILE A 312 41.22 73.57 21.12
N GLN A 313 40.42 73.85 20.10
CA GLN A 313 40.32 75.18 19.51
C GLN A 313 38.96 75.79 19.79
N GLY A 314 38.88 77.12 19.62
CA GLY A 314 37.62 77.82 19.70
C GLY A 314 37.36 78.47 21.04
N SER A 315 36.09 78.52 21.44
CA SER A 315 35.66 79.18 22.66
C SER A 315 34.96 78.18 23.56
N ILE A 316 35.13 78.35 24.87
CA ILE A 316 34.48 77.51 25.88
C ILE A 316 32.98 77.54 25.68
N PRO A 317 32.36 76.43 25.27
CA PRO A 317 30.90 76.42 25.13
C PRO A 317 30.22 76.65 26.47
N LYS A 318 29.22 77.54 26.46
CA LYS A 318 28.49 77.83 27.69
C LYS A 318 27.59 76.67 28.11
N SER A 319 27.38 75.68 27.23
CA SER A 319 26.55 74.53 27.59
C SER A 319 27.16 73.75 28.74
N LEU A 320 28.49 73.80 28.90
CA LEU A 320 29.13 73.15 30.03
C LEU A 320 28.62 73.71 31.35
N THR A 321 28.13 74.95 31.33
CA THR A 321 27.53 75.54 32.52
C THR A 321 26.32 74.75 32.99
N ARG A 322 25.55 74.18 32.06
CA ARG A 322 24.29 73.54 32.40
C ARG A 322 24.42 72.04 32.65
N LEU A 323 25.64 71.53 32.82
CA LEU A 323 25.82 70.13 33.22
C LEU A 323 25.65 70.05 34.73
N ASN A 324 24.63 69.30 35.17
CA ASN A 324 24.19 69.39 36.57
C ASN A 324 25.15 68.69 37.51
N SER A 325 25.63 67.49 37.15
CA SER A 325 26.44 66.68 38.05
C SER A 325 27.93 67.01 37.96
N LEU A 326 28.30 68.01 37.15
CA LEU A 326 29.71 68.27 36.86
C LEU A 326 30.43 68.81 38.10
N ARG A 327 31.47 68.10 38.52
CA ARG A 327 32.35 68.53 39.62
C ARG A 327 33.74 68.93 39.15
N VAL A 328 34.26 68.31 38.10
CA VAL A 328 35.65 68.48 37.69
C VAL A 328 35.68 68.81 36.20
N LEU A 329 36.24 69.97 35.86
CA LEU A 329 36.34 70.43 34.47
C LEU A 329 37.77 70.86 34.20
N HIS A 330 38.47 70.09 33.37
CA HIS A 330 39.88 70.33 33.05
C HIS A 330 40.00 70.72 31.59
N LEU A 331 40.36 71.98 31.33
CA LEU A 331 40.60 72.46 29.97
C LEU A 331 41.97 73.11 29.83
N GLU A 332 42.92 72.79 30.71
CA GLU A 332 44.20 73.47 30.70
C GLU A 332 45.08 72.99 29.55
N GLY A 333 45.91 73.89 29.04
CA GLY A 333 46.89 73.53 28.03
C GLY A 333 46.37 73.40 26.61
N ASN A 334 45.44 74.26 26.21
CA ASN A 334 44.90 74.22 24.86
C ASN A 334 45.06 75.59 24.20
N ASN A 335 44.34 75.81 23.11
CA ASN A 335 44.31 77.07 22.38
C ASN A 335 42.94 77.72 22.49
N LEU A 336 42.32 77.63 23.67
CA LEU A 336 41.02 78.25 23.88
C LEU A 336 41.16 79.77 23.85
N THR A 337 40.16 80.44 23.28
CA THR A 337 40.21 81.87 23.08
C THR A 337 38.86 82.49 23.40
N GLY A 338 38.87 83.77 23.74
CA GLY A 338 37.65 84.53 23.87
C GLY A 338 37.23 84.77 25.30
N GLU A 339 35.94 85.06 25.45
CA GLU A 339 35.34 85.36 26.74
C GLU A 339 35.05 84.07 27.50
N ILE A 340 35.28 84.10 28.82
CA ILE A 340 34.74 83.06 29.68
C ILE A 340 33.24 83.30 29.79
N PRO A 341 32.40 82.34 29.43
CA PRO A 341 30.95 82.55 29.52
C PRO A 341 30.55 83.08 30.89
N LEU A 342 29.81 84.19 30.88
CA LEU A 342 29.39 84.82 32.13
C LEU A 342 28.48 83.90 32.94
N GLU A 343 27.87 82.90 32.29
CA GLU A 343 27.03 81.94 33.00
C GLU A 343 27.82 81.13 34.02
N PHE A 344 29.15 81.07 33.88
CA PHE A 344 29.98 80.44 34.90
C PHE A 344 29.85 81.13 36.24
N ARG A 345 29.44 82.40 36.25
CA ARG A 345 29.12 83.10 37.49
C ARG A 345 28.09 82.33 38.33
N ASP A 346 27.24 81.55 37.68
CA ASP A 346 26.12 80.90 38.34
C ASP A 346 26.38 79.44 38.67
N VAL A 347 27.62 78.98 38.53
CA VAL A 347 27.98 77.58 38.80
C VAL A 347 28.60 77.51 40.19
N LYS A 348 27.94 76.77 41.08
CA LYS A 348 28.38 76.69 42.47
C LYS A 348 28.71 75.26 42.92
N HIS A 349 28.77 74.31 41.99
CA HIS A 349 29.06 72.93 42.35
C HIS A 349 30.38 72.43 41.79
N LEU A 350 31.09 73.23 41.01
CA LEU A 350 32.41 72.85 40.54
C LEU A 350 33.43 72.86 41.66
N SER A 351 34.13 71.74 41.85
CA SER A 351 35.21 71.67 42.83
C SER A 351 36.58 71.86 42.21
N GLU A 352 36.78 71.42 40.97
CA GLU A 352 37.99 71.70 40.21
C GLU A 352 37.60 72.28 38.86
N LEU A 353 38.25 73.39 38.50
CA LEU A 353 38.05 74.00 37.19
C LEU A 353 39.38 74.59 36.76
N ARG A 354 39.97 74.06 35.70
CA ARG A 354 41.25 74.54 35.21
C ARG A 354 41.05 75.15 33.82
N LEU A 355 41.38 76.43 33.70
CA LEU A 355 41.38 77.12 32.42
C LEU A 355 42.75 77.70 32.09
N ASN A 356 43.77 77.35 32.87
CA ASN A 356 45.11 77.92 32.74
C ASN A 356 45.76 77.51 31.42
N ASP A 357 46.71 78.36 30.99
CA ASP A 357 47.57 78.09 29.83
C ASP A 357 46.76 77.97 28.53
N ASN A 358 45.85 78.91 28.34
CA ASN A 358 45.23 79.13 27.04
C ASN A 358 45.48 80.56 26.59
N SER A 359 44.60 81.10 25.76
CA SER A 359 44.60 82.53 25.43
C SER A 359 43.19 83.09 25.55
N LEU A 360 42.54 82.81 26.68
CA LEU A 360 41.30 83.48 27.02
C LEU A 360 41.58 84.97 27.23
N THR A 361 40.52 85.78 27.12
CA THR A 361 40.75 87.21 26.94
C THR A 361 39.81 88.13 27.70
N GLY A 362 38.64 87.69 28.15
CA GLY A 362 37.67 88.60 28.72
C GLY A 362 38.01 88.95 30.17
N PRO A 363 37.01 89.42 30.92
CA PRO A 363 37.16 89.52 32.37
C PRO A 363 36.63 88.27 33.07
N VAL A 364 37.34 87.87 34.11
CA VAL A 364 36.96 86.63 34.80
C VAL A 364 35.59 86.81 35.45
N PRO A 365 34.66 85.88 35.27
CA PRO A 365 33.28 86.12 35.72
C PRO A 365 32.88 85.27 36.90
N PHE A 366 33.77 85.06 37.86
CA PHE A 366 33.46 84.22 39.02
C PHE A 366 33.22 85.09 40.24
N GLU A 367 32.27 84.67 41.06
CA GLU A 367 31.87 85.45 42.23
C GLU A 367 32.84 85.21 43.38
N ARG A 368 33.01 86.25 44.20
CA ARG A 368 33.77 86.09 45.44
C ARG A 368 33.28 84.86 46.21
N ASP A 369 31.95 84.65 46.20
CA ASP A 369 31.25 83.44 46.61
C ASP A 369 32.07 82.18 46.37
N THR A 370 32.25 81.82 45.11
CA THR A 370 32.90 80.56 44.76
C THR A 370 34.41 80.70 44.57
N VAL A 371 34.92 81.89 44.30
CA VAL A 371 36.37 82.08 44.28
C VAL A 371 36.96 81.71 45.64
N TRP A 372 36.35 82.23 46.72
CA TRP A 372 36.90 81.97 48.05
C TRP A 372 36.64 80.55 48.53
N ARG A 373 35.69 79.84 47.91
CA ARG A 373 35.49 78.43 48.23
C ARG A 373 36.48 77.55 47.48
N MET A 374 36.69 77.84 46.19
CA MET A 374 37.51 76.99 45.35
C MET A 374 38.99 77.18 45.62
N ARG A 375 39.42 78.44 45.75
CA ARG A 375 40.80 78.80 46.06
C ARG A 375 41.70 78.22 44.97
N ARG A 376 42.75 77.48 45.31
CA ARG A 376 43.73 77.00 44.34
C ARG A 376 43.15 76.00 43.35
N LYS A 377 41.97 75.45 43.62
CA LYS A 377 41.36 74.48 42.71
C LYS A 377 40.65 75.17 41.54
N LEU A 378 40.83 76.48 41.38
CA LEU A 378 40.37 77.23 40.23
C LEU A 378 41.61 77.87 39.60
N ARG A 379 41.98 77.41 38.41
CA ARG A 379 43.22 77.82 37.78
C ARG A 379 42.89 78.66 36.54
N LEU A 380 43.41 79.88 36.51
CA LEU A 380 43.18 80.80 35.41
C LEU A 380 44.45 81.44 34.87
N TYR A 381 45.61 81.10 35.41
CA TYR A 381 46.85 81.77 35.06
C TYR A 381 47.28 81.46 33.63
N ASN A 382 48.23 82.26 33.13
CA ASN A 382 48.79 82.13 31.79
C ASN A 382 47.73 82.29 30.70
N ASN A 383 46.75 83.15 30.95
CA ASN A 383 45.88 83.72 29.93
C ASN A 383 46.10 85.23 29.97
N ALA A 384 46.93 85.73 29.05
CA ALA A 384 47.29 87.15 29.04
C ALA A 384 46.06 88.04 28.92
N GLY A 385 45.02 87.57 28.22
CA GLY A 385 43.84 88.39 28.01
C GLY A 385 43.07 88.70 29.28
N LEU A 386 42.89 87.70 30.15
CA LEU A 386 41.98 87.80 31.30
C LEU A 386 42.21 89.09 32.09
N CYS A 387 41.10 89.64 32.60
CA CYS A 387 41.07 90.91 33.32
C CYS A 387 40.62 90.69 34.77
N VAL A 388 40.55 91.80 35.51
CA VAL A 388 40.09 91.86 36.90
C VAL A 388 40.56 90.68 37.75
N ASN B 5 62.60 36.15 -36.50
CA ASN B 5 62.44 35.78 -35.09
C ASN B 5 61.13 35.03 -34.87
N GLU B 6 60.02 35.65 -35.28
CA GLU B 6 58.73 34.95 -35.25
C GLU B 6 58.59 33.99 -36.42
N GLY B 7 59.17 34.33 -37.57
CA GLY B 7 59.22 33.39 -38.68
C GLY B 7 60.13 32.22 -38.41
N LYS B 8 61.16 32.44 -37.59
CA LYS B 8 61.95 31.32 -37.05
C LYS B 8 61.04 30.31 -36.38
N ALA B 9 60.23 30.76 -35.42
CA ALA B 9 59.34 29.87 -34.67
C ALA B 9 58.32 29.22 -35.59
N LEU B 10 57.69 30.00 -36.48
CA LEU B 10 56.72 29.40 -37.40
C LEU B 10 57.35 28.35 -38.30
N MET B 11 58.61 28.57 -38.68
CA MET B 11 59.30 27.60 -39.53
C MET B 11 59.65 26.34 -38.75
N ALA B 12 59.98 26.46 -37.47
CA ALA B 12 60.18 25.26 -36.66
C ALA B 12 58.89 24.49 -36.47
N ILE B 13 57.78 25.20 -36.24
CA ILE B 13 56.48 24.54 -36.12
C ILE B 13 56.14 23.79 -37.41
N LYS B 14 56.41 24.41 -38.56
CA LYS B 14 56.22 23.73 -39.83
C LYS B 14 57.11 22.49 -39.95
N GLY B 15 58.39 22.64 -39.62
CA GLY B 15 59.35 21.55 -39.74
C GLY B 15 59.11 20.40 -38.77
N SER B 16 58.33 20.63 -37.71
CA SER B 16 58.00 19.56 -36.79
C SER B 16 56.76 18.79 -37.22
N PHE B 17 56.09 19.23 -38.28
CA PHE B 17 55.04 18.42 -38.90
C PHE B 17 55.68 17.37 -39.81
N SER B 18 54.86 16.62 -40.52
CA SER B 18 55.41 15.55 -41.36
C SER B 18 54.77 15.54 -42.74
N ASN B 19 53.46 15.31 -42.80
CA ASN B 19 52.76 15.08 -44.05
C ASN B 19 52.44 16.37 -44.79
N LEU B 20 53.40 17.29 -44.82
CA LEU B 20 53.21 18.64 -45.38
C LEU B 20 53.64 18.71 -46.85
N VAL B 21 53.21 17.70 -47.61
CA VAL B 21 53.55 17.56 -49.03
C VAL B 21 53.27 18.84 -49.78
N ASN B 22 51.99 19.15 -50.01
CA ASN B 22 51.57 20.40 -50.62
C ASN B 22 50.71 21.20 -49.67
N MET B 23 51.08 21.23 -48.40
CA MET B 23 50.20 21.77 -47.37
C MET B 23 50.53 23.23 -47.03
N LEU B 24 51.62 23.45 -46.32
CA LEU B 24 52.02 24.79 -45.90
C LEU B 24 53.05 25.37 -46.85
N LEU B 25 52.75 25.33 -48.15
CA LEU B 25 53.61 25.97 -49.15
C LEU B 25 53.64 27.48 -48.96
N ASP B 26 52.60 28.04 -48.35
CA ASP B 26 52.62 29.43 -47.92
C ASP B 26 53.86 29.71 -47.08
N TRP B 27 54.11 28.87 -46.11
CA TRP B 27 55.12 29.10 -45.08
C TRP B 27 56.50 29.02 -45.71
N ASP B 28 57.05 30.19 -46.08
CA ASP B 28 58.38 30.24 -46.72
C ASP B 28 59.03 31.56 -46.29
N ASP B 29 59.98 31.46 -45.36
CA ASP B 29 60.54 32.65 -44.69
C ASP B 29 61.26 33.60 -45.65
N VAL B 30 61.56 33.18 -46.88
CA VAL B 30 62.34 33.99 -47.81
C VAL B 30 61.60 34.26 -49.12
N HIS B 31 60.81 33.29 -49.61
CA HIS B 31 59.99 33.52 -50.79
C HIS B 31 58.60 34.04 -50.45
N ASN B 32 58.34 34.41 -49.19
CA ASN B 32 57.02 34.90 -48.81
C ASN B 32 57.22 35.81 -47.59
N SER B 33 57.38 37.11 -47.87
CA SER B 33 57.92 38.04 -46.87
C SER B 33 56.97 38.24 -45.67
N ASP B 34 55.66 38.30 -45.91
CA ASP B 34 54.71 38.64 -44.86
C ASP B 34 54.26 37.38 -44.13
N LEU B 35 54.83 37.11 -42.95
CA LEU B 35 54.35 35.96 -42.18
C LEU B 35 52.93 36.18 -41.66
N CYS B 36 52.37 37.37 -41.82
CA CYS B 36 51.07 37.70 -41.29
C CYS B 36 49.96 37.35 -42.28
N SER B 37 50.31 36.71 -43.39
CA SER B 37 49.37 36.31 -44.42
C SER B 37 49.56 34.86 -44.82
N TRP B 38 50.46 34.13 -44.14
CA TRP B 38 50.59 32.70 -44.34
C TRP B 38 49.29 32.01 -43.94
N ARG B 39 49.13 30.78 -44.42
CA ARG B 39 47.93 30.01 -44.13
C ARG B 39 47.75 29.77 -42.64
N GLY B 40 46.59 30.17 -42.11
CA GLY B 40 46.19 29.84 -40.76
C GLY B 40 46.80 30.66 -39.65
N VAL B 41 47.58 31.69 -39.96
CA VAL B 41 48.13 32.58 -38.94
C VAL B 41 47.42 33.93 -39.01
N PHE B 42 47.20 34.54 -37.84
CA PHE B 42 46.55 35.84 -37.74
C PHE B 42 47.31 36.73 -36.77
N CYS B 43 47.67 37.91 -37.23
CA CYS B 43 48.33 38.92 -36.42
C CYS B 43 47.35 40.03 -36.03
N ASP B 44 47.73 40.79 -35.00
CA ASP B 44 47.03 42.03 -34.71
C ASP B 44 47.62 43.15 -35.58
N ASN B 45 46.76 44.09 -35.97
CA ASN B 45 47.10 45.07 -37.00
C ASN B 45 48.01 46.20 -36.50
N VAL B 46 48.56 46.12 -35.29
CA VAL B 46 49.40 47.18 -34.76
C VAL B 46 50.85 46.72 -34.61
N SER B 47 51.08 45.62 -33.91
CA SER B 47 52.42 45.08 -33.74
C SER B 47 52.77 44.01 -34.76
N TYR B 48 51.79 43.54 -35.53
CA TYR B 48 51.97 42.46 -36.51
C TYR B 48 52.68 41.27 -35.89
N SER B 49 52.23 40.90 -34.69
CA SER B 49 52.69 39.72 -33.99
C SER B 49 51.58 38.66 -34.00
N VAL B 50 51.99 37.40 -34.04
CA VAL B 50 51.04 36.29 -34.13
C VAL B 50 50.21 36.23 -32.85
N VAL B 51 48.89 36.28 -33.01
CA VAL B 51 47.98 36.16 -31.87
C VAL B 51 47.06 34.95 -31.96
N SER B 52 46.93 34.33 -33.13
CA SER B 52 45.96 33.24 -33.32
C SER B 52 46.47 32.36 -34.44
N LEU B 53 46.52 31.05 -34.18
CA LEU B 53 47.03 30.06 -35.13
C LEU B 53 46.00 28.94 -35.24
N ASN B 54 45.41 28.78 -36.43
CA ASN B 54 44.37 27.78 -36.65
C ASN B 54 44.77 26.94 -37.87
N LEU B 55 45.26 25.73 -37.61
CA LEU B 55 45.60 24.76 -38.65
C LEU B 55 44.66 23.56 -38.58
N SER B 56 43.37 23.83 -38.37
CA SER B 56 42.40 22.78 -38.08
C SER B 56 42.17 21.87 -39.29
N SER B 57 42.24 20.55 -39.04
CA SER B 57 41.75 19.53 -39.96
C SER B 57 42.62 19.44 -41.21
N LEU B 58 43.94 19.53 -41.05
CA LEU B 58 44.85 19.44 -42.17
C LEU B 58 45.71 18.17 -42.17
N ASN B 59 45.68 17.39 -41.08
CA ASN B 59 46.46 16.15 -40.98
C ASN B 59 47.95 16.39 -41.22
N LEU B 60 48.50 17.41 -40.56
CA LEU B 60 49.90 17.75 -40.75
C LEU B 60 50.82 16.65 -40.21
N GLY B 61 50.38 15.91 -39.19
CA GLY B 61 50.93 14.60 -38.90
C GLY B 61 52.23 14.54 -38.14
N GLY B 62 52.74 15.66 -37.63
CA GLY B 62 54.02 15.60 -36.97
C GLY B 62 53.93 15.61 -35.46
N GLU B 63 54.62 16.56 -34.84
CA GLU B 63 54.56 16.81 -33.40
C GLU B 63 54.33 18.30 -33.19
N ILE B 64 54.05 18.69 -31.97
CA ILE B 64 53.90 20.11 -31.63
C ILE B 64 55.26 20.60 -31.17
N SER B 65 55.90 21.39 -32.01
CA SER B 65 57.26 21.87 -31.72
C SER B 65 57.25 22.75 -30.47
N PRO B 66 58.30 22.68 -29.64
CA PRO B 66 58.39 23.63 -28.52
C PRO B 66 58.44 25.08 -28.98
N ALA B 67 58.75 25.34 -30.25
CA ALA B 67 58.81 26.70 -30.78
C ALA B 67 57.46 27.40 -30.75
N ILE B 68 56.37 26.68 -30.52
CA ILE B 68 55.08 27.32 -30.33
C ILE B 68 55.10 28.18 -29.08
N GLY B 69 56.01 27.91 -28.14
CA GLY B 69 56.19 28.75 -26.99
C GLY B 69 56.91 30.04 -27.27
N ASP B 70 57.38 30.21 -28.50
CA ASP B 70 58.09 31.41 -28.91
C ASP B 70 57.19 32.45 -29.57
N LEU B 71 55.89 32.15 -29.69
CA LEU B 71 54.92 33.14 -30.13
C LEU B 71 54.23 33.68 -28.87
N ARG B 72 54.96 34.56 -28.17
CA ARG B 72 54.55 34.98 -26.84
C ARG B 72 53.20 35.66 -26.82
N ASN B 73 52.83 36.34 -27.91
CA ASN B 73 51.58 37.09 -27.98
C ASN B 73 50.41 36.26 -28.48
N LEU B 74 50.53 34.93 -28.51
CA LEU B 74 49.43 34.08 -28.94
C LEU B 74 48.26 34.18 -27.99
N GLN B 75 47.07 34.40 -28.54
CA GLN B 75 45.83 34.32 -27.77
C GLN B 75 44.97 33.11 -28.10
N SER B 76 45.19 32.46 -29.25
CA SER B 76 44.39 31.29 -29.58
C SER B 76 45.20 30.29 -30.40
N ILE B 77 45.15 29.03 -29.97
CA ILE B 77 45.80 27.92 -30.67
C ILE B 77 44.76 26.86 -30.99
N ASP B 78 44.67 26.46 -32.26
CA ASP B 78 43.77 25.41 -32.72
C ASP B 78 44.56 24.48 -33.65
N LEU B 79 44.98 23.33 -33.11
CA LEU B 79 45.71 22.33 -33.87
C LEU B 79 44.93 21.02 -33.94
N GLN B 80 43.61 21.11 -33.97
CA GLN B 80 42.76 19.93 -33.95
C GLN B 80 42.82 19.17 -35.28
N GLY B 81 42.75 17.84 -35.19
CA GLY B 81 42.61 17.01 -36.37
C GLY B 81 43.83 17.00 -37.26
N ASN B 82 44.98 16.67 -36.69
CA ASN B 82 46.22 16.69 -37.47
C ASN B 82 47.09 15.47 -37.19
N LYS B 83 46.55 14.43 -36.58
CA LYS B 83 47.29 13.20 -36.30
C LYS B 83 48.59 13.48 -35.55
N LEU B 84 48.57 14.50 -34.70
CA LEU B 84 49.78 14.93 -34.02
C LEU B 84 50.17 13.94 -32.94
N ALA B 85 51.48 13.67 -32.84
CA ALA B 85 52.00 12.75 -31.84
C ALA B 85 52.90 13.50 -30.86
N GLY B 86 53.60 12.73 -30.03
CA GLY B 86 54.42 13.32 -29.00
C GLY B 86 53.61 13.78 -27.80
N GLN B 87 54.30 14.48 -26.90
CA GLN B 87 53.69 15.07 -25.72
C GLN B 87 53.33 16.52 -25.99
N ILE B 88 52.45 17.06 -25.15
CA ILE B 88 52.15 18.48 -25.18
C ILE B 88 53.39 19.22 -24.68
N PRO B 89 54.04 20.02 -25.52
CA PRO B 89 55.32 20.63 -25.10
C PRO B 89 55.13 21.59 -23.93
N ASP B 90 56.09 21.57 -23.02
CA ASP B 90 56.03 22.43 -21.84
C ASP B 90 55.96 23.90 -22.22
N GLU B 91 56.52 24.26 -23.38
CA GLU B 91 56.68 25.67 -23.72
C GLU B 91 55.35 26.38 -23.99
N ILE B 92 54.27 25.64 -24.23
CA ILE B 92 52.95 26.27 -24.30
C ILE B 92 52.68 27.07 -23.04
N GLY B 93 53.29 26.68 -21.93
CA GLY B 93 53.11 27.37 -20.67
C GLY B 93 53.62 28.81 -20.66
N ASN B 94 54.52 29.17 -21.56
CA ASN B 94 54.96 30.57 -21.66
C ASN B 94 54.29 31.26 -22.85
N CYS B 95 53.04 30.89 -23.10
CA CYS B 95 52.14 31.67 -23.96
C CYS B 95 51.16 32.44 -23.08
N ALA B 96 51.72 33.37 -22.30
CA ALA B 96 50.98 33.98 -21.19
C ALA B 96 49.63 34.55 -21.62
N SER B 97 49.55 35.10 -22.84
CA SER B 97 48.32 35.69 -23.34
C SER B 97 47.33 34.65 -23.87
N LEU B 98 47.64 33.35 -23.76
CA LEU B 98 46.79 32.33 -24.35
C LEU B 98 45.42 32.31 -23.68
N VAL B 99 44.37 32.23 -24.49
CA VAL B 99 43.00 32.33 -24.00
C VAL B 99 42.23 31.08 -24.41
N TYR B 100 42.59 30.52 -25.57
CA TYR B 100 41.88 29.38 -26.14
C TYR B 100 42.90 28.38 -26.65
N LEU B 101 42.82 27.14 -26.14
CA LEU B 101 43.75 26.09 -26.51
C LEU B 101 42.95 24.84 -26.89
N ASP B 102 43.04 24.44 -28.16
CA ASP B 102 42.29 23.29 -28.67
C ASP B 102 43.26 22.35 -29.37
N LEU B 103 43.57 21.23 -28.71
CA LEU B 103 44.38 20.16 -29.30
C LEU B 103 43.58 18.89 -29.53
N SER B 104 42.25 19.00 -29.61
CA SER B 104 41.39 17.85 -29.71
C SER B 104 41.59 17.11 -31.03
N GLU B 105 41.13 15.86 -31.06
CA GLU B 105 41.27 14.97 -32.21
C GLU B 105 42.72 14.91 -32.72
N ASN B 106 43.59 14.36 -31.87
CA ASN B 106 44.96 14.09 -32.28
C ASN B 106 45.40 12.80 -31.59
N LEU B 107 46.71 12.57 -31.56
CA LEU B 107 47.28 11.38 -30.94
C LEU B 107 48.32 11.75 -29.90
N LEU B 108 48.13 12.86 -29.21
CA LEU B 108 49.10 13.33 -28.22
C LEU B 108 49.05 12.43 -26.98
N TYR B 109 50.22 12.15 -26.40
CA TYR B 109 50.32 11.27 -25.25
C TYR B 109 51.02 11.98 -24.10
N GLY B 110 51.11 11.29 -22.96
CA GLY B 110 51.74 11.86 -21.78
C GLY B 110 50.74 12.54 -20.87
N ASP B 111 51.30 13.30 -19.93
CA ASP B 111 50.50 14.00 -18.93
C ASP B 111 50.07 15.37 -19.44
N ILE B 112 49.06 15.93 -18.79
CA ILE B 112 48.72 17.34 -18.96
C ILE B 112 49.86 18.11 -18.31
N PRO B 113 50.60 18.91 -19.07
CA PRO B 113 51.83 19.50 -18.52
C PRO B 113 51.54 20.47 -17.39
N PHE B 114 52.52 20.59 -16.50
CA PHE B 114 52.39 21.51 -15.38
C PHE B 114 52.29 22.95 -15.86
N SER B 115 53.02 23.28 -16.94
CA SER B 115 53.05 24.64 -17.45
C SER B 115 51.68 25.14 -17.88
N ILE B 116 50.73 24.24 -18.10
CA ILE B 116 49.36 24.65 -18.42
C ILE B 116 48.80 25.54 -17.33
N SER B 117 49.25 25.35 -16.08
CA SER B 117 48.74 26.17 -14.98
C SER B 117 49.30 27.59 -15.00
N LYS B 118 50.35 27.85 -15.79
CA LYS B 118 50.87 29.20 -15.93
C LYS B 118 50.02 30.09 -16.83
N LEU B 119 49.00 29.54 -17.49
CA LEU B 119 48.21 30.28 -18.47
C LEU B 119 47.04 30.93 -17.74
N LYS B 120 47.34 32.05 -17.08
CA LYS B 120 46.37 32.73 -16.23
C LYS B 120 45.26 33.41 -17.02
N GLN B 121 45.35 33.43 -18.34
CA GLN B 121 44.30 33.98 -19.19
C GLN B 121 43.49 32.91 -19.88
N LEU B 122 43.84 31.64 -19.71
CA LEU B 122 43.19 30.55 -20.41
C LEU B 122 41.71 30.44 -20.02
N GLU B 123 40.85 30.33 -21.02
CA GLU B 123 39.42 30.13 -20.79
C GLU B 123 38.89 28.83 -21.36
N THR B 124 39.54 28.24 -22.37
CA THR B 124 39.10 26.99 -22.98
C THR B 124 40.30 26.06 -23.11
N LEU B 125 40.26 24.95 -22.36
CA LEU B 125 41.26 23.89 -22.49
C LEU B 125 40.53 22.68 -23.08
N ASN B 126 40.72 22.46 -24.37
CA ASN B 126 40.10 21.36 -25.10
C ASN B 126 41.18 20.39 -25.51
N LEU B 127 41.25 19.24 -24.83
CA LEU B 127 42.19 18.17 -25.13
C LEU B 127 41.45 16.89 -25.51
N LYS B 128 40.22 17.03 -26.01
CA LYS B 128 39.36 15.89 -26.31
C LYS B 128 40.01 14.92 -27.28
N ASN B 129 39.83 13.62 -27.00
CA ASN B 129 40.18 12.55 -27.94
C ASN B 129 41.67 12.58 -28.31
N ASN B 130 42.48 12.15 -27.34
CA ASN B 130 43.91 11.93 -27.55
C ASN B 130 44.28 10.64 -26.81
N GLN B 131 45.58 10.44 -26.60
CA GLN B 131 46.09 9.32 -25.81
C GLN B 131 46.76 9.81 -24.53
N LEU B 132 46.21 10.85 -23.92
CA LEU B 132 46.80 11.41 -22.72
C LEU B 132 46.58 10.46 -21.54
N THR B 133 47.64 10.26 -20.76
CA THR B 133 47.62 9.41 -19.58
C THR B 133 48.06 10.22 -18.37
N GLY B 134 47.61 9.78 -17.19
CA GLY B 134 47.95 10.45 -15.96
C GLY B 134 46.76 11.09 -15.28
N PRO B 135 47.01 11.76 -14.16
CA PRO B 135 45.90 12.30 -13.36
C PRO B 135 45.44 13.65 -13.86
N VAL B 136 44.18 13.95 -13.57
CA VAL B 136 43.68 15.32 -13.66
C VAL B 136 44.32 16.11 -12.52
N PRO B 137 45.34 16.91 -12.79
CA PRO B 137 46.11 17.51 -11.69
C PRO B 137 45.34 18.63 -11.01
N ALA B 138 45.65 18.83 -9.73
CA ALA B 138 45.02 19.90 -8.98
C ALA B 138 45.43 21.27 -9.50
N THR B 139 46.53 21.34 -10.26
CA THR B 139 47.00 22.60 -10.80
C THR B 139 45.98 23.27 -11.70
N LEU B 140 45.07 22.51 -12.29
CA LEU B 140 44.03 23.11 -13.12
C LEU B 140 43.08 23.98 -12.32
N THR B 141 43.06 23.83 -10.99
CA THR B 141 42.28 24.73 -10.15
C THR B 141 42.96 26.08 -9.97
N GLN B 142 44.18 26.22 -10.46
CA GLN B 142 44.94 27.47 -10.42
C GLN B 142 44.80 28.27 -11.71
N ILE B 143 43.77 27.99 -12.50
CA ILE B 143 43.47 28.75 -13.72
C ILE B 143 42.24 29.59 -13.43
N PRO B 144 42.40 30.88 -13.08
CA PRO B 144 41.26 31.63 -12.53
C PRO B 144 40.17 31.93 -13.52
N ASN B 145 40.41 31.81 -14.82
CA ASN B 145 39.45 32.21 -15.84
C ASN B 145 38.93 31.03 -16.64
N LEU B 146 39.26 29.80 -16.26
CA LEU B 146 38.92 28.63 -17.05
C LEU B 146 37.41 28.38 -17.00
N LYS B 147 36.76 28.47 -18.16
CA LYS B 147 35.34 28.21 -18.28
C LYS B 147 35.03 26.84 -18.88
N ARG B 148 35.89 26.33 -19.75
CA ARG B 148 35.63 25.09 -20.47
C ARG B 148 36.81 24.15 -20.31
N LEU B 149 36.57 23.01 -19.66
CA LEU B 149 37.60 21.98 -19.45
C LEU B 149 37.09 20.69 -20.07
N ASP B 150 37.52 20.40 -21.29
CA ASP B 150 37.07 19.21 -22.01
C ASP B 150 38.25 18.25 -22.17
N LEU B 151 38.23 17.18 -21.40
CA LEU B 151 39.28 16.16 -21.40
C LEU B 151 38.74 14.80 -21.82
N ALA B 152 37.56 14.78 -22.45
CA ALA B 152 36.93 13.53 -22.86
C ALA B 152 37.81 12.75 -23.84
N GLY B 153 37.63 11.43 -23.84
CA GLY B 153 38.25 10.59 -24.84
C GLY B 153 39.72 10.33 -24.64
N ASN B 154 40.20 10.26 -23.40
CA ASN B 154 41.59 9.96 -23.12
C ASN B 154 41.68 8.76 -22.17
N HIS B 155 42.87 8.53 -21.64
CA HIS B 155 43.08 7.44 -20.70
C HIS B 155 43.55 7.98 -19.36
N LEU B 156 42.91 9.05 -18.89
CA LEU B 156 43.31 9.67 -17.64
C LEU B 156 42.96 8.77 -16.46
N THR B 157 43.74 8.88 -15.39
CA THR B 157 43.69 7.95 -14.27
C THR B 157 43.65 8.71 -12.95
N GLY B 158 43.43 7.97 -11.87
CA GLY B 158 43.30 8.56 -10.56
C GLY B 158 41.87 8.97 -10.25
N GLU B 159 41.71 9.70 -9.16
CA GLU B 159 40.40 10.16 -8.71
C GLU B 159 40.17 11.62 -9.09
N ILE B 160 38.92 12.03 -8.98
CA ILE B 160 38.53 13.42 -9.19
C ILE B 160 38.62 14.11 -7.84
N SER B 161 39.80 14.68 -7.55
CA SER B 161 40.01 15.37 -6.28
C SER B 161 38.98 16.46 -6.10
N ARG B 162 38.40 16.53 -4.91
CA ARG B 162 37.30 17.48 -4.68
C ARG B 162 37.78 18.92 -4.77
N LEU B 163 39.09 19.15 -4.68
CA LEU B 163 39.65 20.46 -4.96
C LEU B 163 39.14 21.02 -6.28
N LEU B 164 38.93 20.15 -7.27
CA LEU B 164 38.45 20.61 -8.57
C LEU B 164 37.08 21.26 -8.48
N TYR B 165 36.22 20.80 -7.56
CA TYR B 165 34.84 21.26 -7.56
C TYR B 165 34.66 22.65 -6.97
N TRP B 166 35.71 23.25 -6.40
CA TRP B 166 35.61 24.61 -5.84
C TRP B 166 35.97 25.61 -6.94
N ASN B 167 34.96 25.94 -7.76
CA ASN B 167 35.17 26.82 -8.90
C ASN B 167 33.85 27.47 -9.27
N GLU B 168 33.82 28.81 -9.29
CA GLU B 168 32.59 29.53 -9.59
C GLU B 168 32.43 29.91 -11.05
N VAL B 169 33.50 29.89 -11.85
CA VAL B 169 33.43 30.36 -13.23
C VAL B 169 33.41 29.22 -14.24
N LEU B 170 33.66 27.99 -13.81
CA LEU B 170 33.68 26.86 -14.73
C LEU B 170 32.29 26.60 -15.27
N GLN B 171 32.22 26.36 -16.57
CA GLN B 171 30.96 26.14 -17.30
C GLN B 171 30.78 24.69 -17.72
N TYR B 172 31.85 24.05 -18.15
CA TYR B 172 31.79 22.78 -18.87
C TYR B 172 32.86 21.86 -18.29
N LEU B 173 32.44 20.81 -17.62
CA LEU B 173 33.35 19.81 -17.08
C LEU B 173 33.13 18.52 -17.86
N GLY B 174 33.96 18.30 -18.87
CA GLY B 174 33.89 17.11 -19.70
C GLY B 174 35.00 16.12 -19.44
N LEU B 175 34.68 15.03 -18.75
CA LEU B 175 35.65 13.99 -18.42
C LEU B 175 35.22 12.63 -18.98
N ARG B 176 34.35 12.62 -19.98
CA ARG B 176 33.74 11.38 -20.45
C ARG B 176 34.77 10.45 -21.08
N GLY B 177 34.73 9.18 -20.69
CA GLY B 177 35.48 8.16 -21.39
C GLY B 177 36.90 7.91 -20.90
N ASN B 178 37.24 8.32 -19.69
CA ASN B 178 38.55 8.05 -19.14
C ASN B 178 38.47 6.87 -18.17
N MET B 179 39.51 6.68 -17.37
CA MET B 179 39.57 5.57 -16.42
C MET B 179 39.67 6.15 -15.01
N LEU B 180 38.76 7.08 -14.69
CA LEU B 180 38.79 7.77 -13.42
C LEU B 180 38.11 6.92 -12.35
N THR B 181 38.76 6.78 -11.21
CA THR B 181 38.23 5.99 -10.09
C THR B 181 37.84 6.93 -8.95
N GLY B 182 37.50 6.35 -7.81
CA GLY B 182 37.05 7.13 -6.68
C GLY B 182 35.57 7.44 -6.71
N THR B 183 35.17 8.56 -6.12
CA THR B 183 33.76 8.86 -5.90
C THR B 183 33.45 10.29 -6.31
N LEU B 184 32.18 10.54 -6.60
CA LEU B 184 31.67 11.90 -6.56
C LEU B 184 31.78 12.43 -5.12
N SER B 185 31.70 13.74 -4.99
CA SER B 185 31.76 14.39 -3.70
C SER B 185 30.52 15.26 -3.52
N SER B 186 30.26 15.67 -2.28
CA SER B 186 29.19 16.63 -2.05
C SER B 186 29.62 18.01 -2.50
N ASP B 187 30.91 18.32 -2.34
CA ASP B 187 31.50 19.55 -2.85
C ASP B 187 31.26 19.71 -4.34
N MET B 188 30.74 18.66 -4.99
CA MET B 188 30.31 18.76 -6.37
C MET B 188 29.37 19.94 -6.58
N CYS B 189 28.50 20.23 -5.61
CA CYS B 189 27.57 21.33 -5.81
C CYS B 189 28.22 22.70 -5.60
N GLN B 190 29.53 22.75 -5.36
CA GLN B 190 30.24 24.02 -5.31
C GLN B 190 30.57 24.55 -6.70
N LEU B 191 30.45 23.72 -7.73
CA LEU B 191 30.54 24.18 -9.11
C LEU B 191 29.36 25.09 -9.42
N THR B 192 29.36 26.29 -8.84
CA THR B 192 28.18 27.14 -8.83
C THR B 192 27.87 27.77 -10.18
N GLY B 193 28.79 27.69 -11.14
CA GLY B 193 28.56 28.28 -12.44
C GLY B 193 28.49 27.25 -13.56
N LEU B 194 28.60 25.97 -13.19
CA LEU B 194 28.61 24.90 -14.18
C LEU B 194 27.22 24.69 -14.78
N TRP B 195 27.19 24.43 -16.09
CA TRP B 195 25.97 23.98 -16.76
C TRP B 195 26.07 22.57 -17.33
N TYR B 196 27.29 22.02 -17.47
CA TYR B 196 27.48 20.71 -18.10
C TYR B 196 28.45 19.88 -17.25
N PHE B 197 27.94 18.79 -16.66
CA PHE B 197 28.75 17.88 -15.84
C PHE B 197 28.69 16.51 -16.49
N ASP B 198 29.80 16.08 -17.11
CA ASP B 198 29.82 14.83 -17.86
C ASP B 198 31.00 13.99 -17.40
N VAL B 199 30.71 12.88 -16.71
CA VAL B 199 31.75 11.98 -16.25
C VAL B 199 31.41 10.56 -16.69
N ARG B 200 30.64 10.44 -17.77
CA ARG B 200 30.18 9.14 -18.22
C ARG B 200 31.34 8.31 -18.74
N GLY B 201 31.29 7.00 -18.49
CA GLY B 201 32.24 6.07 -19.06
C GLY B 201 33.49 5.85 -18.25
N ASN B 202 33.53 6.25 -16.98
CA ASN B 202 34.66 6.03 -16.12
C ASN B 202 34.39 4.82 -15.23
N ASN B 203 35.10 4.72 -14.10
CA ASN B 203 34.95 3.62 -13.15
C ASN B 203 34.81 4.18 -11.73
N LEU B 204 33.86 5.10 -11.53
CA LEU B 204 33.67 5.73 -10.23
C LEU B 204 32.68 4.94 -9.38
N THR B 205 33.12 4.55 -8.19
CA THR B 205 32.24 3.85 -7.27
C THR B 205 31.54 4.87 -6.37
N GLY B 206 30.98 4.42 -5.25
CA GLY B 206 30.25 5.31 -4.36
C GLY B 206 28.82 5.53 -4.81
N THR B 207 28.18 6.51 -4.17
CA THR B 207 26.78 6.81 -4.42
C THR B 207 26.63 8.24 -4.94
N ILE B 208 25.42 8.56 -5.36
CA ILE B 208 25.05 9.92 -5.69
C ILE B 208 24.96 10.72 -4.39
N PRO B 209 25.68 11.83 -4.24
CA PRO B 209 25.61 12.58 -2.97
C PRO B 209 24.20 13.08 -2.71
N GLU B 210 23.78 13.01 -1.44
CA GLU B 210 22.42 13.36 -1.08
C GLU B 210 22.14 14.86 -1.20
N SER B 211 23.18 15.69 -1.21
CA SER B 211 23.02 17.13 -1.34
C SER B 211 23.07 17.60 -2.79
N ILE B 212 22.93 16.67 -3.76
CA ILE B 212 23.08 17.01 -5.16
C ILE B 212 22.00 17.97 -5.63
N GLY B 213 20.94 18.15 -4.84
CA GLY B 213 19.92 19.12 -5.19
C GLY B 213 20.36 20.56 -5.04
N ASN B 214 21.55 20.80 -4.47
CA ASN B 214 22.14 22.13 -4.44
C ASN B 214 22.75 22.53 -5.78
N CYS B 215 22.91 21.57 -6.69
CA CYS B 215 23.54 21.82 -7.99
C CYS B 215 22.52 22.35 -8.99
N THR B 216 21.93 23.51 -8.65
CA THR B 216 20.78 24.01 -9.40
C THR B 216 21.15 24.73 -10.69
N SER B 217 22.44 24.99 -10.92
CA SER B 217 22.87 25.60 -12.17
C SER B 217 23.03 24.60 -13.30
N PHE B 218 23.08 23.32 -12.98
CA PHE B 218 23.33 22.29 -13.98
C PHE B 218 22.23 22.26 -15.03
N GLN B 219 22.63 22.19 -16.29
CA GLN B 219 21.71 21.96 -17.40
C GLN B 219 21.76 20.53 -17.91
N ILE B 220 22.89 19.84 -17.72
CA ILE B 220 23.08 18.48 -18.20
C ILE B 220 23.90 17.76 -17.14
N LEU B 221 23.30 16.76 -16.48
CA LEU B 221 23.99 15.92 -15.52
C LEU B 221 24.13 14.53 -16.11
N ASP B 222 25.37 14.07 -16.26
CA ASP B 222 25.66 12.81 -16.94
C ASP B 222 26.73 12.08 -16.13
N ILE B 223 26.32 11.07 -15.37
CA ILE B 223 27.23 10.21 -14.62
C ILE B 223 27.09 8.75 -15.05
N SER B 224 26.61 8.54 -16.26
CA SER B 224 26.19 7.22 -16.71
C SER B 224 27.37 6.27 -16.90
N TYR B 225 27.07 4.98 -16.86
CA TYR B 225 28.01 3.89 -17.18
C TYR B 225 29.24 3.97 -16.27
N ASN B 226 29.03 3.79 -14.98
CA ASN B 226 30.07 4.21 -14.05
C ASN B 226 30.23 3.30 -12.82
N GLN B 227 29.31 2.35 -12.62
CA GLN B 227 29.33 1.45 -11.46
C GLN B 227 28.98 2.17 -10.15
N ILE B 228 28.11 3.19 -10.23
CA ILE B 228 27.67 3.90 -9.03
C ILE B 228 26.53 3.12 -8.38
N THR B 229 26.55 3.03 -7.04
CA THR B 229 25.61 2.24 -6.28
C THR B 229 24.70 3.17 -5.46
N GLY B 230 23.94 2.58 -4.55
CA GLY B 230 22.99 3.32 -3.74
C GLY B 230 21.69 3.56 -4.48
N GLU B 231 20.88 4.44 -3.93
CA GLU B 231 19.60 4.80 -4.52
C GLU B 231 19.68 6.19 -5.14
N ILE B 232 18.60 6.62 -5.76
CA ILE B 232 18.49 7.95 -6.36
C ILE B 232 18.01 8.90 -5.27
N PRO B 233 18.85 9.83 -4.80
CA PRO B 233 18.43 10.68 -3.68
C PRO B 233 17.20 11.50 -4.04
N TYR B 234 16.39 11.78 -3.01
CA TYR B 234 15.19 12.59 -3.20
C TYR B 234 15.54 13.96 -3.76
N ASN B 235 16.63 14.56 -3.29
CA ASN B 235 16.99 15.92 -3.67
C ASN B 235 17.32 16.05 -5.15
N ILE B 236 17.43 14.94 -5.88
CA ILE B 236 17.56 14.97 -7.33
C ILE B 236 16.42 15.79 -7.92
N GLY B 237 15.29 15.88 -7.21
CA GLY B 237 14.14 16.63 -7.68
C GLY B 237 14.33 18.14 -7.70
N PHE B 238 15.36 18.66 -7.04
CA PHE B 238 15.64 20.08 -7.06
C PHE B 238 16.52 20.50 -8.23
N LEU B 239 17.10 19.54 -8.94
CA LEU B 239 17.89 19.88 -10.11
C LEU B 239 17.01 20.58 -11.13
N GLN B 240 17.64 21.46 -11.92
CA GLN B 240 16.97 22.13 -13.02
C GLN B 240 17.46 21.58 -14.36
N VAL B 241 18.03 20.37 -14.34
CA VAL B 241 18.63 19.81 -15.53
C VAL B 241 17.57 19.61 -16.61
N ALA B 242 18.01 19.67 -17.86
CA ALA B 242 17.22 19.22 -19.00
C ALA B 242 17.60 17.80 -19.40
N THR B 243 18.80 17.37 -19.05
CA THR B 243 19.28 16.03 -19.32
C THR B 243 19.73 15.41 -18.01
N LEU B 244 19.09 14.30 -17.63
CA LEU B 244 19.48 13.55 -16.44
C LEU B 244 19.83 12.14 -16.91
N SER B 245 21.13 11.85 -16.95
CA SER B 245 21.67 10.64 -17.56
C SER B 245 22.36 9.81 -16.48
N LEU B 246 21.62 8.88 -15.91
CA LEU B 246 22.11 8.02 -14.85
C LEU B 246 22.29 6.57 -15.29
N GLN B 247 22.15 6.29 -16.58
CA GLN B 247 22.02 4.93 -17.08
C GLN B 247 23.34 4.15 -16.98
N GLY B 248 23.22 2.83 -17.03
CA GLY B 248 24.39 1.98 -17.09
C GLY B 248 25.12 1.77 -15.79
N ASN B 249 24.47 2.06 -14.66
CA ASN B 249 25.09 1.96 -13.35
C ASN B 249 24.51 0.77 -12.57
N ARG B 250 24.61 0.84 -11.23
CA ARG B 250 24.13 -0.19 -10.33
C ARG B 250 23.15 0.38 -9.30
N LEU B 251 22.34 1.35 -9.74
CA LEU B 251 21.37 1.99 -8.84
C LEU B 251 20.29 1.01 -8.43
N THR B 252 19.91 1.07 -7.16
CA THR B 252 18.89 0.20 -6.60
C THR B 252 17.76 1.05 -6.03
N GLY B 253 16.68 0.39 -5.67
CA GLY B 253 15.52 1.08 -5.12
C GLY B 253 14.54 1.52 -6.18
N ARG B 254 13.50 2.20 -5.72
CA ARG B 254 12.46 2.69 -6.60
C ARG B 254 12.87 4.01 -7.24
N ILE B 255 12.09 4.42 -8.24
CA ILE B 255 12.29 5.70 -8.92
C ILE B 255 11.65 6.79 -8.06
N PRO B 256 12.42 7.73 -7.52
CA PRO B 256 11.83 8.81 -6.71
C PRO B 256 10.72 9.55 -7.46
N GLU B 257 9.54 9.58 -6.85
CA GLU B 257 8.38 10.22 -7.46
C GLU B 257 8.61 11.70 -7.73
N VAL B 258 9.49 12.34 -6.96
CA VAL B 258 9.75 13.77 -7.09
C VAL B 258 10.28 14.13 -8.48
N ILE B 259 10.86 13.16 -9.19
CA ILE B 259 11.34 13.39 -10.54
C ILE B 259 10.20 13.86 -11.44
N GLY B 260 8.95 13.59 -11.05
CA GLY B 260 7.79 14.03 -11.81
C GLY B 260 7.53 15.52 -11.77
N LEU B 261 8.21 16.27 -10.90
CA LEU B 261 8.05 17.71 -10.82
C LEU B 261 9.10 18.47 -11.60
N MET B 262 10.13 17.79 -12.10
CA MET B 262 11.22 18.41 -12.86
C MET B 262 10.74 18.67 -14.29
N GLN B 263 9.90 19.70 -14.42
CA GLN B 263 9.24 19.96 -15.70
C GLN B 263 10.17 20.56 -16.75
N ALA B 264 11.35 21.04 -16.36
CA ALA B 264 12.32 21.48 -17.36
C ALA B 264 13.05 20.30 -18.02
N LEU B 265 12.93 19.11 -17.45
CA LEU B 265 13.56 17.90 -18.00
C LEU B 265 13.18 17.69 -19.46
N ALA B 266 14.18 17.35 -20.28
CA ALA B 266 13.95 16.99 -21.67
C ALA B 266 14.45 15.60 -22.04
N VAL B 267 15.37 15.03 -21.27
CA VAL B 267 15.87 13.68 -21.49
C VAL B 267 16.05 13.04 -20.14
N LEU B 268 15.35 11.94 -19.90
CA LEU B 268 15.45 11.23 -18.63
C LEU B 268 15.86 9.79 -18.92
N ASP B 269 17.04 9.41 -18.44
CA ASP B 269 17.60 8.09 -18.75
C ASP B 269 18.02 7.42 -17.45
N LEU B 270 17.19 6.48 -16.99
CA LEU B 270 17.45 5.71 -15.77
C LEU B 270 17.73 4.25 -16.09
N SER B 271 18.07 3.94 -17.34
CA SER B 271 18.08 2.58 -17.84
C SER B 271 19.33 1.81 -17.40
N ASP B 272 19.30 0.51 -17.65
CA ASP B 272 20.43 -0.40 -17.39
C ASP B 272 20.94 -0.27 -15.95
N ASN B 273 20.01 -0.20 -15.00
CA ASN B 273 20.36 -0.26 -13.58
C ASN B 273 19.73 -1.49 -12.94
N GLU B 274 19.48 -1.44 -11.63
CA GLU B 274 18.80 -2.49 -10.89
C GLU B 274 17.62 -1.92 -10.13
N LEU B 275 16.90 -0.99 -10.75
CA LEU B 275 15.75 -0.36 -10.12
C LEU B 275 14.61 -1.35 -10.00
N VAL B 276 13.69 -1.04 -9.08
CA VAL B 276 12.56 -1.90 -8.75
C VAL B 276 11.34 -1.02 -8.57
N GLY B 277 10.19 -1.67 -8.36
CA GLY B 277 8.96 -0.98 -8.13
C GLY B 277 8.30 -0.49 -9.40
N PRO B 278 7.25 0.31 -9.26
CA PRO B 278 6.45 0.72 -10.42
C PRO B 278 7.05 1.92 -11.13
N ILE B 279 6.54 2.17 -12.33
CA ILE B 279 6.78 3.40 -13.07
C ILE B 279 5.89 4.47 -12.45
N PRO B 280 6.44 5.46 -11.75
CA PRO B 280 5.59 6.46 -11.10
C PRO B 280 4.71 7.18 -12.12
N PRO B 281 3.39 7.20 -11.89
CA PRO B 281 2.49 7.85 -12.85
C PRO B 281 2.68 9.35 -12.95
N ILE B 282 3.32 9.98 -11.95
CA ILE B 282 3.53 11.42 -11.98
C ILE B 282 4.38 11.81 -13.18
N LEU B 283 5.19 10.89 -13.71
CA LEU B 283 5.95 11.09 -14.93
C LEU B 283 5.07 11.62 -16.07
N GLY B 284 3.76 11.46 -15.94
CA GLY B 284 2.86 11.97 -16.97
C GLY B 284 2.96 13.47 -17.15
N ASN B 285 3.13 14.22 -16.07
CA ASN B 285 3.17 15.67 -16.19
C ASN B 285 4.56 16.19 -16.57
N LEU B 286 5.44 15.31 -17.04
CA LEU B 286 6.71 15.71 -17.64
C LEU B 286 6.48 16.10 -19.10
N SER B 287 5.70 17.17 -19.28
CA SER B 287 5.20 17.59 -20.59
C SER B 287 6.27 18.19 -21.50
N PHE B 288 7.55 18.20 -21.17
CA PHE B 288 8.58 18.70 -22.08
C PHE B 288 9.65 17.67 -22.41
N THR B 289 9.62 16.49 -21.83
CA THR B 289 10.61 15.46 -22.13
C THR B 289 10.26 14.77 -23.44
N GLY B 290 11.30 14.45 -24.21
CA GLY B 290 11.13 13.77 -25.49
C GLY B 290 11.76 12.40 -25.49
N LYS B 291 12.63 12.14 -24.51
CA LYS B 291 13.25 10.84 -24.33
C LYS B 291 12.99 10.32 -22.93
N LEU B 292 12.35 9.17 -22.84
CA LEU B 292 12.15 8.44 -21.59
C LEU B 292 12.75 7.05 -21.78
N TYR B 293 13.90 6.84 -21.15
CA TYR B 293 14.63 5.57 -21.26
C TYR B 293 14.63 4.91 -19.88
N LEU B 294 13.70 3.97 -19.68
CA LEU B 294 13.61 3.20 -18.45
C LEU B 294 13.92 1.72 -18.66
N HIS B 295 14.53 1.36 -19.78
CA HIS B 295 14.70 -0.04 -20.14
C HIS B 295 15.79 -0.71 -19.30
N GLY B 296 15.74 -2.04 -19.25
CA GLY B 296 16.81 -2.81 -18.63
C GLY B 296 16.87 -2.77 -17.12
N ASN B 297 15.73 -2.61 -16.44
CA ASN B 297 15.66 -2.63 -14.99
C ASN B 297 14.84 -3.84 -14.51
N MET B 298 14.20 -3.70 -13.35
CA MET B 298 13.26 -4.68 -12.83
C MET B 298 11.97 -4.00 -12.42
N LEU B 299 11.53 -3.06 -13.26
CA LEU B 299 10.30 -2.33 -13.00
C LEU B 299 9.11 -3.28 -13.02
N THR B 300 8.00 -2.82 -12.45
CA THR B 300 6.87 -3.68 -12.12
C THR B 300 5.60 -2.90 -12.39
N GLY B 301 4.53 -3.61 -12.75
CA GLY B 301 3.27 -2.96 -12.98
C GLY B 301 3.10 -2.50 -14.41
N PRO B 302 2.21 -1.54 -14.62
CA PRO B 302 1.77 -1.19 -15.97
C PRO B 302 2.69 -0.19 -16.65
N ILE B 303 2.42 0.01 -17.93
CA ILE B 303 2.80 1.23 -18.65
C ILE B 303 1.74 2.22 -18.20
N PRO B 304 2.07 3.20 -17.36
CA PRO B 304 1.03 4.12 -16.89
C PRO B 304 0.41 4.87 -18.06
N SER B 305 -0.93 4.90 -18.11
CA SER B 305 -1.61 5.61 -19.18
C SER B 305 -1.31 7.10 -19.17
N GLU B 306 -0.87 7.62 -18.02
CA GLU B 306 -0.44 9.01 -17.95
C GLU B 306 0.77 9.27 -18.83
N LEU B 307 1.48 8.22 -19.27
CA LEU B 307 2.55 8.40 -20.24
C LEU B 307 2.04 9.00 -21.53
N GLY B 308 0.74 8.87 -21.80
CA GLY B 308 0.15 9.52 -22.97
C GLY B 308 -0.05 11.01 -22.83
N ASN B 309 0.07 11.55 -21.61
CA ASN B 309 0.01 12.98 -21.38
C ASN B 309 1.32 13.68 -21.73
N MET B 310 2.41 12.93 -21.96
CA MET B 310 3.67 13.54 -22.36
C MET B 310 3.58 13.98 -23.81
N SER B 311 3.13 15.22 -24.03
CA SER B 311 2.85 15.71 -25.37
C SER B 311 4.06 15.56 -26.29
N ARG B 312 5.25 15.82 -25.78
CA ARG B 312 6.45 15.92 -26.60
C ARG B 312 7.30 14.65 -26.58
N LEU B 313 6.79 13.56 -26.03
CA LEU B 313 7.55 12.32 -25.99
C LEU B 313 7.79 11.80 -27.40
N SER B 314 9.05 11.43 -27.69
CA SER B 314 9.41 10.99 -29.03
C SER B 314 10.14 9.65 -29.02
N TYR B 315 10.85 9.35 -27.92
CA TYR B 315 11.62 8.12 -27.80
C TYR B 315 11.25 7.49 -26.47
N LEU B 316 10.53 6.38 -26.52
CA LEU B 316 10.08 5.72 -25.30
C LEU B 316 10.58 4.28 -25.32
N GLN B 317 11.51 3.96 -24.41
CA GLN B 317 12.07 2.63 -24.29
C GLN B 317 11.80 2.10 -22.89
N LEU B 318 10.91 1.10 -22.81
CA LEU B 318 10.58 0.44 -21.56
C LEU B 318 10.92 -1.05 -21.59
N ASN B 319 11.82 -1.46 -22.50
CA ASN B 319 12.06 -2.87 -22.72
C ASN B 319 12.84 -3.49 -21.57
N ASP B 320 12.96 -4.81 -21.60
CA ASP B 320 13.75 -5.59 -20.65
C ASP B 320 13.41 -5.23 -19.21
N ASN B 321 12.12 -5.22 -18.90
CA ASN B 321 11.64 -4.98 -17.54
C ASN B 321 10.75 -6.13 -17.09
N LYS B 322 9.78 -5.86 -16.22
CA LYS B 322 8.81 -6.87 -15.80
C LYS B 322 7.41 -6.28 -15.77
N LEU B 323 7.10 -5.41 -16.73
CA LEU B 323 5.80 -4.77 -16.77
C LEU B 323 4.70 -5.76 -17.16
N VAL B 324 3.49 -5.49 -16.68
CA VAL B 324 2.37 -6.39 -16.91
C VAL B 324 1.19 -5.61 -17.47
N GLY B 325 0.04 -6.26 -17.60
CA GLY B 325 -1.13 -5.59 -18.09
C GLY B 325 -1.11 -5.35 -19.59
N THR B 326 -1.96 -4.41 -20.01
CA THR B 326 -2.12 -4.08 -21.41
C THR B 326 -1.35 -2.83 -21.79
N ILE B 327 -1.12 -2.70 -23.10
CA ILE B 327 -0.58 -1.48 -23.69
C ILE B 327 -1.70 -0.44 -23.61
N PRO B 328 -1.50 0.67 -22.92
CA PRO B 328 -2.57 1.65 -22.75
C PRO B 328 -2.94 2.29 -24.07
N PRO B 329 -4.23 2.33 -24.42
CA PRO B 329 -4.64 3.03 -25.65
C PRO B 329 -4.29 4.50 -25.65
N GLU B 330 -4.12 5.11 -24.48
CA GLU B 330 -3.78 6.52 -24.38
C GLU B 330 -2.42 6.84 -24.98
N LEU B 331 -1.57 5.83 -25.17
CA LEU B 331 -0.33 6.01 -25.92
C LEU B 331 -0.57 6.57 -27.32
N GLY B 332 -1.81 6.48 -27.82
CA GLY B 332 -2.12 7.06 -29.11
C GLY B 332 -2.23 8.57 -29.10
N LYS B 333 -2.17 9.21 -27.92
CA LYS B 333 -2.13 10.65 -27.87
C LYS B 333 -0.77 11.21 -28.26
N LEU B 334 0.28 10.37 -28.20
CA LEU B 334 1.65 10.78 -28.49
C LEU B 334 1.78 10.94 -30.00
N GLU B 335 1.29 12.08 -30.51
CA GLU B 335 1.35 12.33 -31.94
C GLU B 335 2.77 12.46 -32.45
N GLN B 336 3.73 12.79 -31.58
CA GLN B 336 5.12 12.96 -31.97
C GLN B 336 5.99 11.78 -31.56
N LEU B 337 5.40 10.65 -31.16
CA LEU B 337 6.19 9.49 -30.80
C LEU B 337 6.90 8.94 -32.04
N PHE B 338 8.22 8.77 -31.93
CA PHE B 338 9.04 8.29 -33.04
C PHE B 338 9.47 6.84 -32.88
N GLU B 339 9.86 6.43 -31.67
CA GLU B 339 10.31 5.07 -31.43
C GLU B 339 9.68 4.55 -30.14
N LEU B 340 9.10 3.34 -30.24
CA LEU B 340 8.41 2.69 -29.12
C LEU B 340 8.98 1.29 -28.97
N ASN B 341 9.64 1.04 -27.84
CA ASN B 341 10.26 -0.27 -27.60
C ASN B 341 9.74 -0.82 -26.27
N LEU B 342 8.74 -1.69 -26.35
CA LEU B 342 8.17 -2.36 -25.19
C LEU B 342 8.60 -3.83 -25.09
N ALA B 343 9.72 -4.19 -25.72
CA ALA B 343 10.09 -5.60 -25.85
C ALA B 343 10.40 -6.24 -24.49
N ASN B 344 10.42 -7.57 -24.50
CA ASN B 344 10.85 -8.38 -23.36
C ASN B 344 10.15 -7.99 -22.05
N ASN B 345 8.83 -8.05 -22.08
CA ASN B 345 8.05 -7.80 -20.86
C ASN B 345 7.05 -8.92 -20.61
N ARG B 346 5.93 -8.59 -19.97
CA ARG B 346 4.84 -9.53 -19.68
C ARG B 346 3.50 -8.90 -20.02
N LEU B 347 3.50 -7.97 -20.97
CA LEU B 347 2.29 -7.30 -21.40
C LEU B 347 1.29 -8.31 -21.97
N VAL B 348 0.05 -7.86 -22.08
CA VAL B 348 -1.07 -8.74 -22.31
C VAL B 348 -2.08 -7.99 -23.16
N GLY B 349 -2.87 -8.73 -23.93
CA GLY B 349 -3.97 -8.16 -24.67
C GLY B 349 -3.59 -7.69 -26.05
N PRO B 350 -4.52 -7.02 -26.71
CA PRO B 350 -4.30 -6.59 -28.09
C PRO B 350 -3.35 -5.39 -28.18
N ILE B 351 -2.71 -5.28 -29.34
CA ILE B 351 -2.07 -4.03 -29.74
C ILE B 351 -3.19 -3.03 -29.95
N PRO B 352 -3.22 -1.92 -29.20
CA PRO B 352 -4.36 -1.00 -29.29
C PRO B 352 -4.47 -0.41 -30.69
N SER B 353 -5.70 -0.31 -31.18
CA SER B 353 -5.93 0.34 -32.47
C SER B 353 -5.56 1.81 -32.41
N ASN B 354 -5.80 2.46 -31.28
CA ASN B 354 -5.57 3.89 -31.14
C ASN B 354 -4.11 4.25 -31.39
N ILE B 355 -3.20 3.29 -31.36
CA ILE B 355 -1.78 3.55 -31.54
C ILE B 355 -1.49 3.88 -33.01
N SER B 356 -2.53 3.87 -33.84
CA SER B 356 -2.34 4.30 -35.22
C SER B 356 -2.37 5.82 -35.34
N SER B 357 -2.67 6.53 -34.25
CA SER B 357 -2.62 7.98 -34.25
C SER B 357 -1.21 8.52 -34.08
N CYS B 358 -0.27 7.68 -33.65
CA CYS B 358 1.15 8.03 -33.65
C CYS B 358 1.63 7.96 -35.09
N ALA B 359 1.28 9.00 -35.85
CA ALA B 359 1.57 9.01 -37.30
C ALA B 359 3.06 8.94 -37.55
N ALA B 360 3.84 9.75 -36.84
CA ALA B 360 5.29 9.79 -37.03
C ALA B 360 6.01 8.58 -36.46
N LEU B 361 5.28 7.62 -35.89
CA LEU B 361 5.91 6.44 -35.31
C LEU B 361 6.80 5.75 -36.34
N ASN B 362 8.02 5.44 -35.94
CA ASN B 362 9.06 5.01 -36.85
C ASN B 362 9.65 3.65 -36.54
N GLN B 363 9.73 3.27 -35.26
CA GLN B 363 10.15 1.94 -34.87
C GLN B 363 9.20 1.43 -33.79
N PHE B 364 8.70 0.21 -33.97
CA PHE B 364 7.72 -0.40 -33.09
C PHE B 364 8.20 -1.80 -32.75
N ASN B 365 8.49 -2.05 -31.47
CA ASN B 365 9.09 -3.30 -31.05
C ASN B 365 8.38 -3.77 -29.79
N VAL B 366 7.59 -4.84 -29.91
CA VAL B 366 6.89 -5.44 -28.77
C VAL B 366 7.31 -6.91 -28.61
N HIS B 367 8.53 -7.23 -29.05
CA HIS B 367 9.01 -8.61 -29.01
C HIS B 367 9.03 -9.17 -27.60
N GLY B 368 8.65 -10.45 -27.47
CA GLY B 368 8.88 -11.16 -26.23
C GLY B 368 7.85 -10.95 -25.15
N ASN B 369 6.58 -10.73 -25.51
CA ASN B 369 5.52 -10.48 -24.56
C ASN B 369 4.51 -11.63 -24.60
N LEU B 370 3.25 -11.33 -24.26
CA LEU B 370 2.14 -12.26 -24.33
C LEU B 370 0.94 -11.59 -24.98
N LEU B 371 1.18 -10.69 -25.93
CA LEU B 371 0.10 -9.97 -26.57
C LEU B 371 -0.74 -10.92 -27.40
N SER B 372 -1.97 -10.50 -27.66
CA SER B 372 -2.99 -11.40 -28.20
C SER B 372 -3.72 -10.68 -29.31
N GLY B 373 -4.65 -11.40 -29.94
CA GLY B 373 -5.47 -10.83 -30.99
C GLY B 373 -4.73 -10.73 -32.30
N SER B 374 -5.33 -9.98 -33.21
CA SER B 374 -4.79 -9.76 -34.54
C SER B 374 -4.14 -8.39 -34.64
N ILE B 375 -3.31 -8.22 -35.66
CA ILE B 375 -2.81 -6.91 -36.04
C ILE B 375 -3.99 -6.07 -36.47
N PRO B 376 -4.30 -4.97 -35.79
CA PRO B 376 -5.42 -4.13 -36.23
C PRO B 376 -5.15 -3.56 -37.61
N LEU B 377 -6.23 -3.24 -38.32
CA LEU B 377 -6.05 -2.71 -39.66
C LEU B 377 -5.41 -1.33 -39.61
N ALA B 378 -5.67 -0.55 -38.57
CA ALA B 378 -5.23 0.84 -38.57
C ALA B 378 -3.71 0.96 -38.61
N PHE B 379 -2.98 -0.15 -38.51
CA PHE B 379 -1.53 -0.12 -38.70
C PHE B 379 -1.13 0.29 -40.12
N ARG B 380 -2.06 0.25 -41.07
CA ARG B 380 -1.75 0.74 -42.42
C ARG B 380 -1.58 2.25 -42.44
N ASN B 381 -2.01 2.94 -41.40
CA ASN B 381 -1.83 4.38 -41.30
C ASN B 381 -0.44 4.77 -40.83
N LEU B 382 0.29 3.82 -40.26
CA LEU B 382 1.66 4.06 -39.80
C LEU B 382 2.58 4.16 -41.01
N GLY B 383 2.45 5.26 -41.77
CA GLY B 383 3.20 5.39 -43.00
C GLY B 383 4.71 5.45 -42.79
N SER B 384 5.14 6.14 -41.74
CA SER B 384 6.57 6.33 -41.49
C SER B 384 7.21 5.15 -40.77
N LEU B 385 6.44 4.13 -40.44
CA LEU B 385 6.98 2.97 -39.74
C LEU B 385 8.13 2.35 -40.55
N THR B 386 9.15 1.86 -39.83
CA THR B 386 10.39 1.41 -40.46
C THR B 386 10.84 0.08 -39.89
N TYR B 387 10.76 -0.06 -38.57
CA TYR B 387 11.13 -1.28 -37.86
C TYR B 387 9.87 -1.82 -37.21
N LEU B 388 9.53 -3.08 -37.51
CA LEU B 388 8.31 -3.66 -36.95
C LEU B 388 8.64 -5.06 -36.43
N ASN B 389 8.86 -5.15 -35.11
CA ASN B 389 9.24 -6.40 -34.47
C ASN B 389 8.10 -6.82 -33.52
N LEU B 390 7.15 -7.60 -34.06
CA LEU B 390 6.09 -8.21 -33.28
C LEU B 390 6.44 -9.62 -32.84
N SER B 391 7.71 -10.00 -32.91
CA SER B 391 8.11 -11.39 -32.77
C SER B 391 7.84 -11.92 -31.37
N SER B 392 7.93 -13.24 -31.23
CA SER B 392 7.73 -13.98 -29.99
C SER B 392 6.53 -13.47 -29.19
N ASN B 393 5.32 -13.74 -29.67
CA ASN B 393 4.11 -13.30 -28.99
C ASN B 393 3.03 -14.36 -29.20
N ASN B 394 1.76 -13.96 -29.10
CA ASN B 394 0.62 -14.84 -29.25
C ASN B 394 -0.41 -14.23 -30.17
N PHE B 395 0.04 -13.55 -31.23
CA PHE B 395 -0.89 -12.98 -32.19
C PHE B 395 -1.49 -14.06 -33.07
N LYS B 396 -2.72 -13.80 -33.54
CA LYS B 396 -3.39 -14.73 -34.43
C LYS B 396 -3.99 -13.96 -35.60
N GLY B 397 -4.76 -14.64 -36.44
CA GLY B 397 -5.25 -14.02 -37.65
C GLY B 397 -4.26 -14.13 -38.79
N LYS B 398 -4.57 -13.43 -39.87
CA LYS B 398 -3.75 -13.46 -41.07
C LYS B 398 -2.89 -12.21 -41.16
N ILE B 399 -1.69 -12.37 -41.72
CA ILE B 399 -0.83 -11.23 -42.02
C ILE B 399 -1.61 -10.31 -42.96
N PRO B 400 -1.88 -9.07 -42.57
CA PRO B 400 -2.75 -8.22 -43.39
C PRO B 400 -2.12 -7.91 -44.74
N VAL B 401 -2.96 -7.88 -45.77
CA VAL B 401 -2.53 -7.37 -47.07
C VAL B 401 -1.97 -5.96 -46.92
N GLU B 402 -2.64 -5.13 -46.12
CA GLU B 402 -2.26 -3.74 -45.95
C GLU B 402 -0.85 -3.58 -45.39
N LEU B 403 -0.34 -4.61 -44.70
CA LEU B 403 1.02 -4.56 -44.18
C LEU B 403 2.03 -4.29 -45.29
N GLY B 404 1.71 -4.68 -46.53
CA GLY B 404 2.63 -4.45 -47.62
C GLY B 404 2.69 -3.02 -48.11
N HIS B 405 1.74 -2.17 -47.67
CA HIS B 405 1.67 -0.79 -48.13
C HIS B 405 2.43 0.17 -47.21
N ILE B 406 3.33 -0.35 -46.38
CA ILE B 406 4.19 0.47 -45.54
C ILE B 406 5.53 0.51 -46.26
N ILE B 407 5.67 1.50 -47.16
CA ILE B 407 6.70 1.48 -48.20
C ILE B 407 8.11 1.50 -47.62
N ASN B 408 8.27 2.05 -46.41
CA ASN B 408 9.59 2.28 -45.85
C ASN B 408 10.03 1.18 -44.89
N LEU B 409 9.27 0.09 -44.77
CA LEU B 409 9.69 -1.03 -43.94
C LEU B 409 11.01 -1.60 -44.42
N ASP B 410 11.97 -1.74 -43.51
CA ASP B 410 13.22 -2.43 -43.80
C ASP B 410 13.51 -3.61 -42.89
N LYS B 411 12.81 -3.75 -41.77
CA LYS B 411 12.94 -4.92 -40.90
C LYS B 411 11.55 -5.31 -40.41
N LEU B 412 11.15 -6.54 -40.73
CA LEU B 412 9.81 -7.04 -40.43
C LEU B 412 9.95 -8.41 -39.78
N ASP B 413 9.63 -8.49 -38.49
CA ASP B 413 9.71 -9.73 -37.73
C ASP B 413 8.35 -10.03 -37.13
N LEU B 414 7.67 -11.03 -37.70
CA LEU B 414 6.42 -11.56 -37.17
C LEU B 414 6.60 -12.95 -36.59
N SER B 415 7.85 -13.38 -36.38
CA SER B 415 8.14 -14.76 -36.04
C SER B 415 7.64 -15.11 -34.64
N GLY B 416 7.51 -16.41 -34.40
CA GLY B 416 7.13 -16.88 -33.08
C GLY B 416 5.70 -16.57 -32.68
N ASN B 417 4.78 -16.50 -33.64
CA ASN B 417 3.38 -16.24 -33.34
C ASN B 417 2.45 -17.36 -33.79
N ASN B 418 1.18 -17.03 -34.02
CA ASN B 418 0.17 -17.97 -34.50
C ASN B 418 -0.61 -17.37 -35.66
N PHE B 419 0.11 -16.83 -36.64
CA PHE B 419 -0.53 -16.26 -37.81
C PHE B 419 -1.02 -17.36 -38.74
N SER B 420 -2.16 -17.10 -39.38
CA SER B 420 -2.83 -18.07 -40.23
C SER B 420 -2.92 -17.50 -41.65
N GLY B 421 -3.57 -18.26 -42.53
CA GLY B 421 -3.71 -17.87 -43.92
C GLY B 421 -2.40 -17.99 -44.68
N SER B 422 -2.43 -17.46 -45.90
CA SER B 422 -1.26 -17.45 -46.77
C SER B 422 -0.59 -16.08 -46.72
N ILE B 423 0.67 -16.05 -47.14
CA ILE B 423 1.45 -14.81 -47.13
C ILE B 423 0.89 -13.85 -48.18
N PRO B 424 0.60 -12.61 -47.83
CA PRO B 424 0.11 -11.66 -48.84
C PRO B 424 1.18 -11.39 -49.89
N LEU B 425 0.74 -11.25 -51.14
CA LEU B 425 1.67 -10.97 -52.23
C LEU B 425 2.24 -9.56 -52.12
N THR B 426 1.55 -8.66 -51.41
CA THR B 426 2.06 -7.30 -51.25
C THR B 426 3.38 -7.26 -50.49
N LEU B 427 3.62 -8.25 -49.62
CA LEU B 427 4.92 -8.36 -48.98
C LEU B 427 6.06 -8.35 -49.99
N GLY B 428 5.78 -8.80 -51.21
CA GLY B 428 6.80 -8.81 -52.25
C GLY B 428 7.22 -7.43 -52.72
N ASP B 429 6.35 -6.43 -52.58
CA ASP B 429 6.69 -5.08 -53.03
C ASP B 429 7.03 -4.16 -51.85
N LEU B 430 7.73 -4.69 -50.85
CA LEU B 430 8.42 -3.86 -49.86
C LEU B 430 9.81 -3.60 -50.42
N GLU B 431 9.91 -2.56 -51.25
CA GLU B 431 11.10 -2.30 -52.03
C GLU B 431 12.37 -2.25 -51.17
N HIS B 432 12.29 -1.62 -50.00
CA HIS B 432 13.45 -1.37 -49.17
C HIS B 432 13.64 -2.40 -48.07
N LEU B 433 12.76 -3.39 -47.98
CA LEU B 433 12.88 -4.44 -46.96
C LEU B 433 14.25 -5.10 -47.01
N LEU B 434 14.91 -5.18 -45.85
CA LEU B 434 16.18 -5.89 -45.72
C LEU B 434 16.07 -7.22 -44.99
N ILE B 435 15.21 -7.33 -43.98
CA ILE B 435 15.06 -8.56 -43.20
C ILE B 435 13.59 -8.90 -43.09
N LEU B 436 13.25 -10.15 -43.40
CA LEU B 436 11.88 -10.63 -43.39
C LEU B 436 11.86 -11.98 -42.67
N ASN B 437 11.50 -11.97 -41.38
CA ASN B 437 11.44 -13.20 -40.58
C ASN B 437 9.98 -13.49 -40.25
N LEU B 438 9.40 -14.48 -40.94
CA LEU B 438 8.05 -14.94 -40.70
C LEU B 438 8.00 -16.32 -40.05
N SER B 439 9.13 -16.80 -39.52
CA SER B 439 9.21 -18.20 -39.09
C SER B 439 8.33 -18.46 -37.86
N ARG B 440 8.08 -19.74 -37.60
CA ARG B 440 7.39 -20.19 -36.39
C ARG B 440 5.97 -19.60 -36.31
N ASN B 441 5.15 -20.01 -37.26
CA ASN B 441 3.73 -19.65 -37.27
C ASN B 441 2.95 -20.84 -37.84
N HIS B 442 1.74 -20.57 -38.32
CA HIS B 442 0.89 -21.54 -38.99
C HIS B 442 0.53 -21.08 -40.40
N LEU B 443 1.48 -20.42 -41.07
CA LEU B 443 1.25 -19.95 -42.42
C LEU B 443 1.10 -21.12 -43.39
N SER B 444 0.13 -21.00 -44.29
CA SER B 444 -0.16 -22.03 -45.28
C SER B 444 -0.06 -21.40 -46.67
N GLY B 445 -0.39 -22.19 -47.69
CA GLY B 445 -0.29 -21.72 -49.05
C GLY B 445 1.12 -21.86 -49.61
N GLN B 446 1.34 -21.18 -50.73
CA GLN B 446 2.63 -21.21 -51.39
C GLN B 446 3.53 -20.09 -50.89
N LEU B 447 4.83 -20.32 -51.00
CA LEU B 447 5.83 -19.27 -50.84
C LEU B 447 5.71 -18.32 -52.02
N PRO B 448 5.37 -17.04 -51.80
CA PRO B 448 5.02 -16.17 -52.93
C PRO B 448 6.20 -15.89 -53.85
N ALA B 449 5.96 -16.04 -55.16
CA ALA B 449 6.98 -15.69 -56.14
C ALA B 449 7.26 -14.19 -56.18
N GLU B 450 6.29 -13.37 -55.73
CA GLU B 450 6.51 -11.93 -55.67
C GLU B 450 7.65 -11.54 -54.74
N PHE B 451 8.10 -12.46 -53.88
CA PHE B 451 9.32 -12.25 -53.10
C PHE B 451 10.52 -11.95 -53.98
N GLY B 452 10.44 -12.27 -55.28
CA GLY B 452 11.51 -11.91 -56.20
C GLY B 452 11.68 -10.42 -56.36
N ASN B 453 10.62 -9.63 -56.10
CA ASN B 453 10.70 -8.18 -56.23
C ASN B 453 11.39 -7.51 -55.05
N LEU B 454 11.74 -8.27 -54.01
CA LEU B 454 12.45 -7.73 -52.85
C LEU B 454 13.87 -7.41 -53.28
N ARG B 455 14.01 -6.25 -53.93
CA ARG B 455 15.29 -5.81 -54.46
C ARG B 455 16.40 -5.92 -53.43
N SER B 456 16.18 -5.29 -52.27
CA SER B 456 17.22 -5.09 -51.28
C SER B 456 17.36 -6.24 -50.28
N ILE B 457 16.45 -7.22 -50.31
CA ILE B 457 16.38 -8.20 -49.23
C ILE B 457 17.71 -8.92 -49.09
N GLN B 458 18.06 -9.23 -47.83
CA GLN B 458 19.26 -9.98 -47.50
C GLN B 458 18.98 -11.20 -46.63
N MET B 459 17.84 -11.27 -45.96
CA MET B 459 17.49 -12.41 -45.12
C MET B 459 16.00 -12.70 -45.22
N ILE B 460 15.66 -13.96 -45.53
CA ILE B 460 14.29 -14.42 -45.62
C ILE B 460 14.17 -15.70 -44.80
N ASP B 461 13.35 -15.65 -43.75
CA ASP B 461 13.09 -16.81 -42.90
C ASP B 461 11.58 -17.04 -42.84
N VAL B 462 11.15 -18.23 -43.27
CA VAL B 462 9.74 -18.61 -43.21
C VAL B 462 9.64 -20.05 -42.71
N SER B 463 10.65 -20.49 -41.95
CA SER B 463 10.70 -21.86 -41.49
C SER B 463 9.60 -22.14 -40.46
N PHE B 464 9.42 -23.43 -40.15
CA PHE B 464 8.46 -23.90 -39.16
C PHE B 464 7.06 -23.32 -39.40
N ASN B 465 6.55 -23.58 -40.61
CA ASN B 465 5.18 -23.21 -40.97
C ASN B 465 4.48 -24.40 -41.62
N LEU B 466 3.46 -24.10 -42.43
CA LEU B 466 2.76 -25.12 -43.22
C LEU B 466 2.81 -24.77 -44.70
N LEU B 467 3.88 -24.09 -45.11
CA LEU B 467 4.00 -23.66 -46.50
C LEU B 467 4.08 -24.86 -47.44
N SER B 468 3.31 -24.80 -48.52
CA SER B 468 3.24 -25.87 -49.50
C SER B 468 3.69 -25.32 -50.85
N GLY B 469 3.51 -26.13 -51.89
CA GLY B 469 3.93 -25.71 -53.22
C GLY B 469 5.43 -25.88 -53.42
N VAL B 470 5.99 -25.00 -54.25
CA VAL B 470 7.36 -25.13 -54.71
C VAL B 470 8.17 -23.96 -54.18
N ILE B 471 9.49 -24.17 -54.10
CA ILE B 471 10.44 -23.09 -53.84
C ILE B 471 10.35 -22.14 -55.03
N PRO B 472 9.94 -20.89 -54.84
CA PRO B 472 9.83 -19.96 -55.98
C PRO B 472 11.15 -19.83 -56.70
N THR B 473 11.11 -19.98 -58.02
CA THR B 473 12.34 -19.92 -58.81
C THR B 473 12.82 -18.49 -59.02
N GLU B 474 11.97 -17.49 -58.75
CA GLU B 474 12.36 -16.10 -58.92
C GLU B 474 13.27 -15.61 -57.80
N LEU B 475 13.43 -16.39 -56.73
CA LEU B 475 14.38 -16.04 -55.67
C LEU B 475 15.79 -15.87 -56.21
N GLY B 476 16.10 -16.47 -57.36
CA GLY B 476 17.39 -16.26 -58.00
C GLY B 476 17.67 -14.82 -58.38
N GLN B 477 16.63 -13.99 -58.50
CA GLN B 477 16.83 -12.59 -58.83
C GLN B 477 17.36 -11.78 -57.66
N LEU B 478 17.37 -12.34 -56.46
CA LEU B 478 17.69 -11.58 -55.25
C LEU B 478 19.21 -11.48 -55.13
N GLN B 479 19.76 -10.29 -55.39
CA GLN B 479 21.19 -10.10 -55.49
C GLN B 479 21.87 -9.80 -54.15
N ASN B 480 21.09 -9.54 -53.10
CA ASN B 480 21.64 -9.30 -51.77
C ASN B 480 21.27 -10.40 -50.78
N LEU B 481 20.36 -11.30 -51.15
CA LEU B 481 19.93 -12.40 -50.29
C LEU B 481 21.11 -13.28 -49.89
N ASN B 482 21.50 -13.22 -48.62
CA ASN B 482 22.58 -14.04 -48.09
C ASN B 482 22.10 -15.15 -47.16
N SER B 483 20.87 -15.09 -46.67
CA SER B 483 20.31 -16.13 -45.81
C SER B 483 18.90 -16.49 -46.28
N LEU B 484 18.72 -17.74 -46.71
CA LEU B 484 17.42 -18.25 -47.15
C LEU B 484 17.10 -19.47 -46.31
N ILE B 485 16.14 -19.33 -45.39
CA ILE B 485 15.80 -20.34 -44.40
C ILE B 485 14.36 -20.77 -44.65
N LEU B 486 14.17 -21.99 -45.17
CA LEU B 486 12.85 -22.49 -45.53
C LEU B 486 12.48 -23.79 -44.82
N ASN B 487 13.26 -24.22 -43.83
CA ASN B 487 13.12 -25.57 -43.30
C ASN B 487 11.79 -25.76 -42.57
N ASN B 488 11.48 -27.02 -42.28
CA ASN B 488 10.28 -27.43 -41.55
C ASN B 488 9.01 -26.80 -42.16
N ASN B 489 8.81 -27.06 -43.44
CA ASN B 489 7.56 -26.75 -44.11
C ASN B 489 7.09 -28.01 -44.83
N LYS B 490 6.25 -27.81 -45.84
CA LYS B 490 5.82 -28.90 -46.71
C LYS B 490 6.03 -28.50 -48.16
N LEU B 491 7.07 -27.72 -48.43
CA LEU B 491 7.45 -27.41 -49.80
C LEU B 491 7.88 -28.67 -50.52
N HIS B 492 7.45 -28.80 -51.78
CA HIS B 492 7.81 -29.94 -52.61
C HIS B 492 8.46 -29.43 -53.89
N GLY B 493 8.88 -30.36 -54.73
CA GLY B 493 9.56 -30.01 -55.95
C GLY B 493 11.06 -29.92 -55.75
N LYS B 494 11.72 -29.50 -56.82
CA LYS B 494 13.17 -29.48 -56.84
C LYS B 494 13.69 -28.11 -56.42
N ILE B 495 14.90 -28.12 -55.86
CA ILE B 495 15.61 -26.90 -55.50
C ILE B 495 15.95 -26.19 -56.80
N PRO B 496 15.52 -24.95 -56.98
CA PRO B 496 15.69 -24.29 -58.28
C PRO B 496 17.16 -24.13 -58.65
N ASP B 497 17.46 -24.30 -59.93
CA ASP B 497 18.81 -24.07 -60.45
C ASP B 497 19.18 -22.61 -60.39
N GLN B 498 18.20 -21.71 -60.40
CA GLN B 498 18.44 -20.27 -60.41
C GLN B 498 18.95 -19.76 -59.06
N LEU B 499 18.79 -20.53 -57.99
CA LEU B 499 19.38 -20.16 -56.70
C LEU B 499 20.89 -19.97 -56.80
N THR B 500 21.52 -20.48 -57.86
CA THR B 500 22.95 -20.30 -58.05
C THR B 500 23.30 -18.86 -58.43
N ASN B 501 22.32 -18.06 -58.84
CA ASN B 501 22.57 -16.67 -59.21
C ASN B 501 22.45 -15.72 -58.04
N CYS B 502 22.06 -16.20 -56.87
CA CYS B 502 22.11 -15.40 -55.66
C CYS B 502 23.58 -15.16 -55.32
N PHE B 503 24.13 -14.05 -55.84
CA PHE B 503 25.57 -13.79 -55.77
C PHE B 503 26.12 -13.81 -54.35
N THR B 504 25.26 -13.66 -53.34
CA THR B 504 25.72 -13.52 -51.96
C THR B 504 25.13 -14.57 -51.03
N LEU B 505 24.51 -15.63 -51.55
CA LEU B 505 23.81 -16.60 -50.73
C LEU B 505 24.84 -17.47 -49.99
N VAL B 506 24.95 -17.26 -48.68
CA VAL B 506 25.94 -17.96 -47.87
C VAL B 506 25.29 -19.05 -47.01
N ASN B 507 24.08 -18.79 -46.53
CA ASN B 507 23.39 -19.73 -45.65
C ASN B 507 22.03 -20.09 -46.23
N LEU B 508 21.79 -21.39 -46.38
CA LEU B 508 20.56 -21.92 -46.97
C LEU B 508 20.13 -23.12 -46.15
N ASN B 509 18.88 -23.12 -45.69
CA ASN B 509 18.34 -24.25 -44.92
C ASN B 509 16.95 -24.56 -45.44
N VAL B 510 16.84 -25.65 -46.21
CA VAL B 510 15.58 -26.13 -46.77
C VAL B 510 15.24 -27.52 -46.27
N SER B 511 15.85 -27.92 -45.15
CA SER B 511 15.69 -29.26 -44.61
C SER B 511 14.24 -29.50 -44.16
N PHE B 512 13.92 -30.77 -43.93
CA PHE B 512 12.62 -31.18 -43.39
C PHE B 512 11.45 -30.63 -44.22
N ASN B 513 11.52 -30.85 -45.53
CA ASN B 513 10.40 -30.58 -46.41
C ASN B 513 9.97 -31.84 -47.14
N ASN B 514 9.33 -31.67 -48.30
CA ASN B 514 9.04 -32.78 -49.21
C ASN B 514 9.77 -32.55 -50.53
N LEU B 515 10.89 -31.85 -50.49
CA LEU B 515 11.67 -31.56 -51.68
C LEU B 515 12.26 -32.83 -52.28
N SER B 516 12.28 -32.87 -53.62
CA SER B 516 12.86 -33.97 -54.38
C SER B 516 13.88 -33.40 -55.36
N GLY B 517 14.64 -34.30 -55.98
CA GLY B 517 15.64 -33.91 -56.95
C GLY B 517 17.06 -34.01 -56.42
N ILE B 518 17.95 -33.31 -57.09
CA ILE B 518 19.31 -33.09 -56.63
C ILE B 518 19.50 -31.60 -56.34
N VAL B 519 20.60 -31.29 -55.66
CA VAL B 519 20.99 -29.92 -55.38
C VAL B 519 21.78 -29.39 -56.57
N PRO B 520 21.43 -28.23 -57.09
CA PRO B 520 22.16 -27.69 -58.25
C PRO B 520 23.54 -27.21 -57.83
N PRO B 521 24.43 -26.96 -58.78
CA PRO B 521 25.76 -26.41 -58.43
C PRO B 521 25.69 -25.06 -57.76
N MET B 522 25.90 -25.02 -56.45
CA MET B 522 25.93 -23.77 -55.70
C MET B 522 27.36 -23.27 -55.58
N LYS B 523 27.56 -21.97 -55.83
CA LYS B 523 28.88 -21.37 -55.75
C LYS B 523 29.38 -21.20 -54.34
N ASN B 524 28.57 -21.53 -53.33
CA ASN B 524 28.96 -21.46 -51.93
C ASN B 524 28.46 -22.70 -51.19
N PHE B 525 28.51 -23.86 -51.86
CA PHE B 525 27.99 -25.08 -51.29
C PHE B 525 28.68 -25.49 -50.00
N SER B 526 29.92 -25.03 -49.79
CA SER B 526 30.70 -25.44 -48.64
C SER B 526 30.43 -24.60 -47.40
N ARG B 527 29.87 -23.40 -47.56
CA ARG B 527 29.52 -22.55 -46.43
C ARG B 527 28.24 -22.99 -45.74
N PHE B 528 27.48 -23.92 -46.33
CA PHE B 528 26.24 -24.40 -45.74
C PHE B 528 26.51 -25.29 -44.53
N ALA B 529 25.50 -25.38 -43.67
CA ALA B 529 25.53 -26.33 -42.57
C ALA B 529 25.46 -27.76 -43.11
N PRO B 530 25.85 -28.75 -42.29
CA PRO B 530 25.70 -30.14 -42.76
C PRO B 530 24.26 -30.55 -42.97
N ALA B 531 23.36 -30.21 -42.05
CA ALA B 531 21.96 -30.61 -42.12
C ALA B 531 21.12 -29.68 -42.98
N SER B 532 21.72 -29.09 -44.02
CA SER B 532 20.99 -28.14 -44.86
C SER B 532 19.84 -28.80 -45.59
N PHE B 533 19.95 -30.08 -45.91
CA PHE B 533 18.96 -30.75 -46.74
C PHE B 533 18.37 -32.01 -46.12
N VAL B 534 18.72 -32.35 -44.88
CA VAL B 534 18.22 -33.58 -44.27
C VAL B 534 16.71 -33.49 -44.08
N GLY B 535 16.07 -34.65 -44.01
CA GLY B 535 14.65 -34.73 -43.79
C GLY B 535 13.79 -34.59 -45.03
N ASN B 536 14.41 -34.46 -46.21
CA ASN B 536 13.69 -34.55 -47.46
C ASN B 536 13.78 -35.99 -47.96
N PRO B 537 12.66 -36.72 -48.05
CA PRO B 537 12.72 -38.14 -48.43
C PRO B 537 13.35 -38.36 -49.79
N TYR B 538 12.72 -37.81 -50.83
CA TYR B 538 13.11 -38.03 -52.22
C TYR B 538 14.21 -37.08 -52.70
N LEU B 539 14.95 -36.45 -51.79
CA LEU B 539 16.08 -35.61 -52.18
C LEU B 539 17.35 -36.45 -52.18
N CYS B 540 18.09 -36.40 -53.28
CA CYS B 540 19.24 -37.27 -53.53
C CYS B 540 20.52 -36.46 -53.35
N GLY B 541 21.25 -36.74 -52.27
CA GLY B 541 22.55 -36.14 -52.05
C GLY B 541 23.55 -37.06 -51.38
N ASN B 542 24.63 -36.48 -50.85
CA ASN B 542 25.69 -37.24 -50.21
C ASN B 542 25.64 -37.00 -48.70
N TRP B 543 24.56 -37.48 -48.08
CA TRP B 543 24.38 -37.36 -46.64
C TRP B 543 23.50 -38.50 -46.16
N VAL B 544 23.52 -38.71 -44.85
CA VAL B 544 22.72 -39.77 -44.24
C VAL B 544 21.27 -39.31 -44.15
N GLY B 545 20.34 -40.23 -44.41
CA GLY B 545 18.94 -39.91 -44.50
C GLY B 545 18.43 -39.64 -45.90
N SER B 546 19.32 -39.61 -46.90
CA SER B 546 18.93 -39.53 -48.30
C SER B 546 18.92 -40.92 -48.90
N ILE B 547 18.07 -41.13 -49.91
CA ILE B 547 18.08 -42.39 -50.64
C ILE B 547 19.36 -42.59 -51.43
N CYS B 548 20.15 -41.54 -51.62
CA CYS B 548 21.47 -41.64 -52.24
C CYS B 548 22.59 -41.57 -51.21
N GLY C 24 30.78 -53.12 -55.65
CA GLY C 24 31.19 -52.78 -57.00
C GLY C 24 30.18 -53.22 -58.05
N ALA C 25 28.99 -53.58 -57.60
CA ALA C 25 27.92 -53.99 -58.50
C ALA C 25 27.14 -52.78 -59.00
N ARG C 26 26.63 -52.89 -60.22
CA ARG C 26 25.87 -51.82 -60.85
C ARG C 26 24.64 -52.40 -61.53
N THR C 27 23.68 -51.52 -61.81
CA THR C 27 22.40 -51.92 -62.38
C THR C 27 22.50 -52.00 -63.90
N GLU C 28 21.78 -52.96 -64.47
CA GLU C 28 21.74 -53.10 -65.91
C GLU C 28 21.27 -51.79 -66.55
N PRO C 29 22.01 -51.25 -67.52
CA PRO C 29 21.74 -49.86 -67.95
C PRO C 29 20.36 -49.64 -68.55
N ASP C 30 19.90 -50.56 -69.41
CA ASP C 30 18.61 -50.36 -70.04
C ASP C 30 17.47 -50.49 -69.04
N GLU C 31 17.57 -51.44 -68.11
CA GLU C 31 16.58 -51.54 -67.05
C GLU C 31 16.54 -50.27 -66.21
N GLN C 32 17.70 -49.63 -65.99
CA GLN C 32 17.73 -48.40 -65.21
C GLN C 32 17.07 -47.25 -65.97
N ASP C 33 17.44 -47.05 -67.24
CA ASP C 33 16.80 -45.99 -68.01
C ASP C 33 15.31 -46.24 -68.12
N ALA C 34 14.90 -47.51 -68.22
CA ALA C 34 13.48 -47.83 -68.21
C ALA C 34 12.84 -47.44 -66.88
N VAL C 35 13.55 -47.67 -65.78
CA VAL C 35 13.04 -47.22 -64.47
C VAL C 35 12.85 -45.70 -64.48
N TYR C 36 13.87 -44.96 -64.94
CA TYR C 36 13.73 -43.52 -65.10
C TYR C 36 12.46 -43.15 -65.86
N ASP C 37 12.20 -43.82 -66.98
CA ASP C 37 11.07 -43.41 -67.80
C ASP C 37 9.73 -43.81 -67.18
N ILE C 38 9.66 -44.98 -66.54
CA ILE C 38 8.46 -45.38 -65.82
C ILE C 38 8.14 -44.37 -64.72
N MET C 39 9.17 -43.97 -63.95
CA MET C 39 8.95 -43.02 -62.86
C MET C 39 8.57 -41.65 -63.41
N ARG C 40 9.24 -41.19 -64.46
CA ARG C 40 8.90 -39.93 -65.09
C ARG C 40 7.45 -39.95 -65.55
N ALA C 41 7.00 -41.08 -66.10
CA ALA C 41 5.62 -41.22 -66.54
C ALA C 41 4.65 -41.22 -65.38
N THR C 42 5.05 -41.75 -64.23
CA THR C 42 4.15 -41.82 -63.08
C THR C 42 4.11 -40.50 -62.30
N GLY C 43 4.94 -39.52 -62.65
CA GLY C 43 4.95 -38.24 -61.98
C GLY C 43 6.13 -38.02 -61.06
N ASN C 44 6.97 -39.03 -60.86
CA ASN C 44 8.06 -38.94 -59.90
C ASN C 44 9.39 -38.78 -60.62
N ASP C 45 9.56 -37.67 -61.34
CA ASP C 45 10.75 -37.45 -62.15
C ASP C 45 12.04 -37.45 -61.34
N TRP C 46 11.96 -37.27 -60.01
CA TRP C 46 13.15 -37.20 -59.19
C TRP C 46 14.04 -38.42 -59.35
N ALA C 47 13.45 -39.58 -59.64
CA ALA C 47 14.24 -40.81 -59.77
C ALA C 47 15.23 -40.75 -60.91
N ALA C 48 14.99 -39.90 -61.91
CA ALA C 48 15.97 -39.73 -63.00
C ALA C 48 17.30 -39.19 -62.49
N ALA C 49 17.35 -38.68 -61.26
CA ALA C 49 18.56 -38.11 -60.70
C ALA C 49 19.42 -39.13 -59.96
N ILE C 50 18.87 -40.28 -59.60
CA ILE C 50 19.64 -41.29 -58.86
C ILE C 50 20.67 -41.94 -59.79
N PRO C 51 21.95 -41.98 -59.42
CA PRO C 51 22.95 -42.57 -60.33
C PRO C 51 22.75 -44.05 -60.58
N ASP C 52 22.39 -44.82 -59.56
CA ASP C 52 22.12 -46.25 -59.69
C ASP C 52 20.89 -46.57 -58.86
N VAL C 53 19.77 -46.82 -59.53
CA VAL C 53 18.49 -46.99 -58.84
C VAL C 53 18.44 -48.27 -58.02
N CYS C 54 19.27 -49.24 -58.33
CA CYS C 54 19.19 -50.53 -57.65
C CYS C 54 19.94 -50.50 -56.32
N ARG C 55 20.97 -49.66 -56.23
CA ARG C 55 21.73 -49.48 -55.00
C ARG C 55 21.31 -48.23 -54.22
N GLY C 56 20.66 -47.27 -54.88
CA GLY C 56 20.06 -46.14 -54.21
C GLY C 56 18.57 -46.37 -53.99
N ARG C 57 18.23 -47.65 -53.89
CA ARG C 57 16.88 -48.17 -53.67
C ARG C 57 16.00 -47.31 -52.76
N TRP C 58 14.84 -46.92 -53.26
CA TRP C 58 13.78 -46.33 -52.44
C TRP C 58 12.77 -47.41 -52.12
N HIS C 59 11.97 -47.18 -51.10
CA HIS C 59 10.92 -48.14 -50.75
C HIS C 59 9.88 -48.21 -51.87
N GLY C 60 9.79 -49.36 -52.52
CA GLY C 60 8.89 -49.54 -53.64
C GLY C 60 9.56 -50.17 -54.84
N ILE C 61 10.89 -50.17 -54.87
CA ILE C 61 11.65 -50.86 -55.90
C ILE C 61 12.52 -51.90 -55.21
N GLU C 62 12.62 -53.07 -55.81
CA GLU C 62 13.46 -54.15 -55.30
C GLU C 62 14.25 -54.73 -56.46
N CYS C 63 15.54 -54.95 -56.22
CA CYS C 63 16.42 -55.54 -57.21
C CYS C 63 17.02 -56.83 -56.66
N MET C 64 17.52 -57.65 -57.58
CA MET C 64 18.28 -58.83 -57.20
C MET C 64 19.33 -59.08 -58.27
N PRO C 65 20.53 -59.48 -57.87
CA PRO C 65 21.61 -59.68 -58.84
C PRO C 65 21.65 -61.10 -59.38
N ASP C 66 22.11 -61.22 -60.62
CA ASP C 66 22.39 -62.52 -61.19
C ASP C 66 23.77 -63.00 -60.76
N GLN C 67 24.19 -64.16 -61.28
CA GLN C 67 25.52 -64.66 -60.98
C GLN C 67 26.61 -63.75 -61.52
N ASP C 68 26.27 -62.85 -62.44
CA ASP C 68 27.23 -61.98 -63.11
C ASP C 68 27.41 -60.63 -62.42
N ASN C 69 26.98 -60.50 -61.16
CA ASN C 69 27.11 -59.25 -60.39
C ASN C 69 26.44 -58.07 -61.10
N VAL C 70 25.32 -58.32 -61.78
CA VAL C 70 24.52 -57.26 -62.39
C VAL C 70 23.14 -57.27 -61.74
N TYR C 71 22.67 -56.09 -61.34
CA TYR C 71 21.38 -55.96 -60.68
C TYR C 71 20.24 -55.99 -61.70
N HIS C 72 19.14 -56.64 -61.33
CA HIS C 72 17.93 -56.62 -62.14
C HIS C 72 16.74 -56.18 -61.30
N VAL C 73 15.86 -55.41 -61.91
CA VAL C 73 14.64 -54.93 -61.25
C VAL C 73 13.64 -56.07 -61.19
N VAL C 74 13.01 -56.24 -60.02
CA VAL C 74 12.26 -57.46 -59.72
C VAL C 74 10.87 -57.12 -59.19
N SER C 75 10.78 -56.04 -58.42
CA SER C 75 9.50 -55.58 -57.87
C SER C 75 9.40 -54.08 -58.05
N LEU C 76 8.16 -53.62 -58.26
CA LEU C 76 7.90 -52.20 -58.42
C LEU C 76 6.51 -51.89 -57.90
N SER C 77 6.41 -50.99 -56.92
CA SER C 77 5.14 -50.70 -56.26
C SER C 77 4.88 -49.20 -56.28
N PHE C 78 3.62 -48.83 -56.47
CA PHE C 78 3.19 -47.44 -56.46
C PHE C 78 1.86 -47.31 -55.73
N GLY C 79 1.65 -46.14 -55.15
CA GLY C 79 0.42 -45.88 -54.44
C GLY C 79 0.64 -45.89 -52.94
N ALA C 80 -0.22 -45.16 -52.23
CA ALA C 80 -0.11 -45.06 -50.77
C ALA C 80 -0.77 -46.28 -50.12
N LEU C 81 -0.08 -47.42 -50.26
CA LEU C 81 -0.43 -48.59 -49.46
C LEU C 81 0.01 -48.41 -48.02
N SER C 82 0.99 -47.54 -47.79
CA SER C 82 1.52 -47.23 -46.46
C SER C 82 2.28 -48.43 -45.88
N ASP C 83 2.45 -48.40 -44.55
CA ASP C 83 3.30 -49.27 -43.73
C ASP C 83 3.88 -48.38 -42.65
N ASP C 84 5.13 -48.63 -42.26
CA ASP C 84 5.96 -47.56 -41.71
C ASP C 84 6.34 -46.58 -42.82
N THR C 85 6.79 -47.11 -43.94
CA THR C 85 7.11 -46.35 -45.13
C THR C 85 5.97 -46.45 -46.13
N ALA C 86 5.92 -45.49 -47.05
CA ALA C 86 4.92 -45.49 -48.11
C ALA C 86 5.63 -45.52 -49.46
N PHE C 87 4.90 -46.02 -50.46
CA PHE C 87 5.44 -46.08 -51.81
C PHE C 87 5.30 -44.72 -52.46
N PRO C 88 5.97 -44.48 -53.58
CA PRO C 88 5.75 -43.23 -54.31
C PRO C 88 4.31 -43.13 -54.78
N THR C 89 3.75 -41.94 -54.68
CA THR C 89 2.40 -41.68 -55.15
C THR C 89 2.46 -41.09 -56.55
N CYS C 90 1.32 -41.11 -57.22
CA CYS C 90 1.22 -40.69 -58.62
C CYS C 90 0.48 -39.37 -58.74
N ASP C 91 1.10 -38.42 -59.43
CA ASP C 91 0.49 -37.14 -59.73
C ASP C 91 -0.85 -37.37 -60.44
N PRO C 92 -1.96 -36.90 -59.90
CA PRO C 92 -3.25 -37.10 -60.58
C PRO C 92 -3.38 -36.36 -61.89
N GLN C 93 -2.52 -35.39 -62.16
CA GLN C 93 -2.56 -34.66 -63.42
C GLN C 93 -1.74 -35.31 -64.53
N ARG C 94 -0.64 -35.99 -64.19
CA ARG C 94 0.34 -36.41 -65.18
C ARG C 94 0.48 -37.91 -65.35
N SER C 95 0.17 -38.71 -64.33
CA SER C 95 0.70 -40.06 -64.26
C SER C 95 0.03 -40.97 -65.30
N TYR C 96 0.76 -42.04 -65.66
CA TYR C 96 0.23 -43.09 -66.51
C TYR C 96 1.15 -44.30 -66.41
N VAL C 97 0.65 -45.43 -66.87
CA VAL C 97 1.40 -46.68 -66.90
C VAL C 97 2.21 -46.71 -68.20
N SER C 98 3.53 -46.66 -68.07
CA SER C 98 4.41 -46.51 -69.23
C SER C 98 4.71 -47.86 -69.88
N GLU C 99 4.76 -47.86 -71.22
CA GLU C 99 5.16 -49.06 -71.95
C GLU C 99 6.57 -49.51 -71.59
N SER C 100 7.39 -48.64 -71.00
CA SER C 100 8.75 -49.00 -70.64
C SER C 100 8.81 -50.12 -69.63
N LEU C 101 7.68 -50.47 -69.00
CA LEU C 101 7.61 -51.66 -68.17
C LEU C 101 8.04 -52.90 -68.92
N THR C 102 7.85 -52.91 -70.25
CA THR C 102 8.23 -54.08 -71.04
C THR C 102 9.74 -54.22 -71.14
N ARG C 103 10.50 -53.17 -70.85
CA ARG C 103 11.95 -53.27 -70.84
C ARG C 103 12.48 -53.97 -69.59
N LEU C 104 11.65 -54.11 -68.56
CA LEU C 104 12.04 -54.81 -67.34
C LEU C 104 11.79 -56.29 -67.56
N LYS C 105 12.83 -56.99 -68.04
CA LYS C 105 12.66 -58.38 -68.46
C LYS C 105 12.46 -59.30 -67.27
N HIS C 106 12.95 -58.92 -66.08
CA HIS C 106 12.97 -59.77 -64.91
C HIS C 106 11.91 -59.40 -63.89
N LEU C 107 10.99 -58.51 -64.24
CA LEU C 107 10.00 -58.02 -63.30
C LEU C 107 9.17 -59.17 -62.73
N LYS C 108 9.17 -59.31 -61.41
CA LYS C 108 8.40 -60.34 -60.73
C LYS C 108 7.09 -59.85 -60.15
N ALA C 109 7.03 -58.60 -59.68
CA ALA C 109 5.81 -58.09 -59.05
C ALA C 109 5.58 -56.63 -59.40
N LEU C 110 4.33 -56.30 -59.69
CA LEU C 110 3.93 -54.93 -60.04
C LEU C 110 2.71 -54.54 -59.23
N PHE C 111 2.85 -53.47 -58.43
CA PHE C 111 1.78 -52.94 -57.60
C PHE C 111 1.42 -51.53 -58.06
N PHE C 112 0.13 -51.30 -58.28
CA PHE C 112 -0.45 -49.97 -58.41
C PHE C 112 -1.65 -49.93 -57.48
N TYR C 113 -1.62 -49.05 -56.48
CA TYR C 113 -2.70 -48.95 -55.50
C TYR C 113 -3.19 -47.52 -55.44
N ARG C 114 -4.43 -47.30 -55.87
CA ARG C 114 -5.08 -45.99 -55.79
C ARG C 114 -4.25 -44.92 -56.51
N CYS C 115 -3.58 -45.34 -57.57
CA CYS C 115 -2.71 -44.49 -58.38
C CYS C 115 -3.57 -44.02 -59.55
N LEU C 116 -4.23 -42.88 -59.36
CA LEU C 116 -5.23 -42.40 -60.30
C LEU C 116 -4.61 -41.42 -61.30
N GLY C 117 -4.93 -41.61 -62.56
CA GLY C 117 -4.54 -40.68 -63.60
C GLY C 117 -5.50 -39.53 -63.70
N ARG C 118 -5.32 -38.74 -64.76
CA ARG C 118 -6.17 -37.56 -64.95
C ARG C 118 -7.57 -37.95 -65.39
N ALA C 119 -7.69 -38.97 -66.22
CA ALA C 119 -8.89 -39.12 -67.03
C ALA C 119 -9.08 -40.60 -67.37
N PRO C 120 -9.95 -40.98 -68.31
CA PRO C 120 -10.04 -42.41 -68.67
C PRO C 120 -8.71 -43.02 -69.10
N GLN C 121 -8.42 -44.18 -68.53
CA GLN C 121 -7.30 -45.01 -68.93
C GLN C 121 -7.69 -46.47 -68.79
N ARG C 122 -7.33 -47.28 -69.78
CA ARG C 122 -7.63 -48.70 -69.78
C ARG C 122 -6.42 -49.48 -69.26
N ILE C 123 -6.66 -50.72 -68.88
CA ILE C 123 -5.55 -51.62 -68.55
C ILE C 123 -4.74 -51.79 -69.81
N PRO C 124 -3.45 -51.46 -69.80
CA PRO C 124 -2.66 -51.53 -71.03
C PRO C 124 -2.40 -52.96 -71.47
N ALA C 125 -2.54 -53.20 -72.77
CA ALA C 125 -2.35 -54.54 -73.30
C ALA C 125 -0.90 -54.98 -73.25
N PHE C 126 0.04 -54.02 -73.34
CA PHE C 126 1.46 -54.38 -73.38
C PHE C 126 1.93 -55.06 -72.10
N LEU C 127 1.11 -55.07 -71.05
CA LEU C 127 1.44 -55.81 -69.83
C LEU C 127 1.61 -57.30 -70.12
N GLY C 128 0.98 -57.81 -71.18
CA GLY C 128 1.21 -59.19 -71.55
C GLY C 128 2.62 -59.48 -72.03
N ARG C 129 3.31 -58.45 -72.53
CA ARG C 129 4.62 -58.60 -73.14
C ARG C 129 5.75 -58.85 -72.14
N LEU C 130 5.46 -58.98 -70.85
CA LEU C 130 6.49 -59.37 -69.90
C LEU C 130 6.09 -60.68 -69.22
N GLY C 131 5.85 -61.72 -70.04
CA GLY C 131 5.05 -62.85 -69.63
C GLY C 131 5.54 -63.71 -68.49
N SER C 132 6.61 -64.49 -68.71
CA SER C 132 6.95 -65.57 -67.79
C SER C 132 7.45 -65.06 -66.44
N SER C 133 8.06 -63.88 -66.41
CA SER C 133 8.68 -63.42 -65.15
C SER C 133 7.63 -62.98 -64.13
N LEU C 134 6.58 -62.29 -64.58
CA LEU C 134 5.64 -61.69 -63.66
C LEU C 134 4.84 -62.76 -62.92
N GLN C 135 4.80 -62.63 -61.59
CA GLN C 135 3.99 -63.52 -60.75
C GLN C 135 2.95 -62.80 -59.90
N THR C 136 3.06 -61.48 -59.71
CA THR C 136 2.10 -60.71 -58.94
C THR C 136 1.71 -59.47 -59.72
N LEU C 137 0.45 -59.37 -60.10
CA LEU C 137 -0.09 -58.19 -60.75
C LEU C 137 -1.22 -57.65 -59.89
N VAL C 138 -0.99 -56.49 -59.27
CA VAL C 138 -1.98 -55.84 -58.42
C VAL C 138 -2.25 -54.46 -59.01
N LEU C 139 -3.44 -54.29 -59.56
CA LEU C 139 -3.91 -53.01 -60.10
C LEU C 139 -5.18 -52.61 -59.34
N ARG C 140 -5.02 -52.25 -58.07
CA ARG C 140 -6.14 -52.07 -57.17
C ARG C 140 -6.59 -50.62 -57.14
N GLU C 141 -7.89 -50.40 -57.36
CA GLU C 141 -8.55 -49.10 -57.22
C GLU C 141 -7.83 -48.00 -57.99
N ASN C 142 -7.65 -48.24 -59.30
CA ASN C 142 -6.93 -47.30 -60.15
C ASN C 142 -7.83 -46.59 -61.15
N GLY C 143 -9.14 -46.87 -61.14
CA GLY C 143 -10.03 -46.22 -62.07
C GLY C 143 -9.94 -46.70 -63.49
N PHE C 144 -9.39 -47.89 -63.72
CA PHE C 144 -9.27 -48.43 -65.07
C PHE C 144 -10.65 -48.64 -65.69
N LEU C 145 -10.73 -48.39 -67.00
CA LEU C 145 -11.97 -48.49 -67.75
C LEU C 145 -11.87 -49.61 -68.79
N GLY C 146 -13.00 -49.84 -69.46
CA GLY C 146 -13.05 -50.72 -70.60
C GLY C 146 -12.90 -52.18 -70.22
N PRO C 147 -12.71 -53.04 -71.23
CA PRO C 147 -12.60 -54.47 -70.98
C PRO C 147 -11.23 -54.85 -70.45
N ILE C 148 -11.19 -55.98 -69.77
CA ILE C 148 -9.89 -56.54 -69.36
C ILE C 148 -9.16 -57.01 -70.61
N PRO C 149 -7.92 -56.59 -70.83
CA PRO C 149 -7.20 -57.02 -72.03
C PRO C 149 -7.00 -58.53 -72.05
N ASP C 150 -7.23 -59.11 -73.24
CA ASP C 150 -7.06 -60.56 -73.38
C ASP C 150 -5.61 -60.99 -73.18
N GLU C 151 -4.66 -60.15 -73.58
CA GLU C 151 -3.26 -60.53 -73.54
C GLU C 151 -2.69 -60.55 -72.13
N LEU C 152 -3.46 -60.16 -71.12
CA LEU C 152 -3.13 -60.50 -69.74
C LEU C 152 -2.96 -62.00 -69.56
N GLY C 153 -3.51 -62.80 -70.48
CA GLY C 153 -3.31 -64.24 -70.45
C GLY C 153 -1.88 -64.66 -70.74
N ASN C 154 -1.07 -63.78 -71.34
CA ASN C 154 0.33 -64.13 -71.57
C ASN C 154 1.11 -64.28 -70.28
N LEU C 155 0.67 -63.63 -69.21
CA LEU C 155 1.34 -63.70 -67.90
C LEU C 155 1.09 -65.09 -67.34
N THR C 156 1.84 -66.05 -67.88
CA THR C 156 1.53 -67.46 -67.64
C THR C 156 1.78 -67.86 -66.19
N ASN C 157 2.84 -67.33 -65.60
CA ASN C 157 3.24 -67.70 -64.25
C ASN C 157 2.60 -66.82 -63.17
N LEU C 158 1.59 -66.02 -63.55
CA LEU C 158 0.85 -65.22 -62.58
C LEU C 158 0.29 -66.10 -61.46
N LYS C 159 0.53 -65.68 -60.22
CA LYS C 159 -0.02 -66.37 -59.06
C LYS C 159 -0.98 -65.52 -58.24
N VAL C 160 -0.86 -64.20 -58.30
CA VAL C 160 -1.82 -63.29 -57.67
C VAL C 160 -2.23 -62.24 -58.69
N LEU C 161 -3.52 -62.18 -58.99
CA LEU C 161 -4.07 -61.15 -59.86
C LEU C 161 -5.15 -60.42 -59.10
N ASP C 162 -5.01 -59.09 -58.98
CA ASP C 162 -5.93 -58.27 -58.21
C ASP C 162 -6.36 -57.09 -59.06
N LEU C 163 -7.62 -57.06 -59.46
CA LEU C 163 -8.20 -55.98 -60.24
C LEU C 163 -9.38 -55.36 -59.50
N HIS C 164 -9.26 -55.27 -58.18
CA HIS C 164 -10.38 -54.87 -57.33
C HIS C 164 -10.78 -53.41 -57.55
N LYS C 165 -12.09 -53.17 -57.54
CA LYS C 165 -12.70 -51.84 -57.55
C LYS C 165 -12.11 -50.91 -58.61
N ASN C 166 -12.27 -51.33 -59.87
CA ASN C 166 -12.07 -50.47 -61.03
C ASN C 166 -13.45 -50.22 -61.67
N HIS C 167 -13.47 -49.97 -62.98
CA HIS C 167 -14.72 -49.76 -63.70
C HIS C 167 -14.67 -50.54 -65.02
N LEU C 168 -14.51 -51.86 -64.92
CA LEU C 168 -14.07 -52.67 -66.05
C LEU C 168 -15.27 -53.18 -66.85
N ASN C 169 -15.30 -52.83 -68.13
CA ASN C 169 -16.33 -53.25 -69.05
C ASN C 169 -16.22 -54.74 -69.35
N GLY C 170 -17.33 -55.30 -69.84
CA GLY C 170 -17.30 -56.55 -70.58
C GLY C 170 -17.10 -57.81 -69.75
N SER C 171 -16.58 -58.83 -70.41
CA SER C 171 -16.52 -60.18 -69.91
C SER C 171 -15.17 -60.49 -69.27
N ILE C 172 -15.15 -61.55 -68.48
CA ILE C 172 -13.89 -62.11 -67.99
C ILE C 172 -13.17 -62.81 -69.13
N PRO C 173 -11.92 -62.47 -69.42
CA PRO C 173 -11.22 -63.06 -70.57
C PRO C 173 -11.09 -64.57 -70.43
N LEU C 174 -11.31 -65.28 -71.54
CA LEU C 174 -11.13 -66.73 -71.53
C LEU C 174 -9.66 -67.12 -71.42
N SER C 175 -8.75 -66.23 -71.83
CA SER C 175 -7.32 -66.53 -71.75
C SER C 175 -6.83 -66.66 -70.31
N PHE C 176 -7.64 -66.26 -69.32
CA PHE C 176 -7.33 -66.57 -67.93
C PHE C 176 -7.21 -68.07 -67.70
N ASN C 177 -7.65 -68.88 -68.66
CA ASN C 177 -7.39 -70.31 -68.63
C ASN C 177 -5.90 -70.61 -68.46
N ARG C 178 -5.03 -69.75 -68.97
CA ARG C 178 -3.60 -70.01 -69.01
C ARG C 178 -2.89 -69.80 -67.67
N PHE C 179 -3.58 -69.23 -66.66
CA PHE C 179 -2.97 -69.00 -65.35
C PHE C 179 -2.97 -70.31 -64.56
N SER C 180 -2.13 -71.24 -65.01
CA SER C 180 -2.15 -72.59 -64.45
C SER C 180 -1.75 -72.59 -62.98
N GLY C 181 -0.80 -71.75 -62.61
CA GLY C 181 -0.33 -71.66 -61.25
C GLY C 181 -1.04 -70.64 -60.38
N LEU C 182 -2.12 -70.03 -60.87
CA LEU C 182 -2.74 -68.92 -60.16
C LEU C 182 -3.23 -69.35 -58.78
N ARG C 183 -2.84 -68.59 -57.77
CA ARG C 183 -3.25 -68.83 -56.39
C ARG C 183 -4.41 -67.96 -55.93
N SER C 184 -4.54 -66.75 -56.46
CA SER C 184 -5.52 -65.79 -55.96
C SER C 184 -6.04 -64.95 -57.11
N LEU C 185 -7.34 -65.00 -57.34
CA LEU C 185 -7.99 -64.22 -58.38
C LEU C 185 -9.00 -63.29 -57.71
N ASP C 186 -8.79 -61.98 -57.86
CA ASP C 186 -9.66 -60.98 -57.24
C ASP C 186 -10.07 -59.98 -58.31
N LEU C 187 -11.32 -60.10 -58.77
CA LEU C 187 -11.92 -59.20 -59.75
C LEU C 187 -13.09 -58.44 -59.15
N SER C 188 -13.06 -58.25 -57.83
CA SER C 188 -14.18 -57.70 -57.09
C SER C 188 -14.43 -56.23 -57.44
N GLY C 189 -15.70 -55.83 -57.37
CA GLY C 189 -16.05 -54.43 -57.46
C GLY C 189 -15.91 -53.80 -58.83
N ASN C 190 -16.20 -54.55 -59.89
CA ASN C 190 -16.18 -53.99 -61.23
C ASN C 190 -17.57 -54.09 -61.85
N ARG C 191 -17.65 -54.01 -63.16
CA ARG C 191 -18.90 -54.17 -63.90
C ARG C 191 -18.78 -55.29 -64.93
N LEU C 192 -18.11 -56.38 -64.54
CA LEU C 192 -17.92 -57.49 -65.46
C LEU C 192 -19.25 -58.19 -65.72
N THR C 193 -19.47 -58.57 -66.98
CA THR C 193 -20.71 -59.18 -67.42
C THR C 193 -20.42 -60.55 -68.04
N GLY C 194 -21.47 -61.22 -68.46
CA GLY C 194 -21.35 -62.58 -68.97
C GLY C 194 -21.29 -63.57 -67.83
N SER C 195 -21.23 -64.84 -68.19
CA SER C 195 -21.15 -65.91 -67.21
C SER C 195 -19.70 -66.09 -66.76
N ILE C 196 -19.53 -66.58 -65.54
CA ILE C 196 -18.21 -66.92 -65.00
C ILE C 196 -17.60 -68.00 -65.89
N PRO C 197 -16.52 -67.71 -66.61
CA PRO C 197 -15.90 -68.75 -67.44
C PRO C 197 -15.42 -69.91 -66.59
N GLY C 198 -15.49 -71.11 -67.16
CA GLY C 198 -15.15 -72.30 -66.40
C GLY C 198 -13.72 -72.75 -66.57
N PHE C 199 -12.80 -72.08 -65.88
CA PHE C 199 -11.42 -72.55 -65.81
C PHE C 199 -11.27 -73.66 -64.77
N VAL C 200 -10.27 -74.50 -64.99
CA VAL C 200 -9.87 -75.45 -63.96
C VAL C 200 -8.48 -75.07 -63.48
N LEU C 201 -8.41 -74.26 -62.43
CA LEU C 201 -7.14 -73.78 -61.91
C LEU C 201 -6.80 -74.60 -60.68
N PRO C 202 -5.88 -75.56 -60.76
CA PRO C 202 -5.71 -76.53 -59.67
C PRO C 202 -5.08 -75.95 -58.42
N ALA C 203 -4.37 -74.83 -58.52
CA ALA C 203 -3.73 -74.22 -57.36
C ALA C 203 -4.50 -73.02 -56.83
N LEU C 204 -5.67 -72.72 -57.38
CA LEU C 204 -6.42 -71.53 -56.99
C LEU C 204 -6.93 -71.66 -55.56
N SER C 205 -6.63 -70.65 -54.74
CA SER C 205 -7.00 -70.67 -53.33
C SER C 205 -8.15 -69.73 -53.01
N VAL C 206 -8.13 -68.48 -53.49
CA VAL C 206 -9.22 -67.54 -53.29
C VAL C 206 -9.76 -67.08 -54.63
N LEU C 207 -11.08 -67.12 -54.78
CA LEU C 207 -11.78 -66.62 -55.95
C LEU C 207 -12.77 -65.57 -55.48
N ASP C 208 -12.48 -64.31 -55.78
CA ASP C 208 -13.31 -63.19 -55.36
C ASP C 208 -13.79 -62.45 -56.60
N LEU C 209 -15.07 -62.62 -56.93
CA LEU C 209 -15.70 -61.94 -58.04
C LEU C 209 -16.93 -61.16 -57.58
N ASN C 210 -17.00 -60.82 -56.30
CA ASN C 210 -18.22 -60.26 -55.76
C ASN C 210 -18.41 -58.82 -56.24
N GLN C 211 -19.68 -58.41 -56.25
CA GLN C 211 -20.10 -57.08 -56.72
C GLN C 211 -19.66 -56.86 -58.17
N ASN C 212 -20.27 -57.66 -59.04
CA ASN C 212 -20.15 -57.49 -60.48
C ASN C 212 -21.53 -57.70 -61.09
N LEU C 213 -21.57 -58.06 -62.37
CA LEU C 213 -22.82 -58.32 -63.08
C LEU C 213 -22.76 -59.67 -63.79
N LEU C 214 -22.16 -60.66 -63.13
CA LEU C 214 -22.02 -61.97 -63.74
C LEU C 214 -23.36 -62.70 -63.72
N THR C 215 -23.55 -63.57 -64.72
CA THR C 215 -24.83 -64.23 -64.94
C THR C 215 -24.55 -65.70 -65.20
N GLY C 216 -25.59 -66.42 -65.61
CA GLY C 216 -25.46 -67.83 -65.89
C GLY C 216 -25.39 -68.64 -64.61
N PRO C 217 -25.18 -69.95 -64.75
CA PRO C 217 -25.09 -70.81 -63.57
C PRO C 217 -23.72 -70.71 -62.92
N VAL C 218 -23.60 -71.37 -61.77
CA VAL C 218 -22.30 -71.65 -61.21
C VAL C 218 -21.61 -72.59 -62.18
N PRO C 219 -20.46 -72.22 -62.74
CA PRO C 219 -19.75 -73.13 -63.66
C PRO C 219 -19.46 -74.46 -62.99
N PRO C 220 -19.69 -75.58 -63.69
CA PRO C 220 -19.38 -76.88 -63.07
C PRO C 220 -17.92 -77.09 -62.79
N THR C 221 -17.05 -76.66 -63.71
CA THR C 221 -15.61 -76.81 -63.50
C THR C 221 -15.13 -76.15 -62.22
N LEU C 222 -15.91 -75.21 -61.67
CA LEU C 222 -15.58 -74.61 -60.38
C LEU C 222 -15.32 -75.69 -59.34
N THR C 223 -16.18 -76.71 -59.29
CA THR C 223 -16.01 -77.76 -58.29
C THR C 223 -14.75 -78.60 -58.50
N SER C 224 -13.96 -78.34 -59.54
CA SER C 224 -12.73 -79.06 -59.80
C SER C 224 -11.48 -78.28 -59.42
N CYS C 225 -11.63 -77.05 -58.93
CA CYS C 225 -10.52 -76.29 -58.37
C CYS C 225 -10.47 -76.61 -56.88
N GLY C 226 -9.80 -77.72 -56.55
CA GLY C 226 -9.87 -78.28 -55.21
C GLY C 226 -9.08 -77.53 -54.16
N SER C 227 -8.20 -76.61 -54.56
CA SER C 227 -7.43 -75.83 -53.60
C SER C 227 -8.22 -74.66 -53.02
N LEU C 228 -9.45 -74.44 -53.46
CA LEU C 228 -10.22 -73.26 -53.07
C LEU C 228 -10.54 -73.26 -51.59
N ILE C 229 -10.16 -72.19 -50.90
CA ILE C 229 -10.57 -71.98 -49.52
C ILE C 229 -11.58 -70.83 -49.38
N LYS C 230 -11.69 -69.95 -50.38
CA LYS C 230 -12.63 -68.83 -50.32
C LYS C 230 -13.29 -68.66 -51.68
N ILE C 231 -14.63 -68.67 -51.69
CA ILE C 231 -15.42 -68.36 -52.88
C ILE C 231 -16.37 -67.23 -52.53
N ASP C 232 -16.16 -66.06 -53.11
CA ASP C 232 -17.02 -64.90 -52.92
C ASP C 232 -17.64 -64.54 -54.26
N LEU C 233 -18.89 -64.94 -54.46
CA LEU C 233 -19.66 -64.58 -55.64
C LEU C 233 -20.83 -63.66 -55.30
N SER C 234 -20.79 -63.05 -54.10
CA SER C 234 -21.92 -62.28 -53.61
C SER C 234 -22.17 -61.04 -54.46
N ARG C 235 -23.42 -60.57 -54.45
CA ARG C 235 -23.87 -59.42 -55.22
C ARG C 235 -23.51 -59.58 -56.70
N ASN C 236 -24.14 -60.58 -57.30
CA ASN C 236 -24.10 -60.78 -58.75
C ASN C 236 -25.49 -61.23 -59.18
N ARG C 237 -25.57 -61.85 -60.34
CA ARG C 237 -26.83 -62.35 -60.89
C ARG C 237 -26.70 -63.81 -61.28
N VAL C 238 -25.94 -64.59 -60.50
CA VAL C 238 -25.75 -66.00 -60.82
C VAL C 238 -27.04 -66.74 -60.54
N THR C 239 -27.46 -67.56 -61.49
CA THR C 239 -28.72 -68.28 -61.42
C THR C 239 -28.48 -69.77 -61.32
N GLY C 240 -29.55 -70.51 -61.05
CA GLY C 240 -29.49 -71.95 -60.99
C GLY C 240 -29.31 -72.46 -59.58
N PRO C 241 -29.00 -73.75 -59.46
CA PRO C 241 -28.85 -74.35 -58.12
C PRO C 241 -27.40 -74.46 -57.71
N ILE C 242 -27.16 -74.55 -56.40
CA ILE C 242 -25.83 -74.87 -55.90
C ILE C 242 -25.52 -76.30 -56.31
N PRO C 243 -24.49 -76.52 -57.13
CA PRO C 243 -24.24 -77.87 -57.65
C PRO C 243 -23.89 -78.84 -56.53
N GLU C 244 -24.41 -80.06 -56.64
CA GLU C 244 -24.17 -81.09 -55.63
C GLU C 244 -22.73 -81.55 -55.60
N SER C 245 -21.86 -81.00 -56.44
CA SER C 245 -20.46 -81.37 -56.50
C SER C 245 -19.58 -80.41 -55.72
N ILE C 246 -20.17 -79.51 -54.92
CA ILE C 246 -19.36 -78.70 -54.03
C ILE C 246 -18.76 -79.57 -52.93
N ASN C 247 -19.31 -80.77 -52.72
CA ASN C 247 -18.74 -81.70 -51.75
C ASN C 247 -17.29 -82.05 -52.05
N ARG C 248 -16.82 -81.77 -53.27
CA ARG C 248 -15.44 -82.02 -53.66
C ARG C 248 -14.48 -80.96 -53.13
N LEU C 249 -14.99 -79.85 -52.59
CA LEU C 249 -14.15 -78.73 -52.15
C LEU C 249 -13.85 -78.87 -50.65
N ASN C 250 -13.05 -79.90 -50.35
CA ASN C 250 -12.79 -80.28 -48.96
C ASN C 250 -11.96 -79.26 -48.19
N GLN C 251 -11.45 -78.22 -48.86
CA GLN C 251 -10.65 -77.20 -48.19
C GLN C 251 -11.34 -75.85 -48.11
N LEU C 252 -12.59 -75.74 -48.57
CA LEU C 252 -13.25 -74.44 -48.70
C LEU C 252 -13.69 -73.95 -47.33
N VAL C 253 -13.25 -72.74 -46.97
CA VAL C 253 -13.53 -72.16 -45.67
C VAL C 253 -14.74 -71.23 -45.70
N LEU C 254 -14.84 -70.38 -46.71
CA LEU C 254 -15.89 -69.38 -46.80
C LEU C 254 -16.58 -69.50 -48.14
N LEU C 255 -17.91 -69.62 -48.12
CA LEU C 255 -18.69 -69.64 -49.36
C LEU C 255 -19.80 -68.60 -49.21
N ASP C 256 -19.67 -67.51 -49.98
CA ASP C 256 -20.61 -66.40 -49.93
C ASP C 256 -21.27 -66.29 -51.30
N LEU C 257 -22.55 -66.65 -51.36
CA LEU C 257 -23.33 -66.53 -52.60
C LEU C 257 -24.52 -65.62 -52.39
N SER C 258 -24.43 -64.70 -51.44
CA SER C 258 -25.54 -63.83 -51.09
C SER C 258 -25.84 -62.85 -52.23
N TYR C 259 -27.11 -62.48 -52.34
CA TYR C 259 -27.56 -61.47 -53.30
C TYR C 259 -27.26 -61.91 -54.73
N ASN C 260 -27.73 -63.10 -55.08
CA ASN C 260 -27.70 -63.58 -56.46
C ASN C 260 -29.12 -63.98 -56.83
N ARG C 261 -29.26 -64.82 -57.85
CA ARG C 261 -30.57 -65.32 -58.24
C ARG C 261 -30.56 -66.84 -58.22
N LEU C 262 -29.99 -67.42 -57.17
CA LEU C 262 -29.93 -68.85 -57.02
C LEU C 262 -31.30 -69.41 -56.66
N SER C 263 -31.49 -70.70 -56.94
CA SER C 263 -32.74 -71.38 -56.68
C SER C 263 -32.45 -72.73 -56.06
N GLY C 264 -33.48 -73.32 -55.46
CA GLY C 264 -33.35 -74.61 -54.81
C GLY C 264 -33.12 -75.76 -55.78
N PRO C 265 -32.86 -76.96 -55.23
CA PRO C 265 -32.80 -77.15 -53.78
C PRO C 265 -31.38 -77.08 -53.24
N PHE C 266 -31.22 -77.28 -51.94
CA PHE C 266 -29.91 -77.57 -51.40
C PHE C 266 -29.43 -78.91 -51.95
N PRO C 267 -28.12 -79.12 -52.05
CA PRO C 267 -27.62 -80.48 -52.28
C PRO C 267 -28.10 -81.39 -51.16
N SER C 268 -28.40 -82.64 -51.53
CA SER C 268 -28.89 -83.59 -50.53
C SER C 268 -27.90 -83.78 -49.40
N SER C 269 -26.62 -83.55 -49.65
CA SER C 269 -25.59 -83.77 -48.65
C SER C 269 -24.51 -82.73 -48.85
N LEU C 270 -24.05 -82.14 -47.74
CA LEU C 270 -22.97 -81.16 -47.76
C LEU C 270 -21.76 -81.68 -46.99
N GLN C 271 -21.65 -83.00 -46.86
CA GLN C 271 -20.74 -83.59 -45.89
C GLN C 271 -19.28 -83.48 -46.34
N GLY C 272 -19.03 -83.40 -47.65
CA GLY C 272 -17.67 -83.27 -48.09
C GLY C 272 -17.06 -81.91 -47.86
N LEU C 273 -17.84 -80.98 -47.34
CA LEU C 273 -17.40 -79.61 -47.11
C LEU C 273 -16.92 -79.39 -45.68
N ASN C 274 -16.00 -80.23 -45.21
CA ASN C 274 -15.27 -79.89 -44.01
C ASN C 274 -14.27 -78.78 -44.31
N SER C 275 -13.87 -78.07 -43.25
CA SER C 275 -13.13 -76.81 -43.24
C SER C 275 -14.06 -75.62 -43.49
N LEU C 276 -15.32 -75.85 -43.84
CA LEU C 276 -16.26 -74.76 -44.10
C LEU C 276 -16.70 -74.13 -42.79
N GLN C 277 -16.33 -72.86 -42.59
CA GLN C 277 -16.74 -72.12 -41.41
C GLN C 277 -17.92 -71.20 -41.66
N ALA C 278 -18.14 -70.78 -42.90
CA ALA C 278 -19.13 -69.74 -43.17
C ALA C 278 -19.82 -70.01 -44.50
N LEU C 279 -21.16 -70.02 -44.47
CA LEU C 279 -21.99 -70.17 -45.65
C LEU C 279 -23.06 -69.10 -45.63
N MET C 280 -23.07 -68.22 -46.63
CA MET C 280 -24.04 -67.16 -46.72
C MET C 280 -24.79 -67.22 -48.04
N LEU C 281 -26.12 -67.26 -47.96
CA LEU C 281 -26.98 -67.20 -49.14
C LEU C 281 -28.03 -66.11 -49.01
N LYS C 282 -27.79 -65.12 -48.16
CA LYS C 282 -28.78 -64.08 -47.88
C LYS C 282 -29.16 -63.34 -49.16
N GLY C 283 -30.46 -63.12 -49.34
CA GLY C 283 -30.95 -62.28 -50.42
C GLY C 283 -31.17 -62.98 -51.75
N ASN C 284 -30.98 -64.29 -51.83
CA ASN C 284 -31.42 -65.05 -53.00
C ASN C 284 -32.92 -65.28 -52.86
N THR C 285 -33.68 -64.23 -53.16
CA THR C 285 -35.07 -64.12 -52.74
C THR C 285 -36.01 -65.09 -53.44
N LYS C 286 -35.53 -65.90 -54.38
CA LYS C 286 -36.35 -66.93 -55.01
C LYS C 286 -35.70 -68.30 -54.89
N PHE C 287 -35.00 -68.53 -53.78
CA PHE C 287 -34.43 -69.85 -53.54
C PHE C 287 -35.53 -70.90 -53.40
N SER C 288 -36.49 -70.66 -52.49
CA SER C 288 -37.79 -71.33 -52.47
C SER C 288 -37.65 -72.85 -52.37
N THR C 289 -37.08 -73.30 -51.25
CA THR C 289 -36.99 -74.72 -50.94
C THR C 289 -37.12 -74.89 -49.43
N THR C 290 -36.99 -76.13 -48.98
CA THR C 290 -36.97 -76.45 -47.56
C THR C 290 -35.55 -76.85 -47.15
N ILE C 291 -35.36 -76.96 -45.84
CA ILE C 291 -34.08 -77.39 -45.29
C ILE C 291 -34.23 -78.81 -44.76
N PRO C 292 -33.83 -79.82 -45.53
CA PRO C 292 -33.91 -81.19 -45.01
C PRO C 292 -33.08 -81.32 -43.73
N GLU C 293 -33.58 -82.18 -42.82
CA GLU C 293 -32.79 -82.54 -41.65
C GLU C 293 -31.40 -83.00 -42.07
N ASN C 294 -31.33 -83.65 -43.22
CA ASN C 294 -30.15 -84.27 -43.81
C ASN C 294 -29.18 -83.29 -44.42
N ALA C 295 -29.55 -82.02 -44.58
CA ALA C 295 -28.77 -81.11 -45.42
C ALA C 295 -27.44 -80.77 -44.78
N PHE C 296 -27.46 -80.26 -43.54
CA PHE C 296 -26.30 -79.66 -42.91
C PHE C 296 -25.61 -80.60 -41.91
N LYS C 297 -25.88 -81.90 -41.98
CA LYS C 297 -25.22 -82.83 -41.07
C LYS C 297 -23.77 -83.06 -41.46
N GLY C 298 -22.91 -83.14 -40.44
CA GLY C 298 -21.52 -83.46 -40.64
C GLY C 298 -20.59 -82.27 -40.71
N LEU C 299 -21.11 -81.06 -40.72
CA LEU C 299 -20.29 -79.85 -40.84
C LEU C 299 -19.65 -79.57 -39.48
N LYS C 300 -18.47 -80.17 -39.28
CA LYS C 300 -17.79 -80.09 -37.99
C LYS C 300 -17.37 -78.66 -37.67
N ASN C 301 -17.02 -77.88 -38.68
CA ASN C 301 -16.42 -76.56 -38.48
C ASN C 301 -17.33 -75.42 -38.90
N LEU C 302 -18.61 -75.67 -39.15
CA LEU C 302 -19.53 -74.61 -39.54
C LEU C 302 -19.78 -73.69 -38.36
N MET C 303 -19.31 -72.44 -38.46
CA MET C 303 -19.55 -71.44 -37.43
C MET C 303 -20.65 -70.45 -37.79
N ILE C 304 -20.77 -70.10 -39.07
CA ILE C 304 -21.66 -69.02 -39.52
C ILE C 304 -22.54 -69.56 -40.64
N LEU C 305 -23.85 -69.46 -40.45
CA LEU C 305 -24.81 -69.91 -41.45
C LEU C 305 -25.89 -68.83 -41.58
N VAL C 306 -25.90 -68.13 -42.71
CA VAL C 306 -26.85 -67.04 -42.93
C VAL C 306 -27.73 -67.43 -44.12
N LEU C 307 -29.01 -67.67 -43.84
CA LEU C 307 -29.99 -68.05 -44.85
C LEU C 307 -31.20 -67.13 -44.81
N SER C 308 -30.99 -65.86 -44.50
CA SER C 308 -32.07 -64.91 -44.35
C SER C 308 -32.53 -64.39 -45.70
N ASN C 309 -33.84 -64.10 -45.79
CA ASN C 309 -34.45 -63.49 -46.97
C ASN C 309 -34.19 -64.33 -48.23
N THR C 310 -34.61 -65.59 -48.18
CA THR C 310 -34.48 -66.48 -49.32
C THR C 310 -35.74 -67.28 -49.60
N ASN C 311 -36.88 -66.93 -48.99
CA ASN C 311 -38.14 -67.62 -49.19
C ASN C 311 -38.02 -69.10 -48.83
N ILE C 312 -37.26 -69.39 -47.78
CA ILE C 312 -37.10 -70.77 -47.32
C ILE C 312 -38.42 -71.26 -46.74
N GLN C 313 -38.78 -72.49 -47.09
CA GLN C 313 -40.07 -73.07 -46.74
C GLN C 313 -39.87 -74.21 -45.75
N GLY C 314 -40.96 -74.57 -45.07
CA GLY C 314 -40.93 -75.74 -44.22
C GLY C 314 -40.68 -75.46 -42.75
N SER C 315 -39.99 -76.38 -42.08
CA SER C 315 -39.75 -76.30 -40.65
C SER C 315 -38.26 -76.31 -40.37
N ILE C 316 -37.86 -75.60 -39.31
CA ILE C 316 -36.46 -75.55 -38.85
C ILE C 316 -36.00 -76.97 -38.54
N PRO C 317 -35.09 -77.55 -39.32
CA PRO C 317 -34.59 -78.89 -39.00
C PRO C 317 -33.87 -78.89 -37.67
N LYS C 318 -34.16 -79.89 -36.83
CA LYS C 318 -33.49 -79.98 -35.54
C LYS C 318 -32.03 -80.39 -35.67
N SER C 319 -31.60 -80.83 -36.86
CA SER C 319 -30.20 -81.18 -37.05
C SER C 319 -29.28 -79.99 -36.87
N LEU C 320 -29.79 -78.77 -37.12
CA LEU C 320 -28.99 -77.58 -36.87
C LEU C 320 -28.62 -77.48 -35.40
N THR C 321 -29.42 -78.10 -34.53
CA THR C 321 -29.10 -78.15 -33.10
C THR C 321 -27.77 -78.83 -32.86
N ARG C 322 -27.44 -79.84 -33.66
CA ARG C 322 -26.26 -80.66 -33.41
C ARG C 322 -25.03 -80.19 -34.16
N LEU C 323 -25.05 -78.98 -34.73
CA LEU C 323 -23.84 -78.41 -35.31
C LEU C 323 -23.00 -77.81 -34.19
N ASN C 324 -21.81 -78.39 -33.99
CA ASN C 324 -21.05 -78.11 -32.78
C ASN C 324 -20.43 -76.73 -32.79
N SER C 325 -19.87 -76.31 -33.92
CA SER C 325 -19.14 -75.06 -34.01
C SER C 325 -20.03 -73.88 -34.34
N LEU C 326 -21.35 -74.08 -34.45
CA LEU C 326 -22.24 -73.03 -34.94
C LEU C 326 -22.34 -71.90 -33.91
N ARG C 327 -22.00 -70.69 -34.34
CA ARG C 327 -22.14 -69.50 -33.52
C ARG C 327 -23.24 -68.56 -34.00
N VAL C 328 -23.49 -68.49 -35.30
CA VAL C 328 -24.38 -67.50 -35.88
C VAL C 328 -25.34 -68.22 -36.82
N LEU C 329 -26.64 -68.08 -36.55
CA LEU C 329 -27.68 -68.73 -37.34
C LEU C 329 -28.71 -67.68 -37.74
N HIS C 330 -28.77 -67.37 -39.04
CA HIS C 330 -29.64 -66.34 -39.57
C HIS C 330 -30.69 -67.01 -40.46
N LEU C 331 -31.95 -67.02 -39.97
CA LEU C 331 -33.06 -67.53 -40.76
C LEU C 331 -34.21 -66.53 -40.83
N GLU C 332 -33.93 -65.25 -40.61
CA GLU C 332 -34.99 -64.25 -40.58
C GLU C 332 -35.47 -63.92 -41.98
N GLY C 333 -36.76 -63.59 -42.08
CA GLY C 333 -37.31 -63.16 -43.35
C GLY C 333 -37.63 -64.26 -44.34
N ASN C 334 -38.11 -65.40 -43.86
CA ASN C 334 -38.49 -66.50 -44.74
C ASN C 334 -39.94 -66.90 -44.45
N ASN C 335 -40.34 -68.08 -44.92
CA ASN C 335 -41.66 -68.65 -44.70
C ASN C 335 -41.58 -69.90 -43.83
N LEU C 336 -40.69 -69.86 -42.83
CA LEU C 336 -40.54 -71.00 -41.92
C LEU C 336 -41.81 -71.15 -41.06
N THR C 337 -42.18 -72.40 -40.81
CA THR C 337 -43.44 -72.70 -40.13
C THR C 337 -43.22 -73.82 -39.12
N GLY C 338 -44.10 -73.86 -38.13
CA GLY C 338 -44.16 -74.98 -37.20
C GLY C 338 -43.54 -74.69 -35.85
N GLU C 339 -43.20 -75.76 -35.16
CA GLU C 339 -42.61 -75.68 -33.84
C GLU C 339 -41.13 -75.36 -33.94
N ILE C 340 -40.64 -74.52 -33.03
CA ILE C 340 -39.20 -74.39 -32.85
C ILE C 340 -38.75 -75.67 -32.15
N PRO C 341 -37.84 -76.43 -32.74
CA PRO C 341 -37.40 -77.68 -32.11
C PRO C 341 -37.00 -77.48 -30.65
N LEU C 342 -37.57 -78.30 -29.77
CA LEU C 342 -37.29 -78.17 -28.34
C LEU C 342 -35.82 -78.44 -28.01
N GLU C 343 -35.10 -79.12 -28.91
CA GLU C 343 -33.68 -79.36 -28.71
C GLU C 343 -32.86 -78.07 -28.67
N PHE C 344 -33.41 -76.97 -29.20
CA PHE C 344 -32.75 -75.67 -29.07
C PHE C 344 -32.60 -75.27 -27.60
N ARG C 345 -33.43 -75.82 -26.72
CA ARG C 345 -33.26 -75.63 -25.29
C ARG C 345 -31.86 -76.01 -24.83
N ASP C 346 -31.20 -76.91 -25.55
CA ASP C 346 -29.92 -77.48 -25.15
C ASP C 346 -28.73 -76.82 -25.85
N VAL C 347 -28.96 -75.71 -26.55
CA VAL C 347 -27.92 -74.99 -27.28
C VAL C 347 -27.45 -73.81 -26.44
N LYS C 348 -26.17 -73.83 -26.03
CA LYS C 348 -25.62 -72.79 -25.18
C LYS C 348 -24.43 -72.09 -25.83
N HIS C 349 -24.19 -72.33 -27.13
CA HIS C 349 -23.05 -71.73 -27.83
C HIS C 349 -23.45 -70.78 -28.95
N LEU C 350 -24.74 -70.64 -29.23
CA LEU C 350 -25.15 -69.66 -30.24
C LEU C 350 -24.99 -68.26 -29.69
N SER C 351 -24.27 -67.41 -30.44
CA SER C 351 -24.14 -66.00 -30.08
C SER C 351 -25.11 -65.11 -30.83
N GLU C 352 -25.46 -65.47 -32.07
CA GLU C 352 -26.52 -64.79 -32.81
C GLU C 352 -27.47 -65.85 -33.33
N LEU C 353 -28.77 -65.64 -33.11
CA LEU C 353 -29.79 -66.54 -33.63
C LEU C 353 -31.01 -65.68 -33.98
N ARG C 354 -31.32 -65.60 -35.27
CA ARG C 354 -32.44 -64.79 -35.75
C ARG C 354 -33.48 -65.70 -36.38
N LEU C 355 -34.68 -65.67 -35.82
CA LEU C 355 -35.83 -66.38 -36.39
C LEU C 355 -36.98 -65.42 -36.69
N ASN C 356 -36.75 -64.12 -36.60
CA ASN C 356 -37.80 -63.13 -36.75
C ASN C 356 -38.34 -63.11 -38.18
N ASP C 357 -39.58 -62.63 -38.31
CA ASP C 357 -40.22 -62.41 -39.61
C ASP C 357 -40.37 -63.71 -40.39
N ASN C 358 -40.83 -64.74 -39.68
CA ASN C 358 -41.35 -65.95 -40.32
C ASN C 358 -42.79 -66.15 -39.86
N SER C 359 -43.25 -67.40 -39.87
CA SER C 359 -44.52 -67.76 -39.25
C SER C 359 -44.34 -69.01 -38.38
N LEU C 360 -43.33 -68.98 -37.51
CA LEU C 360 -43.20 -69.99 -36.47
C LEU C 360 -44.41 -69.92 -35.52
N THR C 361 -44.67 -71.01 -34.82
CA THR C 361 -45.97 -71.15 -34.19
C THR C 361 -46.00 -71.76 -32.79
N GLY C 362 -44.98 -72.48 -32.35
CA GLY C 362 -45.09 -73.17 -31.08
C GLY C 362 -44.86 -72.26 -29.90
N PRO C 363 -44.51 -72.83 -28.74
CA PRO C 363 -44.01 -72.02 -27.64
C PRO C 363 -42.48 -71.97 -27.69
N VAL C 364 -41.94 -70.78 -27.40
CA VAL C 364 -40.48 -70.60 -27.53
C VAL C 364 -39.76 -71.49 -26.53
N PRO C 365 -38.73 -72.24 -26.94
CA PRO C 365 -38.15 -73.25 -26.06
C PRO C 365 -36.75 -72.91 -25.56
N PHE C 366 -36.49 -71.64 -25.24
CA PHE C 366 -35.17 -71.22 -24.80
C PHE C 366 -35.17 -70.99 -23.29
N GLU C 367 -34.08 -71.37 -22.65
CA GLU C 367 -33.97 -71.29 -21.20
C GLU C 367 -33.62 -69.87 -20.79
N ARG C 368 -34.10 -69.48 -19.60
CA ARG C 368 -33.69 -68.20 -19.02
C ARG C 368 -32.18 -68.05 -19.05
N ASP C 369 -31.47 -69.14 -18.76
CA ASP C 369 -30.04 -69.34 -18.97
C ASP C 369 -29.51 -68.56 -20.16
N THR C 370 -29.91 -68.95 -21.37
CA THR C 370 -29.34 -68.39 -22.58
C THR C 370 -30.11 -67.17 -23.09
N VAL C 371 -31.38 -67.02 -22.74
CA VAL C 371 -32.11 -65.80 -23.07
C VAL C 371 -31.43 -64.59 -22.45
N TRP C 372 -31.09 -64.69 -21.17
CA TRP C 372 -30.50 -63.54 -20.48
C TRP C 372 -29.05 -63.31 -20.89
N ARG C 373 -28.39 -64.32 -21.48
CA ARG C 373 -27.05 -64.10 -22.03
C ARG C 373 -27.11 -63.47 -23.41
N MET C 374 -28.01 -63.96 -24.27
CA MET C 374 -28.05 -63.55 -25.66
C MET C 374 -28.67 -62.17 -25.82
N ARG C 375 -29.77 -61.91 -25.11
CA ARG C 375 -30.44 -60.60 -25.11
C ARG C 375 -30.84 -60.26 -26.54
N ARG C 376 -30.50 -59.08 -27.06
CA ARG C 376 -30.94 -58.61 -28.37
C ARG C 376 -30.40 -59.46 -29.52
N LYS C 377 -29.39 -60.28 -29.29
CA LYS C 377 -28.83 -61.10 -30.36
C LYS C 377 -29.65 -62.36 -30.62
N LEU C 378 -30.81 -62.49 -30.00
CA LEU C 378 -31.77 -63.55 -30.27
C LEU C 378 -33.08 -62.88 -30.69
N ARG C 379 -33.44 -63.05 -31.95
CA ARG C 379 -34.57 -62.35 -32.55
C ARG C 379 -35.69 -63.34 -32.88
N LEU C 380 -36.87 -63.10 -32.31
CA LEU C 380 -38.02 -63.95 -32.54
C LEU C 380 -39.29 -63.19 -32.90
N TYR C 381 -39.22 -61.86 -33.02
CA TYR C 381 -40.43 -61.08 -33.22
C TYR C 381 -41.02 -61.34 -34.60
N ASN C 382 -42.25 -60.88 -34.79
CA ASN C 382 -42.98 -61.04 -36.05
C ASN C 382 -43.18 -62.51 -36.41
N ASN C 383 -43.32 -63.35 -35.38
CA ASN C 383 -43.87 -64.69 -35.51
C ASN C 383 -45.12 -64.71 -34.63
N ALA C 384 -46.28 -64.50 -35.26
CA ALA C 384 -47.54 -64.42 -34.51
C ALA C 384 -47.82 -65.71 -33.72
N GLY C 385 -47.39 -66.86 -34.24
CA GLY C 385 -47.69 -68.12 -33.58
C GLY C 385 -47.03 -68.26 -32.21
N LEU C 386 -45.78 -67.80 -32.10
CA LEU C 386 -44.97 -68.04 -30.89
C LEU C 386 -45.73 -67.66 -29.63
N CYS C 387 -45.53 -68.46 -28.58
CA CYS C 387 -46.23 -68.32 -27.32
C CYS C 387 -45.27 -67.94 -26.19
N VAL C 388 -45.84 -67.80 -24.99
CA VAL C 388 -45.11 -67.47 -23.75
C VAL C 388 -44.00 -66.45 -23.96
N GLY D 24 -64.11 27.49 -17.82
CA GLY D 24 -65.16 26.93 -18.65
C GLY D 24 -64.73 25.69 -19.41
N ALA D 25 -63.59 25.13 -19.03
CA ALA D 25 -63.08 23.92 -19.65
C ALA D 25 -63.66 22.67 -18.99
N ARG D 26 -63.83 21.62 -19.79
CA ARG D 26 -64.41 20.37 -19.31
C ARG D 26 -63.60 19.20 -19.86
N THR D 27 -63.79 18.04 -19.23
CA THR D 27 -63.04 16.84 -19.58
C THR D 27 -63.70 16.10 -20.72
N GLU D 28 -62.87 15.50 -21.58
CA GLU D 28 -63.36 14.70 -22.69
C GLU D 28 -64.26 13.59 -22.16
N PRO D 29 -65.49 13.45 -22.67
CA PRO D 29 -66.48 12.59 -22.00
C PRO D 29 -66.11 11.12 -21.92
N ASP D 30 -65.58 10.53 -23.00
CA ASP D 30 -65.27 9.11 -22.97
C ASP D 30 -64.10 8.82 -22.03
N GLU D 31 -63.10 9.71 -22.03
CA GLU D 31 -62.01 9.57 -21.07
C GLU D 31 -62.53 9.65 -19.63
N GLN D 32 -63.55 10.48 -19.38
CA GLN D 32 -64.10 10.58 -18.04
C GLN D 32 -64.85 9.32 -17.64
N ASP D 33 -65.74 8.83 -18.51
CA ASP D 33 -66.45 7.59 -18.20
C ASP D 33 -65.46 6.44 -18.02
N ALA D 34 -64.38 6.43 -18.82
CA ALA D 34 -63.34 5.43 -18.64
C ALA D 34 -62.68 5.56 -17.28
N VAL D 35 -62.44 6.80 -16.84
CA VAL D 35 -61.92 7.01 -15.49
C VAL D 35 -62.88 6.43 -14.45
N TYR D 36 -64.17 6.72 -14.61
CA TYR D 36 -65.21 6.11 -13.75
C TYR D 36 -65.05 4.61 -13.67
N ASP D 37 -64.87 3.93 -14.81
CA ASP D 37 -64.83 2.48 -14.78
C ASP D 37 -63.53 1.96 -14.18
N ILE D 38 -62.42 2.62 -14.49
CA ILE D 38 -61.14 2.24 -13.87
C ILE D 38 -61.24 2.34 -12.36
N MET D 39 -61.81 3.44 -11.86
CA MET D 39 -61.92 3.64 -10.42
C MET D 39 -62.87 2.63 -9.79
N ARG D 40 -64.01 2.38 -10.44
CA ARG D 40 -64.94 1.37 -9.94
C ARG D 40 -64.27 0.01 -9.86
N ALA D 41 -63.46 -0.33 -10.87
CA ALA D 41 -62.73 -1.60 -10.85
C ALA D 41 -61.68 -1.64 -9.75
N THR D 42 -61.07 -0.50 -9.43
CA THR D 42 -60.03 -0.48 -8.42
C THR D 42 -60.59 -0.42 -6.99
N GLY D 43 -61.90 -0.29 -6.82
CA GLY D 43 -62.52 -0.27 -5.52
C GLY D 43 -62.98 1.11 -5.08
N ASN D 44 -62.69 2.15 -5.85
CA ASN D 44 -63.00 3.51 -5.44
C ASN D 44 -64.18 4.06 -6.22
N ASP D 45 -65.36 3.45 -6.05
CA ASP D 45 -66.55 3.86 -6.79
C ASP D 45 -66.94 5.31 -6.54
N TRP D 46 -66.44 5.93 -5.47
CA TRP D 46 -66.81 7.30 -5.15
C TRP D 46 -66.50 8.25 -6.31
N ALA D 47 -65.50 7.94 -7.12
CA ALA D 47 -65.14 8.82 -8.22
C ALA D 47 -66.26 8.95 -9.24
N ALA D 48 -67.16 7.97 -9.30
CA ALA D 48 -68.33 8.09 -10.17
C ALA D 48 -69.24 9.25 -9.80
N ALA D 49 -69.07 9.83 -8.61
CA ALA D 49 -69.91 10.93 -8.18
C ALA D 49 -69.37 12.29 -8.59
N ILE D 50 -68.09 12.37 -8.96
CA ILE D 50 -67.49 13.64 -9.37
C ILE D 50 -68.03 14.03 -10.74
N PRO D 51 -68.59 15.23 -10.90
CA PRO D 51 -69.14 15.61 -12.22
C PRO D 51 -68.08 15.75 -13.29
N ASP D 52 -66.91 16.30 -12.96
CA ASP D 52 -65.82 16.46 -13.91
C ASP D 52 -64.53 16.08 -13.20
N VAL D 53 -63.98 14.91 -13.55
CA VAL D 53 -62.83 14.36 -12.85
C VAL D 53 -61.56 15.16 -13.08
N CYS D 54 -61.50 15.93 -14.17
CA CYS D 54 -60.27 16.64 -14.49
C CYS D 54 -60.17 17.96 -13.74
N ARG D 55 -61.31 18.55 -13.39
CA ARG D 55 -61.35 19.76 -12.59
C ARG D 55 -61.65 19.48 -11.12
N GLY D 56 -62.22 18.31 -10.81
CA GLY D 56 -62.40 17.86 -9.44
C GLY D 56 -61.29 16.92 -9.03
N ARG D 57 -60.14 17.10 -9.67
CA ARG D 57 -58.91 16.37 -9.46
C ARG D 57 -58.66 15.98 -8.02
N TRP D 58 -58.46 14.69 -7.78
CA TRP D 58 -57.94 14.17 -6.53
C TRP D 58 -56.46 13.90 -6.73
N HIS D 59 -55.73 13.82 -5.61
CA HIS D 59 -54.31 13.50 -5.72
C HIS D 59 -54.14 12.09 -6.27
N GLY D 60 -53.57 11.99 -7.46
CA GLY D 60 -53.42 10.71 -8.13
C GLY D 60 -53.86 10.70 -9.57
N ILE D 61 -54.63 11.72 -9.97
CA ILE D 61 -55.03 11.90 -11.35
C ILE D 61 -54.50 13.25 -11.82
N GLU D 62 -54.00 13.29 -13.06
CA GLU D 62 -53.50 14.51 -13.65
C GLU D 62 -54.05 14.65 -15.05
N CYS D 63 -54.53 15.85 -15.38
CA CYS D 63 -55.04 16.17 -16.69
C CYS D 63 -54.24 17.31 -17.28
N MET D 64 -54.34 17.45 -18.60
CA MET D 64 -53.76 18.59 -19.29
C MET D 64 -54.65 18.90 -20.48
N PRO D 65 -54.85 20.18 -20.79
CA PRO D 65 -55.76 20.55 -21.88
C PRO D 65 -55.04 20.65 -23.21
N ASP D 66 -55.76 20.34 -24.27
CA ASP D 66 -55.27 20.58 -25.62
C ASP D 66 -55.54 22.03 -26.00
N GLN D 67 -55.19 22.40 -27.24
CA GLN D 67 -55.46 23.75 -27.70
C GLN D 67 -56.95 24.02 -27.81
N ASP D 68 -57.78 22.98 -27.80
CA ASP D 68 -59.22 23.10 -27.97
C ASP D 68 -59.97 23.23 -26.64
N ASN D 69 -59.26 23.54 -25.55
CA ASN D 69 -59.86 23.72 -24.23
C ASN D 69 -60.61 22.47 -23.77
N VAL D 70 -60.08 21.30 -24.12
CA VAL D 70 -60.62 20.02 -23.66
C VAL D 70 -59.56 19.33 -22.82
N TYR D 71 -59.94 18.86 -21.63
CA TYR D 71 -59.02 18.19 -20.74
C TYR D 71 -58.80 16.75 -21.18
N HIS D 72 -57.56 16.28 -21.05
CA HIS D 72 -57.23 14.87 -21.28
C HIS D 72 -56.48 14.30 -20.09
N VAL D 73 -56.76 13.05 -19.77
CA VAL D 73 -56.11 12.34 -18.67
C VAL D 73 -54.71 11.93 -19.12
N VAL D 74 -53.73 12.14 -18.25
CA VAL D 74 -52.32 12.06 -18.63
C VAL D 74 -51.58 11.18 -17.64
N SER D 75 -51.98 11.24 -16.37
CA SER D 75 -51.38 10.42 -15.32
C SER D 75 -52.48 9.79 -14.46
N LEU D 76 -52.18 8.60 -13.95
CA LEU D 76 -53.11 7.90 -13.06
C LEU D 76 -52.31 7.03 -12.11
N SER D 77 -52.47 7.26 -10.81
CA SER D 77 -51.67 6.57 -9.80
C SER D 77 -52.57 5.93 -8.75
N PHE D 78 -52.17 4.74 -8.29
CA PHE D 78 -52.88 4.02 -7.24
C PHE D 78 -51.87 3.40 -6.29
N GLY D 79 -52.29 3.24 -5.05
CA GLY D 79 -51.45 2.65 -4.03
C GLY D 79 -50.91 3.70 -3.07
N ALA D 80 -50.62 3.25 -1.84
CA ALA D 80 -50.16 4.15 -0.79
C ALA D 80 -48.64 4.36 -0.91
N LEU D 81 -48.28 5.12 -1.96
CA LEU D 81 -46.91 5.64 -2.02
C LEU D 81 -46.71 6.76 -1.01
N SER D 82 -47.80 7.41 -0.61
CA SER D 82 -47.80 8.49 0.36
C SER D 82 -47.07 9.72 -0.15
N ASP D 83 -46.69 10.60 0.79
CA ASP D 83 -46.19 11.96 0.62
C ASP D 83 -46.68 12.75 1.82
N ASP D 84 -47.03 14.01 1.60
CA ASP D 84 -48.01 14.65 2.47
C ASP D 84 -49.40 14.07 2.19
N THR D 85 -49.75 13.94 0.92
CA THR D 85 -50.98 13.32 0.47
C THR D 85 -50.71 11.89 0.01
N ALA D 86 -51.76 11.07 0.01
CA ALA D 86 -51.68 9.70 -0.46
C ALA D 86 -52.64 9.48 -1.61
N PHE D 87 -52.33 8.48 -2.44
CA PHE D 87 -53.17 8.13 -3.57
C PHE D 87 -54.33 7.26 -3.11
N PRO D 88 -55.35 7.09 -3.95
CA PRO D 88 -56.42 6.13 -3.62
C PRO D 88 -55.87 4.72 -3.52
N THR D 89 -56.34 3.98 -2.52
CA THR D 89 -55.97 2.59 -2.32
C THR D 89 -57.02 1.67 -2.93
N CYS D 90 -56.64 0.41 -3.11
CA CYS D 90 -57.47 -0.58 -3.80
C CYS D 90 -58.02 -1.59 -2.82
N ASP D 91 -59.34 -1.80 -2.87
CA ASP D 91 -60.01 -2.82 -2.09
C ASP D 91 -59.40 -4.19 -2.37
N PRO D 92 -58.87 -4.89 -1.36
CA PRO D 92 -58.27 -6.20 -1.61
C PRO D 92 -59.27 -7.28 -2.02
N GLN D 93 -60.57 -7.07 -1.82
CA GLN D 93 -61.58 -8.05 -2.19
C GLN D 93 -62.03 -7.91 -3.65
N ARG D 94 -62.03 -6.70 -4.19
CA ARG D 94 -62.68 -6.40 -5.45
C ARG D 94 -61.74 -5.99 -6.58
N SER D 95 -60.57 -5.46 -6.27
CA SER D 95 -59.83 -4.66 -7.25
C SER D 95 -59.24 -5.51 -8.36
N TYR D 96 -59.02 -4.86 -9.50
CA TYR D 96 -58.34 -5.43 -10.64
C TYR D 96 -57.97 -4.30 -11.59
N VAL D 97 -57.09 -4.60 -12.54
CA VAL D 97 -56.68 -3.62 -13.53
C VAL D 97 -57.70 -3.68 -14.67
N SER D 98 -58.47 -2.60 -14.85
CA SER D 98 -59.57 -2.59 -15.79
C SER D 98 -59.07 -2.30 -17.21
N GLU D 99 -59.67 -3.00 -18.18
CA GLU D 99 -59.35 -2.77 -19.59
C GLU D 99 -59.69 -1.37 -20.05
N SER D 100 -60.55 -0.65 -19.33
CA SER D 100 -60.94 0.69 -19.74
C SER D 100 -59.76 1.66 -19.78
N LEU D 101 -58.61 1.27 -19.23
CA LEU D 101 -57.39 2.06 -19.40
C LEU D 101 -57.10 2.33 -20.87
N THR D 102 -57.52 1.43 -21.76
CA THR D 102 -57.26 1.61 -23.19
C THR D 102 -58.07 2.75 -23.79
N ARG D 103 -59.13 3.20 -23.12
CA ARG D 103 -59.88 4.35 -23.61
C ARG D 103 -59.19 5.67 -23.32
N LEU D 104 -58.16 5.67 -22.46
CA LEU D 104 -57.37 6.85 -22.16
C LEU D 104 -56.28 6.97 -23.22
N LYS D 105 -56.57 7.71 -24.28
CA LYS D 105 -55.66 7.77 -25.42
C LYS D 105 -54.38 8.52 -25.10
N HIS D 106 -54.41 9.44 -24.13
CA HIS D 106 -53.31 10.35 -23.87
C HIS D 106 -52.53 10.01 -22.60
N LEU D 107 -52.79 8.85 -21.99
CA LEU D 107 -52.13 8.50 -20.73
C LEU D 107 -50.62 8.51 -20.89
N LYS D 108 -49.96 9.33 -20.06
CA LYS D 108 -48.50 9.42 -20.08
C LYS D 108 -47.85 8.61 -18.97
N ALA D 109 -48.50 8.46 -17.82
CA ALA D 109 -47.92 7.73 -16.70
C ALA D 109 -48.98 6.93 -15.96
N LEU D 110 -48.64 5.69 -15.60
CA LEU D 110 -49.54 4.79 -14.90
C LEU D 110 -48.79 4.17 -13.71
N PHE D 111 -49.32 4.41 -12.50
CA PHE D 111 -48.75 3.89 -11.26
C PHE D 111 -49.73 2.95 -10.58
N PHE D 112 -49.24 1.76 -10.22
CA PHE D 112 -49.87 0.88 -9.25
C PHE D 112 -48.79 0.46 -8.27
N TYR D 113 -48.97 0.80 -6.99
CA TYR D 113 -47.98 0.47 -5.96
C TYR D 113 -48.67 -0.29 -4.84
N ARG D 114 -48.32 -1.56 -4.67
CA ARG D 114 -48.83 -2.39 -3.59
C ARG D 114 -50.36 -2.47 -3.64
N CYS D 115 -50.91 -2.41 -4.85
CA CYS D 115 -52.35 -2.48 -5.10
C CYS D 115 -52.66 -3.93 -5.46
N LEU D 116 -52.99 -4.71 -4.42
CA LEU D 116 -53.13 -6.15 -4.55
C LEU D 116 -54.58 -6.52 -4.82
N GLY D 117 -54.79 -7.44 -5.76
CA GLY D 117 -56.11 -7.96 -6.03
C GLY D 117 -56.49 -9.06 -5.06
N ARG D 118 -57.63 -9.69 -5.35
CA ARG D 118 -58.14 -10.73 -4.46
C ARG D 118 -57.33 -12.02 -4.57
N ALA D 119 -56.84 -12.33 -5.76
CA ALA D 119 -56.40 -13.68 -6.09
C ALA D 119 -55.33 -13.58 -7.17
N PRO D 120 -54.91 -14.66 -7.83
CA PRO D 120 -53.96 -14.50 -8.93
C PRO D 120 -54.44 -13.55 -10.03
N GLN D 121 -53.55 -12.66 -10.43
CA GLN D 121 -53.77 -11.78 -11.57
C GLN D 121 -52.44 -11.58 -12.29
N ARG D 122 -52.49 -11.62 -13.62
CA ARG D 122 -51.32 -11.41 -14.45
C ARG D 122 -51.26 -9.95 -14.87
N ILE D 123 -50.09 -9.54 -15.35
CA ILE D 123 -49.96 -8.22 -15.97
C ILE D 123 -50.85 -8.25 -17.21
N PRO D 124 -51.83 -7.37 -17.30
CA PRO D 124 -52.77 -7.42 -18.42
C PRO D 124 -52.11 -7.03 -19.73
N ALA D 125 -52.38 -7.82 -20.77
CA ALA D 125 -51.78 -7.57 -22.08
C ALA D 125 -52.32 -6.31 -22.73
N PHE D 126 -53.58 -5.95 -22.43
CA PHE D 126 -54.18 -4.78 -23.07
C PHE D 126 -53.44 -3.50 -22.76
N LEU D 127 -52.50 -3.53 -21.81
CA LEU D 127 -51.67 -2.37 -21.54
C LEU D 127 -50.86 -1.96 -22.77
N GLY D 128 -50.60 -2.90 -23.68
CA GLY D 128 -49.94 -2.56 -24.93
C GLY D 128 -50.77 -1.69 -25.85
N ARG D 129 -52.09 -1.70 -25.71
CA ARG D 129 -52.98 -0.99 -26.62
C ARG D 129 -53.00 0.53 -26.40
N LEU D 130 -52.18 1.06 -25.48
CA LEU D 130 -52.08 2.51 -25.33
C LEU D 130 -50.64 2.98 -25.63
N GLY D 131 -50.16 2.68 -26.83
CA GLY D 131 -48.74 2.65 -27.13
C GLY D 131 -47.95 3.95 -27.00
N SER D 132 -48.18 4.91 -27.90
CA SER D 132 -47.24 6.02 -28.05
C SER D 132 -47.27 6.99 -26.87
N SER D 133 -48.41 7.11 -26.19
CA SER D 133 -48.52 8.13 -25.15
C SER D 133 -47.75 7.76 -23.89
N LEU D 134 -47.81 6.49 -23.47
CA LEU D 134 -47.26 6.08 -22.19
C LEU D 134 -45.73 6.19 -22.18
N GLN D 135 -45.20 6.86 -21.15
CA GLN D 135 -43.76 6.95 -20.94
C GLN D 135 -43.30 6.41 -19.59
N THR D 136 -44.20 6.24 -18.63
CA THR D 136 -43.85 5.70 -17.32
C THR D 136 -44.87 4.64 -16.93
N LEU D 137 -44.42 3.40 -16.78
CA LEU D 137 -45.26 2.31 -16.30
C LEU D 137 -44.64 1.73 -15.05
N VAL D 138 -45.32 1.89 -13.92
CA VAL D 138 -44.87 1.38 -12.63
C VAL D 138 -45.95 0.45 -12.10
N LEU D 139 -45.64 -0.84 -12.05
CA LEU D 139 -46.51 -1.86 -11.47
C LEU D 139 -45.72 -2.54 -10.35
N ARG D 140 -45.50 -1.80 -9.26
CA ARG D 140 -44.56 -2.20 -8.22
C ARG D 140 -45.26 -2.96 -7.10
N GLU D 141 -44.72 -4.13 -6.78
CA GLU D 141 -45.16 -4.95 -5.64
C GLU D 141 -46.68 -5.16 -5.64
N ASN D 142 -47.18 -5.69 -6.75
CA ASN D 142 -48.61 -5.89 -6.90
C ASN D 142 -49.00 -7.35 -6.86
N GLY D 143 -48.04 -8.25 -6.67
CA GLY D 143 -48.34 -9.66 -6.65
C GLY D 143 -48.65 -10.24 -8.00
N PHE D 144 -48.25 -9.56 -9.08
CA PHE D 144 -48.53 -10.07 -10.42
C PHE D 144 -47.83 -11.40 -10.63
N LEU D 145 -48.52 -12.29 -11.35
CA LEU D 145 -48.07 -13.65 -11.61
C LEU D 145 -47.81 -13.83 -13.11
N GLY D 146 -47.29 -15.00 -13.44
CA GLY D 146 -47.16 -15.43 -14.80
C GLY D 146 -46.09 -14.67 -15.55
N PRO D 147 -46.04 -14.86 -16.86
CA PRO D 147 -45.00 -14.22 -17.67
C PRO D 147 -45.32 -12.75 -17.94
N ILE D 148 -44.26 -12.01 -18.22
CA ILE D 148 -44.41 -10.62 -18.67
C ILE D 148 -45.04 -10.64 -20.07
N PRO D 149 -46.10 -9.88 -20.31
CA PRO D 149 -46.73 -9.90 -21.64
C PRO D 149 -45.77 -9.39 -22.71
N ASP D 150 -45.78 -10.07 -23.86
CA ASP D 150 -44.93 -9.66 -24.98
C ASP D 150 -45.33 -8.29 -25.50
N GLU D 151 -46.63 -8.00 -25.49
CA GLU D 151 -47.16 -6.78 -26.08
C GLU D 151 -46.90 -5.54 -25.23
N LEU D 152 -46.34 -5.70 -24.04
CA LEU D 152 -45.73 -4.56 -23.37
C LEU D 152 -44.67 -3.90 -24.23
N GLY D 153 -44.16 -4.61 -25.23
CA GLY D 153 -43.23 -4.03 -26.19
C GLY D 153 -43.85 -3.00 -27.12
N ASN D 154 -45.17 -2.97 -27.25
CA ASN D 154 -45.79 -1.92 -28.07
C ASN D 154 -45.61 -0.54 -27.47
N LEU D 155 -45.41 -0.44 -26.15
CA LEU D 155 -45.25 0.84 -25.46
C LEU D 155 -43.91 1.45 -25.87
N THR D 156 -43.92 2.05 -27.07
CA THR D 156 -42.67 2.42 -27.73
C THR D 156 -41.94 3.53 -26.98
N ASN D 157 -42.67 4.50 -26.45
CA ASN D 157 -42.06 5.67 -25.82
C ASN D 157 -41.81 5.49 -24.33
N LEU D 158 -41.90 4.27 -23.82
CA LEU D 158 -41.61 4.00 -22.41
C LEU D 158 -40.21 4.49 -22.04
N LYS D 159 -40.14 5.26 -20.96
CA LYS D 159 -38.87 5.74 -20.44
C LYS D 159 -38.57 5.23 -19.03
N VAL D 160 -39.58 4.87 -18.24
CA VAL D 160 -39.38 4.25 -16.94
C VAL D 160 -40.29 3.02 -16.87
N LEU D 161 -39.70 1.85 -16.65
CA LEU D 161 -40.46 0.62 -16.48
C LEU D 161 -40.07 0.00 -15.13
N ASP D 162 -41.08 -0.23 -14.29
CA ASP D 162 -40.85 -0.77 -12.96
C ASP D 162 -41.80 -1.93 -12.73
N LEU D 163 -41.24 -3.15 -12.65
CA LEU D 163 -41.98 -4.37 -12.38
C LEU D 163 -41.42 -5.04 -11.12
N HIS D 164 -40.99 -4.23 -10.16
CA HIS D 164 -40.24 -4.71 -9.01
C HIS D 164 -41.08 -5.56 -8.08
N LYS D 165 -40.46 -6.63 -7.57
CA LYS D 165 -41.01 -7.50 -6.52
C LYS D 165 -42.45 -7.91 -6.79
N ASN D 166 -42.63 -8.60 -7.92
CA ASN D 166 -43.83 -9.34 -8.20
C ASN D 166 -43.48 -10.83 -8.13
N HIS D 167 -44.20 -11.67 -8.88
CA HIS D 167 -43.93 -13.11 -8.93
C HIS D 167 -43.95 -13.55 -10.39
N LEU D 168 -43.06 -12.98 -11.20
CA LEU D 168 -43.20 -13.03 -12.65
C LEU D 168 -42.53 -14.27 -13.20
N ASN D 169 -43.32 -15.11 -13.86
CA ASN D 169 -42.85 -16.34 -14.48
C ASN D 169 -41.98 -16.04 -15.70
N GLY D 170 -41.18 -17.04 -16.09
CA GLY D 170 -40.67 -17.08 -17.43
C GLY D 170 -39.55 -16.09 -17.73
N SER D 171 -39.45 -15.73 -19.00
CA SER D 171 -38.33 -14.99 -19.56
C SER D 171 -38.62 -13.49 -19.62
N ILE D 172 -37.56 -12.71 -19.77
CA ILE D 172 -37.67 -11.30 -20.11
C ILE D 172 -38.04 -11.24 -21.59
N PRO D 173 -39.13 -10.58 -21.96
CA PRO D 173 -39.56 -10.58 -23.37
C PRO D 173 -38.51 -9.93 -24.26
N LEU D 174 -38.32 -10.52 -25.45
CA LEU D 174 -37.39 -9.94 -26.41
C LEU D 174 -37.93 -8.64 -26.98
N SER D 175 -39.24 -8.44 -26.97
CA SER D 175 -39.83 -7.22 -27.51
C SER D 175 -39.44 -5.98 -26.72
N PHE D 176 -38.85 -6.14 -25.53
CA PHE D 176 -38.26 -5.00 -24.85
C PHE D 176 -37.19 -4.31 -25.68
N ASN D 177 -36.72 -4.95 -26.76
CA ASN D 177 -35.83 -4.28 -27.71
C ASN D 177 -36.44 -2.98 -28.24
N ARG D 178 -37.76 -2.91 -28.33
CA ARG D 178 -38.40 -1.76 -28.97
C ARG D 178 -38.39 -0.51 -28.10
N PHE D 179 -37.97 -0.61 -26.84
CA PHE D 179 -37.89 0.54 -25.93
C PHE D 179 -36.63 1.34 -26.23
N SER D 180 -36.64 2.02 -27.39
CA SER D 180 -35.43 2.70 -27.82
C SER D 180 -35.06 3.84 -26.87
N GLY D 181 -36.06 4.54 -26.33
CA GLY D 181 -35.87 5.65 -25.43
C GLY D 181 -35.82 5.32 -23.95
N LEU D 182 -35.78 4.04 -23.59
CA LEU D 182 -35.90 3.63 -22.18
C LEU D 182 -34.78 4.24 -21.34
N ARG D 183 -35.18 4.86 -20.22
CA ARG D 183 -34.22 5.43 -19.28
C ARG D 183 -33.95 4.54 -18.07
N SER D 184 -34.93 3.76 -17.60
CA SER D 184 -34.79 3.02 -16.35
C SER D 184 -35.56 1.71 -16.44
N LEU D 185 -34.86 0.59 -16.28
CA LEU D 185 -35.49 -0.72 -16.30
C LEU D 185 -35.28 -1.42 -14.97
N ASP D 186 -36.37 -1.73 -14.27
CA ASP D 186 -36.31 -2.37 -12.96
C ASP D 186 -37.23 -3.59 -12.95
N LEU D 187 -36.65 -4.78 -13.03
CA LEU D 187 -37.39 -6.04 -12.97
C LEU D 187 -37.02 -6.86 -11.73
N SER D 188 -36.54 -6.19 -10.68
CA SER D 188 -35.98 -6.84 -9.52
C SER D 188 -37.04 -7.58 -8.71
N GLY D 189 -36.60 -8.64 -8.04
CA GLY D 189 -37.43 -9.36 -7.07
C GLY D 189 -38.53 -10.20 -7.67
N ASN D 190 -38.27 -10.80 -8.83
CA ASN D 190 -39.22 -11.70 -9.44
C ASN D 190 -38.60 -13.08 -9.58
N ARG D 191 -39.13 -13.89 -10.49
CA ARG D 191 -38.59 -15.21 -10.78
C ARG D 191 -38.27 -15.33 -12.26
N LEU D 192 -37.73 -14.27 -12.86
CA LEU D 192 -37.44 -14.29 -14.28
C LEU D 192 -36.30 -15.26 -14.58
N THR D 193 -36.45 -16.03 -15.64
CA THR D 193 -35.51 -17.07 -16.03
C THR D 193 -35.00 -16.81 -17.44
N GLY D 194 -34.11 -17.68 -17.90
CA GLY D 194 -33.48 -17.51 -19.18
C GLY D 194 -32.33 -16.55 -19.08
N SER D 195 -31.64 -16.36 -20.20
CA SER D 195 -30.53 -15.42 -20.23
C SER D 195 -31.04 -14.00 -20.44
N ILE D 196 -30.28 -13.03 -19.93
CA ILE D 196 -30.60 -11.63 -20.13
C ILE D 196 -30.56 -11.34 -21.63
N PRO D 197 -31.69 -11.00 -22.25
CA PRO D 197 -31.68 -10.71 -23.68
C PRO D 197 -30.78 -9.53 -24.01
N GLY D 198 -30.18 -9.57 -25.19
CA GLY D 198 -29.21 -8.55 -25.55
C GLY D 198 -29.80 -7.38 -26.30
N PHE D 199 -30.44 -6.47 -25.57
CA PHE D 199 -30.88 -5.22 -26.15
C PHE D 199 -29.73 -4.23 -26.26
N VAL D 200 -29.84 -3.32 -27.23
CA VAL D 200 -28.95 -2.17 -27.28
C VAL D 200 -29.79 -0.93 -27.01
N LEU D 201 -29.86 -0.54 -25.73
CA LEU D 201 -30.70 0.59 -25.34
C LEU D 201 -29.81 1.80 -25.12
N PRO D 202 -29.76 2.74 -26.06
CA PRO D 202 -28.73 3.79 -25.98
C PRO D 202 -28.97 4.81 -24.88
N ALA D 203 -30.20 4.97 -24.40
CA ALA D 203 -30.50 5.94 -23.36
C ALA D 203 -30.67 5.32 -21.98
N LEU D 204 -30.45 4.01 -21.85
CA LEU D 204 -30.68 3.34 -20.58
C LEU D 204 -29.65 3.78 -19.55
N SER D 205 -30.13 4.23 -18.39
CA SER D 205 -29.28 4.74 -17.31
C SER D 205 -29.15 3.76 -16.14
N VAL D 206 -30.26 3.19 -15.69
CA VAL D 206 -30.23 2.17 -14.64
C VAL D 206 -30.83 0.87 -15.16
N LEU D 207 -30.11 -0.22 -14.94
CA LEU D 207 -30.55 -1.57 -15.26
C LEU D 207 -30.50 -2.37 -13.97
N ASP D 208 -31.67 -2.70 -13.44
CA ASP D 208 -31.76 -3.44 -12.19
C ASP D 208 -32.52 -4.74 -12.46
N LEU D 209 -31.80 -5.86 -12.47
CA LEU D 209 -32.41 -7.17 -12.66
C LEU D 209 -32.06 -8.10 -11.51
N ASN D 210 -31.75 -7.55 -10.35
CA ASN D 210 -31.22 -8.36 -9.25
C ASN D 210 -32.34 -9.18 -8.61
N GLN D 211 -31.93 -10.29 -8.00
CA GLN D 211 -32.83 -11.24 -7.35
C GLN D 211 -33.86 -11.77 -8.35
N ASN D 212 -33.34 -12.52 -9.32
CA ASN D 212 -34.15 -13.31 -10.24
C ASN D 212 -33.45 -14.65 -10.41
N LEU D 213 -33.72 -15.31 -11.52
CA LEU D 213 -33.11 -16.59 -11.84
C LEU D 213 -32.50 -16.55 -13.24
N LEU D 214 -31.89 -15.42 -13.58
CA LEU D 214 -31.32 -15.26 -14.90
C LEU D 214 -30.02 -16.06 -15.00
N THR D 215 -29.73 -16.53 -16.22
CA THR D 215 -28.63 -17.45 -16.45
C THR D 215 -27.86 -16.99 -17.68
N GLY D 216 -26.93 -17.82 -18.14
CA GLY D 216 -26.15 -17.50 -19.30
C GLY D 216 -25.07 -16.50 -18.98
N PRO D 217 -24.34 -16.05 -19.99
CA PRO D 217 -23.28 -15.06 -19.77
C PRO D 217 -23.86 -13.66 -19.62
N VAL D 218 -22.97 -12.73 -19.26
CA VAL D 218 -23.29 -11.31 -19.40
C VAL D 218 -23.44 -11.04 -20.89
N PRO D 219 -24.59 -10.53 -21.34
CA PRO D 219 -24.76 -10.23 -22.76
C PRO D 219 -23.69 -9.26 -23.23
N PRO D 220 -23.08 -9.51 -24.39
CA PRO D 220 -22.08 -8.55 -24.88
C PRO D 220 -22.68 -7.20 -25.19
N THR D 221 -23.88 -7.18 -25.77
CA THR D 221 -24.56 -5.93 -26.10
C THR D 221 -24.76 -5.04 -24.88
N LEU D 222 -24.73 -5.62 -23.68
CA LEU D 222 -24.80 -4.82 -22.46
C LEU D 222 -23.74 -3.72 -22.48
N THR D 223 -22.51 -4.06 -22.86
CA THR D 223 -21.44 -3.08 -22.86
C THR D 223 -21.63 -1.99 -23.91
N SER D 224 -22.70 -2.05 -24.69
CA SER D 224 -23.02 -1.04 -25.69
C SER D 224 -24.08 -0.06 -25.23
N CYS D 225 -24.61 -0.24 -24.01
CA CYS D 225 -25.53 0.72 -23.41
C CYS D 225 -24.69 1.72 -22.64
N GLY D 226 -24.20 2.74 -23.34
CA GLY D 226 -23.20 3.63 -22.76
C GLY D 226 -23.74 4.62 -21.75
N SER D 227 -25.06 4.78 -21.68
CA SER D 227 -25.68 5.67 -20.71
C SER D 227 -25.82 5.05 -19.34
N LEU D 228 -25.45 3.79 -19.17
CA LEU D 228 -25.69 3.07 -17.92
C LEU D 228 -24.86 3.67 -16.78
N ILE D 229 -25.56 4.06 -15.72
CA ILE D 229 -24.90 4.48 -14.48
C ILE D 229 -25.01 3.44 -13.37
N LYS D 230 -25.96 2.50 -13.47
CA LYS D 230 -26.14 1.46 -12.47
C LYS D 230 -26.46 0.13 -13.15
N ILE D 231 -25.69 -0.90 -12.84
CA ILE D 231 -25.99 -2.25 -13.28
C ILE D 231 -26.05 -3.13 -12.04
N ASP D 232 -27.24 -3.60 -11.71
CA ASP D 232 -27.45 -4.49 -10.57
C ASP D 232 -27.97 -5.82 -11.11
N LEU D 233 -27.08 -6.80 -11.21
CA LEU D 233 -27.43 -8.15 -11.61
C LEU D 233 -27.24 -9.14 -10.47
N SER D 234 -27.14 -8.64 -9.24
CA SER D 234 -26.80 -9.47 -8.10
C SER D 234 -27.89 -10.48 -7.80
N ARG D 235 -27.50 -11.58 -7.17
CA ARG D 235 -28.39 -12.69 -6.83
C ARG D 235 -29.14 -13.20 -8.07
N ASN D 236 -28.34 -13.75 -8.98
CA ASN D 236 -28.85 -14.47 -10.14
C ASN D 236 -27.94 -15.68 -10.32
N ARG D 237 -27.94 -16.25 -11.52
CA ARG D 237 -27.08 -17.38 -11.83
C ARG D 237 -26.29 -17.11 -13.11
N VAL D 238 -25.88 -15.87 -13.31
CA VAL D 238 -25.16 -15.50 -14.52
C VAL D 238 -23.76 -16.10 -14.45
N THR D 239 -23.34 -16.72 -15.55
CA THR D 239 -22.09 -17.46 -15.63
C THR D 239 -21.14 -16.76 -16.59
N GLY D 240 -19.90 -17.24 -16.61
CA GLY D 240 -18.91 -16.75 -17.55
C GLY D 240 -18.04 -15.66 -16.95
N PRO D 241 -17.27 -15.00 -17.81
CA PRO D 241 -16.36 -13.96 -17.33
C PRO D 241 -16.94 -12.57 -17.47
N ILE D 242 -16.43 -11.61 -16.69
CA ILE D 242 -16.76 -10.22 -16.89
C ILE D 242 -16.16 -9.79 -18.22
N PRO D 243 -16.96 -9.39 -19.21
CA PRO D 243 -16.39 -9.10 -20.53
C PRO D 243 -15.42 -7.93 -20.47
N GLU D 244 -14.33 -8.04 -21.22
CA GLU D 244 -13.31 -7.00 -21.23
C GLU D 244 -13.79 -5.70 -21.89
N SER D 245 -15.04 -5.66 -22.35
CA SER D 245 -15.60 -4.49 -23.01
C SER D 245 -16.45 -3.65 -22.07
N ILE D 246 -16.38 -3.90 -20.76
CA ILE D 246 -17.04 -3.00 -19.82
C ILE D 246 -16.33 -1.65 -19.78
N ASN D 247 -15.08 -1.60 -20.27
CA ASN D 247 -14.35 -0.34 -20.34
C ASN D 247 -15.09 0.72 -21.15
N ARG D 248 -16.06 0.32 -21.97
CA ARG D 248 -16.85 1.26 -22.76
C ARG D 248 -17.90 1.99 -21.93
N LEU D 249 -18.12 1.57 -20.69
CA LEU D 249 -19.19 2.13 -19.85
C LEU D 249 -18.63 3.25 -18.99
N ASN D 250 -18.26 4.35 -19.65
CA ASN D 250 -17.55 5.45 -19.01
C ASN D 250 -18.41 6.22 -18.01
N GLN D 251 -19.72 5.95 -17.94
CA GLN D 251 -20.60 6.65 -17.02
C GLN D 251 -21.09 5.77 -15.88
N LEU D 252 -20.61 4.53 -15.79
CA LEU D 252 -21.13 3.57 -14.84
C LEU D 252 -20.61 3.87 -13.44
N VAL D 253 -21.53 4.05 -12.51
CA VAL D 253 -21.21 4.38 -11.12
C VAL D 253 -21.17 3.14 -10.24
N LEU D 254 -22.16 2.27 -10.37
CA LEU D 254 -22.31 1.10 -9.52
C LEU D 254 -22.46 -0.15 -10.37
N LEU D 255 -21.63 -1.16 -10.10
CA LEU D 255 -21.71 -2.45 -10.77
C LEU D 255 -21.74 -3.54 -9.71
N ASP D 256 -22.89 -4.19 -9.59
CA ASP D 256 -23.12 -5.23 -8.59
C ASP D 256 -23.37 -6.54 -9.30
N LEU D 257 -22.43 -7.46 -9.20
CA LEU D 257 -22.58 -8.80 -9.79
C LEU D 257 -22.49 -9.88 -8.72
N SER D 258 -22.82 -9.54 -7.49
CA SER D 258 -22.67 -10.45 -6.36
C SER D 258 -23.64 -11.63 -6.45
N TYR D 259 -23.19 -12.77 -5.94
CA TYR D 259 -23.99 -13.98 -5.82
C TYR D 259 -24.48 -14.45 -7.19
N ASN D 260 -23.52 -14.64 -8.09
CA ASN D 260 -23.79 -15.26 -9.37
C ASN D 260 -22.83 -16.45 -9.47
N ARG D 261 -22.58 -16.89 -10.69
CA ARG D 261 -21.63 -17.97 -10.96
C ARG D 261 -20.56 -17.48 -11.92
N LEU D 262 -20.07 -16.27 -11.68
CA LEU D 262 -19.05 -15.69 -12.54
C LEU D 262 -17.72 -16.39 -12.32
N SER D 263 -16.85 -16.30 -13.33
CA SER D 263 -15.56 -16.96 -13.28
C SER D 263 -14.49 -16.00 -13.79
N GLY D 264 -13.24 -16.33 -13.49
CA GLY D 264 -12.12 -15.51 -13.92
C GLY D 264 -11.89 -15.55 -15.41
N PRO D 265 -10.97 -14.69 -15.87
CA PRO D 265 -10.25 -13.78 -14.99
C PRO D 265 -10.88 -12.40 -14.94
N PHE D 266 -10.27 -11.48 -14.19
CA PHE D 266 -10.60 -10.08 -14.35
C PHE D 266 -10.19 -9.63 -15.75
N PRO D 267 -10.85 -8.62 -16.30
CA PRO D 267 -10.28 -7.96 -17.49
C PRO D 267 -8.90 -7.44 -17.18
N SER D 268 -8.02 -7.52 -18.19
CA SER D 268 -6.64 -7.10 -18.00
C SER D 268 -6.54 -5.63 -17.60
N SER D 269 -7.52 -4.81 -17.99
CA SER D 269 -7.51 -3.39 -17.70
C SER D 269 -8.94 -2.92 -17.51
N LEU D 270 -9.15 -2.11 -16.46
CA LEU D 270 -10.45 -1.55 -16.13
C LEU D 270 -10.46 -0.02 -16.24
N GLN D 271 -9.54 0.54 -17.04
CA GLN D 271 -9.26 1.96 -16.97
C GLN D 271 -10.39 2.82 -17.54
N GLY D 272 -11.19 2.28 -18.44
CA GLY D 272 -12.28 3.08 -18.97
C GLY D 272 -13.44 3.27 -18.02
N LEU D 273 -13.37 2.68 -16.83
CA LEU D 273 -14.45 2.77 -15.86
C LEU D 273 -14.21 3.89 -14.85
N ASN D 274 -13.97 5.09 -15.36
CA ASN D 274 -14.09 6.25 -14.49
C ASN D 274 -15.57 6.52 -14.23
N SER D 275 -15.84 7.20 -13.12
CA SER D 275 -17.15 7.38 -12.50
C SER D 275 -17.56 6.15 -11.69
N LEU D 276 -16.82 5.05 -11.77
CA LEU D 276 -17.17 3.84 -11.02
C LEU D 276 -16.84 4.04 -9.54
N GLN D 277 -17.87 4.07 -8.70
CA GLN D 277 -17.70 4.22 -7.27
C GLN D 277 -17.78 2.90 -6.51
N ALA D 278 -18.46 1.90 -7.06
CA ALA D 278 -18.74 0.69 -6.32
C ALA D 278 -18.74 -0.52 -7.26
N LEU D 279 -17.93 -1.53 -6.91
CA LEU D 279 -17.88 -2.78 -7.65
C LEU D 279 -17.98 -3.93 -6.66
N MET D 280 -19.01 -4.75 -6.78
CA MET D 280 -19.21 -5.87 -5.87
C MET D 280 -19.31 -7.18 -6.65
N LEU D 281 -18.48 -8.16 -6.26
CA LEU D 281 -18.55 -9.50 -6.81
C LEU D 281 -18.67 -10.56 -5.72
N LYS D 282 -19.15 -10.19 -4.54
CA LYS D 282 -19.19 -11.13 -3.41
C LYS D 282 -20.04 -12.35 -3.75
N GLY D 283 -19.52 -13.52 -3.38
CA GLY D 283 -20.28 -14.74 -3.46
C GLY D 283 -20.23 -15.47 -4.78
N ASN D 284 -19.43 -14.99 -5.75
CA ASN D 284 -19.14 -15.77 -6.95
C ASN D 284 -18.05 -16.78 -6.57
N THR D 285 -18.49 -17.86 -5.91
CA THR D 285 -17.60 -18.74 -5.17
C THR D 285 -16.69 -19.57 -6.07
N LYS D 286 -16.82 -19.48 -7.40
CA LYS D 286 -15.92 -20.18 -8.30
C LYS D 286 -15.31 -19.22 -9.30
N PHE D 287 -15.08 -17.98 -8.87
CA PHE D 287 -14.39 -17.01 -9.73
C PHE D 287 -12.97 -17.47 -10.00
N SER D 288 -12.19 -17.72 -8.94
CA SER D 288 -10.96 -18.51 -8.99
C SER D 288 -9.96 -17.94 -10.00
N THR D 289 -9.50 -16.72 -9.71
CA THR D 289 -8.44 -16.09 -10.47
C THR D 289 -7.57 -15.29 -9.50
N THR D 290 -6.59 -14.58 -10.04
CA THR D 290 -5.76 -13.69 -9.27
C THR D 290 -6.11 -12.25 -9.58
N ILE D 291 -5.58 -11.34 -8.77
CA ILE D 291 -5.77 -9.91 -8.98
C ILE D 291 -4.46 -9.33 -9.47
N PRO D 292 -4.29 -9.13 -10.78
CA PRO D 292 -3.06 -8.53 -11.27
C PRO D 292 -2.88 -7.13 -10.69
N GLU D 293 -1.61 -6.75 -10.49
CA GLU D 293 -1.31 -5.37 -10.13
C GLU D 293 -2.00 -4.41 -11.09
N ASN D 294 -2.11 -4.81 -12.36
CA ASN D 294 -2.67 -3.98 -13.41
C ASN D 294 -4.19 -3.88 -13.41
N ALA D 295 -4.90 -4.67 -12.59
CA ALA D 295 -6.34 -4.81 -12.79
C ALA D 295 -7.07 -3.50 -12.52
N PHE D 296 -6.89 -2.94 -11.32
CA PHE D 296 -7.73 -1.86 -10.84
C PHE D 296 -7.09 -0.47 -10.92
N LYS D 297 -6.00 -0.32 -11.67
CA LYS D 297 -5.40 1.00 -11.81
C LYS D 297 -6.21 1.88 -12.74
N GLY D 298 -6.30 3.16 -12.39
CA GLY D 298 -6.99 4.14 -13.18
C GLY D 298 -8.40 4.45 -12.71
N LEU D 299 -8.92 3.72 -11.74
CA LEU D 299 -10.25 3.95 -11.19
C LEU D 299 -10.15 5.12 -10.22
N LYS D 300 -10.31 6.34 -10.75
CA LYS D 300 -10.11 7.54 -9.94
C LYS D 300 -11.16 7.67 -8.84
N ASN D 301 -12.39 7.20 -9.08
CA ASN D 301 -13.50 7.44 -8.19
C ASN D 301 -13.99 6.19 -7.48
N LEU D 302 -13.20 5.11 -7.49
CA LEU D 302 -13.59 3.87 -6.82
C LEU D 302 -13.56 4.05 -5.31
N MET D 303 -14.73 4.00 -4.69
CA MET D 303 -14.86 4.07 -3.24
C MET D 303 -15.07 2.71 -2.59
N ILE D 304 -15.80 1.81 -3.23
CA ILE D 304 -16.24 0.56 -2.61
C ILE D 304 -15.86 -0.60 -3.53
N LEU D 305 -15.08 -1.54 -3.01
CA LEU D 305 -14.66 -2.71 -3.78
C LEU D 305 -14.84 -3.94 -2.90
N VAL D 306 -15.82 -4.78 -3.22
CA VAL D 306 -16.14 -5.96 -2.43
C VAL D 306 -15.88 -7.19 -3.30
N LEU D 307 -14.86 -7.97 -2.92
CA LEU D 307 -14.48 -9.19 -3.65
C LEU D 307 -14.41 -10.38 -2.70
N SER D 308 -15.27 -10.42 -1.68
CA SER D 308 -15.19 -11.44 -0.65
C SER D 308 -15.86 -12.73 -1.10
N ASN D 309 -15.32 -13.85 -0.62
CA ASN D 309 -15.86 -15.20 -0.83
C ASN D 309 -16.03 -15.50 -2.33
N THR D 310 -14.91 -15.41 -3.05
CA THR D 310 -14.89 -15.71 -4.47
C THR D 310 -13.72 -16.59 -4.90
N ASN D 311 -13.00 -17.19 -3.95
CA ASN D 311 -11.87 -18.06 -4.25
C ASN D 311 -10.78 -17.32 -5.02
N ILE D 312 -10.58 -16.05 -4.67
CA ILE D 312 -9.52 -15.25 -5.29
C ILE D 312 -8.17 -15.77 -4.83
N GLN D 313 -7.24 -15.88 -5.77
CA GLN D 313 -5.93 -16.49 -5.52
C GLN D 313 -4.82 -15.44 -5.58
N GLY D 314 -3.68 -15.79 -5.00
CA GLY D 314 -2.49 -14.95 -5.12
C GLY D 314 -2.22 -14.04 -3.95
N SER D 315 -1.64 -12.88 -4.23
CA SER D 315 -1.24 -11.93 -3.21
C SER D 315 -1.95 -10.60 -3.43
N ILE D 316 -2.23 -9.90 -2.33
CA ILE D 316 -2.86 -8.58 -2.37
C ILE D 316 -2.00 -7.66 -3.24
N PRO D 317 -2.47 -7.28 -4.42
CA PRO D 317 -1.68 -6.34 -5.23
C PRO D 317 -1.52 -5.01 -4.50
N LYS D 318 -0.30 -4.48 -4.49
CA LYS D 318 -0.06 -3.22 -3.82
C LYS D 318 -0.70 -2.04 -4.55
N SER D 319 -1.19 -2.26 -5.77
CA SER D 319 -1.85 -1.20 -6.52
C SER D 319 -3.10 -0.70 -5.82
N LEU D 320 -3.77 -1.57 -5.06
CA LEU D 320 -4.94 -1.12 -4.30
C LEU D 320 -4.56 -0.04 -3.30
N THR D 321 -3.30 0.00 -2.88
CA THR D 321 -2.84 1.06 -1.99
C THR D 321 -3.00 2.43 -2.64
N ARG D 322 -2.82 2.51 -3.95
CA ARG D 322 -2.78 3.80 -4.64
C ARG D 322 -4.13 4.22 -5.22
N LEU D 323 -5.23 3.56 -4.83
CA LEU D 323 -6.57 4.03 -5.20
C LEU D 323 -6.98 5.13 -4.23
N ASN D 324 -7.18 6.34 -4.76
CA ASN D 324 -7.26 7.52 -3.90
C ASN D 324 -8.60 7.59 -3.16
N SER D 325 -9.70 7.30 -3.83
CA SER D 325 -11.03 7.48 -3.26
C SER D 325 -11.52 6.25 -2.48
N LEU D 326 -10.71 5.21 -2.35
CA LEU D 326 -11.16 3.95 -1.78
C LEU D 326 -11.46 4.09 -0.29
N ARG D 327 -12.70 3.79 0.09
CA ARG D 327 -13.11 3.76 1.49
C ARG D 327 -13.36 2.36 2.04
N VAL D 328 -13.82 1.43 1.20
CA VAL D 328 -14.25 0.11 1.64
C VAL D 328 -13.56 -0.93 0.76
N LEU D 329 -12.79 -1.83 1.39
CA LEU D 329 -12.06 -2.88 0.69
C LEU D 329 -12.36 -4.21 1.37
N HIS D 330 -13.09 -5.08 0.66
CA HIS D 330 -13.53 -6.36 1.20
C HIS D 330 -12.84 -7.48 0.42
N LEU D 331 -11.90 -8.18 1.07
CA LEU D 331 -11.25 -9.34 0.49
C LEU D 331 -11.30 -10.55 1.41
N GLU D 332 -12.25 -10.58 2.35
CA GLU D 332 -12.29 -11.65 3.33
C GLU D 332 -12.84 -12.93 2.71
N GLY D 333 -12.36 -14.06 3.21
CA GLY D 333 -12.89 -15.33 2.77
C GLY D 333 -12.38 -15.83 1.44
N ASN D 334 -11.10 -15.58 1.14
CA ASN D 334 -10.51 -16.05 -0.11
C ASN D 334 -9.28 -16.91 0.16
N ASN D 335 -8.45 -17.12 -0.86
CA ASN D 335 -7.22 -17.88 -0.74
C ASN D 335 -6.01 -16.97 -0.93
N LEU D 336 -6.09 -15.74 -0.41
CA LEU D 336 -4.99 -14.79 -0.51
C LEU D 336 -3.82 -15.27 0.34
N THR D 337 -2.60 -15.07 -0.18
CA THR D 337 -1.40 -15.57 0.47
C THR D 337 -0.29 -14.51 0.39
N GLY D 338 0.66 -14.62 1.31
CA GLY D 338 1.85 -13.82 1.25
C GLY D 338 1.87 -12.65 2.22
N GLU D 339 2.70 -11.68 1.87
CA GLU D 339 2.87 -10.48 2.69
C GLU D 339 1.72 -9.51 2.42
N ILE D 340 1.25 -8.86 3.48
CA ILE D 340 0.41 -7.68 3.31
C ILE D 340 1.34 -6.57 2.83
N PRO D 341 1.07 -5.97 1.68
CA PRO D 341 1.97 -4.92 1.17
C PRO D 341 2.23 -3.85 2.22
N LEU D 342 3.51 -3.58 2.46
CA LEU D 342 3.88 -2.58 3.46
C LEU D 342 3.37 -1.20 3.10
N GLU D 343 3.04 -0.96 1.82
CA GLU D 343 2.49 0.32 1.41
C GLU D 343 1.14 0.60 2.07
N PHE D 344 0.47 -0.44 2.57
CA PHE D 344 -0.75 -0.23 3.34
C PHE D 344 -0.49 0.58 4.59
N ARG D 345 0.75 0.58 5.08
CA ARG D 345 1.15 1.47 6.17
C ARG D 345 0.81 2.93 5.86
N ASP D 346 0.79 3.30 4.58
CA ASP D 346 0.63 4.68 4.16
C ASP D 346 -0.79 5.03 3.76
N VAL D 347 -1.76 4.14 4.02
CA VAL D 347 -3.16 4.36 3.67
C VAL D 347 -3.90 4.83 4.91
N LYS D 348 -4.44 6.05 4.86
CA LYS D 348 -5.11 6.65 6.02
C LYS D 348 -6.57 7.01 5.73
N HIS D 349 -7.12 6.58 4.60
CA HIS D 349 -8.50 6.91 4.24
C HIS D 349 -9.42 5.70 4.17
N LEU D 350 -8.91 4.49 4.39
CA LEU D 350 -9.75 3.31 4.44
C LEU D 350 -10.59 3.31 5.71
N SER D 351 -11.91 3.19 5.55
CA SER D 351 -12.80 3.07 6.70
C SER D 351 -13.18 1.63 7.00
N GLU D 352 -13.28 0.78 5.98
CA GLU D 352 -13.46 -0.66 6.17
C GLU D 352 -12.40 -1.39 5.36
N LEU D 353 -11.72 -2.35 5.99
CA LEU D 353 -10.73 -3.17 5.31
C LEU D 353 -10.79 -4.55 5.92
N ARG D 354 -11.21 -5.55 5.15
CA ARG D 354 -11.32 -6.92 5.62
C ARG D 354 -10.36 -7.82 4.88
N LEU D 355 -9.45 -8.44 5.62
CA LEU D 355 -8.55 -9.45 5.09
C LEU D 355 -8.70 -10.78 5.82
N ASN D 356 -9.71 -10.91 6.67
CA ASN D 356 -9.87 -12.10 7.51
C ASN D 356 -10.20 -13.33 6.67
N ASP D 357 -9.86 -14.49 7.23
CA ASP D 357 -10.18 -15.80 6.63
C ASP D 357 -9.49 -15.97 5.28
N ASN D 358 -8.21 -15.63 5.24
CA ASN D 358 -7.34 -16.02 4.14
C ASN D 358 -6.19 -16.85 4.71
N SER D 359 -5.06 -16.84 4.01
CA SER D 359 -3.81 -17.38 4.54
C SER D 359 -2.68 -16.39 4.31
N LEU D 360 -2.90 -15.13 4.68
CA LEU D 360 -1.81 -14.16 4.72
C LEU D 360 -0.79 -14.57 5.76
N THR D 361 0.44 -14.07 5.61
CA THR D 361 1.55 -14.69 6.32
C THR D 361 2.58 -13.75 6.92
N GLY D 362 2.69 -12.50 6.50
CA GLY D 362 3.76 -11.65 6.98
C GLY D 362 3.46 -11.06 8.35
N PRO D 363 4.13 -9.96 8.69
CA PRO D 363 3.70 -9.16 9.84
C PRO D 363 2.79 -8.04 9.41
N VAL D 364 1.77 -7.78 10.22
CA VAL D 364 0.77 -6.78 9.84
C VAL D 364 1.44 -5.40 9.79
N PRO D 365 1.22 -4.63 8.71
CA PRO D 365 1.99 -3.39 8.53
C PRO D 365 1.16 -2.13 8.72
N PHE D 366 0.26 -2.10 9.69
CA PHE D 366 -0.58 -0.93 9.92
C PHE D 366 -0.11 -0.17 11.15
N GLU D 367 -0.17 1.15 11.07
CA GLU D 367 0.33 2.00 12.13
C GLU D 367 -0.70 2.11 13.25
N ARG D 368 -0.20 2.31 14.48
CA ARG D 368 -1.06 2.59 15.62
C ARG D 368 -2.06 3.69 15.29
N ASP D 369 -1.58 4.73 14.60
CA ASP D 369 -2.35 5.78 13.95
C ASP D 369 -3.71 5.29 13.45
N THR D 370 -3.70 4.42 12.44
CA THR D 370 -4.93 4.01 11.79
C THR D 370 -5.56 2.78 12.41
N VAL D 371 -4.79 1.94 13.10
CA VAL D 371 -5.37 0.83 13.85
C VAL D 371 -6.35 1.36 14.90
N TRP D 372 -5.93 2.38 15.65
CA TRP D 372 -6.78 2.87 16.74
C TRP D 372 -7.95 3.69 16.22
N ARG D 373 -7.90 4.17 14.97
CA ARG D 373 -9.06 4.82 14.38
C ARG D 373 -10.03 3.80 13.80
N MET D 374 -9.52 2.76 13.14
CA MET D 374 -10.37 1.81 12.43
C MET D 374 -11.04 0.84 13.39
N ARG D 375 -10.27 0.32 14.37
CA ARG D 375 -10.77 -0.58 15.41
C ARG D 375 -11.36 -1.82 14.75
N ARG D 376 -12.60 -2.21 15.09
CA ARG D 376 -13.20 -3.45 14.58
C ARG D 376 -13.43 -3.42 13.07
N LYS D 377 -13.36 -2.26 12.43
CA LYS D 377 -13.57 -2.16 10.99
C LYS D 377 -12.34 -2.54 10.20
N LEU D 378 -11.32 -3.07 10.86
CA LEU D 378 -10.13 -3.66 10.23
C LEU D 378 -10.05 -5.10 10.70
N ARG D 379 -10.26 -6.04 9.79
CA ARG D 379 -10.35 -7.46 10.12
C ARG D 379 -9.15 -8.21 9.56
N LEU D 380 -8.42 -8.89 10.43
CA LEU D 380 -7.26 -9.67 10.04
C LEU D 380 -7.25 -11.08 10.61
N TYR D 381 -8.31 -11.48 11.33
CA TYR D 381 -8.30 -12.76 12.01
C TYR D 381 -8.36 -13.92 11.00
N ASN D 382 -8.07 -15.12 11.49
CA ASN D 382 -8.07 -16.34 10.69
C ASN D 382 -7.06 -16.27 9.55
N ASN D 383 -5.94 -15.58 9.77
CA ASN D 383 -4.72 -15.71 8.99
C ASN D 383 -3.64 -16.17 9.96
N ALA D 384 -3.37 -17.47 9.97
CA ALA D 384 -2.40 -18.04 10.90
C ALA D 384 -1.01 -17.42 10.72
N GLY D 385 -0.67 -17.02 9.49
CA GLY D 385 0.66 -16.49 9.22
C GLY D 385 0.94 -15.16 9.91
N LEU D 386 -0.03 -14.26 9.91
CA LEU D 386 0.18 -12.87 10.34
C LEU D 386 0.88 -12.80 11.70
N CYS D 387 1.77 -11.81 11.84
CA CYS D 387 2.60 -11.64 13.01
C CYS D 387 2.27 -10.33 13.72
N VAL D 388 2.98 -10.08 14.82
CA VAL D 388 2.88 -8.88 15.65
C VAL D 388 1.44 -8.40 15.79
N GLY E 24 -1.35 31.66 -6.16
CA GLY E 24 -1.88 32.83 -5.49
C GLY E 24 -0.89 33.49 -4.55
N ALA E 25 0.37 33.10 -4.65
CA ALA E 25 1.43 33.67 -3.82
C ALA E 25 1.97 34.94 -4.46
N ARG E 26 2.40 35.88 -3.62
CA ARG E 26 2.92 37.16 -4.09
C ARG E 26 4.18 37.52 -3.31
N THR E 27 4.96 38.44 -3.87
CA THR E 27 6.24 38.85 -3.30
C THR E 27 6.05 39.95 -2.26
N GLU E 28 6.87 39.91 -1.22
CA GLU E 28 6.84 40.94 -0.19
C GLU E 28 7.07 42.31 -0.83
N PRO E 29 6.20 43.30 -0.56
CA PRO E 29 6.24 44.54 -1.36
C PRO E 29 7.53 45.34 -1.24
N ASP E 30 8.06 45.51 -0.03
CA ASP E 30 9.27 46.31 0.13
C ASP E 30 10.48 45.62 -0.49
N GLU E 31 10.57 44.30 -0.36
CA GLU E 31 11.62 43.56 -1.05
C GLU E 31 11.52 43.74 -2.55
N GLN E 32 10.29 43.80 -3.09
CA GLN E 32 10.12 43.98 -4.52
C GLN E 32 10.56 45.37 -4.97
N ASP E 33 10.08 46.42 -4.29
CA ASP E 33 10.51 47.77 -4.64
C ASP E 33 12.01 47.94 -4.49
N ALA E 34 12.60 47.30 -3.48
CA ALA E 34 14.06 47.31 -3.34
C ALA E 34 14.73 46.63 -4.51
N VAL E 35 14.16 45.52 -4.99
CA VAL E 35 14.68 44.88 -6.19
C VAL E 35 14.64 45.85 -7.37
N TYR E 36 13.50 46.53 -7.55
CA TYR E 36 13.38 47.57 -8.56
C TYR E 36 14.53 48.57 -8.48
N ASP E 37 14.84 49.06 -7.28
CA ASP E 37 15.85 50.11 -7.16
C ASP E 37 17.25 49.57 -7.39
N ILE E 38 17.53 48.35 -6.91
CA ILE E 38 18.81 47.71 -7.19
C ILE E 38 19.01 47.57 -8.69
N MET E 39 17.97 47.11 -9.40
CA MET E 39 18.07 46.92 -10.84
C MET E 39 18.24 48.27 -11.56
N ARG E 40 17.47 49.29 -11.16
CA ARG E 40 17.62 50.61 -11.74
C ARG E 40 19.04 51.14 -11.54
N ALA E 41 19.60 50.91 -10.35
CA ALA E 41 20.97 51.35 -10.07
C ALA E 41 21.99 50.59 -10.90
N THR E 42 21.72 49.32 -11.19
CA THR E 42 22.67 48.53 -11.98
C THR E 42 22.54 48.78 -13.47
N GLY E 43 21.56 49.55 -13.91
CA GLY E 43 21.38 49.87 -15.31
C GLY E 43 20.23 49.17 -15.98
N ASN E 44 19.55 48.26 -15.29
CA ASN E 44 18.51 47.43 -15.88
C ASN E 44 17.11 47.87 -15.45
N ASP E 45 16.72 49.08 -15.84
CA ASP E 45 15.44 49.66 -15.42
C ASP E 45 14.24 48.83 -15.87
N TRP E 46 14.41 47.95 -16.86
CA TRP E 46 13.28 47.18 -17.39
C TRP E 46 12.58 46.38 -16.31
N ALA E 47 13.32 45.95 -15.28
CA ALA E 47 12.73 45.13 -14.22
C ALA E 47 11.64 45.88 -13.46
N ALA E 48 11.66 47.22 -13.48
CA ALA E 48 10.60 47.99 -12.85
C ALA E 48 9.23 47.75 -13.49
N ALA E 49 9.20 47.13 -14.67
CA ALA E 49 7.94 46.85 -15.36
C ALA E 49 7.34 45.51 -14.95
N ILE E 50 8.11 44.64 -14.32
CA ILE E 50 7.59 43.33 -13.92
C ILE E 50 6.63 43.52 -12.75
N PRO E 51 5.39 43.02 -12.84
CA PRO E 51 4.45 43.21 -11.72
C PRO E 51 4.86 42.51 -10.45
N ASP E 52 5.39 41.29 -10.56
CA ASP E 52 5.83 40.52 -9.40
C ASP E 52 7.18 39.89 -9.74
N VAL E 53 8.25 40.41 -9.13
CA VAL E 53 9.60 39.98 -9.50
C VAL E 53 9.88 38.54 -9.08
N CYS E 54 9.14 38.02 -8.10
CA CYS E 54 9.41 36.69 -7.60
C CYS E 54 8.72 35.61 -8.42
N ARG E 55 7.59 35.94 -9.06
CA ARG E 55 6.89 35.03 -9.95
C ARG E 55 7.20 35.28 -11.42
N GLY E 56 7.69 36.48 -11.77
CA GLY E 56 8.17 36.77 -13.10
C GLY E 56 9.69 36.66 -13.19
N ARG E 57 10.24 35.80 -12.33
CA ARG E 57 11.66 35.48 -12.20
C ARG E 57 12.46 35.50 -13.49
N TRP E 58 13.53 36.29 -13.51
CA TRP E 58 14.54 36.22 -14.55
C TRP E 58 15.72 35.42 -14.03
N HIS E 59 16.53 34.91 -14.94
CA HIS E 59 17.72 34.19 -14.53
C HIS E 59 18.69 35.15 -13.84
N GLY E 60 18.92 34.93 -12.55
CA GLY E 60 19.76 35.81 -11.77
C GLY E 60 19.11 36.22 -10.45
N ILE E 61 17.81 36.02 -10.35
CA ILE E 61 17.08 36.24 -9.11
C ILE E 61 16.43 34.93 -8.69
N GLU E 62 16.46 34.66 -7.40
CA GLU E 62 15.84 33.47 -6.83
C GLU E 62 15.03 33.88 -5.61
N CYS E 63 13.82 33.36 -5.52
CA CYS E 63 12.94 33.60 -4.38
C CYS E 63 12.59 32.28 -3.72
N MET E 64 12.14 32.38 -2.46
CA MET E 64 11.60 31.23 -1.77
C MET E 64 10.52 31.72 -0.82
N PRO E 65 9.42 30.98 -0.69
CA PRO E 65 8.32 31.41 0.17
C PRO E 65 8.48 30.88 1.58
N ASP E 66 7.98 31.67 2.53
CA ASP E 66 7.90 31.22 3.91
C ASP E 66 6.62 30.40 4.08
N GLN E 67 6.36 29.99 5.33
CA GLN E 67 5.14 29.24 5.60
C GLN E 67 3.88 30.07 5.34
N ASP E 68 4.02 31.40 5.24
CA ASP E 68 2.90 32.31 5.08
C ASP E 68 2.58 32.63 3.62
N ASN E 69 3.07 31.83 2.67
CA ASN E 69 2.80 32.03 1.24
C ASN E 69 3.21 33.42 0.74
N VAL E 70 4.30 33.96 1.29
CA VAL E 70 4.87 35.22 0.84
C VAL E 70 6.29 34.94 0.33
N TYR E 71 6.59 35.44 -0.86
CA TYR E 71 7.89 35.21 -1.48
C TYR E 71 8.93 36.16 -0.88
N HIS E 72 10.15 35.64 -0.69
CA HIS E 72 11.28 36.46 -0.26
C HIS E 72 12.45 36.28 -1.22
N VAL E 73 13.18 37.37 -1.44
CA VAL E 73 14.35 37.37 -2.31
C VAL E 73 15.52 36.74 -1.55
N VAL E 74 16.24 35.83 -2.22
CA VAL E 74 17.20 34.95 -1.56
C VAL E 74 18.54 34.98 -2.29
N SER E 75 18.50 35.11 -3.61
CA SER E 75 19.71 35.19 -4.42
C SER E 75 19.58 36.32 -5.43
N LEU E 76 20.70 36.94 -5.76
CA LEU E 76 20.74 38.03 -6.74
C LEU E 76 22.08 38.01 -7.44
N SER E 77 22.06 37.88 -8.78
CA SER E 77 23.29 37.73 -9.55
C SER E 77 23.34 38.75 -10.67
N PHE E 78 24.52 39.26 -10.94
CA PHE E 78 24.75 40.23 -11.99
C PHE E 78 26.06 39.93 -12.67
N GLY E 79 26.26 40.41 -13.86
CA GLY E 79 27.51 40.15 -14.53
C GLY E 79 27.44 38.97 -15.43
N ALA E 80 28.36 38.90 -16.37
CA ALA E 80 28.34 37.83 -17.36
C ALA E 80 28.93 36.52 -16.93
N LEU E 81 28.25 35.85 -16.01
CA LEU E 81 28.67 34.54 -15.59
C LEU E 81 28.49 33.60 -16.74
N SER E 82 27.39 33.84 -17.47
CA SER E 82 26.89 33.04 -18.62
C SER E 82 26.33 31.76 -18.09
N ASP E 83 26.36 30.73 -18.95
CA ASP E 83 25.91 29.30 -18.89
C ASP E 83 25.12 29.19 -20.20
N ASP E 84 24.04 28.42 -20.16
CA ASP E 84 23.09 28.37 -21.26
C ASP E 84 22.39 29.73 -21.32
N THR E 85 22.07 30.26 -20.13
CA THR E 85 21.39 31.53 -19.94
C THR E 85 22.29 32.44 -19.21
N ALA E 86 22.10 33.74 -19.36
CA ALA E 86 22.98 34.69 -18.72
C ALA E 86 22.32 35.65 -17.78
N PHE E 87 23.08 36.10 -16.78
CA PHE E 87 22.61 37.05 -15.81
C PHE E 87 22.65 38.42 -16.39
N PRO E 88 21.89 39.33 -15.83
CA PRO E 88 21.90 40.66 -16.40
C PRO E 88 23.22 41.33 -16.26
N THR E 89 23.58 42.12 -17.24
CA THR E 89 24.83 42.87 -17.23
C THR E 89 24.57 44.30 -16.78
N CYS E 90 25.65 45.00 -16.43
CA CYS E 90 25.57 46.34 -15.86
C CYS E 90 26.09 47.36 -16.86
N ASP E 91 25.29 48.40 -17.10
CA ASP E 91 25.69 49.52 -17.94
C ASP E 91 26.99 50.13 -17.43
N PRO E 92 28.06 50.18 -18.24
CA PRO E 92 29.31 50.76 -17.75
C PRO E 92 29.23 52.25 -17.48
N GLN E 93 28.20 52.95 -17.98
CA GLN E 93 28.06 54.38 -17.74
C GLN E 93 27.31 54.70 -16.45
N ARG E 94 26.37 53.87 -16.04
CA ARG E 94 25.42 54.21 -14.98
C ARG E 94 25.53 53.36 -13.72
N SER E 95 26.02 52.12 -13.82
CA SER E 95 25.75 51.14 -12.79
C SER E 95 26.53 51.44 -11.51
N TYR E 96 25.98 50.96 -10.40
CA TYR E 96 26.62 51.01 -9.09
C TYR E 96 25.88 50.05 -8.18
N VAL E 97 26.50 49.72 -7.06
CA VAL E 97 25.90 48.83 -6.08
C VAL E 97 25.02 49.68 -5.16
N SER E 98 23.72 49.44 -5.21
CA SER E 98 22.76 50.28 -4.51
C SER E 98 22.61 49.86 -3.05
N GLU E 99 22.47 50.85 -2.17
CA GLU E 99 22.22 50.59 -0.75
C GLU E 99 20.92 49.85 -0.53
N SER E 100 20.00 49.86 -1.49
CA SER E 100 18.73 49.17 -1.31
C SER E 100 18.87 47.68 -1.11
N LEU E 101 20.07 47.12 -1.36
CA LEU E 101 20.34 45.72 -1.02
C LEU E 101 20.06 45.45 0.45
N THR E 102 20.24 46.46 1.32
CA THR E 102 20.01 46.26 2.74
C THR E 102 18.53 46.08 3.08
N ARG E 103 17.63 46.43 2.15
CA ARG E 103 16.21 46.17 2.37
C ARG E 103 15.85 44.70 2.13
N LEU E 104 16.74 43.93 1.51
CA LEU E 104 16.52 42.51 1.28
C LEU E 104 16.98 41.76 2.52
N LYS E 105 16.05 41.51 3.44
CA LYS E 105 16.41 40.96 4.74
C LYS E 105 16.84 39.50 4.66
N HIS E 106 16.37 38.77 3.65
CA HIS E 106 16.57 37.32 3.56
C HIS E 106 17.61 36.92 2.52
N LEU E 107 18.35 37.88 1.97
CA LEU E 107 19.32 37.58 0.91
C LEU E 107 20.33 36.54 1.38
N LYS E 108 20.41 35.43 0.65
CA LYS E 108 21.37 34.37 0.96
C LYS E 108 22.62 34.40 0.08
N ALA E 109 22.50 34.82 -1.18
CA ALA E 109 23.66 34.82 -2.07
C ALA E 109 23.64 36.05 -2.98
N LEU E 110 24.82 36.65 -3.15
CA LEU E 110 25.01 37.85 -3.96
C LEU E 110 26.19 37.67 -4.90
N PHE E 111 25.92 37.78 -6.21
CA PHE E 111 26.93 37.66 -7.24
C PHE E 111 27.04 38.97 -8.01
N PHE E 112 28.26 39.49 -8.14
CA PHE E 112 28.64 40.50 -9.12
C PHE E 112 29.89 39.99 -9.82
N TYR E 113 29.80 39.79 -11.13
CA TYR E 113 30.92 39.27 -11.91
C TYR E 113 31.17 40.21 -13.08
N ARG E 114 32.31 40.90 -13.06
CA ARG E 114 32.72 41.77 -14.15
C ARG E 114 31.69 42.87 -14.42
N CYS E 115 31.02 43.30 -13.35
CA CYS E 115 30.00 44.35 -13.38
C CYS E 115 30.69 45.67 -13.01
N LEU E 116 31.17 46.37 -14.03
CA LEU E 116 32.02 47.53 -13.84
C LEU E 116 31.20 48.82 -13.85
N GLY E 117 31.49 49.70 -12.92
CA GLY E 117 30.88 51.02 -12.90
C GLY E 117 31.59 51.99 -13.84
N ARG E 118 31.19 53.26 -13.74
CA ARG E 118 31.76 54.27 -14.61
C ARG E 118 33.19 54.63 -14.20
N ALA E 119 33.46 54.63 -12.89
CA ALA E 119 34.60 55.33 -12.34
C ALA E 119 35.03 54.64 -11.05
N PRO E 120 35.91 55.22 -10.22
CA PRO E 120 36.22 54.57 -8.94
C PRO E 120 34.99 54.29 -8.09
N GLN E 121 34.93 53.06 -7.57
CA GLN E 121 33.93 52.66 -6.59
C GLN E 121 34.57 51.70 -5.60
N ARG E 122 34.25 51.88 -4.32
CA ARG E 122 34.75 51.00 -3.27
C ARG E 122 33.72 49.93 -2.98
N ILE E 123 34.17 48.88 -2.31
CA ILE E 123 33.24 47.87 -1.80
C ILE E 123 32.37 48.60 -0.78
N PRO E 124 31.05 48.63 -0.97
CA PRO E 124 30.20 49.41 -0.07
C PRO E 124 30.14 48.78 1.32
N ALA E 125 30.27 49.64 2.33
CA ALA E 125 30.27 49.14 3.71
C ALA E 125 28.90 48.64 4.14
N PHE E 126 27.82 49.20 3.58
CA PHE E 126 26.48 48.83 4.00
C PHE E 126 26.19 47.36 3.76
N LEU E 127 27.06 46.66 3.03
CA LEU E 127 26.91 45.22 2.84
C LEU E 127 26.96 44.48 4.18
N GLY E 128 27.59 45.07 5.19
CA GLY E 128 27.58 44.46 6.51
C GLY E 128 26.21 44.46 7.16
N ARG E 129 25.34 45.38 6.75
CA ARG E 129 24.02 45.54 7.38
C ARG E 129 23.02 44.45 7.01
N LEU E 130 23.40 43.43 6.26
CA LEU E 130 22.50 42.31 6.00
C LEU E 130 23.10 41.01 6.54
N GLY E 131 23.38 41.00 7.85
CA GLY E 131 24.34 40.08 8.44
C GLY E 131 24.06 38.59 8.38
N SER E 132 23.08 38.11 9.14
CA SER E 132 22.99 36.67 9.41
C SER E 132 22.56 35.86 8.19
N SER E 133 21.80 36.44 7.27
CA SER E 133 21.25 35.66 6.16
C SER E 133 22.31 35.30 5.12
N LEU E 134 23.20 36.24 4.80
CA LEU E 134 24.12 36.06 3.68
C LEU E 134 25.13 34.97 3.95
N GLN E 135 25.25 34.03 3.01
CA GLN E 135 26.26 32.98 3.08
C GLN E 135 27.21 32.92 1.89
N THR E 136 26.91 33.60 0.78
CA THR E 136 27.81 33.64 -0.37
C THR E 136 27.92 35.08 -0.87
N LEU E 137 29.13 35.64 -0.79
CA LEU E 137 29.42 36.97 -1.32
C LEU E 137 30.51 36.88 -2.37
N VAL E 138 30.15 37.14 -3.63
CA VAL E 138 31.08 37.10 -4.74
C VAL E 138 31.08 38.48 -5.41
N LEU E 139 32.18 39.20 -5.29
CA LEU E 139 32.39 40.48 -5.97
C LEU E 139 33.64 40.34 -6.85
N ARG E 140 33.52 39.56 -7.91
CA ARG E 140 34.67 39.13 -8.70
C ARG E 140 34.87 40.08 -9.88
N GLU E 141 36.10 40.56 -10.01
CA GLU E 141 36.54 41.36 -11.15
C GLU E 141 35.61 42.53 -11.44
N ASN E 142 35.39 43.35 -10.41
CA ASN E 142 34.48 44.48 -10.51
C ASN E 142 35.20 45.82 -10.48
N GLY E 143 36.52 45.84 -10.40
CA GLY E 143 37.25 47.08 -10.36
C GLY E 143 37.16 47.81 -9.05
N PHE E 144 36.77 47.13 -7.97
CA PHE E 144 36.65 47.77 -6.67
C PHE E 144 38.00 48.28 -6.20
N LEU E 145 37.99 49.44 -5.54
CA LEU E 145 39.19 50.12 -5.08
C LEU E 145 39.22 50.19 -3.56
N GLY E 146 40.34 50.70 -3.05
CA GLY E 146 40.46 51.05 -1.65
C GLY E 146 40.52 49.84 -0.75
N PRO E 147 40.41 50.08 0.55
CA PRO E 147 40.50 48.98 1.52
C PRO E 147 39.21 48.19 1.60
N ILE E 148 39.35 46.94 2.04
CA ILE E 148 38.19 46.11 2.31
C ILE E 148 37.45 46.67 3.52
N PRO E 149 36.14 46.89 3.44
CA PRO E 149 35.41 47.44 4.60
C PRO E 149 35.48 46.48 5.78
N ASP E 150 35.71 47.05 6.97
CA ASP E 150 35.78 46.23 8.18
C ASP E 150 34.43 45.58 8.49
N GLU E 151 33.32 46.26 8.19
CA GLU E 151 32.01 45.77 8.56
C GLU E 151 31.54 44.60 7.71
N LEU E 152 32.32 44.21 6.69
CA LEU E 152 32.13 42.91 6.07
C LEU E 152 32.24 41.78 7.09
N GLY E 153 32.88 42.04 8.24
CA GLY E 153 32.92 41.07 9.31
C GLY E 153 31.58 40.81 9.98
N ASN E 154 30.60 41.71 9.78
CA ASN E 154 29.27 41.47 10.34
C ASN E 154 28.60 40.26 9.70
N LEU E 155 28.99 39.93 8.47
CA LEU E 155 28.42 38.80 7.73
C LEU E 155 28.87 37.50 8.39
N THR E 156 28.22 37.18 9.51
CA THR E 156 28.72 36.12 10.40
C THR E 156 28.64 34.75 9.74
N ASN E 157 27.56 34.50 8.99
CA ASN E 157 27.32 33.19 8.42
C ASN E 157 27.94 33.02 7.03
N LEU E 158 28.80 33.94 6.61
CA LEU E 158 29.50 33.79 5.33
C LEU E 158 30.25 32.47 5.26
N LYS E 159 30.02 31.73 4.19
CA LYS E 159 30.72 30.48 3.93
C LYS E 159 31.57 30.52 2.67
N VAL E 160 31.25 31.38 1.70
CA VAL E 160 32.07 31.59 0.52
C VAL E 160 32.25 33.09 0.33
N LEU E 161 33.51 33.54 0.34
CA LEU E 161 33.85 34.94 0.08
C LEU E 161 34.86 35.01 -1.06
N ASP E 162 34.51 35.75 -2.12
CA ASP E 162 35.36 35.87 -3.29
C ASP E 162 35.48 37.34 -3.68
N LEU E 163 36.69 37.89 -3.54
CA LEU E 163 37.02 39.26 -3.92
C LEU E 163 38.14 39.26 -4.96
N HIS E 164 38.11 38.28 -5.86
CA HIS E 164 39.22 38.04 -6.78
C HIS E 164 39.36 39.18 -7.79
N LYS E 165 40.62 39.53 -8.08
CA LYS E 165 41.01 40.47 -9.14
C LYS E 165 40.20 41.78 -9.08
N ASN E 166 40.35 42.50 -7.97
CA ASN E 166 39.97 43.89 -7.86
C ASN E 166 41.24 44.73 -7.75
N HIS E 167 41.16 45.89 -7.10
CA HIS E 167 42.32 46.75 -6.87
C HIS E 167 42.31 47.22 -5.41
N LEU E 168 42.37 46.28 -4.48
CA LEU E 168 42.02 46.54 -3.09
C LEU E 168 43.24 47.01 -2.31
N ASN E 169 43.13 48.21 -1.73
CA ASN E 169 44.16 48.82 -0.91
C ASN E 169 44.32 48.09 0.42
N GLY E 170 45.47 48.29 1.05
CA GLY E 170 45.58 48.09 2.48
C GLY E 170 45.61 46.63 2.91
N SER E 171 45.16 46.42 4.15
CA SER E 171 45.31 45.16 4.88
C SER E 171 44.06 44.30 4.75
N ILE E 172 44.24 43.02 5.05
CA ILE E 172 43.12 42.11 5.23
C ILE E 172 42.51 42.42 6.60
N PRO E 173 41.21 42.72 6.67
CA PRO E 173 40.62 43.09 7.96
C PRO E 173 40.72 41.96 8.98
N LEU E 174 41.02 42.34 10.22
CA LEU E 174 41.07 41.34 11.30
C LEU E 174 39.69 40.80 11.62
N SER E 175 38.62 41.56 11.32
CA SER E 175 37.27 41.13 11.60
C SER E 175 36.86 39.89 10.80
N PHE E 176 37.64 39.50 9.80
CA PHE E 176 37.43 38.20 9.16
C PHE E 176 37.52 37.05 10.16
N ASN E 177 38.05 37.32 11.37
CA ASN E 177 38.00 36.35 12.45
C ASN E 177 36.57 35.85 12.72
N ARG E 178 35.57 36.70 12.49
CA ARG E 178 34.19 36.36 12.83
C ARG E 178 33.54 35.39 11.85
N PHE E 179 34.17 35.10 10.70
CA PHE E 179 33.61 34.16 9.73
C PHE E 179 33.89 32.73 10.24
N SER E 180 33.19 32.37 11.31
CA SER E 180 33.48 31.10 11.99
C SER E 180 33.19 29.90 11.07
N GLY E 181 32.15 30.00 10.25
CA GLY E 181 31.77 28.93 9.35
C GLY E 181 32.39 28.99 7.97
N LEU E 182 33.36 29.89 7.76
CA LEU E 182 33.89 30.12 6.42
C LEU E 182 34.47 28.85 5.81
N ARG E 183 34.02 28.54 4.60
CA ARG E 183 34.51 27.40 3.83
C ARG E 183 35.54 27.76 2.77
N SER E 184 35.44 28.95 2.18
CA SER E 184 36.26 29.31 1.03
C SER E 184 36.57 30.81 1.05
N LEU E 185 37.86 31.15 1.10
CA LEU E 185 38.30 32.54 1.08
C LEU E 185 39.18 32.79 -0.13
N ASP E 186 38.75 33.69 -1.01
CA ASP E 186 39.48 34.01 -2.23
C ASP E 186 39.67 35.52 -2.32
N LEU E 187 40.89 35.98 -2.03
CA LEU E 187 41.25 37.39 -2.14
C LEU E 187 42.33 37.59 -3.20
N SER E 188 42.40 36.69 -4.18
CA SER E 188 43.48 36.66 -5.15
C SER E 188 43.46 37.86 -6.09
N GLY E 189 44.64 38.25 -6.54
CA GLY E 189 44.78 39.25 -7.58
C GLY E 189 44.46 40.67 -7.18
N ASN E 190 44.80 41.06 -5.95
CA ASN E 190 44.63 42.43 -5.51
C ASN E 190 45.97 43.04 -5.12
N ARG E 191 45.93 44.10 -4.31
CA ARG E 191 47.15 44.74 -3.81
C ARG E 191 47.14 44.79 -2.28
N LEU E 192 46.66 43.72 -1.65
CA LEU E 192 46.57 43.70 -0.19
C LEU E 192 47.95 43.66 0.44
N THR E 193 48.12 44.42 1.52
CA THR E 193 49.39 44.57 2.20
C THR E 193 49.26 44.12 3.65
N GLY E 194 50.38 44.18 4.37
CA GLY E 194 50.44 43.72 5.74
C GLY E 194 50.62 42.22 5.81
N SER E 195 50.75 41.73 7.03
CA SER E 195 50.91 40.29 7.24
C SER E 195 49.54 39.62 7.25
N ILE E 196 49.53 38.35 6.86
CA ILE E 196 48.31 37.54 6.89
C ILE E 196 47.81 37.45 8.33
N PRO E 197 46.65 38.02 8.64
CA PRO E 197 46.13 37.93 10.01
C PRO E 197 45.90 36.49 10.41
N GLY E 198 46.07 36.22 11.70
CA GLY E 198 45.98 34.86 12.19
C GLY E 198 44.60 34.46 12.67
N PHE E 199 43.70 34.16 11.74
CA PHE E 199 42.43 33.58 12.09
C PHE E 199 42.55 32.09 12.32
N VAL E 200 41.65 31.55 13.15
CA VAL E 200 41.51 30.12 13.28
C VAL E 200 40.12 29.76 12.75
N LEU E 201 40.04 29.44 11.46
CA LEU E 201 38.77 29.15 10.81
C LEU E 201 38.63 27.63 10.65
N PRO E 202 37.85 26.96 11.48
CA PRO E 202 37.88 25.49 11.51
C PRO E 202 37.27 24.83 10.28
N ALA E 203 36.39 25.52 9.56
CA ALA E 203 35.72 24.95 8.38
C ALA E 203 36.34 25.41 7.06
N LEU E 204 37.43 26.18 7.11
CA LEU E 204 38.01 26.72 5.89
C LEU E 204 38.61 25.60 5.04
N SER E 205 38.20 25.53 3.78
CA SER E 205 38.62 24.49 2.86
C SER E 205 39.63 24.98 1.84
N VAL E 206 39.38 26.13 1.21
CA VAL E 206 40.34 26.74 0.30
C VAL E 206 40.69 28.13 0.80
N LEU E 207 42.00 28.40 0.85
CA LEU E 207 42.54 29.72 1.19
C LEU E 207 43.42 30.17 0.04
N ASP E 208 42.95 31.16 -0.71
CA ASP E 208 43.68 31.65 -1.88
C ASP E 208 43.98 33.13 -1.66
N LEU E 209 45.25 33.43 -1.41
CA LEU E 209 45.70 34.82 -1.25
C LEU E 209 46.82 35.15 -2.23
N ASN E 210 46.90 34.44 -3.34
CA ASN E 210 48.03 34.58 -4.25
C ASN E 210 47.94 35.88 -5.03
N GLN E 211 49.10 36.37 -5.47
CA GLN E 211 49.26 37.62 -6.21
C GLN E 211 48.71 38.80 -5.42
N ASN E 212 49.40 39.08 -4.31
CA ASN E 212 49.18 40.29 -3.53
C ASN E 212 50.55 40.80 -3.09
N LEU E 213 50.58 41.57 -2.01
CA LEU E 213 51.79 42.10 -1.43
C LEU E 213 51.86 41.78 0.06
N LEU E 214 51.43 40.58 0.44
CA LEU E 214 51.43 40.21 1.85
C LEU E 214 52.84 39.91 2.33
N THR E 215 53.06 40.16 3.62
CA THR E 215 54.40 40.09 4.19
C THR E 215 54.32 39.33 5.51
N GLY E 216 55.41 39.36 6.26
CA GLY E 216 55.49 38.67 7.52
C GLY E 216 55.67 37.19 7.35
N PRO E 217 55.68 36.45 8.44
CA PRO E 217 55.83 35.00 8.37
C PRO E 217 54.52 34.33 7.98
N VAL E 218 54.60 33.03 7.74
CA VAL E 218 53.40 32.21 7.68
C VAL E 218 52.80 32.23 9.08
N PRO E 219 51.57 32.72 9.23
CA PRO E 219 50.94 32.72 10.57
C PRO E 219 50.87 31.33 11.14
N PRO E 220 51.22 31.15 12.42
CA PRO E 220 51.12 29.81 13.03
C PRO E 220 49.70 29.29 13.07
N THR E 221 48.73 30.15 13.38
CA THR E 221 47.33 29.73 13.44
C THR E 221 46.86 29.11 12.14
N LEU E 222 47.53 29.41 11.02
CA LEU E 222 47.21 28.76 9.75
C LEU E 222 47.21 27.24 9.91
N THR E 223 48.22 26.69 10.57
CA THR E 223 48.29 25.24 10.72
C THR E 223 47.19 24.66 11.60
N SER E 224 46.31 25.50 12.15
CA SER E 224 45.21 25.04 12.98
C SER E 224 43.88 25.03 12.23
N CYS E 225 43.87 25.46 10.96
CA CYS E 225 42.69 25.33 10.10
C CYS E 225 42.82 24.00 9.36
N GLY E 226 42.37 22.94 10.01
CA GLY E 226 42.62 21.59 9.52
C GLY E 226 41.79 21.17 8.33
N SER E 227 40.73 21.93 8.01
CA SER E 227 39.88 21.63 6.87
C SER E 227 40.50 22.09 5.55
N LEU E 228 41.67 22.72 5.60
CA LEU E 228 42.27 23.29 4.40
C LEU E 228 42.67 22.18 3.43
N ILE E 229 42.14 22.27 2.20
CA ILE E 229 42.57 21.40 1.11
C ILE E 229 43.43 22.13 0.09
N LYS E 230 43.39 23.46 0.05
CA LYS E 230 44.18 24.26 -0.87
C LYS E 230 44.70 25.49 -0.16
N ILE E 231 46.02 25.69 -0.20
CA ILE E 231 46.64 26.91 0.29
C ILE E 231 47.48 27.48 -0.84
N ASP E 232 47.04 28.62 -1.38
CA ASP E 232 47.77 29.31 -2.44
C ASP E 232 48.18 30.68 -1.92
N LEU E 233 49.45 30.81 -1.54
CA LEU E 233 50.03 32.08 -1.14
C LEU E 233 51.08 32.56 -2.14
N SER E 234 51.07 32.02 -3.34
CA SER E 234 52.12 32.29 -4.31
C SER E 234 52.11 33.76 -4.74
N ARG E 235 53.28 34.24 -5.16
CA ARG E 235 53.47 35.63 -5.57
C ARG E 235 53.02 36.61 -4.48
N ASN E 236 53.77 36.55 -3.38
CA ASN E 236 53.65 37.50 -2.30
C ASN E 236 55.05 37.79 -1.79
N ARG E 237 55.16 38.30 -0.56
CA ARG E 237 56.43 38.62 0.08
C ARG E 237 56.53 37.98 1.46
N VAL E 238 55.98 36.77 1.61
CA VAL E 238 56.00 36.09 2.89
C VAL E 238 57.41 35.60 3.17
N THR E 239 57.90 35.86 4.39
CA THR E 239 59.26 35.54 4.79
C THR E 239 59.24 34.47 5.88
N GLY E 240 60.43 33.97 6.20
CA GLY E 240 60.58 33.02 7.26
C GLY E 240 60.58 31.58 6.77
N PRO E 241 60.47 30.64 7.70
CA PRO E 241 60.50 29.22 7.32
C PRO E 241 59.12 28.62 7.24
N ILE E 242 58.98 27.52 6.50
CA ILE E 242 57.74 26.75 6.51
C ILE E 242 57.59 26.17 7.92
N PRO E 243 56.55 26.51 8.67
CA PRO E 243 56.47 26.04 10.06
C PRO E 243 56.37 24.52 10.13
N GLU E 244 57.06 23.94 11.12
CA GLU E 244 57.07 22.49 11.26
C GLU E 244 55.72 21.93 11.68
N SER E 245 54.69 22.77 11.82
CA SER E 245 53.37 22.33 12.23
C SER E 245 52.40 22.18 11.05
N ILE E 246 52.91 22.20 9.81
CA ILE E 246 52.05 21.92 8.68
C ILE E 246 51.62 20.46 8.64
N ASN E 247 52.33 19.59 9.37
CA ASN E 247 51.94 18.18 9.47
C ASN E 247 50.53 18.00 10.02
N ARG E 248 49.97 19.02 10.65
CA ARG E 248 48.60 18.94 11.17
C ARG E 248 47.55 19.07 10.08
N LEU E 249 47.95 19.42 8.86
CA LEU E 249 47.01 19.67 7.77
C LEU E 249 46.82 18.40 6.94
N ASN E 250 46.18 17.41 7.58
CA ASN E 250 46.04 16.07 7.03
C ASN E 250 45.13 16.01 5.81
N GLN E 251 44.45 17.10 5.47
CA GLN E 251 43.55 17.12 4.31
C GLN E 251 44.08 17.99 3.17
N LEU E 252 45.28 18.54 3.29
CA LEU E 252 45.78 19.53 2.35
C LEU E 252 46.20 18.85 1.05
N VAL E 253 45.63 19.30 -0.07
CA VAL E 253 45.92 18.72 -1.37
C VAL E 253 46.99 19.51 -2.11
N LEU E 254 46.88 20.84 -2.11
CA LEU E 254 47.76 21.71 -2.88
C LEU E 254 48.33 22.78 -1.98
N LEU E 255 49.66 22.92 -1.98
CA LEU E 255 50.35 23.97 -1.22
C LEU E 255 51.30 24.69 -2.17
N ASP E 256 50.96 25.94 -2.49
CA ASP E 256 51.74 26.75 -3.42
C ASP E 256 52.27 27.97 -2.67
N LEU E 257 53.58 28.01 -2.48
CA LEU E 257 54.27 29.13 -1.85
C LEU E 257 55.31 29.72 -2.79
N SER E 258 55.09 29.56 -4.10
CA SER E 258 56.06 30.00 -5.08
C SER E 258 56.15 31.51 -5.11
N TYR E 259 57.35 32.02 -5.39
CA TYR E 259 57.60 33.44 -5.56
C TYR E 259 57.25 34.24 -4.30
N ASN E 260 57.88 33.82 -3.20
CA ASN E 260 57.83 34.57 -1.95
C ASN E 260 59.27 34.80 -1.52
N ARG E 261 59.46 35.08 -0.23
CA ARG E 261 60.80 35.25 0.31
C ARG E 261 61.03 34.29 1.47
N LEU E 262 60.63 33.04 1.28
CA LEU E 262 60.81 32.01 2.30
C LEU E 262 62.28 31.61 2.40
N SER E 263 62.63 31.04 3.54
CA SER E 263 64.00 30.61 3.80
C SER E 263 63.96 29.22 4.44
N GLY E 264 65.10 28.55 4.41
CA GLY E 264 65.21 27.22 4.96
C GLY E 264 65.09 27.16 6.47
N PRO E 265 65.05 25.95 7.03
CA PRO E 265 65.12 24.72 6.24
C PRO E 265 63.74 24.13 5.96
N PHE E 266 63.70 22.98 5.29
CA PHE E 266 62.48 22.19 5.27
C PHE E 266 62.17 21.70 6.70
N PRO E 267 60.90 21.46 7.01
CA PRO E 267 60.60 20.71 8.24
C PRO E 267 61.27 19.34 8.18
N SER E 268 61.71 18.86 9.34
CA SER E 268 62.40 17.58 9.38
C SER E 268 61.55 16.44 8.85
N SER E 269 60.22 16.59 8.93
CA SER E 269 59.32 15.52 8.50
C SER E 269 58.06 16.17 7.93
N LEU E 270 57.61 15.64 6.79
CA LEU E 270 56.39 16.11 6.13
C LEU E 270 55.33 15.02 6.11
N GLN E 271 55.42 14.07 7.03
CA GLN E 271 54.66 12.83 6.92
C GLN E 271 53.17 13.03 7.18
N GLY E 272 52.81 14.05 7.95
CA GLY E 272 51.41 14.27 8.20
C GLY E 272 50.65 14.86 7.03
N LEU E 273 51.35 15.13 5.94
CA LEU E 273 50.74 15.73 4.75
C LEU E 273 50.34 14.67 3.72
N ASN E 274 49.58 13.67 4.18
CA ASN E 274 48.87 12.84 3.22
C ASN E 274 47.72 13.65 2.63
N SER E 275 47.29 13.24 1.44
CA SER E 275 46.39 13.94 0.54
C SER E 275 47.14 15.04 -0.23
N LEU E 276 48.38 15.35 0.13
CA LEU E 276 49.14 16.37 -0.57
C LEU E 276 49.56 15.84 -1.94
N GLN E 277 49.01 16.44 -2.99
CA GLN E 277 49.34 16.08 -4.35
C GLN E 277 50.37 17.00 -4.99
N ALA E 278 50.45 18.24 -4.53
CA ALA E 278 51.27 19.25 -5.17
C ALA E 278 51.86 20.21 -4.16
N LEU E 279 53.18 20.37 -4.22
CA LEU E 279 53.91 21.34 -3.39
C LEU E 279 54.84 22.13 -4.30
N MET E 280 54.62 23.44 -4.36
CA MET E 280 55.43 24.30 -5.21
C MET E 280 56.07 25.39 -4.35
N LEU E 281 57.39 25.53 -4.46
CA LEU E 281 58.13 26.61 -3.82
C LEU E 281 58.99 27.38 -4.81
N LYS E 282 58.66 27.33 -6.09
CA LYS E 282 59.51 27.94 -7.11
C LYS E 282 59.69 29.43 -6.86
N GLY E 283 60.93 29.90 -6.99
CA GLY E 283 61.22 31.32 -6.95
C GLY E 283 61.47 31.91 -5.58
N ASN E 284 61.50 31.10 -4.53
CA ASN E 284 61.99 31.57 -3.23
C ASN E 284 63.51 31.56 -3.27
N THR E 285 64.07 32.58 -3.91
CA THR E 285 65.46 32.55 -4.35
C THR E 285 66.47 32.62 -3.21
N LYS E 286 66.03 32.75 -1.96
CA LYS E 286 66.94 32.70 -0.82
C LYS E 286 66.49 31.69 0.21
N PHE E 287 65.88 30.60 -0.27
CA PHE E 287 65.51 29.49 0.61
C PHE E 287 66.77 28.87 1.22
N SER E 288 67.70 28.43 0.37
CA SER E 288 69.09 28.17 0.72
C SER E 288 69.20 27.15 1.87
N THR E 289 68.75 25.94 1.58
CA THR E 289 68.91 24.81 2.48
C THR E 289 69.15 23.57 1.63
N THR E 290 69.25 22.41 2.29
CA THR E 290 69.36 21.13 1.61
C THR E 290 68.06 20.35 1.76
N ILE E 291 67.98 19.26 1.00
CA ILE E 291 66.82 18.38 1.06
C ILE E 291 67.22 17.10 1.78
N PRO E 292 66.92 16.97 3.07
CA PRO E 292 67.25 15.73 3.78
C PRO E 292 66.57 14.55 3.11
N GLU E 293 67.26 13.41 3.14
CA GLU E 293 66.65 12.17 2.66
C GLU E 293 65.30 11.95 3.32
N ASN E 294 65.18 12.27 4.61
CA ASN E 294 63.96 12.03 5.37
C ASN E 294 62.86 13.05 5.10
N ALA E 295 63.13 14.10 4.33
CA ALA E 295 62.23 15.25 4.29
C ALA E 295 60.88 14.86 3.71
N PHE E 296 60.86 14.27 2.52
CA PHE E 296 59.63 14.03 1.77
C PHE E 296 59.14 12.60 1.89
N LYS E 297 59.64 11.84 2.86
CA LYS E 297 59.19 10.46 3.04
C LYS E 297 57.79 10.41 3.63
N GLY E 298 57.00 9.47 3.13
CA GLY E 298 55.65 9.23 3.61
C GLY E 298 54.55 9.89 2.80
N LEU E 299 54.90 10.71 1.81
CA LEU E 299 53.92 11.40 0.98
C LEU E 299 53.35 10.45 -0.06
N LYS E 300 52.28 9.75 0.33
CA LYS E 300 51.71 8.71 -0.53
C LYS E 300 51.11 9.28 -1.82
N ASN E 301 50.55 10.48 -1.77
CA ASN E 301 49.80 11.03 -2.91
C ASN E 301 50.51 12.21 -3.55
N LEU E 302 51.80 12.43 -3.25
CA LEU E 302 52.53 13.55 -3.85
C LEU E 302 52.75 13.26 -5.34
N MET E 303 52.09 14.05 -6.19
CA MET E 303 52.25 13.93 -7.63
C MET E 303 53.17 14.99 -8.22
N ILE E 304 53.16 16.20 -7.67
CA ILE E 304 53.84 17.34 -8.24
C ILE E 304 54.71 17.98 -7.17
N LEU E 305 56.01 18.08 -7.43
CA LEU E 305 56.95 18.71 -6.50
C LEU E 305 57.85 19.64 -7.29
N VAL E 306 57.66 20.94 -7.10
CA VAL E 306 58.41 21.97 -7.84
C VAL E 306 59.25 22.74 -6.84
N LEU E 307 60.58 22.57 -6.94
CA LEU E 307 61.53 23.23 -6.05
C LEU E 307 62.59 23.98 -6.86
N SER E 308 62.19 24.53 -8.00
CA SER E 308 63.13 25.19 -8.91
C SER E 308 63.39 26.62 -8.48
N ASN E 309 64.62 27.08 -8.75
CA ASN E 309 65.04 28.46 -8.52
C ASN E 309 64.84 28.88 -7.06
N THR E 310 65.46 28.12 -6.15
CA THR E 310 65.39 28.43 -4.74
C THR E 310 66.73 28.33 -4.00
N ASN E 311 67.85 28.22 -4.73
CA ASN E 311 69.18 28.11 -4.12
C ASN E 311 69.28 26.89 -3.20
N ILE E 312 68.64 25.79 -3.60
CA ILE E 312 68.73 24.55 -2.84
C ILE E 312 70.13 23.96 -2.97
N GLN E 313 70.66 23.47 -1.84
CA GLN E 313 72.03 22.99 -1.75
C GLN E 313 72.07 21.49 -1.54
N GLY E 314 73.23 20.91 -1.83
CA GLY E 314 73.48 19.51 -1.53
C GLY E 314 73.31 18.57 -2.71
N SER E 315 72.87 17.34 -2.42
CA SER E 315 72.74 16.30 -3.41
C SER E 315 71.30 15.82 -3.47
N ILE E 316 70.86 15.42 -4.66
CA ILE E 316 69.52 14.90 -4.89
C ILE E 316 69.26 13.72 -3.97
N PRO E 317 68.39 13.85 -2.97
CA PRO E 317 68.09 12.70 -2.10
C PRO E 317 67.44 11.58 -2.91
N LYS E 318 67.93 10.36 -2.70
CA LYS E 318 67.38 9.21 -3.40
C LYS E 318 66.00 8.81 -2.90
N SER E 319 65.56 9.38 -1.77
CA SER E 319 64.21 9.06 -1.27
C SER E 319 63.13 9.53 -2.23
N LEU E 320 63.40 10.57 -3.02
CA LEU E 320 62.46 11.01 -4.04
C LEU E 320 62.19 9.90 -5.04
N THR E 321 63.14 8.98 -5.21
CA THR E 321 62.92 7.82 -6.07
C THR E 321 61.74 6.99 -5.60
N ARG E 322 61.52 6.91 -4.28
CA ARG E 322 60.53 6.02 -3.72
C ARG E 322 59.16 6.68 -3.51
N LEU E 323 58.93 7.87 -4.07
CA LEU E 323 57.61 8.47 -4.03
C LEU E 323 56.77 7.86 -5.16
N ASN E 324 55.68 7.18 -4.77
CA ASN E 324 54.98 6.31 -5.71
C ASN E 324 54.18 7.11 -6.74
N SER E 325 53.47 8.15 -6.30
CA SER E 325 52.57 8.89 -7.16
C SER E 325 53.24 10.04 -7.91
N LEU E 326 54.55 10.19 -7.76
CA LEU E 326 55.25 11.35 -8.31
C LEU E 326 55.27 11.31 -9.83
N ARG E 327 54.71 12.34 -10.47
CA ARG E 327 54.76 12.51 -11.92
C ARG E 327 55.64 13.65 -12.37
N VAL E 328 55.77 14.72 -11.57
CA VAL E 328 56.44 15.94 -11.96
C VAL E 328 57.45 16.32 -10.88
N LEU E 329 58.72 16.41 -11.27
CA LEU E 329 59.81 16.73 -10.35
C LEU E 329 60.64 17.84 -10.96
N HIS E 330 60.57 19.04 -10.37
CA HIS E 330 61.26 20.23 -10.86
C HIS E 330 62.30 20.66 -9.83
N LEU E 331 63.58 20.49 -10.19
CA LEU E 331 64.71 20.94 -9.37
C LEU E 331 65.68 21.81 -10.16
N GLU E 332 65.24 22.40 -11.27
CA GLU E 332 66.13 23.16 -12.14
C GLU E 332 66.48 24.50 -11.52
N GLY E 333 67.68 24.97 -11.81
CA GLY E 333 68.10 26.30 -11.40
C GLY E 333 68.55 26.44 -9.97
N ASN E 334 69.22 25.43 -9.42
CA ASN E 334 69.73 25.49 -8.05
C ASN E 334 71.23 25.20 -8.03
N ASN E 335 71.75 24.89 -6.85
CA ASN E 335 73.16 24.55 -6.66
C ASN E 335 73.33 23.08 -6.28
N LEU E 336 72.53 22.21 -6.90
CA LEU E 336 72.62 20.78 -6.64
C LEU E 336 73.95 20.22 -7.16
N THR E 337 74.51 19.28 -6.41
CA THR E 337 75.83 18.74 -6.71
C THR E 337 75.85 17.24 -6.49
N GLY E 338 76.78 16.58 -7.15
CA GLY E 338 77.07 15.18 -6.91
C GLY E 338 76.52 14.24 -7.95
N GLU E 339 76.37 12.99 -7.53
CA GLU E 339 75.87 11.94 -8.39
C GLU E 339 74.35 12.01 -8.47
N ILE E 340 73.81 11.78 -9.67
CA ILE E 340 72.39 11.51 -9.76
C ILE E 340 72.20 10.10 -9.21
N PRO E 341 71.38 9.92 -8.17
CA PRO E 341 71.18 8.59 -7.60
C PRO E 341 70.85 7.56 -8.66
N LEU E 342 71.61 6.45 -8.67
CA LEU E 342 71.40 5.41 -9.67
C LEU E 342 70.02 4.78 -9.58
N GLU E 343 69.34 4.93 -8.44
CA GLU E 343 67.99 4.42 -8.28
C GLU E 343 67.00 5.06 -9.24
N PHE E 344 67.33 6.24 -9.77
CA PHE E 344 66.49 6.85 -10.81
C PHE E 344 66.40 5.98 -12.05
N ARG E 345 67.38 5.09 -12.24
CA ARG E 345 67.29 4.09 -13.31
C ARG E 345 65.99 3.29 -13.23
N ASP E 346 65.42 3.15 -12.03
CA ASP E 346 64.27 2.29 -11.79
C ASP E 346 62.95 3.06 -11.73
N VAL E 347 62.96 4.33 -12.09
CA VAL E 347 61.76 5.17 -12.05
C VAL E 347 61.18 5.25 -13.46
N LYS E 348 59.95 4.74 -13.63
CA LYS E 348 59.31 4.67 -14.93
C LYS E 348 57.98 5.41 -14.97
N HIS E 349 57.66 6.20 -13.94
CA HIS E 349 56.40 6.93 -13.88
C HIS E 349 56.56 8.44 -13.92
N LEU E 350 57.79 8.95 -13.91
CA LEU E 350 58.00 10.39 -14.04
C LEU E 350 57.69 10.84 -15.46
N SER E 351 56.82 11.85 -15.59
CA SER E 351 56.54 12.45 -16.89
C SER E 351 57.32 13.73 -17.13
N GLU E 352 57.62 14.49 -16.08
CA GLU E 352 58.50 15.64 -16.16
C GLU E 352 59.57 15.52 -15.08
N LEU E 353 60.83 15.71 -15.47
CA LEU E 353 61.94 15.71 -14.53
C LEU E 353 62.99 16.70 -15.03
N ARG E 354 63.19 17.78 -14.27
CA ARG E 354 64.16 18.80 -14.65
C ARG E 354 65.29 18.85 -13.62
N LEU E 355 66.51 18.61 -14.10
CA LEU E 355 67.72 18.76 -13.29
C LEU E 355 68.68 19.76 -13.92
N ASN E 356 68.26 20.48 -14.95
CA ASN E 356 69.10 21.39 -15.69
C ASN E 356 69.52 22.58 -14.84
N ASP E 357 70.64 23.20 -15.23
CA ASP E 357 71.16 24.43 -14.60
C ASP E 357 71.52 24.20 -13.15
N ASN E 358 72.22 23.10 -12.87
CA ASN E 358 72.89 22.90 -11.60
C ASN E 358 74.37 22.64 -11.83
N SER E 359 75.01 21.92 -10.90
CA SER E 359 76.35 21.39 -11.08
C SER E 359 76.38 19.92 -10.66
N LEU E 360 75.43 19.14 -11.19
CA LEU E 360 75.51 17.70 -11.06
C LEU E 360 76.73 17.18 -11.82
N THR E 361 77.18 15.98 -11.46
CA THR E 361 78.53 15.59 -11.88
C THR E 361 78.71 14.15 -12.31
N GLY E 362 77.84 13.22 -11.97
CA GLY E 362 78.11 11.83 -12.25
C GLY E 362 77.82 11.47 -13.69
N PRO E 363 77.62 10.17 -13.95
CA PRO E 363 77.07 9.75 -15.24
C PRO E 363 75.56 9.61 -15.16
N VAL E 364 74.89 10.02 -16.23
CA VAL E 364 73.43 10.00 -16.21
C VAL E 364 72.96 8.55 -16.10
N PRO E 365 72.04 8.22 -15.20
CA PRO E 365 71.60 6.83 -15.06
C PRO E 365 70.28 6.50 -15.70
N PHE E 366 69.96 7.15 -16.80
CA PHE E 366 68.69 6.90 -17.43
C PHE E 366 68.70 5.87 -18.55
N GLU E 367 67.88 4.84 -18.33
CA GLU E 367 67.76 3.76 -19.27
C GLU E 367 67.05 4.23 -20.48
N ARG E 368 67.32 3.59 -21.60
CA ARG E 368 66.73 3.95 -22.90
C ARG E 368 65.22 3.75 -22.99
N ASP E 369 64.68 2.88 -22.17
CA ASP E 369 63.26 2.63 -22.06
C ASP E 369 62.56 3.92 -21.67
N THR E 370 63.10 4.64 -20.71
CA THR E 370 62.50 5.89 -20.29
C THR E 370 63.09 7.15 -20.94
N VAL E 371 64.34 7.12 -21.36
CA VAL E 371 64.88 8.30 -21.99
C VAL E 371 64.14 8.59 -23.25
N TRP E 372 63.81 7.53 -23.96
CA TRP E 372 63.11 7.66 -25.23
C TRP E 372 61.62 7.91 -25.05
N ARG E 373 61.07 7.63 -23.85
CA ARG E 373 59.69 7.98 -23.57
C ARG E 373 59.55 9.44 -23.16
N MET E 374 60.46 9.92 -22.31
CA MET E 374 60.34 11.26 -21.74
C MET E 374 60.75 12.33 -22.75
N ARG E 375 61.84 12.10 -23.48
CA ARG E 375 62.30 13.01 -24.54
C ARG E 375 62.56 14.38 -23.93
N ARG E 376 62.02 15.47 -24.49
CA ARG E 376 62.33 16.82 -24.03
C ARG E 376 61.82 17.09 -22.61
N LYS E 377 60.95 16.25 -22.07
CA LYS E 377 60.44 16.43 -20.71
C LYS E 377 61.40 15.92 -19.66
N LEU E 378 62.62 15.57 -20.08
CA LEU E 378 63.72 15.23 -19.17
C LEU E 378 64.86 16.20 -19.49
N ARG E 379 65.15 17.10 -18.55
CA ARG E 379 66.12 18.17 -18.76
C ARG E 379 67.33 17.94 -17.88
N LEU E 380 68.51 17.87 -18.52
CA LEU E 380 69.76 17.66 -17.82
C LEU E 380 70.86 18.63 -18.24
N TYR E 381 70.58 19.58 -19.14
CA TYR E 381 71.61 20.45 -19.69
C TYR E 381 72.15 21.41 -18.63
N ASN E 382 73.29 22.02 -18.95
CA ASN E 382 73.97 22.99 -18.09
C ASN E 382 74.37 22.36 -16.74
N ASN E 383 74.72 21.08 -16.76
CA ASN E 383 75.49 20.43 -15.70
C ASN E 383 76.77 19.96 -16.36
N ALA E 384 77.85 20.74 -16.21
CA ALA E 384 79.11 20.39 -16.84
C ALA E 384 79.61 19.02 -16.43
N GLY E 385 79.32 18.60 -15.19
CA GLY E 385 79.83 17.33 -14.70
C GLY E 385 79.27 16.11 -15.42
N LEU E 386 77.97 16.13 -15.71
CA LEU E 386 77.27 14.94 -16.21
C LEU E 386 77.99 14.28 -17.38
N CYS E 387 77.93 12.95 -17.41
CA CYS E 387 78.63 12.11 -18.36
C CYS E 387 77.63 11.38 -19.25
N VAL E 388 78.17 10.56 -20.16
CA VAL E 388 77.43 9.71 -21.08
C VAL E 388 76.18 10.40 -21.63
N GLY F 24 19.34 -34.18 93.53
CA GLY F 24 19.11 -34.57 94.91
C GLY F 24 18.54 -33.44 95.76
N ALA F 25 18.10 -32.38 95.08
CA ALA F 25 17.49 -31.24 95.77
C ALA F 25 16.00 -31.50 95.97
N ARG F 26 15.46 -30.96 97.06
CA ARG F 26 14.06 -31.15 97.38
C ARG F 26 13.46 -29.82 97.82
N THR F 27 12.13 -29.76 97.80
CA THR F 27 11.40 -28.53 98.10
C THR F 27 11.20 -28.40 99.60
N GLU F 28 11.26 -27.17 100.08
CA GLU F 28 11.02 -26.89 101.49
C GLU F 28 9.66 -27.42 101.90
N PRO F 29 9.56 -28.23 102.96
CA PRO F 29 8.30 -28.97 103.21
C PRO F 29 7.10 -28.09 103.48
N ASP F 30 7.24 -27.03 104.28
CA ASP F 30 6.08 -26.19 104.59
C ASP F 30 5.63 -25.41 103.37
N GLU F 31 6.58 -24.90 102.58
CA GLU F 31 6.21 -24.24 101.32
C GLU F 31 5.47 -25.19 100.39
N GLN F 32 5.86 -26.48 100.38
CA GLN F 32 5.18 -27.44 99.52
C GLN F 32 3.76 -27.71 100.00
N ASP F 33 3.59 -27.97 101.30
CA ASP F 33 2.24 -28.18 101.81
C ASP F 33 1.37 -26.94 101.58
N ALA F 34 1.98 -25.76 101.69
CA ALA F 34 1.26 -24.53 101.39
C ALA F 34 0.83 -24.49 99.92
N VAL F 35 1.71 -24.93 99.01
CA VAL F 35 1.33 -25.01 97.61
C VAL F 35 0.14 -25.96 97.42
N TYR F 36 0.23 -27.15 98.03
CA TYR F 36 -0.91 -28.07 98.02
C TYR F 36 -2.20 -27.36 98.43
N ASP F 37 -2.16 -26.59 99.51
CA ASP F 37 -3.39 -26.00 100.02
C ASP F 37 -3.89 -24.86 99.15
N ILE F 38 -2.97 -24.05 98.62
CA ILE F 38 -3.35 -23.00 97.67
C ILE F 38 -4.02 -23.61 96.45
N MET F 39 -3.43 -24.68 95.91
CA MET F 39 -4.00 -25.33 94.73
C MET F 39 -5.36 -25.96 95.05
N ARG F 40 -5.47 -26.64 96.20
CA ARG F 40 -6.74 -27.20 96.61
C ARG F 40 -7.81 -26.12 96.73
N ALA F 41 -7.44 -24.96 97.28
CA ALA F 41 -8.37 -23.85 97.42
C ALA F 41 -8.77 -23.28 96.07
N THR F 42 -7.87 -23.28 95.10
CA THR F 42 -8.19 -22.72 93.79
C THR F 42 -8.96 -23.69 92.90
N GLY F 43 -9.17 -24.92 93.35
CA GLY F 43 -9.92 -25.91 92.61
C GLY F 43 -9.08 -27.00 91.98
N ASN F 44 -7.75 -26.91 92.07
CA ASN F 44 -6.87 -27.85 91.38
C ASN F 44 -6.25 -28.83 92.36
N ASP F 45 -7.08 -29.67 93.01
CA ASP F 45 -6.62 -30.60 94.03
C ASP F 45 -5.57 -31.57 93.52
N TRP F 46 -5.46 -31.76 92.19
CA TRP F 46 -4.51 -32.73 91.65
C TRP F 46 -3.08 -32.45 92.12
N ALA F 47 -2.75 -31.18 92.36
CA ALA F 47 -1.40 -30.83 92.77
C ALA F 47 -1.02 -31.44 94.10
N ALA F 48 -2.01 -31.77 94.94
CA ALA F 48 -1.72 -32.46 96.20
C ALA F 48 -1.09 -33.82 95.99
N ALA F 49 -1.14 -34.34 94.77
CA ALA F 49 -0.58 -35.65 94.45
C ALA F 49 0.88 -35.62 94.01
N ILE F 50 1.39 -34.46 93.61
CA ILE F 50 2.79 -34.39 93.16
C ILE F 50 3.72 -34.54 94.35
N PRO F 51 4.69 -35.46 94.30
CA PRO F 51 5.58 -35.65 95.48
C PRO F 51 6.45 -34.44 95.77
N ASP F 52 6.97 -33.78 94.74
CA ASP F 52 7.78 -32.58 94.93
C ASP F 52 7.36 -31.58 93.87
N VAL F 53 6.63 -30.53 94.28
CA VAL F 53 6.05 -29.60 93.33
C VAL F 53 7.11 -28.74 92.65
N CYS F 54 8.29 -28.61 93.24
CA CYS F 54 9.30 -27.73 92.67
C CYS F 54 10.09 -28.44 91.57
N ARG F 55 10.18 -29.77 91.64
CA ARG F 55 10.81 -30.56 90.60
C ARG F 55 9.81 -31.20 89.65
N GLY F 56 8.56 -31.34 90.07
CA GLY F 56 7.48 -31.77 89.19
C GLY F 56 6.69 -30.56 88.71
N ARG F 57 7.39 -29.43 88.66
CA ARG F 57 6.89 -28.13 88.21
C ARG F 57 5.91 -28.22 87.05
N TRP F 58 4.74 -27.63 87.22
CA TRP F 58 3.80 -27.39 86.15
C TRP F 58 3.94 -25.93 85.70
N HIS F 59 3.45 -25.63 84.50
CA HIS F 59 3.50 -24.26 84.03
C HIS F 59 2.62 -23.37 84.89
N GLY F 60 3.23 -22.43 85.60
CA GLY F 60 2.52 -21.56 86.50
C GLY F 60 3.15 -21.48 87.87
N ILE F 61 4.06 -22.41 88.17
CA ILE F 61 4.84 -22.38 89.39
C ILE F 61 6.31 -22.30 89.01
N GLU F 62 7.06 -21.49 89.73
CA GLU F 62 8.49 -21.34 89.52
C GLU F 62 9.19 -21.42 90.87
N CYS F 63 10.26 -22.20 90.93
CA CYS F 63 11.05 -22.35 92.13
C CYS F 63 12.49 -21.92 91.87
N MET F 64 13.21 -21.64 92.94
CA MET F 64 14.63 -21.39 92.83
C MET F 64 15.29 -21.87 94.12
N PRO F 65 16.46 -22.47 94.02
CA PRO F 65 17.13 -23.01 95.21
C PRO F 65 18.06 -21.99 95.84
N ASP F 66 18.19 -22.09 97.17
CA ASP F 66 19.15 -21.29 97.89
C ASP F 66 20.53 -21.94 97.84
N GLN F 67 21.49 -21.35 98.56
CA GLN F 67 22.82 -21.94 98.62
C GLN F 67 22.82 -23.30 99.30
N ASP F 68 21.75 -23.61 100.05
CA ASP F 68 21.66 -24.84 100.82
C ASP F 68 20.95 -25.98 100.09
N ASN F 69 20.80 -25.88 98.76
CA ASN F 69 20.16 -26.93 97.95
C ASN F 69 18.72 -27.22 98.39
N VAL F 70 18.00 -26.20 98.83
CA VAL F 70 16.58 -26.32 99.16
C VAL F 70 15.79 -25.41 98.23
N TYR F 71 14.75 -25.95 97.60
CA TYR F 71 13.93 -25.20 96.66
C TYR F 71 12.95 -24.29 97.40
N HIS F 72 12.74 -23.10 96.86
CA HIS F 72 11.72 -22.18 97.37
C HIS F 72 10.81 -21.73 96.24
N VAL F 73 9.53 -21.59 96.57
CA VAL F 73 8.51 -21.13 95.62
C VAL F 73 8.65 -19.62 95.45
N VAL F 74 8.62 -19.15 94.20
CA VAL F 74 9.05 -17.80 93.85
C VAL F 74 7.98 -17.11 93.00
N SER F 75 7.33 -17.88 92.14
CA SER F 75 6.28 -17.36 91.28
C SER F 75 5.09 -18.31 91.31
N LEU F 76 3.89 -17.74 91.19
CA LEU F 76 2.66 -18.54 91.18
C LEU F 76 1.62 -17.82 90.34
N SER F 77 1.13 -18.47 89.29
CA SER F 77 0.20 -17.85 88.36
C SER F 77 -1.03 -18.72 88.18
N PHE F 78 -2.18 -18.07 88.05
CA PHE F 78 -3.45 -18.76 87.82
C PHE F 78 -4.24 -17.99 86.77
N GLY F 79 -5.06 -18.72 86.03
CA GLY F 79 -5.90 -18.14 85.00
C GLY F 79 -5.38 -18.42 83.61
N ALA F 80 -6.30 -18.44 82.65
CA ALA F 80 -5.95 -18.74 81.26
C ALA F 80 -5.43 -17.47 80.58
N LEU F 81 -4.22 -17.08 80.99
CA LEU F 81 -3.50 -16.07 80.21
C LEU F 81 -3.01 -16.65 78.89
N SER F 82 -2.87 -17.97 78.83
CA SER F 82 -2.43 -18.70 77.64
C SER F 82 -0.98 -18.39 77.32
N ASP F 83 -0.60 -18.69 76.07
CA ASP F 83 0.77 -18.73 75.52
C ASP F 83 0.78 -19.86 74.52
N ASP F 84 1.88 -20.61 74.47
CA ASP F 84 1.80 -21.99 74.02
C ASP F 84 1.13 -22.85 75.09
N THR F 85 1.55 -22.69 76.34
CA THR F 85 0.97 -23.35 77.50
C THR F 85 0.03 -22.38 78.24
N ALA F 86 -0.88 -22.94 79.01
CA ALA F 86 -1.79 -22.16 79.84
C ALA F 86 -1.59 -22.50 81.31
N PHE F 87 -1.96 -21.56 82.17
CA PHE F 87 -1.85 -21.77 83.61
C PHE F 87 -3.05 -22.58 84.09
N PRO F 88 -2.99 -23.10 85.31
CA PRO F 88 -4.18 -23.75 85.87
C PRO F 88 -5.32 -22.75 86.00
N THR F 89 -6.52 -23.20 85.65
CA THR F 89 -7.70 -22.38 85.82
C THR F 89 -8.39 -22.73 87.12
N CYS F 90 -9.29 -21.85 87.54
CA CYS F 90 -9.94 -21.97 88.82
C CYS F 90 -11.39 -22.35 88.63
N ASP F 91 -11.81 -23.40 89.32
CA ASP F 91 -13.21 -23.82 89.32
C ASP F 91 -14.06 -22.63 89.76
N PRO F 92 -14.99 -22.17 88.92
CA PRO F 92 -15.82 -21.02 89.31
C PRO F 92 -16.73 -21.33 90.49
N GLN F 93 -16.92 -22.60 90.81
CA GLN F 93 -17.74 -23.03 91.94
C GLN F 93 -16.98 -23.10 93.25
N ARG F 94 -15.68 -23.39 93.21
CA ARG F 94 -14.92 -23.73 94.41
C ARG F 94 -13.82 -22.75 94.77
N SER F 95 -13.25 -22.03 93.81
CA SER F 95 -11.95 -21.41 94.01
C SER F 95 -12.02 -20.23 94.97
N TYR F 96 -10.88 -19.95 95.61
CA TYR F 96 -10.71 -18.75 96.41
C TYR F 96 -9.22 -18.54 96.66
N VAL F 97 -8.88 -17.34 97.11
CA VAL F 97 -7.50 -16.99 97.44
C VAL F 97 -7.26 -17.42 98.88
N SER F 98 -6.40 -18.41 99.07
CA SER F 98 -6.17 -19.02 100.37
C SER F 98 -5.13 -18.24 101.16
N GLU F 99 -5.36 -18.13 102.47
CA GLU F 99 -4.39 -17.48 103.35
C GLU F 99 -3.04 -18.17 103.35
N SER F 100 -2.96 -19.43 102.91
CA SER F 100 -1.69 -20.15 102.91
C SER F 100 -0.65 -19.51 102.00
N LEU F 101 -1.03 -18.55 101.16
CA LEU F 101 -0.04 -17.77 100.43
C LEU F 101 0.97 -17.13 101.38
N THR F 102 0.57 -16.83 102.61
CA THR F 102 1.49 -16.21 103.56
C THR F 102 2.59 -17.17 104.02
N ARG F 103 2.40 -18.48 103.82
CA ARG F 103 3.45 -19.44 104.17
C ARG F 103 4.57 -19.48 103.14
N LEU F 104 4.37 -18.91 101.96
CA LEU F 104 5.40 -18.85 100.93
C LEU F 104 6.24 -17.60 101.22
N LYS F 105 7.33 -17.80 101.96
CA LYS F 105 8.11 -16.67 102.46
C LYS F 105 8.86 -15.94 101.35
N HIS F 106 9.18 -16.65 100.27
CA HIS F 106 10.05 -16.11 99.23
C HIS F 106 9.29 -15.73 97.96
N LEU F 107 7.96 -15.70 98.01
CA LEU F 107 7.15 -15.44 96.82
C LEU F 107 7.52 -14.10 96.20
N LYS F 108 7.93 -14.14 94.93
CA LYS F 108 8.31 -12.93 94.19
C LYS F 108 7.22 -12.43 93.27
N ALA F 109 6.39 -13.31 92.69
CA ALA F 109 5.36 -12.88 91.75
C ALA F 109 4.09 -13.69 91.94
N LEU F 110 2.95 -13.00 91.88
CA LEU F 110 1.63 -13.62 92.03
C LEU F 110 0.71 -13.12 90.93
N PHE F 111 0.21 -14.05 90.12
CA PHE F 111 -0.71 -13.77 89.02
C PHE F 111 -2.05 -14.45 89.27
N PHE F 112 -3.12 -13.69 89.17
CA PHE F 112 -4.48 -14.20 89.03
C PHE F 112 -5.12 -13.47 87.85
N TYR F 113 -5.52 -14.22 86.83
CA TYR F 113 -6.10 -13.64 85.62
C TYR F 113 -7.44 -14.32 85.34
N ARG F 114 -8.52 -13.57 85.49
CA ARG F 114 -9.85 -14.06 85.18
C ARG F 114 -10.17 -15.33 85.98
N CYS F 115 -9.62 -15.41 87.18
CA CYS F 115 -9.83 -16.54 88.07
C CYS F 115 -10.97 -16.13 88.97
N LEU F 116 -12.19 -16.41 88.53
CA LEU F 116 -13.38 -15.91 89.20
C LEU F 116 -13.89 -16.94 90.20
N GLY F 117 -14.21 -16.45 91.40
CA GLY F 117 -14.86 -17.28 92.39
C GLY F 117 -16.35 -17.33 92.15
N ARG F 118 -17.06 -17.91 93.11
CA ARG F 118 -18.51 -18.06 92.92
C ARG F 118 -19.24 -16.74 93.06
N ALA F 119 -18.80 -15.90 93.99
CA ALA F 119 -19.67 -14.89 94.54
C ALA F 119 -18.86 -13.69 95.02
N PRO F 120 -19.39 -12.76 95.81
CA PRO F 120 -18.54 -11.68 96.32
C PRO F 120 -17.30 -12.19 97.05
N GLN F 121 -16.16 -11.63 96.67
CA GLN F 121 -14.89 -11.83 97.36
C GLN F 121 -14.11 -10.52 97.28
N ARG F 122 -13.51 -10.14 98.39
CA ARG F 122 -12.71 -8.92 98.45
C ARG F 122 -11.25 -9.28 98.24
N ILE F 123 -10.44 -8.26 97.93
CA ILE F 123 -9.01 -8.48 97.92
C ILE F 123 -8.63 -8.82 99.36
N PRO F 124 -8.05 -9.99 99.61
CA PRO F 124 -7.75 -10.37 100.99
C PRO F 124 -6.62 -9.54 101.57
N ALA F 125 -6.81 -9.10 102.81
CA ALA F 125 -5.80 -8.24 103.45
C ALA F 125 -4.52 -8.99 103.75
N PHE F 126 -4.61 -10.31 103.98
CA PHE F 126 -3.41 -11.06 104.37
C PHE F 126 -2.33 -11.02 103.30
N LEU F 127 -2.64 -10.56 102.09
CA LEU F 127 -1.63 -10.42 101.07
C LEU F 127 -0.51 -9.48 101.50
N GLY F 128 -0.79 -8.56 102.43
CA GLY F 128 0.27 -7.72 102.97
C GLY F 128 1.30 -8.46 103.78
N ARG F 129 0.94 -9.62 104.33
CA ARG F 129 1.79 -10.39 105.24
C ARG F 129 2.95 -11.09 104.54
N LEU F 130 3.13 -10.90 103.23
CA LEU F 130 4.31 -11.45 102.56
C LEU F 130 5.14 -10.33 101.96
N GLY F 131 5.59 -9.40 102.81
CA GLY F 131 6.00 -8.07 102.36
C GLY F 131 7.19 -7.93 101.43
N SER F 132 8.40 -8.17 101.93
CA SER F 132 9.59 -7.74 101.21
C SER F 132 9.84 -8.54 99.93
N SER F 133 9.40 -9.80 99.87
CA SER F 133 9.73 -10.64 98.72
C SER F 133 8.93 -10.25 97.48
N LEU F 134 7.64 -9.95 97.65
CA LEU F 134 6.76 -9.74 96.50
C LEU F 134 7.14 -8.49 95.72
N GLN F 135 7.32 -8.65 94.41
CA GLN F 135 7.56 -7.52 93.51
C GLN F 135 6.54 -7.38 92.39
N THR F 136 5.75 -8.42 92.11
CA THR F 136 4.73 -8.36 91.08
C THR F 136 3.44 -8.92 91.65
N LEU F 137 2.42 -8.07 91.74
CA LEU F 137 1.08 -8.50 92.15
C LEU F 137 0.11 -8.14 91.03
N VAL F 138 -0.42 -9.16 90.37
CA VAL F 138 -1.37 -8.97 89.29
C VAL F 138 -2.64 -9.71 89.68
N LEU F 139 -3.71 -8.96 89.97
CA LEU F 139 -5.03 -9.50 90.27
C LEU F 139 -6.02 -8.94 89.25
N ARG F 140 -5.90 -9.39 88.01
CA ARG F 140 -6.58 -8.79 86.86
C ARG F 140 -7.90 -9.51 86.58
N GLU F 141 -8.98 -8.74 86.47
CA GLU F 141 -10.29 -9.22 86.05
C GLU F 141 -10.76 -10.43 86.85
N ASN F 142 -10.79 -10.28 88.17
CA ASN F 142 -11.17 -11.37 89.05
C ASN F 142 -12.50 -11.15 89.74
N GLY F 143 -13.18 -10.04 89.47
CA GLY F 143 -14.44 -9.78 90.12
C GLY F 143 -14.34 -9.35 91.56
N PHE F 144 -13.17 -8.89 92.00
CA PHE F 144 -12.99 -8.46 93.38
C PHE F 144 -13.89 -7.27 93.72
N LEU F 145 -14.39 -7.26 94.95
CA LEU F 145 -15.30 -6.24 95.42
C LEU F 145 -14.67 -5.43 96.54
N GLY F 146 -15.39 -4.40 96.96
CA GLY F 146 -15.05 -3.62 98.13
C GLY F 146 -13.82 -2.75 97.91
N PRO F 147 -13.32 -2.16 98.98
CA PRO F 147 -12.17 -1.26 98.86
C PRO F 147 -10.85 -2.02 98.76
N ILE F 148 -9.87 -1.34 98.21
CA ILE F 148 -8.51 -1.91 98.21
C ILE F 148 -7.99 -1.95 99.64
N PRO F 149 -7.52 -3.10 100.12
CA PRO F 149 -7.01 -3.16 101.50
C PRO F 149 -5.82 -2.26 101.70
N ASP F 150 -5.80 -1.56 102.84
CA ASP F 150 -4.69 -0.66 103.16
C ASP F 150 -3.38 -1.42 103.32
N GLU F 151 -3.42 -2.65 103.84
CA GLU F 151 -2.20 -3.37 104.14
C GLU F 151 -1.49 -3.88 102.89
N LEU F 152 -2.08 -3.68 101.71
CA LEU F 152 -1.30 -3.81 100.48
C LEU F 152 -0.10 -2.88 100.48
N GLY F 153 -0.11 -1.84 101.32
CA GLY F 153 1.05 -0.98 101.47
C GLY F 153 2.24 -1.65 102.12
N ASN F 154 2.03 -2.78 102.80
CA ASN F 154 3.17 -3.50 103.37
C ASN F 154 4.07 -4.09 102.29
N LEU F 155 3.54 -4.33 101.10
CA LEU F 155 4.29 -4.90 99.98
C LEU F 155 5.25 -3.83 99.46
N THR F 156 6.35 -3.67 100.19
CA THR F 156 7.23 -2.51 100.01
C THR F 156 7.94 -2.53 98.66
N ASN F 157 8.41 -3.71 98.23
CA ASN F 157 9.23 -3.81 97.03
C ASN F 157 8.43 -4.06 95.76
N LEU F 158 7.11 -3.91 95.80
CA LEU F 158 6.28 -4.05 94.61
C LEU F 158 6.75 -3.15 93.48
N LYS F 159 6.92 -3.73 92.31
CA LYS F 159 7.29 -2.98 91.11
C LYS F 159 6.23 -2.99 90.03
N VAL F 160 5.35 -4.00 90.00
CA VAL F 160 4.19 -4.02 89.11
C VAL F 160 2.96 -4.35 89.95
N LEU F 161 1.99 -3.45 89.95
CA LEU F 161 0.72 -3.69 90.61
C LEU F 161 -0.38 -3.52 89.56
N ASP F 162 -1.17 -4.56 89.36
CA ASP F 162 -2.21 -4.55 88.33
C ASP F 162 -3.50 -5.02 88.95
N LEU F 163 -4.48 -4.13 89.07
CA LEU F 163 -5.79 -4.41 89.61
C LEU F 163 -6.87 -4.10 88.59
N HIS F 164 -6.55 -4.34 87.31
CA HIS F 164 -7.40 -3.90 86.22
C HIS F 164 -8.75 -4.62 86.21
N LYS F 165 -9.80 -3.87 85.92
CA LYS F 165 -11.16 -4.36 85.69
C LYS F 165 -11.63 -5.34 86.77
N ASN F 166 -11.69 -4.83 88.00
CA ASN F 166 -12.40 -5.46 89.08
C ASN F 166 -13.64 -4.61 89.36
N HIS F 167 -14.14 -4.64 90.60
CA HIS F 167 -15.31 -3.84 91.00
C HIS F 167 -15.01 -3.17 92.35
N LEU F 168 -13.96 -2.35 92.37
CA LEU F 168 -13.34 -1.94 93.62
C LEU F 168 -13.97 -0.66 94.18
N ASN F 169 -14.50 -0.77 95.39
CA ASN F 169 -15.11 0.34 96.11
C ASN F 169 -14.05 1.36 96.56
N GLY F 170 -14.53 2.56 96.85
CA GLY F 170 -13.79 3.49 97.70
C GLY F 170 -12.59 4.16 97.04
N SER F 171 -11.66 4.57 97.90
CA SER F 171 -10.55 5.43 97.56
C SER F 171 -9.28 4.63 97.29
N ILE F 172 -8.32 5.27 96.64
CA ILE F 172 -6.99 4.71 96.51
C ILE F 172 -6.27 4.82 97.85
N PRO F 173 -5.78 3.72 98.41
CA PRO F 173 -5.16 3.78 99.73
C PRO F 173 -3.94 4.68 99.75
N LEU F 174 -3.80 5.45 100.84
CA LEU F 174 -2.63 6.31 100.98
C LEU F 174 -1.35 5.52 101.24
N SER F 175 -1.45 4.30 101.77
CA SER F 175 -0.26 3.51 102.02
C SER F 175 0.46 3.09 100.73
N PHE F 176 -0.18 3.29 99.56
CA PHE F 176 0.54 3.13 98.31
C PHE F 176 1.73 4.08 98.22
N ASN F 177 1.78 5.09 99.09
CA ASN F 177 2.95 5.94 99.23
C ASN F 177 4.21 5.13 99.46
N ARG F 178 4.09 3.96 100.10
CA ARG F 178 5.23 3.14 100.50
C ARG F 178 5.85 2.37 99.34
N PHE F 179 5.23 2.38 98.15
CA PHE F 179 5.73 1.68 96.98
C PHE F 179 6.84 2.50 96.30
N SER F 180 7.99 2.58 96.98
CA SER F 180 9.07 3.45 96.51
C SER F 180 9.61 2.99 95.17
N GLY F 181 9.70 1.68 94.95
CA GLY F 181 10.23 1.15 93.72
C GLY F 181 9.22 0.88 92.62
N LEU F 182 7.97 1.30 92.80
CA LEU F 182 6.91 0.93 91.85
C LEU F 182 7.23 1.43 90.46
N ARG F 183 7.17 0.52 89.48
CA ARG F 183 7.37 0.84 88.08
C ARG F 183 6.08 0.99 87.30
N SER F 184 5.03 0.27 87.70
CA SER F 184 3.79 0.19 86.92
C SER F 184 2.62 0.09 87.87
N LEU F 185 1.71 1.06 87.79
CA LEU F 185 0.49 1.05 88.59
C LEU F 185 -0.70 1.05 87.65
N ASP F 186 -1.51 0.00 87.72
CA ASP F 186 -2.66 -0.17 86.83
C ASP F 186 -3.88 -0.46 87.70
N LEU F 187 -4.73 0.56 87.88
CA LEU F 187 -5.97 0.44 88.64
C LEU F 187 -7.18 0.67 87.73
N SER F 188 -7.02 0.41 86.44
CA SER F 188 -8.02 0.75 85.44
C SER F 188 -9.28 -0.10 85.61
N GLY F 189 -10.42 0.48 85.26
CA GLY F 189 -11.66 -0.28 85.16
C GLY F 189 -12.29 -0.68 86.48
N ASN F 190 -12.19 0.17 87.49
CA ASN F 190 -12.87 -0.10 88.75
C ASN F 190 -13.86 1.01 89.05
N ARG F 191 -14.25 1.16 90.31
CA ARG F 191 -15.16 2.21 90.73
C ARG F 191 -14.51 3.05 91.84
N LEU F 192 -13.22 3.32 91.69
CA LEU F 192 -12.49 4.08 92.69
C LEU F 192 -12.96 5.53 92.69
N THR F 193 -13.09 6.09 93.89
CA THR F 193 -13.61 7.43 94.08
C THR F 193 -12.59 8.27 94.85
N GLY F 194 -12.92 9.53 95.08
CA GLY F 194 -12.00 10.45 95.72
C GLY F 194 -10.99 11.02 94.74
N SER F 195 -10.14 11.89 95.27
CA SER F 195 -9.10 12.48 94.45
C SER F 195 -7.91 11.53 94.36
N ILE F 196 -7.18 11.62 93.25
CA ILE F 196 -5.96 10.84 93.07
C ILE F 196 -4.96 11.24 94.13
N PRO F 197 -4.60 10.36 95.06
CA PRO F 197 -3.60 10.72 96.07
C PRO F 197 -2.27 11.05 95.42
N GLY F 198 -1.56 12.01 96.01
CA GLY F 198 -0.33 12.49 95.44
C GLY F 198 0.94 11.84 95.97
N PHE F 199 1.24 10.64 95.50
CA PHE F 199 2.53 10.03 95.80
C PHE F 199 3.60 10.61 94.87
N VAL F 200 4.84 10.59 95.35
CA VAL F 200 5.99 10.93 94.51
C VAL F 200 6.81 9.66 94.32
N LEU F 201 6.53 8.93 93.25
CA LEU F 201 7.17 7.64 92.99
C LEU F 201 8.24 7.82 91.93
N PRO F 202 9.52 7.82 92.28
CA PRO F 202 10.56 8.23 91.31
C PRO F 202 10.80 7.22 90.20
N ALA F 203 10.46 5.95 90.38
CA ALA F 203 10.67 4.93 89.37
C ALA F 203 9.40 4.59 88.60
N LEU F 204 8.30 5.28 88.86
CA LEU F 204 7.04 4.93 88.23
C LEU F 204 7.10 5.22 86.74
N SER F 205 6.80 4.20 85.93
CA SER F 205 6.91 4.32 84.48
C SER F 205 5.55 4.43 83.80
N VAL F 206 4.58 3.59 84.17
CA VAL F 206 3.23 3.67 83.64
C VAL F 206 2.26 3.91 84.80
N LEU F 207 1.38 4.89 84.63
CA LEU F 207 0.32 5.18 85.57
C LEU F 207 -1.00 5.11 84.81
N ASP F 208 -1.77 4.07 85.08
CA ASP F 208 -3.04 3.82 84.41
C ASP F 208 -4.14 3.78 85.47
N LEU F 209 -4.94 4.84 85.53
CA LEU F 209 -6.08 4.90 86.42
C LEU F 209 -7.37 5.18 85.65
N ASN F 210 -7.40 4.85 84.36
CA ASN F 210 -8.51 5.27 83.52
C ASN F 210 -9.74 4.42 83.81
N GLN F 211 -10.90 5.01 83.53
CA GLN F 211 -12.21 4.41 83.79
C GLN F 211 -12.39 4.08 85.27
N ASN F 212 -12.47 5.15 86.05
CA ASN F 212 -12.87 5.10 87.46
C ASN F 212 -13.81 6.27 87.70
N LEU F 213 -13.90 6.69 88.96
CA LEU F 213 -14.72 7.83 89.37
C LEU F 213 -13.89 8.80 90.20
N LEU F 214 -12.64 9.01 89.79
CA LEU F 214 -11.74 9.88 90.53
C LEU F 214 -12.11 11.34 90.31
N THR F 215 -11.83 12.16 91.32
CA THR F 215 -12.24 13.55 91.33
C THR F 215 -11.05 14.40 91.75
N GLY F 216 -11.31 15.68 92.02
CA GLY F 216 -10.28 16.60 92.43
C GLY F 216 -9.40 17.05 91.29
N PRO F 217 -8.37 17.82 91.59
CA PRO F 217 -7.45 18.29 90.55
C PRO F 217 -6.47 17.21 90.14
N VAL F 218 -5.70 17.53 89.10
CA VAL F 218 -4.49 16.78 88.80
C VAL F 218 -3.55 16.97 89.98
N PRO F 219 -3.13 15.91 90.65
CA PRO F 219 -2.20 16.05 91.78
C PRO F 219 -0.92 16.74 91.33
N PRO F 220 -0.44 17.72 92.09
CA PRO F 220 0.81 18.39 91.70
C PRO F 220 2.01 17.45 91.72
N THR F 221 2.10 16.59 92.73
CA THR F 221 3.20 15.64 92.85
C THR F 221 3.31 14.74 91.63
N LEU F 222 2.24 14.62 90.83
CA LEU F 222 2.32 13.88 89.58
C LEU F 222 3.47 14.36 88.72
N THR F 223 3.62 15.69 88.59
CA THR F 223 4.69 16.22 87.76
C THR F 223 6.08 15.96 88.33
N SER F 224 6.18 15.33 89.50
CA SER F 224 7.47 15.00 90.09
C SER F 224 7.85 13.54 89.90
N CYS F 225 6.98 12.75 89.26
CA CYS F 225 7.32 11.37 88.90
C CYS F 225 7.95 11.39 87.51
N GLY F 226 9.26 11.62 87.47
CA GLY F 226 9.93 11.89 86.21
C GLY F 226 10.15 10.70 85.31
N SER F 227 9.98 9.48 85.83
CA SER F 227 10.13 8.29 85.01
C SER F 227 8.88 7.97 84.21
N LEU F 228 7.82 8.76 84.35
CA LEU F 228 6.55 8.45 83.73
C LEU F 228 6.66 8.54 82.21
N ILE F 229 6.32 7.45 81.53
CA ILE F 229 6.18 7.46 80.07
C ILE F 229 4.73 7.38 79.63
N LYS F 230 3.80 6.98 80.50
CA LYS F 230 2.40 6.88 80.16
C LYS F 230 1.54 7.36 81.32
N ILE F 231 0.67 8.33 81.05
CA ILE F 231 -0.32 8.78 82.02
C ILE F 231 -1.68 8.64 81.37
N ASP F 232 -2.48 7.70 81.89
CA ASP F 232 -3.83 7.46 81.39
C ASP F 232 -4.80 7.74 82.52
N LEU F 233 -5.42 8.93 82.47
CA LEU F 233 -6.46 9.32 83.41
C LEU F 233 -7.82 9.46 82.74
N SER F 234 -7.97 8.89 81.55
CA SER F 234 -9.17 9.09 80.77
C SER F 234 -10.39 8.48 81.45
N ARG F 235 -11.55 9.04 81.14
CA ARG F 235 -12.83 8.62 81.71
C ARG F 235 -12.79 8.59 83.24
N ASN F 236 -12.65 9.80 83.79
CA ASN F 236 -12.80 10.04 85.22
C ASN F 236 -13.54 11.36 85.38
N ARG F 237 -13.41 11.99 86.55
CA ARG F 237 -14.03 13.27 86.85
C ARG F 237 -13.00 14.24 87.38
N VAL F 238 -11.78 14.19 86.84
CA VAL F 238 -10.73 15.08 87.33
C VAL F 238 -11.01 16.49 86.84
N THR F 239 -10.90 17.45 87.75
CA THR F 239 -11.24 18.84 87.47
C THR F 239 -9.98 19.70 87.55
N GLY F 240 -10.13 20.95 87.13
CA GLY F 240 -9.07 21.92 87.20
C GLY F 240 -8.29 22.04 85.90
N PRO F 241 -7.15 22.73 85.95
CA PRO F 241 -6.36 22.91 84.73
C PRO F 241 -5.20 21.94 84.63
N ILE F 242 -4.71 21.72 83.42
CA ILE F 242 -3.49 20.96 83.23
C ILE F 242 -2.36 21.79 83.83
N PRO F 243 -1.67 21.29 84.86
CA PRO F 243 -0.67 22.11 85.54
C PRO F 243 0.48 22.46 84.61
N GLU F 244 0.95 23.71 84.72
CA GLU F 244 2.04 24.17 83.86
C GLU F 244 3.37 23.47 84.14
N SER F 245 3.40 22.54 85.09
CA SER F 245 4.61 21.82 85.46
C SER F 245 4.70 20.45 84.80
N ILE F 246 3.85 20.16 83.82
CA ILE F 246 4.01 18.92 83.06
C ILE F 246 5.25 18.97 82.19
N ASN F 247 5.79 20.16 81.94
CA ASN F 247 7.03 20.31 81.18
C ASN F 247 8.18 19.54 81.83
N ARG F 248 8.06 19.18 83.10
CA ARG F 248 9.09 18.41 83.79
C ARG F 248 9.08 16.93 83.40
N LEU F 249 8.08 16.48 82.66
CA LEU F 249 7.92 15.07 82.33
C LEU F 249 8.56 14.80 80.97
N ASN F 250 9.89 14.91 80.94
CA ASN F 250 10.66 14.84 79.71
C ASN F 250 10.68 13.46 79.07
N GLN F 251 10.15 12.45 79.74
CA GLN F 251 10.11 11.09 79.20
C GLN F 251 8.70 10.64 78.82
N LEU F 252 7.71 11.51 78.96
CA LEU F 252 6.31 11.12 78.81
C LEU F 252 5.98 10.92 77.34
N VAL F 253 5.50 9.74 77.00
CA VAL F 253 5.16 9.38 75.62
C VAL F 253 3.68 9.59 75.34
N LEU F 254 2.81 9.18 76.27
CA LEU F 254 1.37 9.22 76.06
C LEU F 254 0.70 9.93 77.22
N LEU F 255 -0.10 10.94 76.92
CA LEU F 255 -0.86 11.66 77.94
C LEU F 255 -2.32 11.68 77.50
N ASP F 256 -3.14 10.91 78.21
CA ASP F 256 -4.56 10.78 77.90
C ASP F 256 -5.37 11.30 79.08
N LEU F 257 -6.00 12.44 78.90
CA LEU F 257 -6.88 13.02 79.91
C LEU F 257 -8.30 13.20 79.38
N SER F 258 -8.67 12.41 78.38
CA SER F 258 -9.95 12.54 77.71
C SER F 258 -11.10 12.15 78.62
N TYR F 259 -12.25 12.81 78.40
CA TYR F 259 -13.49 12.51 79.12
C TYR F 259 -13.33 12.71 80.62
N ASN F 260 -12.89 13.92 80.97
CA ASN F 260 -12.85 14.36 82.36
C ASN F 260 -13.61 15.68 82.43
N ARG F 261 -13.35 16.45 83.48
CA ARG F 261 -13.94 17.77 83.68
C ARG F 261 -12.85 18.83 83.81
N LEU F 262 -11.84 18.74 82.95
CA LEU F 262 -10.74 19.69 82.94
C LEU F 262 -11.19 21.01 82.33
N SER F 263 -10.43 22.06 82.66
CA SER F 263 -10.73 23.42 82.19
C SER F 263 -9.43 24.08 81.76
N GLY F 264 -9.59 25.16 80.99
CA GLY F 264 -8.46 25.90 80.47
C GLY F 264 -7.66 26.63 81.54
N PRO F 265 -6.53 27.22 81.14
CA PRO F 265 -6.07 27.19 79.75
C PRO F 265 -5.07 26.08 79.50
N PHE F 266 -4.54 26.02 78.28
CA PHE F 266 -3.34 25.24 78.07
C PHE F 266 -2.20 25.88 78.86
N PRO F 267 -1.21 25.10 79.27
CA PRO F 267 0.03 25.71 79.75
C PRO F 267 0.62 26.60 78.67
N SER F 268 1.23 27.71 79.09
CA SER F 268 1.79 28.65 78.13
C SER F 268 2.87 27.99 77.27
N SER F 269 3.50 26.95 77.79
CA SER F 269 4.60 26.30 77.10
C SER F 269 4.56 24.81 77.38
N LEU F 270 4.73 24.01 76.32
CA LEU F 270 4.77 22.55 76.43
C LEU F 270 6.12 22.02 75.96
N GLN F 271 7.16 22.86 75.98
CA GLN F 271 8.40 22.54 75.28
C GLN F 271 9.21 21.47 75.99
N GLY F 272 9.06 21.33 77.30
CA GLY F 272 9.81 20.30 77.99
C GLY F 272 9.29 18.90 77.76
N LEU F 273 8.21 18.76 77.00
CA LEU F 273 7.58 17.48 76.73
C LEU F 273 8.06 16.84 75.44
N ASN F 274 9.38 16.70 75.30
CA ASN F 274 9.89 15.82 74.26
C ASN F 274 9.65 14.37 74.68
N SER F 275 9.61 13.49 73.68
CA SER F 275 9.17 12.10 73.70
C SER F 275 7.66 11.97 73.66
N LEU F 276 6.90 13.07 73.77
CA LEU F 276 5.44 13.00 73.76
C LEU F 276 4.96 12.75 72.33
N GLN F 277 4.37 11.57 72.11
CA GLN F 277 3.81 11.20 70.81
C GLN F 277 2.31 11.40 70.73
N ALA F 278 1.61 11.40 71.85
CA ALA F 278 0.16 11.41 71.84
C ALA F 278 -0.39 12.22 73.00
N LEU F 279 -1.27 13.17 72.67
CA LEU F 279 -1.96 13.99 73.65
C LEU F 279 -3.45 13.99 73.32
N MET F 280 -4.25 13.47 74.25
CA MET F 280 -5.69 13.37 74.05
C MET F 280 -6.42 14.08 75.18
N LEU F 281 -7.30 15.03 74.82
CA LEU F 281 -8.18 15.70 75.76
C LEU F 281 -9.63 15.65 75.31
N LYS F 282 -9.98 14.69 74.45
CA LYS F 282 -11.33 14.63 73.88
C LYS F 282 -12.38 14.49 74.98
N GLY F 283 -13.47 15.25 74.85
CA GLY F 283 -14.61 15.11 75.72
C GLY F 283 -14.55 15.89 77.01
N ASN F 284 -13.52 16.72 77.21
CA ASN F 284 -13.51 17.69 78.29
C ASN F 284 -14.34 18.88 77.83
N THR F 285 -15.66 18.71 77.90
CA THR F 285 -16.61 19.56 77.20
C THR F 285 -16.69 20.98 77.74
N LYS F 286 -15.98 21.30 78.83
CA LYS F 286 -15.93 22.67 79.34
C LYS F 286 -14.50 23.15 79.49
N PHE F 287 -13.61 22.70 78.59
CA PHE F 287 -12.24 23.21 78.58
C PHE F 287 -12.24 24.71 78.29
N SER F 288 -12.87 25.10 77.18
CA SER F 288 -13.27 26.48 76.92
C SER F 288 -12.08 27.45 77.00
N THR F 289 -11.14 27.24 76.08
CA THR F 289 -10.01 28.14 75.93
C THR F 289 -9.66 28.24 74.46
N THR F 290 -8.59 28.96 74.16
CA THR F 290 -8.04 29.03 72.82
C THR F 290 -6.73 28.26 72.77
N ILE F 291 -6.23 28.06 71.56
CA ILE F 291 -4.95 27.38 71.37
C ILE F 291 -3.94 28.45 70.94
N PRO F 292 -3.14 28.98 71.85
CA PRO F 292 -2.14 29.96 71.47
C PRO F 292 -1.18 29.39 70.44
N GLU F 293 -0.71 30.27 69.55
CA GLU F 293 0.36 29.87 68.64
C GLU F 293 1.51 29.23 69.40
N ASN F 294 1.77 29.71 70.62
CA ASN F 294 2.87 29.28 71.47
C ASN F 294 2.66 27.94 72.15
N ALA F 295 1.45 27.37 72.08
CA ALA F 295 1.11 26.26 72.95
C ALA F 295 1.94 25.02 72.61
N PHE F 296 1.88 24.58 71.36
CA PHE F 296 2.41 23.28 70.96
C PHE F 296 3.76 23.38 70.26
N LYS F 297 4.45 24.51 70.36
CA LYS F 297 5.77 24.62 69.75
C LYS F 297 6.80 23.84 70.55
N GLY F 298 7.70 23.16 69.84
CA GLY F 298 8.79 22.43 70.46
C GLY F 298 8.54 20.94 70.61
N LEU F 299 7.33 20.46 70.32
CA LEU F 299 7.01 19.04 70.44
C LEU F 299 7.55 18.32 69.21
N LYS F 300 8.81 17.88 69.30
CA LYS F 300 9.48 17.28 68.15
C LYS F 300 8.83 15.96 67.74
N ASN F 301 8.29 15.21 68.69
CA ASN F 301 7.82 13.86 68.44
C ASN F 301 6.31 13.71 68.52
N LEU F 302 5.56 14.82 68.54
CA LEU F 302 4.10 14.74 68.63
C LEU F 302 3.53 14.16 67.34
N MET F 303 2.95 12.97 67.43
CA MET F 303 2.29 12.32 66.29
C MET F 303 0.78 12.45 66.31
N ILE F 304 0.17 12.42 67.50
CA ILE F 304 -1.28 12.34 67.64
C ILE F 304 -1.74 13.43 68.60
N LEU F 305 -2.65 14.29 68.12
CA LEU F 305 -3.20 15.37 68.93
C LEU F 305 -4.71 15.40 68.74
N VAL F 306 -5.45 15.02 69.79
CA VAL F 306 -6.90 14.95 69.73
C VAL F 306 -7.47 15.98 70.71
N LEU F 307 -8.11 17.01 70.18
CA LEU F 307 -8.71 18.07 70.99
C LEU F 307 -10.17 18.26 70.60
N SER F 308 -10.85 17.17 70.26
CA SER F 308 -12.22 17.25 69.79
C SER F 308 -13.20 17.33 70.95
N ASN F 309 -14.31 18.04 70.71
CA ASN F 309 -15.40 18.15 71.67
C ASN F 309 -14.90 18.66 73.03
N THR F 310 -14.29 19.83 73.00
CA THR F 310 -13.81 20.48 74.22
C THR F 310 -14.14 21.96 74.29
N ASN F 311 -14.99 22.46 73.40
CA ASN F 311 -15.40 23.86 73.38
C ASN F 311 -14.18 24.78 73.21
N ILE F 312 -13.21 24.34 72.41
CA ILE F 312 -12.04 25.17 72.13
C ILE F 312 -12.46 26.37 71.30
N GLN F 313 -11.92 27.54 71.66
CA GLN F 313 -12.31 28.81 71.07
C GLN F 313 -11.17 29.37 70.23
N GLY F 314 -11.52 30.30 69.34
CA GLY F 314 -10.53 31.04 68.59
C GLY F 314 -10.28 30.49 67.20
N SER F 315 -9.04 30.60 66.73
CA SER F 315 -8.66 30.21 65.39
C SER F 315 -7.55 29.16 65.44
N ILE F 316 -7.56 28.27 64.47
CA ILE F 316 -6.55 27.23 64.33
C ILE F 316 -5.17 27.86 64.25
N PRO F 317 -4.33 27.71 65.26
CA PRO F 317 -2.97 28.27 65.17
C PRO F 317 -2.18 27.63 64.04
N LYS F 318 -1.50 28.46 63.26
CA LYS F 318 -0.69 27.95 62.17
C LYS F 318 0.56 27.22 62.66
N SER F 319 0.88 27.34 63.95
CA SER F 319 2.04 26.64 64.49
C SER F 319 1.88 25.12 64.39
N LEU F 320 0.63 24.63 64.41
CA LEU F 320 0.37 23.21 64.21
C LEU F 320 0.90 22.75 62.86
N THR F 321 0.99 23.66 61.89
CA THR F 321 1.56 23.34 60.59
C THR F 321 3.00 22.87 60.72
N ARG F 322 3.76 23.42 61.66
CA ARG F 322 5.19 23.16 61.74
C ARG F 322 5.55 22.02 62.69
N LEU F 323 4.58 21.22 63.13
CA LEU F 323 4.88 20.01 63.90
C LEU F 323 5.27 18.89 62.94
N ASN F 324 6.50 18.41 63.07
CA ASN F 324 7.07 17.54 62.03
C ASN F 324 6.48 16.14 62.06
N SER F 325 6.31 15.57 63.25
CA SER F 325 5.89 14.18 63.39
C SER F 325 4.37 14.01 63.41
N LEU F 326 3.61 15.07 63.24
CA LEU F 326 2.16 15.02 63.41
C LEU F 326 1.52 14.20 62.28
N ARG F 327 0.81 13.15 62.66
CA ARG F 327 0.04 12.34 61.72
C ARG F 327 -1.47 12.50 61.87
N VAL F 328 -1.95 12.74 63.08
CA VAL F 328 -3.38 12.72 63.37
C VAL F 328 -3.74 14.00 64.12
N LEU F 329 -4.65 14.78 63.55
CA LEU F 329 -5.06 16.07 64.13
C LEU F 329 -6.57 16.09 64.20
N HIS F 330 -7.10 16.05 65.43
CA HIS F 330 -8.55 16.00 65.69
C HIS F 330 -8.96 17.29 66.36
N LEU F 331 -9.68 18.14 65.63
CA LEU F 331 -10.23 19.38 66.19
C LEU F 331 -11.73 19.51 65.93
N GLU F 332 -12.42 18.40 65.68
CA GLU F 332 -13.83 18.43 65.35
C GLU F 332 -14.68 18.69 66.58
N GLY F 333 -15.80 19.38 66.37
CA GLY F 333 -16.76 19.59 67.44
C GLY F 333 -16.42 20.69 68.43
N ASN F 334 -15.83 21.79 67.96
CA ASN F 334 -15.51 22.91 68.84
C ASN F 334 -16.15 24.17 68.28
N ASN F 335 -15.68 25.33 68.77
CA ASN F 335 -16.13 26.63 68.31
C ASN F 335 -14.99 27.37 67.61
N LEU F 336 -14.20 26.63 66.83
CA LEU F 336 -13.11 27.24 66.09
C LEU F 336 -13.65 28.14 64.98
N THR F 337 -12.98 29.27 64.76
CA THR F 337 -13.47 30.27 63.83
C THR F 337 -12.31 30.82 63.00
N GLY F 338 -12.66 31.36 61.84
CA GLY F 338 -11.73 32.11 61.03
C GLY F 338 -11.22 31.35 59.82
N GLU F 339 -10.07 31.80 59.33
CA GLU F 339 -9.45 31.20 58.17
C GLU F 339 -8.70 29.95 58.58
N ILE F 340 -8.77 28.91 57.76
CA ILE F 340 -7.84 27.80 57.89
C ILE F 340 -6.50 28.32 57.41
N PRO F 341 -5.46 28.30 58.24
CA PRO F 341 -4.15 28.82 57.80
C PRO F 341 -3.72 28.22 56.48
N LEU F 342 -3.36 29.09 55.53
CA LEU F 342 -2.97 28.66 54.20
C LEU F 342 -1.74 27.75 54.22
N GLU F 343 -0.97 27.80 55.31
CA GLU F 343 0.20 26.93 55.45
C GLU F 343 -0.16 25.45 55.47
N PHE F 344 -1.43 25.12 55.76
CA PHE F 344 -1.88 23.73 55.65
C PHE F 344 -1.74 23.20 54.23
N ARG F 345 -1.73 24.09 53.24
CA ARG F 345 -1.44 23.69 51.87
C ARG F 345 -0.12 22.94 51.76
N ASP F 346 0.82 23.20 52.67
CA ASP F 346 2.17 22.66 52.57
C ASP F 346 2.38 21.44 53.47
N VAL F 347 1.32 20.88 54.04
CA VAL F 347 1.38 19.73 54.94
C VAL F 347 1.01 18.48 54.14
N LYS F 348 1.96 17.56 54.01
CA LYS F 348 1.78 16.35 53.21
C LYS F 348 1.95 15.06 54.03
N HIS F 349 2.03 15.17 55.36
CA HIS F 349 2.22 14.01 56.22
C HIS F 349 1.06 13.71 57.15
N LEU F 350 0.03 14.55 57.18
CA LEU F 350 -1.15 14.25 57.99
C LEU F 350 -1.93 13.12 57.36
N SER F 351 -2.23 12.08 58.14
CA SER F 351 -3.07 10.98 57.67
C SER F 351 -4.52 11.14 58.08
N GLU F 352 -4.79 11.75 59.23
CA GLU F 352 -6.14 12.13 59.64
C GLU F 352 -6.14 13.60 60.03
N LEU F 353 -7.12 14.34 59.51
CA LEU F 353 -7.31 15.73 59.86
C LEU F 353 -8.80 16.01 59.87
N ARG F 354 -9.34 16.28 61.06
CA ARG F 354 -10.77 16.54 61.21
C ARG F 354 -10.96 17.97 61.69
N LEU F 355 -11.68 18.76 60.90
CA LEU F 355 -12.08 20.10 61.27
C LEU F 355 -13.59 20.28 61.24
N ASN F 356 -14.34 19.19 61.07
CA ASN F 356 -15.78 19.28 60.91
C ASN F 356 -16.44 19.76 62.20
N ASP F 357 -17.65 20.32 62.04
CA ASP F 357 -18.50 20.74 63.16
C ASP F 357 -17.85 21.84 64.01
N ASN F 358 -17.30 22.84 63.31
CA ASN F 358 -16.95 24.12 63.92
C ASN F 358 -17.69 25.22 63.17
N SER F 359 -17.14 26.43 63.19
CA SER F 359 -17.60 27.52 62.34
C SER F 359 -16.43 28.19 61.64
N LEU F 360 -15.59 27.37 61.01
CA LEU F 360 -14.56 27.89 60.10
C LEU F 360 -15.23 28.56 58.90
N THR F 361 -14.47 29.43 58.23
CA THR F 361 -15.11 30.35 57.30
C THR F 361 -14.36 30.63 56.00
N GLY F 362 -13.06 30.38 55.90
CA GLY F 362 -12.35 30.81 54.71
C GLY F 362 -12.56 29.89 53.53
N PRO F 363 -11.65 29.93 52.56
CA PRO F 363 -11.63 28.89 51.52
C PRO F 363 -10.67 27.78 51.90
N VAL F 364 -11.08 26.55 51.63
CA VAL F 364 -10.24 25.43 52.05
C VAL F 364 -8.92 25.48 51.30
N PRO F 365 -7.79 25.51 52.01
CA PRO F 365 -6.48 25.58 51.38
C PRO F 365 -5.86 24.24 51.14
N PHE F 366 -6.52 23.37 50.38
CA PHE F 366 -5.95 22.05 50.17
C PHE F 366 -5.73 21.69 48.73
N GLU F 367 -4.53 21.28 48.44
CA GLU F 367 -4.13 20.94 47.12
C GLU F 367 -4.65 19.60 46.67
N ARG F 368 -4.65 19.37 45.38
CA ARG F 368 -5.11 18.10 44.83
C ARG F 368 -4.32 16.92 45.31
N ASP F 369 -3.02 17.05 45.52
CA ASP F 369 -2.32 15.87 45.98
C ASP F 369 -2.82 15.41 47.33
N THR F 370 -3.00 16.28 48.32
CA THR F 370 -3.50 15.80 49.61
C THR F 370 -4.93 15.29 49.67
N VAL F 371 -5.86 15.98 49.04
CA VAL F 371 -7.23 15.54 49.07
C VAL F 371 -7.43 14.19 48.47
N TRP F 372 -6.74 13.91 47.37
CA TRP F 372 -6.80 12.62 46.75
C TRP F 372 -6.21 11.56 47.64
N ARG F 373 -5.13 11.91 48.30
CA ARG F 373 -4.50 11.00 49.21
C ARG F 373 -5.29 10.73 50.46
N MET F 374 -5.85 11.77 51.05
CA MET F 374 -6.49 11.64 52.35
C MET F 374 -7.90 11.11 52.21
N ARG F 375 -8.67 11.63 51.25
CA ARG F 375 -10.03 11.17 50.97
C ARG F 375 -10.87 11.37 52.23
N ARG F 376 -11.58 10.34 52.71
CA ARG F 376 -12.50 10.48 53.84
C ARG F 376 -11.79 10.80 55.15
N LYS F 377 -10.47 10.65 55.21
CA LYS F 377 -9.72 10.93 56.44
C LYS F 377 -9.43 12.42 56.60
N LEU F 378 -10.02 13.26 55.75
CA LEU F 378 -9.96 14.71 55.89
C LEU F 378 -11.40 15.19 56.00
N ARG F 379 -11.78 15.69 57.17
CA ARG F 379 -13.16 16.04 57.46
C ARG F 379 -13.31 17.55 57.59
N LEU F 380 -14.18 18.14 56.77
CA LEU F 380 -14.43 19.57 56.78
C LEU F 380 -15.92 19.93 56.80
N TYR F 381 -16.82 18.95 56.83
CA TYR F 381 -18.24 19.26 56.70
C TYR F 381 -18.75 20.00 57.94
N ASN F 382 -19.94 20.59 57.80
CA ASN F 382 -20.59 21.34 58.89
C ASN F 382 -19.75 22.54 59.32
N ASN F 383 -19.04 23.13 58.37
CA ASN F 383 -18.51 24.48 58.50
C ASN F 383 -19.15 25.29 57.37
N ALA F 384 -20.22 26.01 57.70
CA ALA F 384 -20.97 26.76 56.70
C ALA F 384 -20.10 27.78 55.96
N GLY F 385 -19.10 28.34 56.64
CA GLY F 385 -18.28 29.37 56.02
C GLY F 385 -17.44 28.86 54.86
N LEU F 386 -16.86 27.67 55.01
CA LEU F 386 -15.89 27.16 54.05
C LEU F 386 -16.40 27.22 52.61
N CYS F 387 -15.49 27.53 51.70
CA CYS F 387 -15.78 27.73 50.28
C CYS F 387 -15.04 26.69 49.44
N VAL F 388 -15.20 26.83 48.12
CA VAL F 388 -14.57 25.99 47.10
C VAL F 388 -14.55 24.52 47.52
N GLY G 24 -12.07 13.62 -68.33
CA GLY G 24 -10.98 14.11 -67.50
C GLY G 24 -11.20 13.84 -66.03
N ALA G 25 -12.15 12.97 -65.74
CA ALA G 25 -12.46 12.59 -64.36
C ALA G 25 -11.57 11.44 -63.90
N ARG G 26 -11.29 11.43 -62.61
CA ARG G 26 -10.43 10.41 -62.01
C ARG G 26 -11.08 9.92 -60.72
N THR G 27 -10.62 8.75 -60.26
CA THR G 27 -11.19 8.11 -59.08
C THR G 27 -10.54 8.65 -57.82
N GLU G 28 -11.34 8.77 -56.76
CA GLU G 28 -10.83 9.22 -55.47
C GLU G 28 -9.68 8.31 -55.03
N PRO G 29 -8.53 8.88 -54.68
CA PRO G 29 -7.33 8.03 -54.50
C PRO G 29 -7.45 7.01 -53.38
N ASP G 30 -7.99 7.40 -52.22
CA ASP G 30 -8.08 6.46 -51.11
C ASP G 30 -9.10 5.36 -51.40
N GLU G 31 -10.23 5.71 -52.03
CA GLU G 31 -11.18 4.68 -52.44
C GLU G 31 -10.54 3.72 -53.43
N GLN G 32 -9.67 4.22 -54.31
CA GLN G 32 -9.02 3.34 -55.28
C GLN G 32 -8.03 2.41 -54.60
N ASP G 33 -7.15 2.95 -53.75
CA ASP G 33 -6.21 2.09 -53.03
C ASP G 33 -6.95 1.06 -52.19
N ALA G 34 -8.10 1.46 -51.62
CA ALA G 34 -8.94 0.51 -50.90
C ALA G 34 -9.43 -0.58 -51.84
N VAL G 35 -9.82 -0.20 -53.06
CA VAL G 35 -10.24 -1.20 -54.04
C VAL G 35 -9.10 -2.18 -54.34
N TYR G 36 -7.90 -1.65 -54.62
CA TYR G 36 -6.71 -2.50 -54.77
C TYR G 36 -6.58 -3.50 -53.64
N ASP G 37 -6.72 -3.03 -52.39
CA ASP G 37 -6.47 -3.91 -51.25
C ASP G 37 -7.58 -4.94 -51.10
N ILE G 38 -8.83 -4.54 -51.32
CA ILE G 38 -9.95 -5.48 -51.31
C ILE G 38 -9.75 -6.57 -52.35
N MET G 39 -9.35 -6.18 -53.57
CA MET G 39 -9.13 -7.16 -54.63
C MET G 39 -7.98 -8.08 -54.31
N ARG G 40 -6.87 -7.52 -53.81
CA ARG G 40 -5.74 -8.36 -53.41
C ARG G 40 -6.15 -9.35 -52.32
N ALA G 41 -6.96 -8.90 -51.37
CA ALA G 41 -7.43 -9.80 -50.31
C ALA G 41 -8.37 -10.88 -50.86
N THR G 42 -9.14 -10.56 -51.89
CA THR G 42 -10.06 -11.55 -52.44
C THR G 42 -9.37 -12.51 -53.40
N GLY G 43 -8.09 -12.31 -53.70
CA GLY G 43 -7.33 -13.19 -54.58
C GLY G 43 -7.06 -12.59 -55.94
N ASN G 44 -7.60 -11.41 -56.23
CA ASN G 44 -7.49 -10.81 -57.56
C ASN G 44 -6.50 -9.65 -57.56
N ASP G 45 -5.22 -9.94 -57.28
CA ASP G 45 -4.20 -8.90 -57.19
C ASP G 45 -4.07 -8.11 -58.48
N TRP G 46 -4.56 -8.66 -59.61
CA TRP G 46 -4.41 -8.00 -60.89
C TRP G 46 -4.99 -6.58 -60.89
N ALA G 47 -6.03 -6.35 -60.09
CA ALA G 47 -6.66 -5.04 -60.07
C ALA G 47 -5.72 -3.96 -59.58
N ALA G 48 -4.69 -4.32 -58.81
CA ALA G 48 -3.69 -3.35 -58.38
C ALA G 48 -2.93 -2.73 -59.54
N ALA G 49 -3.00 -3.33 -60.74
CA ALA G 49 -2.29 -2.81 -61.90
C ALA G 49 -3.09 -1.80 -62.70
N ILE G 50 -4.39 -1.73 -62.50
CA ILE G 50 -5.22 -0.80 -63.26
C ILE G 50 -4.93 0.63 -62.81
N PRO G 51 -4.63 1.55 -63.72
CA PRO G 51 -4.32 2.93 -63.29
C PRO G 51 -5.49 3.64 -62.65
N ASP G 52 -6.70 3.45 -63.17
CA ASP G 52 -7.90 4.06 -62.60
C ASP G 52 -9.01 3.01 -62.65
N VAL G 53 -9.38 2.48 -61.47
CA VAL G 53 -10.33 1.38 -61.42
C VAL G 53 -11.74 1.82 -61.80
N CYS G 54 -12.04 3.11 -61.70
CA CYS G 54 -13.40 3.56 -61.95
C CYS G 54 -13.65 3.80 -63.43
N ARG G 55 -12.60 4.12 -64.19
CA ARG G 55 -12.70 4.26 -65.63
C ARG G 55 -12.23 3.03 -66.39
N GLY G 56 -11.46 2.17 -65.73
CA GLY G 56 -11.16 0.85 -66.27
C GLY G 56 -12.08 -0.16 -65.62
N ARG G 57 -13.27 0.30 -65.22
CA ARG G 57 -14.33 -0.49 -64.61
C ARG G 57 -14.46 -1.91 -65.13
N TRP G 58 -14.35 -2.90 -64.25
CA TRP G 58 -14.62 -4.29 -64.60
C TRP G 58 -16.04 -4.66 -64.17
N HIS G 59 -16.55 -5.73 -64.76
CA HIS G 59 -17.86 -6.20 -64.35
C HIS G 59 -17.78 -6.67 -62.91
N GLY G 60 -18.45 -5.96 -62.01
CA GLY G 60 -18.36 -6.27 -60.59
C GLY G 60 -18.06 -5.05 -59.76
N ILE G 61 -17.57 -3.99 -60.42
CA ILE G 61 -17.36 -2.69 -59.78
C ILE G 61 -18.22 -1.66 -60.51
N GLU G 62 -18.81 -0.75 -59.76
CA GLU G 62 -19.60 0.34 -60.31
C GLU G 62 -19.20 1.62 -59.62
N CYS G 63 -18.98 2.68 -60.40
CA CYS G 63 -18.65 3.97 -59.85
C CYS G 63 -19.69 5.00 -60.27
N MET G 64 -19.74 6.10 -59.53
CA MET G 64 -20.57 7.23 -59.91
C MET G 64 -19.90 8.50 -59.43
N PRO G 65 -19.93 9.56 -60.23
CA PRO G 65 -19.25 10.80 -59.85
C PRO G 65 -20.16 11.76 -59.09
N ASP G 66 -19.53 12.54 -58.21
CA ASP G 66 -20.23 13.61 -57.54
C ASP G 66 -20.23 14.86 -58.43
N GLN G 67 -20.77 15.96 -57.90
CA GLN G 67 -20.79 17.22 -58.65
C GLN G 67 -19.39 17.75 -58.91
N ASP G 68 -18.39 17.26 -58.18
CA ASP G 68 -17.02 17.76 -58.28
C ASP G 68 -16.16 16.97 -59.27
N ASN G 69 -16.79 16.19 -60.15
CA ASN G 69 -16.09 15.40 -61.17
C ASN G 69 -15.09 14.41 -60.56
N VAL G 70 -15.42 13.85 -59.40
CA VAL G 70 -14.60 12.81 -58.77
C VAL G 70 -15.44 11.55 -58.65
N TYR G 71 -14.88 10.42 -59.08
CA TYR G 71 -15.58 9.14 -59.06
C TYR G 71 -15.56 8.53 -57.65
N HIS G 72 -16.67 7.89 -57.28
CA HIS G 72 -16.76 7.14 -56.03
C HIS G 72 -17.25 5.73 -56.30
N VAL G 73 -16.71 4.78 -55.54
CA VAL G 73 -17.10 3.38 -55.66
C VAL G 73 -18.46 3.20 -54.98
N VAL G 74 -19.35 2.48 -55.65
CA VAL G 74 -20.77 2.48 -55.29
C VAL G 74 -21.27 1.04 -55.17
N SER G 75 -20.77 0.17 -56.02
CA SER G 75 -21.13 -1.25 -55.98
C SER G 75 -19.87 -2.07 -56.11
N LEU G 76 -19.88 -3.25 -55.47
CA LEU G 76 -18.75 -4.17 -55.56
C LEU G 76 -19.28 -5.58 -55.46
N SER G 77 -19.01 -6.41 -56.47
CA SER G 77 -19.58 -7.75 -56.54
C SER G 77 -18.47 -8.76 -56.77
N PHE G 78 -18.61 -9.92 -56.12
CA PHE G 78 -17.68 -11.03 -56.25
C PHE G 78 -18.45 -12.34 -56.29
N GLY G 79 -17.88 -13.31 -56.99
CA GLY G 79 -18.50 -14.60 -57.09
C GLY G 79 -19.12 -14.83 -58.46
N ALA G 80 -19.20 -16.11 -58.85
CA ALA G 80 -19.72 -16.47 -60.15
C ALA G 80 -21.26 -16.51 -60.10
N LEU G 81 -21.84 -15.32 -60.00
CA LEU G 81 -23.28 -15.20 -60.23
C LEU G 81 -23.60 -15.36 -61.71
N SER G 82 -22.61 -15.12 -62.58
CA SER G 82 -22.74 -15.25 -64.03
C SER G 82 -23.67 -14.18 -64.58
N ASP G 83 -24.16 -14.42 -65.80
CA ASP G 83 -24.89 -13.52 -66.69
C ASP G 83 -24.44 -13.87 -68.09
N ASP G 84 -24.31 -12.85 -68.95
CA ASP G 84 -23.38 -12.96 -70.06
C ASP G 84 -21.95 -12.87 -69.55
N THR G 85 -21.69 -11.89 -68.69
CA THR G 85 -20.40 -11.70 -68.02
C THR G 85 -20.47 -12.24 -66.59
N ALA G 86 -19.30 -12.53 -66.03
CA ALA G 86 -19.19 -13.00 -64.66
C ALA G 86 -18.33 -12.05 -63.84
N PHE G 87 -18.56 -12.07 -62.53
CA PHE G 87 -17.79 -11.26 -61.60
C PHE G 87 -16.46 -11.93 -61.31
N PRO G 88 -15.52 -11.21 -60.69
CA PRO G 88 -14.28 -11.86 -60.25
C PRO G 88 -14.56 -12.97 -59.25
N THR G 89 -13.84 -14.08 -59.38
CA THR G 89 -13.94 -15.18 -58.45
C THR G 89 -12.83 -15.06 -57.41
N CYS G 90 -12.99 -15.78 -56.31
CA CYS G 90 -12.09 -15.68 -55.17
C CYS G 90 -11.25 -16.94 -55.01
N ASP G 91 -9.94 -16.76 -54.92
CA ASP G 91 -9.01 -17.84 -54.66
C ASP G 91 -9.41 -18.57 -53.38
N PRO G 92 -9.72 -19.87 -53.43
CA PRO G 92 -10.11 -20.59 -52.21
C PRO G 92 -8.99 -20.74 -51.20
N GLN G 93 -7.73 -20.55 -51.60
CA GLN G 93 -6.60 -20.65 -50.69
C GLN G 93 -6.30 -19.35 -49.95
N ARG G 94 -6.59 -18.20 -50.57
CA ARG G 94 -6.10 -16.92 -50.10
C ARG G 94 -7.18 -15.96 -49.63
N SER G 95 -8.41 -16.08 -50.14
CA SER G 95 -9.35 -14.96 -50.07
C SER G 95 -9.89 -14.77 -48.66
N TYR G 96 -10.31 -13.53 -48.40
CA TYR G 96 -11.01 -13.16 -47.18
C TYR G 96 -11.63 -11.79 -47.42
N VAL G 97 -12.54 -11.41 -46.54
CA VAL G 97 -13.19 -10.10 -46.61
C VAL G 97 -12.31 -9.08 -45.90
N SER G 98 -11.79 -8.12 -46.66
CA SER G 98 -10.82 -7.18 -46.12
C SER G 98 -11.54 -6.04 -45.40
N GLU G 99 -10.99 -5.64 -44.25
CA GLU G 99 -11.53 -4.51 -43.52
C GLU G 99 -11.47 -3.22 -44.32
N SER G 100 -10.63 -3.17 -45.37
CA SER G 100 -10.50 -1.96 -46.16
C SER G 100 -11.79 -1.56 -46.84
N LEU G 101 -12.80 -2.44 -46.85
CA LEU G 101 -14.13 -2.04 -47.32
C LEU G 101 -14.64 -0.82 -46.58
N THR G 102 -14.20 -0.61 -45.33
CA THR G 102 -14.67 0.54 -44.56
C THR G 102 -14.15 1.85 -45.13
N ARG G 103 -13.11 1.81 -45.97
CA ARG G 103 -12.60 3.03 -46.60
C ARG G 103 -13.49 3.51 -47.75
N LEU G 104 -14.39 2.66 -48.24
CA LEU G 104 -15.33 3.04 -49.30
C LEU G 104 -16.54 3.69 -48.62
N LYS G 105 -16.48 5.02 -48.51
CA LYS G 105 -17.49 5.74 -47.75
C LYS G 105 -18.85 5.72 -48.44
N HIS G 106 -18.86 5.57 -49.77
CA HIS G 106 -20.07 5.72 -50.56
C HIS G 106 -20.63 4.38 -51.05
N LEU G 107 -20.10 3.26 -50.56
CA LEU G 107 -20.54 1.95 -51.03
C LEU G 107 -22.05 1.77 -50.84
N LYS G 108 -22.74 1.52 -51.94
CA LYS G 108 -24.18 1.30 -51.92
C LYS G 108 -24.57 -0.18 -51.95
N ALA G 109 -23.79 -1.02 -52.62
CA ALA G 109 -24.12 -2.44 -52.73
C ALA G 109 -22.88 -3.30 -52.64
N LEU G 110 -22.99 -4.39 -51.88
CA LEU G 110 -21.88 -5.33 -51.70
C LEU G 110 -22.39 -6.75 -51.93
N PHE G 111 -21.81 -7.43 -52.91
CA PHE G 111 -22.16 -8.80 -53.27
C PHE G 111 -20.96 -9.72 -53.06
N PHE G 112 -21.19 -10.81 -52.33
CA PHE G 112 -20.31 -11.97 -52.29
C PHE G 112 -21.20 -13.19 -52.52
N TYR G 113 -20.95 -13.92 -53.60
CA TYR G 113 -21.74 -15.11 -53.92
C TYR G 113 -20.80 -16.29 -54.10
N ARG G 114 -20.88 -17.26 -53.20
CA ARG G 114 -20.10 -18.50 -53.28
C ARG G 114 -18.60 -18.21 -53.32
N CYS G 115 -18.20 -17.15 -52.63
CA CYS G 115 -16.80 -16.71 -52.53
C CYS G 115 -16.25 -17.28 -51.23
N LEU G 116 -15.68 -18.48 -51.31
CA LEU G 116 -15.28 -19.23 -50.13
C LEU G 116 -13.81 -18.99 -49.80
N GLY G 117 -13.53 -18.79 -48.52
CA GLY G 117 -12.17 -18.68 -48.04
C GLY G 117 -11.54 -20.04 -47.81
N ARG G 118 -10.35 -20.00 -47.20
CA ARG G 118 -9.60 -21.23 -46.96
C ARG G 118 -10.22 -22.06 -45.84
N ALA G 119 -10.75 -21.39 -44.83
CA ALA G 119 -10.98 -22.06 -43.56
C ALA G 119 -12.16 -21.39 -42.85
N PRO G 120 -12.42 -21.66 -41.56
CA PRO G 120 -13.49 -20.91 -40.88
C PRO G 120 -13.31 -19.40 -40.94
N GLN G 121 -14.40 -18.71 -41.28
CA GLN G 121 -14.46 -17.26 -41.23
C GLN G 121 -15.86 -16.84 -40.80
N ARG G 122 -15.93 -15.84 -39.94
CA ARG G 122 -17.20 -15.29 -39.47
C ARG G 122 -17.56 -14.08 -40.32
N ILE G 123 -18.82 -13.68 -40.23
CA ILE G 123 -19.20 -12.41 -40.85
C ILE G 123 -18.43 -11.33 -40.11
N PRO G 124 -17.61 -10.54 -40.80
CA PRO G 124 -16.79 -9.55 -40.10
C PRO G 124 -17.65 -8.42 -39.55
N ALA G 125 -17.37 -8.03 -38.31
CA ALA G 125 -18.15 -6.97 -37.67
C ALA G 125 -17.91 -5.62 -38.31
N PHE G 126 -16.73 -5.40 -38.89
CA PHE G 126 -16.43 -4.08 -39.43
C PHE G 126 -17.37 -3.67 -40.54
N LEU G 127 -18.20 -4.58 -41.04
CA LEU G 127 -19.19 -4.23 -42.05
C LEU G 127 -20.17 -3.17 -41.53
N GLY G 128 -20.34 -3.07 -40.22
CA GLY G 128 -21.19 -2.01 -39.68
C GLY G 128 -20.63 -0.62 -39.88
N ARG G 129 -19.30 -0.50 -40.04
CA ARG G 129 -18.63 0.79 -40.10
C ARG G 129 -18.84 1.55 -41.42
N LEU G 130 -19.64 1.03 -42.34
CA LEU G 130 -20.00 1.79 -43.54
C LEU G 130 -21.50 2.02 -43.57
N GLY G 131 -22.03 2.64 -42.51
CA GLY G 131 -23.44 2.53 -42.18
C GLY G 131 -24.47 3.08 -43.16
N SER G 132 -24.53 4.41 -43.31
CA SER G 132 -25.69 5.01 -43.98
C SER G 132 -25.69 4.71 -45.47
N SER G 133 -24.53 4.52 -46.08
CA SER G 133 -24.47 4.37 -47.54
C SER G 133 -25.01 3.02 -47.98
N LEU G 134 -24.68 1.95 -47.26
CA LEU G 134 -25.01 0.60 -47.73
C LEU G 134 -26.52 0.39 -47.74
N GLN G 135 -27.03 -0.07 -48.88
CA GLN G 135 -28.42 -0.43 -49.02
C GLN G 135 -28.65 -1.88 -49.42
N THR G 136 -27.63 -2.57 -49.93
CA THR G 136 -27.74 -3.97 -50.32
C THR G 136 -26.51 -4.71 -49.79
N LEU G 137 -26.74 -5.66 -48.89
CA LEU G 137 -25.69 -6.55 -48.39
C LEU G 137 -26.10 -7.98 -48.72
N VAL G 138 -25.36 -8.59 -49.64
CA VAL G 138 -25.61 -9.97 -50.06
C VAL G 138 -24.36 -10.77 -49.80
N LEU G 139 -24.42 -11.67 -48.83
CA LEU G 139 -23.34 -12.60 -48.50
C LEU G 139 -23.88 -14.02 -48.66
N ARG G 140 -24.11 -14.44 -49.90
CA ARG G 140 -24.86 -15.65 -50.18
C ARG G 140 -23.92 -16.83 -50.35
N GLU G 141 -24.19 -17.91 -49.61
CA GLU G 141 -23.49 -19.19 -49.73
C GLU G 141 -21.97 -19.00 -49.64
N ASN G 142 -21.53 -18.39 -48.55
CA ASN G 142 -20.11 -18.10 -48.36
C ASN G 142 -19.45 -18.92 -47.27
N GLY G 143 -20.18 -19.79 -46.59
CA GLY G 143 -19.60 -20.61 -45.55
C GLY G 143 -19.27 -19.87 -44.26
N PHE G 144 -19.87 -18.70 -44.04
CA PHE G 144 -19.61 -17.94 -42.83
C PHE G 144 -20.06 -18.71 -41.60
N LEU G 145 -19.31 -18.56 -40.50
CA LEU G 145 -19.54 -19.26 -39.25
C LEU G 145 -19.90 -18.30 -38.13
N GLY G 146 -20.23 -18.89 -36.98
CA GLY G 146 -20.43 -18.15 -35.77
C GLY G 146 -21.70 -17.34 -35.78
N PRO G 147 -21.86 -16.47 -34.80
CA PRO G 147 -23.09 -15.67 -34.70
C PRO G 147 -23.06 -14.50 -35.68
N ILE G 148 -24.27 -14.04 -36.02
CA ILE G 148 -24.38 -12.83 -36.83
C ILE G 148 -23.89 -11.64 -36.01
N PRO G 149 -22.98 -10.80 -36.52
CA PRO G 149 -22.53 -9.66 -35.74
C PRO G 149 -23.68 -8.72 -35.44
N ASP G 150 -23.72 -8.24 -34.19
CA ASP G 150 -24.78 -7.32 -33.80
C ASP G 150 -24.68 -6.00 -34.55
N GLU G 151 -23.47 -5.57 -34.88
CA GLU G 151 -23.23 -4.27 -35.49
C GLU G 151 -23.64 -4.19 -36.95
N LEU G 152 -24.08 -5.30 -37.55
CA LEU G 152 -24.85 -5.18 -38.78
C LEU G 152 -26.08 -4.28 -38.58
N GLY G 153 -26.49 -4.08 -37.34
CA GLY G 153 -27.58 -3.16 -37.05
C GLY G 153 -27.24 -1.71 -37.34
N ASN G 154 -25.95 -1.37 -37.44
CA ASN G 154 -25.58 -0.01 -37.83
C ASN G 154 -25.97 0.32 -39.27
N LEU G 155 -26.10 -0.68 -40.13
CA LEU G 155 -26.45 -0.49 -41.53
C LEU G 155 -27.91 -0.04 -41.60
N THR G 156 -28.12 1.24 -41.29
CA THR G 156 -29.47 1.74 -41.06
C THR G 156 -30.30 1.74 -42.33
N ASN G 157 -29.70 2.09 -43.45
CA ASN G 157 -30.41 2.22 -44.71
C ASN G 157 -30.45 0.93 -45.52
N LEU G 158 -30.08 -0.20 -44.91
CA LEU G 158 -30.17 -1.48 -45.58
C LEU G 158 -31.58 -1.75 -46.08
N LYS G 159 -31.69 -2.12 -47.36
CA LYS G 159 -32.97 -2.48 -47.95
C LYS G 159 -33.04 -3.94 -48.40
N VAL G 160 -31.91 -4.57 -48.70
CA VAL G 160 -31.85 -6.00 -49.00
C VAL G 160 -30.74 -6.62 -48.17
N LEU G 161 -31.08 -7.60 -47.35
CA LEU G 161 -30.10 -8.36 -46.59
C LEU G 161 -30.26 -9.83 -46.91
N ASP G 162 -29.18 -10.46 -47.39
CA ASP G 162 -29.22 -11.86 -47.81
C ASP G 162 -28.06 -12.60 -47.18
N LEU G 163 -28.36 -13.51 -46.27
CA LEU G 163 -27.38 -14.36 -45.61
C LEU G 163 -27.70 -15.83 -45.84
N HIS G 164 -28.23 -16.15 -47.02
CA HIS G 164 -28.77 -17.47 -47.30
C HIS G 164 -27.69 -18.54 -47.32
N LYS G 165 -28.03 -19.70 -46.77
CA LYS G 165 -27.22 -20.93 -46.79
C LYS G 165 -25.76 -20.67 -46.37
N ASN G 166 -25.61 -20.21 -45.13
CA ASN G 166 -24.33 -20.21 -44.44
C ASN G 166 -24.39 -21.24 -43.31
N HIS G 167 -23.61 -21.02 -42.26
CA HIS G 167 -23.58 -21.91 -41.09
C HIS G 167 -23.62 -21.06 -39.81
N LEU G 168 -24.68 -20.27 -39.66
CA LEU G 168 -24.66 -19.17 -38.70
C LEU G 168 -25.13 -19.63 -37.33
N ASN G 169 -24.26 -19.46 -36.33
CA ASN G 169 -24.54 -19.83 -34.95
C ASN G 169 -25.58 -18.87 -34.34
N GLY G 170 -26.22 -19.35 -33.28
CA GLY G 170 -26.86 -18.45 -32.35
C GLY G 170 -28.17 -17.83 -32.81
N SER G 171 -28.45 -16.67 -32.25
CA SER G 171 -29.75 -16.03 -32.35
C SER G 171 -29.75 -14.97 -33.46
N ILE G 172 -30.94 -14.60 -33.89
CA ILE G 172 -31.08 -13.44 -34.78
C ILE G 172 -30.85 -12.16 -33.98
N PRO G 173 -29.93 -11.30 -34.39
CA PRO G 173 -29.65 -10.10 -33.60
C PRO G 173 -30.87 -9.20 -33.46
N LEU G 174 -31.06 -8.68 -32.26
CA LEU G 174 -32.16 -7.76 -32.02
C LEU G 174 -31.94 -6.40 -32.70
N SER G 175 -30.69 -6.04 -32.96
CA SER G 175 -30.40 -4.75 -33.60
C SER G 175 -30.95 -4.66 -35.01
N PHE G 176 -31.39 -5.77 -35.59
CA PHE G 176 -32.13 -5.73 -36.85
C PHE G 176 -33.39 -4.90 -36.76
N ASN G 177 -33.82 -4.55 -35.54
CA ASN G 177 -34.89 -3.58 -35.35
C ASN G 177 -34.62 -2.27 -36.08
N ARG G 178 -33.34 -1.90 -36.23
CA ARG G 178 -32.97 -0.61 -36.78
C ARG G 178 -33.12 -0.51 -38.30
N PHE G 179 -33.39 -1.63 -39.00
CA PHE G 179 -33.55 -1.62 -40.46
C PHE G 179 -34.94 -1.13 -40.84
N SER G 180 -35.16 0.17 -40.63
CA SER G 180 -36.49 0.74 -40.84
C SER G 180 -36.93 0.64 -42.29
N GLY G 181 -36.00 0.79 -43.23
CA GLY G 181 -36.30 0.74 -44.64
C GLY G 181 -36.18 -0.61 -45.29
N LEU G 182 -35.97 -1.68 -44.51
CA LEU G 182 -35.69 -3.00 -45.06
C LEU G 182 -36.83 -3.50 -45.94
N ARG G 183 -36.49 -3.92 -47.16
CA ARG G 183 -37.46 -4.50 -48.07
C ARG G 183 -37.43 -6.02 -48.11
N SER G 184 -36.26 -6.63 -47.89
CA SER G 184 -36.10 -8.07 -48.09
C SER G 184 -35.12 -8.64 -47.08
N LEU G 185 -35.57 -9.59 -46.27
CA LEU G 185 -34.70 -10.25 -45.30
C LEU G 185 -34.67 -11.74 -45.62
N ASP G 186 -33.47 -12.26 -45.92
CA ASP G 186 -33.30 -13.66 -46.31
C ASP G 186 -32.22 -14.26 -45.41
N LEU G 187 -32.62 -15.04 -44.42
CA LEU G 187 -31.72 -15.74 -43.52
C LEU G 187 -31.83 -17.25 -43.65
N SER G 188 -32.29 -17.73 -44.81
CA SER G 188 -32.61 -19.14 -44.99
C SER G 188 -31.36 -20.01 -45.01
N GLY G 189 -31.53 -21.24 -44.57
CA GLY G 189 -30.49 -22.26 -44.69
C GLY G 189 -29.31 -22.09 -43.76
N ASN G 190 -29.55 -21.63 -42.54
CA ASN G 190 -28.50 -21.55 -41.53
C ASN G 190 -28.85 -22.43 -40.35
N ARG G 191 -28.26 -22.16 -39.18
CA ARG G 191 -28.53 -22.87 -37.94
C ARG G 191 -28.97 -21.89 -36.86
N LEU G 192 -29.79 -20.92 -37.24
CA LEU G 192 -30.23 -19.88 -36.31
C LEU G 192 -31.15 -20.46 -35.24
N THR G 193 -30.99 -20.00 -34.01
CA THR G 193 -31.74 -20.49 -32.87
C THR G 193 -32.47 -19.34 -32.20
N GLY G 194 -33.23 -19.68 -31.16
CA GLY G 194 -34.04 -18.70 -30.46
C GLY G 194 -35.35 -18.47 -31.18
N SER G 195 -36.18 -17.64 -30.57
CA SER G 195 -37.43 -17.28 -31.19
C SER G 195 -37.21 -16.16 -32.19
N ILE G 196 -38.06 -16.11 -33.21
CA ILE G 196 -38.02 -15.05 -34.20
C ILE G 196 -38.26 -13.72 -33.51
N PRO G 197 -37.28 -12.82 -33.47
CA PRO G 197 -37.51 -11.53 -32.83
C PRO G 197 -38.61 -10.76 -33.53
N GLY G 198 -39.39 -10.03 -32.75
CA GLY G 198 -40.53 -9.33 -33.29
C GLY G 198 -40.28 -7.89 -33.67
N PHE G 199 -39.64 -7.67 -34.81
CA PHE G 199 -39.53 -6.32 -35.35
C PHE G 199 -40.82 -5.92 -36.04
N VAL G 200 -41.06 -4.61 -36.10
CA VAL G 200 -42.14 -4.05 -36.91
C VAL G 200 -41.52 -3.25 -38.04
N LEU G 201 -41.31 -3.91 -39.19
CA LEU G 201 -40.67 -3.32 -40.35
C LEU G 201 -41.76 -2.98 -41.36
N PRO G 202 -42.13 -1.71 -41.51
CA PRO G 202 -43.34 -1.39 -42.29
C PRO G 202 -43.18 -1.59 -43.79
N ALA G 203 -41.96 -1.59 -44.32
CA ALA G 203 -41.72 -1.74 -45.75
C ALA G 203 -41.27 -3.15 -46.13
N LEU G 204 -41.24 -4.08 -45.18
CA LEU G 204 -40.72 -5.41 -45.46
C LEU G 204 -41.64 -6.14 -46.43
N SER G 205 -41.05 -6.67 -47.50
CA SER G 205 -41.81 -7.35 -48.55
C SER G 205 -41.63 -8.87 -48.52
N VAL G 206 -40.40 -9.37 -48.39
CA VAL G 206 -40.16 -10.80 -48.27
C VAL G 206 -39.42 -11.08 -46.97
N LEU G 207 -39.92 -12.05 -46.22
CA LEU G 207 -39.29 -12.53 -44.99
C LEU G 207 -39.06 -14.03 -45.16
N ASP G 208 -37.80 -14.43 -45.32
CA ASP G 208 -37.44 -15.83 -45.53
C ASP G 208 -36.51 -16.26 -44.42
N LEU G 209 -37.03 -17.08 -43.50
CA LEU G 209 -36.24 -17.64 -42.41
C LEU G 209 -36.29 -19.17 -42.41
N ASN G 210 -36.59 -19.78 -43.55
CA ASN G 210 -36.84 -21.20 -43.58
C ASN G 210 -35.54 -22.00 -43.45
N GLN G 211 -35.66 -23.22 -42.95
CA GLN G 211 -34.54 -24.11 -42.70
C GLN G 211 -33.53 -23.48 -41.75
N ASN G 212 -33.99 -23.32 -40.51
CA ASN G 212 -33.14 -22.95 -39.39
C ASN G 212 -33.56 -23.80 -38.18
N LEU G 213 -33.28 -23.30 -36.98
CA LEU G 213 -33.68 -23.96 -35.74
C LEU G 213 -34.40 -22.97 -34.83
N LEU G 214 -35.23 -22.12 -35.42
CA LEU G 214 -35.95 -21.11 -34.67
C LEU G 214 -37.10 -21.74 -33.92
N THR G 215 -37.47 -21.13 -32.79
CA THR G 215 -38.43 -21.71 -31.86
C THR G 215 -39.42 -20.63 -31.44
N GLY G 216 -40.24 -20.95 -30.44
CA GLY G 216 -41.21 -20.02 -29.93
C GLY G 216 -42.42 -19.89 -30.82
N PRO G 217 -43.33 -18.98 -30.47
CA PRO G 217 -44.54 -18.78 -31.26
C PRO G 217 -44.25 -17.95 -32.50
N VAL G 218 -45.27 -17.83 -33.34
CA VAL G 218 -45.26 -16.81 -34.39
C VAL G 218 -45.22 -15.45 -33.70
N PRO G 219 -44.21 -14.62 -33.94
CA PRO G 219 -44.18 -13.30 -33.32
C PRO G 219 -45.43 -12.52 -33.67
N PRO G 220 -46.06 -11.88 -32.69
CA PRO G 220 -47.26 -11.10 -33.00
C PRO G 220 -46.99 -9.93 -33.92
N THR G 221 -45.88 -9.22 -33.70
CA THR G 221 -45.53 -8.08 -34.53
C THR G 221 -45.43 -8.45 -36.00
N LEU G 222 -45.26 -9.74 -36.31
CA LEU G 222 -45.26 -10.18 -37.70
C LEU G 222 -46.50 -9.67 -38.44
N THR G 223 -47.67 -9.79 -37.81
CA THR G 223 -48.90 -9.34 -38.47
C THR G 223 -48.99 -7.83 -38.62
N SER G 224 -48.00 -7.07 -38.15
CA SER G 224 -47.98 -5.62 -38.29
C SER G 224 -47.05 -5.13 -39.38
N CYS G 225 -46.32 -6.02 -40.05
CA CYS G 225 -45.52 -5.67 -41.22
C CYS G 225 -46.41 -5.87 -42.44
N GLY G 226 -47.17 -4.84 -42.78
CA GLY G 226 -48.23 -4.96 -43.77
C GLY G 226 -47.79 -5.04 -45.21
N SER G 227 -46.53 -4.71 -45.51
CA SER G 227 -46.04 -4.81 -46.88
C SER G 227 -45.65 -6.22 -47.28
N LEU G 228 -45.77 -7.19 -46.37
CA LEU G 228 -45.28 -8.54 -46.60
C LEU G 228 -46.06 -9.23 -47.71
N ILE G 229 -45.35 -9.72 -48.72
CA ILE G 229 -45.92 -10.58 -49.75
C ILE G 229 -45.49 -12.03 -49.61
N LYS G 230 -44.40 -12.32 -48.90
CA LYS G 230 -43.89 -13.68 -48.75
C LYS G 230 -43.42 -13.90 -47.32
N ILE G 231 -43.96 -14.93 -46.67
CA ILE G 231 -43.50 -15.36 -45.36
C ILE G 231 -43.12 -16.83 -45.47
N ASP G 232 -41.83 -17.13 -45.39
CA ASP G 232 -41.34 -18.50 -45.44
C ASP G 232 -40.68 -18.80 -44.09
N LEU G 233 -41.41 -19.51 -43.23
CA LEU G 233 -40.89 -19.98 -41.96
C LEU G 233 -40.80 -21.50 -41.94
N SER G 234 -40.86 -22.13 -43.11
CA SER G 234 -40.92 -23.58 -43.19
C SER G 234 -39.64 -24.22 -42.68
N ARG G 235 -39.76 -25.46 -42.21
CA ARG G 235 -38.64 -26.22 -41.66
C ARG G 235 -37.95 -25.43 -40.54
N ASN G 236 -38.70 -25.25 -39.46
CA ASN G 236 -38.18 -24.70 -38.21
C ASN G 236 -38.83 -25.48 -37.07
N ARG G 237 -38.84 -24.87 -35.89
CA ARG G 237 -39.44 -25.47 -34.70
C ARG G 237 -40.41 -24.49 -34.04
N VAL G 238 -41.12 -23.72 -34.88
CA VAL G 238 -42.06 -22.72 -34.37
C VAL G 238 -43.29 -23.41 -33.81
N THR G 239 -43.73 -22.99 -32.63
CA THR G 239 -44.83 -23.61 -31.92
C THR G 239 -46.01 -22.64 -31.81
N GLY G 240 -47.14 -23.16 -31.34
CA GLY G 240 -48.30 -22.36 -31.09
C GLY G 240 -49.30 -22.34 -32.23
N PRO G 241 -50.29 -21.45 -32.15
CA PRO G 241 -51.30 -21.38 -33.20
C PRO G 241 -51.03 -20.27 -34.20
N ILE G 242 -51.61 -20.39 -35.40
CA ILE G 242 -51.56 -19.30 -36.37
C ILE G 242 -52.36 -18.14 -35.80
N PRO G 243 -51.75 -16.98 -35.57
CA PRO G 243 -52.47 -15.89 -34.91
C PRO G 243 -53.65 -15.41 -35.75
N GLU G 244 -54.76 -15.13 -35.07
CA GLU G 244 -55.96 -14.69 -35.77
C GLU G 244 -55.79 -13.30 -36.39
N SER G 245 -54.64 -12.66 -36.22
CA SER G 245 -54.41 -11.33 -36.76
C SER G 245 -53.62 -11.35 -38.06
N ILE G 246 -53.46 -12.52 -38.69
CA ILE G 246 -52.85 -12.55 -40.01
C ILE G 246 -53.78 -11.91 -41.04
N ASN G 247 -55.07 -11.76 -40.71
CA ASN G 247 -56.01 -11.11 -41.60
C ASN G 247 -55.57 -9.71 -42.01
N ARG G 248 -54.65 -9.11 -41.25
CA ARG G 248 -54.14 -7.78 -41.53
C ARG G 248 -53.13 -7.76 -42.68
N LEU G 249 -52.69 -8.93 -43.15
CA LEU G 249 -51.64 -9.01 -44.16
C LEU G 249 -52.29 -9.09 -45.55
N ASN G 250 -52.92 -7.97 -45.92
CA ASN G 250 -53.74 -7.90 -47.13
C ASN G 250 -52.94 -7.99 -48.42
N GLN G 251 -51.61 -7.97 -48.35
CA GLN G 251 -50.77 -8.06 -49.55
C GLN G 251 -50.02 -9.38 -49.65
N LEU G 252 -50.25 -10.31 -48.73
CA LEU G 252 -49.45 -11.53 -48.62
C LEU G 252 -49.82 -12.50 -49.72
N VAL G 253 -48.84 -12.92 -50.52
CA VAL G 253 -49.08 -13.84 -51.62
C VAL G 253 -48.80 -15.28 -51.21
N LEU G 254 -47.70 -15.52 -50.52
CA LEU G 254 -47.26 -16.87 -50.19
C LEU G 254 -46.99 -16.98 -48.69
N LEU G 255 -47.62 -17.98 -48.06
CA LEU G 255 -47.40 -18.24 -46.64
C LEU G 255 -47.06 -19.72 -46.47
N ASP G 256 -45.79 -19.99 -46.12
CA ASP G 256 -45.28 -21.35 -45.96
C ASP G 256 -44.85 -21.53 -44.52
N LEU G 257 -45.59 -22.34 -43.77
CA LEU G 257 -45.29 -22.65 -42.39
C LEU G 257 -45.11 -24.16 -42.21
N SER G 258 -44.73 -24.84 -43.28
CA SER G 258 -44.61 -26.29 -43.28
C SER G 258 -43.45 -26.75 -42.40
N TYR G 259 -43.63 -27.93 -41.80
CA TYR G 259 -42.59 -28.58 -41.01
C TYR G 259 -42.17 -27.71 -39.81
N ASN G 260 -43.17 -27.36 -39.01
CA ASN G 260 -42.94 -26.69 -37.73
C ASN G 260 -43.65 -27.51 -36.66
N ARG G 261 -43.92 -26.87 -35.53
CA ARG G 261 -44.65 -27.49 -34.44
C ARG G 261 -45.88 -26.67 -34.09
N LEU G 262 -46.59 -26.23 -35.11
CA LEU G 262 -47.79 -25.43 -34.92
C LEU G 262 -48.93 -26.30 -34.42
N SER G 263 -49.92 -25.65 -33.80
CA SER G 263 -51.05 -26.34 -33.25
C SER G 263 -52.32 -25.59 -33.61
N GLY G 264 -53.45 -26.29 -33.49
CA GLY G 264 -54.72 -25.71 -33.82
C GLY G 264 -55.15 -24.62 -32.85
N PRO G 265 -56.24 -23.92 -33.19
CA PRO G 265 -57.01 -24.17 -34.40
C PRO G 265 -56.63 -23.21 -35.52
N PHE G 266 -57.31 -23.33 -36.66
CA PHE G 266 -57.28 -22.26 -37.64
C PHE G 266 -57.93 -21.01 -37.05
N PRO G 267 -57.54 -19.83 -37.52
CA PRO G 267 -58.33 -18.64 -37.22
C PRO G 267 -59.76 -18.84 -37.71
N SER G 268 -60.72 -18.29 -36.96
CA SER G 268 -62.12 -18.46 -37.31
C SER G 268 -62.42 -17.89 -38.69
N SER G 269 -61.63 -16.92 -39.13
CA SER G 269 -61.84 -16.24 -40.40
C SER G 269 -60.49 -15.85 -40.98
N LEU G 270 -60.32 -16.12 -42.28
CA LEU G 270 -59.10 -15.77 -43.00
C LEU G 270 -59.37 -14.77 -44.11
N GLN G 271 -60.47 -14.01 -44.00
CA GLN G 271 -60.99 -13.26 -45.14
C GLN G 271 -60.12 -12.05 -45.50
N GLY G 272 -59.36 -11.51 -44.55
CA GLY G 272 -58.52 -10.37 -44.87
C GLY G 272 -57.29 -10.71 -45.68
N LEU G 273 -57.10 -11.97 -46.00
CA LEU G 273 -55.93 -12.45 -46.76
C LEU G 273 -56.23 -12.55 -48.24
N ASN G 274 -56.74 -11.49 -48.86
CA ASN G 274 -56.73 -11.44 -50.31
C ASN G 274 -55.30 -11.18 -50.79
N SER G 275 -55.04 -11.55 -52.05
CA SER G 275 -53.73 -11.68 -52.69
C SER G 275 -53.05 -12.99 -52.31
N LEU G 276 -53.60 -13.76 -51.37
CA LEU G 276 -52.99 -15.02 -50.97
C LEU G 276 -53.21 -16.07 -52.05
N GLN G 277 -52.12 -16.53 -52.67
CA GLN G 277 -52.20 -17.57 -53.68
C GLN G 277 -51.83 -18.95 -53.18
N ALA G 278 -51.02 -19.05 -52.13
CA ALA G 278 -50.48 -20.33 -51.69
C ALA G 278 -50.32 -20.34 -50.17
N LEU G 279 -50.90 -21.37 -49.54
CA LEU G 279 -50.77 -21.59 -48.11
C LEU G 279 -50.36 -23.03 -47.87
N MET G 280 -49.20 -23.24 -47.25
CA MET G 280 -48.70 -24.57 -46.98
C MET G 280 -48.44 -24.75 -45.49
N LEU G 281 -49.04 -25.80 -44.93
CA LEU G 281 -48.82 -26.16 -43.53
C LEU G 281 -48.41 -27.61 -43.39
N LYS G 282 -47.87 -28.22 -44.45
CA LYS G 282 -47.55 -29.64 -44.43
C LYS G 282 -46.54 -29.98 -43.34
N GLY G 283 -46.81 -31.07 -42.63
CA GLY G 283 -45.86 -31.62 -41.68
C GLY G 283 -45.90 -31.05 -40.29
N ASN G 284 -46.85 -30.18 -39.98
CA ASN G 284 -47.12 -29.81 -38.58
C ASN G 284 -47.95 -30.92 -37.97
N THR G 285 -47.26 -32.01 -37.62
CA THR G 285 -47.90 -33.29 -37.38
C THR G 285 -48.75 -33.32 -36.12
N LYS G 286 -48.80 -32.23 -35.34
CA LYS G 286 -49.65 -32.14 -34.17
C LYS G 286 -50.54 -30.90 -34.24
N PHE G 287 -50.95 -30.53 -35.45
CA PHE G 287 -51.88 -29.42 -35.62
C PHE G 287 -53.21 -29.74 -34.94
N SER G 288 -53.81 -30.87 -35.31
CA SER G 288 -54.88 -31.52 -34.54
C SER G 288 -56.06 -30.59 -34.32
N THR G 289 -56.70 -30.21 -35.43
CA THR G 289 -57.93 -29.44 -35.38
C THR G 289 -58.81 -29.88 -36.54
N THR G 290 -59.95 -29.21 -36.68
CA THR G 290 -60.83 -29.41 -37.82
C THR G 290 -60.76 -28.20 -38.73
N ILE G 291 -61.36 -28.34 -39.91
CA ILE G 291 -61.44 -27.24 -40.86
C ILE G 291 -62.88 -26.76 -40.87
N PRO G 292 -63.23 -25.71 -40.14
CA PRO G 292 -64.61 -25.21 -40.17
C PRO G 292 -65.00 -24.80 -41.59
N GLU G 293 -66.28 -25.00 -41.91
CA GLU G 293 -66.82 -24.50 -43.17
C GLU G 293 -66.48 -23.02 -43.36
N ASN G 294 -66.47 -22.27 -42.27
CA ASN G 294 -66.27 -20.83 -42.27
C ASN G 294 -64.82 -20.41 -42.49
N ALA G 295 -63.88 -21.37 -42.47
CA ALA G 295 -62.46 -21.04 -42.36
C ALA G 295 -61.92 -20.34 -43.61
N PHE G 296 -62.06 -20.99 -44.77
CA PHE G 296 -61.36 -20.57 -45.98
C PHE G 296 -62.24 -19.79 -46.94
N LYS G 297 -63.38 -19.30 -46.50
CA LYS G 297 -64.25 -18.51 -47.37
C LYS G 297 -63.66 -17.13 -47.60
N GLY G 298 -63.77 -16.65 -48.84
CA GLY G 298 -63.35 -15.32 -49.21
C GLY G 298 -61.99 -15.21 -49.87
N LEU G 299 -61.23 -16.30 -49.92
CA LEU G 299 -59.89 -16.28 -50.51
C LEU G 299 -60.03 -16.33 -52.03
N LYS G 300 -60.15 -15.13 -52.63
CA LYS G 300 -60.43 -15.02 -54.06
C LYS G 300 -59.30 -15.58 -54.92
N ASN G 301 -58.05 -15.45 -54.46
CA ASN G 301 -56.90 -15.78 -55.28
C ASN G 301 -56.14 -17.01 -54.78
N LEU G 302 -56.72 -17.80 -53.89
CA LEU G 302 -56.05 -18.99 -53.37
C LEU G 302 -55.94 -20.04 -54.48
N MET G 303 -54.71 -20.31 -54.91
CA MET G 303 -54.43 -21.33 -55.91
C MET G 303 -53.92 -22.63 -55.33
N ILE G 304 -53.12 -22.56 -54.26
CA ILE G 304 -52.42 -23.71 -53.73
C ILE G 304 -52.71 -23.81 -52.23
N LEU G 305 -53.24 -24.95 -51.81
CA LEU G 305 -53.55 -25.17 -50.38
C LEU G 305 -53.04 -26.55 -50.01
N VAL G 306 -52.00 -26.60 -49.19
CA VAL G 306 -51.38 -27.86 -48.80
C VAL G 306 -51.56 -28.05 -47.31
N LEU G 307 -52.35 -29.03 -46.92
CA LEU G 307 -52.61 -29.33 -45.51
C LEU G 307 -52.33 -30.78 -45.19
N SER G 308 -51.33 -31.37 -45.83
CA SER G 308 -51.05 -32.79 -45.66
C SER G 308 -50.23 -33.06 -44.40
N ASN G 309 -50.49 -34.21 -43.78
CA ASN G 309 -49.74 -34.70 -42.62
C ASN G 309 -49.72 -33.68 -41.48
N THR G 310 -50.92 -33.33 -41.01
CA THR G 310 -51.06 -32.41 -39.88
C THR G 310 -52.10 -32.89 -38.86
N ASN G 311 -52.55 -34.14 -38.95
CA ASN G 311 -53.53 -34.69 -38.02
C ASN G 311 -54.83 -33.88 -38.04
N ILE G 312 -55.23 -33.42 -39.23
CA ILE G 312 -56.48 -32.68 -39.36
C ILE G 312 -57.66 -33.62 -39.15
N GLN G 313 -58.65 -33.15 -38.40
CA GLN G 313 -59.78 -33.96 -37.97
C GLN G 313 -61.06 -33.51 -38.65
N GLY G 314 -62.06 -34.39 -38.64
CA GLY G 314 -63.39 -34.02 -39.10
C GLY G 314 -63.71 -34.41 -40.52
N SER G 315 -64.50 -33.58 -41.19
CA SER G 315 -64.97 -33.85 -42.55
C SER G 315 -64.52 -32.72 -43.47
N ILE G 316 -64.22 -33.09 -44.71
CA ILE G 316 -63.82 -32.14 -45.74
C ILE G 316 -64.90 -31.07 -45.90
N PRO G 317 -64.62 -29.83 -45.53
CA PRO G 317 -65.63 -28.77 -45.72
C PRO G 317 -65.95 -28.56 -47.19
N LYS G 318 -67.25 -28.48 -47.49
CA LYS G 318 -67.67 -28.24 -48.86
C LYS G 318 -67.37 -26.83 -49.34
N SER G 319 -67.01 -25.92 -48.42
CA SER G 319 -66.68 -24.56 -48.83
C SER G 319 -65.46 -24.52 -49.74
N LEU G 320 -64.57 -25.50 -49.60
CA LEU G 320 -63.42 -25.60 -50.49
C LEU G 320 -63.86 -25.75 -51.93
N THR G 321 -65.06 -26.27 -52.16
CA THR G 321 -65.62 -26.38 -53.51
C THR G 321 -65.75 -25.02 -54.18
N ARG G 322 -66.08 -23.99 -53.41
CA ARG G 322 -66.40 -22.68 -53.98
C ARG G 322 -65.20 -21.75 -54.07
N LEU G 323 -63.98 -22.24 -53.88
CA LEU G 323 -62.79 -21.42 -54.10
C LEU G 323 -62.48 -21.42 -55.60
N ASN G 324 -62.54 -20.23 -56.20
CA ASN G 324 -62.54 -20.15 -57.66
C ASN G 324 -61.18 -20.43 -58.26
N SER G 325 -60.11 -19.89 -57.66
CA SER G 325 -58.78 -19.98 -58.24
C SER G 325 -58.02 -21.23 -57.82
N LEU G 326 -58.63 -22.13 -57.06
CA LEU G 326 -57.91 -23.25 -56.47
C LEU G 326 -57.48 -24.24 -57.55
N ARG G 327 -56.17 -24.48 -57.65
CA ARG G 327 -55.62 -25.49 -58.55
C ARG G 327 -55.06 -26.72 -57.85
N VAL G 328 -54.53 -26.58 -56.64
CA VAL G 328 -53.81 -27.63 -55.94
C VAL G 328 -54.39 -27.76 -54.54
N LEU G 329 -54.90 -28.94 -54.19
CA LEU G 329 -55.49 -29.20 -52.88
C LEU G 329 -54.90 -30.48 -52.32
N HIS G 330 -54.10 -30.35 -51.26
CA HIS G 330 -53.40 -31.46 -50.63
C HIS G 330 -53.97 -31.70 -49.23
N LEU G 331 -54.67 -32.82 -49.05
CA LEU G 331 -55.18 -33.21 -47.74
C LEU G 331 -54.76 -34.62 -47.37
N GLU G 332 -53.70 -35.15 -47.96
CA GLU G 332 -53.31 -36.53 -47.73
C GLU G 332 -52.63 -36.69 -46.37
N GLY G 333 -52.84 -37.86 -45.77
CA GLY G 333 -52.17 -38.18 -44.53
C GLY G 333 -52.78 -37.60 -43.28
N ASN G 334 -54.11 -37.53 -43.20
CA ASN G 334 -54.79 -37.00 -42.03
C ASN G 334 -55.78 -38.04 -41.48
N ASN G 335 -56.67 -37.57 -40.61
CA ASN G 335 -57.73 -38.40 -40.03
C ASN G 335 -59.10 -37.90 -40.49
N LEU G 336 -59.18 -37.49 -41.76
CA LEU G 336 -60.44 -37.02 -42.31
C LEU G 336 -61.43 -38.18 -42.42
N THR G 337 -62.70 -37.89 -42.16
CA THR G 337 -63.72 -38.93 -42.09
C THR G 337 -64.98 -38.44 -42.78
N GLY G 338 -65.81 -39.38 -43.22
CA GLY G 338 -67.12 -39.06 -43.71
C GLY G 338 -67.21 -39.08 -45.22
N GLU G 339 -68.23 -38.38 -45.72
CA GLU G 339 -68.50 -38.30 -47.15
C GLU G 339 -67.60 -37.29 -47.82
N ILE G 340 -67.15 -37.60 -49.02
CA ILE G 340 -66.56 -36.58 -49.89
C ILE G 340 -67.71 -35.71 -50.37
N PRO G 341 -67.68 -34.40 -50.13
CA PRO G 341 -68.78 -33.53 -50.55
C PRO G 341 -69.14 -33.74 -52.01
N LEU G 342 -70.43 -33.98 -52.26
CA LEU G 342 -70.90 -34.22 -53.62
C LEU G 342 -70.68 -33.01 -54.51
N GLU G 343 -70.53 -31.81 -53.92
CA GLU G 343 -70.26 -30.62 -54.69
C GLU G 343 -68.94 -30.69 -55.45
N PHE G 344 -68.03 -31.58 -55.02
CA PHE G 344 -66.80 -31.81 -55.76
C PHE G 344 -67.06 -32.32 -57.16
N ARG G 345 -68.22 -32.93 -57.40
CA ARG G 345 -68.64 -33.31 -58.75
C ARG G 345 -68.59 -32.13 -59.71
N ASP G 346 -68.78 -30.91 -59.20
CA ASP G 346 -68.91 -29.72 -60.04
C ASP G 346 -67.62 -28.90 -60.13
N VAL G 347 -66.50 -29.43 -59.66
CA VAL G 347 -65.21 -28.74 -59.68
C VAL G 347 -64.42 -29.23 -60.88
N LYS G 348 -64.12 -28.32 -61.82
CA LYS G 348 -63.44 -28.70 -63.05
C LYS G 348 -62.12 -27.98 -63.25
N HIS G 349 -61.60 -27.26 -62.25
CA HIS G 349 -60.36 -26.52 -62.41
C HIS G 349 -59.24 -27.05 -61.52
N LEU G 350 -59.50 -28.03 -60.67
CA LEU G 350 -58.45 -28.63 -59.86
C LEU G 350 -57.51 -29.45 -60.72
N SER G 351 -56.22 -29.17 -60.64
CA SER G 351 -55.22 -29.97 -61.34
C SER G 351 -54.58 -31.01 -60.44
N GLU G 352 -54.44 -30.74 -59.14
CA GLU G 352 -54.00 -31.72 -58.16
C GLU G 352 -54.98 -31.77 -57.01
N LEU G 353 -55.38 -32.98 -56.63
CA LEU G 353 -56.27 -33.17 -55.49
C LEU G 353 -55.89 -34.49 -54.82
N ARG G 354 -55.38 -34.42 -53.59
CA ARG G 354 -54.98 -35.62 -52.86
C ARG G 354 -55.85 -35.78 -51.62
N LEU G 355 -56.55 -36.91 -51.54
CA LEU G 355 -57.31 -37.28 -50.37
C LEU G 355 -56.86 -38.63 -49.80
N ASN G 356 -55.75 -39.16 -50.30
CA ASN G 356 -55.29 -40.49 -49.92
C ASN G 356 -54.85 -40.54 -48.46
N ASP G 357 -54.90 -41.75 -47.90
CA ASP G 357 -54.41 -42.04 -46.55
C ASP G 357 -55.22 -41.27 -45.50
N ASN G 358 -56.54 -41.30 -45.63
CA ASN G 358 -57.42 -40.89 -44.55
C ASN G 358 -58.35 -42.05 -44.20
N SER G 359 -59.52 -41.74 -43.65
CA SER G 359 -60.60 -42.69 -43.47
C SER G 359 -61.91 -42.09 -43.96
N LEU G 360 -61.88 -41.54 -45.17
CA LEU G 360 -63.11 -41.16 -45.84
C LEU G 360 -63.93 -42.41 -46.13
N THR G 361 -65.23 -42.22 -46.33
CA THR G 361 -66.12 -43.38 -46.24
C THR G 361 -67.22 -43.44 -47.29
N GLY G 362 -67.58 -42.35 -47.96
CA GLY G 362 -68.71 -42.38 -48.84
C GLY G 362 -68.38 -43.00 -50.19
N PRO G 363 -69.21 -42.69 -51.20
CA PRO G 363 -68.82 -43.01 -52.58
C PRO G 363 -68.13 -41.83 -53.24
N VAL G 364 -67.09 -42.10 -54.04
CA VAL G 364 -66.34 -40.99 -54.64
C VAL G 364 -67.25 -40.24 -55.60
N PRO G 365 -67.29 -38.91 -55.55
CA PRO G 365 -68.29 -38.18 -56.33
C PRO G 365 -67.71 -37.43 -57.51
N PHE G 366 -66.77 -38.03 -58.24
CA PHE G 366 -66.11 -37.37 -59.35
C PHE G 366 -66.64 -37.89 -60.67
N GLU G 367 -66.79 -37.00 -61.64
CA GLU G 367 -67.32 -37.35 -62.94
C GLU G 367 -66.24 -37.98 -63.80
N ARG G 368 -66.66 -38.88 -64.70
CA ARG G 368 -65.73 -39.42 -65.69
C ARG G 368 -64.99 -38.29 -66.41
N ASP G 369 -65.71 -37.20 -66.71
CA ASP G 369 -65.21 -35.90 -67.14
C ASP G 369 -63.83 -35.59 -66.56
N THR G 370 -63.77 -35.36 -65.25
CA THR G 370 -62.55 -34.89 -64.63
C THR G 370 -61.65 -36.02 -64.12
N VAL G 371 -62.21 -37.21 -63.86
CA VAL G 371 -61.37 -38.36 -63.53
C VAL G 371 -60.41 -38.65 -64.67
N TRP G 372 -60.94 -38.68 -65.91
CA TRP G 372 -60.08 -39.03 -67.04
C TRP G 372 -59.14 -37.89 -67.43
N ARG G 373 -59.42 -36.65 -66.98
CA ARG G 373 -58.47 -35.56 -67.19
C ARG G 373 -57.36 -35.56 -66.14
N MET G 374 -57.73 -35.78 -64.88
CA MET G 374 -56.76 -35.67 -63.79
C MET G 374 -55.85 -36.89 -63.72
N ARG G 375 -56.42 -38.09 -63.87
CA ARG G 375 -55.66 -39.34 -63.89
C ARG G 375 -54.91 -39.44 -62.55
N ARG G 376 -53.59 -39.67 -62.57
CA ARG G 376 -52.81 -39.92 -61.36
C ARG G 376 -52.74 -38.70 -60.45
N LYS G 377 -53.11 -37.51 -60.91
CA LYS G 377 -53.09 -36.33 -60.06
C LYS G 377 -54.32 -36.22 -59.17
N LEU G 378 -55.14 -37.26 -59.14
CA LEU G 378 -56.25 -37.39 -58.21
C LEU G 378 -56.02 -38.67 -57.41
N ARG G 379 -55.73 -38.52 -56.13
CA ARG G 379 -55.34 -39.64 -55.28
C ARG G 379 -56.43 -39.88 -54.24
N LEU G 380 -56.94 -41.12 -54.21
CA LEU G 380 -57.99 -41.48 -53.27
C LEU G 380 -57.70 -42.77 -52.51
N TYR G 381 -56.54 -43.39 -52.72
CA TYR G 381 -56.26 -44.70 -52.14
C TYR G 381 -56.10 -44.61 -50.62
N ASN G 382 -56.13 -45.79 -49.99
CA ASN G 382 -55.98 -45.93 -48.54
C ASN G 382 -57.08 -45.20 -47.78
N ASN G 383 -58.28 -45.16 -48.37
CA ASN G 383 -59.52 -44.86 -47.65
C ASN G 383 -60.40 -46.09 -47.79
N ALA G 384 -60.42 -46.92 -46.74
CA ALA G 384 -61.18 -48.16 -46.79
C ALA G 384 -62.66 -47.90 -47.08
N GLY G 385 -63.19 -46.77 -46.64
CA GLY G 385 -64.61 -46.48 -46.82
C GLY G 385 -65.01 -46.29 -48.27
N LEU G 386 -64.20 -45.57 -49.05
CA LEU G 386 -64.60 -45.13 -50.40
C LEU G 386 -65.14 -46.28 -51.24
N CYS G 387 -66.16 -45.98 -52.04
CA CYS G 387 -66.90 -46.96 -52.82
C CYS G 387 -66.76 -46.67 -54.32
N VAL G 388 -67.43 -47.51 -55.11
CA VAL G 388 -67.49 -47.43 -56.58
C VAL G 388 -66.14 -47.03 -57.19
N ASN H 5 -31.58 -1.67 57.17
CA ASN H 5 -30.62 -0.90 57.96
C ASN H 5 -29.28 -1.61 58.01
N GLU H 6 -29.28 -2.87 58.47
CA GLU H 6 -28.07 -3.68 58.43
C GLU H 6 -27.81 -4.22 57.03
N GLY H 7 -28.87 -4.51 56.27
CA GLY H 7 -28.70 -4.87 54.88
C GLY H 7 -28.24 -3.71 54.02
N LYS H 8 -28.61 -2.49 54.43
CA LYS H 8 -28.01 -1.29 53.83
C LYS H 8 -26.50 -1.37 53.91
N ALA H 9 -25.96 -1.56 55.12
CA ALA H 9 -24.52 -1.61 55.33
C ALA H 9 -23.88 -2.77 54.57
N LEU H 10 -24.49 -3.96 54.65
CA LEU H 10 -23.92 -5.10 53.93
C LEU H 10 -23.91 -4.87 52.42
N MET H 11 -24.92 -4.15 51.91
CA MET H 11 -24.96 -3.85 50.49
C MET H 11 -23.91 -2.83 50.09
N ALA H 12 -23.64 -1.85 50.97
CA ALA H 12 -22.53 -0.94 50.69
C ALA H 12 -21.19 -1.65 50.71
N ILE H 13 -20.99 -2.56 51.67
CA ILE H 13 -19.76 -3.35 51.72
C ILE H 13 -19.59 -4.16 50.43
N LYS H 14 -20.69 -4.77 49.96
CA LYS H 14 -20.65 -5.47 48.67
C LYS H 14 -20.30 -4.53 47.53
N GLY H 15 -20.97 -3.37 47.47
CA GLY H 15 -20.75 -2.43 46.39
C GLY H 15 -19.39 -1.79 46.38
N SER H 16 -18.66 -1.84 47.50
CA SER H 16 -17.31 -1.30 47.54
C SER H 16 -16.27 -2.33 47.11
N PHE H 17 -16.68 -3.56 46.85
CA PHE H 17 -15.80 -4.54 46.22
C PHE H 17 -15.79 -4.29 44.71
N SER H 18 -15.11 -5.15 43.97
CA SER H 18 -15.01 -4.94 42.54
C SER H 18 -15.24 -6.22 41.75
N ASN H 19 -14.39 -7.23 41.96
CA ASN H 19 -14.38 -8.44 41.16
C ASN H 19 -15.47 -9.42 41.58
N LEU H 20 -16.66 -8.92 41.86
CA LEU H 20 -17.76 -9.72 42.41
C LEU H 20 -18.68 -10.26 41.31
N VAL H 21 -18.06 -10.78 40.25
CA VAL H 21 -18.75 -11.29 39.06
C VAL H 21 -19.86 -12.25 39.47
N ASN H 22 -19.48 -13.46 39.89
CA ASN H 22 -20.41 -14.45 40.41
C ASN H 22 -20.10 -14.78 41.86
N MET H 23 -19.77 -13.76 42.65
CA MET H 23 -19.23 -14.00 43.99
C MET H 23 -20.30 -13.92 45.07
N LEU H 24 -20.74 -12.70 45.37
CA LEU H 24 -21.74 -12.50 46.42
C LEU H 24 -23.14 -12.37 45.82
N LEU H 25 -23.51 -13.34 44.98
CA LEU H 25 -24.87 -13.40 44.45
C LEU H 25 -25.88 -13.64 45.56
N ASP H 26 -25.44 -14.25 46.66
CA ASP H 26 -26.27 -14.33 47.86
C ASP H 26 -26.79 -12.96 48.26
N TRP H 27 -25.89 -11.99 48.31
CA TRP H 27 -26.16 -10.67 48.87
C TRP H 27 -27.13 -9.93 47.97
N ASP H 28 -28.44 -10.01 48.29
CA ASP H 28 -29.48 -9.35 47.48
C ASP H 28 -30.59 -8.93 48.45
N ASP H 29 -30.65 -7.62 48.74
CA ASP H 29 -31.51 -7.10 49.81
C ASP H 29 -32.99 -7.33 49.55
N VAL H 30 -33.40 -7.69 48.32
CA VAL H 30 -34.80 -7.82 47.98
C VAL H 30 -35.15 -9.21 47.47
N HIS H 31 -34.25 -9.86 46.72
CA HIS H 31 -34.48 -11.24 46.30
C HIS H 31 -33.95 -12.26 47.31
N ASN H 32 -33.52 -11.83 48.49
CA ASN H 32 -32.98 -12.77 49.49
C ASN H 32 -33.21 -12.15 50.86
N SER H 33 -34.35 -12.49 51.47
CA SER H 33 -34.88 -11.74 52.61
C SER H 33 -33.99 -11.84 53.84
N ASP H 34 -33.42 -13.01 54.12
CA ASP H 34 -32.68 -13.24 55.37
C ASP H 34 -31.21 -12.86 55.19
N LEU H 35 -30.82 -11.67 55.65
CA LEU H 35 -29.40 -11.33 55.59
C LEU H 35 -28.56 -12.19 56.52
N CYS H 36 -29.18 -13.01 57.36
CA CYS H 36 -28.46 -13.82 58.33
C CYS H 36 -28.04 -15.16 57.75
N SER H 37 -28.25 -15.35 56.46
CA SER H 37 -27.90 -16.58 55.76
C SER H 37 -27.13 -16.30 54.49
N TRP H 38 -26.82 -15.03 54.20
CA TRP H 38 -25.95 -14.68 53.10
C TRP H 38 -24.57 -15.30 53.31
N ARG H 39 -23.81 -15.39 52.23
CA ARG H 39 -22.48 -15.98 52.29
C ARG H 39 -21.56 -15.19 53.22
N GLY H 40 -20.99 -15.89 54.21
CA GLY H 40 -19.94 -15.35 55.05
C GLY H 40 -20.38 -14.45 56.18
N VAL H 41 -21.67 -14.27 56.40
CA VAL H 41 -22.18 -13.48 57.51
C VAL H 41 -22.78 -14.41 58.56
N PHE H 42 -22.59 -14.06 59.83
CA PHE H 42 -23.12 -14.83 60.95
C PHE H 42 -23.75 -13.91 61.98
N CYS H 43 -25.00 -14.19 62.32
CA CYS H 43 -25.73 -13.45 63.35
C CYS H 43 -25.81 -14.28 64.63
N ASP H 44 -26.12 -13.58 65.73
CA ASP H 44 -26.52 -14.27 66.95
C ASP H 44 -28.00 -14.58 66.90
N ASN H 45 -28.38 -15.70 67.49
CA ASN H 45 -29.71 -16.28 67.32
C ASN H 45 -30.80 -15.58 68.13
N VAL H 46 -30.53 -14.43 68.75
CA VAL H 46 -31.51 -13.73 69.56
C VAL H 46 -31.91 -12.40 68.92
N SER H 47 -30.93 -11.54 68.63
CA SER H 47 -31.23 -10.26 67.98
C SER H 47 -31.09 -10.31 66.47
N TYR H 48 -30.54 -11.41 65.92
CA TYR H 48 -30.30 -11.55 64.49
C TYR H 48 -29.56 -10.34 63.93
N SER H 49 -28.54 -9.91 64.66
CA SER H 49 -27.63 -8.86 64.23
C SER H 49 -26.28 -9.47 63.87
N VAL H 50 -25.60 -8.85 62.91
CA VAL H 50 -24.34 -9.38 62.40
C VAL H 50 -23.28 -9.28 63.49
N VAL H 51 -22.66 -10.41 63.82
CA VAL H 51 -21.59 -10.44 64.82
C VAL H 51 -20.26 -10.90 64.23
N SER H 52 -20.24 -11.52 63.06
CA SER H 52 -19.03 -12.11 62.51
C SER H 52 -19.16 -12.14 60.99
N LEU H 53 -18.13 -11.62 60.31
CA LEU H 53 -18.10 -11.53 58.86
C LEU H 53 -16.79 -12.11 58.36
N ASN H 54 -16.88 -13.22 57.61
CA ASN H 54 -15.69 -13.90 57.11
C ASN H 54 -15.84 -14.08 55.60
N LEU H 55 -15.12 -13.25 54.84
CA LEU H 55 -15.06 -13.33 53.38
C LEU H 55 -13.66 -13.74 52.93
N SER H 56 -13.05 -14.69 53.65
CA SER H 56 -11.65 -15.02 53.45
C SER H 56 -11.39 -15.66 52.09
N SER H 57 -10.39 -15.14 51.38
CA SER H 57 -9.78 -15.80 50.23
C SER H 57 -10.73 -15.81 49.03
N LEU H 58 -11.45 -14.71 48.81
CA LEU H 58 -12.38 -14.61 47.69
C LEU H 58 -11.93 -13.64 46.61
N ASN H 59 -10.89 -12.83 46.86
CA ASN H 59 -10.38 -11.86 45.89
C ASN H 59 -11.48 -10.89 45.43
N LEU H 60 -12.21 -10.34 46.39
CA LEU H 60 -13.30 -9.44 46.04
C LEU H 60 -12.79 -8.14 45.43
N GLY H 61 -11.58 -7.72 45.79
CA GLY H 61 -10.81 -6.80 44.97
C GLY H 61 -11.15 -5.32 45.07
N GLY H 62 -12.01 -4.92 46.00
CA GLY H 62 -12.39 -3.52 46.03
C GLY H 62 -11.68 -2.73 47.12
N GLU H 63 -12.47 -2.06 47.97
CA GLU H 63 -11.99 -1.36 49.13
C GLU H 63 -12.84 -1.79 50.32
N ILE H 64 -12.43 -1.41 51.52
CA ILE H 64 -13.23 -1.69 52.72
C ILE H 64 -14.12 -0.48 52.94
N SER H 65 -15.41 -0.65 52.69
CA SER H 65 -16.36 0.45 52.80
C SER H 65 -16.45 0.94 54.24
N PRO H 66 -16.61 2.25 54.46
CA PRO H 66 -16.86 2.73 55.82
C PRO H 66 -18.12 2.15 56.43
N ALA H 67 -19.02 1.58 55.63
CA ALA H 67 -20.26 1.00 56.13
C ALA H 67 -20.03 -0.21 57.02
N ILE H 68 -18.80 -0.76 57.03
CA ILE H 68 -18.47 -1.81 57.97
C ILE H 68 -18.55 -1.29 59.40
N GLY H 69 -18.44 0.03 59.60
CA GLY H 69 -18.64 0.62 60.90
C GLY H 69 -20.09 0.69 61.32
N ASP H 70 -21.01 0.31 60.43
CA ASP H 70 -22.43 0.34 60.71
C ASP H 70 -22.96 -1.00 61.21
N LEU H 71 -22.10 -2.02 61.32
CA LEU H 71 -22.47 -3.28 61.96
C LEU H 71 -21.93 -3.22 63.39
N ARG H 72 -22.66 -2.47 64.23
CA ARG H 72 -22.16 -2.13 65.55
C ARG H 72 -21.89 -3.36 66.43
N ASN H 73 -22.65 -4.43 66.23
CA ASN H 73 -22.53 -5.63 67.04
C ASN H 73 -21.52 -6.63 66.50
N LEU H 74 -20.65 -6.21 65.57
CA LEU H 74 -19.62 -7.11 65.05
C LEU H 74 -18.63 -7.50 66.13
N GLN H 75 -18.38 -8.81 66.25
CA GLN H 75 -17.32 -9.30 67.11
C GLN H 75 -16.12 -9.86 66.36
N SER H 76 -16.27 -10.18 65.07
CA SER H 76 -15.15 -10.72 64.32
C SER H 76 -15.22 -10.31 62.85
N ILE H 77 -14.12 -9.78 62.33
CA ILE H 77 -13.98 -9.41 60.92
C ILE H 77 -12.78 -10.14 60.33
N ASP H 78 -13.00 -10.83 59.22
CA ASP H 78 -11.96 -11.53 58.48
C ASP H 78 -12.12 -11.22 57.00
N LEU H 79 -11.31 -10.30 56.49
CA LEU H 79 -11.31 -9.90 55.09
C LEU H 79 -9.98 -10.23 54.42
N GLN H 80 -9.33 -11.31 54.86
CA GLN H 80 -8.01 -11.66 54.35
C GLN H 80 -8.08 -12.19 52.92
N GLY H 81 -7.06 -11.87 52.13
CA GLY H 81 -6.89 -12.45 50.81
C GLY H 81 -7.93 -12.00 49.82
N ASN H 82 -8.08 -10.69 49.66
CA ASN H 82 -9.11 -10.17 48.76
C ASN H 82 -8.60 -9.02 47.88
N LYS H 83 -7.28 -8.83 47.80
CA LYS H 83 -6.69 -7.79 46.96
C LYS H 83 -7.29 -6.43 47.27
N LEU H 84 -7.63 -6.20 48.54
CA LEU H 84 -8.31 -4.98 48.93
C LEU H 84 -7.34 -3.80 48.92
N ALA H 85 -7.81 -2.67 48.42
CA ALA H 85 -7.00 -1.45 48.36
C ALA H 85 -7.62 -0.37 49.25
N GLY H 86 -7.10 0.85 49.12
CA GLY H 86 -7.50 1.94 49.97
C GLY H 86 -6.88 1.86 51.35
N GLN H 87 -7.36 2.74 52.21
CA GLN H 87 -6.94 2.80 53.60
C GLN H 87 -7.90 2.01 54.48
N ILE H 88 -7.44 1.67 55.68
CA ILE H 88 -8.30 1.05 56.67
C ILE H 88 -9.30 2.12 57.14
N PRO H 89 -10.59 1.96 56.87
CA PRO H 89 -11.54 3.04 57.17
C PRO H 89 -11.62 3.32 58.66
N ASP H 90 -11.74 4.61 59.00
CA ASP H 90 -11.80 5.01 60.40
C ASP H 90 -12.98 4.37 61.12
N GLU H 91 -14.05 4.05 60.38
CA GLU H 91 -15.29 3.63 61.01
C GLU H 91 -15.19 2.27 61.69
N ILE H 92 -14.18 1.47 61.37
CA ILE H 92 -13.94 0.25 62.12
C ILE H 92 -13.83 0.55 63.61
N GLY H 93 -13.39 1.77 63.93
CA GLY H 93 -13.24 2.17 65.32
C GLY H 93 -14.54 2.22 66.11
N ASN H 94 -15.69 2.32 65.43
CA ASN H 94 -16.97 2.26 66.15
C ASN H 94 -17.62 0.88 65.99
N CYS H 95 -16.78 -0.15 65.94
CA CYS H 95 -17.22 -1.53 66.12
C CYS H 95 -16.85 -1.99 67.53
N ALA H 96 -17.49 -1.34 68.52
CA ALA H 96 -17.04 -1.44 69.91
C ALA H 96 -16.90 -2.88 70.39
N SER H 97 -17.77 -3.77 69.92
CA SER H 97 -17.73 -5.17 70.33
C SER H 97 -16.68 -5.99 69.60
N LEU H 98 -15.88 -5.37 68.72
CA LEU H 98 -14.93 -6.11 67.90
C LEU H 98 -13.88 -6.78 68.77
N VAL H 99 -13.60 -8.05 68.48
CA VAL H 99 -12.70 -8.86 69.30
C VAL H 99 -11.58 -9.39 68.42
N TYR H 100 -11.87 -9.63 67.15
CA TYR H 100 -10.91 -10.23 66.22
C TYR H 100 -10.97 -9.48 64.90
N LEU H 101 -9.83 -8.94 64.48
CA LEU H 101 -9.74 -8.16 63.24
C LEU H 101 -8.58 -8.69 62.41
N ASP H 102 -8.89 -9.25 61.25
CA ASP H 102 -7.87 -9.85 60.37
C ASP H 102 -8.03 -9.25 58.98
N LEU H 103 -7.12 -8.35 58.61
CA LEU H 103 -7.05 -7.78 57.26
C LEU H 103 -5.80 -8.24 56.51
N SER H 104 -5.20 -9.34 56.93
CA SER H 104 -3.93 -9.79 56.38
C SER H 104 -4.09 -10.21 54.91
N GLU H 105 -2.96 -10.27 54.21
CA GLU H 105 -2.89 -10.60 52.78
C GLU H 105 -3.86 -9.74 51.95
N ASN H 106 -3.58 -8.44 51.93
CA ASN H 106 -4.30 -7.53 51.04
C ASN H 106 -3.33 -6.47 50.56
N LEU H 107 -3.87 -5.37 50.03
CA LEU H 107 -3.07 -4.28 49.51
C LEU H 107 -3.43 -2.96 50.17
N LEU H 108 -3.82 -2.99 51.44
CA LEU H 108 -4.26 -1.79 52.12
C LEU H 108 -3.07 -0.89 52.41
N TYR H 109 -3.25 0.42 52.29
CA TYR H 109 -2.17 1.38 52.47
C TYR H 109 -2.56 2.42 53.53
N GLY H 110 -1.63 3.31 53.84
CA GLY H 110 -1.86 4.33 54.84
C GLY H 110 -1.42 3.91 56.23
N ASP H 111 -1.85 4.69 57.20
CA ASP H 111 -1.49 4.47 58.59
C ASP H 111 -2.45 3.49 59.26
N ILE H 112 -2.02 2.94 60.39
CA ILE H 112 -2.90 2.23 61.29
C ILE H 112 -3.81 3.29 61.90
N PRO H 113 -5.12 3.23 61.67
CA PRO H 113 -5.97 4.36 62.07
C PRO H 113 -6.00 4.55 63.58
N PHE H 114 -6.25 5.80 63.97
CA PHE H 114 -6.35 6.10 65.40
C PHE H 114 -7.54 5.40 66.03
N SER H 115 -8.65 5.27 65.27
CA SER H 115 -9.85 4.66 65.80
C SER H 115 -9.65 3.21 66.24
N ILE H 116 -8.57 2.56 65.78
CA ILE H 116 -8.27 1.22 66.24
C ILE H 116 -8.13 1.18 67.76
N SER H 117 -7.69 2.29 68.37
CA SER H 117 -7.53 2.31 69.81
C SER H 117 -8.85 2.39 70.55
N LYS H 118 -9.95 2.70 69.86
CA LYS H 118 -11.27 2.70 70.49
C LYS H 118 -11.83 1.29 70.70
N LEU H 119 -11.17 0.25 70.19
CA LEU H 119 -11.70 -1.11 70.23
C LEU H 119 -11.20 -1.77 71.51
N LYS H 120 -11.88 -1.44 72.61
CA LYS H 120 -11.47 -1.88 73.94
C LYS H 120 -11.68 -3.37 74.17
N GLN H 121 -12.32 -4.06 73.23
CA GLN H 121 -12.53 -5.50 73.32
C GLN H 121 -11.60 -6.27 72.39
N LEU H 122 -10.81 -5.57 71.58
CA LEU H 122 -9.97 -6.21 70.57
C LEU H 122 -8.92 -7.10 71.22
N GLU H 123 -8.80 -8.34 70.71
CA GLU H 123 -7.78 -9.27 71.17
C GLU H 123 -6.81 -9.69 70.09
N THR H 124 -7.18 -9.61 68.81
CA THR H 124 -6.31 -10.00 67.70
C THR H 124 -6.35 -8.90 66.64
N LEU H 125 -5.22 -8.23 66.44
CA LEU H 125 -5.06 -7.26 65.36
C LEU H 125 -4.05 -7.86 64.39
N ASN H 126 -4.55 -8.40 63.29
CA ASN H 126 -3.74 -9.02 62.26
C ASN H 126 -3.82 -8.17 61.00
N LEU H 127 -2.74 -7.45 60.71
CA LEU H 127 -2.61 -6.62 59.52
C LEU H 127 -1.46 -7.10 58.64
N LYS H 128 -1.10 -8.38 58.76
CA LYS H 128 0.05 -8.93 58.08
C LYS H 128 -0.02 -8.74 56.56
N ASN H 129 1.12 -8.40 55.96
CA ASN H 129 1.29 -8.39 54.51
C ASN H 129 0.30 -7.44 53.82
N ASN H 130 0.58 -6.16 53.97
CA ASN H 130 -0.14 -5.11 53.25
C ASN H 130 0.89 -4.07 52.81
N GLN H 131 0.42 -2.89 52.44
CA GLN H 131 1.28 -1.76 52.09
C GLN H 131 1.14 -0.62 53.10
N LEU H 132 0.95 -0.97 54.37
CA LEU H 132 0.76 0.05 55.39
C LEU H 132 2.06 0.79 55.66
N THR H 133 1.96 2.11 55.76
CA THR H 133 3.10 2.98 56.02
C THR H 133 2.81 3.82 57.26
N GLY H 134 3.87 4.25 57.94
CA GLY H 134 3.74 5.06 59.12
C GLY H 134 4.23 4.35 60.37
N PRO H 135 4.10 5.03 61.51
CA PRO H 135 4.67 4.50 62.76
C PRO H 135 3.73 3.51 63.42
N VAL H 136 4.34 2.62 64.21
CA VAL H 136 3.58 1.83 65.18
C VAL H 136 3.17 2.78 66.29
N PRO H 137 1.92 3.23 66.33
CA PRO H 137 1.55 4.31 67.25
C PRO H 137 1.46 3.82 68.68
N ALA H 138 1.71 4.75 69.61
CA ALA H 138 1.61 4.42 71.02
C ALA H 138 0.17 4.10 71.43
N THR H 139 -0.80 4.51 70.61
CA THR H 139 -2.20 4.26 70.91
C THR H 139 -2.52 2.77 71.04
N LEU H 140 -1.72 1.90 70.40
CA LEU H 140 -1.94 0.47 70.54
C LEU H 140 -1.71 -0.03 71.95
N THR H 141 -1.00 0.75 72.78
CA THR H 141 -0.86 0.40 74.19
C THR H 141 -2.12 0.71 74.99
N GLN H 142 -3.11 1.34 74.36
CA GLN H 142 -4.40 1.64 74.98
C GLN H 142 -5.45 0.59 74.65
N ILE H 143 -5.03 -0.59 74.22
CA ILE H 143 -5.94 -1.71 73.96
C ILE H 143 -5.74 -2.73 75.09
N PRO H 144 -6.60 -2.72 76.12
CA PRO H 144 -6.28 -3.47 77.34
C PRO H 144 -6.33 -4.98 77.17
N ASN H 145 -6.94 -5.50 76.11
CA ASN H 145 -7.14 -6.93 75.96
C ASN H 145 -6.36 -7.51 74.79
N LEU H 146 -5.50 -6.72 74.15
CA LEU H 146 -4.81 -7.16 72.94
C LEU H 146 -3.79 -8.24 73.27
N LYS H 147 -4.00 -9.43 72.72
CA LYS H 147 -3.08 -10.54 72.90
C LYS H 147 -2.19 -10.79 71.69
N ARG H 148 -2.67 -10.48 70.49
CA ARG H 148 -1.96 -10.80 69.25
C ARG H 148 -1.86 -9.54 68.39
N LEU H 149 -0.64 -9.07 68.17
CA LEU H 149 -0.37 -7.90 67.34
C LEU H 149 0.57 -8.33 66.22
N ASP H 150 0.01 -8.61 65.04
CA ASP H 150 0.79 -9.09 63.91
C ASP H 150 0.76 -8.02 62.82
N LEU H 151 1.89 -7.32 62.65
CA LEU H 151 2.03 -6.25 61.68
C LEU H 151 3.13 -6.57 60.66
N ALA H 152 3.52 -7.84 60.57
CA ALA H 152 4.57 -8.26 59.66
C ALA H 152 4.22 -7.95 58.21
N GLY H 153 5.27 -7.77 57.39
CA GLY H 153 5.09 -7.63 55.97
C GLY H 153 4.56 -6.30 55.48
N ASN H 154 4.89 -5.21 56.16
CA ASN H 154 4.46 -3.89 55.74
C ASN H 154 5.68 -2.99 55.59
N HIS H 155 5.43 -1.68 55.46
CA HIS H 155 6.50 -0.71 55.33
C HIS H 155 6.43 0.29 56.47
N LEU H 156 6.23 -0.21 57.69
CA LEU H 156 6.11 0.67 58.85
C LEU H 156 7.46 1.29 59.18
N THR H 157 7.41 2.48 59.77
CA THR H 157 8.59 3.32 59.94
C THR H 157 8.65 3.85 61.37
N GLY H 158 9.77 4.49 61.71
CA GLY H 158 9.98 5.00 63.06
C GLY H 158 10.61 3.94 63.96
N GLU H 159 10.64 4.27 65.25
CA GLU H 159 11.22 3.39 66.25
C GLU H 159 10.14 2.62 67.01
N ILE H 160 10.58 1.61 67.73
CA ILE H 160 9.70 0.83 68.61
C ILE H 160 9.74 1.52 69.98
N SER H 161 8.81 2.45 70.19
CA SER H 161 8.76 3.17 71.45
C SER H 161 8.62 2.19 72.61
N ARG H 162 9.41 2.41 73.66
CA ARG H 162 9.43 1.46 74.77
C ARG H 162 8.10 1.42 75.50
N LEU H 163 7.25 2.44 75.31
CA LEU H 163 5.88 2.40 75.80
C LEU H 163 5.18 1.09 75.41
N LEU H 164 5.50 0.58 74.22
CA LEU H 164 4.87 -0.65 73.75
C LEU H 164 5.19 -1.83 74.65
N TYR H 165 6.38 -1.87 75.25
CA TYR H 165 6.81 -3.06 75.97
C TYR H 165 6.17 -3.21 77.35
N TRP H 166 5.42 -2.21 77.81
CA TRP H 166 4.74 -2.31 79.12
C TRP H 166 3.36 -2.91 78.90
N ASN H 167 3.32 -4.24 78.85
CA ASN H 167 2.07 -4.94 78.57
C ASN H 167 2.17 -6.36 79.13
N GLU H 168 1.22 -6.73 80.00
CA GLU H 168 1.24 -8.04 80.64
C GLU H 168 0.42 -9.10 79.91
N VAL H 169 -0.49 -8.71 79.02
CA VAL H 169 -1.39 -9.67 78.39
C VAL H 169 -0.99 -9.98 76.95
N LEU H 170 -0.08 -9.23 76.37
CA LEU H 170 0.33 -9.46 74.99
C LEU H 170 1.04 -10.80 74.86
N GLN H 171 0.70 -11.55 73.82
CA GLN H 171 1.22 -12.88 73.55
C GLN H 171 2.17 -12.90 72.37
N TYR H 172 1.86 -12.16 71.32
CA TYR H 172 2.48 -12.30 70.02
C TYR H 172 2.81 -10.90 69.50
N LEU H 173 4.09 -10.59 69.41
CA LEU H 173 4.54 -9.31 68.86
C LEU H 173 5.25 -9.62 67.53
N GLY H 174 4.51 -9.48 66.44
CA GLY H 174 5.04 -9.73 65.11
C GLY H 174 5.25 -8.46 64.32
N LEU H 175 6.51 -8.04 64.18
CA LEU H 175 6.87 -6.84 63.43
C LEU H 175 7.84 -7.16 62.29
N ARG H 176 7.89 -8.41 61.84
CA ARG H 176 8.90 -8.84 60.89
C ARG H 176 8.72 -8.17 59.54
N GLY H 177 9.83 -7.66 58.99
CA GLY H 177 9.85 -7.21 57.61
C GLY H 177 9.47 -5.77 57.36
N ASN H 178 9.51 -4.91 58.37
CA ASN H 178 9.22 -3.51 58.18
C ASN H 178 10.53 -2.72 58.11
N MET H 179 10.44 -1.39 58.23
CA MET H 179 11.61 -0.53 58.16
C MET H 179 11.77 0.20 59.47
N LEU H 180 11.72 -0.55 60.57
CA LEU H 180 11.78 0.04 61.91
C LEU H 180 13.22 0.32 62.30
N THR H 181 13.47 1.52 62.81
CA THR H 181 14.79 1.94 63.23
C THR H 181 14.83 2.05 64.75
N GLY H 182 15.93 2.59 65.27
CA GLY H 182 16.10 2.69 66.71
C GLY H 182 16.68 1.44 67.33
N THR H 183 16.36 1.18 68.59
CA THR H 183 17.01 0.14 69.36
C THR H 183 15.96 -0.69 70.11
N LEU H 184 16.36 -1.91 70.45
CA LEU H 184 15.69 -2.62 71.53
C LEU H 184 15.87 -1.85 72.83
N SER H 185 15.04 -2.16 73.81
CA SER H 185 15.10 -1.54 75.11
C SER H 185 15.23 -2.62 76.17
N SER H 186 15.61 -2.22 77.37
CA SER H 186 15.62 -3.16 78.49
C SER H 186 14.18 -3.42 78.95
N ASP H 187 13.33 -2.41 78.87
CA ASP H 187 11.91 -2.54 79.14
C ASP H 187 11.29 -3.63 78.28
N MET H 188 12.05 -4.14 77.30
CA MET H 188 11.60 -5.29 76.54
C MET H 188 11.17 -6.44 77.44
N CYS H 189 11.86 -6.63 78.57
CA CYS H 189 11.50 -7.75 79.43
C CYS H 189 10.26 -7.47 80.27
N GLN H 190 9.61 -6.32 80.08
CA GLN H 190 8.33 -6.04 80.73
C GLN H 190 7.17 -6.71 80.01
N LEU H 191 7.38 -7.19 78.78
CA LEU H 191 6.40 -8.03 78.10
C LEU H 191 6.26 -9.36 78.83
N THR H 192 5.64 -9.32 80.02
CA THR H 192 5.69 -10.45 80.94
C THR H 192 4.83 -11.62 80.50
N GLY H 193 3.95 -11.43 79.50
CA GLY H 193 3.10 -12.51 79.05
C GLY H 193 3.40 -12.95 77.63
N LEU H 194 4.41 -12.33 77.02
CA LEU H 194 4.74 -12.62 75.63
C LEU H 194 5.39 -13.99 75.48
N TRP H 195 5.03 -14.70 74.41
CA TRP H 195 5.72 -15.92 74.03
C TRP H 195 6.43 -15.82 72.68
N TYR H 196 6.10 -14.83 71.86
CA TYR H 196 6.66 -14.70 70.51
C TYR H 196 7.10 -13.26 70.27
N PHE H 197 8.41 -13.05 70.12
CA PHE H 197 8.96 -11.72 69.85
C PHE H 197 9.70 -11.79 68.52
N ASP H 198 9.13 -11.18 67.48
CA ASP H 198 9.69 -11.28 66.13
C ASP H 198 9.86 -9.89 65.55
N VAL H 199 11.10 -9.44 65.40
CA VAL H 199 11.38 -8.14 64.81
C VAL H 199 12.39 -8.30 63.69
N ARG H 200 12.43 -9.49 63.09
CA ARG H 200 13.41 -9.78 62.07
C ARG H 200 13.14 -8.97 60.80
N GLY H 201 14.22 -8.55 60.15
CA GLY H 201 14.13 -7.89 58.86
C GLY H 201 13.95 -6.39 58.89
N ASN H 202 14.19 -5.74 60.03
CA ASN H 202 14.11 -4.31 60.13
C ASN H 202 15.51 -3.71 60.05
N ASN H 203 15.68 -2.49 60.56
CA ASN H 203 16.95 -1.78 60.56
C ASN H 203 17.26 -1.22 61.95
N LEU H 204 17.20 -2.07 62.96
CA LEU H 204 17.41 -1.64 64.34
C LEU H 204 18.88 -1.72 64.72
N THR H 205 19.45 -0.60 65.17
CA THR H 205 20.83 -0.58 65.60
C THR H 205 20.87 -0.87 67.11
N GLY H 206 21.98 -0.55 67.77
CA GLY H 206 22.12 -0.83 69.18
C GLY H 206 22.56 -2.26 69.45
N THR H 207 22.49 -2.64 70.72
CA THR H 207 22.93 -3.95 71.17
C THR H 207 21.77 -4.72 71.79
N ILE H 208 22.01 -5.99 72.06
CA ILE H 208 21.09 -6.81 72.84
C ILE H 208 21.15 -6.33 74.29
N PRO H 209 20.03 -5.96 74.90
CA PRO H 209 20.06 -5.48 76.29
C PRO H 209 20.58 -6.55 77.23
N GLU H 210 21.42 -6.13 78.18
CA GLU H 210 22.07 -7.09 79.08
C GLU H 210 21.10 -7.75 80.06
N SER H 211 19.93 -7.14 80.28
CA SER H 211 18.93 -7.69 81.18
C SER H 211 17.94 -8.61 80.45
N ILE H 212 18.26 -9.03 79.22
CA ILE H 212 17.33 -9.81 78.42
C ILE H 212 17.03 -11.16 79.04
N GLY H 213 17.82 -11.59 80.03
CA GLY H 213 17.53 -12.82 80.73
C GLY H 213 16.32 -12.75 81.65
N ASN H 214 15.75 -11.56 81.84
CA ASN H 214 14.49 -11.40 82.55
C ASN H 214 13.29 -11.79 81.69
N CYS H 215 13.49 -11.96 80.38
CA CYS H 215 12.41 -12.26 79.45
C CYS H 215 12.15 -13.77 79.41
N THR H 216 11.79 -14.32 80.57
CA THR H 216 11.73 -15.78 80.73
C THR H 216 10.46 -16.40 80.20
N SER H 217 9.47 -15.60 79.81
CA SER H 217 8.24 -16.13 79.22
C SER H 217 8.39 -16.40 77.73
N PHE H 218 9.42 -15.86 77.09
CA PHE H 218 9.59 -15.98 75.66
C PHE H 218 9.76 -17.44 75.25
N GLN H 219 9.04 -17.83 74.19
CA GLN H 219 9.23 -19.12 73.55
C GLN H 219 10.00 -19.01 72.24
N ILE H 220 9.95 -17.86 71.58
CA ILE H 220 10.62 -17.65 70.31
C ILE H 220 11.14 -16.22 70.32
N LEU H 221 12.47 -16.06 70.32
CA LEU H 221 13.11 -14.76 70.24
C LEU H 221 13.78 -14.64 68.87
N ASP H 222 13.36 -13.64 68.09
CA ASP H 222 13.82 -13.49 66.72
C ASP H 222 14.10 -12.01 66.47
N ILE H 223 15.38 -11.65 66.46
CA ILE H 223 15.82 -10.30 66.16
C ILE H 223 16.76 -10.28 64.95
N SER H 224 16.65 -11.30 64.10
CA SER H 224 17.62 -11.56 63.07
C SER H 224 17.58 -10.51 61.95
N TYR H 225 18.69 -10.40 61.24
CA TYR H 225 18.82 -9.58 60.03
C TYR H 225 18.47 -8.12 60.33
N ASN H 226 19.29 -7.50 61.18
CA ASN H 226 18.82 -6.25 61.78
C ASN H 226 19.91 -5.20 61.99
N GLN H 227 21.18 -5.56 61.80
CA GLN H 227 22.32 -4.66 62.01
C GLN H 227 22.56 -4.37 63.49
N ILE H 228 22.28 -5.33 64.37
CA ILE H 228 22.53 -5.18 65.80
C ILE H 228 23.99 -5.50 66.08
N THR H 229 24.62 -4.69 66.95
CA THR H 229 26.03 -4.80 67.25
C THR H 229 26.22 -5.27 68.70
N GLY H 230 27.46 -5.19 69.18
CA GLY H 230 27.80 -5.66 70.51
C GLY H 230 28.02 -7.16 70.54
N GLU H 231 28.07 -7.69 71.75
CA GLU H 231 28.25 -9.12 71.96
C GLU H 231 26.94 -9.75 72.41
N ILE H 232 26.97 -11.06 72.58
CA ILE H 232 25.81 -11.82 73.06
C ILE H 232 25.86 -11.81 74.59
N PRO H 233 24.94 -11.11 75.27
CA PRO H 233 25.04 -11.01 76.73
C PRO H 233 24.98 -12.38 77.38
N TYR H 234 25.66 -12.50 78.53
CA TYR H 234 25.66 -13.75 79.28
C TYR H 234 24.24 -14.14 79.69
N ASN H 235 23.42 -13.16 80.08
CA ASN H 235 22.08 -13.44 80.59
C ASN H 235 21.17 -14.06 79.54
N ILE H 236 21.59 -14.12 78.28
CA ILE H 236 20.87 -14.85 77.25
C ILE H 236 20.65 -16.29 77.71
N GLY H 237 21.51 -16.78 78.62
CA GLY H 237 21.39 -18.13 79.13
C GLY H 237 20.21 -18.38 80.05
N PHE H 238 19.55 -17.33 80.52
CA PHE H 238 18.36 -17.47 81.36
C PHE H 238 17.09 -17.56 80.55
N LEU H 239 17.15 -17.26 79.25
CA LEU H 239 15.96 -17.41 78.42
C LEU H 239 15.49 -18.86 78.44
N GLN H 240 14.19 -19.04 78.27
CA GLN H 240 13.59 -20.36 78.13
C GLN H 240 13.13 -20.61 76.70
N VAL H 241 13.70 -19.85 75.76
CA VAL H 241 13.26 -19.93 74.38
C VAL H 241 13.52 -21.32 73.82
N ALA H 242 12.69 -21.71 72.85
CA ALA H 242 12.95 -22.86 72.01
C ALA H 242 13.57 -22.45 70.69
N THR H 243 13.38 -21.19 70.29
CA THR H 243 13.97 -20.64 69.08
C THR H 243 14.74 -19.39 69.46
N LEU H 244 16.04 -19.40 69.20
CA LEU H 244 16.88 -18.22 69.41
C LEU H 244 17.49 -17.87 68.06
N SER H 245 16.97 -16.80 67.45
CA SER H 245 17.28 -16.43 66.07
C SER H 245 17.96 -15.07 66.07
N LEU H 246 19.29 -15.09 66.08
CA LEU H 246 20.09 -13.88 66.12
C LEU H 246 20.85 -13.63 64.81
N GLN H 247 20.57 -14.41 63.77
CA GLN H 247 21.40 -14.45 62.58
C GLN H 247 21.27 -13.18 61.74
N GLY H 248 22.26 -12.96 60.88
CA GLY H 248 22.19 -11.87 59.92
C GLY H 248 22.52 -10.51 60.48
N ASN H 249 23.15 -10.45 61.65
CA ASN H 249 23.45 -9.19 62.31
C ASN H 249 24.96 -8.90 62.25
N ARG H 250 25.43 -8.06 63.20
CA ARG H 250 26.83 -7.66 63.29
C ARG H 250 27.40 -7.98 64.68
N LEU H 251 26.97 -9.10 65.25
CA LEU H 251 27.42 -9.51 66.58
C LEU H 251 28.90 -9.88 66.56
N THR H 252 29.61 -9.46 67.60
CA THR H 252 31.03 -9.72 67.73
C THR H 252 31.29 -10.49 69.02
N GLY H 253 32.51 -10.97 69.17
CA GLY H 253 32.89 -11.72 70.35
C GLY H 253 32.65 -13.21 70.19
N ARG H 254 32.93 -13.92 71.27
CA ARG H 254 32.76 -15.35 71.30
C ARG H 254 31.31 -15.74 71.58
N ILE H 255 31.02 -17.02 71.39
CA ILE H 255 29.70 -17.57 71.69
C ILE H 255 29.63 -17.85 73.19
N PRO H 256 28.78 -17.16 73.95
CA PRO H 256 28.68 -17.44 75.39
C PRO H 256 28.43 -18.91 75.69
N GLU H 257 29.32 -19.50 76.49
CA GLU H 257 29.23 -20.92 76.84
C GLU H 257 27.93 -21.25 77.55
N VAL H 258 27.32 -20.29 78.23
CA VAL H 258 26.10 -20.52 78.99
C VAL H 258 24.96 -20.99 78.11
N ILE H 259 25.01 -20.70 76.80
CA ILE H 259 24.00 -21.15 75.86
C ILE H 259 23.90 -22.68 75.89
N GLY H 260 24.94 -23.36 76.36
CA GLY H 260 24.93 -24.81 76.47
C GLY H 260 24.03 -25.37 77.56
N LEU H 261 23.50 -24.52 78.44
CA LEU H 261 22.60 -24.96 79.49
C LEU H 261 21.13 -24.78 79.12
N MET H 262 20.84 -24.09 78.01
CA MET H 262 19.47 -23.83 77.56
C MET H 262 18.92 -25.08 76.89
N GLN H 263 18.59 -26.08 77.72
CA GLN H 263 18.21 -27.39 77.19
C GLN H 263 16.81 -27.41 76.58
N ALA H 264 15.99 -26.38 76.80
CA ALA H 264 14.71 -26.31 76.10
C ALA H 264 14.87 -25.84 74.66
N LEU H 265 16.05 -25.30 74.31
CA LEU H 265 16.33 -24.82 72.96
C LEU H 265 16.05 -25.90 71.93
N ALA H 266 15.39 -25.51 70.83
CA ALA H 266 15.17 -26.38 69.69
C ALA H 266 15.73 -25.87 68.38
N VAL H 267 15.96 -24.56 68.26
CA VAL H 267 16.57 -23.97 67.07
C VAL H 267 17.52 -22.89 67.54
N LEU H 268 18.80 -23.03 67.20
CA LEU H 268 19.81 -22.05 67.59
C LEU H 268 20.47 -21.53 66.33
N ASP H 269 20.32 -20.24 66.05
CA ASP H 269 20.81 -19.65 64.81
C ASP H 269 21.64 -18.41 65.15
N LEU H 270 22.96 -18.56 65.11
CA LEU H 270 23.89 -17.47 65.38
C LEU H 270 24.66 -17.06 64.12
N SER H 271 24.15 -17.44 62.94
CA SER H 271 24.89 -17.39 61.71
C SER H 271 24.95 -15.97 61.13
N ASP H 272 25.80 -15.80 60.12
CA ASP H 272 25.94 -14.55 59.37
C ASP H 272 26.19 -13.36 60.30
N ASN H 273 27.06 -13.56 61.28
CA ASN H 273 27.53 -12.46 62.12
C ASN H 273 29.04 -12.27 61.96
N GLU H 274 29.69 -11.74 62.98
CA GLU H 274 31.15 -11.58 63.01
C GLU H 274 31.72 -12.20 64.28
N LEU H 275 31.17 -13.35 64.67
CA LEU H 275 31.62 -14.05 65.85
C LEU H 275 33.01 -14.62 65.64
N VAL H 276 33.69 -14.89 66.77
CA VAL H 276 35.06 -15.37 66.77
C VAL H 276 35.19 -16.44 67.84
N GLY H 277 36.37 -17.05 67.91
CA GLY H 277 36.65 -18.06 68.89
C GLY H 277 36.10 -19.42 68.53
N PRO H 278 36.16 -20.36 69.47
CA PRO H 278 35.81 -21.74 69.17
C PRO H 278 34.31 -21.98 69.29
N ILE H 279 33.89 -23.13 68.75
CA ILE H 279 32.55 -23.68 68.98
C ILE H 279 32.55 -24.29 70.37
N PRO H 280 31.83 -23.71 71.34
CA PRO H 280 31.86 -24.24 72.69
C PRO H 280 31.39 -25.68 72.73
N PRO H 281 32.20 -26.60 73.29
CA PRO H 281 31.81 -28.01 73.33
C PRO H 281 30.59 -28.29 74.18
N ILE H 282 30.22 -27.38 75.09
CA ILE H 282 29.05 -27.58 75.94
C ILE H 282 27.79 -27.71 75.10
N LEU H 283 27.79 -27.15 73.89
CA LEU H 283 26.69 -27.31 72.95
C LEU H 283 26.30 -28.77 72.76
N GLY H 284 27.19 -29.69 73.15
CA GLY H 284 26.88 -31.11 73.04
C GLY H 284 25.66 -31.51 73.85
N ASN H 285 25.50 -30.94 75.05
CA ASN H 285 24.39 -31.35 75.89
C ASN H 285 23.10 -30.61 75.56
N LEU H 286 23.04 -29.96 74.39
CA LEU H 286 21.80 -29.42 73.84
C LEU H 286 21.01 -30.54 73.15
N SER H 287 20.59 -31.50 73.96
CA SER H 287 19.99 -32.75 73.48
C SER H 287 18.59 -32.59 72.90
N PHE H 288 18.02 -31.39 72.76
CA PHE H 288 16.71 -31.24 72.14
C PHE H 288 16.70 -30.35 70.92
N THR H 289 17.84 -29.74 70.56
CA THR H 289 17.89 -28.88 69.38
C THR H 289 18.00 -29.73 68.12
N GLY H 290 17.33 -29.28 67.06
CA GLY H 290 17.36 -29.98 65.80
C GLY H 290 18.00 -29.14 64.71
N LYS H 291 18.14 -27.84 64.95
CA LYS H 291 18.81 -26.93 64.03
C LYS H 291 19.93 -26.20 64.76
N LEU H 292 21.14 -26.36 64.26
CA LEU H 292 22.32 -25.62 64.71
C LEU H 292 22.89 -24.91 63.49
N TYR H 293 22.69 -23.60 63.44
CA TYR H 293 23.16 -22.78 62.33
C TYR H 293 24.22 -21.83 62.84
N LEU H 294 25.49 -22.21 62.65
CA LEU H 294 26.62 -21.38 63.03
C LEU H 294 27.43 -20.88 61.83
N HIS H 295 26.86 -20.96 60.63
CA HIS H 295 27.61 -20.69 59.41
C HIS H 295 27.87 -19.19 59.24
N GLY H 296 28.87 -18.86 58.42
CA GLY H 296 29.10 -17.49 58.03
C GLY H 296 29.70 -16.58 59.08
N ASN H 297 30.50 -17.12 60.01
CA ASN H 297 31.18 -16.35 61.03
C ASN H 297 32.70 -16.41 60.81
N MET H 298 33.46 -16.27 61.89
CA MET H 298 34.90 -16.46 61.91
C MET H 298 35.29 -17.41 63.03
N LEU H 299 34.50 -18.47 63.19
CA LEU H 299 34.76 -19.46 64.22
C LEU H 299 36.09 -20.17 63.95
N THR H 300 36.61 -20.83 64.99
CA THR H 300 37.98 -21.30 64.98
C THR H 300 38.00 -22.65 65.69
N GLY H 301 38.93 -23.51 65.30
CA GLY H 301 39.06 -24.78 65.94
C GLY H 301 38.20 -25.86 65.30
N PRO H 302 37.92 -26.91 66.06
CA PRO H 302 37.33 -28.11 65.47
C PRO H 302 35.81 -28.02 65.38
N ILE H 303 35.25 -29.02 64.70
CA ILE H 303 33.87 -29.44 64.88
C ILE H 303 33.93 -30.26 66.16
N PRO H 304 33.41 -29.76 67.28
CA PRO H 304 33.52 -30.54 68.52
C PRO H 304 32.81 -31.87 68.38
N SER H 305 33.51 -32.95 68.78
CA SER H 305 32.91 -34.28 68.69
C SER H 305 31.69 -34.40 69.59
N GLU H 306 31.57 -33.54 70.61
CA GLU H 306 30.36 -33.51 71.42
C GLU H 306 29.13 -33.13 70.61
N LEU H 307 29.31 -32.56 69.41
CA LEU H 307 28.18 -32.33 68.51
C LEU H 307 27.46 -33.62 68.17
N GLY H 308 28.15 -34.77 68.29
CA GLY H 308 27.51 -36.05 68.09
C GLY H 308 26.60 -36.49 69.22
N ASN H 309 26.69 -35.84 70.38
CA ASN H 309 25.79 -36.12 71.48
C ASN H 309 24.41 -35.47 71.30
N MET H 310 24.27 -34.56 70.33
CA MET H 310 22.96 -33.95 70.07
C MET H 310 22.07 -34.97 69.37
N SER H 311 21.34 -35.75 70.17
CA SER H 311 20.55 -36.86 69.63
C SER H 311 19.59 -36.41 68.53
N ARG H 312 18.98 -35.24 68.71
CA ARG H 312 17.90 -34.81 67.83
C ARG H 312 18.35 -33.82 66.76
N LEU H 313 19.66 -33.63 66.58
CA LEU H 313 20.14 -32.69 65.58
C LEU H 313 19.77 -33.19 64.18
N SER H 314 19.22 -32.28 63.36
CA SER H 314 18.76 -32.65 62.02
C SER H 314 19.32 -31.75 60.95
N TYR H 315 19.62 -30.49 61.29
CA TYR H 315 20.13 -29.51 60.34
C TYR H 315 21.37 -28.88 60.97
N LEU H 316 22.54 -29.20 60.42
CA LEU H 316 23.79 -28.68 60.98
C LEU H 316 24.53 -27.95 59.88
N GLN H 317 24.64 -26.63 60.03
CA GLN H 317 25.34 -25.78 59.07
C GLN H 317 26.48 -25.06 59.78
N LEU H 318 27.71 -25.46 59.45
CA LEU H 318 28.91 -24.83 59.99
C LEU H 318 29.78 -24.22 58.89
N ASN H 319 29.19 -23.94 57.73
CA ASN H 319 29.97 -23.53 56.58
C ASN H 319 30.49 -22.09 56.74
N ASP H 320 31.36 -21.70 55.82
CA ASP H 320 31.90 -20.34 55.73
C ASP H 320 32.44 -19.87 57.08
N ASN H 321 33.28 -20.70 57.69
CA ASN H 321 33.96 -20.36 58.93
C ASN H 321 35.47 -20.51 58.76
N LYS H 322 36.18 -20.84 59.84
CA LYS H 322 37.62 -21.10 59.77
C LYS H 322 37.97 -22.32 60.59
N LEU H 323 37.10 -23.33 60.59
CA LEU H 323 37.33 -24.53 61.37
C LEU H 323 38.47 -25.37 60.79
N VAL H 324 39.16 -26.10 61.66
CA VAL H 324 40.31 -26.89 61.25
C VAL H 324 40.16 -28.33 61.73
N GLY H 325 41.19 -29.13 61.56
CA GLY H 325 41.14 -30.49 62.02
C GLY H 325 40.30 -31.40 61.13
N THR H 326 39.92 -32.53 61.69
CA THR H 326 39.16 -33.54 60.99
C THR H 326 37.67 -33.47 61.30
N ILE H 327 36.89 -34.06 60.41
CA ILE H 327 35.47 -34.29 60.64
C ILE H 327 35.37 -35.37 61.70
N PRO H 328 34.76 -35.10 62.85
CA PRO H 328 34.73 -36.10 63.93
C PRO H 328 33.89 -37.29 63.53
N PRO H 329 34.41 -38.51 63.72
CA PRO H 329 33.61 -39.71 63.43
C PRO H 329 32.36 -39.80 64.29
N GLU H 330 32.34 -39.15 65.45
CA GLU H 330 31.19 -39.18 66.34
C GLU H 330 29.96 -38.54 65.71
N LEU H 331 30.14 -37.74 64.66
CA LEU H 331 29.00 -37.24 63.88
C LEU H 331 28.12 -38.37 63.36
N GLY H 332 28.65 -39.60 63.31
CA GLY H 332 27.84 -40.72 62.90
C GLY H 332 26.83 -41.19 63.92
N LYS H 333 26.85 -40.62 65.14
CA LYS H 333 25.81 -40.93 66.11
C LYS H 333 24.51 -40.21 65.79
N LEU H 334 24.56 -39.16 64.96
CA LEU H 334 23.39 -38.36 64.62
C LEU H 334 22.54 -39.15 63.63
N GLU H 335 21.77 -40.11 64.16
CA GLU H 335 20.95 -40.95 63.32
C GLU H 335 19.84 -40.17 62.62
N GLN H 336 19.47 -39.01 63.16
CA GLN H 336 18.42 -38.19 62.57
C GLN H 336 18.96 -36.98 61.82
N LEU H 337 20.26 -36.92 61.55
CA LEU H 337 20.82 -35.81 60.80
C LEU H 337 20.29 -35.83 59.37
N PHE H 338 19.74 -34.70 58.92
CA PHE H 338 19.16 -34.57 57.60
C PHE H 338 20.03 -33.78 56.63
N GLU H 339 20.63 -32.69 57.08
CA GLU H 339 21.47 -31.85 56.23
C GLU H 339 22.74 -31.48 56.97
N LEU H 340 23.88 -31.68 56.30
CA LEU H 340 25.20 -31.42 56.85
C LEU H 340 25.96 -30.54 55.87
N ASN H 341 26.27 -29.32 56.29
CA ASN H 341 26.98 -28.37 55.43
C ASN H 341 28.23 -27.89 56.14
N LEU H 342 29.37 -28.49 55.83
CA LEU H 342 30.67 -28.10 56.37
C LEU H 342 31.52 -27.35 55.35
N ALA H 343 30.89 -26.73 54.34
CA ALA H 343 31.63 -26.18 53.22
C ALA H 343 32.51 -25.01 53.65
N ASN H 344 33.47 -24.65 52.79
CA ASN H 344 34.31 -23.46 52.90
C ASN H 344 34.96 -23.35 54.28
N ASN H 345 35.73 -24.39 54.63
CA ASN H 345 36.50 -24.37 55.87
C ASN H 345 37.95 -24.72 55.61
N ARG H 346 38.62 -25.31 56.62
CA ARG H 346 40.01 -25.76 56.53
C ARG H 346 40.14 -27.15 57.11
N LEU H 347 39.05 -27.92 57.06
CA LEU H 347 39.07 -29.28 57.57
C LEU H 347 40.07 -30.15 56.81
N VAL H 348 40.38 -31.30 57.41
CA VAL H 348 41.55 -32.08 57.01
C VAL H 348 41.17 -33.55 57.21
N GLY H 349 41.80 -34.42 56.42
CA GLY H 349 41.68 -35.84 56.61
C GLY H 349 40.53 -36.44 55.84
N PRO H 350 40.27 -37.72 56.11
CA PRO H 350 39.24 -38.44 55.37
C PRO H 350 37.84 -38.06 55.80
N ILE H 351 36.90 -38.25 54.87
CA ILE H 351 35.48 -38.29 55.21
C ILE H 351 35.29 -39.54 56.06
N PRO H 352 34.84 -39.41 57.30
CA PRO H 352 34.75 -40.57 58.19
C PRO H 352 33.78 -41.60 57.63
N SER H 353 34.17 -42.87 57.73
CA SER H 353 33.28 -43.95 57.33
C SER H 353 32.05 -44.00 58.22
N ASN H 354 32.21 -43.70 59.51
CA ASN H 354 31.12 -43.79 60.47
C ASN H 354 29.94 -42.88 60.09
N ILE H 355 30.16 -41.92 59.20
CA ILE H 355 29.11 -40.97 58.82
C ILE H 355 28.09 -41.67 57.92
N SER H 356 28.30 -42.96 57.65
CA SER H 356 27.29 -43.71 56.92
C SER H 356 26.16 -44.19 57.83
N SER H 357 26.29 -43.98 59.14
CA SER H 357 25.23 -44.30 60.09
C SER H 357 24.15 -43.23 60.12
N CYS H 358 24.41 -42.03 59.58
CA CYS H 358 23.38 -41.02 59.38
C CYS H 358 22.55 -41.46 58.19
N ALA H 359 21.66 -42.42 58.44
CA ALA H 359 20.88 -43.02 57.37
C ALA H 359 19.99 -41.99 56.68
N ALA H 360 19.30 -41.18 57.47
CA ALA H 360 18.39 -40.16 56.93
C ALA H 360 19.12 -38.97 56.32
N LEU H 361 20.45 -38.97 56.31
CA LEU H 361 21.21 -37.85 55.75
C LEU H 361 20.76 -37.58 54.33
N ASN H 362 20.50 -36.31 54.03
CA ASN H 362 19.84 -35.93 52.79
C ASN H 362 20.63 -34.95 51.95
N GLN H 363 21.40 -34.05 52.56
CA GLN H 363 22.30 -33.17 51.85
C GLN H 363 23.65 -33.18 52.54
N PHE H 364 24.71 -33.36 51.78
CA PHE H 364 26.08 -33.48 52.29
C PHE H 364 26.97 -32.56 51.47
N ASN H 365 27.53 -31.54 52.12
CA ASN H 365 28.29 -30.51 51.39
C ASN H 365 29.57 -30.22 52.19
N VAL H 366 30.70 -30.63 51.64
CA VAL H 366 32.02 -30.39 52.25
C VAL H 366 32.90 -29.60 51.29
N HIS H 367 32.27 -28.83 50.40
CA HIS H 367 33.02 -28.09 49.39
C HIS H 367 34.03 -27.12 50.00
N GLY H 368 35.19 -27.02 49.36
CA GLY H 368 36.13 -25.95 49.69
C GLY H 368 37.00 -26.19 50.89
N ASN H 369 37.37 -27.44 51.17
CA ASN H 369 38.19 -27.79 52.31
C ASN H 369 39.56 -28.31 51.85
N LEU H 370 40.18 -29.18 52.65
CA LEU H 370 41.42 -29.85 52.33
C LEU H 370 41.32 -31.33 52.68
N LEU H 371 40.12 -31.91 52.53
CA LEU H 371 39.92 -33.29 52.88
C LEU H 371 40.71 -34.19 51.94
N SER H 372 40.97 -35.41 52.40
CA SER H 372 41.93 -36.28 51.76
C SER H 372 41.33 -37.68 51.67
N GLY H 373 42.07 -38.58 51.05
CA GLY H 373 41.67 -39.96 50.94
C GLY H 373 40.62 -40.17 49.86
N SER H 374 40.02 -41.33 49.91
CA SER H 374 38.99 -41.73 48.96
C SER H 374 37.60 -41.62 49.59
N ILE H 375 36.59 -41.60 48.74
CA ILE H 375 35.21 -41.75 49.18
C ILE H 375 35.07 -43.14 49.78
N PRO H 376 34.74 -43.26 51.07
CA PRO H 376 34.57 -44.60 51.65
C PRO H 376 33.41 -45.31 50.98
N LEU H 377 33.47 -46.65 51.02
CA LEU H 377 32.41 -47.41 50.38
C LEU H 377 31.08 -47.23 51.12
N ALA H 378 31.13 -47.03 52.44
CA ALA H 378 29.89 -47.03 53.20
C ALA H 378 28.95 -45.89 52.80
N PHE H 379 29.39 -44.99 51.91
CA PHE H 379 28.50 -43.98 51.36
C PHE H 379 27.37 -44.58 50.52
N ARG H 380 27.49 -45.84 50.12
CA ARG H 380 26.39 -46.49 49.41
C ARG H 380 25.20 -46.74 50.32
N ASN H 381 25.40 -46.65 51.64
CA ASN H 381 24.31 -46.82 52.58
C ASN H 381 23.48 -45.55 52.74
N LEU H 382 24.00 -44.41 52.31
CA LEU H 382 23.28 -43.15 52.36
C LEU H 382 22.18 -43.16 51.30
N GLY H 383 21.14 -43.97 51.54
CA GLY H 383 20.09 -44.12 50.53
C GLY H 383 19.32 -42.84 50.27
N SER H 384 19.04 -42.07 51.31
CA SER H 384 18.24 -40.85 51.20
C SER H 384 19.04 -39.65 50.72
N LEU H 385 20.35 -39.80 50.53
CA LEU H 385 21.18 -38.69 50.08
C LEU H 385 20.64 -38.11 48.78
N THR H 386 20.74 -36.78 48.64
CA THR H 386 20.12 -36.06 47.54
C THR H 386 21.08 -35.04 46.94
N TYR H 387 21.80 -34.32 47.78
CA TYR H 387 22.77 -33.32 47.37
C TYR H 387 24.13 -33.79 47.84
N LEU H 388 25.09 -33.91 46.92
CA LEU H 388 26.42 -34.41 47.30
C LEU H 388 27.46 -33.50 46.66
N ASN H 389 27.98 -32.56 47.44
CA ASN H 389 28.95 -31.57 46.96
C ASN H 389 30.27 -31.82 47.68
N LEU H 390 31.11 -32.67 47.09
CA LEU H 390 32.47 -32.91 47.56
C LEU H 390 33.49 -32.02 46.84
N SER H 391 33.03 -30.98 46.15
CA SER H 391 33.88 -30.25 45.22
C SER H 391 35.01 -29.52 45.95
N SER H 392 35.96 -29.03 45.14
CA SER H 392 37.14 -28.31 45.59
C SER H 392 37.78 -28.91 46.84
N ASN H 393 38.42 -30.06 46.69
CA ASN H 393 39.06 -30.73 47.83
C ASN H 393 40.33 -31.42 47.31
N ASN H 394 40.77 -32.45 48.02
CA ASN H 394 41.97 -33.22 47.69
C ASN H 394 41.69 -34.71 47.75
N PHE H 395 40.50 -35.12 47.32
CA PHE H 395 40.18 -36.54 47.31
C PHE H 395 40.91 -37.25 46.19
N LYS H 396 41.19 -38.54 46.40
CA LYS H 396 41.84 -39.35 45.38
C LYS H 396 41.10 -40.67 45.24
N GLY H 397 41.64 -41.58 44.44
CA GLY H 397 40.94 -42.82 44.15
C GLY H 397 39.99 -42.67 42.99
N LYS H 398 39.18 -43.71 42.80
CA LYS H 398 38.23 -43.74 41.70
C LYS H 398 36.82 -43.43 42.19
N ILE H 399 36.05 -42.78 41.33
CA ILE H 399 34.62 -42.57 41.61
C ILE H 399 33.99 -43.94 41.79
N PRO H 400 33.42 -44.23 42.95
CA PRO H 400 32.93 -45.60 43.20
C PRO H 400 31.78 -45.96 42.28
N VAL H 401 31.77 -47.22 41.82
CA VAL H 401 30.60 -47.75 41.12
C VAL H 401 29.35 -47.58 41.98
N GLU H 402 29.48 -47.85 43.28
CA GLU H 402 28.33 -47.80 44.19
C GLU H 402 27.71 -46.41 44.26
N LEU H 403 28.47 -45.36 43.92
CA LEU H 403 27.91 -44.02 43.89
C LEU H 403 26.68 -43.94 43.00
N GLY H 404 26.60 -44.79 41.98
CA GLY H 404 25.45 -44.76 41.08
C GLY H 404 24.18 -45.36 41.66
N HIS H 405 24.29 -46.05 42.80
CA HIS H 405 23.14 -46.71 43.41
C HIS H 405 22.44 -45.83 44.43
N ILE H 406 22.67 -44.53 44.41
CA ILE H 406 21.98 -43.57 45.27
C ILE H 406 20.90 -42.96 44.39
N ILE H 407 19.73 -43.60 44.37
CA ILE H 407 18.74 -43.38 43.31
C ILE H 407 18.21 -41.96 43.32
N ASN H 408 18.24 -41.28 44.45
CA ASN H 408 17.59 -39.98 44.60
C ASN H 408 18.56 -38.82 44.42
N LEU H 409 19.80 -39.07 44.02
CA LEU H 409 20.74 -37.99 43.75
C LEU H 409 20.23 -37.10 42.63
N ASP H 410 20.19 -35.79 42.89
CA ASP H 410 19.87 -34.81 41.86
C ASP H 410 20.95 -33.76 41.63
N LYS H 411 21.93 -33.63 42.54
CA LYS H 411 23.07 -32.75 42.33
C LYS H 411 24.32 -33.45 42.84
N LEU H 412 25.29 -33.63 41.93
CA LEU H 412 26.50 -34.38 42.22
C LEU H 412 27.69 -33.56 41.74
N ASP H 413 28.48 -33.05 42.68
CA ASP H 413 29.65 -32.24 42.37
C ASP H 413 30.88 -32.90 43.01
N LEU H 414 31.71 -33.50 42.17
CA LEU H 414 33.00 -34.05 42.57
C LEU H 414 34.15 -33.23 42.01
N SER H 415 33.87 -32.02 41.51
CA SER H 415 34.85 -31.26 40.74
C SER H 415 35.98 -30.76 41.65
N GLY H 416 37.08 -30.39 41.00
CA GLY H 416 38.21 -29.81 41.73
C GLY H 416 38.93 -30.77 42.64
N ASN H 417 38.97 -32.07 42.29
CA ASN H 417 39.69 -33.05 43.10
C ASN H 417 40.80 -33.76 42.34
N ASN H 418 41.16 -34.96 42.77
CA ASN H 418 42.18 -35.79 42.12
C ASN H 418 41.67 -37.22 41.96
N PHE H 419 40.46 -37.35 41.41
CA PHE H 419 39.89 -38.67 41.16
C PHE H 419 40.55 -39.31 39.95
N SER H 420 40.71 -40.62 40.01
CA SER H 420 41.39 -41.40 38.99
C SER H 420 40.43 -42.43 38.40
N GLY H 421 40.94 -43.24 37.49
CA GLY H 421 40.14 -44.24 36.83
C GLY H 421 39.17 -43.63 35.82
N SER H 422 38.29 -44.48 35.33
CA SER H 422 37.26 -44.07 34.38
C SER H 422 35.93 -43.85 35.10
N ILE H 423 35.05 -43.12 34.44
CA ILE H 423 33.73 -42.81 35.02
C ILE H 423 32.90 -44.09 35.08
N PRO H 424 32.31 -44.43 36.23
CA PRO H 424 31.47 -45.63 36.29
C PRO H 424 30.24 -45.46 35.41
N LEU H 425 29.83 -46.57 34.77
CA LEU H 425 28.65 -46.52 33.93
C LEU H 425 27.37 -46.36 34.74
N THR H 426 27.41 -46.72 36.03
CA THR H 426 26.23 -46.57 36.87
C THR H 426 25.81 -45.12 37.04
N LEU H 427 26.76 -44.18 36.92
CA LEU H 427 26.41 -42.77 36.90
C LEU H 427 25.34 -42.47 35.86
N GLY H 428 25.28 -43.28 34.80
CA GLY H 428 24.28 -43.07 33.76
C GLY H 428 22.87 -43.35 34.20
N ASP H 429 22.69 -44.20 35.21
CA ASP H 429 21.34 -44.53 35.70
C ASP H 429 21.00 -43.81 37.00
N LEU H 430 21.43 -42.57 37.14
CA LEU H 430 20.89 -41.67 38.17
C LEU H 430 19.70 -40.96 37.52
N GLU H 431 18.56 -41.62 37.59
CA GLU H 431 17.36 -41.21 36.86
C GLU H 431 17.01 -39.74 37.11
N HIS H 432 17.11 -39.29 38.36
CA HIS H 432 16.65 -37.96 38.75
C HIS H 432 17.77 -36.93 38.79
N LEU H 433 19.00 -37.31 38.46
CA LEU H 433 20.13 -36.39 38.45
C LEU H 433 19.84 -35.17 37.57
N LEU H 434 20.03 -33.97 38.13
CA LEU H 434 19.91 -32.73 37.37
C LEU H 434 21.23 -32.07 37.05
N ILE H 435 22.21 -32.14 37.94
CA ILE H 435 23.51 -31.49 37.72
C ILE H 435 24.61 -32.50 38.02
N LEU H 436 25.56 -32.63 37.09
CA LEU H 436 26.67 -33.57 37.20
C LEU H 436 27.95 -32.83 36.83
N ASN H 437 28.70 -32.38 37.84
CA ASN H 437 29.96 -31.66 37.61
C ASN H 437 31.11 -32.54 38.09
N LEU H 438 31.82 -33.15 37.14
CA LEU H 438 33.01 -33.95 37.42
C LEU H 438 34.30 -33.26 36.99
N SER H 439 34.27 -31.97 36.70
CA SER H 439 35.40 -31.32 36.06
C SER H 439 36.60 -31.23 37.01
N ARG H 440 37.77 -30.96 36.43
CA ARG H 440 39.00 -30.69 37.19
C ARG H 440 39.38 -31.89 38.06
N ASN H 441 39.72 -32.98 37.38
CA ASN H 441 40.23 -34.18 38.03
C ASN H 441 41.26 -34.83 37.11
N HIS H 442 41.52 -36.11 37.31
CA HIS H 442 42.39 -36.91 36.46
C HIS H 442 41.64 -38.11 35.90
N LEU H 443 40.36 -37.92 35.58
CA LEU H 443 39.56 -39.00 35.01
C LEU H 443 40.06 -39.38 33.63
N SER H 444 40.11 -40.68 33.37
CA SER H 444 40.57 -41.21 32.09
C SER H 444 39.47 -42.09 31.50
N GLY H 445 39.78 -42.73 30.38
CA GLY H 445 38.79 -43.56 29.71
C GLY H 445 37.88 -42.75 28.81
N GLN H 446 36.79 -43.38 28.40
CA GLN H 446 35.81 -42.75 27.53
C GLN H 446 34.73 -42.03 28.34
N LEU H 447 34.15 -41.02 27.72
CA LEU H 447 32.92 -40.41 28.22
C LEU H 447 31.79 -41.42 28.05
N PRO H 448 31.16 -41.88 29.14
CA PRO H 448 30.24 -43.02 29.03
C PRO H 448 28.99 -42.68 28.22
N ALA H 449 28.66 -43.59 27.28
CA ALA H 449 27.43 -43.45 26.51
C ALA H 449 26.20 -43.63 27.38
N GLU H 450 26.32 -44.31 28.52
CA GLU H 450 25.19 -44.48 29.43
C GLU H 450 24.69 -43.15 29.98
N PHE H 451 25.49 -42.08 29.86
CA PHE H 451 25.00 -40.73 30.17
C PHE H 451 23.75 -40.38 29.39
N GLY H 452 23.46 -41.10 28.29
CA GLY H 452 22.22 -40.88 27.57
C GLY H 452 20.98 -41.22 28.38
N ASN H 453 21.11 -42.08 29.39
CA ASN H 453 19.98 -42.46 30.23
C ASN H 453 19.64 -41.41 31.27
N LEU H 454 20.44 -40.35 31.39
CA LEU H 454 20.17 -39.27 32.35
C LEU H 454 18.97 -38.48 31.83
N ARG H 455 17.78 -39.04 32.08
CA ARG H 455 16.54 -38.46 31.61
C ARG H 455 16.46 -36.97 31.93
N SER H 456 16.63 -36.63 33.20
CA SER H 456 16.34 -35.30 33.72
C SER H 456 17.53 -34.34 33.62
N ILE H 457 18.71 -34.82 33.24
CA ILE H 457 19.91 -34.02 33.36
C ILE H 457 19.78 -32.71 32.59
N GLN H 458 20.34 -31.64 33.17
CA GLN H 458 20.38 -30.33 32.54
C GLN H 458 21.78 -29.75 32.43
N MET H 459 22.75 -30.23 33.19
CA MET H 459 24.11 -29.74 33.14
C MET H 459 25.09 -30.89 33.34
N ILE H 460 26.04 -31.01 32.41
CA ILE H 460 27.09 -32.03 32.45
C ILE H 460 28.42 -31.33 32.22
N ASP H 461 29.29 -31.38 33.23
CA ASP H 461 30.64 -30.81 33.15
C ASP H 461 31.64 -31.89 33.50
N VAL H 462 32.55 -32.19 32.55
CA VAL H 462 33.62 -33.15 32.76
C VAL H 462 34.92 -32.58 32.21
N SER H 463 35.02 -31.25 32.15
CA SER H 463 36.18 -30.60 31.56
C SER H 463 37.42 -30.80 32.43
N PHE H 464 38.57 -30.45 31.85
CA PHE H 464 39.87 -30.52 32.53
C PHE H 464 40.11 -31.89 33.16
N ASN H 465 40.05 -32.92 32.30
CA ASN H 465 40.38 -34.28 32.70
C ASN H 465 41.33 -34.91 31.69
N LEU H 466 41.32 -36.24 31.62
CA LEU H 466 42.09 -36.98 30.63
C LEU H 466 41.18 -37.88 29.82
N LEU H 467 39.92 -37.46 29.65
CA LEU H 467 38.94 -38.26 28.93
C LEU H 467 39.35 -38.44 27.47
N SER H 468 39.27 -39.67 26.98
CA SER H 468 39.65 -40.03 25.63
C SER H 468 38.42 -40.59 24.91
N GLY H 469 38.64 -41.12 23.71
CA GLY H 469 37.54 -41.65 22.94
C GLY H 469 36.75 -40.56 22.24
N VAL H 470 35.46 -40.81 22.06
CA VAL H 470 34.60 -39.99 21.23
C VAL H 470 33.54 -39.33 22.12
N ILE H 471 33.02 -38.20 21.65
CA ILE H 471 31.83 -37.59 22.25
C ILE H 471 30.68 -38.57 22.06
N PRO H 472 30.10 -39.09 23.14
CA PRO H 472 29.00 -40.06 22.98
C PRO H 472 27.87 -39.47 22.16
N THR H 473 27.42 -40.23 21.16
CA THR H 473 26.36 -39.74 20.28
C THR H 473 24.98 -39.83 20.92
N GLU H 474 24.85 -40.59 22.02
CA GLU H 474 23.57 -40.73 22.69
C GLU H 474 23.21 -39.51 23.51
N LEU H 475 24.15 -38.57 23.70
CA LEU H 475 23.83 -37.31 24.38
C LEU H 475 22.71 -36.56 23.69
N GLY H 476 22.47 -36.82 22.40
CA GLY H 476 21.34 -36.24 21.71
C GLY H 476 19.99 -36.59 22.30
N GLN H 477 19.92 -37.69 23.07
CA GLN H 477 18.66 -38.08 23.69
C GLN H 477 18.29 -37.18 24.88
N LEU H 478 19.21 -36.35 25.35
CA LEU H 478 19.01 -35.59 26.58
C LEU H 478 18.17 -34.35 26.27
N GLN H 479 16.90 -34.39 26.70
CA GLN H 479 15.93 -33.37 26.32
C GLN H 479 15.93 -32.15 27.24
N ASN H 480 16.63 -32.21 28.38
CA ASN H 480 16.73 -31.09 29.28
C ASN H 480 18.15 -30.54 29.38
N LEU H 481 19.13 -31.23 28.80
CA LEU H 481 20.52 -30.80 28.81
C LEU H 481 20.69 -29.44 28.16
N ASN H 482 20.99 -28.41 28.96
CA ASN H 482 21.21 -27.06 28.47
C ASN H 482 22.67 -26.62 28.55
N SER H 483 23.52 -27.32 29.29
CA SER H 483 24.94 -27.01 29.37
C SER H 483 25.76 -28.29 29.25
N LEU H 484 26.57 -28.38 28.19
CA LEU H 484 27.45 -29.50 27.94
C LEU H 484 28.88 -28.96 27.83
N ILE H 485 29.69 -29.23 28.86
CA ILE H 485 31.03 -28.67 28.98
C ILE H 485 32.02 -29.83 28.96
N LEU H 486 32.76 -29.98 27.86
CA LEU H 486 33.69 -31.09 27.69
C LEU H 486 35.13 -30.64 27.45
N ASN H 487 35.44 -29.36 27.62
CA ASN H 487 36.71 -28.82 27.15
C ASN H 487 37.90 -29.41 27.93
N ASN H 488 39.10 -29.17 27.41
CA ASN H 488 40.35 -29.60 28.01
C ASN H 488 40.33 -31.08 28.38
N ASN H 489 40.07 -31.91 27.37
CA ASN H 489 40.25 -33.34 27.49
C ASN H 489 41.10 -33.81 26.32
N LYS H 490 40.98 -35.09 25.99
CA LYS H 490 41.61 -35.66 24.81
C LYS H 490 40.59 -36.43 23.99
N LEU H 491 39.34 -35.96 24.00
CA LEU H 491 38.31 -36.53 23.14
C LEU H 491 38.68 -36.29 21.68
N HIS H 492 38.45 -37.30 20.86
CA HIS H 492 38.71 -37.22 19.43
C HIS H 492 37.44 -37.57 18.68
N GLY H 493 37.51 -37.50 17.36
CA GLY H 493 36.36 -37.75 16.54
C GLY H 493 35.56 -36.49 16.27
N LYS H 494 34.43 -36.69 15.61
CA LYS H 494 33.61 -35.57 15.17
C LYS H 494 32.52 -35.27 16.20
N ILE H 495 32.13 -34.00 16.22
CA ILE H 495 31.01 -33.55 17.04
C ILE H 495 29.75 -34.21 16.50
N PRO H 496 29.03 -34.96 17.31
CA PRO H 496 27.89 -35.72 16.79
C PRO H 496 26.82 -34.83 16.20
N ASP H 497 26.21 -35.30 15.09
CA ASP H 497 25.10 -34.59 14.48
C ASP H 497 23.86 -34.62 15.37
N GLN H 498 23.75 -35.62 16.24
CA GLN H 498 22.59 -35.79 17.10
C GLN H 498 22.53 -34.76 18.22
N LEU H 499 23.64 -34.07 18.51
CA LEU H 499 23.61 -32.97 19.47
C LEU H 499 22.61 -31.89 19.07
N THR H 500 22.17 -31.88 17.81
CA THR H 500 21.16 -30.92 17.36
C THR H 500 19.78 -31.23 17.92
N ASN H 501 19.56 -32.43 18.45
CA ASN H 501 18.27 -32.79 19.02
C ASN H 501 18.16 -32.44 20.50
N CYS H 502 19.24 -31.96 21.12
CA CYS H 502 19.15 -31.42 22.47
C CYS H 502 18.32 -30.14 22.42
N PHE H 503 17.01 -30.29 22.61
CA PHE H 503 16.06 -29.20 22.40
C PHE H 503 16.39 -27.95 23.21
N THR H 504 17.20 -28.06 24.27
CA THR H 504 17.44 -26.95 25.18
C THR H 504 18.92 -26.62 25.32
N LEU H 505 19.79 -27.14 24.45
CA LEU H 505 21.23 -26.97 24.60
C LEU H 505 21.61 -25.53 24.24
N VAL H 506 21.97 -24.75 25.25
CA VAL H 506 22.27 -23.33 25.05
C VAL H 506 23.77 -23.08 25.14
N ASN H 507 24.47 -23.81 26.01
CA ASN H 507 25.90 -23.62 26.22
C ASN H 507 26.65 -24.93 25.98
N LEU H 508 27.64 -24.87 25.11
CA LEU H 508 28.45 -26.03 24.72
C LEU H 508 29.90 -25.60 24.65
N ASN H 509 30.77 -26.32 25.34
CA ASN H 509 32.20 -26.00 25.31
C ASN H 509 32.98 -27.32 25.16
N VAL H 510 33.47 -27.58 23.95
CA VAL H 510 34.26 -28.76 23.63
C VAL H 510 35.67 -28.39 23.17
N SER H 511 36.10 -27.17 23.49
CA SER H 511 37.39 -26.66 23.05
C SER H 511 38.54 -27.48 23.65
N PHE H 512 39.73 -27.28 23.08
CA PHE H 512 40.97 -27.87 23.57
C PHE H 512 40.85 -29.40 23.71
N ASN H 513 40.41 -30.04 22.63
CA ASN H 513 40.43 -31.49 22.53
C ASN H 513 41.27 -31.94 21.34
N ASN H 514 40.98 -33.13 20.84
CA ASN H 514 41.53 -33.60 19.57
C ASN H 514 40.41 -33.85 18.58
N LEU H 515 39.31 -33.12 18.73
CA LEU H 515 38.16 -33.27 17.85
C LEU H 515 38.49 -32.84 16.42
N SER H 516 37.94 -33.58 15.47
CA SER H 516 38.06 -33.30 14.05
C SER H 516 36.68 -33.19 13.43
N GLY H 517 36.64 -32.74 12.18
CA GLY H 517 35.38 -32.61 11.45
C GLY H 517 34.92 -31.17 11.33
N ILE H 518 33.63 -31.03 11.05
CA ILE H 518 32.94 -29.75 11.10
C ILE H 518 31.90 -29.82 12.21
N VAL H 519 31.36 -28.65 12.55
CA VAL H 519 30.29 -28.53 13.54
C VAL H 519 28.96 -28.72 12.81
N PRO H 520 28.09 -29.59 13.31
CA PRO H 520 26.81 -29.81 12.65
C PRO H 520 25.90 -28.61 12.82
N PRO H 521 24.80 -28.52 12.06
CA PRO H 521 23.85 -27.42 12.26
C PRO H 521 23.21 -27.43 13.63
N MET H 522 23.63 -26.53 14.50
CA MET H 522 23.05 -26.39 15.83
C MET H 522 21.96 -25.32 15.81
N LYS H 523 20.81 -25.64 16.42
CA LYS H 523 19.68 -24.71 16.46
C LYS H 523 19.90 -23.54 17.41
N ASN H 524 21.02 -23.52 18.13
CA ASN H 524 21.38 -22.43 19.03
C ASN H 524 22.85 -22.09 18.89
N PHE H 525 23.35 -22.14 17.66
CA PHE H 525 24.77 -21.93 17.41
C PHE H 525 25.24 -20.54 17.83
N SER H 526 24.33 -19.57 17.91
CA SER H 526 24.69 -18.19 18.21
C SER H 526 24.78 -17.91 19.70
N ARG H 527 24.15 -18.74 20.54
CA ARG H 527 24.23 -18.57 21.99
C ARG H 527 25.55 -19.06 22.57
N PHE H 528 26.36 -19.76 21.77
CA PHE H 528 27.64 -20.27 22.25
C PHE H 528 28.66 -19.15 22.43
N ALA H 529 29.65 -19.42 23.27
CA ALA H 529 30.79 -18.53 23.41
C ALA H 529 31.62 -18.54 22.13
N PRO H 530 32.47 -17.52 21.93
CA PRO H 530 33.34 -17.55 20.74
C PRO H 530 34.34 -18.70 20.75
N ALA H 531 34.98 -18.96 21.90
CA ALA H 531 36.01 -20.00 22.01
C ALA H 531 35.42 -21.39 22.27
N SER H 532 34.22 -21.65 21.75
CA SER H 532 33.57 -22.94 22.01
C SER H 532 34.35 -24.10 21.42
N PHE H 533 35.08 -23.87 20.32
CA PHE H 533 35.74 -24.95 19.62
C PHE H 533 37.23 -24.75 19.40
N VAL H 534 37.82 -23.67 19.93
CA VAL H 534 39.24 -23.41 19.71
C VAL H 534 40.09 -24.51 20.36
N GLY H 535 41.30 -24.67 19.84
CA GLY H 535 42.22 -25.65 20.37
C GLY H 535 42.06 -27.05 19.86
N ASN H 536 41.11 -27.27 18.95
CA ASN H 536 41.04 -28.54 18.22
C ASN H 536 41.80 -28.39 16.92
N PRO H 537 42.89 -29.15 16.71
CA PRO H 537 43.71 -28.96 15.51
C PRO H 537 42.93 -29.19 14.22
N TYR H 538 42.44 -30.41 14.04
CA TYR H 538 41.78 -30.85 12.83
C TYR H 538 40.28 -30.50 12.78
N LEU H 539 39.81 -29.56 13.60
CA LEU H 539 38.44 -29.11 13.53
C LEU H 539 38.34 -27.91 12.60
N CYS H 540 37.41 -27.97 11.65
CA CYS H 540 37.31 -27.00 10.57
C CYS H 540 36.11 -26.09 10.83
N GLY H 541 36.39 -24.83 11.17
CA GLY H 541 35.33 -23.85 11.33
C GLY H 541 35.73 -22.45 10.89
N ASN H 542 34.96 -21.46 11.30
CA ASN H 542 35.20 -20.06 10.94
C ASN H 542 35.71 -19.30 12.17
N TRP H 543 36.92 -19.68 12.60
CA TRP H 543 37.55 -19.01 13.73
C TRP H 543 39.06 -19.15 13.59
N VAL H 544 39.77 -18.34 14.36
CA VAL H 544 41.23 -18.34 14.34
C VAL H 544 41.73 -19.53 15.14
N GLY H 545 42.78 -20.18 14.64
CA GLY H 545 43.28 -21.41 15.21
C GLY H 545 42.76 -22.67 14.55
N SER H 546 41.82 -22.56 13.63
CA SER H 546 41.37 -23.68 12.81
C SER H 546 42.11 -23.68 11.48
N ILE H 547 42.27 -24.87 10.91
CA ILE H 547 42.86 -24.97 9.57
C ILE H 547 41.96 -24.37 8.51
N CYS H 548 40.69 -24.13 8.82
CA CYS H 548 39.77 -23.43 7.93
C CYS H 548 39.56 -21.98 8.35
N ASN I 5 66.19 72.37 48.28
CA ASN I 5 65.17 71.96 47.32
C ASN I 5 64.08 71.13 48.01
N GLU I 6 64.49 70.05 48.69
CA GLU I 6 63.56 69.29 49.50
C GLU I 6 63.27 69.98 50.83
N GLY I 7 64.27 70.68 51.38
CA GLY I 7 64.03 71.49 52.56
C GLY I 7 63.16 72.69 52.26
N LYS I 8 63.22 73.19 51.02
CA LYS I 8 62.25 74.18 50.56
C LYS I 8 60.83 73.67 50.78
N ALA I 9 60.54 72.47 50.23
CA ALA I 9 59.20 71.90 50.34
C ALA I 9 58.81 71.63 51.79
N LEU I 10 59.73 71.05 52.57
CA LEU I 10 59.41 70.79 53.98
C LEU I 10 59.13 72.07 54.74
N MET I 11 59.82 73.16 54.37
CA MET I 11 59.60 74.44 55.03
C MET I 11 58.27 75.04 54.63
N ALA I 12 57.86 74.86 53.38
CA ALA I 12 56.52 75.31 52.99
C ALA I 12 55.43 74.51 53.71
N ILE I 13 55.62 73.19 53.83
CA ILE I 13 54.67 72.36 54.58
C ILE I 13 54.57 72.83 56.02
N LYS I 14 55.72 73.14 56.64
CA LYS I 14 55.71 73.70 57.99
C LYS I 14 54.95 75.04 58.04
N GLY I 15 55.27 75.94 57.10
CA GLY I 15 54.66 77.25 57.08
C GLY I 15 53.18 77.26 56.77
N SER I 16 52.66 76.18 56.21
CA SER I 16 51.23 76.09 55.95
C SER I 16 50.45 75.53 57.15
N PHE I 17 51.15 75.12 58.20
CA PHE I 17 50.51 74.81 59.46
C PHE I 17 50.22 76.11 60.21
N SER I 18 49.71 75.99 61.44
CA SER I 18 49.38 77.19 62.19
C SER I 18 49.85 77.11 63.64
N ASN I 19 49.33 76.13 64.38
CA ASN I 19 49.55 76.04 65.83
C ASN I 19 50.91 75.44 66.17
N LEU I 20 51.95 75.84 65.44
CA LEU I 20 53.29 75.26 65.58
C LEU I 20 54.18 76.05 66.55
N VAL I 21 53.58 76.39 67.70
CA VAL I 21 54.22 77.19 68.73
C VAL I 21 55.59 76.62 69.07
N ASN I 22 55.61 75.50 69.79
CA ASN I 22 56.84 74.78 70.10
C ASN I 22 56.83 73.38 69.48
N MET I 23 56.33 73.28 68.25
CA MET I 23 56.06 71.97 67.67
C MET I 23 57.20 71.49 66.78
N LEU I 24 57.34 72.07 65.59
CA LEU I 24 58.37 71.66 64.65
C LEU I 24 59.59 72.57 64.73
N LEU I 25 60.09 72.76 65.96
CA LEU I 25 61.33 73.49 66.16
C LEU I 25 62.51 72.78 65.52
N ASP I 26 62.41 71.47 65.35
CA ASP I 26 63.38 70.73 64.55
C ASP I 26 63.55 71.36 63.18
N TRP I 27 62.43 71.63 62.52
CA TRP I 27 62.40 72.05 61.12
C TRP I 27 63.01 73.44 60.99
N ASP I 28 64.30 73.50 60.67
CA ASP I 28 65.02 74.77 60.54
C ASP I 28 66.08 74.59 59.45
N ASP I 29 65.82 75.14 58.25
CA ASP I 29 66.64 74.85 57.07
C ASP I 29 68.09 75.33 57.21
N VAL I 30 68.41 76.17 58.20
CA VAL I 30 69.74 76.75 58.32
C VAL I 30 70.38 76.43 59.68
N HIS I 31 69.60 76.37 60.76
CA HIS I 31 70.14 75.95 62.06
C HIS I 31 70.05 74.45 62.28
N ASN I 32 69.68 73.66 61.26
CA ASN I 32 69.54 72.21 61.43
C ASN I 32 69.79 71.58 60.05
N SER I 33 71.04 71.23 59.79
CA SER I 33 71.48 70.94 58.43
C SER I 33 70.82 69.68 57.84
N ASP I 34 70.64 68.64 58.64
CA ASP I 34 70.17 67.35 58.14
C ASP I 34 68.64 67.30 58.16
N LEU I 35 68.01 67.53 57.01
CA LEU I 35 66.56 67.40 56.97
C LEU I 35 66.11 65.95 57.16
N CYS I 36 67.04 65.00 57.19
CA CYS I 36 66.71 63.59 57.29
C CYS I 36 66.59 63.15 58.73
N SER I 37 66.68 64.08 59.67
CA SER I 37 66.58 63.80 61.09
C SER I 37 65.60 64.74 61.78
N TRP I 38 64.92 65.60 61.03
CA TRP I 38 63.85 66.42 61.58
C TRP I 38 62.74 65.51 62.09
N ARG I 39 61.90 66.09 62.95
CA ARG I 39 60.79 65.34 63.54
C ARG I 39 59.83 64.82 62.48
N GLY I 40 59.60 63.51 62.47
CA GLY I 40 58.58 62.90 61.67
C GLY I 40 58.89 62.67 60.21
N VAL I 41 60.10 62.95 59.76
CA VAL I 41 60.52 62.70 58.38
C VAL I 41 61.48 61.51 58.36
N PHE I 42 61.38 60.69 57.32
CA PHE I 42 62.24 59.53 57.14
C PHE I 42 62.72 59.45 55.70
N CYS I 43 64.03 59.37 55.53
CA CYS I 43 64.66 59.20 54.23
C CYS I 43 65.13 57.76 54.03
N ASP I 44 65.39 57.41 52.78
CA ASP I 44 66.11 56.18 52.48
C ASP I 44 67.61 56.44 52.56
N ASN I 45 68.34 55.44 53.00
CA ASN I 45 69.75 55.60 53.37
C ASN I 45 70.70 55.69 52.18
N VAL I 46 70.21 55.79 50.95
CA VAL I 46 71.06 55.85 49.76
C VAL I 46 70.99 57.22 49.09
N SER I 47 69.79 57.68 48.75
CA SER I 47 69.63 59.00 48.13
C SER I 47 69.32 60.09 49.14
N TYR I 48 69.03 59.73 50.39
CA TYR I 48 68.64 60.68 51.43
C TYR I 48 67.53 61.61 50.96
N SER I 49 66.53 61.02 50.32
CA SER I 49 65.32 61.71 49.90
C SER I 49 64.16 61.26 50.77
N VAL I 50 63.23 62.18 51.00
CA VAL I 50 62.10 61.92 51.88
C VAL I 50 61.21 60.84 51.26
N VAL I 51 60.97 59.76 52.00
CA VAL I 51 60.08 58.70 51.54
C VAL I 51 58.87 58.51 52.45
N SER I 52 58.87 59.04 53.66
CA SER I 52 57.81 58.79 54.62
C SER I 52 57.72 59.97 55.57
N LEU I 53 56.52 60.51 55.75
CA LEU I 53 56.28 61.68 56.59
C LEU I 53 55.13 61.38 57.53
N ASN I 54 55.41 61.33 58.83
CA ASN I 54 54.40 60.98 59.83
C ASN I 54 54.39 62.08 60.90
N LEU I 55 53.38 62.95 60.83
CA LEU I 55 53.15 64.00 61.81
C LEU I 55 51.86 63.74 62.59
N SER I 56 51.64 62.47 62.96
CA SER I 56 50.37 62.04 63.53
C SER I 56 50.12 62.64 64.90
N SER I 57 48.93 63.22 65.08
CA SER I 57 48.39 63.56 66.39
C SER I 57 49.13 64.73 67.03
N LEU I 58 49.48 65.73 66.23
CA LEU I 58 50.19 66.90 66.73
C LEU I 58 49.36 68.18 66.72
N ASN I 59 48.18 68.16 66.09
CA ASN I 59 47.30 69.33 66.01
C ASN I 59 48.02 70.55 65.41
N LEU I 60 48.70 70.33 64.29
CA LEU I 60 49.44 71.41 63.67
C LEU I 60 48.52 72.51 63.13
N GLY I 61 47.30 72.14 62.73
CA GLY I 61 46.20 73.09 62.65
C GLY I 61 46.14 73.96 61.41
N GLY I 62 46.97 73.73 60.41
CA GLY I 62 46.94 74.61 59.25
C GLY I 62 46.20 74.04 58.06
N GLU I 63 46.88 73.99 56.92
CA GLU I 63 46.38 73.38 55.70
C GLU I 63 47.47 72.45 55.18
N ILE I 64 47.13 71.64 54.19
CA ILE I 64 48.12 70.77 53.54
C ILE I 64 48.68 71.54 52.35
N SER I 65 49.92 71.99 52.47
CA SER I 65 50.53 72.80 51.44
C SER I 65 50.67 72.01 50.14
N PRO I 66 50.49 72.64 48.98
CA PRO I 66 50.78 71.94 47.73
C PRO I 66 52.22 71.48 47.61
N ALA I 67 53.14 72.02 48.43
CA ALA I 67 54.54 71.64 48.40
C ALA I 67 54.76 70.19 48.81
N ILE I 68 53.74 69.53 49.38
CA ILE I 68 53.85 68.10 49.63
C ILE I 68 53.96 67.32 48.33
N GLY I 69 53.53 67.91 47.21
CA GLY I 69 53.73 67.31 45.93
C GLY I 69 55.14 67.43 45.40
N ASP I 70 56.00 68.13 46.13
CA ASP I 70 57.39 68.32 45.74
C ASP I 70 58.33 67.31 46.39
N LEU I 71 57.80 66.40 47.21
CA LEU I 71 58.58 65.28 47.73
C LEU I 71 58.24 64.07 46.85
N ARG I 72 58.84 64.05 45.66
CA ARG I 72 58.44 63.10 44.63
C ARG I 72 58.64 61.65 45.07
N ASN I 73 59.63 61.39 45.91
CA ASN I 73 59.96 60.04 46.33
C ASN I 73 59.19 59.60 47.58
N LEU I 74 58.13 60.31 47.95
CA LEU I 74 57.34 59.92 49.11
C LEU I 74 56.64 58.58 48.86
N GLN I 75 56.77 57.66 49.82
CA GLN I 75 56.01 56.42 49.81
C GLN I 75 54.93 56.36 50.87
N SER I 76 54.98 57.20 51.91
CA SER I 76 53.95 57.15 52.94
C SER I 76 53.72 58.53 53.53
N ILE I 77 52.46 58.94 53.60
CA ILE I 77 52.04 60.20 54.22
C ILE I 77 51.02 59.91 55.31
N ASP I 78 51.27 60.42 56.51
CA ASP I 78 50.37 60.29 57.65
C ASP I 78 50.25 61.66 58.31
N LEU I 79 49.15 62.36 58.04
CA LEU I 79 48.87 63.66 58.62
C LEU I 79 47.59 63.62 59.46
N GLN I 80 47.34 62.49 60.11
CA GLN I 80 46.11 62.30 60.87
C GLN I 80 46.13 63.11 62.15
N GLY I 81 44.96 63.63 62.55
CA GLY I 81 44.78 64.26 63.83
C GLY I 81 45.53 65.57 63.99
N ASN I 82 45.28 66.50 63.06
CA ASN I 82 46.01 67.76 63.09
C ASN I 82 45.09 68.95 62.83
N LYS I 83 43.77 68.78 62.91
CA LYS I 83 42.81 69.86 62.72
C LYS I 83 43.05 70.57 61.39
N LEU I 84 43.48 69.83 60.38
CA LEU I 84 43.84 70.43 59.11
C LEU I 84 42.60 70.86 58.35
N ALA I 85 42.67 72.02 57.71
CA ALA I 85 41.56 72.55 56.93
C ALA I 85 41.96 72.66 55.46
N GLY I 86 41.11 73.33 54.69
CA GLY I 86 41.32 73.42 53.26
C GLY I 86 40.92 72.15 52.53
N GLN I 87 41.26 72.12 51.25
CA GLN I 87 41.02 70.97 50.39
C GLN I 87 42.26 70.10 50.33
N ILE I 88 42.08 68.87 49.89
CA ILE I 88 43.21 67.98 49.62
C ILE I 88 43.91 68.53 48.38
N PRO I 89 45.16 68.98 48.50
CA PRO I 89 45.80 69.63 47.35
C PRO I 89 46.01 68.67 46.19
N ASP I 90 45.80 69.19 44.98
CA ASP I 90 45.94 68.37 43.77
C ASP I 90 47.34 67.77 43.66
N GLU I 91 48.35 68.44 44.22
CA GLU I 91 49.73 68.05 43.98
C GLU I 91 50.10 66.72 44.62
N ILE I 92 49.30 66.23 45.57
CA ILE I 92 49.51 64.87 46.07
C ILE I 92 49.51 63.87 44.92
N GLY I 93 48.81 64.21 43.83
CA GLY I 93 48.74 63.34 42.68
C GLY I 93 50.07 63.11 41.97
N ASN I 94 51.05 64.00 42.16
CA ASN I 94 52.38 63.77 41.60
C ASN I 94 53.34 63.28 42.66
N CYS I 95 52.83 62.49 43.60
CA CYS I 95 53.65 61.66 44.48
C CYS I 95 53.61 60.21 44.00
N ALA I 96 54.17 60.00 42.80
CA ALA I 96 53.95 58.76 42.05
C ALA I 96 54.27 57.52 42.88
N SER I 97 55.28 57.60 43.74
CA SER I 97 55.69 56.47 44.56
C SER I 97 54.80 56.27 45.79
N LEU I 98 53.77 57.08 45.97
CA LEU I 98 52.97 57.02 47.19
C LEU I 98 52.26 55.67 47.30
N VAL I 99 52.30 55.08 48.49
CA VAL I 99 51.78 53.75 48.72
C VAL I 99 50.73 53.81 49.82
N TYR I 100 50.91 54.72 50.77
CA TYR I 100 50.04 54.83 51.94
C TYR I 100 49.72 56.29 52.17
N LEU I 101 48.42 56.61 52.18
CA LEU I 101 47.96 57.99 52.38
C LEU I 101 46.89 58.00 53.46
N ASP I 102 47.18 58.66 54.58
CA ASP I 102 46.26 58.70 55.72
C ASP I 102 46.07 60.17 56.12
N LEU I 103 44.90 60.73 55.78
CA LEU I 103 44.51 62.06 56.21
C LEU I 103 43.34 62.03 57.19
N SER I 104 43.13 60.90 57.85
CA SER I 104 41.97 60.73 58.71
C SER I 104 42.05 61.65 59.93
N GLU I 105 40.88 61.84 60.56
CA GLU I 105 40.73 62.73 61.73
C GLU I 105 41.31 64.12 61.45
N ASN I 106 40.68 64.83 60.52
CA ASN I 106 41.01 66.24 60.27
C ASN I 106 39.72 66.95 59.89
N LEU I 107 39.86 68.15 59.31
CA LEU I 107 38.73 68.96 58.91
C LEU I 107 38.81 69.32 57.43
N LEU I 108 39.36 68.44 56.61
CA LEU I 108 39.53 68.73 55.20
C LEU I 108 38.18 68.70 54.49
N TYR I 109 37.98 69.61 53.54
CA TYR I 109 36.72 69.72 52.82
C TYR I 109 36.95 69.61 51.32
N GLY I 110 35.86 69.63 50.56
CA GLY I 110 35.93 69.53 49.13
C GLY I 110 35.79 68.10 48.64
N ASP I 111 36.13 67.92 47.36
CA ASP I 111 36.03 66.63 46.70
C ASP I 111 37.30 65.81 46.91
N ILE I 112 37.18 64.50 46.68
CA ILE I 112 38.35 63.64 46.54
C ILE I 112 39.00 64.04 45.23
N PRO I 113 40.23 64.54 45.24
CA PRO I 113 40.78 65.12 44.01
C PRO I 113 40.97 64.08 42.92
N PHE I 114 40.90 64.56 41.67
CA PHE I 114 41.11 63.68 40.54
C PHE I 114 42.52 63.11 40.53
N SER I 115 43.51 63.92 40.96
CA SER I 115 44.90 63.49 40.92
C SER I 115 45.15 62.26 41.78
N ILE I 116 44.24 61.94 42.71
CA ILE I 116 44.39 60.72 43.50
C ILE I 116 44.47 59.50 42.59
N SER I 117 43.82 59.55 41.42
CA SER I 117 43.84 58.42 40.52
C SER I 117 45.19 58.25 39.82
N LYS I 118 46.07 59.27 39.86
CA LYS I 118 47.40 59.13 39.30
C LYS I 118 48.35 58.32 40.17
N LEU I 119 47.94 57.92 41.37
CA LEU I 119 48.80 57.25 42.32
C LEU I 119 48.70 55.74 42.09
N LYS I 120 49.40 55.28 41.05
CA LYS I 120 49.30 53.90 40.62
C LYS I 120 49.94 52.91 41.58
N GLN I 121 50.62 53.40 42.62
CA GLN I 121 51.22 52.55 43.64
C GLN I 121 50.43 52.58 44.94
N LEU I 122 49.37 53.39 45.02
CA LEU I 122 48.62 53.55 46.25
C LEU I 122 47.95 52.25 46.67
N GLU I 123 48.11 51.89 47.94
CA GLU I 123 47.44 50.73 48.51
C GLU I 123 46.48 51.05 49.64
N THR I 124 46.66 52.17 50.33
CA THR I 124 45.79 52.56 51.44
C THR I 124 45.38 54.03 51.26
N LEU I 125 44.09 54.26 51.02
CA LEU I 125 43.53 55.60 50.98
C LEU I 125 42.61 55.72 52.18
N ASN I 126 43.10 56.40 53.22
CA ASN I 126 42.36 56.61 54.46
C ASN I 126 42.04 58.08 54.58
N LEU I 127 40.76 58.43 54.35
CA LEU I 127 40.26 59.80 54.49
C LEU I 127 39.18 59.88 55.56
N LYS I 128 39.20 58.94 56.51
CA LYS I 128 38.17 58.83 57.52
C LYS I 128 37.99 60.12 58.32
N ASN I 129 36.73 60.47 58.59
CA ASN I 129 36.36 61.54 59.51
C ASN I 129 36.97 62.89 59.09
N ASN I 130 36.36 63.45 58.04
CA ASN I 130 36.66 64.81 57.59
C ASN I 130 35.34 65.46 57.21
N GLN I 131 35.40 66.57 56.47
CA GLN I 131 34.23 67.25 55.93
C GLN I 131 34.20 67.17 54.41
N LEU I 132 34.64 66.05 53.85
CA LEU I 132 34.68 65.91 52.41
C LEU I 132 33.27 65.77 51.85
N THR I 133 33.02 66.49 50.75
CA THR I 133 31.73 66.49 50.07
C THR I 133 31.94 66.11 48.62
N GLY I 134 30.90 65.54 48.01
CA GLY I 134 30.95 65.13 46.63
C GLY I 134 30.85 63.64 46.45
N PRO I 135 30.94 63.19 45.20
CA PRO I 135 30.70 61.77 44.91
C PRO I 135 31.96 60.93 45.12
N VAL I 136 31.73 59.65 45.39
CA VAL I 136 32.79 58.65 45.28
C VAL I 136 33.07 58.47 43.79
N PRO I 137 34.14 59.05 43.27
CA PRO I 137 34.32 59.07 41.81
C PRO I 137 34.73 57.71 41.27
N ALA I 138 34.36 57.46 40.01
CA ALA I 138 34.73 56.21 39.37
C ALA I 138 36.24 56.11 39.16
N THR I 139 36.94 57.24 39.23
CA THR I 139 38.39 57.24 39.05
C THR I 139 39.11 56.38 40.07
N LEU I 140 38.51 56.14 41.24
CA LEU I 140 39.14 55.27 42.23
C LEU I 140 39.23 53.83 41.74
N THR I 141 38.46 53.45 40.73
CA THR I 141 38.60 52.13 40.13
C THR I 141 39.82 52.04 39.23
N GLN I 142 40.51 53.15 38.99
CA GLN I 142 41.73 53.20 38.21
C GLN I 142 42.98 53.14 39.08
N ILE I 143 42.85 52.66 40.31
CA ILE I 143 43.99 52.46 41.21
C ILE I 143 44.23 50.96 41.31
N PRO I 144 45.17 50.41 40.55
CA PRO I 144 45.24 48.94 40.39
C PRO I 144 45.68 48.21 41.64
N ASN I 145 46.26 48.89 42.62
CA ASN I 145 46.82 48.22 43.79
C ASN I 145 46.09 48.58 45.09
N LEU I 146 44.97 49.29 44.99
CA LEU I 146 44.27 49.78 46.17
C LEU I 146 43.64 48.62 46.94
N LYS I 147 44.09 48.41 48.17
CA LYS I 147 43.54 47.38 49.04
C LYS I 147 42.61 47.93 50.11
N ARG I 148 42.82 49.15 50.56
CA ARG I 148 42.07 49.72 51.66
C ARG I 148 41.51 51.07 51.26
N LEU I 149 40.18 51.18 51.20
CA LEU I 149 39.51 52.44 50.86
C LEU I 149 38.59 52.79 52.01
N ASP I 150 39.04 53.69 52.89
CA ASP I 150 38.27 54.06 54.08
C ASP I 150 37.87 55.53 53.94
N LEU I 151 36.58 55.75 53.65
CA LEU I 151 36.02 57.08 53.47
C LEU I 151 34.94 57.37 54.50
N ALA I 152 34.90 56.61 55.59
CA ALA I 152 33.89 56.77 56.61
C ALA I 152 33.94 58.16 57.25
N GLY I 153 32.79 58.60 57.75
CA GLY I 153 32.73 59.82 58.53
C GLY I 153 32.81 61.11 57.74
N ASN I 154 32.29 61.13 56.52
CA ASN I 154 32.27 62.35 55.70
C ASN I 154 30.84 62.65 55.27
N HIS I 155 30.72 63.58 54.32
CA HIS I 155 29.40 63.94 53.80
C HIS I 155 29.35 63.67 52.31
N LEU I 156 29.85 62.50 51.89
CA LEU I 156 29.86 62.16 50.48
C LEU I 156 28.45 61.88 49.97
N THR I 157 28.24 62.14 48.68
CA THR I 157 26.92 62.17 48.08
C THR I 157 26.91 61.37 46.79
N GLY I 158 25.72 61.17 46.25
CA GLY I 158 25.54 60.38 45.04
C GLY I 158 25.36 58.90 45.36
N GLU I 159 25.40 58.09 44.31
CA GLU I 159 25.23 56.65 44.43
C GLU I 159 26.56 55.93 44.41
N ILE I 160 26.52 54.65 44.78
CA ILE I 160 27.68 53.78 44.72
C ILE I 160 27.64 53.12 43.33
N SER I 161 28.29 53.75 42.36
CA SER I 161 28.31 53.21 41.01
C SER I 161 28.87 51.79 41.02
N ARG I 162 28.19 50.90 40.28
CA ARG I 162 28.59 49.50 40.34
C ARG I 162 29.97 49.27 39.73
N LEU I 163 30.46 50.23 38.95
CA LEU I 163 31.84 50.21 38.49
C LEU I 163 32.81 49.95 39.64
N LEU I 164 32.50 50.48 40.83
CA LEU I 164 33.37 50.29 41.98
C LEU I 164 33.51 48.82 42.36
N TYR I 165 32.46 48.02 42.17
CA TYR I 165 32.47 46.66 42.70
C TYR I 165 33.30 45.69 41.86
N TRP I 166 33.81 46.12 40.70
CA TRP I 166 34.64 45.25 39.87
C TRP I 166 36.10 45.44 40.28
N ASN I 167 36.51 44.72 41.32
CA ASN I 167 37.85 44.87 41.87
C ASN I 167 38.22 43.59 42.62
N GLU I 168 39.33 42.96 42.23
CA GLU I 168 39.76 41.70 42.83
C GLU I 168 40.73 41.87 44.00
N VAL I 169 41.38 43.03 44.13
CA VAL I 169 42.42 43.20 45.15
C VAL I 169 41.94 44.03 46.34
N LEU I 170 40.78 44.65 46.25
CA LEU I 170 40.28 45.47 47.35
C LEU I 170 39.94 44.60 48.56
N GLN I 171 40.35 45.06 49.73
CA GLN I 171 40.18 44.35 51.00
C GLN I 171 39.12 44.98 51.88
N TYR I 172 39.07 46.30 51.92
CA TYR I 172 38.35 47.05 52.93
C TYR I 172 37.59 48.17 52.24
N LEU I 173 36.26 48.07 52.22
CA LEU I 173 35.42 49.12 51.65
C LEU I 173 34.66 49.75 52.80
N GLY I 174 35.18 50.88 53.29
CA GLY I 174 34.56 51.61 54.38
C GLY I 174 33.90 52.90 53.93
N LEU I 175 32.57 52.91 53.87
CA LEU I 175 31.80 54.08 53.47
C LEU I 175 30.82 54.51 54.56
N ARG I 176 31.06 54.09 55.80
CA ARG I 176 30.09 54.30 56.87
C ARG I 176 29.89 55.78 57.18
N GLY I 177 28.63 56.20 57.28
CA GLY I 177 28.30 57.51 57.80
C GLY I 177 28.23 58.64 56.80
N ASN I 178 28.10 58.35 55.52
CA ASN I 178 27.95 59.39 54.52
C ASN I 178 26.48 59.55 54.14
N MET I 179 26.22 60.25 53.03
CA MET I 179 24.86 60.49 52.57
C MET I 179 24.68 59.85 51.20
N LEU I 180 25.08 58.59 51.08
CA LEU I 180 25.05 57.89 49.81
C LEU I 180 23.64 57.37 49.54
N THR I 181 23.15 57.59 48.33
CA THR I 181 21.82 57.15 47.92
C THR I 181 21.95 56.04 46.88
N GLY I 182 20.83 55.66 46.30
CA GLY I 182 20.83 54.57 45.34
C GLY I 182 20.70 53.20 45.99
N THR I 183 21.24 52.17 45.35
CA THR I 183 21.02 50.80 45.76
C THR I 183 22.34 50.03 45.78
N LEU I 184 22.33 48.95 46.56
CA LEU I 184 23.32 47.90 46.33
C LEU I 184 23.09 47.30 44.95
N SER I 185 24.11 46.60 44.46
CA SER I 185 24.06 45.93 43.17
C SER I 185 24.36 44.46 43.36
N SER I 186 24.03 43.66 42.34
CA SER I 186 24.46 42.27 42.37
C SER I 186 25.94 42.15 42.09
N ASP I 187 26.47 43.04 41.25
CA ASP I 187 27.89 43.14 40.98
C ASP I 187 28.67 43.34 42.28
N MET I 188 27.96 43.58 43.38
CA MET I 188 28.59 43.62 44.70
C MET I 188 29.44 42.38 44.94
N CYS I 189 28.98 41.21 44.48
CA CYS I 189 29.76 40.01 44.75
C CYS I 189 30.97 39.86 43.83
N GLN I 190 31.24 40.85 43.00
CA GLN I 190 32.47 40.87 42.20
C GLN I 190 33.67 41.34 43.01
N LEU I 191 33.43 41.95 44.18
CA LEU I 191 34.51 42.26 45.11
C LEU I 191 35.10 40.96 45.65
N THR I 192 35.84 40.24 44.81
CA THR I 192 36.22 38.87 45.09
C THR I 192 37.31 38.76 46.16
N GLY I 193 37.96 39.87 46.52
CA GLY I 193 39.01 39.84 47.52
C GLY I 193 38.65 40.59 48.78
N LEU I 194 37.44 41.13 48.83
CA LEU I 194 37.02 41.94 49.97
C LEU I 194 36.76 41.07 51.19
N TRP I 195 37.16 41.58 52.37
CA TRP I 195 36.79 40.99 53.63
C TRP I 195 35.90 41.88 54.50
N TYR I 196 35.83 43.18 54.20
CA TYR I 196 35.10 44.13 55.02
C TYR I 196 34.25 45.04 54.13
N PHE I 197 32.93 44.92 54.24
CA PHE I 197 31.98 45.74 53.47
C PHE I 197 31.13 46.53 54.45
N ASP I 198 31.36 47.83 54.56
CA ASP I 198 30.68 48.65 55.56
C ASP I 198 30.08 49.87 54.87
N VAL I 199 28.74 49.89 54.79
CA VAL I 199 28.05 51.03 54.20
C VAL I 199 26.98 51.53 55.17
N ARG I 200 27.19 51.28 56.46
CA ARG I 200 26.20 51.63 57.46
C ARG I 200 26.06 53.14 57.59
N GLY I 201 24.84 53.60 57.82
CA GLY I 201 24.58 54.99 58.11
C GLY I 201 24.34 55.88 56.92
N ASN I 202 24.09 55.32 55.75
CA ASN I 202 23.78 56.10 54.56
C ASN I 202 22.27 56.12 54.34
N ASN I 203 21.84 56.40 53.11
CA ASN I 203 20.43 56.46 52.74
C ASN I 203 20.17 55.64 51.49
N LEU I 204 20.59 54.37 51.48
CA LEU I 204 20.45 53.51 50.31
C LEU I 204 19.12 52.77 50.35
N THR I 205 18.34 52.93 49.28
CA THR I 205 17.07 52.22 49.17
C THR I 205 17.31 50.88 48.46
N GLY I 206 16.26 50.27 47.95
CA GLY I 206 16.37 48.98 47.30
C GLY I 206 16.39 47.83 48.29
N THR I 207 16.74 46.66 47.77
CA THR I 207 16.74 45.43 48.55
C THR I 207 18.13 44.82 48.59
N ILE I 208 18.28 43.81 49.43
CA ILE I 208 19.48 42.99 49.44
C ILE I 208 19.50 42.13 48.17
N PRO I 209 20.54 42.19 47.36
CA PRO I 209 20.55 41.39 46.12
C PRO I 209 20.48 39.91 46.43
N GLU I 210 19.70 39.19 45.62
CA GLU I 210 19.45 37.77 45.87
C GLU I 210 20.69 36.91 45.63
N SER I 211 21.66 37.40 44.88
CA SER I 211 22.89 36.67 44.61
C SER I 211 23.98 36.96 45.63
N ILE I 212 23.63 37.57 46.77
CA ILE I 212 24.63 38.00 47.74
C ILE I 212 25.37 36.82 48.34
N GLY I 213 24.86 35.60 48.15
CA GLY I 213 25.56 34.42 48.62
C GLY I 213 26.81 34.08 47.83
N ASN I 214 27.06 34.79 46.73
CA ASN I 214 28.31 34.67 45.99
C ASN I 214 29.45 35.43 46.67
N CYS I 215 29.13 36.28 47.64
CA CYS I 215 30.13 37.13 48.31
C CYS I 215 30.77 36.34 49.46
N THR I 216 31.43 35.23 49.11
CA THR I 216 31.90 34.28 50.11
C THR I 216 33.21 34.68 50.77
N SER I 217 33.89 35.72 50.25
CA SER I 217 35.12 36.19 50.88
C SER I 217 34.87 37.14 52.04
N PHE I 218 33.65 37.66 52.16
CA PHE I 218 33.34 38.65 53.17
C PHE I 218 33.51 38.08 54.57
N GLN I 219 34.17 38.84 55.43
CA GLN I 219 34.26 38.54 56.85
C GLN I 219 33.32 39.39 57.69
N ILE I 220 32.97 40.58 57.22
CA ILE I 220 32.10 41.50 57.95
C ILE I 220 31.21 42.18 56.90
N LEU I 221 29.91 41.91 56.97
CA LEU I 221 28.92 42.55 56.10
C LEU I 221 28.08 43.49 56.97
N ASP I 222 28.10 44.78 56.63
CA ASP I 222 27.44 45.80 57.44
C ASP I 222 26.73 46.77 56.50
N ILE I 223 25.41 46.64 56.39
CA ILE I 223 24.59 47.54 55.60
C ILE I 223 23.53 48.21 56.48
N SER I 224 23.80 48.30 57.78
CA SER I 224 22.80 48.67 58.76
C SER I 224 22.41 50.15 58.64
N TYR I 225 21.23 50.46 59.16
CA TYR I 225 20.73 51.84 59.31
C TYR I 225 20.69 52.55 57.95
N ASN I 226 19.86 52.03 57.04
CA ASN I 226 20.04 52.41 55.64
C ASN I 226 18.74 52.57 54.85
N GLN I 227 17.60 52.16 55.43
CA GLN I 227 16.30 52.21 54.76
C GLN I 227 16.19 51.18 53.64
N ILE I 228 16.83 50.02 53.79
CA ILE I 228 16.74 48.95 52.81
C ILE I 228 15.47 48.14 53.06
N THR I 229 14.77 47.77 51.99
CA THR I 229 13.48 47.09 52.07
C THR I 229 13.63 45.65 51.55
N GLY I 230 12.49 44.99 51.35
CA GLY I 230 12.48 43.61 50.92
C GLY I 230 12.69 42.66 52.09
N GLU I 231 12.94 41.41 51.74
CA GLU I 231 13.18 40.36 52.74
C GLU I 231 14.66 40.01 52.75
N ILE I 232 15.03 39.11 53.66
CA ILE I 232 16.39 38.62 53.78
C ILE I 232 16.55 37.44 52.82
N PRO I 233 17.31 37.57 51.74
CA PRO I 233 17.39 36.48 50.75
C PRO I 233 17.91 35.20 51.39
N TYR I 234 17.44 34.07 50.86
CA TYR I 234 17.89 32.77 51.33
C TYR I 234 19.40 32.62 51.19
N ASN I 235 19.96 33.11 50.09
CA ASN I 235 21.37 32.92 49.81
C ASN I 235 22.28 33.61 50.81
N ILE I 236 21.73 34.44 51.71
CA ILE I 236 22.48 35.00 52.82
C ILE I 236 23.15 33.86 53.60
N GLY I 237 22.59 32.65 53.53
CA GLY I 237 23.14 31.51 54.23
C GLY I 237 24.45 30.98 53.68
N PHE I 238 24.85 31.41 52.48
CA PHE I 238 26.12 31.00 51.92
C PHE I 238 27.27 31.93 52.32
N LEU I 239 26.96 33.08 52.92
CA LEU I 239 28.01 33.95 53.39
C LEU I 239 28.86 33.24 54.43
N GLN I 240 30.13 33.61 54.50
CA GLN I 240 31.04 33.11 55.51
C GLN I 240 31.36 34.19 56.54
N VAL I 241 30.48 35.20 56.62
CA VAL I 241 30.75 36.34 57.49
C VAL I 241 30.80 35.89 58.95
N ALA I 242 31.59 36.63 59.74
CA ALA I 242 31.54 36.54 61.19
C ALA I 242 30.65 37.62 61.78
N THR I 243 30.43 38.70 61.04
CA THR I 243 29.57 39.80 61.47
C THR I 243 28.54 40.02 60.37
N LEU I 244 27.27 39.87 60.71
CA LEU I 244 26.17 40.15 59.79
C LEU I 244 25.32 41.22 60.44
N SER I 245 25.43 42.44 59.94
CA SER I 245 24.87 43.64 60.56
C SER I 245 23.84 44.25 59.61
N LEU I 246 22.57 43.86 59.80
CA LEU I 246 21.48 44.32 58.95
C LEU I 246 20.53 45.26 59.68
N GLN I 247 20.88 45.68 60.90
CA GLN I 247 19.95 46.35 61.79
C GLN I 247 19.60 47.77 61.32
N GLY I 248 18.49 48.28 61.83
CA GLY I 248 18.12 49.66 61.58
C GLY I 248 17.52 49.94 60.23
N ASN I 249 17.05 48.91 59.52
CA ASN I 249 16.50 49.04 58.19
C ASN I 249 14.98 48.85 58.21
N ARG I 250 14.43 48.48 57.04
CA ARG I 250 12.99 48.25 56.85
C ARG I 250 12.72 46.85 56.31
N LEU I 251 13.53 45.87 56.76
CA LEU I 251 13.37 44.50 56.30
C LEU I 251 12.07 43.90 56.78
N THR I 252 11.41 43.15 55.91
CA THR I 252 10.14 42.50 56.22
C THR I 252 10.28 41.00 56.02
N GLY I 253 9.26 40.27 56.46
CA GLY I 253 9.27 38.83 56.36
C GLY I 253 9.88 38.15 57.56
N ARG I 254 9.95 36.83 57.47
CA ARG I 254 10.51 36.02 58.54
C ARG I 254 12.03 35.99 58.45
N ILE I 255 12.64 35.47 59.51
CA ILE I 255 14.08 35.27 59.57
C ILE I 255 14.42 33.98 58.84
N PRO I 256 15.15 34.03 57.72
CA PRO I 256 15.50 32.79 57.01
C PRO I 256 16.19 31.78 57.91
N GLU I 257 15.61 30.57 57.99
CA GLU I 257 16.13 29.52 58.84
C GLU I 257 17.55 29.13 58.49
N VAL I 258 17.95 29.34 57.23
CA VAL I 258 19.28 28.94 56.77
C VAL I 258 20.39 29.67 57.54
N ILE I 259 20.08 30.83 58.14
CA ILE I 259 21.04 31.55 58.94
C ILE I 259 21.57 30.67 60.08
N GLY I 260 20.82 29.63 60.45
CA GLY I 260 21.24 28.71 61.49
C GLY I 260 22.40 27.81 61.12
N LEU I 261 22.79 27.76 59.84
CA LEU I 261 23.91 26.95 59.40
C LEU I 261 25.21 27.74 59.29
N MET I 262 25.15 29.06 59.42
CA MET I 262 26.32 29.93 59.32
C MET I 262 27.10 29.87 60.64
N GLN I 263 27.80 28.74 60.83
CA GLN I 263 28.45 28.50 62.11
C GLN I 263 29.71 29.34 62.34
N ALA I 264 30.23 29.99 61.30
CA ALA I 264 31.33 30.92 61.50
C ALA I 264 30.87 32.25 62.06
N LEU I 265 29.55 32.51 62.03
CA LEU I 265 28.97 33.75 62.54
C LEU I 265 29.40 34.00 63.99
N ALA I 266 29.77 35.24 64.28
CA ALA I 266 30.09 35.67 65.65
C ALA I 266 29.23 36.82 66.14
N VAL I 267 28.63 37.60 65.24
CA VAL I 267 27.74 38.69 65.62
C VAL I 267 26.60 38.70 64.62
N LEU I 268 25.37 38.53 65.11
CA LEU I 268 24.20 38.53 64.26
C LEU I 268 23.25 39.61 64.75
N ASP I 269 23.01 40.61 63.90
CA ASP I 269 22.22 41.77 64.30
C ASP I 269 21.14 42.01 63.24
N LEU I 270 19.92 41.60 63.56
CA LEU I 270 18.76 41.77 62.68
C LEU I 270 17.75 42.75 63.26
N SER I 271 18.19 43.59 64.22
CA SER I 271 17.30 44.36 65.06
C SER I 271 16.77 45.61 64.33
N ASP I 272 15.80 46.25 64.96
CA ASP I 272 15.21 47.51 64.49
C ASP I 272 14.78 47.43 63.02
N ASN I 273 14.12 46.31 62.67
CA ASN I 273 13.49 46.18 61.37
C ASN I 273 11.98 46.00 61.53
N GLU I 274 11.34 45.35 60.56
CA GLU I 274 9.91 45.02 60.62
C GLU I 274 9.72 43.54 60.38
N LEU I 275 10.60 42.72 60.94
CA LEU I 275 10.53 41.28 60.78
C LEU I 275 9.33 40.72 61.54
N VAL I 276 8.89 39.52 61.15
CA VAL I 276 7.72 38.87 61.70
C VAL I 276 8.04 37.39 61.86
N GLY I 277 7.09 36.67 62.43
CA GLY I 277 7.23 35.24 62.63
C GLY I 277 8.08 34.88 63.84
N PRO I 278 8.40 33.60 63.98
CA PRO I 278 9.08 33.13 65.18
C PRO I 278 10.59 33.31 65.09
N ILE I 279 11.23 33.16 66.25
CA ILE I 279 12.69 33.04 66.35
C ILE I 279 13.04 31.62 65.93
N PRO I 280 13.68 31.40 64.79
CA PRO I 280 13.99 30.04 64.34
C PRO I 280 14.84 29.31 65.38
N PRO I 281 14.39 28.13 65.82
CA PRO I 281 15.15 27.40 66.84
C PRO I 281 16.51 26.91 66.36
N ILE I 282 16.72 26.83 65.04
CA ILE I 282 18.00 26.38 64.50
C ILE I 282 19.14 27.29 64.95
N LEU I 283 18.81 28.55 65.28
CA LEU I 283 19.79 29.49 65.85
C LEU I 283 20.53 28.89 67.03
N GLY I 284 19.99 27.81 67.62
CA GLY I 284 20.66 27.17 68.74
C GLY I 284 22.04 26.63 68.37
N ASN I 285 22.19 26.09 67.16
CA ASN I 285 23.47 25.51 66.79
C ASN I 285 24.46 26.55 66.27
N LEU I 286 24.18 27.84 66.49
CA LEU I 286 25.15 28.91 66.26
C LEU I 286 26.11 29.01 67.44
N SER I 287 26.89 27.94 67.61
CA SER I 287 27.74 27.75 68.79
C SER I 287 28.95 28.67 68.85
N PHE I 288 29.14 29.63 67.94
CA PHE I 288 30.27 30.54 68.04
C PHE I 288 29.85 32.01 68.12
N THR I 289 28.57 32.32 68.03
CA THR I 289 28.14 33.71 68.12
C THR I 289 28.09 34.16 69.57
N GLY I 290 28.47 35.41 69.81
CA GLY I 290 28.47 35.98 71.14
C GLY I 290 27.48 37.12 71.27
N LYS I 291 27.03 37.64 70.14
CA LYS I 291 26.02 38.70 70.10
C LYS I 291 24.84 38.26 69.23
N LEU I 292 23.66 38.22 69.84
CA LEU I 292 22.41 37.98 69.15
C LEU I 292 21.50 39.17 69.44
N TYR I 293 21.33 40.03 68.43
CA TYR I 293 20.51 41.23 68.57
C TYR I 293 19.30 41.09 67.66
N LEU I 294 18.18 40.68 68.23
CA LEU I 294 16.91 40.55 67.51
C LEU I 294 15.86 41.54 68.00
N HIS I 295 16.26 42.57 68.74
CA HIS I 295 15.31 43.46 69.39
C HIS I 295 14.63 44.40 68.37
N GLY I 296 13.49 44.93 68.78
CA GLY I 296 12.83 45.97 67.99
C GLY I 296 12.15 45.53 66.73
N ASN I 297 11.66 44.28 66.67
CA ASN I 297 10.93 43.76 65.52
C ASN I 297 9.48 43.48 65.91
N MET I 298 8.85 42.52 65.22
CA MET I 298 7.53 42.01 65.56
C MET I 298 7.57 40.49 65.64
N LEU I 299 8.63 39.97 66.24
CA LEU I 299 8.79 38.53 66.39
C LEU I 299 7.69 37.96 67.28
N THR I 300 7.51 36.65 67.20
CA THR I 300 6.34 36.00 67.76
C THR I 300 6.78 34.67 68.35
N GLY I 301 6.08 34.22 69.38
CA GLY I 301 6.38 32.94 69.96
C GLY I 301 7.41 33.05 71.07
N PRO I 302 8.06 31.94 71.38
CA PRO I 302 8.89 31.85 72.57
C PRO I 302 10.29 32.39 72.38
N ILE I 303 11.01 32.48 73.49
CA ILE I 303 12.48 32.48 73.51
C ILE I 303 12.81 31.01 73.34
N PRO I 304 13.31 30.57 72.19
CA PRO I 304 13.59 29.14 72.02
C PRO I 304 14.61 28.66 73.04
N SER I 305 14.29 27.55 73.71
CA SER I 305 15.22 27.01 74.71
C SER I 305 16.53 26.58 74.07
N GLU I 306 16.54 26.34 72.76
CA GLU I 306 17.78 26.06 72.06
C GLU I 306 18.75 27.24 72.12
N LEU I 307 18.26 28.44 72.46
CA LEU I 307 19.16 29.56 72.68
C LEU I 307 20.15 29.27 73.80
N GLY I 308 19.83 28.33 74.68
CA GLY I 308 20.77 27.92 75.72
C GLY I 308 21.89 27.05 75.23
N ASN I 309 21.79 26.51 74.02
CA ASN I 309 22.88 25.75 73.40
C ASN I 309 23.96 26.63 72.83
N MET I 310 23.74 27.95 72.73
CA MET I 310 24.78 28.86 72.26
C MET I 310 25.81 29.05 73.36
N SER I 311 26.83 28.19 73.36
CA SER I 311 27.82 28.16 74.44
C SER I 311 28.45 29.53 74.65
N ARG I 312 28.75 30.24 73.56
CA ARG I 312 29.54 31.46 73.64
C ARG I 312 28.70 32.73 73.60
N LEU I 313 27.38 32.63 73.75
CA LEU I 313 26.53 33.81 73.73
C LEU I 313 26.84 34.70 74.93
N SER I 314 27.01 35.99 74.69
CA SER I 314 27.37 36.93 75.75
C SER I 314 26.44 38.13 75.80
N TYR I 315 25.86 38.51 74.67
CA TYR I 315 24.97 39.67 74.57
C TYR I 315 23.71 39.22 73.86
N LEU I 316 22.61 39.13 74.60
CA LEU I 316 21.35 38.66 74.03
C LEU I 316 20.29 39.73 74.25
N GLN I 317 19.85 40.35 73.16
CA GLN I 317 18.82 41.38 73.21
C GLN I 317 17.63 40.95 72.37
N LEU I 318 16.53 40.64 73.04
CA LEU I 318 15.28 40.26 72.38
C LEU I 318 14.15 41.22 72.72
N ASN I 319 14.47 42.44 73.14
CA ASN I 319 13.46 43.35 73.66
C ASN I 319 12.61 43.91 72.53
N ASP I 320 11.54 44.61 72.93
CA ASP I 320 10.65 45.32 72.01
C ASP I 320 10.17 44.41 70.87
N ASN I 321 9.68 43.23 71.25
CA ASN I 321 9.11 42.29 70.29
C ASN I 321 7.69 41.92 70.71
N LYS I 322 7.25 40.71 70.39
CA LYS I 322 5.94 40.22 70.82
C LYS I 322 6.04 38.78 71.29
N LEU I 323 7.14 38.44 71.95
CA LEU I 323 7.36 37.07 72.41
C LEU I 323 6.43 36.73 73.56
N VAL I 324 6.09 35.44 73.68
CA VAL I 324 5.16 34.99 74.69
C VAL I 324 5.76 33.83 75.46
N GLY I 325 4.97 33.21 76.34
CA GLY I 325 5.45 32.08 77.10
C GLY I 325 6.38 32.47 78.23
N THR I 326 7.14 31.48 78.69
CA THR I 326 8.04 31.64 79.81
C THR I 326 9.48 31.86 79.35
N ILE I 327 10.27 32.40 80.26
CA ILE I 327 11.71 32.49 80.11
C ILE I 327 12.25 31.07 80.26
N PRO I 328 12.90 30.51 79.24
CA PRO I 328 13.35 29.11 79.32
C PRO I 328 14.43 28.95 80.38
N PRO I 329 14.28 27.96 81.27
CA PRO I 329 15.35 27.70 82.26
C PRO I 329 16.67 27.34 81.63
N GLU I 330 16.65 26.83 80.39
CA GLU I 330 17.89 26.44 79.71
C GLU I 330 18.80 27.62 79.45
N LEU I 331 18.27 28.86 79.51
CA LEU I 331 19.11 30.05 79.47
C LEU I 331 20.19 30.03 80.55
N GLY I 332 20.02 29.21 81.59
CA GLY I 332 21.04 29.10 82.61
C GLY I 332 22.27 28.31 82.18
N LYS I 333 22.26 27.71 80.99
CA LYS I 333 23.46 27.08 80.47
C LYS I 333 24.46 28.09 79.95
N LEU I 334 24.02 29.32 79.67
CA LEU I 334 24.87 30.37 79.11
C LEU I 334 25.76 30.90 80.23
N GLU I 335 26.82 30.15 80.52
CA GLU I 335 27.73 30.53 81.59
C GLU I 335 28.47 31.83 81.28
N GLN I 336 28.58 32.20 80.01
CA GLN I 336 29.27 33.40 79.59
C GLN I 336 28.33 34.54 79.22
N LEU I 337 27.04 34.41 79.53
CA LEU I 337 26.11 35.48 79.22
C LEU I 337 26.43 36.71 80.06
N PHE I 338 26.58 37.86 79.39
CA PHE I 338 26.94 39.10 80.05
C PHE I 338 25.76 40.07 80.16
N GLU I 339 24.94 40.20 79.12
CA GLU I 339 23.80 41.11 79.12
C GLU I 339 22.58 40.40 78.56
N LEU I 340 21.47 40.49 79.28
CA LEU I 340 20.21 39.86 78.90
C LEU I 340 19.11 40.91 78.94
N ASN I 341 18.53 41.21 77.78
CA ASN I 341 17.50 42.24 77.70
C ASN I 341 16.26 41.63 77.04
N LEU I 342 15.30 41.21 77.86
CA LEU I 342 14.03 40.67 77.39
C LEU I 342 12.88 41.65 77.57
N ALA I 343 13.17 42.94 77.65
CA ALA I 343 12.17 43.93 78.02
C ALA I 343 11.06 44.03 76.96
N ASN I 344 9.95 44.65 77.37
CA ASN I 344 8.83 45.03 76.50
C ASN I 344 8.36 43.85 75.64
N ASN I 345 7.96 42.77 76.32
CA ASN I 345 7.39 41.62 75.63
C ASN I 345 6.05 41.21 76.26
N ARG I 346 5.72 39.92 76.17
CA ARG I 346 4.51 39.35 76.74
C ARG I 346 4.84 38.05 77.47
N LEU I 347 6.07 37.95 77.95
CA LEU I 347 6.52 36.77 78.68
C LEU I 347 5.69 36.57 79.95
N VAL I 348 5.79 35.37 80.50
CA VAL I 348 4.84 34.89 81.50
C VAL I 348 5.62 33.99 82.44
N GLY I 349 5.16 33.91 83.70
CA GLY I 349 5.69 32.98 84.65
C GLY I 349 6.85 33.52 85.45
N PRO I 350 7.49 32.66 86.23
CA PRO I 350 8.57 33.09 87.11
C PRO I 350 9.86 33.37 86.35
N ILE I 351 10.68 34.23 86.96
CA ILE I 351 12.08 34.33 86.58
C ILE I 351 12.73 33.00 86.97
N PRO I 352 13.28 32.25 86.03
CA PRO I 352 13.80 30.92 86.36
C PRO I 352 14.93 31.00 87.37
N SER I 353 14.91 30.09 88.34
CA SER I 353 16.01 30.02 89.30
C SER I 353 17.32 29.65 88.62
N ASN I 354 17.25 28.78 87.59
CA ASN I 354 18.44 28.29 86.92
C ASN I 354 19.26 29.42 86.30
N ILE I 355 18.67 30.61 86.15
CA ILE I 355 19.36 31.74 85.53
C ILE I 355 20.41 32.30 86.49
N SER I 356 20.53 31.70 87.67
CA SER I 356 21.61 32.11 88.57
C SER I 356 22.92 31.44 88.21
N SER I 357 22.92 30.52 87.25
CA SER I 357 24.14 29.90 86.76
C SER I 357 24.88 30.79 85.76
N CYS I 358 24.23 31.82 85.23
CA CYS I 358 24.91 32.85 84.43
C CYS I 358 25.67 33.73 85.41
N ALA I 359 26.81 33.23 85.88
CA ALA I 359 27.58 33.91 86.90
C ALA I 359 28.05 35.28 86.42
N ALA I 360 28.59 35.34 85.20
CA ALA I 360 29.10 36.58 84.65
C ALA I 360 28.00 37.55 84.22
N LEU I 361 26.73 37.19 84.41
CA LEU I 361 25.64 38.06 84.00
C LEU I 361 25.80 39.44 84.62
N ASN I 362 25.66 40.47 83.80
CA ASN I 362 26.03 41.82 84.19
C ASN I 362 24.89 42.83 84.07
N GLN I 363 23.99 42.66 83.11
CA GLN I 363 22.79 43.48 83.01
C GLN I 363 21.60 42.56 82.75
N PHE I 364 20.54 42.76 83.52
CA PHE I 364 19.34 41.93 83.45
C PHE I 364 18.14 42.85 83.39
N ASN I 365 17.40 42.79 82.28
CA ASN I 365 16.30 43.72 82.04
C ASN I 365 15.11 42.94 81.50
N VAL I 366 14.06 42.81 82.31
CA VAL I 366 12.83 42.13 81.91
C VAL I 366 11.64 43.08 82.03
N HIS I 367 11.91 44.38 81.91
CA HIS I 367 10.87 45.39 82.07
C HIS I 367 9.73 45.20 81.09
N GLY I 368 8.50 45.42 81.56
CA GLY I 368 7.37 45.54 80.67
C GLY I 368 6.74 44.24 80.21
N ASN I 369 6.77 43.21 81.05
CA ASN I 369 6.24 41.90 80.70
C ASN I 369 5.03 41.58 81.58
N LEU I 370 4.78 40.30 81.82
CA LEU I 370 3.74 39.81 82.71
C LEU I 370 4.28 38.71 83.62
N LEU I 371 5.56 38.82 83.99
CA LEU I 371 6.18 37.80 84.81
C LEU I 371 5.55 37.79 86.19
N SER I 372 5.70 36.65 86.86
CA SER I 372 4.94 36.38 88.07
C SER I 372 5.88 35.80 89.12
N GLY I 373 5.33 35.56 90.30
CA GLY I 373 6.08 34.94 91.37
C GLY I 373 6.99 35.94 92.06
N SER I 374 7.91 35.39 92.85
CA SER I 374 8.87 36.17 93.61
C SER I 374 10.23 36.13 92.95
N ILE I 375 11.08 37.08 93.33
CA ILE I 375 12.50 37.02 92.98
C ILE I 375 13.10 35.79 93.65
N PRO I 376 13.61 34.82 92.90
CA PRO I 376 14.21 33.65 93.53
C PRO I 376 15.42 34.07 94.36
N LEU I 377 15.74 33.25 95.35
CA LEU I 377 16.88 33.59 96.20
C LEU I 377 18.18 33.49 95.41
N ALA I 378 18.26 32.57 94.45
CA ALA I 378 19.54 32.34 93.80
C ALA I 378 20.06 33.55 93.05
N PHE I 379 19.29 34.64 92.97
CA PHE I 379 19.79 35.89 92.42
C PHE I 379 20.92 36.49 93.25
N ARG I 380 21.09 36.04 94.49
CA ARG I 380 22.22 36.50 95.29
C ARG I 380 23.54 35.98 94.76
N ASN I 381 23.51 34.97 93.89
CA ASN I 381 24.72 34.44 93.27
C ASN I 381 25.19 35.28 92.10
N LEU I 382 24.31 36.14 91.57
CA LEU I 382 24.66 37.02 90.46
C LEU I 382 25.57 38.12 90.98
N GLY I 383 26.81 37.77 91.32
CA GLY I 383 27.72 38.74 91.92
C GLY I 383 28.08 39.90 91.01
N SER I 384 28.26 39.62 89.72
CA SER I 384 28.69 40.63 88.76
C SER I 384 27.53 41.47 88.24
N LEU I 385 26.29 41.18 88.65
CA LEU I 385 25.14 41.93 88.19
C LEU I 385 25.32 43.42 88.48
N THR I 386 24.84 44.27 87.57
CA THR I 386 25.10 45.71 87.63
C THR I 386 23.83 46.50 87.35
N TYR I 387 23.06 46.06 86.37
CA TYR I 387 21.80 46.70 85.99
C TYR I 387 20.70 45.68 86.24
N LEU I 388 19.70 46.07 87.04
CA LEU I 388 18.62 45.12 87.35
C LEU I 388 17.29 45.86 87.21
N ASN I 389 16.64 45.66 86.06
CA ASN I 389 15.38 46.34 85.73
C ASN I 389 14.29 45.28 85.64
N LEU I 390 13.64 45.00 86.78
CA LEU I 390 12.47 44.14 86.85
C LEU I 390 11.16 44.92 86.76
N SER I 391 11.22 46.19 86.33
CA SER I 391 10.09 47.09 86.47
C SER I 391 8.91 46.66 85.60
N SER I 392 7.77 47.28 85.86
CA SER I 392 6.50 47.05 85.18
C SER I 392 6.21 45.57 84.94
N ASN I 393 5.91 44.83 86.01
CA ASN I 393 5.62 43.40 85.90
C ASN I 393 4.55 43.06 86.92
N ASN I 394 4.50 41.78 87.32
CA ASN I 394 3.52 41.28 88.28
C ASN I 394 4.20 40.43 89.35
N PHE I 395 5.40 40.84 89.78
CA PHE I 395 6.09 40.12 90.83
C PHE I 395 5.44 40.38 92.18
N LYS I 396 5.55 39.39 93.07
CA LYS I 396 5.02 39.53 94.42
C LYS I 396 6.07 39.06 95.42
N GLY I 397 5.70 39.00 96.69
CA GLY I 397 6.67 38.69 97.72
C GLY I 397 7.38 39.94 98.21
N LYS I 398 8.41 39.70 99.02
CA LYS I 398 9.18 40.79 99.62
C LYS I 398 10.50 40.97 98.87
N ILE I 399 10.95 42.21 98.81
CA ILE I 399 12.28 42.52 98.29
C ILE I 399 13.28 41.76 99.15
N PRO I 400 14.07 40.86 98.56
CA PRO I 400 14.94 40.00 99.38
C PRO I 400 16.01 40.81 100.08
N VAL I 401 16.31 40.44 101.33
CA VAL I 401 17.47 40.98 102.03
C VAL I 401 18.73 40.77 101.19
N GLU I 402 18.85 39.58 100.59
CA GLU I 402 20.04 39.21 99.84
C GLU I 402 20.27 40.13 98.65
N LEU I 403 19.21 40.80 98.16
CA LEU I 403 19.38 41.76 97.07
C LEU I 403 20.41 42.83 97.40
N GLY I 404 20.58 43.14 98.68
CA GLY I 404 21.55 44.16 99.06
C GLY I 404 23.00 43.71 98.99
N HIS I 405 23.24 42.41 98.82
CA HIS I 405 24.59 41.87 98.79
C HIS I 405 25.17 41.78 97.38
N ILE I 406 24.58 42.50 96.42
CA ILE I 406 25.09 42.57 95.06
C ILE I 406 25.83 43.91 95.00
N ILE I 407 27.12 43.86 95.34
CA ILE I 407 27.87 45.07 95.71
C ILE I 407 27.98 46.05 94.55
N ASN I 408 27.91 45.55 93.31
CA ASN I 408 28.18 46.38 92.14
C ASN I 408 26.93 46.93 91.49
N LEU I 409 25.76 46.74 92.11
CA LEU I 409 24.53 47.32 91.57
C LEU I 409 24.64 48.84 91.51
N ASP I 410 24.34 49.41 90.34
CA ASP I 410 24.24 50.85 90.20
C ASP I 410 22.89 51.33 89.68
N LYS I 411 22.05 50.46 89.15
CA LYS I 411 20.69 50.82 88.75
C LYS I 411 19.76 49.68 89.13
N LEU I 412 18.78 50.00 89.97
CA LEU I 412 17.86 49.01 90.53
C LEU I 412 16.43 49.53 90.36
N ASP I 413 15.67 48.89 89.48
CA ASP I 413 14.28 49.27 89.22
C ASP I 413 13.38 48.08 89.49
N LEU I 414 12.64 48.14 90.59
CA LEU I 414 11.62 47.16 90.93
C LEU I 414 10.22 47.76 90.80
N SER I 415 10.09 48.92 90.16
CA SER I 415 8.86 49.68 90.18
C SER I 415 7.76 48.98 89.39
N GLY I 416 6.52 49.38 89.65
CA GLY I 416 5.39 48.84 88.91
C GLY I 416 5.08 47.39 89.17
N ASN I 417 5.35 46.89 90.39
CA ASN I 417 5.05 45.51 90.72
C ASN I 417 4.08 45.39 91.90
N ASN I 418 4.13 44.25 92.60
CA ASN I 418 3.29 43.99 93.77
C ASN I 418 4.15 43.43 94.90
N PHE I 419 5.27 44.11 95.19
CA PHE I 419 6.13 43.69 96.28
C PHE I 419 5.52 44.07 97.62
N SER I 420 5.74 43.21 98.60
CA SER I 420 5.17 43.36 99.93
C SER I 420 6.29 43.48 100.96
N GLY I 421 5.90 43.56 102.23
CA GLY I 421 6.85 43.71 103.31
C GLY I 421 7.48 45.09 103.34
N SER I 422 8.50 45.23 104.18
CA SER I 422 9.24 46.47 104.33
C SER I 422 10.53 46.40 103.53
N ILE I 423 11.09 47.58 103.25
CA ILE I 423 12.34 47.68 102.48
C ILE I 423 13.49 47.12 103.32
N PRO I 424 14.29 46.20 102.77
CA PRO I 424 15.43 45.69 103.54
C PRO I 424 16.44 46.79 103.80
N LEU I 425 17.05 46.75 104.99
CA LEU I 425 18.05 47.75 105.34
C LEU I 425 19.32 47.56 104.53
N THR I 426 19.56 46.36 104.00
CA THR I 426 20.75 46.11 103.20
C THR I 426 20.77 46.95 101.93
N LEU I 427 19.59 47.33 101.41
CA LEU I 427 19.54 48.25 100.29
C LEU I 427 20.34 49.51 100.58
N GLY I 428 20.48 49.89 101.84
CA GLY I 428 21.23 51.07 102.20
C GLY I 428 22.72 50.95 101.95
N ASP I 429 23.27 49.74 101.94
CA ASP I 429 24.69 49.55 101.72
C ASP I 429 24.99 49.05 100.31
N LEU I 430 24.26 49.55 99.31
CA LEU I 430 24.66 49.43 97.91
C LEU I 430 25.51 50.66 97.61
N GLU I 431 26.81 50.54 97.92
CA GLU I 431 27.73 51.67 97.90
C GLU I 431 27.69 52.43 96.58
N HIS I 432 27.64 51.70 95.46
CA HIS I 432 27.76 52.30 94.13
C HIS I 432 26.42 52.56 93.47
N LEU I 433 25.30 52.25 94.14
CA LEU I 433 23.97 52.49 93.58
C LEU I 433 23.81 53.94 93.16
N LEU I 434 23.37 54.16 91.91
CA LEU I 434 23.05 55.50 91.42
C LEU I 434 21.56 55.77 91.30
N ILE I 435 20.76 54.78 90.92
CA ILE I 435 19.33 54.96 90.74
C ILE I 435 18.58 53.85 91.47
N LEU I 436 17.60 54.23 92.28
CA LEU I 436 16.82 53.29 93.08
C LEU I 436 15.34 53.65 92.92
N ASN I 437 14.64 52.94 92.04
CA ASN I 437 13.22 53.18 91.79
C ASN I 437 12.42 51.99 92.33
N LEU I 438 11.78 52.17 93.49
CA LEU I 438 10.90 51.17 94.08
C LEU I 438 9.43 51.55 94.00
N SER I 439 9.06 52.53 93.19
CA SER I 439 7.72 53.09 93.24
C SER I 439 6.69 52.09 92.73
N ARG I 440 5.42 52.36 93.03
CA ARG I 440 4.28 51.60 92.53
C ARG I 440 4.35 50.13 92.96
N ASN I 441 4.25 49.93 94.27
CA ASN I 441 4.17 48.60 94.85
C ASN I 441 3.25 48.65 96.05
N HIS I 442 3.39 47.68 96.95
CA HIS I 442 2.66 47.63 98.21
C HIS I 442 3.62 47.57 99.39
N LEU I 443 4.74 48.28 99.27
CA LEU I 443 5.73 48.29 100.35
C LEU I 443 5.18 49.00 101.57
N SER I 444 5.45 48.44 102.74
CA SER I 444 4.99 48.98 104.01
C SER I 444 6.20 49.22 104.91
N GLY I 445 5.94 49.64 106.14
CA GLY I 445 7.01 49.93 107.07
C GLY I 445 7.53 51.35 106.89
N GLN I 446 8.70 51.59 107.48
CA GLN I 446 9.34 52.89 107.41
C GLN I 446 10.28 52.98 106.21
N LEU I 447 10.48 54.20 105.75
CA LEU I 447 11.55 54.51 104.80
C LEU I 447 12.88 54.36 105.53
N PRO I 448 13.76 53.44 105.11
CA PRO I 448 14.93 53.11 105.94
C PRO I 448 15.91 54.26 106.03
N ALA I 449 16.35 54.55 107.25
CA ALA I 449 17.39 55.56 107.46
C ALA I 449 18.73 55.12 106.89
N GLU I 450 18.95 53.81 106.72
CA GLU I 450 20.18 53.32 106.12
C GLU I 450 20.37 53.82 104.69
N PHE I 451 19.30 54.31 104.06
CA PHE I 451 19.44 54.99 102.76
C PHE I 451 20.44 56.14 102.81
N GLY I 452 20.76 56.64 104.01
CA GLY I 452 21.79 57.65 104.13
C GLY I 452 23.17 57.17 103.72
N ASN I 453 23.41 55.86 103.77
CA ASN I 453 24.71 55.32 103.38
C ASN I 453 24.88 55.22 101.87
N LEU I 454 23.84 55.52 101.09
CA LEU I 454 23.92 55.48 99.63
C LEU I 454 24.78 56.66 99.18
N ARG I 455 26.10 56.47 99.31
CA ARG I 455 27.07 57.51 98.98
C ARG I 455 26.78 58.16 97.62
N SER I 456 26.69 57.33 96.59
CA SER I 456 26.66 57.78 95.21
C SER I 456 25.26 58.09 94.69
N ILE I 457 24.22 57.78 95.46
CA ILE I 457 22.86 57.82 94.93
C ILE I 457 22.53 59.21 94.38
N GLN I 458 21.78 59.24 93.29
CA GLN I 458 21.31 60.47 92.67
C GLN I 458 19.79 60.52 92.49
N MET I 459 19.10 59.37 92.50
CA MET I 459 17.66 59.32 92.35
C MET I 459 17.07 58.25 93.24
N ILE I 460 16.07 58.63 94.04
CA ILE I 460 15.36 57.73 94.94
C ILE I 460 13.87 57.93 94.73
N ASP I 461 13.18 56.90 94.25
CA ASP I 461 11.75 56.93 94.03
C ASP I 461 11.12 55.75 94.78
N VAL I 462 10.23 56.06 95.72
CA VAL I 462 9.50 55.04 96.47
C VAL I 462 8.02 55.45 96.57
N SER I 463 7.56 56.23 95.60
CA SER I 463 6.19 56.75 95.62
C SER I 463 5.18 55.63 95.40
N PHE I 464 3.91 55.95 95.64
CA PHE I 464 2.79 55.05 95.44
C PHE I 464 3.02 53.70 96.13
N ASN I 465 3.24 53.77 97.44
CA ASN I 465 3.35 52.59 98.28
C ASN I 465 2.49 52.74 99.53
N LEU I 466 2.85 52.02 100.59
CA LEU I 466 2.19 52.14 101.88
C LEU I 466 3.21 52.50 102.97
N LEU I 467 4.26 53.22 102.58
CA LEU I 467 5.31 53.57 103.52
C LEU I 467 4.77 54.48 104.63
N SER I 468 5.14 54.15 105.86
CA SER I 468 4.70 54.89 107.03
C SER I 468 5.93 55.45 107.75
N GLY I 469 5.71 55.99 108.94
CA GLY I 469 6.79 56.58 109.69
C GLY I 469 7.15 57.97 109.18
N VAL I 470 8.43 58.31 109.31
CA VAL I 470 8.91 59.66 109.08
C VAL I 470 9.85 59.64 107.88
N ILE I 471 9.98 60.81 107.24
CA ILE I 471 11.03 61.02 106.25
C ILE I 471 12.37 60.91 106.96
N PRO I 472 13.21 59.94 106.60
CA PRO I 472 14.49 59.80 107.30
C PRO I 472 15.30 61.08 107.20
N THR I 473 15.80 61.54 108.35
CA THR I 473 16.56 62.78 108.39
C THR I 473 17.99 62.61 107.87
N GLU I 474 18.46 61.37 107.75
CA GLU I 474 19.81 61.12 107.26
C GLU I 474 19.93 61.29 105.76
N LEU I 475 18.81 61.44 105.05
CA LEU I 475 18.85 61.74 103.62
C LEU I 475 19.63 63.01 103.32
N GLY I 476 19.76 63.90 104.30
CA GLY I 476 20.59 65.09 104.13
C GLY I 476 22.04 64.80 103.86
N GLN I 477 22.52 63.59 104.20
CA GLN I 477 23.90 63.23 103.93
C GLN I 477 24.16 62.95 102.46
N LEU I 478 23.12 62.82 101.65
CA LEU I 478 23.26 62.37 100.27
C LEU I 478 23.69 63.54 99.40
N GLN I 479 24.96 63.55 98.99
CA GLN I 479 25.55 64.69 98.31
C GLN I 479 25.34 64.69 96.81
N ASN I 480 24.86 63.60 96.23
CA ASN I 480 24.56 63.52 94.82
C ASN I 480 23.07 63.38 94.52
N LEU I 481 22.24 63.15 95.54
CA LEU I 481 20.81 63.01 95.39
C LEU I 481 20.18 64.27 94.78
N ASN I 482 19.73 64.16 93.53
CA ASN I 482 19.08 65.26 92.83
C ASN I 482 17.58 65.06 92.64
N SER I 483 17.06 63.84 92.83
CA SER I 483 15.63 63.57 92.73
C SER I 483 15.18 62.70 93.90
N LEU I 484 14.29 63.25 94.73
CA LEU I 484 13.73 62.54 95.88
C LEU I 484 12.21 62.55 95.72
N ILE I 485 11.65 61.39 95.39
CA ILE I 485 10.23 61.26 95.07
C ILE I 485 9.61 60.32 96.11
N LEU I 486 8.79 60.89 97.00
CA LEU I 486 8.19 60.11 98.09
C LEU I 486 6.66 60.16 98.09
N ASN I 487 6.04 60.69 97.04
CA ASN I 487 4.61 61.01 97.10
C ASN I 487 3.75 59.75 97.21
N ASN I 488 2.47 59.97 97.51
CA ASN I 488 1.48 58.92 97.64
C ASN I 488 1.95 57.78 98.53
N ASN I 489 2.29 58.13 99.76
CA ASN I 489 2.54 57.16 100.82
C ASN I 489 1.70 57.56 102.02
N LYS I 490 2.12 57.10 103.20
CA LYS I 490 1.52 57.52 104.46
C LYS I 490 2.61 57.97 105.43
N LEU I 491 3.66 58.58 104.90
CA LEU I 491 4.68 59.19 105.73
C LEU I 491 4.08 60.35 106.51
N HIS I 492 4.46 60.44 107.78
CA HIS I 492 4.00 61.52 108.65
C HIS I 492 5.21 62.24 109.22
N GLY I 493 4.95 63.28 109.99
CA GLY I 493 6.01 64.08 110.56
C GLY I 493 6.39 65.23 109.65
N LYS I 494 7.43 65.93 110.06
CA LYS I 494 7.85 67.14 109.38
C LYS I 494 8.93 66.82 108.35
N ILE I 495 8.97 67.65 107.30
CA ILE I 495 10.01 67.60 106.29
C ILE I 495 11.32 67.97 106.97
N PRO I 496 12.33 67.11 106.94
CA PRO I 496 13.55 67.37 107.71
C PRO I 496 14.25 68.65 107.24
N ASP I 497 14.80 69.37 108.21
CA ASP I 497 15.59 70.56 107.90
C ASP I 497 16.90 70.20 107.22
N GLN I 498 17.39 68.98 107.42
CA GLN I 498 18.66 68.54 106.85
C GLN I 498 18.58 68.30 105.35
N LEU I 499 17.37 68.17 104.79
CA LEU I 499 17.23 68.09 103.33
C LEU I 499 17.83 69.29 102.63
N THR I 500 18.08 70.38 103.35
CA THR I 500 18.72 71.56 102.75
C THR I 500 20.19 71.33 102.46
N ASN I 501 20.80 70.28 103.02
CA ASN I 501 22.21 69.99 102.76
C ASN I 501 22.41 69.08 101.56
N CYS I 502 21.33 68.60 100.93
CA CYS I 502 21.45 67.90 99.67
C CYS I 502 21.88 68.90 98.61
N PHE I 503 23.19 69.04 98.42
CA PHE I 503 23.76 70.08 97.59
C PHE I 503 23.21 70.10 96.16
N THR I 504 22.61 69.00 95.70
CA THR I 504 22.20 68.88 94.31
C THR I 504 20.72 68.57 94.16
N LEU I 505 19.93 68.69 95.23
CA LEU I 505 18.53 68.28 95.19
C LEU I 505 17.73 69.29 94.37
N VAL I 506 17.30 68.86 93.18
CA VAL I 506 16.59 69.75 92.26
C VAL I 506 15.11 69.42 92.21
N ASN I 507 14.76 68.15 92.32
CA ASN I 507 13.38 67.70 92.24
C ASN I 507 12.98 66.92 93.48
N LEU I 508 11.90 67.35 94.13
CA LEU I 508 11.41 66.75 95.36
C LEU I 508 9.90 66.67 95.28
N ASN I 509 9.36 65.48 95.51
CA ASN I 509 7.90 65.30 95.49
C ASN I 509 7.50 64.44 96.68
N VAL I 510 6.95 65.08 97.71
CA VAL I 510 6.48 64.42 98.92
C VAL I 510 4.97 64.61 99.12
N SER I 511 4.27 64.95 98.03
CA SER I 511 2.85 65.24 98.10
C SER I 511 2.05 63.99 98.49
N PHE I 512 0.78 64.22 98.86
CA PHE I 512 -0.16 63.15 99.18
C PHE I 512 0.39 62.19 100.24
N ASN I 513 0.83 62.77 101.36
CA ASN I 513 1.20 61.99 102.54
C ASN I 513 0.37 62.43 103.73
N ASN I 514 0.90 62.20 104.93
CA ASN I 514 0.34 62.74 106.16
C ASN I 514 1.34 63.67 106.83
N LEU I 515 2.22 64.28 106.02
CA LEU I 515 3.23 65.17 106.54
C LEU I 515 2.61 66.43 107.14
N SER I 516 3.22 66.88 108.24
CA SER I 516 2.83 68.10 108.93
C SER I 516 4.04 69.02 109.05
N GLY I 517 3.80 70.25 109.48
CA GLY I 517 4.86 71.23 109.66
C GLY I 517 4.89 72.29 108.58
N ILE I 518 6.05 72.93 108.48
CA ILE I 518 6.35 73.82 107.36
C ILE I 518 7.52 73.22 106.58
N VAL I 519 7.75 73.78 105.40
CA VAL I 519 8.87 73.39 104.54
C VAL I 519 10.08 74.20 104.97
N PRO I 520 11.22 73.55 105.21
CA PRO I 520 12.41 74.28 105.62
C PRO I 520 12.97 75.08 104.46
N PRO I 521 13.89 76.02 104.73
CA PRO I 521 14.53 76.77 103.64
C PRO I 521 15.33 75.88 102.70
N MET I 522 14.79 75.63 101.51
CA MET I 522 15.48 74.85 100.50
C MET I 522 16.22 75.78 99.55
N LYS I 523 17.48 75.44 99.25
CA LYS I 523 18.31 76.25 98.37
C LYS I 523 17.90 76.14 96.91
N ASN I 524 16.92 75.30 96.58
CA ASN I 524 16.41 75.14 95.22
C ASN I 524 14.89 75.04 95.25
N PHE I 525 14.26 75.82 96.13
CA PHE I 525 12.82 75.75 96.31
C PHE I 525 12.05 76.11 95.04
N SER I 526 12.66 76.86 94.13
CA SER I 526 11.99 77.33 92.94
C SER I 526 12.01 76.32 91.80
N ARG I 527 12.94 75.37 91.82
CA ARG I 527 13.02 74.34 90.80
C ARG I 527 11.98 73.24 90.98
N PHE I 528 11.28 73.23 92.12
CA PHE I 528 10.27 72.21 92.40
C PHE I 528 9.02 72.45 91.56
N ALA I 529 8.26 71.38 91.36
CA ALA I 529 6.94 71.47 90.75
C ALA I 529 5.99 72.22 91.67
N PRO I 530 4.88 72.74 91.14
CA PRO I 530 3.89 73.39 92.02
C PRO I 530 3.27 72.44 93.03
N ALA I 531 2.87 71.24 92.59
CA ALA I 531 2.19 70.27 93.46
C ALA I 531 3.16 69.43 94.27
N SER I 532 4.31 70.00 94.65
CA SER I 532 5.31 69.24 95.38
C SER I 532 4.81 68.80 96.75
N PHE I 533 3.91 69.58 97.36
CA PHE I 533 3.50 69.31 98.72
C PHE I 533 1.98 69.19 98.90
N VAL I 534 1.20 69.24 97.82
CA VAL I 534 -0.25 69.19 97.95
C VAL I 534 -0.68 67.82 98.49
N GLY I 535 -1.85 67.78 99.11
CA GLY I 535 -2.40 66.56 99.64
C GLY I 535 -1.92 66.19 101.02
N ASN I 536 -1.08 67.01 101.65
CA ASN I 536 -0.76 66.85 103.05
C ASN I 536 -1.70 67.73 103.87
N PRO I 537 -2.55 67.15 104.71
CA PRO I 537 -3.55 67.97 105.44
C PRO I 537 -2.91 69.03 106.32
N TYR I 538 -2.12 68.59 107.30
CA TYR I 538 -1.54 69.45 108.30
C TYR I 538 -0.22 70.10 107.86
N LEU I 539 0.08 70.14 106.58
CA LEU I 539 1.26 70.83 106.09
C LEU I 539 0.90 72.26 105.73
N CYS I 540 1.67 73.22 106.26
CA CYS I 540 1.37 74.64 106.18
C CYS I 540 2.30 75.29 105.16
N GLY I 541 1.73 75.68 104.02
CA GLY I 541 2.49 76.42 103.02
C GLY I 541 1.66 77.45 102.28
N ASN I 542 2.18 77.93 101.15
CA ASN I 542 1.52 78.95 100.34
C ASN I 542 0.98 78.31 99.06
N TRP I 543 0.01 77.43 99.23
CA TRP I 543 -0.63 76.78 98.10
C TRP I 543 -2.05 76.39 98.49
N VAL I 544 -2.85 76.08 97.48
CA VAL I 544 -4.24 75.70 97.70
C VAL I 544 -4.29 74.26 98.17
N GLY I 545 -5.18 73.98 99.12
CA GLY I 545 -5.24 72.69 99.78
C GLY I 545 -4.49 72.60 101.08
N SER I 546 -3.74 73.64 101.45
CA SER I 546 -3.11 73.73 102.77
C SER I 546 -3.99 74.54 103.70
N ILE I 547 -3.91 74.25 105.00
CA ILE I 547 -4.61 75.06 105.99
C ILE I 547 -4.05 76.48 106.08
N CYS I 548 -2.87 76.71 105.52
CA CYS I 548 -2.31 78.06 105.42
C CYS I 548 -2.45 78.63 104.03
N ASN J 5 -33.83 -52.86 -59.06
CA ASN J 5 -34.45 -51.75 -58.34
C ASN J 5 -34.42 -50.48 -59.18
N GLU J 6 -33.22 -50.09 -59.62
CA GLU J 6 -33.10 -48.97 -60.54
C GLU J 6 -33.44 -49.39 -61.97
N GLY J 7 -33.14 -50.64 -62.33
CA GLY J 7 -33.58 -51.15 -63.62
C GLY J 7 -35.08 -51.36 -63.67
N LYS J 8 -35.70 -51.63 -62.52
CA LYS J 8 -37.15 -51.58 -62.42
C LYS J 8 -37.68 -50.24 -62.92
N ALA J 9 -37.17 -49.15 -62.34
CA ALA J 9 -37.63 -47.82 -62.71
C ALA J 9 -37.33 -47.49 -64.17
N LEU J 10 -36.12 -47.82 -64.64
CA LEU J 10 -35.80 -47.55 -66.04
C LEU J 10 -36.69 -48.35 -66.98
N MET J 11 -37.10 -49.55 -66.57
CA MET J 11 -37.98 -50.36 -67.40
C MET J 11 -39.40 -49.80 -67.41
N ALA J 12 -39.86 -49.25 -66.29
CA ALA J 12 -41.15 -48.58 -66.29
C ALA J 12 -41.13 -47.32 -67.16
N ILE J 13 -40.04 -46.55 -67.10
CA ILE J 13 -39.91 -45.38 -67.96
C ILE J 13 -39.94 -45.79 -69.43
N LYS J 14 -39.25 -46.87 -69.78
CA LYS J 14 -39.31 -47.40 -71.13
C LYS J 14 -40.74 -47.81 -71.50
N GLY J 15 -41.40 -48.56 -70.63
CA GLY J 15 -42.74 -49.06 -70.90
C GLY J 15 -43.80 -47.99 -70.96
N SER J 16 -43.53 -46.79 -70.44
CA SER J 16 -44.48 -45.70 -70.53
C SER J 16 -44.30 -44.89 -71.82
N PHE J 17 -43.29 -45.21 -72.61
CA PHE J 17 -43.18 -44.65 -73.96
C PHE J 17 -44.09 -45.45 -74.89
N SER J 18 -44.05 -45.13 -76.18
CA SER J 18 -44.93 -45.82 -77.12
C SER J 18 -44.20 -46.24 -78.39
N ASN J 19 -43.67 -45.27 -79.12
CA ASN J 19 -43.10 -45.52 -80.45
C ASN J 19 -41.70 -46.09 -80.39
N LEU J 20 -41.46 -47.02 -79.47
CA LEU J 20 -40.13 -47.57 -79.21
C LEU J 20 -39.86 -48.85 -80.00
N VAL J 21 -40.21 -48.79 -81.28
CA VAL J 21 -40.09 -49.91 -82.21
C VAL J 21 -38.69 -50.51 -82.15
N ASN J 22 -37.72 -49.81 -82.70
CA ASN J 22 -36.31 -50.22 -82.63
C ASN J 22 -35.49 -49.16 -81.88
N MET J 23 -36.04 -48.62 -80.81
CA MET J 23 -35.45 -47.44 -80.18
C MET J 23 -34.57 -47.81 -78.99
N LEU J 24 -35.20 -48.20 -77.88
CA LEU J 24 -34.45 -48.55 -76.67
C LEU J 24 -34.26 -50.06 -76.55
N LEU J 25 -33.75 -50.67 -77.63
CA LEU J 25 -33.40 -52.08 -77.59
C LEU J 25 -32.28 -52.34 -76.60
N ASP J 26 -31.46 -51.33 -76.32
CA ASP J 26 -30.49 -51.42 -75.23
C ASP J 26 -31.16 -51.84 -73.94
N TRP J 27 -32.27 -51.17 -73.61
CA TRP J 27 -32.92 -51.30 -72.32
C TRP J 27 -33.54 -52.69 -72.19
N ASP J 28 -32.79 -53.61 -71.56
CA ASP J 28 -33.26 -54.99 -71.39
C ASP J 28 -32.69 -55.50 -70.07
N ASP J 29 -33.54 -55.58 -69.04
CA ASP J 29 -33.09 -55.83 -67.67
C ASP J 29 -32.43 -57.20 -67.49
N VAL J 30 -32.58 -58.11 -68.46
CA VAL J 30 -32.06 -59.48 -68.31
C VAL J 30 -31.08 -59.84 -69.42
N HIS J 31 -31.28 -59.36 -70.65
CA HIS J 31 -30.31 -59.58 -71.72
C HIS J 31 -29.25 -58.49 -71.80
N ASN J 32 -29.20 -57.57 -70.83
CA ASN J 32 -28.23 -56.48 -70.86
C ASN J 32 -27.96 -56.06 -69.41
N SER J 33 -26.94 -56.68 -68.81
CA SER J 33 -26.78 -56.64 -67.36
C SER J 33 -26.48 -55.24 -66.82
N ASP J 34 -25.67 -54.47 -67.54
CA ASP J 34 -25.19 -53.17 -67.03
C ASP J 34 -26.17 -52.07 -67.42
N LEU J 35 -27.04 -51.65 -66.49
CA LEU J 35 -27.92 -50.53 -66.79
C LEU J 35 -27.14 -49.23 -66.93
N CYS J 36 -25.85 -49.22 -66.63
CA CYS J 36 -25.05 -48.01 -66.66
C CYS J 36 -24.45 -47.77 -68.03
N SER J 37 -24.83 -48.58 -69.01
CA SER J 37 -24.34 -48.46 -70.37
C SER J 37 -25.48 -48.50 -71.38
N TRP J 38 -26.73 -48.55 -70.92
CA TRP J 38 -27.88 -48.42 -71.79
C TRP J 38 -27.85 -47.05 -72.47
N ARG J 39 -28.60 -46.95 -73.57
CA ARG J 39 -28.66 -45.71 -74.32
C ARG J 39 -29.20 -44.56 -73.48
N GLY J 40 -28.42 -43.47 -73.40
CA GLY J 40 -28.87 -42.23 -72.82
C GLY J 40 -28.87 -42.15 -71.31
N VAL J 41 -28.37 -43.16 -70.61
CA VAL J 41 -28.25 -43.12 -69.15
C VAL J 41 -26.79 -42.97 -68.76
N PHE J 42 -26.54 -42.21 -67.70
CA PHE J 42 -25.18 -42.00 -67.19
C PHE J 42 -25.17 -42.14 -65.68
N CYS J 43 -24.28 -42.98 -65.18
CA CYS J 43 -24.07 -43.17 -63.75
C CYS J 43 -22.79 -42.49 -63.30
N ASP J 44 -22.69 -42.28 -61.99
CA ASP J 44 -21.41 -41.89 -61.40
C ASP J 44 -20.59 -43.15 -61.13
N ASN J 45 -19.28 -43.01 -61.26
CA ASN J 45 -18.38 -44.15 -61.29
C ASN J 45 -18.10 -44.76 -59.91
N VAL J 46 -18.81 -44.37 -58.86
CA VAL J 46 -18.57 -44.88 -57.51
C VAL J 46 -19.75 -45.73 -57.03
N SER J 47 -20.96 -45.16 -57.04
CA SER J 47 -22.14 -45.90 -56.63
C SER J 47 -22.88 -46.55 -57.80
N TYR J 48 -22.50 -46.22 -59.04
CA TYR J 48 -23.17 -46.73 -60.24
C TYR J 48 -24.68 -46.55 -60.16
N SER J 49 -25.08 -45.36 -59.71
CA SER J 49 -26.48 -44.95 -59.68
C SER J 49 -26.73 -43.90 -60.76
N VAL J 50 -27.93 -43.90 -61.32
CA VAL J 50 -28.28 -43.01 -62.41
C VAL J 50 -28.27 -41.57 -61.92
N VAL J 51 -27.48 -40.72 -62.58
CA VAL J 51 -27.42 -39.31 -62.25
C VAL J 51 -27.88 -38.41 -63.40
N SER J 52 -27.95 -38.91 -64.63
CA SER J 52 -28.24 -38.08 -65.78
C SER J 52 -28.88 -38.96 -66.84
N LEU J 53 -30.02 -38.50 -67.36
CA LEU J 53 -30.80 -39.24 -68.37
C LEU J 53 -31.12 -38.30 -69.52
N ASN J 54 -30.57 -38.61 -70.70
CA ASN J 54 -30.74 -37.76 -71.88
C ASN J 54 -31.27 -38.63 -73.02
N LEU J 55 -32.57 -38.52 -73.30
CA LEU J 55 -33.21 -39.20 -74.42
C LEU J 55 -33.68 -38.19 -75.46
N SER J 56 -32.86 -37.18 -75.72
CA SER J 56 -33.26 -36.04 -76.55
C SER J 56 -33.50 -36.44 -78.00
N SER J 57 -34.65 -36.01 -78.52
CA SER J 57 -34.93 -36.00 -79.95
C SER J 57 -35.09 -37.41 -80.51
N LEU J 58 -35.78 -38.27 -79.76
CA LEU J 58 -36.00 -39.65 -80.19
C LEU J 58 -37.45 -39.96 -80.52
N ASN J 59 -38.40 -39.05 -80.21
CA ASN J 59 -39.82 -39.24 -80.47
C ASN J 59 -40.34 -40.53 -79.85
N LEU J 60 -40.03 -40.74 -78.57
CA LEU J 60 -40.45 -41.97 -77.91
C LEU J 60 -41.96 -42.02 -77.73
N GLY J 61 -42.61 -40.86 -77.62
CA GLY J 61 -44.03 -40.75 -77.90
C GLY J 61 -45.00 -41.18 -76.82
N GLY J 62 -44.54 -41.51 -75.62
CA GLY J 62 -45.45 -41.98 -74.61
C GLY J 62 -45.84 -40.93 -73.59
N GLU J 63 -45.64 -41.26 -72.32
CA GLU J 63 -45.84 -40.35 -71.20
C GLU J 63 -44.60 -40.42 -70.33
N ILE J 64 -44.49 -39.51 -69.37
CA ILE J 64 -43.39 -39.53 -68.42
C ILE J 64 -43.85 -40.34 -67.21
N SER J 65 -43.32 -41.54 -67.07
CA SER J 65 -43.74 -42.44 -66.01
C SER J 65 -43.41 -41.84 -64.64
N PRO J 66 -44.27 -42.04 -63.63
CA PRO J 66 -43.89 -41.63 -62.28
C PRO J 66 -42.63 -42.31 -61.76
N ALA J 67 -42.21 -43.41 -62.39
CA ALA J 67 -41.01 -44.13 -61.97
C ALA J 67 -39.74 -43.32 -62.15
N ILE J 68 -39.80 -42.20 -62.89
CA ILE J 68 -38.67 -41.30 -62.95
C ILE J 68 -38.36 -40.70 -61.58
N GLY J 69 -39.34 -40.69 -60.68
CA GLY J 69 -39.11 -40.27 -59.32
C GLY J 69 -38.38 -41.30 -58.48
N ASP J 70 -38.13 -42.48 -59.05
CA ASP J 70 -37.44 -43.54 -58.34
C ASP J 70 -35.95 -43.57 -58.63
N LEU J 71 -35.45 -42.65 -59.46
CA LEU J 71 -34.02 -42.46 -59.64
C LEU J 71 -33.60 -41.29 -58.76
N ARG J 72 -33.50 -41.57 -57.46
CA ARG J 72 -33.33 -40.51 -56.46
C ARG J 72 -32.07 -39.69 -56.68
N ASN J 73 -31.02 -40.29 -57.22
CA ASN J 73 -29.74 -39.61 -57.40
C ASN J 73 -29.63 -38.90 -58.75
N LEU J 74 -30.74 -38.68 -59.45
CA LEU J 74 -30.71 -37.96 -60.71
C LEU J 74 -30.29 -36.52 -60.51
N GLN J 75 -29.32 -36.06 -61.30
CA GLN J 75 -28.95 -34.65 -61.34
C GLN J 75 -29.36 -33.95 -62.63
N SER J 76 -29.66 -34.69 -63.69
CA SER J 76 -30.05 -34.04 -64.95
C SER J 76 -31.04 -34.92 -65.72
N ILE J 77 -32.15 -34.31 -66.15
CA ILE J 77 -33.16 -34.96 -66.96
C ILE J 77 -33.36 -34.15 -68.24
N ASP J 78 -33.25 -34.81 -69.39
CA ASP J 78 -33.48 -34.20 -70.70
C ASP J 78 -34.36 -35.14 -71.52
N LEU J 79 -35.65 -34.83 -71.59
CA LEU J 79 -36.61 -35.60 -72.36
C LEU J 79 -37.22 -34.76 -73.49
N GLN J 80 -36.43 -33.85 -74.04
CA GLN J 80 -36.93 -32.94 -75.07
C GLN J 80 -37.16 -33.65 -76.40
N GLY J 81 -38.21 -33.23 -77.11
CA GLY J 81 -38.45 -33.68 -78.46
C GLY J 81 -38.84 -35.14 -78.56
N ASN J 82 -39.88 -35.53 -77.83
CA ASN J 82 -40.30 -36.93 -77.81
C ASN J 82 -41.81 -37.08 -77.91
N LYS J 83 -42.53 -36.04 -78.30
CA LYS J 83 -43.98 -36.10 -78.46
C LYS J 83 -44.67 -36.63 -77.21
N LEU J 84 -44.10 -36.30 -76.05
CA LEU J 84 -44.60 -36.84 -74.80
C LEU J 84 -45.92 -36.19 -74.42
N ALA J 85 -46.86 -36.99 -73.91
CA ALA J 85 -48.16 -36.49 -73.49
C ALA J 85 -48.33 -36.71 -71.99
N GLY J 86 -49.56 -36.49 -71.52
CA GLY J 86 -49.84 -36.56 -70.10
C GLY J 86 -49.38 -35.31 -69.37
N GLN J 87 -49.47 -35.40 -68.05
CA GLN J 87 -49.03 -34.33 -67.16
C GLN J 87 -47.60 -34.59 -66.69
N ILE J 88 -46.96 -33.56 -66.19
CA ILE J 88 -45.65 -33.70 -65.55
C ILE J 88 -45.87 -34.45 -64.24
N PRO J 89 -45.34 -35.65 -64.09
CA PRO J 89 -45.66 -36.45 -62.90
C PRO J 89 -45.13 -35.80 -61.63
N ASP J 90 -45.93 -35.90 -60.57
CA ASP J 90 -45.56 -35.31 -59.29
C ASP J 90 -44.24 -35.85 -58.77
N GLU J 91 -43.90 -37.09 -59.13
CA GLU J 91 -42.78 -37.77 -58.52
C GLU J 91 -41.43 -37.16 -58.90
N ILE J 92 -41.38 -36.35 -59.96
CA ILE J 92 -40.15 -35.60 -60.25
C ILE J 92 -39.74 -34.79 -59.03
N GLY J 93 -40.71 -34.42 -58.19
CA GLY J 93 -40.43 -33.64 -57.00
C GLY J 93 -39.57 -34.34 -55.98
N ASN J 94 -39.50 -35.68 -56.01
CA ASN J 94 -38.59 -36.38 -55.11
C ASN J 94 -37.34 -36.84 -55.85
N CYS J 95 -36.89 -36.02 -56.79
CA CYS J 95 -35.54 -36.11 -57.36
C CYS J 95 -34.66 -35.02 -56.74
N ALA J 96 -34.44 -35.13 -55.42
CA ALA J 96 -33.90 -34.04 -54.63
C ALA J 96 -32.60 -33.48 -55.21
N SER J 97 -31.77 -34.34 -55.80
CA SER J 97 -30.50 -33.92 -56.38
C SER J 97 -30.64 -33.28 -57.75
N LEU J 98 -31.86 -33.13 -58.27
CA LEU J 98 -32.04 -32.66 -59.63
C LEU J 98 -31.54 -31.22 -59.77
N VAL J 99 -30.80 -30.97 -60.84
CA VAL J 99 -30.15 -29.68 -61.06
C VAL J 99 -30.61 -29.10 -62.38
N TYR J 100 -30.90 -29.97 -63.35
CA TYR J 100 -31.26 -29.54 -64.70
C TYR J 100 -32.45 -30.37 -65.17
N LEU J 101 -33.54 -29.69 -65.52
CA LEU J 101 -34.76 -30.35 -65.97
C LEU J 101 -35.21 -29.70 -67.27
N ASP J 102 -35.20 -30.48 -68.36
CA ASP J 102 -35.56 -29.99 -69.68
C ASP J 102 -36.62 -30.92 -70.28
N LEU J 103 -37.87 -30.46 -70.30
CA LEU J 103 -38.98 -31.15 -70.94
C LEU J 103 -39.49 -30.41 -72.17
N SER J 104 -38.67 -29.53 -72.75
CA SER J 104 -39.11 -28.69 -73.85
C SER J 104 -39.40 -29.51 -75.10
N GLU J 105 -40.14 -28.90 -76.02
CA GLU J 105 -40.59 -29.54 -77.27
C GLU J 105 -41.26 -30.89 -77.02
N ASN J 106 -42.39 -30.84 -76.33
CA ASN J 106 -43.23 -32.03 -76.17
C ASN J 106 -44.69 -31.59 -76.20
N LEU J 107 -45.58 -32.47 -75.73
CA LEU J 107 -47.01 -32.19 -75.71
C LEU J 107 -47.58 -32.35 -74.31
N LEU J 108 -46.79 -32.02 -73.29
CA LEU J 108 -47.23 -32.21 -71.92
C LEU J 108 -48.28 -31.16 -71.56
N TYR J 109 -49.29 -31.56 -70.79
CA TYR J 109 -50.39 -30.67 -70.44
C TYR J 109 -50.54 -30.60 -68.92
N GLY J 110 -51.46 -29.77 -68.46
CA GLY J 110 -51.71 -29.60 -67.04
C GLY J 110 -50.90 -28.45 -66.46
N ASP J 111 -50.86 -28.43 -65.13
CA ASP J 111 -50.19 -27.38 -64.38
C ASP J 111 -48.72 -27.73 -64.17
N ILE J 112 -47.92 -26.71 -63.85
CA ILE J 112 -46.58 -26.92 -63.34
C ILE J 112 -46.76 -27.51 -61.95
N PRO J 113 -46.30 -28.73 -61.70
CA PRO J 113 -46.64 -29.41 -60.45
C PRO J 113 -46.06 -28.70 -59.24
N PHE J 114 -46.74 -28.86 -58.11
CA PHE J 114 -46.27 -28.26 -56.86
C PHE J 114 -44.93 -28.86 -56.45
N SER J 115 -44.74 -30.16 -56.70
CA SER J 115 -43.52 -30.85 -56.28
C SER J 115 -42.28 -30.25 -56.92
N ILE J 116 -42.42 -29.49 -58.00
CA ILE J 116 -41.27 -28.81 -58.59
C ILE J 116 -40.58 -27.92 -57.57
N SER J 117 -41.34 -27.38 -56.61
CA SER J 117 -40.74 -26.50 -55.61
C SER J 117 -39.91 -27.26 -54.59
N LYS J 118 -40.03 -28.59 -54.53
CA LYS J 118 -39.19 -29.39 -53.64
C LYS J 118 -37.77 -29.58 -54.15
N LEU J 119 -37.47 -29.13 -55.37
CA LEU J 119 -36.18 -29.37 -55.99
C LEU J 119 -35.25 -28.22 -55.64
N LYS J 120 -34.72 -28.29 -54.42
CA LYS J 120 -33.91 -27.19 -53.87
C LYS J 120 -32.55 -27.06 -54.55
N GLN J 121 -32.19 -28.00 -55.42
CA GLN J 121 -30.94 -27.92 -56.17
C GLN J 121 -31.16 -27.52 -57.62
N LEU J 122 -32.41 -27.35 -58.05
CA LEU J 122 -32.71 -27.06 -59.43
C LEU J 122 -32.14 -25.71 -59.86
N GLU J 123 -31.46 -25.71 -61.01
CA GLU J 123 -30.94 -24.49 -61.60
C GLU J 123 -31.53 -24.15 -62.97
N THR J 124 -32.03 -25.14 -63.71
CA THR J 124 -32.61 -24.91 -65.03
C THR J 124 -33.95 -25.62 -65.11
N LEU J 125 -35.02 -24.86 -65.22
CA LEU J 125 -36.37 -25.39 -65.47
C LEU J 125 -36.77 -24.95 -66.87
N ASN J 126 -36.66 -25.88 -67.82
CA ASN J 126 -36.99 -25.63 -69.22
C ASN J 126 -38.22 -26.45 -69.57
N LEU J 127 -39.36 -25.78 -69.70
CA LEU J 127 -40.62 -26.39 -70.10
C LEU J 127 -41.13 -25.80 -71.40
N LYS J 128 -40.23 -25.26 -72.22
CA LYS J 128 -40.58 -24.55 -73.44
C LYS J 128 -41.41 -25.42 -74.38
N ASN J 129 -42.43 -24.80 -74.98
CA ASN J 129 -43.20 -25.39 -76.09
C ASN J 129 -43.85 -26.72 -75.67
N ASN J 130 -44.91 -26.57 -74.88
CA ASN J 130 -45.78 -27.68 -74.51
C ASN J 130 -47.21 -27.17 -74.55
N GLN J 131 -48.13 -27.91 -73.94
CA GLN J 131 -49.53 -27.51 -73.78
C GLN J 131 -49.87 -27.28 -72.31
N LEU J 132 -48.92 -26.74 -71.54
CA LEU J 132 -49.16 -26.52 -70.12
C LEU J 132 -50.14 -25.37 -69.92
N THR J 133 -51.08 -25.58 -69.01
CA THR J 133 -52.10 -24.60 -68.67
C THR J 133 -52.06 -24.33 -67.17
N GLY J 134 -52.50 -23.13 -66.79
CA GLY J 134 -52.53 -22.74 -65.40
C GLY J 134 -51.57 -21.61 -65.09
N PRO J 135 -51.52 -21.22 -63.82
CA PRO J 135 -50.74 -20.04 -63.44
C PRO J 135 -49.26 -20.35 -63.25
N VAL J 136 -48.44 -19.32 -63.43
CA VAL J 136 -47.07 -19.35 -62.96
C VAL J 136 -47.12 -19.28 -61.44
N PRO J 137 -46.95 -20.38 -60.72
CA PRO J 137 -47.21 -20.36 -59.28
C PRO J 137 -46.10 -19.65 -58.52
N ALA J 138 -46.49 -19.09 -57.37
CA ALA J 138 -45.52 -18.41 -56.52
C ALA J 138 -44.50 -19.38 -55.94
N THR J 139 -44.81 -20.68 -55.95
CA THR J 139 -43.90 -21.68 -55.42
C THR J 139 -42.55 -21.69 -56.13
N LEU J 140 -42.51 -21.22 -57.39
CA LEU J 140 -41.23 -21.15 -58.08
C LEU J 140 -40.26 -20.16 -57.45
N THR J 141 -40.77 -19.25 -56.62
CA THR J 141 -39.89 -18.36 -55.86
C THR J 141 -39.23 -19.06 -54.69
N GLN J 142 -39.62 -20.31 -54.42
CA GLN J 142 -39.04 -21.12 -53.36
C GLN J 142 -37.95 -22.05 -53.88
N ILE J 143 -37.39 -21.75 -55.04
CA ILE J 143 -36.28 -22.51 -55.61
C ILE J 143 -35.03 -21.64 -55.49
N PRO J 144 -34.20 -21.84 -54.46
CA PRO J 144 -33.16 -20.84 -54.14
C PRO J 144 -32.04 -20.76 -55.16
N ASN J 145 -31.90 -21.76 -56.03
CA ASN J 145 -30.76 -21.80 -56.95
C ASN J 145 -31.18 -21.67 -58.41
N LEU J 146 -32.45 -21.37 -58.67
CA LEU J 146 -32.96 -21.35 -60.04
C LEU J 146 -32.38 -20.16 -60.80
N LYS J 147 -31.62 -20.46 -61.86
CA LYS J 147 -31.04 -19.44 -62.72
C LYS J 147 -31.78 -19.28 -64.04
N ARG J 148 -32.39 -20.34 -64.55
CA ARG J 148 -33.02 -20.31 -65.86
C ARG J 148 -34.45 -20.83 -65.75
N LEU J 149 -35.42 -19.97 -66.03
CA LEU J 149 -36.83 -20.33 -66.00
C LEU J 149 -37.40 -20.04 -67.39
N ASP J 150 -37.52 -21.08 -68.22
CA ASP J 150 -38.00 -20.93 -69.59
C ASP J 150 -39.34 -21.66 -69.71
N LEU J 151 -40.42 -20.87 -69.77
CA LEU J 151 -41.78 -21.39 -69.88
C LEU J 151 -42.45 -20.94 -71.18
N ALA J 152 -41.66 -20.48 -72.14
CA ALA J 152 -42.19 -19.99 -73.40
C ALA J 152 -42.98 -21.07 -74.14
N GLY J 153 -43.93 -20.62 -74.96
CA GLY J 153 -44.64 -21.52 -75.86
C GLY J 153 -45.69 -22.39 -75.21
N ASN J 154 -46.35 -21.91 -74.17
CA ASN J 154 -47.42 -22.66 -73.52
C ASN J 154 -48.69 -21.83 -73.49
N HIS J 155 -49.66 -22.28 -72.71
CA HIS J 155 -50.92 -21.56 -72.57
C HIS J 155 -51.14 -21.17 -71.11
N LEU J 156 -50.10 -20.66 -70.46
CA LEU J 156 -50.19 -20.30 -69.07
C LEU J 156 -51.06 -19.06 -68.89
N THR J 157 -51.70 -18.95 -67.73
CA THR J 157 -52.75 -17.97 -67.49
C THR J 157 -52.51 -17.27 -66.16
N GLY J 158 -53.30 -16.23 -65.90
CA GLY J 158 -53.15 -15.43 -64.71
C GLY J 158 -52.16 -14.30 -64.90
N GLU J 159 -51.81 -13.65 -63.79
CA GLU J 159 -50.88 -12.54 -63.80
C GLU J 159 -49.49 -12.98 -63.37
N ILE J 160 -48.53 -12.08 -63.60
CA ILE J 160 -47.16 -12.28 -63.15
C ILE J 160 -47.06 -11.64 -61.78
N SER J 161 -47.31 -12.45 -60.74
CA SER J 161 -47.26 -11.94 -59.38
C SER J 161 -45.89 -11.34 -59.10
N ARG J 162 -45.88 -10.17 -58.46
CA ARG J 162 -44.62 -9.46 -58.26
C ARG J 162 -43.69 -10.21 -57.31
N LEU J 163 -44.24 -11.16 -56.55
CA LEU J 163 -43.42 -12.06 -55.75
C LEU J 163 -42.31 -12.69 -56.60
N LEU J 164 -42.59 -12.96 -57.87
CA LEU J 164 -41.60 -13.57 -58.74
C LEU J 164 -40.37 -12.67 -58.92
N TYR J 165 -40.55 -11.35 -58.92
CA TYR J 165 -39.45 -10.46 -59.28
C TYR J 165 -38.43 -10.28 -58.15
N TRP J 166 -38.68 -10.82 -56.96
CA TRP J 166 -37.72 -10.72 -55.85
C TRP J 166 -36.79 -11.93 -55.91
N ASN J 167 -35.75 -11.81 -56.74
CA ASN J 167 -34.82 -12.92 -56.96
C ASN J 167 -33.49 -12.36 -57.45
N GLU J 168 -32.41 -12.67 -56.74
CA GLU J 168 -31.09 -12.15 -57.08
C GLU J 168 -30.28 -13.08 -57.98
N VAL J 169 -30.62 -14.36 -58.07
CA VAL J 169 -29.81 -15.32 -58.82
C VAL J 169 -30.40 -15.68 -60.16
N LEU J 170 -31.64 -15.28 -60.43
CA LEU J 170 -32.28 -15.62 -61.70
C LEU J 170 -31.59 -14.90 -62.85
N GLN J 171 -31.35 -15.63 -63.93
CA GLN J 171 -30.64 -15.15 -65.10
C GLN J 171 -31.57 -14.93 -66.29
N TYR J 172 -32.53 -15.84 -66.48
CA TYR J 172 -33.29 -15.95 -67.72
C TYR J 172 -34.75 -16.12 -67.36
N LEU J 173 -35.57 -15.11 -67.65
CA LEU J 173 -37.01 -15.19 -67.43
C LEU J 173 -37.68 -15.22 -68.80
N GLY J 174 -38.01 -16.43 -69.26
CA GLY J 174 -38.66 -16.61 -70.53
C GLY J 174 -40.12 -17.02 -70.41
N LEU J 175 -41.01 -16.07 -70.68
CA LEU J 175 -42.46 -16.30 -70.60
C LEU J 175 -43.14 -16.03 -71.94
N ARG J 176 -42.38 -16.04 -73.04
CA ARG J 176 -42.91 -15.61 -74.33
C ARG J 176 -44.01 -16.54 -74.83
N GLY J 177 -45.11 -15.95 -75.28
CA GLY J 177 -46.12 -16.69 -76.01
C GLY J 177 -47.22 -17.34 -75.18
N ASN J 178 -47.43 -16.90 -73.95
CA ASN J 178 -48.50 -17.42 -73.12
C ASN J 178 -49.68 -16.45 -73.14
N MET J 179 -50.62 -16.65 -72.22
CA MET J 179 -51.80 -15.81 -72.14
C MET J 179 -51.82 -15.10 -70.80
N LEU J 180 -50.69 -14.48 -70.45
CA LEU J 180 -50.54 -13.84 -69.16
C LEU J 180 -51.17 -12.45 -69.19
N THR J 181 -51.96 -12.13 -68.17
CA THR J 181 -52.63 -10.85 -68.06
C THR J 181 -52.02 -10.05 -66.90
N GLY J 182 -52.64 -8.92 -66.57
CA GLY J 182 -52.11 -8.06 -65.54
C GLY J 182 -51.07 -7.08 -66.06
N THR J 183 -50.14 -6.69 -65.19
CA THR J 183 -49.22 -5.60 -65.49
C THR J 183 -47.80 -5.99 -65.11
N LEU J 184 -46.84 -5.32 -65.74
CA LEU J 184 -45.51 -5.24 -65.17
C LEU J 184 -45.56 -4.52 -63.83
N SER J 185 -44.52 -4.70 -63.04
CA SER J 185 -44.41 -4.07 -61.73
C SER J 185 -43.12 -3.27 -61.68
N SER J 186 -43.03 -2.37 -60.70
CA SER J 186 -41.76 -1.69 -60.47
C SER J 186 -40.75 -2.62 -59.82
N ASP J 187 -41.24 -3.54 -58.97
CA ASP J 187 -40.43 -4.59 -58.38
C ASP J 187 -39.73 -5.41 -59.46
N MET J 188 -40.10 -5.19 -60.72
CA MET J 188 -39.39 -5.81 -61.84
C MET J 188 -37.88 -5.56 -61.74
N CYS J 189 -37.48 -4.37 -61.27
CA CYS J 189 -36.06 -4.10 -61.21
C CYS J 189 -35.38 -4.76 -60.02
N GLN J 190 -36.10 -5.56 -59.24
CA GLN J 190 -35.49 -6.36 -58.18
C GLN J 190 -34.83 -7.62 -58.71
N LEU J 191 -35.12 -7.99 -59.96
CA LEU J 191 -34.39 -9.06 -60.63
C LEU J 191 -32.96 -8.64 -60.86
N THR J 192 -32.17 -8.56 -59.78
CA THR J 192 -30.88 -7.90 -59.82
C THR J 192 -29.82 -8.71 -60.57
N GLY J 193 -30.07 -9.98 -60.87
CA GLY J 193 -29.11 -10.80 -61.57
C GLY J 193 -29.56 -11.21 -62.96
N LEU J 194 -30.73 -10.74 -63.36
CA LEU J 194 -31.30 -11.12 -64.64
C LEU J 194 -30.56 -10.47 -65.81
N TRP J 195 -30.37 -11.22 -66.89
CA TRP J 195 -29.87 -10.67 -68.13
C TRP J 195 -30.88 -10.77 -69.28
N TYR J 196 -31.91 -11.60 -69.15
CA TYR J 196 -32.87 -11.83 -70.22
C TYR J 196 -34.29 -11.78 -69.68
N PHE J 197 -35.06 -10.77 -70.09
CA PHE J 197 -36.45 -10.60 -69.67
C PHE J 197 -37.33 -10.64 -70.91
N ASP J 198 -38.07 -11.74 -71.10
CA ASP J 198 -38.85 -11.94 -72.32
C ASP J 198 -40.29 -12.29 -71.93
N VAL J 199 -41.21 -11.36 -72.19
CA VAL J 199 -42.61 -11.59 -71.91
C VAL J 199 -43.44 -11.29 -73.16
N ARG J 200 -42.80 -11.40 -74.33
CA ARG J 200 -43.46 -11.05 -75.57
C ARG J 200 -44.58 -12.02 -75.89
N GLY J 201 -45.66 -11.51 -76.46
CA GLY J 201 -46.74 -12.33 -76.96
C GLY J 201 -47.83 -12.67 -75.96
N ASN J 202 -47.89 -11.96 -74.83
CA ASN J 202 -48.94 -12.18 -73.85
C ASN J 202 -50.02 -11.10 -74.02
N ASN J 203 -50.80 -10.87 -72.97
CA ASN J 203 -51.87 -9.88 -72.97
C ASN J 203 -51.78 -8.99 -71.73
N LEU J 204 -50.60 -8.40 -71.50
CA LEU J 204 -50.37 -7.58 -70.32
C LEU J 204 -50.73 -6.12 -70.59
N THR J 205 -51.62 -5.56 -69.78
CA THR J 205 -51.99 -4.16 -69.92
C THR J 205 -51.07 -3.33 -69.03
N GLY J 206 -51.46 -2.09 -68.73
CA GLY J 206 -50.63 -1.21 -67.93
C GLY J 206 -49.57 -0.51 -68.76
N THR J 207 -48.64 0.12 -68.05
CA THR J 207 -47.58 0.90 -68.67
C THR J 207 -46.21 0.33 -68.31
N ILE J 208 -45.19 0.86 -68.96
CA ILE J 208 -43.80 0.58 -68.59
C ILE J 208 -43.52 1.30 -67.28
N PRO J 209 -43.06 0.60 -66.24
CA PRO J 209 -42.80 1.29 -64.96
C PRO J 209 -41.72 2.35 -65.12
N GLU J 210 -41.94 3.49 -64.45
CA GLU J 210 -41.03 4.62 -64.61
C GLU J 210 -39.67 4.38 -63.98
N SER J 211 -39.56 3.43 -63.07
CA SER J 211 -38.29 3.10 -62.42
C SER J 211 -37.52 2.02 -63.16
N ILE J 212 -37.90 1.72 -64.41
CA ILE J 212 -37.29 0.62 -65.15
C ILE J 212 -35.82 0.86 -65.42
N GLY J 213 -35.34 2.10 -65.24
CA GLY J 213 -33.92 2.37 -65.38
C GLY J 213 -33.06 1.81 -64.28
N ASN J 214 -33.67 1.25 -63.23
CA ASN J 214 -32.94 0.52 -62.20
C ASN J 214 -32.55 -0.88 -62.65
N CYS J 215 -33.12 -1.36 -63.76
CA CYS J 215 -32.89 -2.71 -64.25
C CYS J 215 -31.62 -2.74 -65.11
N THR J 216 -30.49 -2.39 -64.50
CA THR J 216 -29.26 -2.15 -65.24
C THR J 216 -28.51 -3.43 -65.59
N SER J 217 -28.92 -4.58 -65.04
CA SER J 217 -28.28 -5.85 -65.38
C SER J 217 -28.84 -6.45 -66.66
N PHE J 218 -29.98 -5.97 -67.14
CA PHE J 218 -30.63 -6.55 -68.30
C PHE J 218 -29.75 -6.42 -69.54
N GLN J 219 -29.65 -7.51 -70.29
CA GLN J 219 -29.03 -7.51 -71.61
C GLN J 219 -30.03 -7.53 -72.73
N ILE J 220 -31.24 -8.06 -72.48
CA ILE J 220 -32.28 -8.17 -73.50
C ILE J 220 -33.60 -7.90 -72.79
N LEU J 221 -34.26 -6.80 -73.15
CA LEU J 221 -35.58 -6.47 -72.62
C LEU J 221 -36.59 -6.63 -73.76
N ASP J 222 -37.57 -7.50 -73.58
CA ASP J 222 -38.53 -7.84 -74.63
C ASP J 222 -39.91 -7.92 -73.99
N ILE J 223 -40.72 -6.88 -74.21
CA ILE J 223 -42.11 -6.85 -73.75
C ILE J 223 -43.06 -6.66 -74.92
N SER J 224 -42.62 -7.05 -76.12
CA SER J 224 -43.31 -6.73 -77.35
C SER J 224 -44.63 -7.47 -77.49
N TYR J 225 -45.52 -6.91 -78.31
CA TYR J 225 -46.78 -7.53 -78.73
C TYR J 225 -47.64 -7.86 -77.50
N ASN J 226 -48.05 -6.82 -76.78
CA ASN J 226 -48.55 -7.07 -75.43
C ASN J 226 -49.71 -6.18 -75.01
N GLN J 227 -50.04 -5.15 -75.79
CA GLN J 227 -51.11 -4.19 -75.48
C GLN J 227 -50.73 -3.27 -74.32
N ILE J 228 -49.45 -2.94 -74.18
CA ILE J 228 -49.00 -2.02 -73.14
C ILE J 228 -49.20 -0.58 -73.62
N THR J 229 -49.68 0.29 -72.73
CA THR J 229 -50.03 1.66 -73.04
C THR J 229 -49.05 2.62 -72.35
N GLY J 230 -49.38 3.91 -72.37
CA GLY J 230 -48.53 4.92 -71.81
C GLY J 230 -47.44 5.33 -72.78
N GLU J 231 -46.47 6.07 -72.25
CA GLU J 231 -45.32 6.52 -73.04
C GLU J 231 -44.09 5.72 -72.66
N ILE J 232 -42.99 6.00 -73.35
CA ILE J 232 -41.71 5.37 -73.07
C ILE J 232 -41.01 6.18 -71.98
N PRO J 233 -40.86 5.66 -70.77
CA PRO J 233 -40.29 6.47 -69.68
C PRO J 233 -38.88 6.94 -70.03
N TYR J 234 -38.53 8.12 -69.52
CA TYR J 234 -37.19 8.67 -69.72
C TYR J 234 -36.12 7.72 -69.20
N ASN J 235 -36.36 7.09 -68.04
CA ASN J 235 -35.36 6.25 -67.40
C ASN J 235 -35.00 5.03 -68.23
N ILE J 236 -35.73 4.75 -69.30
CA ILE J 236 -35.35 3.71 -70.25
C ILE J 236 -33.91 3.95 -70.72
N GLY J 237 -33.44 5.20 -70.65
CA GLY J 237 -32.10 5.54 -71.08
C GLY J 237 -30.99 5.04 -70.17
N PHE J 238 -31.32 4.58 -68.96
CA PHE J 238 -30.34 4.03 -68.05
C PHE J 238 -30.12 2.54 -68.27
N LEU J 239 -30.99 1.88 -69.03
CA LEU J 239 -30.79 0.47 -69.32
C LEU J 239 -29.47 0.28 -70.04
N GLN J 240 -28.87 -0.90 -69.82
CA GLN J 240 -27.66 -1.30 -70.53
C GLN J 240 -27.97 -2.37 -71.55
N VAL J 241 -29.23 -2.48 -71.96
CA VAL J 241 -29.64 -3.55 -72.85
C VAL J 241 -28.92 -3.43 -74.19
N ALA J 242 -28.73 -4.58 -74.84
CA ALA J 242 -28.34 -4.63 -76.23
C ALA J 242 -29.55 -4.83 -77.14
N THR J 243 -30.64 -5.36 -76.60
CA THR J 243 -31.88 -5.56 -77.33
C THR J 243 -32.99 -4.87 -76.55
N LEU J 244 -33.64 -3.90 -77.18
CA LEU J 244 -34.79 -3.23 -76.60
C LEU J 244 -35.96 -3.45 -77.55
N SER J 245 -36.87 -4.34 -77.18
CA SER J 245 -37.94 -4.83 -78.04
C SER J 245 -39.28 -4.44 -77.45
N LEU J 246 -39.81 -3.30 -77.89
CA LEU J 246 -41.06 -2.75 -77.39
C LEU J 246 -42.17 -2.82 -78.43
N GLN J 247 -41.94 -3.48 -79.56
CA GLN J 247 -42.81 -3.39 -80.73
C GLN J 247 -44.15 -4.09 -80.51
N GLY J 248 -45.13 -3.72 -81.33
CA GLY J 248 -46.41 -4.40 -81.34
C GLY J 248 -47.34 -4.03 -80.20
N ASN J 249 -47.10 -2.90 -79.53
CA ASN J 249 -47.89 -2.47 -78.40
C ASN J 249 -48.76 -1.26 -78.77
N ARG J 250 -49.15 -0.48 -77.75
CA ARG J 250 -49.99 0.70 -77.90
C ARG J 250 -49.31 1.93 -77.29
N LEU J 251 -47.99 2.00 -77.42
CA LEU J 251 -47.23 3.12 -76.85
C LEU J 251 -47.55 4.41 -77.59
N THR J 252 -47.68 5.49 -76.83
CA THR J 252 -47.98 6.81 -77.38
C THR J 252 -46.89 7.78 -77.00
N GLY J 253 -46.94 8.96 -77.59
CA GLY J 253 -45.95 9.98 -77.34
C GLY J 253 -44.76 9.90 -78.27
N ARG J 254 -43.80 10.79 -78.02
CA ARG J 254 -42.60 10.85 -78.83
C ARG J 254 -41.58 9.81 -78.37
N ILE J 255 -40.55 9.63 -79.18
CA ILE J 255 -39.44 8.74 -78.86
C ILE J 255 -38.48 9.49 -77.94
N PRO J 256 -38.30 9.05 -76.68
CA PRO J 256 -37.38 9.75 -75.78
C PRO J 256 -35.98 9.88 -76.37
N GLU J 257 -35.50 11.12 -76.46
CA GLU J 257 -34.20 11.40 -77.05
C GLU J 257 -33.06 10.71 -76.30
N VAL J 258 -33.25 10.41 -75.02
CA VAL J 258 -32.22 9.80 -74.21
C VAL J 258 -31.80 8.43 -74.75
N ILE J 259 -32.68 7.78 -75.52
CA ILE J 259 -32.34 6.50 -76.14
C ILE J 259 -31.10 6.63 -77.01
N GLY J 260 -30.76 7.85 -77.44
CA GLY J 260 -29.57 8.09 -78.24
C GLY J 260 -28.26 7.95 -77.50
N LEU J 261 -28.29 7.83 -76.17
CA LEU J 261 -27.08 7.66 -75.38
C LEU J 261 -26.80 6.20 -75.04
N MET J 262 -27.75 5.30 -75.32
CA MET J 262 -27.61 3.88 -75.03
C MET J 262 -26.73 3.23 -76.09
N GLN J 263 -25.42 3.50 -75.99
CA GLN J 263 -24.49 3.09 -77.03
C GLN J 263 -24.19 1.59 -77.02
N ALA J 264 -24.56 0.87 -75.96
CA ALA J 264 -24.43 -0.59 -75.99
C ALA J 264 -25.55 -1.24 -76.79
N LEU J 265 -26.61 -0.50 -77.11
CA LEU J 265 -27.73 -1.01 -77.88
C LEU J 265 -27.27 -1.63 -79.19
N ALA J 266 -27.83 -2.80 -79.52
CA ALA J 266 -27.58 -3.45 -80.80
C ALA J 266 -28.84 -3.72 -81.61
N VAL J 267 -30.01 -3.75 -80.98
CA VAL J 267 -31.28 -3.93 -81.67
C VAL J 267 -32.29 -3.02 -81.00
N LEU J 268 -32.87 -2.09 -81.75
CA LEU J 268 -33.86 -1.17 -81.21
C LEU J 268 -35.13 -1.31 -82.04
N ASP J 269 -36.20 -1.75 -81.39
CA ASP J 269 -37.45 -2.05 -82.09
C ASP J 269 -38.60 -1.34 -81.37
N LEU J 270 -39.03 -0.21 -81.93
CA LEU J 270 -40.14 0.57 -81.39
C LEU J 270 -41.36 0.52 -82.31
N SER J 271 -41.42 -0.46 -83.21
CA SER J 271 -42.35 -0.46 -84.31
C SER J 271 -43.75 -0.90 -83.87
N ASP J 272 -44.70 -0.72 -84.80
CA ASP J 272 -46.10 -1.14 -84.61
C ASP J 272 -46.69 -0.61 -83.31
N ASN J 273 -46.43 0.66 -83.02
CA ASN J 273 -47.07 1.33 -81.90
C ASN J 273 -47.91 2.50 -82.40
N GLU J 274 -48.12 3.51 -81.56
CA GLU J 274 -48.82 4.75 -81.93
C GLU J 274 -47.97 5.96 -81.59
N LEU J 275 -46.66 5.84 -81.83
CA LEU J 275 -45.73 6.93 -81.55
C LEU J 275 -45.95 8.08 -82.52
N VAL J 276 -45.49 9.26 -82.11
CA VAL J 276 -45.67 10.49 -82.86
C VAL J 276 -44.37 11.29 -82.78
N GLY J 277 -44.34 12.41 -83.50
CA GLY J 277 -43.20 13.28 -83.50
C GLY J 277 -42.09 12.82 -84.41
N PRO J 278 -40.93 13.47 -84.34
CA PRO J 278 -39.85 13.20 -85.27
C PRO J 278 -39.00 12.01 -84.83
N ILE J 279 -38.19 11.54 -85.77
CA ILE J 279 -37.11 10.60 -85.50
C ILE J 279 -35.97 11.39 -84.85
N PRO J 280 -35.67 11.19 -83.57
CA PRO J 280 -34.63 11.98 -82.92
C PRO J 280 -33.29 11.78 -83.63
N PRO J 281 -32.65 12.89 -84.05
CA PRO J 281 -31.36 12.75 -84.76
C PRO J 281 -30.24 12.19 -83.91
N ILE J 282 -30.37 12.22 -82.58
CA ILE J 282 -29.33 11.69 -81.69
C ILE J 282 -29.11 10.20 -81.95
N LEU J 283 -30.14 9.51 -82.48
CA LEU J 283 -30.00 8.12 -82.88
C LEU J 283 -28.79 7.90 -83.78
N GLY J 284 -28.25 8.96 -84.36
CA GLY J 284 -27.07 8.83 -85.20
C GLY J 284 -25.88 8.26 -84.45
N ASN J 285 -25.69 8.66 -83.19
CA ASN J 285 -24.52 8.21 -82.45
C ASN J 285 -24.73 6.83 -81.82
N LEU J 286 -25.76 6.11 -82.24
CA LEU J 286 -25.94 4.70 -81.89
C LEU J 286 -25.08 3.83 -82.80
N SER J 287 -23.77 4.01 -82.66
CA SER J 287 -22.78 3.42 -83.57
C SER J 287 -22.61 1.91 -83.41
N PHE J 288 -23.38 1.20 -82.60
CA PHE J 288 -23.25 -0.25 -82.51
C PHE J 288 -24.53 -0.99 -82.84
N THR J 289 -25.64 -0.30 -83.11
CA THR J 289 -26.88 -0.98 -83.46
C THR J 289 -26.87 -1.40 -84.92
N GLY J 290 -27.44 -2.57 -85.17
CA GLY J 290 -27.51 -3.10 -86.52
C GLY J 290 -28.94 -3.22 -87.01
N LYS J 291 -29.90 -3.16 -86.08
CA LYS J 291 -31.32 -3.17 -86.41
C LYS J 291 -32.00 -1.96 -85.82
N LEU J 292 -32.61 -1.15 -86.70
CA LEU J 292 -33.44 -0.03 -86.31
C LEU J 292 -34.81 -0.24 -86.94
N TYR J 293 -35.78 -0.62 -86.11
CA TYR J 293 -37.13 -0.91 -86.57
C TYR J 293 -38.07 0.14 -85.98
N LEU J 294 -38.37 1.17 -86.77
CA LEU J 294 -39.31 2.22 -86.36
C LEU J 294 -40.58 2.22 -87.20
N HIS J 295 -40.86 1.14 -87.93
CA HIS J 295 -41.96 1.13 -88.88
C HIS J 295 -43.32 1.05 -88.18
N GLY J 296 -44.36 1.44 -88.91
CA GLY J 296 -45.72 1.25 -88.42
C GLY J 296 -46.17 2.19 -87.32
N ASN J 297 -45.64 3.40 -87.25
CA ASN J 297 -46.04 4.40 -86.27
C ASN J 297 -46.71 5.59 -86.98
N MET J 298 -46.61 6.77 -86.37
CA MET J 298 -47.05 8.02 -86.97
C MET J 298 -45.93 9.05 -86.86
N LEU J 299 -44.70 8.61 -87.13
CA LEU J 299 -43.55 9.49 -87.08
C LEU J 299 -43.66 10.57 -88.15
N THR J 300 -42.87 11.62 -87.98
CA THR J 300 -43.06 12.86 -88.73
C THR J 300 -41.68 13.41 -89.06
N GLY J 301 -41.58 14.11 -90.17
CA GLY J 301 -40.33 14.73 -90.53
C GLY J 301 -39.44 13.81 -91.35
N PRO J 302 -38.15 14.10 -91.36
CA PRO J 302 -37.24 13.45 -92.31
C PRO J 302 -36.74 12.11 -91.82
N ILE J 303 -36.04 11.42 -92.73
CA ILE J 303 -35.08 10.38 -92.39
C ILE J 303 -33.85 11.20 -91.99
N PRO J 304 -33.50 11.27 -90.70
CA PRO J 304 -32.35 12.10 -90.32
C PRO J 304 -31.08 11.61 -91.00
N SER J 305 -30.34 12.54 -91.61
CA SER J 305 -29.09 12.16 -92.28
C SER J 305 -28.08 11.59 -91.30
N GLU J 306 -28.22 11.90 -90.00
CA GLU J 306 -27.38 11.29 -88.99
C GLU J 306 -27.55 9.77 -88.93
N LEU J 307 -28.64 9.25 -89.51
CA LEU J 307 -28.78 7.80 -89.63
C LEU J 307 -27.64 7.18 -90.42
N GLY J 308 -26.96 7.98 -91.26
CA GLY J 308 -25.81 7.50 -91.97
C GLY J 308 -24.55 7.37 -91.13
N ASN J 309 -24.55 7.95 -89.93
CA ASN J 309 -23.44 7.78 -89.00
C ASN J 309 -23.49 6.44 -88.27
N MET J 310 -24.59 5.69 -88.37
CA MET J 310 -24.66 4.37 -87.76
C MET J 310 -23.84 3.39 -88.57
N SER J 311 -22.55 3.28 -88.24
CA SER J 311 -21.62 2.49 -89.03
C SER J 311 -22.10 1.06 -89.22
N ARG J 312 -22.67 0.46 -88.18
CA ARG J 312 -22.99 -0.97 -88.19
C ARG J 312 -24.46 -1.26 -88.49
N LEU J 313 -25.22 -0.26 -88.95
CA LEU J 313 -26.63 -0.49 -89.26
C LEU J 313 -26.75 -1.45 -90.44
N SER J 314 -27.62 -2.45 -90.30
CA SER J 314 -27.77 -3.48 -91.32
C SER J 314 -29.22 -3.68 -91.74
N TYR J 315 -30.15 -3.41 -90.83
CA TYR J 315 -31.57 -3.59 -91.08
C TYR J 315 -32.28 -2.30 -90.66
N LEU J 316 -32.77 -1.54 -91.64
CA LEU J 316 -33.41 -0.27 -91.34
C LEU J 316 -34.81 -0.28 -91.94
N GLN J 317 -35.82 -0.29 -91.06
CA GLN J 317 -37.21 -0.30 -91.47
C GLN J 317 -37.91 0.93 -90.91
N LEU J 318 -38.26 1.87 -91.80
CA LEU J 318 -38.98 3.08 -91.43
C LEU J 318 -40.33 3.17 -92.14
N ASN J 319 -40.86 2.03 -92.59
CA ASN J 319 -42.04 2.06 -93.44
C ASN J 319 -43.30 2.39 -92.62
N ASP J 320 -44.39 2.60 -93.34
CA ASP J 320 -45.72 2.84 -92.75
C ASP J 320 -45.67 3.93 -91.68
N ASN J 321 -45.06 5.06 -92.04
CA ASN J 321 -45.02 6.23 -91.16
C ASN J 321 -45.61 7.44 -91.88
N LYS J 322 -45.12 8.63 -91.55
CA LYS J 322 -45.54 9.86 -92.23
C LYS J 322 -44.34 10.75 -92.51
N LEU J 323 -43.20 10.13 -92.83
CA LEU J 323 -41.98 10.89 -93.08
C LEU J 323 -42.07 11.67 -94.39
N VAL J 324 -41.35 12.79 -94.44
CA VAL J 324 -41.41 13.68 -95.61
C VAL J 324 -40.00 13.98 -96.08
N GLY J 325 -39.87 14.89 -97.05
CA GLY J 325 -38.57 15.25 -97.53
C GLY J 325 -37.93 14.20 -98.44
N THR J 326 -36.63 14.32 -98.58
CA THR J 326 -35.86 13.45 -99.46
C THR J 326 -35.17 12.34 -98.69
N ILE J 327 -34.80 11.30 -99.43
CA ILE J 327 -33.94 10.23 -98.93
C ILE J 327 -32.54 10.83 -98.79
N PRO J 328 -31.97 10.87 -97.59
CA PRO J 328 -30.68 11.52 -97.42
C PRO J 328 -29.58 10.77 -98.15
N PRO J 329 -28.76 11.47 -98.94
CA PRO J 329 -27.62 10.80 -99.60
C PRO J 329 -26.64 10.18 -98.61
N GLU J 330 -26.60 10.68 -97.38
CA GLU J 330 -25.68 10.16 -96.37
C GLU J 330 -25.97 8.71 -96.02
N LEU J 331 -27.17 8.21 -96.34
CA LEU J 331 -27.47 6.78 -96.23
C LEU J 331 -26.47 5.92 -96.99
N GLY J 332 -25.75 6.51 -97.95
CA GLY J 332 -24.74 5.76 -98.67
C GLY J 332 -23.48 5.49 -97.87
N LYS J 333 -23.36 6.05 -96.66
CA LYS J 333 -22.24 5.70 -95.80
C LYS J 333 -22.41 4.33 -95.16
N LEU J 334 -23.65 3.82 -95.12
CA LEU J 334 -23.96 2.54 -94.49
C LEU J 334 -23.47 1.42 -95.40
N GLU J 335 -22.16 1.17 -95.34
CA GLU J 335 -21.56 0.14 -96.19
C GLU J 335 -22.06 -1.25 -95.84
N GLN J 336 -22.56 -1.46 -94.63
CA GLN J 336 -23.05 -2.76 -94.19
C GLN J 336 -24.58 -2.84 -94.18
N LEU J 337 -25.27 -1.88 -94.78
CA LEU J 337 -26.73 -1.93 -94.82
C LEU J 337 -27.17 -3.11 -95.69
N PHE J 338 -28.04 -3.95 -95.13
CA PHE J 338 -28.53 -5.14 -95.81
C PHE J 338 -29.96 -5.00 -96.31
N GLU J 339 -30.85 -4.41 -95.53
CA GLU J 339 -32.24 -4.24 -95.91
C GLU J 339 -32.70 -2.82 -95.59
N LEU J 340 -33.32 -2.17 -96.57
CA LEU J 340 -33.80 -0.80 -96.45
C LEU J 340 -35.26 -0.77 -96.88
N ASN J 341 -36.14 -0.45 -95.93
CA ASN J 341 -37.58 -0.43 -96.22
C ASN J 341 -38.13 0.94 -95.82
N LEU J 342 -38.26 1.83 -96.80
CA LEU J 342 -38.85 3.15 -96.61
C LEU J 342 -40.27 3.25 -97.16
N ALA J 343 -40.96 2.13 -97.31
CA ALA J 343 -42.23 2.12 -98.02
C ALA J 343 -43.31 2.93 -97.30
N ASN J 344 -44.38 3.24 -98.03
CA ASN J 344 -45.59 3.86 -97.50
C ASN J 344 -45.29 5.10 -96.66
N ASN J 345 -44.63 6.07 -97.31
CA ASN J 345 -44.37 7.35 -96.65
C ASN J 345 -44.81 8.51 -97.54
N ARG J 346 -44.15 9.66 -97.41
CA ARG J 346 -44.40 10.86 -98.20
C ARG J 346 -43.08 11.46 -98.69
N LEU J 347 -42.07 10.61 -98.82
CA LEU J 347 -40.76 11.06 -99.29
C LEU J 347 -40.86 11.64 -100.70
N VAL J 348 -39.81 12.36 -101.07
CA VAL J 348 -39.85 13.25 -102.22
C VAL J 348 -38.46 13.24 -102.85
N GLY J 349 -38.41 13.49 -104.15
CA GLY J 349 -37.16 13.67 -104.85
C GLY J 349 -36.58 12.39 -105.38
N PRO J 350 -35.35 12.47 -105.89
CA PRO J 350 -34.71 11.30 -106.52
C PRO J 350 -34.24 10.28 -105.50
N ILE J 351 -34.16 9.03 -105.96
CA ILE J 351 -33.39 8.01 -105.27
C ILE J 351 -31.93 8.45 -105.35
N PRO J 352 -31.27 8.68 -104.22
CA PRO J 352 -29.90 9.21 -104.27
C PRO J 352 -28.96 8.24 -104.97
N SER J 353 -28.08 8.80 -105.82
CA SER J 353 -27.07 7.98 -106.45
C SER J 353 -26.11 7.38 -105.43
N ASN J 354 -25.79 8.15 -104.37
CA ASN J 354 -24.83 7.71 -103.38
C ASN J 354 -25.24 6.41 -102.70
N ILE J 355 -26.49 6.00 -102.83
CA ILE J 355 -26.98 4.79 -102.17
C ILE J 355 -26.45 3.56 -102.90
N SER J 356 -25.67 3.77 -103.95
CA SER J 356 -25.01 2.64 -104.59
C SER J 356 -23.75 2.21 -103.86
N SER J 357 -23.35 2.97 -102.83
CA SER J 357 -22.22 2.58 -101.99
C SER J 357 -22.59 1.54 -100.94
N CYS J 358 -23.89 1.33 -100.69
CA CYS J 358 -24.37 0.22 -99.87
C CYS J 358 -24.25 -1.05 -100.72
N ALA J 359 -23.01 -1.53 -100.82
CA ALA J 359 -22.73 -2.67 -101.70
C ALA J 359 -23.50 -3.91 -101.26
N ALA J 360 -23.48 -4.21 -99.97
CA ALA J 360 -24.17 -5.39 -99.43
C ALA J 360 -25.68 -5.24 -99.40
N LEU J 361 -26.22 -4.11 -99.85
CA LEU J 361 -27.67 -3.91 -99.81
C LEU J 361 -28.37 -5.05 -100.54
N ASN J 362 -29.40 -5.59 -99.89
CA ASN J 362 -30.02 -6.83 -100.31
C ASN J 362 -31.51 -6.72 -100.59
N GLN J 363 -32.23 -5.87 -99.87
CA GLN J 363 -33.62 -5.58 -100.15
C GLN J 363 -33.84 -4.09 -100.09
N PHE J 364 -34.49 -3.55 -101.12
CA PHE J 364 -34.70 -2.11 -101.27
C PHE J 364 -36.18 -1.91 -101.60
N ASN J 365 -36.90 -1.23 -100.71
CA ASN J 365 -38.35 -1.07 -100.85
C ASN J 365 -38.72 0.36 -100.54
N VAL J 366 -39.12 1.11 -101.57
CA VAL J 366 -39.55 2.50 -101.42
C VAL J 366 -40.98 2.66 -101.92
N HIS J 367 -41.75 1.58 -101.88
CA HIS J 367 -43.12 1.59 -102.40
C HIS J 367 -43.99 2.63 -101.71
N GLY J 368 -44.84 3.28 -102.50
CA GLY J 368 -45.90 4.10 -101.93
C GLY J 368 -45.50 5.49 -101.51
N ASN J 369 -44.55 6.11 -102.21
CA ASN J 369 -44.07 7.44 -101.85
C ASN J 369 -44.43 8.43 -102.97
N LEU J 370 -43.63 9.48 -103.12
CA LEU J 370 -43.76 10.47 -104.19
C LEU J 370 -42.39 10.75 -104.81
N LEU J 371 -41.54 9.73 -104.87
CA LEU J 371 -40.19 9.93 -105.39
C LEU J 371 -40.26 10.23 -106.88
N SER J 372 -39.19 10.86 -107.37
CA SER J 372 -39.20 11.46 -108.69
C SER J 372 -37.91 11.10 -109.40
N GLY J 373 -37.80 11.53 -110.64
CA GLY J 373 -36.61 11.32 -111.42
C GLY J 373 -36.54 9.90 -111.98
N SER J 374 -35.35 9.57 -112.46
CA SER J 374 -35.08 8.26 -113.03
C SER J 374 -34.30 7.40 -112.05
N ILE J 375 -34.31 6.09 -112.31
CA ILE J 375 -33.42 5.16 -111.61
C ILE J 375 -31.99 5.53 -111.99
N PRO J 376 -31.16 5.94 -111.03
CA PRO J 376 -29.77 6.26 -111.37
C PRO J 376 -29.06 5.03 -111.90
N LEU J 377 -28.02 5.27 -112.71
CA LEU J 377 -27.29 4.14 -113.26
C LEU J 377 -26.54 3.38 -112.18
N ALA J 378 -26.09 4.06 -111.13
CA ALA J 378 -25.23 3.40 -110.16
C ALA J 378 -25.93 2.25 -109.45
N PHE J 379 -27.23 2.04 -109.68
CA PHE J 379 -27.93 0.87 -109.16
C PHE J 379 -27.39 -0.43 -109.74
N ARG J 380 -26.65 -0.37 -110.84
CA ARG J 380 -26.03 -1.57 -111.39
C ARG J 380 -24.92 -2.09 -110.49
N ASN J 381 -24.45 -1.27 -109.55
CA ASN J 381 -23.42 -1.68 -108.60
C ASN J 381 -23.99 -2.47 -107.44
N LEU J 382 -25.31 -2.41 -107.23
CA LEU J 382 -25.98 -3.17 -106.18
C LEU J 382 -26.01 -4.63 -106.57
N GLY J 383 -24.86 -5.29 -106.55
CA GLY J 383 -24.79 -6.67 -107.01
C GLY J 383 -25.60 -7.64 -106.16
N SER J 384 -25.60 -7.44 -104.85
CA SER J 384 -26.27 -8.34 -103.93
C SER J 384 -27.76 -8.07 -103.80
N LEU J 385 -28.27 -7.04 -104.48
CA LEU J 385 -29.68 -6.70 -104.41
C LEU J 385 -30.54 -7.90 -104.79
N THR J 386 -31.68 -8.06 -104.12
CA THR J 386 -32.51 -9.25 -104.27
C THR J 386 -33.99 -8.89 -104.40
N TYR J 387 -34.44 -7.94 -103.60
CA TYR J 387 -35.81 -7.45 -103.61
C TYR J 387 -35.77 -5.99 -104.01
N LEU J 388 -36.51 -5.63 -105.07
CA LEU J 388 -36.48 -4.24 -105.54
C LEU J 388 -37.92 -3.80 -105.80
N ASN J 389 -38.49 -3.09 -104.84
CA ASN J 389 -39.88 -2.64 -104.91
C ASN J 389 -39.88 -1.11 -104.98
N LEU J 390 -39.84 -0.58 -106.21
CA LEU J 390 -39.99 0.84 -106.48
C LEU J 390 -41.43 1.21 -106.79
N SER J 391 -42.39 0.34 -106.50
CA SER J 391 -43.74 0.48 -107.00
C SER J 391 -44.43 1.72 -106.42
N SER J 392 -45.58 2.05 -107.02
CA SER J 392 -46.41 3.18 -106.64
C SER J 392 -45.62 4.44 -106.34
N ASN J 393 -45.04 5.07 -107.35
CA ASN J 393 -44.25 6.28 -107.18
C ASN J 393 -44.46 7.19 -108.38
N ASN J 394 -43.49 8.07 -108.64
CA ASN J 394 -43.55 9.01 -109.75
C ASN J 394 -42.24 9.01 -110.53
N PHE J 395 -41.62 7.83 -110.69
CA PHE J 395 -40.39 7.75 -111.45
C PHE J 395 -40.68 7.88 -112.94
N LYS J 396 -39.68 8.40 -113.67
CA LYS J 396 -39.80 8.53 -115.11
C LYS J 396 -38.52 8.01 -115.77
N GLY J 397 -38.41 8.19 -117.07
CA GLY J 397 -37.29 7.62 -117.81
C GLY J 397 -37.57 6.19 -118.22
N LYS J 398 -36.53 5.54 -118.74
CA LYS J 398 -36.63 4.18 -119.23
C LYS J 398 -36.06 3.20 -118.21
N ILE J 399 -36.67 2.01 -118.17
CA ILE J 399 -36.13 0.91 -117.37
C ILE J 399 -34.72 0.65 -117.87
N PRO J 400 -33.71 0.80 -117.01
CA PRO J 400 -32.32 0.69 -117.50
C PRO J 400 -32.00 -0.71 -117.99
N VAL J 401 -31.23 -0.77 -119.08
CA VAL J 401 -30.67 -2.06 -119.51
C VAL J 401 -29.89 -2.71 -118.38
N GLU J 402 -29.12 -1.90 -117.65
CA GLU J 402 -28.26 -2.41 -116.58
C GLU J 402 -29.06 -3.09 -115.48
N LEU J 403 -30.34 -2.76 -115.34
CA LEU J 403 -31.19 -3.44 -114.35
C LEU J 403 -31.18 -4.95 -114.53
N GLY J 404 -30.96 -5.42 -115.76
CA GLY J 404 -30.93 -6.85 -115.99
C GLY J 404 -29.68 -7.55 -115.51
N HIS J 405 -28.65 -6.80 -115.16
CA HIS J 405 -27.37 -7.38 -114.73
C HIS J 405 -27.29 -7.57 -113.23
N ILE J 406 -28.42 -7.56 -112.53
CA ILE J 406 -28.47 -7.83 -111.09
C ILE J 406 -28.93 -9.27 -110.99
N ILE J 407 -27.96 -10.20 -111.00
CA ILE J 407 -28.23 -11.60 -111.30
C ILE J 407 -29.12 -12.25 -110.25
N ASN J 408 -29.13 -11.73 -109.03
CA ASN J 408 -29.82 -12.37 -107.92
C ASN J 408 -31.20 -11.81 -107.66
N LEU J 409 -31.69 -10.91 -108.52
CA LEU J 409 -33.05 -10.40 -108.38
C LEU J 409 -34.07 -11.52 -108.46
N ASP J 410 -34.96 -11.60 -107.46
CA ASP J 410 -36.08 -12.53 -107.50
C ASP J 410 -37.45 -11.86 -107.39
N LYS J 411 -37.52 -10.59 -106.98
CA LYS J 411 -38.77 -9.85 -106.98
C LYS J 411 -38.49 -8.43 -107.46
N LEU J 412 -39.16 -8.05 -108.55
CA LEU J 412 -38.94 -6.76 -109.20
C LEU J 412 -40.29 -6.11 -109.45
N ASP J 413 -40.56 -5.02 -108.73
CA ASP J 413 -41.81 -4.29 -108.85
C ASP J 413 -41.51 -2.85 -109.20
N LEU J 414 -41.78 -2.48 -110.46
CA LEU J 414 -41.68 -1.11 -110.93
C LEU J 414 -43.06 -0.52 -111.22
N SER J 415 -44.11 -1.18 -110.76
CA SER J 415 -45.46 -0.83 -111.16
C SER J 415 -45.89 0.51 -110.60
N GLY J 416 -46.94 1.08 -111.20
CA GLY J 416 -47.50 2.32 -110.71
C GLY J 416 -46.61 3.53 -110.88
N ASN J 417 -45.78 3.55 -111.93
CA ASN J 417 -44.91 4.72 -112.18
C ASN J 417 -45.18 5.36 -113.54
N ASN J 418 -44.18 6.05 -114.08
CA ASN J 418 -44.25 6.70 -115.39
C ASN J 418 -43.01 6.36 -116.21
N PHE J 419 -42.67 5.08 -116.28
CA PHE J 419 -41.53 4.64 -117.07
C PHE J 419 -41.87 4.67 -118.56
N SER J 420 -40.87 5.02 -119.36
CA SER J 420 -41.03 5.17 -120.80
C SER J 420 -40.11 4.19 -121.52
N GLY J 421 -40.11 4.28 -122.85
CA GLY J 421 -39.32 3.39 -123.66
C GLY J 421 -39.89 1.98 -123.69
N SER J 422 -39.09 1.07 -124.26
CA SER J 422 -39.44 -0.33 -124.35
C SER J 422 -38.72 -1.12 -123.26
N ILE J 423 -39.25 -2.31 -122.99
CA ILE J 423 -38.68 -3.17 -121.94
C ILE J 423 -37.31 -3.67 -122.40
N PRO J 424 -36.27 -3.54 -121.58
CA PRO J 424 -34.96 -4.07 -121.99
C PRO J 424 -35.01 -5.58 -122.10
N LEU J 425 -34.29 -6.10 -123.09
CA LEU J 425 -34.24 -7.55 -123.29
C LEU J 425 -33.46 -8.25 -122.18
N THR J 426 -32.59 -7.51 -121.47
CA THR J 426 -31.82 -8.10 -120.39
C THR J 426 -32.71 -8.56 -119.25
N LEU J 427 -33.89 -7.94 -119.08
CA LEU J 427 -34.86 -8.43 -118.10
C LEU J 427 -35.15 -9.92 -118.32
N GLY J 428 -35.00 -10.40 -119.55
CA GLY J 428 -35.24 -11.80 -119.83
C GLY J 428 -34.24 -12.75 -119.22
N ASP J 429 -33.03 -12.27 -118.94
CA ASP J 429 -32.00 -13.12 -118.34
C ASP J 429 -31.80 -12.84 -116.86
N LEU J 430 -32.88 -12.57 -116.14
CA LEU J 430 -32.88 -12.62 -114.67
C LEU J 430 -33.26 -14.06 -114.31
N GLU J 431 -32.23 -14.92 -114.27
CA GLU J 431 -32.42 -16.36 -114.14
C GLU J 431 -33.31 -16.73 -112.96
N HIS J 432 -33.11 -16.06 -111.83
CA HIS J 432 -33.78 -16.42 -110.58
C HIS J 432 -35.02 -15.59 -110.30
N LEU J 433 -35.37 -14.66 -111.19
CA LEU J 433 -36.56 -13.84 -111.00
C LEU J 433 -37.81 -14.70 -110.80
N LEU J 434 -38.55 -14.41 -109.72
CA LEU J 434 -39.83 -15.06 -109.47
C LEU J 434 -41.05 -14.19 -109.75
N ILE J 435 -40.97 -12.89 -109.47
CA ILE J 435 -42.11 -11.99 -109.68
C ILE J 435 -41.62 -10.77 -110.45
N LEU J 436 -42.36 -10.42 -111.51
CA LEU J 436 -42.01 -9.29 -112.37
C LEU J 436 -43.29 -8.49 -112.63
N ASN J 437 -43.46 -7.40 -111.87
CA ASN J 437 -44.64 -6.54 -112.02
C ASN J 437 -44.19 -5.20 -112.60
N LEU J 438 -44.47 -4.99 -113.89
CA LEU J 438 -44.18 -3.74 -114.58
C LEU J 438 -45.45 -2.96 -114.91
N SER J 439 -46.59 -3.30 -114.31
CA SER J 439 -47.86 -2.75 -114.75
C SER J 439 -47.97 -1.26 -114.42
N ARG J 440 -48.93 -0.60 -115.05
CA ARG J 440 -49.28 0.80 -114.77
C ARG J 440 -48.08 1.73 -115.00
N ASN J 441 -47.69 1.81 -116.26
CA ASN J 441 -46.66 2.74 -116.70
C ASN J 441 -47.00 3.22 -118.10
N HIS J 442 -46.00 3.72 -118.82
CA HIS J 442 -46.14 4.14 -120.22
C HIS J 442 -45.17 3.38 -121.10
N LEU J 443 -44.95 2.10 -120.79
CA LEU J 443 -44.04 1.28 -121.57
C LEU J 443 -44.61 1.04 -122.98
N SER J 444 -43.74 1.13 -123.97
CA SER J 444 -44.10 0.94 -125.37
C SER J 444 -43.25 -0.18 -125.95
N GLY J 445 -43.40 -0.41 -127.25
CA GLY J 445 -42.68 -1.48 -127.91
C GLY J 445 -43.37 -2.82 -127.76
N GLN J 446 -42.62 -3.87 -128.07
CA GLN J 446 -43.12 -5.22 -127.99
C GLN J 446 -42.87 -5.83 -126.61
N LEU J 447 -43.72 -6.78 -126.24
CA LEU J 447 -43.46 -7.64 -125.09
C LEU J 447 -42.29 -8.55 -125.44
N PRO J 448 -41.15 -8.48 -124.74
CA PRO J 448 -39.94 -9.16 -125.20
C PRO J 448 -40.08 -10.68 -125.17
N ALA J 449 -39.69 -11.32 -126.27
CA ALA J 449 -39.65 -12.77 -126.33
C ALA J 449 -38.60 -13.36 -125.39
N GLU J 450 -37.57 -12.58 -125.04
CA GLU J 450 -36.56 -13.05 -124.11
C GLU J 450 -37.14 -13.37 -122.73
N PHE J 451 -38.36 -12.91 -122.44
CA PHE J 451 -39.06 -13.34 -121.23
C PHE J 451 -39.20 -14.85 -121.16
N GLY J 452 -39.04 -15.55 -122.28
CA GLY J 452 -39.04 -17.01 -122.26
C GLY J 452 -37.90 -17.60 -121.47
N ASN J 453 -36.80 -16.86 -121.31
CA ASN J 453 -35.64 -17.35 -120.55
C ASN J 453 -35.83 -17.24 -119.05
N LEU J 454 -36.92 -16.64 -118.59
CA LEU J 454 -37.21 -16.53 -117.16
C LEU J 454 -37.59 -17.91 -116.65
N ARG J 455 -36.55 -18.72 -116.41
CA ARG J 455 -36.72 -20.10 -115.96
C ARG J 455 -37.69 -20.21 -114.80
N SER J 456 -37.44 -19.45 -113.75
CA SER J 456 -38.11 -19.61 -112.47
C SER J 456 -39.39 -18.79 -112.34
N ILE J 457 -39.67 -17.91 -113.32
CA ILE J 457 -40.73 -16.92 -113.14
C ILE J 457 -42.07 -17.61 -112.86
N GLN J 458 -42.86 -16.98 -111.97
CA GLN J 458 -44.20 -17.44 -111.63
C GLN J 458 -45.28 -16.40 -111.84
N MET J 459 -44.92 -15.11 -111.90
CA MET J 459 -45.89 -14.04 -112.10
C MET J 459 -45.30 -12.96 -113.00
N ILE J 460 -46.03 -12.61 -114.05
CA ILE J 460 -45.64 -11.57 -115.00
C ILE J 460 -46.83 -10.64 -115.17
N ASP J 461 -46.68 -9.38 -114.77
CA ASP J 461 -47.71 -8.35 -114.94
C ASP J 461 -47.10 -7.18 -115.68
N VAL J 462 -47.68 -6.85 -116.84
CA VAL J 462 -47.26 -5.70 -117.64
C VAL J 462 -48.50 -4.96 -118.13
N SER J 463 -49.61 -5.08 -117.40
CA SER J 463 -50.87 -4.49 -117.81
C SER J 463 -50.81 -2.96 -117.73
N PHE J 464 -51.82 -2.32 -118.31
CA PHE J 464 -51.97 -0.86 -118.30
C PHE J 464 -50.70 -0.16 -118.77
N ASN J 465 -50.28 -0.50 -119.99
CA ASN J 465 -49.16 0.16 -120.64
C ASN J 465 -49.54 0.54 -122.07
N LEU J 466 -48.52 0.68 -122.92
CA LEU J 466 -48.72 0.92 -124.35
C LEU J 466 -48.04 -0.15 -125.17
N LEU J 467 -47.93 -1.36 -124.62
CA LEU J 467 -47.25 -2.45 -125.31
C LEU J 467 -47.97 -2.82 -126.60
N SER J 468 -47.19 -2.97 -127.66
CA SER J 468 -47.71 -3.31 -128.97
C SER J 468 -47.12 -4.64 -129.42
N GLY J 469 -47.36 -4.99 -130.68
CA GLY J 469 -46.85 -6.25 -131.19
C GLY J 469 -47.73 -7.42 -130.76
N VAL J 470 -47.08 -8.58 -130.62
CA VAL J 470 -47.77 -9.84 -130.42
C VAL J 470 -47.44 -10.37 -129.02
N ILE J 471 -48.33 -11.21 -128.50
CA ILE J 471 -48.04 -11.99 -127.30
C ILE J 471 -46.89 -12.93 -127.64
N PRO J 472 -45.74 -12.81 -127.00
CA PRO J 472 -44.61 -13.69 -127.34
C PRO J 472 -45.00 -15.15 -127.18
N THR J 473 -44.71 -15.94 -128.21
CA THR J 473 -45.07 -17.35 -128.18
C THR J 473 -44.13 -18.18 -127.32
N GLU J 474 -42.97 -17.64 -126.95
CA GLU J 474 -42.03 -18.36 -126.13
C GLU J 474 -42.44 -18.41 -124.66
N LEU J 475 -43.46 -17.65 -124.28
CA LEU J 475 -43.99 -17.74 -122.91
C LEU J 475 -44.46 -19.15 -122.57
N GLY J 476 -44.76 -19.97 -123.58
CA GLY J 476 -45.09 -21.37 -123.35
C GLY J 476 -43.98 -22.16 -122.69
N GLN J 477 -42.73 -21.68 -122.77
CA GLN J 477 -41.63 -22.39 -122.14
C GLN J 477 -41.61 -22.21 -120.62
N LEU J 478 -42.42 -21.30 -120.08
CA LEU J 478 -42.35 -20.95 -118.66
C LEU J 478 -43.11 -21.98 -117.86
N GLN J 479 -42.38 -22.84 -117.14
CA GLN J 479 -42.95 -23.99 -116.47
C GLN J 479 -43.47 -23.68 -115.06
N ASN J 480 -43.16 -22.51 -114.52
CA ASN J 480 -43.67 -22.11 -113.21
C ASN J 480 -44.63 -20.92 -113.29
N LEU J 481 -44.75 -20.29 -114.46
CA LEU J 481 -45.65 -19.16 -114.65
C LEU J 481 -47.09 -19.53 -114.35
N ASN J 482 -47.63 -19.01 -113.24
CA ASN J 482 -49.01 -19.25 -112.85
C ASN J 482 -49.92 -18.03 -113.02
N SER J 483 -49.36 -16.83 -113.20
CA SER J 483 -50.14 -15.62 -113.42
C SER J 483 -49.54 -14.82 -114.56
N LEU J 484 -50.29 -14.66 -115.64
CA LEU J 484 -49.89 -13.89 -116.82
C LEU J 484 -50.93 -12.81 -117.04
N ILE J 485 -50.58 -11.56 -116.73
CA ILE J 485 -51.51 -10.43 -116.77
C ILE J 485 -51.01 -9.45 -117.82
N LEU J 486 -51.72 -9.35 -118.94
CA LEU J 486 -51.31 -8.51 -120.06
C LEU J 486 -52.35 -7.45 -120.44
N ASN J 487 -53.41 -7.28 -119.64
CA ASN J 487 -54.56 -6.51 -120.07
C ASN J 487 -54.21 -5.03 -120.26
N ASN J 488 -55.14 -4.31 -120.90
CA ASN J 488 -55.03 -2.87 -121.15
C ASN J 488 -53.68 -2.51 -121.78
N ASN J 489 -53.41 -3.13 -122.92
CA ASN J 489 -52.30 -2.73 -123.76
C ASN J 489 -52.84 -2.55 -125.18
N LYS J 490 -51.94 -2.64 -126.15
CA LYS J 490 -52.32 -2.63 -127.56
C LYS J 490 -51.67 -3.81 -128.28
N LEU J 491 -51.54 -4.93 -127.56
CA LEU J 491 -51.08 -6.17 -128.18
C LEU J 491 -52.11 -6.64 -129.21
N HIS J 492 -51.61 -7.11 -130.35
CA HIS J 492 -52.46 -7.63 -131.42
C HIS J 492 -52.02 -9.05 -131.73
N GLY J 493 -52.74 -9.67 -132.66
CA GLY J 493 -52.46 -11.04 -133.03
C GLY J 493 -53.24 -12.02 -132.18
N LYS J 494 -52.94 -13.29 -132.40
CA LYS J 494 -53.68 -14.36 -131.76
C LYS J 494 -53.00 -14.80 -130.47
N ILE J 495 -53.82 -15.30 -129.55
CA ILE J 495 -53.34 -15.88 -128.30
C ILE J 495 -52.56 -17.14 -128.67
N PRO J 496 -51.30 -17.25 -128.30
CA PRO J 496 -50.48 -18.38 -128.77
C PRO J 496 -51.03 -19.71 -128.28
N ASP J 497 -50.93 -20.71 -129.16
CA ASP J 497 -51.33 -22.07 -128.79
C ASP J 497 -50.37 -22.67 -127.76
N GLN J 498 -49.14 -22.17 -127.71
CA GLN J 498 -48.13 -22.71 -126.80
C GLN J 498 -48.37 -22.33 -125.35
N LEU J 499 -49.23 -21.32 -125.10
CA LEU J 499 -49.62 -21.02 -123.72
C LEU J 499 -50.25 -22.21 -123.02
N THR J 500 -50.68 -23.23 -123.77
CA THR J 500 -51.24 -24.43 -123.17
C THR J 500 -50.17 -25.29 -122.49
N ASN J 501 -48.88 -25.04 -122.76
CA ASN J 501 -47.81 -25.80 -122.14
C ASN J 501 -47.34 -25.18 -120.83
N CYS J 502 -47.86 -24.02 -120.45
CA CYS J 502 -47.61 -23.48 -119.13
C CYS J 502 -48.30 -24.37 -118.11
N PHE J 503 -47.56 -25.38 -117.61
CA PHE J 503 -48.12 -26.43 -116.78
C PHE J 503 -48.85 -25.90 -115.55
N THR J 504 -48.59 -24.66 -115.14
CA THR J 504 -49.13 -24.14 -113.89
C THR J 504 -49.92 -22.86 -114.08
N LEU J 505 -50.28 -22.50 -115.31
CA LEU J 505 -50.92 -21.22 -115.58
C LEU J 505 -52.37 -21.27 -115.09
N VAL J 506 -52.65 -20.55 -114.01
CA VAL J 506 -53.98 -20.58 -113.39
C VAL J 506 -54.74 -19.29 -113.68
N ASN J 507 -54.04 -18.16 -113.73
CA ASN J 507 -54.68 -16.87 -113.95
C ASN J 507 -54.06 -16.17 -115.16
N LEU J 508 -54.93 -15.78 -116.09
CA LEU J 508 -54.53 -15.15 -117.34
C LEU J 508 -55.49 -14.01 -117.62
N ASN J 509 -54.96 -12.82 -117.86
CA ASN J 509 -55.80 -11.66 -118.17
C ASN J 509 -55.16 -10.91 -119.33
N VAL J 510 -55.73 -11.06 -120.53
CA VAL J 510 -55.27 -10.40 -121.75
C VAL J 510 -56.36 -9.50 -122.32
N SER J 511 -57.33 -9.11 -121.49
CA SER J 511 -58.46 -8.31 -121.93
C SER J 511 -58.01 -6.92 -122.38
N PHE J 512 -58.92 -6.23 -123.07
CA PHE J 512 -58.72 -4.84 -123.50
C PHE J 512 -57.42 -4.68 -124.29
N ASN J 513 -57.25 -5.52 -125.31
CA ASN J 513 -56.16 -5.34 -126.26
C ASN J 513 -56.73 -5.19 -127.67
N ASN J 514 -55.92 -5.53 -128.67
CA ASN J 514 -56.37 -5.64 -130.05
C ASN J 514 -56.19 -7.07 -130.54
N LEU J 515 -56.24 -8.03 -129.62
CA LEU J 515 -56.06 -9.43 -129.95
C LEU J 515 -57.21 -9.94 -130.83
N SER J 516 -56.86 -10.80 -131.79
CA SER J 516 -57.81 -11.44 -132.67
C SER J 516 -57.63 -12.96 -132.59
N GLY J 517 -58.54 -13.69 -133.19
CA GLY J 517 -58.49 -15.14 -133.21
C GLY J 517 -59.48 -15.79 -132.27
N ILE J 518 -59.20 -17.05 -131.95
CA ILE J 518 -59.89 -17.78 -130.90
C ILE J 518 -58.89 -18.09 -129.80
N VAL J 519 -59.43 -18.53 -128.66
CA VAL J 519 -58.62 -18.95 -127.52
C VAL J 519 -58.27 -20.43 -127.71
N PRO J 520 -57.01 -20.79 -127.59
CA PRO J 520 -56.63 -22.19 -127.78
C PRO J 520 -57.11 -23.03 -126.61
N PRO J 521 -57.10 -24.36 -126.74
CA PRO J 521 -57.48 -25.23 -125.60
C PRO J 521 -56.55 -25.07 -124.41
N MET J 522 -57.02 -24.38 -123.37
CA MET J 522 -56.26 -24.22 -122.14
C MET J 522 -56.67 -25.30 -121.14
N LYS J 523 -55.66 -25.92 -120.51
CA LYS J 523 -55.91 -26.98 -119.53
C LYS J 523 -56.47 -26.46 -118.22
N ASN J 524 -56.60 -25.15 -118.06
CA ASN J 524 -57.16 -24.54 -116.86
C ASN J 524 -58.09 -23.40 -117.25
N PHE J 525 -58.85 -23.59 -118.34
CA PHE J 525 -59.70 -22.54 -118.87
C PHE J 525 -60.78 -22.12 -117.87
N SER J 526 -61.13 -22.98 -116.92
CA SER J 526 -62.21 -22.71 -115.99
C SER J 526 -61.76 -21.90 -114.78
N ARG J 527 -60.47 -21.90 -114.47
CA ARG J 527 -59.94 -21.12 -113.35
C ARG J 527 -59.82 -19.64 -113.68
N PHE J 528 -59.99 -19.26 -114.94
CA PHE J 528 -59.87 -17.85 -115.35
C PHE J 528 -61.08 -17.05 -114.88
N ALA J 529 -60.88 -15.75 -114.76
CA ALA J 529 -61.97 -14.82 -114.51
C ALA J 529 -62.91 -14.77 -115.71
N PRO J 530 -64.14 -14.28 -115.52
CA PRO J 530 -65.04 -14.14 -116.68
C PRO J 530 -64.53 -13.13 -117.71
N ALA J 531 -64.05 -11.97 -117.26
CA ALA J 531 -63.60 -10.91 -118.16
C ALA J 531 -62.16 -11.09 -118.62
N SER J 532 -61.71 -12.34 -118.75
CA SER J 532 -60.32 -12.59 -119.13
C SER J 532 -60.00 -12.07 -120.52
N PHE J 533 -60.99 -12.04 -121.42
CA PHE J 533 -60.75 -11.69 -122.80
C PHE J 533 -61.62 -10.56 -123.34
N VAL J 534 -62.45 -9.94 -122.50
CA VAL J 534 -63.34 -8.89 -122.97
C VAL J 534 -62.52 -7.68 -123.46
N GLY J 535 -63.13 -6.89 -124.34
CA GLY J 535 -62.50 -5.71 -124.86
C GLY J 535 -61.57 -5.93 -126.03
N ASN J 536 -61.44 -7.17 -126.51
CA ASN J 536 -60.76 -7.42 -127.77
C ASN J 536 -61.81 -7.46 -128.88
N PRO J 537 -61.76 -6.54 -129.85
CA PRO J 537 -62.81 -6.48 -130.87
C PRO J 537 -62.92 -7.77 -131.67
N TYR J 538 -61.84 -8.11 -132.37
CA TYR J 538 -61.81 -9.25 -133.30
C TYR J 538 -61.50 -10.58 -132.61
N LEU J 539 -61.65 -10.69 -131.30
CA LEU J 539 -61.48 -11.95 -130.61
C LEU J 539 -62.82 -12.66 -130.52
N CYS J 540 -62.84 -13.94 -130.93
CA CYS J 540 -64.08 -14.70 -131.09
C CYS J 540 -64.17 -15.71 -129.95
N GLY J 541 -65.10 -15.48 -129.02
CA GLY J 541 -65.37 -16.41 -127.95
C GLY J 541 -66.84 -16.49 -127.55
N ASN J 542 -67.10 -17.07 -126.39
CA ASN J 542 -68.46 -17.23 -125.87
C ASN J 542 -68.69 -16.27 -124.70
N TRP J 543 -68.68 -14.97 -125.02
CA TRP J 543 -68.91 -13.95 -124.02
C TRP J 543 -69.49 -12.72 -124.70
N VAL J 544 -70.05 -11.83 -123.90
CA VAL J 544 -70.65 -10.61 -124.41
C VAL J 544 -69.55 -9.61 -124.73
N GLY J 545 -69.71 -8.89 -125.84
CA GLY J 545 -68.68 -8.00 -126.34
C GLY J 545 -67.79 -8.61 -127.41
N SER J 546 -67.94 -9.91 -127.69
CA SER J 546 -67.25 -10.55 -128.81
C SER J 546 -68.18 -10.60 -130.01
N ILE J 547 -67.59 -10.59 -131.20
CA ILE J 547 -68.38 -10.77 -132.42
C ILE J 547 -68.98 -12.16 -132.52
N CYS J 548 -68.52 -13.10 -131.72
CA CYS J 548 -69.12 -14.43 -131.63
C CYS J 548 -69.96 -14.58 -130.38
N ASN K 5 -29.04 -16.67 25.12
CA ASN K 5 -28.61 -16.41 23.75
C ASN K 5 -28.95 -14.99 23.32
N GLU K 6 -30.24 -14.64 23.42
CA GLU K 6 -30.65 -13.26 23.17
C GLU K 6 -30.34 -12.37 24.37
N GLY K 7 -30.43 -12.91 25.58
CA GLY K 7 -29.99 -12.17 26.76
C GLY K 7 -28.49 -11.97 26.78
N LYS K 8 -27.74 -12.90 26.19
CA LYS K 8 -26.32 -12.69 25.94
C LYS K 8 -26.11 -11.38 25.18
N ALA K 9 -26.78 -11.23 24.03
CA ALA K 9 -26.62 -10.05 23.20
C ALA K 9 -27.10 -8.78 23.93
N LEU K 10 -28.26 -8.85 24.58
CA LEU K 10 -28.74 -7.67 25.32
C LEU K 10 -27.77 -7.28 26.42
N MET K 11 -27.11 -8.26 27.05
CA MET K 11 -26.15 -7.95 28.10
C MET K 11 -24.88 -7.34 27.54
N ALA K 12 -24.45 -7.78 26.35
CA ALA K 12 -23.32 -7.12 25.71
C ALA K 12 -23.66 -5.68 25.32
N ILE K 13 -24.87 -5.46 24.79
CA ILE K 13 -25.30 -4.10 24.46
C ILE K 13 -25.30 -3.22 25.69
N LYS K 14 -25.79 -3.76 26.82
CA LYS K 14 -25.73 -3.03 28.09
C LYS K 14 -24.28 -2.72 28.49
N GLY K 15 -23.42 -3.74 28.43
CA GLY K 15 -22.04 -3.58 28.84
C GLY K 15 -21.21 -2.67 27.96
N SER K 16 -21.67 -2.40 26.75
CA SER K 16 -20.97 -1.47 25.87
C SER K 16 -21.40 -0.02 26.09
N PHE K 17 -22.40 0.21 26.94
CA PHE K 17 -22.72 1.55 27.39
C PHE K 17 -21.75 1.95 28.50
N SER K 18 -21.96 3.12 29.08
CA SER K 18 -21.04 3.59 30.11
C SER K 18 -21.76 4.15 31.32
N ASN K 19 -22.53 5.22 31.11
CA ASN K 19 -23.14 5.98 32.19
C ASN K 19 -24.39 5.31 32.74
N LEU K 20 -24.37 4.00 32.89
CA LEU K 20 -25.53 3.21 33.28
C LEU K 20 -25.62 2.99 34.79
N VAL K 21 -25.38 4.07 35.52
CA VAL K 21 -25.35 4.07 36.98
C VAL K 21 -26.59 3.39 37.55
N ASN K 22 -27.73 4.06 37.47
CA ASN K 22 -29.02 3.50 37.87
C ASN K 22 -29.97 3.42 36.68
N MET K 23 -29.45 3.04 35.52
CA MET K 23 -30.21 3.16 34.28
C MET K 23 -30.91 1.86 33.90
N LEU K 24 -30.14 0.88 33.42
CA LEU K 24 -30.69 -0.39 32.99
C LEU K 24 -30.57 -1.44 34.08
N LEU K 25 -31.03 -1.10 35.29
CA LEU K 25 -31.08 -2.06 36.38
C LEU K 25 -32.06 -3.19 36.08
N ASP K 26 -33.04 -2.93 35.21
CA ASP K 26 -33.88 -4.00 34.68
C ASP K 26 -33.03 -5.12 34.10
N TRP K 27 -32.06 -4.76 33.27
CA TRP K 27 -31.29 -5.70 32.48
C TRP K 27 -30.41 -6.54 33.38
N ASP K 28 -30.90 -7.73 33.77
CA ASP K 28 -30.16 -8.62 34.67
C ASP K 28 -30.51 -10.05 34.27
N ASP K 29 -29.58 -10.73 33.58
CA ASP K 29 -29.86 -12.02 32.96
C ASP K 29 -30.22 -13.12 33.95
N VAL K 30 -29.97 -12.92 35.25
CA VAL K 30 -30.19 -13.95 36.25
C VAL K 30 -31.17 -13.53 37.34
N HIS K 31 -31.16 -12.25 37.73
CA HIS K 31 -32.16 -11.76 38.69
C HIS K 31 -33.41 -11.21 38.01
N ASN K 32 -33.57 -11.41 36.70
CA ASN K 32 -34.74 -10.89 35.99
C ASN K 32 -34.97 -11.79 34.78
N SER K 33 -35.79 -12.83 34.97
CA SER K 33 -35.84 -13.95 34.03
C SER K 33 -36.37 -13.55 32.65
N ASP K 34 -37.38 -12.68 32.59
CA ASP K 34 -38.05 -12.36 31.33
C ASP K 34 -37.35 -11.20 30.64
N LEU K 35 -36.51 -11.50 29.64
CA LEU K 35 -35.90 -10.40 28.89
C LEU K 35 -36.92 -9.64 28.06
N CYS K 36 -38.16 -10.11 27.99
CA CYS K 36 -39.19 -9.49 27.16
C CYS K 36 -39.93 -8.40 27.91
N SER K 37 -39.48 -8.08 29.13
CA SER K 37 -40.09 -7.06 29.96
C SER K 37 -39.04 -6.10 30.51
N TRP K 38 -37.78 -6.25 30.12
CA TRP K 38 -36.76 -5.29 30.47
C TRP K 38 -37.10 -3.92 29.87
N ARG K 39 -36.48 -2.88 30.40
CA ARG K 39 -36.72 -1.53 29.93
C ARG K 39 -36.36 -1.37 28.46
N GLY K 40 -37.33 -0.91 27.66
CA GLY K 40 -37.09 -0.51 26.29
C GLY K 40 -36.98 -1.61 25.27
N VAL K 41 -37.21 -2.87 25.64
CA VAL K 41 -37.22 -3.99 24.70
C VAL K 41 -38.65 -4.46 24.49
N PHE K 42 -38.96 -4.85 23.25
CA PHE K 42 -40.29 -5.37 22.90
C PHE K 42 -40.16 -6.61 22.04
N CYS K 43 -40.81 -7.68 22.46
CA CYS K 43 -40.87 -8.93 21.72
C CYS K 43 -42.22 -9.09 21.04
N ASP K 44 -42.26 -10.00 20.06
CA ASP K 44 -43.53 -10.45 19.52
C ASP K 44 -44.07 -11.58 20.39
N ASN K 45 -45.39 -11.63 20.50
CA ASN K 45 -46.05 -12.49 21.49
C ASN K 45 -46.09 -13.97 21.10
N VAL K 46 -45.40 -14.40 20.05
CA VAL K 46 -45.42 -15.79 19.61
C VAL K 46 -44.06 -16.46 19.82
N SER K 47 -42.99 -15.87 19.29
CA SER K 47 -41.66 -16.42 19.47
C SER K 47 -40.89 -15.79 20.63
N TYR K 48 -41.43 -14.72 21.21
CA TYR K 48 -40.78 -13.97 22.29
C TYR K 48 -39.33 -13.65 21.94
N SER K 49 -39.13 -13.18 20.71
CA SER K 49 -37.85 -12.69 20.23
C SER K 49 -37.91 -11.17 20.10
N VAL K 50 -36.76 -10.53 20.33
CA VAL K 50 -36.69 -9.07 20.31
C VAL K 50 -36.94 -8.56 18.90
N VAL K 51 -37.94 -7.68 18.76
CA VAL K 51 -38.24 -7.08 17.47
C VAL K 51 -38.08 -5.57 17.47
N SER K 52 -37.99 -4.92 18.63
CA SER K 52 -37.97 -3.47 18.70
C SER K 52 -37.26 -3.06 19.97
N LEU K 53 -36.27 -2.18 19.85
CA LEU K 53 -35.44 -1.72 20.97
C LEU K 53 -35.41 -0.20 20.96
N ASN K 54 -35.98 0.42 22.00
CA ASN K 54 -36.07 1.87 22.08
C ASN K 54 -35.48 2.31 23.42
N LEU K 55 -34.26 2.83 23.38
CA LEU K 55 -33.57 3.40 24.55
C LEU K 55 -33.39 4.90 24.39
N SER K 56 -34.43 5.57 23.87
CA SER K 56 -34.33 6.97 23.48
C SER K 56 -34.13 7.89 24.68
N SER K 57 -33.13 8.76 24.58
CA SER K 57 -32.97 9.93 25.46
C SER K 57 -32.57 9.51 26.87
N LEU K 58 -31.67 8.53 26.99
CA LEU K 58 -31.22 8.06 28.28
C LEU K 58 -29.76 8.40 28.58
N ASN K 59 -29.01 8.89 27.59
CA ASN K 59 -27.59 9.24 27.75
C ASN K 59 -26.77 8.07 28.30
N LEU K 60 -26.95 6.90 27.68
CA LEU K 60 -26.23 5.71 28.14
C LEU K 60 -24.73 5.84 27.91
N GLY K 61 -24.31 6.58 26.89
CA GLY K 61 -22.97 7.13 26.84
C GLY K 61 -21.86 6.22 26.38
N GLY K 62 -22.16 5.02 25.90
CA GLY K 62 -21.08 4.12 25.53
C GLY K 62 -20.82 4.05 24.04
N GLU K 63 -20.85 2.84 23.50
CA GLU K 63 -20.75 2.58 22.08
C GLU K 63 -21.89 1.63 21.70
N ILE K 64 -22.10 1.45 20.40
CA ILE K 64 -23.10 0.50 19.93
C ILE K 64 -22.38 -0.84 19.72
N SER K 65 -22.66 -1.78 20.61
CA SER K 65 -21.98 -3.08 20.57
C SER K 65 -22.32 -3.82 19.28
N PRO K 66 -21.36 -4.55 18.70
CA PRO K 66 -21.70 -5.41 17.56
C PRO K 66 -22.75 -6.45 17.88
N ALA K 67 -22.99 -6.74 19.16
CA ALA K 67 -23.99 -7.71 19.57
C ALA K 67 -25.41 -7.32 19.20
N ILE K 68 -25.63 -6.05 18.80
CA ILE K 68 -26.92 -5.67 18.28
C ILE K 68 -27.22 -6.40 16.98
N GLY K 69 -26.20 -6.91 16.29
CA GLY K 69 -26.40 -7.74 15.13
C GLY K 69 -26.85 -9.15 15.45
N ASP K 70 -26.90 -9.48 16.75
CA ASP K 70 -27.31 -10.81 17.19
C ASP K 70 -28.78 -10.89 17.53
N LEU K 71 -29.52 -9.77 17.41
CA LEU K 71 -30.97 -9.78 17.54
C LEU K 71 -31.53 -9.81 16.12
N ARG K 72 -31.48 -11.01 15.52
CA ARG K 72 -31.77 -11.16 14.09
C ARG K 72 -33.18 -10.71 13.72
N ASN K 73 -34.14 -10.86 14.64
CA ASN K 73 -35.53 -10.55 14.37
C ASN K 73 -35.89 -9.10 14.70
N LEU K 74 -34.90 -8.22 14.86
CA LEU K 74 -35.17 -6.82 15.12
C LEU K 74 -35.85 -6.16 13.93
N GLN K 75 -36.97 -5.46 14.19
CA GLN K 75 -37.60 -4.63 13.18
C GLN K 75 -37.45 -3.13 13.43
N SER K 76 -37.09 -2.71 14.64
CA SER K 76 -36.93 -1.29 14.89
C SER K 76 -35.86 -1.04 15.95
N ILE K 77 -34.93 -0.14 15.65
CA ILE K 77 -33.88 0.28 16.57
C ILE K 77 -33.95 1.79 16.73
N ASP K 78 -34.01 2.24 17.99
CA ASP K 78 -34.02 3.66 18.34
C ASP K 78 -33.04 3.88 19.48
N LEU K 79 -31.84 4.37 19.15
CA LEU K 79 -30.80 4.67 20.14
C LEU K 79 -30.47 6.16 20.15
N GLN K 80 -31.46 7.00 19.90
CA GLN K 80 -31.24 8.43 19.80
C GLN K 80 -30.97 9.05 21.17
N GLY K 81 -30.09 10.05 21.19
CA GLY K 81 -29.87 10.86 22.38
C GLY K 81 -29.21 10.11 23.51
N ASN K 82 -28.06 9.51 23.23
CA ASN K 82 -27.37 8.72 24.24
C ASN K 82 -25.87 8.97 24.28
N LYS K 83 -25.41 10.06 23.64
CA LYS K 83 -23.99 10.42 23.65
C LYS K 83 -23.12 9.25 23.18
N LEU K 84 -23.64 8.46 22.25
CA LEU K 84 -22.95 7.26 21.82
C LEU K 84 -21.76 7.62 20.94
N ALA K 85 -20.65 6.92 21.14
CA ALA K 85 -19.43 7.14 20.36
C ALA K 85 -19.10 5.89 19.53
N GLY K 86 -17.91 5.90 18.95
CA GLY K 86 -17.51 4.82 18.07
C GLY K 86 -18.15 4.94 16.69
N GLN K 87 -17.95 3.89 15.90
CA GLN K 87 -18.52 3.78 14.57
C GLN K 87 -19.82 2.99 14.62
N ILE K 88 -20.61 3.13 13.57
CA ILE K 88 -21.81 2.31 13.42
C ILE K 88 -21.35 0.89 13.13
N PRO K 89 -21.61 -0.07 14.01
CA PRO K 89 -21.05 -1.42 13.82
C PRO K 89 -21.59 -2.09 12.57
N ASP K 90 -20.70 -2.82 11.88
CA ASP K 90 -21.08 -3.49 10.65
C ASP K 90 -22.22 -4.47 10.88
N GLU K 91 -22.34 -5.02 12.09
CA GLU K 91 -23.26 -6.13 12.33
C GLU K 91 -24.72 -5.71 12.24
N ILE K 92 -25.02 -4.41 12.32
CA ILE K 92 -26.38 -3.96 12.05
C ILE K 92 -26.85 -4.47 10.70
N GLY K 93 -25.91 -4.70 9.78
CA GLY K 93 -26.24 -5.18 8.45
C GLY K 93 -26.87 -6.56 8.43
N ASN K 94 -26.67 -7.37 9.47
CA ASN K 94 -27.34 -8.66 9.54
C ASN K 94 -28.54 -8.62 10.48
N CYS K 95 -29.22 -7.47 10.50
CA CYS K 95 -30.57 -7.35 11.07
C CYS K 95 -31.58 -7.31 9.93
N ALA K 96 -31.67 -8.44 9.21
CA ALA K 96 -32.36 -8.47 7.93
C ALA K 96 -33.78 -7.92 8.00
N SER K 97 -34.47 -8.16 9.12
CA SER K 97 -35.84 -7.70 9.29
C SER K 97 -35.94 -6.22 9.68
N LEU K 98 -34.82 -5.51 9.76
CA LEU K 98 -34.84 -4.13 10.24
C LEU K 98 -35.63 -3.24 9.29
N VAL K 99 -36.49 -2.40 9.86
CA VAL K 99 -37.40 -1.57 9.08
C VAL K 99 -37.17 -0.11 9.43
N TYR K 100 -36.79 0.15 10.68
CA TYR K 100 -36.63 1.51 11.18
C TYR K 100 -35.34 1.59 11.98
N LEU K 101 -34.44 2.49 11.58
CA LEU K 101 -33.14 2.65 12.24
C LEU K 101 -32.94 4.13 12.54
N ASP K 102 -32.88 4.48 13.83
CA ASP K 102 -32.73 5.87 14.25
C ASP K 102 -31.55 5.95 15.23
N LEU K 103 -30.42 6.49 14.76
CA LEU K 103 -29.26 6.75 15.60
C LEU K 103 -29.01 8.25 15.76
N SER K 104 -30.03 9.07 15.55
CA SER K 104 -29.86 10.52 15.55
C SER K 104 -29.50 11.02 16.95
N GLU K 105 -28.97 12.25 16.99
CA GLU K 105 -28.51 12.90 18.22
C GLU K 105 -27.57 12.00 19.03
N ASN K 106 -26.42 11.72 18.44
CA ASN K 106 -25.35 11.02 19.15
C ASN K 106 -24.01 11.59 18.69
N LEU K 107 -22.94 10.85 18.96
CA LEU K 107 -21.59 11.28 18.59
C LEU K 107 -20.89 10.21 17.77
N LEU K 108 -21.65 9.48 16.95
CA LEU K 108 -21.07 8.40 16.17
C LEU K 108 -20.23 8.97 15.03
N TYR K 109 -19.09 8.32 14.74
CA TYR K 109 -18.18 8.79 13.72
C TYR K 109 -17.92 7.70 12.69
N GLY K 110 -17.14 8.03 11.67
CA GLY K 110 -16.84 7.10 10.60
C GLY K 110 -17.80 7.20 9.44
N ASP K 111 -17.72 6.20 8.58
CA ASP K 111 -18.54 6.14 7.37
C ASP K 111 -19.89 5.50 7.66
N ILE K 112 -20.84 5.73 6.75
CA ILE K 112 -22.07 4.95 6.72
C ILE K 112 -21.68 3.55 6.27
N PRO K 113 -21.86 2.53 7.10
CA PRO K 113 -21.30 1.22 6.78
C PRO K 113 -21.91 0.62 5.52
N PHE K 114 -21.11 -0.22 4.85
CA PHE K 114 -21.60 -0.90 3.67
C PHE K 114 -22.75 -1.83 3.99
N SER K 115 -22.70 -2.47 5.16
CA SER K 115 -23.72 -3.43 5.55
C SER K 115 -25.11 -2.83 5.62
N ILE K 116 -25.20 -1.49 5.72
CA ILE K 116 -26.51 -0.84 5.70
C ILE K 116 -27.27 -1.20 4.43
N SER K 117 -26.57 -1.47 3.33
CA SER K 117 -27.25 -1.80 2.09
C SER K 117 -27.83 -3.22 2.10
N LYS K 118 -27.45 -4.05 3.07
CA LYS K 118 -28.03 -5.38 3.19
C LYS K 118 -29.42 -5.37 3.81
N LEU K 119 -29.90 -4.22 4.28
CA LEU K 119 -31.17 -4.13 4.99
C LEU K 119 -32.28 -3.86 3.98
N LYS K 120 -32.69 -4.94 3.31
CA LYS K 120 -33.64 -4.84 2.21
C LYS K 120 -35.05 -4.49 2.68
N GLN K 121 -35.30 -4.46 3.99
CA GLN K 121 -36.58 -4.08 4.54
C GLN K 121 -36.57 -2.68 5.13
N LEU K 122 -35.41 -2.02 5.14
CA LEU K 122 -35.28 -0.72 5.78
C LEU K 122 -36.14 0.32 5.09
N GLU K 123 -36.89 1.09 5.89
CA GLU K 123 -37.70 2.19 5.39
C GLU K 123 -37.30 3.55 5.94
N THR K 124 -36.67 3.62 7.11
CA THR K 124 -36.26 4.87 7.72
C THR K 124 -34.81 4.74 8.18
N LEU K 125 -33.92 5.50 7.55
CA LEU K 125 -32.52 5.60 7.98
C LEU K 125 -32.32 7.03 8.50
N ASN K 126 -32.32 7.16 9.82
CA ASN K 126 -32.17 8.46 10.48
C ASN K 126 -30.83 8.45 11.20
N LEU K 127 -29.86 9.18 10.65
CA LEU K 127 -28.54 9.35 11.26
C LEU K 127 -28.25 10.81 11.58
N LYS K 128 -29.32 11.59 11.78
CA LYS K 128 -29.21 13.02 11.99
C LYS K 128 -28.29 13.37 13.15
N ASN K 129 -27.48 14.41 12.96
CA ASN K 129 -26.69 15.03 14.04
C ASN K 129 -25.76 14.02 14.72
N ASN K 130 -24.69 13.70 13.99
CA ASN K 130 -23.59 12.90 14.51
C ASN K 130 -22.30 13.50 13.99
N GLN K 131 -21.20 12.74 14.09
CA GLN K 131 -19.91 13.13 13.53
C GLN K 131 -19.50 12.22 12.39
N LEU K 132 -20.47 11.80 11.58
CA LEU K 132 -20.17 10.88 10.48
C LEU K 132 -19.43 11.62 9.38
N THR K 133 -18.39 10.96 8.86
CA THR K 133 -17.56 11.49 7.78
C THR K 133 -17.54 10.51 6.63
N GLY K 134 -17.31 11.03 5.43
CA GLY K 134 -17.26 10.21 4.24
C GLY K 134 -18.39 10.50 3.28
N PRO K 135 -18.42 9.75 2.18
CA PRO K 135 -19.38 10.04 1.12
C PRO K 135 -20.75 9.42 1.38
N VAL K 136 -21.77 10.05 0.79
CA VAL K 136 -23.07 9.41 0.67
C VAL K 136 -22.91 8.30 -0.37
N PRO K 137 -22.81 7.04 0.03
CA PRO K 137 -22.45 5.99 -0.93
C PRO K 137 -23.60 5.64 -1.85
N ALA K 138 -23.24 5.18 -3.05
CA ALA K 138 -24.25 4.76 -4.01
C ALA K 138 -25.02 3.54 -3.53
N THR K 139 -24.45 2.80 -2.56
CA THR K 139 -25.11 1.61 -2.04
C THR K 139 -26.47 1.90 -1.44
N LEU K 140 -26.71 3.13 -0.99
CA LEU K 140 -28.03 3.47 -0.46
C LEU K 140 -29.11 3.42 -1.54
N THR K 141 -28.75 3.43 -2.81
CA THR K 141 -29.72 3.24 -3.88
C THR K 141 -30.12 1.78 -4.03
N GLN K 142 -29.48 0.88 -3.29
CA GLN K 142 -29.79 -0.54 -3.28
C GLN K 142 -30.72 -0.92 -2.12
N ILE K 143 -31.41 0.05 -1.56
CA ILE K 143 -32.41 -0.19 -0.50
C ILE K 143 -33.78 0.03 -1.12
N PRO K 144 -34.47 -1.04 -1.55
CA PRO K 144 -35.66 -0.87 -2.39
C PRO K 144 -36.85 -0.25 -1.69
N ASN K 145 -36.87 -0.21 -0.35
CA ASN K 145 -38.03 0.25 0.39
C ASN K 145 -37.77 1.52 1.17
N LEU K 146 -36.61 2.15 0.97
CA LEU K 146 -36.22 3.30 1.77
C LEU K 146 -37.08 4.50 1.42
N LYS K 147 -37.85 4.98 2.40
CA LYS K 147 -38.68 6.17 2.23
C LYS K 147 -38.10 7.42 2.86
N ARG K 148 -37.33 7.27 3.94
CA ARG K 148 -36.83 8.41 4.70
C ARG K 148 -35.33 8.27 4.87
N LEU K 149 -34.58 9.21 4.29
CA LEU K 149 -33.11 9.23 4.39
C LEU K 149 -32.72 10.57 5.01
N ASP K 150 -32.47 10.58 6.32
CA ASP K 150 -32.14 11.82 7.02
C ASP K 150 -30.70 11.72 7.52
N LEU K 151 -29.80 12.46 6.85
CA LEU K 151 -28.37 12.47 7.17
C LEU K 151 -27.91 13.86 7.59
N ALA K 152 -28.86 14.73 7.93
CA ALA K 152 -28.53 16.10 8.31
C ALA K 152 -27.61 16.15 9.52
N GLY K 153 -26.83 17.23 9.61
CA GLY K 153 -26.03 17.50 10.78
C GLY K 153 -24.79 16.66 10.94
N ASN K 154 -24.15 16.28 9.84
CA ASN K 154 -22.90 15.52 9.89
C ASN K 154 -21.82 16.26 9.08
N HIS K 155 -20.72 15.55 8.84
CA HIS K 155 -19.62 16.13 8.08
C HIS K 155 -19.37 15.30 6.83
N LEU K 156 -20.44 14.92 6.14
CA LEU K 156 -20.32 14.09 4.95
C LEU K 156 -19.70 14.88 3.81
N THR K 157 -19.00 14.17 2.92
CA THR K 157 -18.15 14.78 1.91
C THR K 157 -18.41 14.15 0.54
N GLY K 158 -17.83 14.75 -0.49
CA GLY K 158 -18.04 14.29 -1.85
C GLY K 158 -19.25 14.95 -2.48
N GLU K 159 -19.63 14.43 -3.65
CA GLU K 159 -20.76 14.95 -4.40
C GLU K 159 -22.00 14.09 -4.20
N ILE K 160 -23.13 14.64 -4.63
CA ILE K 160 -24.40 13.92 -4.62
C ILE K 160 -24.50 13.24 -5.98
N SER K 161 -24.02 11.99 -6.06
CA SER K 161 -24.07 11.25 -7.31
C SER K 161 -25.50 11.14 -7.79
N ARG K 162 -25.69 11.38 -9.10
CA ARG K 162 -27.05 11.43 -9.64
C ARG K 162 -27.73 10.07 -9.57
N LEU K 163 -26.94 9.00 -9.39
CA LEU K 163 -27.50 7.68 -9.12
C LEU K 163 -28.53 7.74 -7.99
N LEU K 164 -28.30 8.59 -7.00
CA LEU K 164 -29.23 8.71 -5.88
C LEU K 164 -30.61 9.16 -6.32
N TYR K 165 -30.70 10.01 -7.36
CA TYR K 165 -31.98 10.62 -7.69
C TYR K 165 -32.93 9.69 -8.43
N TRP K 166 -32.48 8.48 -8.81
CA TRP K 166 -33.35 7.52 -9.49
C TRP K 166 -34.02 6.65 -8.44
N ASN K 167 -35.13 7.16 -7.89
CA ASN K 167 -35.83 6.47 -6.81
C ASN K 167 -37.28 6.94 -6.79
N GLU K 168 -38.22 6.00 -6.89
CA GLU K 168 -39.64 6.34 -6.93
C GLU K 168 -40.32 6.30 -5.58
N VAL K 169 -39.73 5.65 -4.57
CA VAL K 169 -40.40 5.48 -3.28
C VAL K 169 -39.85 6.40 -2.21
N LEU K 170 -38.74 7.08 -2.46
CA LEU K 170 -38.16 7.96 -1.47
C LEU K 170 -39.07 9.16 -1.21
N GLN K 171 -39.23 9.50 0.06
CA GLN K 171 -40.11 10.56 0.52
C GLN K 171 -39.35 11.78 1.01
N TYR K 172 -38.25 11.55 1.72
CA TYR K 172 -37.58 12.57 2.52
C TYR K 172 -36.08 12.46 2.27
N LEU K 173 -35.51 13.46 1.60
CA LEU K 173 -34.07 13.50 1.37
C LEU K 173 -33.52 14.66 2.20
N GLY K 174 -33.00 14.33 3.38
CA GLY K 174 -32.43 15.32 4.27
C GLY K 174 -30.91 15.24 4.34
N LEU K 175 -30.24 16.21 3.70
CA LEU K 175 -28.78 16.27 3.69
C LEU K 175 -28.27 17.60 4.25
N ARG K 176 -29.10 18.29 5.04
CA ARG K 176 -28.77 19.64 5.48
C ARG K 176 -27.56 19.66 6.40
N GLY K 177 -26.63 20.57 6.12
CA GLY K 177 -25.55 20.86 7.05
C GLY K 177 -24.29 20.04 6.90
N ASN K 178 -24.08 19.40 5.75
CA ASN K 178 -22.86 18.65 5.52
C ASN K 178 -21.89 19.48 4.67
N MET K 179 -20.86 18.83 4.13
CA MET K 179 -19.86 19.51 3.32
C MET K 179 -19.88 18.91 1.92
N LEU K 180 -21.08 18.82 1.34
CA LEU K 180 -21.26 18.19 0.04
C LEU K 180 -20.92 19.19 -1.06
N THR K 181 -20.13 18.75 -2.04
CA THR K 181 -19.72 19.58 -3.16
C THR K 181 -20.39 19.07 -4.43
N GLY K 182 -19.98 19.63 -5.57
CA GLY K 182 -20.59 19.26 -6.83
C GLY K 182 -21.83 20.06 -7.15
N THR K 183 -22.75 19.48 -7.91
CA THR K 183 -23.89 20.20 -8.45
C THR K 183 -25.17 19.41 -8.24
N LEU K 184 -26.29 20.13 -8.26
CA LEU K 184 -27.56 19.48 -8.54
C LEU K 184 -27.54 18.90 -9.95
N SER K 185 -28.47 18.00 -10.21
CA SER K 185 -28.60 17.37 -11.52
C SER K 185 -30.01 17.57 -12.03
N SER K 186 -30.20 17.35 -13.32
CA SER K 186 -31.56 17.36 -13.86
C SER K 186 -32.30 16.11 -13.45
N ASP K 187 -31.58 14.98 -13.35
CA ASP K 187 -32.12 13.73 -12.84
C ASP K 187 -32.72 13.91 -11.46
N MET K 188 -32.50 15.09 -10.85
CA MET K 188 -33.16 15.43 -9.60
C MET K 188 -34.67 15.23 -9.70
N CYS K 189 -35.27 15.54 -10.86
CA CYS K 189 -36.72 15.39 -10.97
C CYS K 189 -37.15 13.94 -11.14
N GLN K 190 -36.23 12.99 -11.11
CA GLN K 190 -36.57 11.57 -11.11
C GLN K 190 -37.01 11.08 -9.73
N LEU K 191 -36.74 11.85 -8.69
CA LEU K 191 -37.30 11.57 -7.37
C LEU K 191 -38.81 11.75 -7.40
N THR K 192 -39.51 10.82 -8.06
CA THR K 192 -40.91 11.01 -8.41
C THR K 192 -41.85 10.89 -7.21
N GLY K 193 -41.36 10.40 -6.08
CA GLY K 193 -42.20 10.25 -4.90
C GLY K 193 -41.78 11.14 -3.75
N LEU K 194 -40.76 11.96 -3.97
CA LEU K 194 -40.23 12.80 -2.92
C LEU K 194 -41.19 13.96 -2.61
N TRP K 195 -41.31 14.28 -1.31
CA TRP K 195 -42.00 15.49 -0.89
C TRP K 195 -41.09 16.50 -0.19
N TYR K 196 -39.90 16.09 0.25
CA TYR K 196 -39.00 16.95 1.02
C TYR K 196 -37.58 16.82 0.48
N PHE K 197 -37.07 17.90 -0.10
CA PHE K 197 -35.71 17.95 -0.65
C PHE K 197 -34.94 19.04 0.09
N ASP K 198 -34.01 18.64 0.96
CA ASP K 198 -33.31 19.60 1.82
C ASP K 198 -31.81 19.35 1.69
N VAL K 199 -31.11 20.29 1.06
CA VAL K 199 -29.67 20.20 0.90
C VAL K 199 -29.02 21.50 1.39
N ARG K 200 -29.71 22.20 2.28
CA ARG K 200 -29.24 23.50 2.74
C ARG K 200 -27.98 23.35 3.57
N GLY K 201 -27.06 24.31 3.43
CA GLY K 201 -25.89 24.39 4.26
C GLY K 201 -24.68 23.62 3.77
N ASN K 202 -24.67 23.20 2.51
CA ASN K 202 -23.52 22.52 1.93
C ASN K 202 -22.70 23.50 1.10
N ASN K 203 -21.90 22.99 0.18
CA ASN K 203 -21.05 23.80 -0.69
C ASN K 203 -21.22 23.38 -2.14
N LEU K 204 -22.47 23.34 -2.62
CA LEU K 204 -22.75 22.90 -3.98
C LEU K 204 -22.72 24.07 -4.96
N THR K 205 -21.89 23.96 -5.98
CA THR K 205 -21.82 24.99 -7.01
C THR K 205 -22.81 24.66 -8.12
N GLY K 206 -22.66 25.26 -9.29
CA GLY K 206 -23.58 25.03 -10.39
C GLY K 206 -24.82 25.90 -10.28
N THR K 207 -25.79 25.57 -11.12
CA THR K 207 -27.04 26.32 -11.21
C THR K 207 -28.23 25.44 -10.87
N ILE K 208 -29.39 26.07 -10.74
CA ILE K 208 -30.65 25.37 -10.62
C ILE K 208 -30.98 24.75 -11.98
N PRO K 209 -31.20 23.44 -12.07
CA PRO K 209 -31.48 22.82 -13.38
C PRO K 209 -32.76 23.40 -13.98
N GLU K 210 -32.72 23.62 -15.30
CA GLU K 210 -33.84 24.28 -15.97
C GLU K 210 -35.09 23.39 -16.04
N SER K 211 -34.93 22.08 -15.88
CA SER K 211 -36.05 21.16 -15.92
C SER K 211 -36.65 20.91 -14.54
N ILE K 212 -36.32 21.75 -13.56
CA ILE K 212 -36.75 21.53 -12.19
C ILE K 212 -38.26 21.62 -12.04
N GLY K 213 -38.96 22.14 -13.05
CA GLY K 213 -40.41 22.15 -13.02
C GLY K 213 -41.05 20.81 -13.20
N ASN K 214 -40.27 19.78 -13.51
CA ASN K 214 -40.75 18.39 -13.54
C ASN K 214 -40.89 17.81 -12.15
N CYS K 215 -40.32 18.47 -11.13
CA CYS K 215 -40.32 17.98 -9.76
C CYS K 215 -41.62 18.38 -9.05
N THR K 216 -42.74 17.91 -9.60
CA THR K 216 -44.05 18.39 -9.17
C THR K 216 -44.56 17.73 -7.90
N SER K 217 -43.89 16.68 -7.42
CA SER K 217 -44.29 16.05 -6.17
C SER K 217 -43.74 16.75 -4.95
N PHE K 218 -42.74 17.63 -5.13
CA PHE K 218 -42.09 18.29 -4.01
C PHE K 218 -43.07 19.16 -3.23
N GLN K 219 -43.01 19.04 -1.91
CA GLN K 219 -43.73 19.94 -1.01
C GLN K 219 -42.82 20.98 -0.38
N ILE K 220 -41.53 20.69 -0.25
CA ILE K 220 -40.57 21.58 0.37
C ILE K 220 -39.26 21.45 -0.42
N LEU K 221 -38.88 22.53 -1.10
CA LEU K 221 -37.60 22.58 -1.82
C LEU K 221 -36.68 23.55 -1.09
N ASP K 222 -35.54 23.05 -0.64
CA ASP K 222 -34.62 23.82 0.19
C ASP K 222 -33.19 23.55 -0.29
N ILE K 223 -32.63 24.50 -1.03
CA ILE K 223 -31.25 24.43 -1.49
C ILE K 223 -30.45 25.62 -0.98
N SER K 224 -30.89 26.21 0.12
CA SER K 224 -30.39 27.50 0.58
C SER K 224 -28.96 27.38 1.11
N TYR K 225 -28.28 28.53 1.11
CA TYR K 225 -26.95 28.70 1.71
C TYR K 225 -25.94 27.72 1.10
N ASN K 226 -25.68 27.89 -0.20
CA ASN K 226 -25.05 26.79 -0.91
C ASN K 226 -24.05 27.23 -1.99
N GLN K 227 -23.99 28.53 -2.30
CA GLN K 227 -23.11 29.08 -3.34
C GLN K 227 -23.58 28.68 -4.76
N ILE K 228 -24.89 28.54 -4.96
CA ILE K 228 -25.43 28.23 -6.28
C ILE K 228 -25.55 29.51 -7.09
N THR K 229 -25.18 29.45 -8.38
CA THR K 229 -25.14 30.61 -9.26
C THR K 229 -26.23 30.48 -10.33
N GLY K 230 -26.16 31.35 -11.33
CA GLY K 230 -27.16 31.39 -12.39
C GLY K 230 -28.38 32.17 -11.96
N GLU K 231 -29.44 32.04 -12.75
CA GLU K 231 -30.70 32.71 -12.49
C GLU K 231 -31.72 31.69 -11.99
N ILE K 232 -32.91 32.19 -11.66
CA ILE K 232 -34.01 31.34 -11.21
C ILE K 232 -34.77 30.88 -12.45
N PRO K 233 -34.72 29.60 -12.82
CA PRO K 233 -35.35 29.17 -14.07
C PRO K 233 -36.83 29.45 -14.05
N TYR K 234 -37.37 29.72 -15.26
CA TYR K 234 -38.81 29.97 -15.39
C TYR K 234 -39.63 28.78 -14.90
N ASN K 235 -39.17 27.56 -15.17
CA ASN K 235 -39.93 26.36 -14.85
C ASN K 235 -40.11 26.17 -13.35
N ILE K 236 -39.43 26.96 -12.52
CA ILE K 236 -39.67 26.97 -11.08
C ILE K 236 -41.16 27.21 -10.82
N GLY K 237 -41.84 27.85 -11.77
CA GLY K 237 -43.27 28.13 -11.62
C GLY K 237 -44.18 26.92 -11.70
N PHE K 238 -43.67 25.77 -12.16
CA PHE K 238 -44.45 24.56 -12.21
C PHE K 238 -44.38 23.76 -10.92
N LEU K 239 -43.46 24.10 -10.02
CA LEU K 239 -43.40 23.43 -8.74
C LEU K 239 -44.72 23.61 -7.99
N GLN K 240 -45.05 22.61 -7.17
CA GLN K 240 -46.20 22.68 -6.30
C GLN K 240 -45.78 22.85 -4.85
N VAL K 241 -44.55 23.34 -4.64
CA VAL K 241 -44.01 23.44 -3.29
C VAL K 241 -44.84 24.41 -2.46
N ALA K 242 -44.85 24.16 -1.15
CA ALA K 242 -45.33 25.13 -0.18
C ALA K 242 -44.19 25.92 0.42
N THR K 243 -42.97 25.39 0.37
CA THR K 243 -41.78 26.06 0.86
C THR K 243 -40.77 26.09 -0.27
N LEU K 244 -40.38 27.30 -0.68
CA LEU K 244 -39.34 27.46 -1.68
C LEU K 244 -38.24 28.29 -1.03
N SER K 245 -37.13 27.62 -0.68
CA SER K 245 -36.06 28.18 0.14
C SER K 245 -34.77 28.21 -0.69
N LEU K 246 -34.53 29.35 -1.33
CA LEU K 246 -33.37 29.54 -2.18
C LEU K 246 -32.36 30.52 -1.59
N GLN K 247 -32.55 30.92 -0.33
CA GLN K 247 -31.80 32.04 0.24
C GLN K 247 -30.34 31.69 0.49
N GLY K 248 -29.51 32.74 0.64
CA GLY K 248 -28.14 32.55 1.03
C GLY K 248 -27.21 32.09 -0.08
N ASN K 249 -27.62 32.22 -1.33
CA ASN K 249 -26.84 31.76 -2.47
C ASN K 249 -26.26 32.96 -3.24
N ARG K 250 -25.95 32.72 -4.53
CA ARG K 250 -25.38 33.72 -5.42
C ARG K 250 -26.23 33.89 -6.68
N LEU K 251 -27.55 33.78 -6.52
CA LEU K 251 -28.47 33.89 -7.65
C LEU K 251 -28.46 35.32 -8.20
N THR K 252 -28.50 35.42 -9.52
CA THR K 252 -28.50 36.70 -10.21
C THR K 252 -29.74 36.81 -11.09
N GLY K 253 -29.97 38.00 -11.61
CA GLY K 253 -31.13 38.23 -12.45
C GLY K 253 -32.33 38.68 -11.67
N ARG K 254 -33.42 38.86 -12.41
CA ARG K 254 -34.68 39.30 -11.82
C ARG K 254 -35.43 38.11 -11.21
N ILE K 255 -36.47 38.43 -10.45
CA ILE K 255 -37.35 37.43 -9.86
C ILE K 255 -38.36 37.00 -10.92
N PRO K 256 -38.35 35.74 -11.36
CA PRO K 256 -39.32 35.30 -12.38
C PRO K 256 -40.76 35.58 -11.96
N GLU K 257 -41.48 36.32 -12.80
CA GLU K 257 -42.85 36.70 -12.52
C GLU K 257 -43.77 35.49 -12.34
N VAL K 258 -43.42 34.36 -12.94
CA VAL K 258 -44.25 33.16 -12.88
C VAL K 258 -44.43 32.66 -11.46
N ILE K 259 -43.51 33.02 -10.56
CA ILE K 259 -43.63 32.65 -9.15
C ILE K 259 -44.94 33.16 -8.57
N GLY K 260 -45.53 34.18 -9.20
CA GLY K 260 -46.80 34.71 -8.74
C GLY K 260 -48.00 33.81 -8.97
N LEU K 261 -47.85 32.73 -9.73
CA LEU K 261 -48.93 31.79 -9.98
C LEU K 261 -48.89 30.58 -9.05
N MET K 262 -47.81 30.42 -8.29
CA MET K 262 -47.64 29.29 -7.36
C MET K 262 -48.46 29.54 -6.11
N GLN K 263 -49.78 29.38 -6.25
CA GLN K 263 -50.69 29.76 -5.16
C GLN K 263 -50.68 28.78 -4.00
N ALA K 264 -50.10 27.59 -4.16
CA ALA K 264 -49.93 26.70 -3.03
C ALA K 264 -48.78 27.10 -2.12
N LEU K 265 -47.91 28.00 -2.60
CA LEU K 265 -46.78 28.50 -1.84
C LEU K 265 -47.21 29.03 -0.47
N ALA K 266 -46.46 28.67 0.57
CA ALA K 266 -46.67 29.21 1.91
C ALA K 266 -45.46 29.89 2.50
N VAL K 267 -44.25 29.61 2.00
CA VAL K 267 -43.03 30.27 2.44
C VAL K 267 -42.18 30.50 1.21
N LEU K 268 -41.86 31.77 0.92
CA LEU K 268 -41.03 32.10 -0.21
C LEU K 268 -39.83 32.88 0.29
N ASP K 269 -38.63 32.32 0.10
CA ASP K 269 -37.41 32.90 0.64
C ASP K 269 -36.38 32.99 -0.48
N LEU K 270 -36.22 34.20 -1.03
CA LEU K 270 -35.25 34.48 -2.07
C LEU K 270 -34.11 35.37 -1.59
N SER K 271 -33.94 35.47 -0.27
CA SER K 271 -33.12 36.50 0.34
C SER K 271 -31.62 36.15 0.25
N ASP K 272 -30.80 37.15 0.60
CA ASP K 272 -29.34 37.01 0.67
C ASP K 272 -28.76 36.44 -0.63
N ASN K 273 -29.25 36.95 -1.76
CA ASN K 273 -28.66 36.63 -3.06
C ASN K 273 -28.12 37.90 -3.72
N GLU K 274 -28.05 37.91 -5.05
CA GLU K 274 -27.64 39.09 -5.81
C GLU K 274 -28.69 39.41 -6.86
N LEU K 275 -29.97 39.28 -6.49
CA LEU K 275 -31.06 39.55 -7.41
C LEU K 275 -31.15 41.05 -7.69
N VAL K 276 -31.81 41.37 -8.81
CA VAL K 276 -31.93 42.74 -9.29
C VAL K 276 -33.35 42.92 -9.81
N GLY K 277 -33.65 44.15 -10.21
CA GLY K 277 -34.95 44.49 -10.75
C GLY K 277 -36.02 44.68 -9.69
N PRO K 278 -37.26 44.82 -10.13
CA PRO K 278 -38.35 45.16 -9.21
C PRO K 278 -38.91 43.93 -8.51
N ILE K 279 -39.68 44.21 -7.46
CA ILE K 279 -40.52 43.22 -6.80
C ILE K 279 -41.74 43.01 -7.70
N PRO K 280 -41.89 41.85 -8.34
CA PRO K 280 -43.03 41.64 -9.24
C PRO K 280 -44.34 41.81 -8.51
N PRO K 281 -45.22 42.68 -9.01
CA PRO K 281 -46.51 42.90 -8.33
C PRO K 281 -47.43 41.70 -8.32
N ILE K 282 -47.19 40.72 -9.22
CA ILE K 282 -48.03 39.53 -9.27
C ILE K 282 -47.97 38.77 -7.95
N LEU K 283 -46.88 38.93 -7.18
CA LEU K 283 -46.77 38.37 -5.85
C LEU K 283 -47.97 38.68 -4.98
N GLY K 284 -48.77 39.69 -5.36
CA GLY K 284 -49.96 40.03 -4.61
C GLY K 284 -50.95 38.89 -4.53
N ASN K 285 -51.11 38.13 -5.62
CA ASN K 285 -52.10 37.06 -5.63
C ASN K 285 -51.58 35.77 -5.00
N LEU K 286 -50.45 35.85 -4.29
CA LEU K 286 -49.97 34.74 -3.45
C LEU K 286 -50.73 34.75 -2.11
N SER K 287 -52.03 34.50 -2.20
CA SER K 287 -52.94 34.65 -1.08
C SER K 287 -52.81 33.57 -0.01
N PHE K 288 -51.85 32.65 -0.07
CA PHE K 288 -51.67 31.67 1.01
C PHE K 288 -50.29 31.71 1.65
N THR K 289 -49.37 32.55 1.17
CA THR K 289 -48.06 32.64 1.78
C THR K 289 -48.10 33.49 3.04
N GLY K 290 -47.33 33.08 4.04
CA GLY K 290 -47.26 33.79 5.30
C GLY K 290 -45.89 34.36 5.55
N LYS K 291 -44.89 33.87 4.81
CA LYS K 291 -43.52 34.37 4.89
C LYS K 291 -43.05 34.80 3.51
N LEU K 292 -42.69 36.08 3.39
CA LEU K 292 -42.07 36.63 2.20
C LEU K 292 -40.73 37.23 2.62
N TYR K 293 -39.65 36.54 2.29
CA TYR K 293 -38.31 36.98 2.66
C TYR K 293 -37.55 37.34 1.38
N LEU K 294 -37.52 38.64 1.07
CA LEU K 294 -36.78 39.14 -0.08
C LEU K 294 -35.60 40.03 0.32
N HIS K 295 -35.18 39.97 1.58
CA HIS K 295 -34.18 40.90 2.08
C HIS K 295 -32.77 40.57 1.55
N GLY K 296 -31.89 41.56 1.62
CA GLY K 296 -30.49 41.34 1.31
C GLY K 296 -30.14 41.15 -0.15
N ASN K 297 -30.90 41.74 -1.06
CA ASN K 297 -30.63 41.68 -2.50
C ASN K 297 -30.27 43.07 -3.03
N MET K 298 -30.55 43.31 -4.31
CA MET K 298 -30.43 44.63 -4.93
C MET K 298 -31.71 44.97 -5.66
N LEU K 299 -32.84 44.67 -5.03
CA LEU K 299 -34.13 44.96 -5.61
C LEU K 299 -34.33 46.46 -5.77
N THR K 300 -35.29 46.84 -6.59
CA THR K 300 -35.41 48.20 -7.07
C THR K 300 -36.90 48.54 -7.15
N GLY K 301 -37.23 49.81 -6.97
CA GLY K 301 -38.61 50.22 -7.08
C GLY K 301 -39.35 50.12 -5.77
N PRO K 302 -40.67 50.06 -5.85
CA PRO K 302 -41.51 50.22 -4.65
C PRO K 302 -41.70 48.93 -3.89
N ILE K 303 -42.29 49.07 -2.71
CA ILE K 303 -43.01 47.99 -2.04
C ILE K 303 -44.34 47.96 -2.80
N PRO K 304 -44.60 46.96 -3.63
CA PRO K 304 -45.86 46.95 -4.38
C PRO K 304 -47.05 46.93 -3.44
N SER K 305 -48.01 47.82 -3.70
CA SER K 305 -49.20 47.87 -2.85
C SER K 305 -50.01 46.59 -2.94
N GLU K 306 -49.82 45.81 -4.01
CA GLU K 306 -50.44 44.50 -4.10
C GLU K 306 -49.96 43.56 -3.00
N LEU K 307 -48.84 43.88 -2.34
CA LEU K 307 -48.43 43.11 -1.18
C LEU K 307 -49.49 43.13 -0.08
N GLY K 308 -50.37 44.13 -0.09
CA GLY K 308 -51.47 44.17 0.86
C GLY K 308 -52.60 43.21 0.55
N ASN K 309 -52.61 42.64 -0.65
CA ASN K 309 -53.59 41.62 -1.00
C ASN K 309 -53.23 40.24 -0.46
N MET K 310 -52.01 40.06 0.06
CA MET K 310 -51.62 38.80 0.67
C MET K 310 -52.31 38.66 2.03
N SER K 311 -53.51 38.09 2.03
CA SER K 311 -54.33 38.04 3.24
C SER K 311 -53.59 37.40 4.40
N ARG K 312 -52.82 36.34 4.13
CA ARG K 312 -52.23 35.53 5.19
C ARG K 312 -50.77 35.87 5.45
N LEU K 313 -50.26 36.97 4.91
CA LEU K 313 -48.87 37.34 5.14
C LEU K 313 -48.66 37.67 6.62
N SER K 314 -47.59 37.11 7.20
CA SER K 314 -47.32 37.29 8.62
C SER K 314 -45.89 37.76 8.89
N TYR K 315 -44.96 37.40 8.00
CA TYR K 315 -43.56 37.74 8.15
C TYR K 315 -43.09 38.35 6.84
N LEU K 316 -42.84 39.65 6.83
CA LEU K 316 -42.45 40.33 5.60
C LEU K 316 -41.12 41.03 5.85
N GLN K 317 -40.07 40.55 5.19
CA GLN K 317 -38.73 41.12 5.32
C GLN K 317 -38.25 41.58 3.94
N LEU K 318 -38.18 42.90 3.77
CA LEU K 318 -37.68 43.50 2.53
C LEU K 318 -36.43 44.35 2.77
N ASN K 319 -35.73 44.10 3.88
CA ASN K 319 -34.64 44.99 4.27
C ASN K 319 -33.42 44.79 3.37
N ASP K 320 -32.44 45.69 3.55
CA ASP K 320 -31.16 45.62 2.86
C ASP K 320 -31.32 45.46 1.35
N ASN K 321 -32.17 46.32 0.77
CA ASN K 321 -32.37 46.35 -0.67
C ASN K 321 -32.11 47.76 -1.20
N LYS K 322 -32.78 48.16 -2.27
CA LYS K 322 -32.68 49.50 -2.82
C LYS K 322 -34.05 50.04 -3.19
N LEU K 323 -35.06 49.70 -2.40
CA LEU K 323 -36.42 50.13 -2.69
C LEU K 323 -36.59 51.62 -2.47
N VAL K 324 -37.53 52.22 -3.21
CA VAL K 324 -37.74 53.66 -3.15
C VAL K 324 -39.22 53.95 -2.93
N GLY K 325 -39.59 55.22 -3.00
CA GLY K 325 -40.98 55.57 -2.84
C GLY K 325 -41.46 55.51 -1.40
N THR K 326 -42.77 55.45 -1.25
CA THR K 326 -43.42 55.44 0.05
C THR K 326 -43.81 54.03 0.48
N ILE K 327 -44.03 53.90 1.78
CA ILE K 327 -44.61 52.70 2.37
C ILE K 327 -46.08 52.70 1.96
N PRO K 328 -46.55 51.70 1.23
CA PRO K 328 -47.94 51.72 0.75
C PRO K 328 -48.92 51.62 1.90
N PRO K 329 -49.93 52.50 1.96
CA PRO K 329 -50.95 52.38 3.01
C PRO K 329 -51.71 51.06 2.96
N GLU K 330 -51.76 50.42 1.79
CA GLU K 330 -52.47 49.15 1.65
C GLU K 330 -51.86 48.04 2.50
N LEU K 331 -50.62 48.21 2.96
CA LEU K 331 -50.04 47.29 3.95
C LEU K 331 -50.90 47.17 5.19
N GLY K 332 -51.79 48.13 5.43
CA GLY K 332 -52.70 48.03 6.57
C GLY K 332 -53.81 47.01 6.39
N LYS K 333 -53.94 46.41 5.20
CA LYS K 333 -54.89 45.32 5.04
C LYS K 333 -54.40 44.03 5.66
N LEU K 334 -53.09 43.91 5.90
CA LEU K 334 -52.49 42.70 6.44
C LEU K 334 -52.81 42.61 7.93
N GLU K 335 -54.04 42.17 8.21
CA GLU K 335 -54.48 42.08 9.60
C GLU K 335 -53.69 41.06 10.39
N GLN K 336 -53.06 40.09 9.72
CA GLN K 336 -52.30 39.05 10.38
C GLN K 336 -50.79 39.27 10.28
N LEU K 337 -50.36 40.46 9.86
CA LEU K 337 -48.93 40.73 9.78
C LEU K 337 -48.32 40.75 11.18
N PHE K 338 -47.27 39.97 11.38
CA PHE K 338 -46.60 39.85 12.67
C PHE K 338 -45.28 40.58 12.73
N GLU K 339 -44.46 40.51 11.68
CA GLU K 339 -43.17 41.17 11.66
C GLU K 339 -42.98 41.87 10.33
N LEU K 340 -42.57 43.15 10.40
CA LEU K 340 -42.37 43.99 9.22
C LEU K 340 -40.98 44.61 9.32
N ASN K 341 -40.10 44.25 8.39
CA ASN K 341 -38.73 44.74 8.40
C ASN K 341 -38.43 45.39 7.05
N LEU K 342 -38.54 46.71 6.99
CA LEU K 342 -38.23 47.48 5.79
C LEU K 342 -36.91 48.24 5.91
N ALA K 343 -36.01 47.79 6.79
CA ALA K 343 -34.82 48.56 7.13
C ALA K 343 -33.89 48.70 5.93
N ASN K 344 -32.97 49.66 6.06
CA ASN K 344 -31.85 49.86 5.12
C ASN K 344 -32.32 49.93 3.66
N ASN K 345 -33.22 50.89 3.41
CA ASN K 345 -33.67 51.13 2.04
C ASN K 345 -33.54 52.61 1.67
N ARG K 346 -34.41 53.09 0.77
CA ARG K 346 -34.46 54.48 0.34
C ARG K 346 -35.91 54.97 0.32
N LEU K 347 -36.74 54.37 1.17
CA LEU K 347 -38.13 54.76 1.27
C LEU K 347 -38.27 56.21 1.70
N VAL K 348 -39.47 56.75 1.51
CA VAL K 348 -39.70 58.18 1.56
C VAL K 348 -41.10 58.40 2.10
N GLY K 349 -41.31 59.54 2.75
CA GLY K 349 -42.62 59.94 3.18
C GLY K 349 -42.97 59.46 4.56
N PRO K 350 -44.23 59.66 4.94
CA PRO K 350 -44.67 59.31 6.30
C PRO K 350 -44.84 57.81 6.49
N ILE K 351 -44.73 57.40 7.74
CA ILE K 351 -45.21 56.09 8.17
C ILE K 351 -46.73 56.15 8.03
N PRO K 352 -47.34 55.29 7.20
CA PRO K 352 -48.79 55.41 6.97
C PRO K 352 -49.56 55.17 8.25
N SER K 353 -50.60 56.00 8.45
CA SER K 353 -51.48 55.79 9.60
C SER K 353 -52.21 54.47 9.50
N ASN K 354 -52.59 54.06 8.27
CA ASN K 354 -53.37 52.85 8.06
C ASN K 354 -52.66 51.61 8.59
N ILE K 355 -51.35 51.69 8.85
CA ILE K 355 -50.58 50.54 9.30
C ILE K 355 -50.92 50.24 10.76
N SER K 356 -51.82 51.03 11.35
CA SER K 356 -52.28 50.71 12.70
C SER K 356 -53.36 49.64 12.68
N SER K 357 -53.83 49.23 11.49
CA SER K 357 -54.79 48.14 11.37
C SER K 357 -54.14 46.78 11.45
N CYS K 358 -52.81 46.70 11.32
CA CYS K 358 -52.05 45.47 11.60
C CYS K 358 -51.99 45.32 13.12
N ALA K 359 -53.10 44.87 13.69
CA ALA K 359 -53.22 44.79 15.14
C ALA K 359 -52.19 43.84 15.72
N ALA K 360 -52.05 42.66 15.13
CA ALA K 360 -51.11 41.66 15.62
C ALA K 360 -49.65 42.00 15.32
N LEU K 361 -49.38 43.14 14.70
CA LEU K 361 -48.01 43.52 14.37
C LEU K 361 -47.14 43.49 15.63
N ASN K 362 -45.98 42.86 15.52
CA ASN K 362 -45.17 42.53 16.68
C ASN K 362 -43.76 43.09 16.61
N GLN K 363 -43.17 43.20 15.43
CA GLN K 363 -41.88 43.85 15.25
C GLN K 363 -41.98 44.78 14.05
N PHE K 364 -41.52 46.01 14.22
CA PHE K 364 -41.60 47.04 13.21
C PHE K 364 -40.23 47.71 13.10
N ASN K 365 -39.59 47.57 11.94
CA ASN K 365 -38.21 48.04 11.77
C ASN K 365 -38.12 48.75 10.43
N VAL K 366 -37.95 50.08 10.47
CA VAL K 366 -37.79 50.90 9.28
C VAL K 366 -36.46 51.65 9.33
N HIS K 367 -35.50 51.10 10.05
CA HIS K 367 -34.21 51.76 10.24
C HIS K 367 -33.50 52.04 8.91
N GLY K 368 -32.86 53.20 8.82
CA GLY K 368 -31.95 53.47 7.73
C GLY K 368 -32.58 53.92 6.43
N ASN K 369 -33.69 54.66 6.51
CA ASN K 369 -34.39 55.12 5.32
C ASN K 369 -34.32 56.65 5.24
N LEU K 370 -35.33 57.27 4.62
CA LEU K 370 -35.48 58.71 4.52
C LEU K 370 -36.93 59.10 4.84
N LEU K 371 -37.57 58.36 5.75
CA LEU K 371 -38.95 58.63 6.06
C LEU K 371 -39.07 59.97 6.77
N SER K 372 -40.27 60.54 6.72
CA SER K 372 -40.48 61.92 7.10
C SER K 372 -41.73 62.00 7.97
N GLY K 373 -42.02 63.20 8.44
CA GLY K 373 -43.21 63.44 9.23
C GLY K 373 -43.04 62.98 10.67
N SER K 374 -44.17 62.92 11.36
CA SER K 374 -44.23 62.51 12.75
C SER K 374 -44.74 61.07 12.86
N ILE K 375 -44.49 60.47 14.02
CA ILE K 375 -45.12 59.21 14.37
C ILE K 375 -46.62 59.45 14.48
N PRO K 376 -47.44 58.81 13.64
CA PRO K 376 -48.89 59.01 13.76
C PRO K 376 -49.38 58.53 15.11
N LEU K 377 -50.51 59.10 15.54
CA LEU K 377 -51.04 58.69 16.83
C LEU K 377 -51.53 57.26 16.81
N ALA K 378 -52.02 56.79 15.67
CA ALA K 378 -52.64 55.47 15.65
C ALA K 378 -51.69 54.35 15.99
N PHE K 379 -50.39 54.64 16.16
CA PHE K 379 -49.45 53.65 16.65
C PHE K 379 -49.75 53.20 18.07
N ARG K 380 -50.58 53.94 18.81
CA ARG K 380 -50.99 53.50 20.14
C ARG K 380 -51.91 52.30 20.08
N ASN K 381 -52.45 51.99 18.89
CA ASN K 381 -53.30 50.82 18.71
C ASN K 381 -52.48 49.54 18.52
N LEU K 382 -51.19 49.68 18.20
CA LEU K 382 -50.32 48.54 18.04
C LEU K 382 -50.01 47.94 19.41
N GLY K 383 -51.00 47.29 20.02
CA GLY K 383 -50.84 46.79 21.37
C GLY K 383 -49.79 45.70 21.48
N SER K 384 -49.73 44.82 20.50
CA SER K 384 -48.81 43.67 20.53
C SER K 384 -47.40 44.03 20.08
N LEU K 385 -47.17 45.28 19.67
CA LEU K 385 -45.85 45.68 19.22
C LEU K 385 -44.80 45.40 20.30
N THR K 386 -43.60 45.01 19.88
CA THR K 386 -42.57 44.54 20.78
C THR K 386 -41.21 45.14 20.45
N TYR K 387 -40.89 45.19 19.16
CA TYR K 387 -39.65 45.76 18.66
C TYR K 387 -40.01 46.97 17.81
N LEU K 388 -39.45 48.13 18.12
CA LEU K 388 -39.79 49.34 17.37
C LEU K 388 -38.50 50.08 17.05
N ASN K 389 -38.00 49.89 15.84
CA ASN K 389 -36.73 50.47 15.40
C ASN K 389 -37.03 51.47 14.28
N LEU K 390 -37.28 52.73 14.66
CA LEU K 390 -37.44 53.84 13.73
C LEU K 390 -36.13 54.59 13.49
N SER K 391 -35.00 53.99 13.87
CA SER K 391 -33.74 54.72 13.95
C SER K 391 -33.27 55.16 12.57
N SER K 392 -32.27 56.04 12.58
CA SER K 392 -31.64 56.62 11.38
C SER K 392 -32.65 57.00 10.30
N ASN K 393 -33.42 58.05 10.53
CA ASN K 393 -34.41 58.51 9.58
C ASN K 393 -34.48 60.04 9.63
N ASN K 394 -35.62 60.60 9.23
CA ASN K 394 -35.84 62.04 9.21
C ASN K 394 -37.18 62.38 9.84
N PHE K 395 -37.56 61.67 10.90
CA PHE K 395 -38.80 61.97 11.59
C PHE K 395 -38.68 63.25 12.40
N LYS K 396 -39.81 63.94 12.57
CA LYS K 396 -39.84 65.15 13.37
C LYS K 396 -41.03 65.09 14.32
N GLY K 397 -41.29 66.19 15.03
CA GLY K 397 -42.32 66.18 16.05
C GLY K 397 -41.80 65.68 17.38
N LYS K 398 -42.73 65.48 18.30
CA LYS K 398 -42.39 65.04 19.65
C LYS K 398 -42.66 63.54 19.81
N ILE K 399 -41.84 62.90 20.63
CA ILE K 399 -42.09 61.51 21.01
C ILE K 399 -43.46 61.46 21.67
N PRO K 400 -44.41 60.70 21.12
CA PRO K 400 -45.77 60.76 21.66
C PRO K 400 -45.85 60.21 23.07
N VAL K 401 -46.67 60.87 23.90
CA VAL K 401 -47.00 60.31 25.21
C VAL K 401 -47.54 58.89 25.06
N GLU K 402 -48.40 58.68 24.05
CA GLU K 402 -49.05 57.39 23.86
C GLU K 402 -48.06 56.27 23.60
N LEU K 403 -46.85 56.61 23.12
CA LEU K 403 -45.82 55.60 22.91
C LEU K 403 -45.54 54.81 24.19
N GLY K 404 -45.76 55.41 25.36
CA GLY K 404 -45.51 54.71 26.60
C GLY K 404 -46.56 53.67 26.96
N HIS K 405 -47.70 53.67 26.26
CA HIS K 405 -48.79 52.77 26.56
C HIS K 405 -48.72 51.47 25.76
N ILE K 406 -47.56 51.16 25.19
CA ILE K 406 -47.34 49.90 24.47
C ILE K 406 -46.59 49.01 25.47
N ILE K 407 -47.36 48.28 26.27
CA ILE K 407 -46.85 47.69 27.52
C ILE K 407 -45.76 46.65 27.25
N ASN K 408 -45.76 46.04 26.07
CA ASN K 408 -44.88 44.92 25.79
C ASN K 408 -43.60 45.33 25.04
N LEU K 409 -43.38 46.63 24.86
CA LEU K 409 -42.14 47.09 24.23
C LEU K 409 -40.93 46.65 25.04
N ASP K 410 -39.97 46.00 24.37
CA ASP K 410 -38.69 45.68 24.98
C ASP K 410 -37.48 46.26 24.26
N LYS K 411 -37.63 46.74 23.03
CA LYS K 411 -36.55 47.42 22.33
C LYS K 411 -37.14 48.61 21.59
N LEU K 412 -36.65 49.81 21.92
CA LEU K 412 -37.18 51.06 21.37
C LEU K 412 -36.00 51.91 20.90
N ASP K 413 -35.89 52.06 19.58
CA ASP K 413 -34.82 52.85 18.96
C ASP K 413 -35.44 53.95 18.12
N LEU K 414 -35.36 55.18 18.61
CA LEU K 414 -35.76 56.37 17.88
C LEU K 414 -34.55 57.21 17.47
N SER K 415 -33.35 56.64 17.57
CA SER K 415 -32.12 57.42 17.43
C SER K 415 -31.93 57.90 15.99
N GLY K 416 -31.08 58.90 15.84
CA GLY K 416 -30.74 59.40 14.52
C GLY K 416 -31.86 60.12 13.79
N ASN K 417 -32.76 60.77 14.53
CA ASN K 417 -33.84 61.52 13.90
C ASN K 417 -33.82 63.00 14.25
N ASN K 418 -34.98 63.65 14.17
CA ASN K 418 -35.15 65.06 14.49
C ASN K 418 -36.35 65.26 15.41
N PHE K 419 -36.43 64.46 16.47
CA PHE K 419 -37.52 64.58 17.43
C PHE K 419 -37.32 65.81 18.31
N SER K 420 -38.42 66.45 18.66
CA SER K 420 -38.42 67.68 19.43
C SER K 420 -39.17 67.45 20.75
N GLY K 421 -39.30 68.52 21.52
CA GLY K 421 -39.96 68.45 22.80
C GLY K 421 -39.13 67.71 23.85
N SER K 422 -39.77 67.44 24.98
CA SER K 422 -39.16 66.71 26.07
C SER K 422 -39.61 65.26 26.06
N ILE K 423 -38.84 64.41 26.73
CA ILE K 423 -39.15 62.98 26.78
C ILE K 423 -40.42 62.77 27.59
N PRO K 424 -41.40 62.02 27.08
CA PRO K 424 -42.61 61.76 27.88
C PRO K 424 -42.27 60.93 29.11
N LEU K 425 -42.95 61.23 30.21
CA LEU K 425 -42.72 60.49 31.44
C LEU K 425 -43.26 59.06 31.34
N THR K 426 -44.20 58.82 30.42
CA THR K 426 -44.75 57.48 30.26
C THR K 426 -43.70 56.48 29.79
N LEU K 427 -42.66 56.96 29.09
CA LEU K 427 -41.54 56.09 28.76
C LEU K 427 -40.98 55.40 29.98
N GLY K 428 -41.13 56.01 31.16
CA GLY K 428 -40.62 55.42 32.39
C GLY K 428 -41.37 54.17 32.81
N ASP K 429 -42.63 54.03 32.40
CA ASP K 429 -43.42 52.86 32.78
C ASP K 429 -43.55 51.85 31.64
N LEU K 430 -42.49 51.66 30.85
CA LEU K 430 -42.37 50.51 29.96
C LEU K 430 -41.69 49.43 30.79
N GLU K 431 -42.51 48.68 31.52
CA GLU K 431 -42.03 47.73 32.52
C GLU K 431 -41.00 46.76 31.96
N HIS K 432 -41.23 46.26 30.75
CA HIS K 432 -40.40 45.21 30.16
C HIS K 432 -39.33 45.73 29.22
N LEU K 433 -39.25 47.04 29.04
CA LEU K 433 -38.24 47.64 28.16
C LEU K 433 -36.83 47.20 28.56
N LEU K 434 -36.07 46.68 27.58
CA LEU K 434 -34.68 46.33 27.79
C LEU K 434 -33.68 47.31 27.17
N ILE K 435 -33.99 47.88 26.01
CA ILE K 435 -33.08 48.80 25.35
C ILE K 435 -33.85 50.05 24.95
N LEU K 436 -33.29 51.22 25.28
CA LEU K 436 -33.92 52.51 25.01
C LEU K 436 -32.86 53.42 24.43
N ASN K 437 -32.84 53.55 23.10
CA ASN K 437 -31.87 54.41 22.41
C ASN K 437 -32.62 55.60 21.80
N LEU K 438 -32.49 56.77 22.44
CA LEU K 438 -33.07 58.02 21.95
C LEU K 438 -32.01 58.99 21.44
N SER K 439 -30.79 58.54 21.20
CA SER K 439 -29.69 59.44 20.93
C SER K 439 -29.85 60.12 19.56
N ARG K 440 -29.10 61.20 19.37
CA ARG K 440 -29.01 61.90 18.08
C ARG K 440 -30.38 62.43 17.64
N ASN K 441 -30.89 63.38 18.43
CA ASN K 441 -32.12 64.08 18.11
C ASN K 441 -31.98 65.53 18.59
N HIS K 442 -33.12 66.20 18.77
CA HIS K 442 -33.18 67.54 19.33
C HIS K 442 -34.05 67.57 20.59
N LEU K 443 -33.98 66.50 21.37
CA LEU K 443 -34.77 66.44 22.61
C LEU K 443 -34.28 67.47 23.62
N SER K 444 -35.22 68.12 24.28
CA SER K 444 -34.94 69.14 25.27
C SER K 444 -35.60 68.75 26.58
N GLY K 445 -35.50 69.63 27.58
CA GLY K 445 -36.06 69.34 28.88
C GLY K 445 -35.10 68.53 29.74
N GLN K 446 -35.65 67.98 30.81
CA GLN K 446 -34.88 67.18 31.75
C GLN K 446 -34.90 65.70 31.35
N LEU K 447 -33.85 64.99 31.75
CA LEU K 447 -33.85 63.53 31.72
C LEU K 447 -34.84 63.03 32.75
N PRO K 448 -35.91 62.32 32.36
CA PRO K 448 -36.99 62.03 33.31
C PRO K 448 -36.54 61.10 34.42
N ALA K 449 -36.89 61.48 35.66
CA ALA K 449 -36.64 60.61 36.81
C ALA K 449 -37.48 59.34 36.77
N GLU K 450 -38.61 59.36 36.06
CA GLU K 450 -39.43 58.17 35.92
C GLU K 450 -38.69 57.02 35.23
N PHE K 451 -37.57 57.31 34.56
CA PHE K 451 -36.71 56.26 34.05
C PHE K 451 -36.27 55.29 35.15
N GLY K 452 -36.37 55.69 36.42
CA GLY K 452 -36.08 54.78 37.50
C GLY K 452 -37.02 53.59 37.58
N ASN K 453 -38.22 53.72 37.03
CA ASN K 453 -39.19 52.63 37.04
C ASN K 453 -38.92 51.58 35.98
N LEU K 454 -37.92 51.80 35.10
CA LEU K 454 -37.55 50.83 34.08
C LEU K 454 -36.87 49.65 34.77
N ARG K 455 -37.71 48.78 35.34
CA ARG K 455 -37.23 47.62 36.09
C ARG K 455 -36.17 46.86 35.34
N SER K 456 -36.49 46.45 34.11
CA SER K 456 -35.69 45.50 33.35
C SER K 456 -34.60 46.16 32.51
N ILE K 457 -34.58 47.49 32.44
CA ILE K 457 -33.71 48.16 31.46
C ILE K 457 -32.26 47.77 31.66
N GLN K 458 -31.54 47.63 30.54
CA GLN K 458 -30.11 47.34 30.54
C GLN K 458 -29.28 48.34 29.75
N MET K 459 -29.89 49.11 28.85
CA MET K 459 -29.18 50.11 28.06
C MET K 459 -30.03 51.34 27.87
N ILE K 460 -29.47 52.50 28.20
CA ILE K 460 -30.14 53.79 28.04
C ILE K 460 -29.17 54.73 27.33
N ASP K 461 -29.54 55.17 26.13
CA ASP K 461 -28.75 56.11 25.35
C ASP K 461 -29.64 57.30 24.98
N VAL K 462 -29.22 58.50 25.41
CA VAL K 462 -29.92 59.73 25.08
C VAL K 462 -28.90 60.80 24.70
N SER K 463 -27.74 60.37 24.21
CA SER K 463 -26.65 61.28 23.89
C SER K 463 -27.01 62.15 22.67
N PHE K 464 -26.20 63.18 22.46
CA PHE K 464 -26.34 64.09 21.32
C PHE K 464 -27.76 64.65 21.22
N ASN K 465 -28.20 65.29 22.30
CA ASN K 465 -29.47 65.99 22.33
C ASN K 465 -29.30 67.38 22.91
N LEU K 466 -30.38 67.94 23.45
CA LEU K 466 -30.34 69.22 24.16
C LEU K 466 -30.87 69.06 25.58
N LEU K 467 -30.68 67.87 26.16
CA LEU K 467 -31.19 67.60 27.49
C LEU K 467 -30.52 68.49 28.52
N SER K 468 -31.32 69.07 29.40
CA SER K 468 -30.86 69.98 30.44
C SER K 468 -31.21 69.39 31.80
N GLY K 469 -31.01 70.18 32.85
CA GLY K 469 -31.29 69.71 34.18
C GLY K 469 -30.17 68.82 34.72
N VAL K 470 -30.56 67.87 35.57
CA VAL K 470 -29.62 67.07 36.34
C VAL K 470 -29.72 65.62 35.89
N ILE K 471 -28.65 64.87 36.11
CA ILE K 471 -28.68 63.42 35.97
C ILE K 471 -29.64 62.88 37.02
N PRO K 472 -30.75 62.24 36.64
CA PRO K 472 -31.69 61.76 37.64
C PRO K 472 -31.01 60.80 38.62
N THR K 473 -31.23 61.06 39.91
CA THR K 473 -30.59 60.24 40.93
C THR K 473 -31.28 58.90 41.11
N GLU K 474 -32.49 58.73 40.58
CA GLU K 474 -33.20 57.47 40.71
C GLU K 474 -32.66 56.40 39.76
N LEU K 475 -31.79 56.76 38.83
CA LEU K 475 -31.14 55.77 37.97
C LEU K 475 -30.39 54.72 38.79
N GLY K 476 -30.00 55.05 40.03
CA GLY K 476 -29.39 54.07 40.91
C GLY K 476 -30.27 52.86 41.21
N GLN K 477 -31.59 53.00 41.03
CA GLN K 477 -32.48 51.86 41.27
C GLN K 477 -32.41 50.81 40.18
N LEU K 478 -31.75 51.10 39.05
CA LEU K 478 -31.78 50.23 37.88
C LEU K 478 -30.76 49.12 38.08
N GLN K 479 -31.26 47.90 38.35
CA GLN K 479 -30.41 46.78 38.74
C GLN K 479 -29.86 45.99 37.56
N ASN K 480 -30.34 46.24 36.35
CA ASN K 480 -29.83 45.59 35.16
C ASN K 480 -29.13 46.55 34.21
N LEU K 481 -29.23 47.85 34.45
CA LEU K 481 -28.59 48.87 33.61
C LEU K 481 -27.09 48.67 33.56
N ASN K 482 -26.57 48.24 32.40
CA ASN K 482 -25.15 48.07 32.19
C ASN K 482 -24.52 49.10 31.28
N SER K 483 -25.31 49.88 30.54
CA SER K 483 -24.81 50.94 29.67
C SER K 483 -25.65 52.20 29.84
N LEU K 484 -25.02 53.26 30.34
CA LEU K 484 -25.67 54.56 30.54
C LEU K 484 -24.88 55.60 29.75
N ILE K 485 -25.45 56.06 28.64
CA ILE K 485 -24.77 56.94 27.70
C ILE K 485 -25.53 58.26 27.67
N LEU K 486 -24.95 59.32 28.24
CA LEU K 486 -25.61 60.61 28.35
C LEU K 486 -24.82 61.75 27.69
N ASN K 487 -23.77 61.44 26.93
CA ASN K 487 -22.83 62.47 26.50
C ASN K 487 -23.48 63.46 25.53
N ASN K 488 -22.76 64.56 25.29
CA ASN K 488 -23.17 65.61 24.37
C ASN K 488 -24.61 66.07 24.63
N ASN K 489 -24.84 66.50 25.85
CA ASN K 489 -26.08 67.19 26.20
C ASN K 489 -25.70 68.49 26.91
N LYS K 490 -26.63 69.02 27.70
CA LYS K 490 -26.38 70.17 28.55
C LYS K 490 -26.83 69.87 29.97
N LEU K 491 -26.69 68.60 30.39
CA LEU K 491 -26.93 68.24 31.78
C LEU K 491 -25.92 68.94 32.68
N HIS K 492 -26.40 69.42 33.81
CA HIS K 492 -25.56 70.07 34.80
C HIS K 492 -25.73 69.36 36.15
N GLY K 493 -24.98 69.82 37.12
CA GLY K 493 -25.01 69.22 38.43
C GLY K 493 -23.98 68.11 38.56
N LYS K 494 -24.04 67.43 39.70
CA LYS K 494 -23.05 66.43 40.03
C LYS K 494 -23.53 65.05 39.62
N ILE K 495 -22.56 64.18 39.32
CA ILE K 495 -22.81 62.78 39.03
C ILE K 495 -23.35 62.14 40.31
N PRO K 496 -24.54 61.56 40.28
CA PRO K 496 -25.15 61.07 41.52
C PRO K 496 -24.31 59.98 42.18
N ASP K 497 -24.27 60.01 43.51
CA ASP K 497 -23.59 58.97 44.27
C ASP K 497 -24.32 57.64 44.17
N GLN K 498 -25.62 57.67 43.89
CA GLN K 498 -26.43 56.47 43.82
C GLN K 498 -26.14 55.63 42.58
N LEU K 499 -25.50 56.21 41.56
CA LEU K 499 -25.06 55.42 40.41
C LEU K 499 -24.16 54.26 40.82
N THR K 500 -23.59 54.29 42.02
CA THR K 500 -22.77 53.19 42.50
C THR K 500 -23.58 51.95 42.84
N ASN K 501 -24.91 52.07 42.95
CA ASN K 501 -25.76 50.92 43.24
C ASN K 501 -26.24 50.21 41.99
N CYS K 502 -25.93 50.74 40.81
CA CYS K 502 -26.18 50.01 39.57
C CYS K 502 -25.25 48.80 39.54
N PHE K 503 -25.73 47.67 40.06
CA PHE K 503 -24.90 46.49 40.28
C PHE K 503 -24.19 46.01 39.01
N THR K 504 -24.67 46.40 37.84
CA THR K 504 -24.15 45.87 36.59
C THR K 504 -23.64 46.94 35.63
N LEU K 505 -23.46 48.18 36.11
CA LEU K 505 -23.11 49.30 35.24
C LEU K 505 -21.65 49.17 34.82
N VAL K 506 -21.42 48.82 33.56
CA VAL K 506 -20.07 48.58 33.05
C VAL K 506 -19.60 49.73 32.16
N ASN K 507 -20.52 50.34 31.41
CA ASN K 507 -20.17 51.42 30.49
C ASN K 507 -21.00 52.66 30.80
N LEU K 508 -20.31 53.78 31.00
CA LEU K 508 -20.93 55.05 31.36
C LEU K 508 -20.23 56.15 30.57
N ASN K 509 -21.01 56.96 29.86
CA ASN K 509 -20.44 58.08 29.09
C ASN K 509 -21.31 59.32 29.32
N VAL K 510 -20.82 60.23 30.14
CA VAL K 510 -21.49 61.49 30.46
C VAL K 510 -20.65 62.68 30.03
N SER K 511 -19.72 62.47 29.11
CA SER K 511 -18.80 63.50 28.66
C SER K 511 -19.55 64.62 27.94
N PHE K 512 -18.86 65.75 27.75
CA PHE K 512 -19.36 66.89 26.98
C PHE K 512 -20.73 67.36 27.49
N ASN K 513 -20.81 67.59 28.79
CA ASN K 513 -21.98 68.22 29.40
C ASN K 513 -21.58 69.50 30.12
N ASN K 514 -22.38 69.91 31.10
CA ASN K 514 -22.02 70.98 32.02
C ASN K 514 -21.96 70.45 33.44
N LEU K 515 -21.64 69.16 33.58
CA LEU K 515 -21.56 68.53 34.88
C LEU K 515 -20.41 69.09 35.70
N SER K 516 -20.66 69.23 37.00
CA SER K 516 -19.67 69.69 37.97
C SER K 516 -19.55 68.66 39.09
N GLY K 517 -18.54 68.85 39.93
CA GLY K 517 -18.32 67.96 41.06
C GLY K 517 -17.15 67.03 40.85
N ILE K 518 -17.15 65.95 41.65
CA ILE K 518 -16.25 64.83 41.46
C ILE K 518 -17.08 63.60 41.10
N VAL K 519 -16.37 62.57 40.64
CA VAL K 519 -16.98 61.28 40.33
C VAL K 519 -17.04 60.47 41.61
N PRO K 520 -18.20 59.90 41.95
CA PRO K 520 -18.31 59.11 43.17
C PRO K 520 -17.58 57.79 43.02
N PRO K 521 -17.33 57.06 44.12
CA PRO K 521 -16.71 55.74 44.02
C PRO K 521 -17.54 54.74 43.23
N MET K 522 -17.14 54.47 41.99
CA MET K 522 -17.82 53.47 41.16
C MET K 522 -17.12 52.12 41.32
N LYS K 523 -17.93 51.07 41.49
CA LYS K 523 -17.41 49.72 41.65
C LYS K 523 -16.86 49.13 40.35
N ASN K 524 -16.98 49.84 39.24
CA ASN K 524 -16.45 49.40 37.95
C ASN K 524 -15.80 50.58 37.24
N PHE K 525 -15.12 51.43 38.00
CA PHE K 525 -14.52 52.65 37.44
C PHE K 525 -13.48 52.34 36.37
N SER K 526 -12.89 51.15 36.39
CA SER K 526 -11.81 50.80 35.48
C SER K 526 -12.31 50.29 34.13
N ARG K 527 -13.56 49.82 34.07
CA ARG K 527 -14.14 49.34 32.82
C ARG K 527 -14.58 50.47 31.90
N PHE K 528 -14.59 51.71 32.40
CA PHE K 528 -15.01 52.86 31.61
C PHE K 528 -13.95 53.22 30.57
N ALA K 529 -14.40 53.90 29.51
CA ALA K 529 -13.50 54.47 28.53
C ALA K 529 -12.69 55.61 29.16
N PRO K 530 -11.57 55.99 28.55
CA PRO K 530 -10.81 57.14 29.09
C PRO K 530 -11.58 58.44 29.03
N ALA K 531 -12.24 58.73 27.90
CA ALA K 531 -12.96 59.98 27.70
C ALA K 531 -14.37 59.95 28.28
N SER K 532 -14.58 59.21 29.37
CA SER K 532 -15.92 59.08 29.95
C SER K 532 -16.44 60.41 30.47
N PHE K 533 -15.54 61.30 30.91
CA PHE K 533 -15.96 62.52 31.57
C PHE K 533 -15.39 63.79 30.94
N VAL K 534 -14.63 63.69 29.85
CA VAL K 534 -14.01 64.86 29.26
C VAL K 534 -15.08 65.82 28.73
N GLY K 535 -14.72 67.10 28.63
CA GLY K 535 -15.61 68.11 28.12
C GLY K 535 -16.56 68.70 29.14
N ASN K 536 -16.49 68.27 30.40
CA ASN K 536 -17.20 68.96 31.47
C ASN K 536 -16.26 69.98 32.09
N PRO K 537 -16.56 71.28 32.01
CA PRO K 537 -15.63 72.29 32.52
C PRO K 537 -15.33 72.14 34.00
N TYR K 538 -16.37 72.27 34.82
CA TYR K 538 -16.25 72.27 36.27
C TYR K 538 -16.24 70.87 36.89
N LEU K 539 -15.95 69.82 36.11
CA LEU K 539 -15.83 68.48 36.66
C LEU K 539 -14.36 68.23 37.00
N CYS K 540 -14.12 67.77 38.23
CA CYS K 540 -12.78 67.64 38.80
C CYS K 540 -12.40 66.16 38.82
N GLY K 541 -11.46 65.78 37.96
CA GLY K 541 -10.92 64.43 37.98
C GLY K 541 -9.45 64.36 37.62
N ASN K 542 -8.98 63.15 37.29
CA ASN K 542 -7.57 62.92 36.96
C ASN K 542 -7.46 62.66 35.46
N TRP K 543 -7.75 63.69 34.66
CA TRP K 543 -7.65 63.60 33.21
C TRP K 543 -7.38 64.99 32.65
N VAL K 544 -6.94 65.02 31.40
CA VAL K 544 -6.64 66.28 30.74
C VAL K 544 -7.94 66.92 30.29
N GLY K 545 -8.02 68.25 30.43
CA GLY K 545 -9.23 68.98 30.19
C GLY K 545 -10.07 69.26 31.42
N SER K 546 -9.69 68.71 32.58
CA SER K 546 -10.32 69.04 33.84
C SER K 546 -9.50 70.11 34.55
N ILE K 547 -10.17 70.92 35.37
CA ILE K 547 -9.46 71.90 36.19
C ILE K 547 -8.60 71.23 37.26
N CYS K 548 -8.81 69.95 37.52
CA CYS K 548 -7.95 69.18 38.42
C CYS K 548 -7.00 68.28 37.64
N ASN L 5 -34.90 -36.99 -34.44
CA ASN L 5 -34.62 -38.27 -35.08
C ASN L 5 -33.19 -38.72 -34.77
N GLU L 6 -32.22 -37.86 -35.08
CA GLU L 6 -30.83 -38.12 -34.70
C GLU L 6 -30.59 -37.81 -33.23
N GLY L 7 -31.28 -36.80 -32.70
CA GLY L 7 -31.23 -36.54 -31.27
C GLY L 7 -31.92 -37.62 -30.47
N LYS L 8 -32.93 -38.27 -31.06
CA LYS L 8 -33.48 -39.48 -30.47
C LYS L 8 -32.37 -40.50 -30.21
N ALA L 9 -31.61 -40.83 -31.25
CA ALA L 9 -30.55 -41.82 -31.13
C ALA L 9 -29.47 -41.38 -30.15
N LEU L 10 -29.03 -40.12 -30.23
CA LEU L 10 -28.02 -39.64 -29.30
C LEU L 10 -28.52 -39.69 -27.86
N MET L 11 -29.82 -39.45 -27.64
CA MET L 11 -30.38 -39.52 -26.30
C MET L 11 -30.46 -40.96 -25.80
N ALA L 12 -30.74 -41.92 -26.69
CA ALA L 12 -30.70 -43.30 -26.27
C ALA L 12 -29.28 -43.75 -25.93
N ILE L 13 -28.30 -43.31 -26.72
CA ILE L 13 -26.89 -43.61 -26.42
C ILE L 13 -26.51 -43.04 -25.07
N LYS L 14 -26.93 -41.82 -24.78
CA LYS L 14 -26.71 -41.23 -23.45
C LYS L 14 -27.38 -42.05 -22.36
N GLY L 15 -28.65 -42.41 -22.55
CA GLY L 15 -29.40 -43.14 -21.55
C GLY L 15 -28.92 -44.56 -21.32
N SER L 16 -28.15 -45.12 -22.24
CA SER L 16 -27.58 -46.44 -22.05
C SER L 16 -26.26 -46.41 -21.30
N PHE L 17 -25.72 -45.22 -21.02
CA PHE L 17 -24.60 -45.09 -20.12
C PHE L 17 -25.10 -45.15 -18.67
N SER L 18 -24.19 -44.94 -17.72
CA SER L 18 -24.61 -45.05 -16.32
C SER L 18 -24.04 -43.91 -15.48
N ASN L 19 -22.71 -43.81 -15.41
CA ASN L 19 -22.05 -42.89 -14.50
C ASN L 19 -22.01 -41.47 -15.04
N LEU L 20 -23.10 -41.01 -15.63
CA LEU L 20 -23.17 -39.71 -16.31
C LEU L 20 -23.68 -38.60 -15.40
N VAL L 21 -23.14 -38.58 -14.18
CA VAL L 21 -23.51 -37.64 -13.12
C VAL L 21 -23.51 -36.21 -13.66
N ASN L 22 -22.31 -35.66 -13.86
CA ASN L 22 -22.14 -34.34 -14.46
C ASN L 22 -21.38 -34.44 -15.78
N MET L 23 -21.67 -35.46 -16.57
CA MET L 23 -20.85 -35.78 -17.72
C MET L 23 -21.40 -35.19 -19.01
N LEU L 24 -22.47 -35.76 -19.53
CA LEU L 24 -23.07 -35.30 -20.79
C LEU L 24 -24.25 -34.35 -20.53
N LEU L 25 -24.00 -33.34 -19.68
CA LEU L 25 -25.01 -32.30 -19.46
C LEU L 25 -25.29 -31.52 -20.73
N ASP L 26 -24.32 -31.48 -21.65
CA ASP L 26 -24.56 -30.93 -22.98
C ASP L 26 -25.78 -31.59 -23.61
N TRP L 27 -25.82 -32.90 -23.56
CA TRP L 27 -26.81 -33.70 -24.30
C TRP L 27 -28.19 -33.47 -23.71
N ASP L 28 -28.95 -32.54 -24.30
CA ASP L 28 -30.29 -32.22 -23.81
C ASP L 28 -31.13 -31.82 -25.02
N ASP L 29 -32.02 -32.73 -25.46
CA ASP L 29 -32.73 -32.58 -26.74
C ASP L 29 -33.64 -31.36 -26.78
N VAL L 30 -33.94 -30.73 -25.64
CA VAL L 30 -34.90 -29.62 -25.59
C VAL L 30 -34.27 -28.35 -25.02
N HIS L 31 -33.37 -28.45 -24.05
CA HIS L 31 -32.66 -27.28 -23.55
C HIS L 31 -31.35 -27.01 -24.30
N ASN L 32 -31.09 -27.71 -25.41
CA ASN L 32 -29.86 -27.51 -26.16
C ASN L 32 -30.14 -27.89 -27.62
N SER L 33 -30.55 -26.90 -28.41
CA SER L 33 -31.17 -27.16 -29.70
C SER L 33 -30.22 -27.81 -30.71
N ASP L 34 -28.96 -27.41 -30.73
CA ASP L 34 -28.01 -27.85 -31.77
C ASP L 34 -27.32 -29.12 -31.31
N LEU L 35 -27.77 -30.29 -31.80
CA LEU L 35 -27.06 -31.52 -31.47
C LEU L 35 -25.68 -31.58 -32.10
N CYS L 36 -25.34 -30.62 -32.96
CA CYS L 36 -24.07 -30.62 -33.68
C CYS L 36 -22.98 -29.93 -32.89
N SER L 37 -23.28 -29.52 -31.65
CA SER L 37 -22.33 -28.85 -30.78
C SER L 37 -22.30 -29.48 -29.40
N TRP L 38 -23.03 -30.58 -29.19
CA TRP L 38 -22.92 -31.35 -27.96
C TRP L 38 -21.51 -31.88 -27.81
N ARG L 39 -21.17 -32.25 -26.58
CA ARG L 39 -19.84 -32.78 -26.30
C ARG L 39 -19.55 -34.05 -27.08
N GLY L 40 -18.45 -34.04 -27.84
CA GLY L 40 -17.92 -35.22 -28.50
C GLY L 40 -18.60 -35.66 -29.78
N VAL L 41 -19.55 -34.89 -30.29
CA VAL L 41 -20.20 -35.18 -31.56
C VAL L 41 -19.73 -34.19 -32.61
N PHE L 42 -19.55 -34.67 -33.85
CA PHE L 42 -19.13 -33.84 -34.97
C PHE L 42 -19.98 -34.15 -36.18
N CYS L 43 -20.55 -33.11 -36.76
CA CYS L 43 -21.34 -33.20 -37.99
C CYS L 43 -20.53 -32.66 -39.18
N ASP L 44 -20.99 -33.02 -40.38
CA ASP L 44 -20.50 -32.37 -41.58
C ASP L 44 -21.30 -31.10 -41.82
N ASN L 45 -20.65 -30.09 -42.36
CA ASN L 45 -21.20 -28.74 -42.42
C ASN L 45 -22.25 -28.54 -43.52
N VAL L 46 -22.72 -29.59 -44.17
CA VAL L 46 -23.69 -29.47 -45.25
C VAL L 46 -25.04 -30.09 -44.85
N SER L 47 -25.04 -31.35 -44.44
CA SER L 47 -26.27 -32.01 -44.00
C SER L 47 -26.48 -31.95 -42.50
N TYR L 48 -25.47 -31.51 -41.74
CA TYR L 48 -25.53 -31.46 -40.28
C TYR L 48 -25.98 -32.79 -39.69
N SER L 49 -25.42 -33.86 -40.23
CA SER L 49 -25.63 -35.21 -39.72
C SER L 49 -24.37 -35.70 -39.03
N VAL L 50 -24.55 -36.52 -38.00
CA VAL L 50 -23.43 -37.00 -37.19
C VAL L 50 -22.54 -37.90 -38.03
N VAL L 51 -21.26 -37.55 -38.10
CA VAL L 51 -20.28 -38.36 -38.83
C VAL L 51 -19.18 -38.91 -37.94
N SER L 52 -19.00 -38.38 -36.73
CA SER L 52 -17.88 -38.76 -35.87
C SER L 52 -18.28 -38.54 -34.42
N LEU L 53 -18.10 -39.56 -33.59
CA LEU L 53 -18.48 -39.52 -32.19
C LEU L 53 -17.29 -39.98 -31.35
N ASN L 54 -16.74 -39.09 -30.54
CA ASN L 54 -15.57 -39.38 -29.73
C ASN L 54 -15.88 -39.04 -28.28
N LEU L 55 -16.14 -40.06 -27.47
CA LEU L 55 -16.37 -39.93 -26.03
C LEU L 55 -15.23 -40.58 -25.24
N SER L 56 -14.00 -40.39 -25.72
CA SER L 56 -12.84 -41.11 -25.19
C SER L 56 -12.53 -40.73 -23.75
N SER L 57 -12.37 -41.75 -22.89
CA SER L 57 -11.76 -41.60 -21.57
C SER L 57 -12.67 -40.83 -20.62
N LEU L 58 -13.97 -41.10 -20.66
CA LEU L 58 -14.92 -40.43 -19.79
C LEU L 58 -15.54 -41.35 -18.74
N ASN L 59 -15.33 -42.66 -18.84
CA ASN L 59 -15.88 -43.63 -17.89
C ASN L 59 -17.40 -43.52 -17.77
N LEU L 60 -18.07 -43.47 -18.92
CA LEU L 60 -19.52 -43.33 -18.91
C LEU L 60 -20.21 -44.56 -18.33
N GLY L 61 -19.59 -45.73 -18.47
CA GLY L 61 -19.90 -46.86 -17.60
C GLY L 61 -21.13 -47.68 -17.92
N GLY L 62 -21.80 -47.44 -19.04
CA GLY L 62 -23.01 -48.18 -19.31
C GLY L 62 -22.85 -49.32 -20.28
N GLU L 63 -23.65 -49.31 -21.34
CA GLU L 63 -23.55 -50.25 -22.45
C GLU L 63 -23.58 -49.43 -23.73
N ILE L 64 -23.29 -50.10 -24.85
CA ILE L 64 -23.37 -49.44 -26.16
C ILE L 64 -24.76 -49.69 -26.70
N SER L 65 -25.58 -48.65 -26.71
CA SER L 65 -26.97 -48.78 -27.12
C SER L 65 -27.05 -49.18 -28.60
N PRO L 66 -28.02 -50.02 -28.98
CA PRO L 66 -28.22 -50.30 -30.40
C PRO L 66 -28.54 -49.05 -31.22
N ALA L 67 -28.95 -47.96 -30.57
CA ALA L 67 -29.28 -46.71 -31.26
C ALA L 67 -28.07 -46.10 -31.95
N ILE L 68 -26.86 -46.55 -31.64
CA ILE L 68 -25.69 -46.11 -32.38
C ILE L 68 -25.78 -46.55 -33.85
N GLY L 69 -26.58 -47.57 -34.14
CA GLY L 69 -26.84 -47.96 -35.51
C GLY L 69 -27.79 -47.03 -36.24
N ASP L 70 -28.34 -46.04 -35.53
CA ASP L 70 -29.27 -45.10 -36.12
C ASP L 70 -28.59 -43.82 -36.57
N LEU L 71 -27.27 -43.71 -36.39
CA LEU L 71 -26.50 -42.61 -36.97
C LEU L 71 -25.85 -43.14 -38.24
N ARG L 72 -26.68 -43.23 -39.29
CA ARG L 72 -26.28 -43.94 -40.51
C ARG L 72 -25.06 -43.31 -41.17
N ASN L 73 -24.87 -42.00 -41.04
CA ASN L 73 -23.77 -41.30 -41.69
C ASN L 73 -22.50 -41.25 -40.83
N LEU L 74 -22.41 -42.07 -39.79
CA LEU L 74 -21.20 -42.11 -38.97
C LEU L 74 -20.01 -42.62 -39.77
N GLN L 75 -18.90 -41.87 -39.70
CA GLN L 75 -17.63 -42.33 -40.25
C GLN L 75 -16.60 -42.71 -39.20
N SER L 76 -16.77 -42.27 -37.95
CA SER L 76 -15.79 -42.62 -36.93
C SER L 76 -16.46 -42.74 -35.56
N ILE L 77 -16.19 -43.84 -34.87
CA ILE L 77 -16.67 -44.08 -33.52
C ILE L 77 -15.48 -44.36 -32.61
N ASP L 78 -15.40 -43.61 -31.50
CA ASP L 78 -14.36 -43.78 -30.49
C ASP L 78 -15.02 -43.78 -29.11
N LEU L 79 -15.22 -44.97 -28.54
CA LEU L 79 -15.81 -45.12 -27.22
C LEU L 79 -14.82 -45.77 -26.25
N GLN L 80 -13.54 -45.49 -26.43
CA GLN L 80 -12.50 -46.12 -25.62
C GLN L 80 -12.50 -45.58 -24.20
N GLY L 81 -12.21 -46.46 -23.23
CA GLY L 81 -11.98 -46.06 -21.86
C GLY L 81 -13.22 -45.56 -21.16
N ASN L 82 -14.29 -46.38 -21.17
CA ASN L 82 -15.54 -45.96 -20.57
C ASN L 82 -16.18 -47.05 -19.74
N LYS L 83 -15.43 -48.10 -19.38
CA LYS L 83 -15.94 -49.19 -18.54
C LYS L 83 -17.23 -49.78 -19.11
N LEU L 84 -17.33 -49.79 -20.43
CA LEU L 84 -18.56 -50.22 -21.09
C LEU L 84 -18.73 -51.74 -20.98
N ALA L 85 -19.96 -52.18 -20.72
CA ALA L 85 -20.26 -53.60 -20.60
C ALA L 85 -21.22 -54.02 -21.71
N GLY L 86 -21.75 -55.23 -21.59
CA GLY L 86 -22.60 -55.78 -22.62
C GLY L 86 -21.81 -56.28 -23.82
N GLN L 87 -22.56 -56.64 -24.85
CA GLN L 87 -22.00 -57.09 -26.11
C GLN L 87 -21.90 -55.93 -27.09
N ILE L 88 -21.08 -56.10 -28.12
CA ILE L 88 -21.03 -55.15 -29.22
C ILE L 88 -22.35 -55.25 -29.98
N PRO L 89 -23.18 -54.21 -29.99
CA PRO L 89 -24.51 -54.33 -30.60
C PRO L 89 -24.42 -54.60 -32.10
N ASP L 90 -25.32 -55.47 -32.57
CA ASP L 90 -25.34 -55.82 -33.99
C ASP L 90 -25.53 -54.60 -34.87
N GLU L 91 -26.20 -53.56 -34.36
CA GLU L 91 -26.62 -52.45 -35.20
C GLU L 91 -25.45 -51.61 -35.70
N ILE L 92 -24.27 -51.72 -35.08
CA ILE L 92 -23.09 -51.07 -35.64
C ILE L 92 -22.90 -51.50 -37.09
N GLY L 93 -23.38 -52.69 -37.44
CA GLY L 93 -23.24 -53.19 -38.79
C GLY L 93 -23.98 -52.38 -39.84
N ASN L 94 -24.98 -51.60 -39.45
CA ASN L 94 -25.65 -50.72 -40.41
C ASN L 94 -25.18 -49.28 -40.26
N CYS L 95 -23.90 -49.12 -39.92
CA CYS L 95 -23.19 -47.85 -40.06
C CYS L 95 -22.31 -47.89 -41.30
N ALA L 96 -22.97 -48.00 -42.46
CA ALA L 96 -22.29 -48.35 -43.71
C ALA L 96 -21.09 -47.46 -43.99
N SER L 97 -21.16 -46.19 -43.64
CA SER L 97 -20.08 -45.25 -43.88
C SER L 97 -18.95 -45.34 -42.85
N LEU L 98 -19.03 -46.28 -41.91
CA LEU L 98 -18.05 -46.33 -40.83
C LEU L 98 -16.67 -46.66 -41.39
N VAL L 99 -15.66 -45.93 -40.91
CA VAL L 99 -14.30 -46.05 -41.42
C VAL L 99 -13.37 -46.39 -40.28
N TYR L 100 -13.69 -45.90 -39.08
CA TYR L 100 -12.82 -46.08 -37.91
C TYR L 100 -13.68 -46.47 -36.72
N LEU L 101 -13.37 -47.61 -36.11
CA LEU L 101 -14.13 -48.13 -34.98
C LEU L 101 -13.15 -48.49 -33.87
N ASP L 102 -13.23 -47.78 -32.74
CA ASP L 102 -12.32 -48.00 -31.61
C ASP L 102 -13.16 -48.19 -30.35
N LEU L 103 -13.25 -49.44 -29.89
CA LEU L 103 -13.89 -49.78 -28.62
C LEU L 103 -12.89 -50.28 -27.58
N SER L 104 -11.62 -49.95 -27.75
CA SER L 104 -10.57 -50.47 -26.89
C SER L 104 -10.71 -49.94 -25.46
N GLU L 105 -10.05 -50.63 -24.53
CA GLU L 105 -10.11 -50.32 -23.10
C GLU L 105 -11.55 -50.19 -22.58
N ASN L 106 -12.26 -51.31 -22.63
CA ASN L 106 -13.58 -51.37 -22.02
C ASN L 106 -13.77 -52.77 -21.44
N LEU L 107 -15.02 -53.14 -21.16
CA LEU L 107 -15.34 -54.44 -20.59
C LEU L 107 -16.37 -55.17 -21.44
N LEU L 108 -16.33 -54.97 -22.76
CA LEU L 108 -17.32 -55.58 -23.64
C LEU L 108 -17.05 -57.08 -23.74
N TYR L 109 -18.12 -57.86 -23.79
CA TYR L 109 -18.00 -59.32 -23.85
C TYR L 109 -18.76 -59.86 -25.06
N GLY L 110 -18.67 -61.17 -25.25
CA GLY L 110 -19.32 -61.83 -26.38
C GLY L 110 -18.41 -61.95 -27.58
N ASP L 111 -19.03 -62.28 -28.71
CA ASP L 111 -18.32 -62.50 -29.95
C ASP L 111 -18.15 -61.17 -30.71
N ILE L 112 -17.21 -61.18 -31.66
CA ILE L 112 -17.13 -60.12 -32.66
C ILE L 112 -18.35 -60.30 -33.55
N PRO L 113 -19.25 -59.33 -33.61
CA PRO L 113 -20.53 -59.57 -34.28
C PRO L 113 -20.35 -59.79 -35.77
N PHE L 114 -21.29 -60.55 -36.34
CA PHE L 114 -21.26 -60.81 -37.78
C PHE L 114 -21.44 -59.52 -38.57
N SER L 115 -22.26 -58.61 -38.06
CA SER L 115 -22.55 -57.37 -38.78
C SER L 115 -21.31 -56.51 -39.01
N ILE L 116 -20.23 -56.77 -38.27
CA ILE L 116 -18.98 -56.06 -38.52
C ILE L 116 -18.51 -56.26 -39.96
N SER L 117 -18.85 -57.40 -40.56
CA SER L 117 -18.44 -57.65 -41.93
C SER L 117 -19.22 -56.84 -42.95
N LYS L 118 -20.34 -56.23 -42.55
CA LYS L 118 -21.10 -55.37 -43.44
C LYS L 118 -20.46 -53.99 -43.63
N LEU L 119 -19.40 -53.67 -42.88
CA LEU L 119 -18.80 -52.34 -42.90
C LEU L 119 -17.72 -52.32 -43.97
N LYS L 120 -18.17 -52.17 -45.22
CA LYS L 120 -17.28 -52.25 -46.37
C LYS L 120 -16.34 -51.07 -46.49
N GLN L 121 -16.50 -50.04 -45.65
CA GLN L 121 -15.62 -48.88 -45.63
C GLN L 121 -14.66 -48.91 -44.45
N LEU L 122 -14.79 -49.89 -43.56
CA LEU L 122 -14.00 -49.93 -42.34
C LEU L 122 -12.52 -50.09 -42.65
N GLU L 123 -11.69 -49.26 -42.02
CA GLU L 123 -10.25 -49.35 -42.14
C GLU L 123 -9.52 -49.65 -40.84
N THR L 124 -10.13 -49.33 -39.69
CA THR L 124 -9.51 -49.57 -38.38
C THR L 124 -10.54 -50.24 -37.47
N LEU L 125 -10.27 -51.49 -37.11
CA LEU L 125 -11.08 -52.21 -36.12
C LEU L 125 -10.20 -52.40 -34.89
N ASN L 126 -10.41 -51.58 -33.87
CA ASN L 126 -9.65 -51.61 -32.64
C ASN L 126 -10.58 -52.07 -31.53
N LEU L 127 -10.41 -53.31 -31.08
CA LEU L 127 -11.17 -53.89 -29.98
C LEU L 127 -10.24 -54.29 -28.83
N LYS L 128 -9.09 -53.64 -28.74
CA LYS L 128 -8.06 -53.99 -27.76
C LYS L 128 -8.59 -53.94 -26.33
N ASN L 129 -8.18 -54.94 -25.54
CA ASN L 129 -8.40 -54.96 -24.09
C ASN L 129 -9.88 -54.87 -23.73
N ASN L 130 -10.55 -56.00 -23.93
CA ASN L 130 -11.93 -56.19 -23.50
C ASN L 130 -12.04 -57.61 -22.97
N GLN L 131 -13.28 -58.10 -22.82
CA GLN L 131 -13.56 -59.47 -22.42
C GLN L 131 -14.22 -60.26 -23.54
N LEU L 132 -13.82 -59.98 -24.78
CA LEU L 132 -14.43 -60.65 -25.91
C LEU L 132 -14.00 -62.11 -25.97
N THR L 133 -14.96 -62.99 -26.22
CA THR L 133 -14.74 -64.43 -26.33
C THR L 133 -15.25 -64.92 -27.67
N GLY L 134 -14.67 -66.03 -28.14
CA GLY L 134 -15.05 -66.61 -29.40
C GLY L 134 -13.95 -66.54 -30.44
N PRO L 135 -14.24 -67.03 -31.64
CA PRO L 135 -13.20 -67.14 -32.67
C PRO L 135 -13.01 -65.84 -33.43
N VAL L 136 -11.79 -65.69 -33.96
CA VAL L 136 -11.55 -64.70 -34.99
C VAL L 136 -12.25 -65.16 -36.26
N PRO L 137 -13.40 -64.61 -36.60
CA PRO L 137 -14.20 -65.19 -37.69
C PRO L 137 -13.60 -64.91 -39.05
N ALA L 138 -13.86 -65.81 -39.99
CA ALA L 138 -13.39 -65.62 -41.36
C ALA L 138 -14.05 -64.43 -42.02
N THR L 139 -15.19 -63.97 -41.48
CA THR L 139 -15.90 -62.84 -42.05
C THR L 139 -15.06 -61.58 -42.09
N LEU L 140 -14.06 -61.46 -41.21
CA LEU L 140 -13.18 -60.30 -41.25
C LEU L 140 -12.36 -60.23 -42.53
N THR L 141 -12.23 -61.33 -43.26
CA THR L 141 -11.58 -61.30 -44.55
C THR L 141 -12.46 -60.70 -45.63
N GLN L 142 -13.72 -60.41 -45.30
CA GLN L 142 -14.67 -59.78 -46.21
C GLN L 142 -14.74 -58.26 -46.01
N ILE L 143 -13.72 -57.67 -45.39
CA ILE L 143 -13.62 -56.23 -45.23
C ILE L 143 -12.53 -55.74 -46.17
N PRO L 144 -12.89 -55.23 -47.35
CA PRO L 144 -11.88 -55.02 -48.40
C PRO L 144 -10.89 -53.90 -48.09
N ASN L 145 -11.19 -53.02 -47.14
CA ASN L 145 -10.36 -51.85 -46.90
C ASN L 145 -9.69 -51.88 -45.53
N LEU L 146 -9.80 -52.99 -44.81
CA LEU L 146 -9.30 -53.07 -43.44
C LEU L 146 -7.77 -53.04 -43.43
N LYS L 147 -7.21 -52.00 -42.81
CA LYS L 147 -5.76 -51.86 -42.68
C LYS L 147 -5.26 -52.21 -41.28
N ARG L 148 -6.07 -52.00 -40.25
CA ARG L 148 -5.64 -52.17 -38.87
C ARG L 148 -6.64 -53.06 -38.15
N LEU L 149 -6.17 -54.24 -37.71
CA LEU L 149 -7.00 -55.18 -36.97
C LEU L 149 -6.30 -55.43 -35.63
N ASP L 150 -6.76 -54.75 -34.58
CA ASP L 150 -6.14 -54.87 -33.26
C ASP L 150 -7.15 -55.52 -32.31
N LEU L 151 -6.91 -56.79 -31.98
CA LEU L 151 -7.77 -57.58 -31.11
C LEU L 151 -7.03 -58.02 -29.85
N ALA L 152 -5.90 -57.39 -29.55
CA ALA L 152 -5.09 -57.76 -28.40
C ALA L 152 -5.87 -57.61 -27.09
N GLY L 153 -5.47 -58.40 -26.10
CA GLY L 153 -6.00 -58.26 -24.76
C GLY L 153 -7.39 -58.80 -24.54
N ASN L 154 -7.78 -59.85 -25.25
CA ASN L 154 -9.08 -60.47 -25.06
C ASN L 154 -8.91 -61.95 -24.74
N HIS L 155 -10.02 -62.69 -24.80
CA HIS L 155 -9.99 -64.12 -24.54
C HIS L 155 -10.48 -64.88 -25.77
N LEU L 156 -10.00 -64.47 -26.94
CA LEU L 156 -10.44 -65.11 -28.17
C LEU L 156 -9.87 -66.52 -28.27
N THR L 157 -10.60 -67.40 -28.98
CA THR L 157 -10.34 -68.82 -28.99
C THR L 157 -10.36 -69.35 -30.42
N GLY L 158 -9.96 -70.61 -30.56
CA GLY L 158 -9.85 -71.24 -31.86
C GLY L 158 -8.51 -70.99 -32.50
N GLU L 159 -8.42 -71.36 -33.79
CA GLU L 159 -7.18 -71.22 -34.55
C GLU L 159 -7.22 -69.97 -35.42
N ILE L 160 -6.05 -69.63 -35.95
CA ILE L 160 -5.91 -68.53 -36.90
C ILE L 160 -6.06 -69.16 -38.28
N SER L 161 -7.30 -69.19 -38.79
CA SER L 161 -7.54 -69.77 -40.09
C SER L 161 -6.70 -69.07 -41.16
N ARG L 162 -6.09 -69.86 -42.04
CA ARG L 162 -5.16 -69.28 -43.00
C ARG L 162 -5.87 -68.38 -44.00
N LEU L 163 -7.20 -68.50 -44.10
CA LEU L 163 -8.00 -67.56 -44.87
C LEU L 163 -7.66 -66.12 -44.51
N LEU L 164 -7.36 -65.87 -43.22
CA LEU L 164 -7.02 -64.52 -42.79
C LEU L 164 -5.78 -63.97 -43.48
N TYR L 165 -4.81 -64.84 -43.79
CA TYR L 165 -3.52 -64.34 -44.27
C TYR L 165 -3.55 -63.90 -45.74
N TRP L 166 -4.65 -64.12 -46.45
CA TRP L 166 -4.76 -63.69 -47.86
C TRP L 166 -5.34 -62.28 -47.88
N ASN L 167 -4.45 -61.30 -47.71
CA ASN L 167 -4.88 -59.90 -47.64
C ASN L 167 -3.70 -59.01 -48.02
N GLU L 168 -3.89 -58.16 -49.03
CA GLU L 168 -2.82 -57.29 -49.52
C GLU L 168 -2.80 -55.90 -48.88
N VAL L 169 -3.90 -55.48 -48.25
CA VAL L 169 -3.98 -54.11 -47.73
C VAL L 169 -3.83 -54.05 -46.22
N LEU L 170 -3.85 -55.18 -45.53
CA LEU L 170 -3.72 -55.18 -44.08
C LEU L 170 -2.34 -54.72 -43.67
N GLN L 171 -2.29 -53.86 -42.66
CA GLN L 171 -1.06 -53.26 -42.15
C GLN L 171 -0.65 -53.81 -40.80
N TYR L 172 -1.62 -54.04 -39.92
CA TYR L 172 -1.39 -54.27 -38.50
C TYR L 172 -2.25 -55.44 -38.07
N LEU L 173 -1.62 -56.56 -37.74
CA LEU L 173 -2.32 -57.73 -37.22
C LEU L 173 -1.93 -57.90 -35.76
N GLY L 174 -2.77 -57.38 -34.87
CA GLY L 174 -2.53 -57.48 -33.45
C GLY L 174 -3.45 -58.47 -32.76
N LEU L 175 -2.91 -59.63 -32.39
CA LEU L 175 -3.66 -60.67 -31.71
C LEU L 175 -3.04 -61.03 -30.36
N ARG L 176 -2.23 -60.14 -29.80
CA ARG L 176 -1.45 -60.46 -28.61
C ARG L 176 -2.35 -60.71 -27.40
N GLY L 177 -2.07 -61.79 -26.68
CA GLY L 177 -2.68 -62.01 -25.38
C GLY L 177 -4.00 -62.75 -25.36
N ASN L 178 -4.34 -63.48 -26.42
CA ASN L 178 -5.55 -64.27 -26.44
C ASN L 178 -5.22 -65.73 -26.16
N MET L 179 -6.18 -66.62 -26.43
CA MET L 179 -6.00 -68.04 -26.20
C MET L 179 -6.11 -68.79 -27.52
N LEU L 180 -5.37 -68.31 -28.52
CA LEU L 180 -5.44 -68.87 -29.86
C LEU L 180 -4.57 -70.11 -29.96
N THR L 181 -5.13 -71.18 -30.53
CA THR L 181 -4.41 -72.43 -30.69
C THR L 181 -4.13 -72.67 -32.18
N GLY L 182 -3.63 -73.86 -32.49
CA GLY L 182 -3.27 -74.16 -33.86
C GLY L 182 -1.86 -73.73 -34.21
N THR L 183 -1.62 -73.42 -35.49
CA THR L 183 -0.27 -73.20 -35.99
C THR L 183 -0.24 -71.94 -36.85
N LEU L 184 0.96 -71.38 -36.98
CA LEU L 184 1.23 -70.49 -38.09
C LEU L 184 1.12 -71.27 -39.40
N SER L 185 0.97 -70.55 -40.50
CA SER L 185 0.87 -71.14 -41.82
C SER L 185 1.95 -70.55 -42.71
N SER L 186 2.21 -71.20 -43.83
CA SER L 186 3.11 -70.62 -44.82
C SER L 186 2.42 -69.47 -45.55
N ASP L 187 1.12 -69.59 -45.75
CA ASP L 187 0.30 -68.53 -46.32
C ASP L 187 0.43 -67.25 -45.50
N MET L 188 1.09 -67.33 -44.34
CA MET L 188 1.42 -66.14 -43.57
C MET L 188 2.13 -65.10 -44.43
N CYS L 189 2.99 -65.54 -45.36
CA CYS L 189 3.70 -64.56 -46.15
C CYS L 189 2.85 -63.97 -47.27
N GLN L 190 1.57 -64.31 -47.34
CA GLN L 190 0.65 -63.66 -48.27
C GLN L 190 0.16 -62.32 -47.76
N LEU L 191 0.36 -62.03 -46.47
CA LEU L 191 0.12 -60.69 -45.93
C LEU L 191 1.11 -59.71 -46.54
N THR L 192 0.93 -59.40 -47.83
CA THR L 192 1.96 -58.71 -48.60
C THR L 192 2.08 -57.23 -48.24
N GLY L 193 1.14 -56.68 -47.48
CA GLY L 193 1.21 -55.28 -47.12
C GLY L 193 1.39 -55.06 -45.62
N LEU L 194 1.51 -56.15 -44.87
CA LEU L 194 1.63 -56.07 -43.44
C LEU L 194 3.00 -55.53 -43.01
N TRP L 195 3.01 -54.68 -41.98
CA TRP L 195 4.25 -54.27 -41.33
C TRP L 195 4.35 -54.73 -39.88
N TYR L 196 3.25 -55.15 -39.25
CA TYR L 196 3.24 -55.51 -37.84
C TYR L 196 2.48 -56.82 -37.65
N PHE L 197 3.20 -57.88 -37.25
CA PHE L 197 2.61 -59.19 -37.00
C PHE L 197 2.85 -59.55 -35.54
N ASP L 198 1.80 -59.50 -34.71
CA ASP L 198 1.96 -59.71 -33.27
C ASP L 198 0.96 -60.76 -32.81
N VAL L 199 1.47 -61.93 -32.45
CA VAL L 199 0.62 -63.01 -31.95
C VAL L 199 1.17 -63.51 -30.62
N ARG L 200 1.90 -62.64 -29.91
CA ARG L 200 2.55 -63.03 -28.67
C ARG L 200 1.51 -63.33 -27.59
N GLY L 201 1.80 -64.33 -26.76
CA GLY L 201 1.00 -64.62 -25.60
C GLY L 201 -0.17 -65.56 -25.82
N ASN L 202 -0.19 -66.29 -26.94
CA ASN L 202 -1.23 -67.27 -27.20
C ASN L 202 -0.70 -68.67 -26.88
N ASN L 203 -1.33 -69.69 -27.46
CA ASN L 203 -0.94 -71.08 -27.25
C ASN L 203 -0.82 -71.81 -28.59
N LEU L 204 -0.04 -71.24 -29.52
CA LEU L 204 0.11 -71.82 -30.85
C LEU L 204 1.26 -72.81 -30.88
N THR L 205 0.96 -74.03 -31.31
CA THR L 205 2.00 -75.05 -31.44
C THR L 205 2.56 -75.00 -32.86
N GLY L 206 3.24 -76.05 -33.29
CA GLY L 206 3.86 -76.07 -34.61
C GLY L 206 5.21 -75.38 -34.63
N THR L 207 5.71 -75.16 -35.84
CA THR L 207 7.02 -74.57 -36.05
C THR L 207 6.89 -73.27 -36.83
N ILE L 208 8.01 -72.56 -36.91
CA ILE L 208 8.13 -71.39 -37.78
C ILE L 208 8.16 -71.89 -39.23
N PRO L 209 7.26 -71.41 -40.10
CA PRO L 209 7.27 -71.90 -41.48
C PRO L 209 8.59 -71.58 -42.18
N GLU L 210 9.08 -72.53 -42.97
CA GLU L 210 10.39 -72.38 -43.61
C GLU L 210 10.40 -71.32 -44.70
N SER L 211 9.24 -70.95 -45.22
CA SER L 211 9.13 -69.92 -46.25
C SER L 211 8.94 -68.53 -45.67
N ILE L 212 9.17 -68.36 -44.37
CA ILE L 212 8.89 -67.09 -43.72
C ILE L 212 9.76 -65.96 -44.24
N GLY L 213 10.82 -66.30 -44.99
CA GLY L 213 11.64 -65.27 -45.62
C GLY L 213 10.97 -64.56 -46.77
N ASN L 214 9.80 -65.02 -47.20
CA ASN L 214 8.99 -64.30 -48.17
C ASN L 214 8.25 -63.12 -47.56
N CYS L 215 8.21 -63.04 -46.23
CA CYS L 215 7.48 -61.98 -45.52
C CYS L 215 8.34 -60.73 -45.39
N THR L 216 8.73 -60.18 -46.54
CA THR L 216 9.74 -59.13 -46.57
C THR L 216 9.18 -57.75 -46.25
N SER L 217 7.87 -57.59 -46.17
CA SER L 217 7.27 -56.31 -45.81
C SER L 217 7.22 -56.10 -44.30
N PHE L 218 7.40 -57.15 -43.52
CA PHE L 218 7.28 -57.06 -42.07
C PHE L 218 8.32 -56.11 -41.49
N GLN L 219 7.87 -55.24 -40.59
CA GLN L 219 8.75 -54.41 -39.79
C GLN L 219 8.92 -54.92 -38.37
N ILE L 220 7.93 -55.65 -37.85
CA ILE L 220 7.95 -56.17 -36.49
C ILE L 220 7.32 -57.55 -36.54
N LEU L 221 8.12 -58.59 -36.26
CA LEU L 221 7.63 -59.96 -36.17
C LEU L 221 7.70 -60.39 -34.72
N ASP L 222 6.54 -60.75 -34.15
CA ASP L 222 6.44 -61.07 -32.73
C ASP L 222 5.55 -62.29 -32.58
N ILE L 223 6.17 -63.44 -32.33
CA ILE L 223 5.46 -64.69 -32.07
C ILE L 223 5.82 -65.26 -30.71
N SER L 224 6.26 -64.39 -29.81
CA SER L 224 6.87 -64.79 -28.56
C SER L 224 5.86 -65.42 -27.60
N TYR L 225 6.39 -66.22 -26.67
CA TYR L 225 5.63 -66.79 -25.55
C TYR L 225 4.45 -67.62 -26.07
N ASN L 226 4.76 -68.70 -26.78
CA ASN L 226 3.72 -69.30 -27.60
C ASN L 226 3.77 -70.83 -27.66
N GLN L 227 4.84 -71.44 -27.16
CA GLN L 227 5.05 -72.90 -27.21
C GLN L 227 5.34 -73.39 -28.63
N ILE L 228 6.01 -72.58 -29.44
CA ILE L 228 6.40 -72.98 -30.80
C ILE L 228 7.68 -73.80 -30.73
N THR L 229 7.74 -74.88 -31.51
CA THR L 229 8.85 -75.82 -31.49
C THR L 229 9.63 -75.73 -32.80
N GLY L 230 10.54 -76.69 -33.02
CA GLY L 230 11.38 -76.71 -34.19
C GLY L 230 12.58 -75.79 -34.02
N GLU L 231 13.26 -75.55 -35.13
CA GLU L 231 14.43 -74.68 -35.15
C GLU L 231 14.07 -73.35 -35.81
N ILE L 232 15.04 -72.44 -35.84
CA ILE L 232 14.89 -71.14 -36.47
C ILE L 232 15.25 -71.31 -37.94
N PRO L 233 14.30 -71.22 -38.88
CA PRO L 233 14.62 -71.47 -40.29
C PRO L 233 15.68 -70.51 -40.80
N TYR L 234 16.48 -71.00 -41.75
CA TYR L 234 17.51 -70.17 -42.36
C TYR L 234 16.90 -68.93 -43.01
N ASN L 235 15.75 -69.09 -43.67
CA ASN L 235 15.15 -68.00 -44.42
C ASN L 235 14.73 -66.84 -43.55
N ILE L 236 14.76 -66.99 -42.22
CA ILE L 236 14.56 -65.87 -41.30
C ILE L 236 15.51 -64.73 -41.66
N GLY L 237 16.64 -65.06 -42.30
CA GLY L 237 17.62 -64.06 -42.68
C GLY L 237 17.18 -63.12 -43.81
N PHE L 238 16.11 -63.46 -44.51
CA PHE L 238 15.59 -62.60 -45.57
C PHE L 238 14.60 -61.58 -45.05
N LEU L 239 14.14 -61.71 -43.81
CA LEU L 239 13.25 -60.72 -43.24
C LEU L 239 13.94 -59.37 -43.21
N GLN L 240 13.14 -58.32 -43.31
CA GLN L 240 13.61 -56.95 -43.18
C GLN L 240 13.16 -56.34 -41.87
N VAL L 241 12.81 -57.19 -40.90
CA VAL L 241 12.25 -56.72 -39.65
C VAL L 241 13.27 -55.86 -38.90
N ALA L 242 12.76 -54.93 -38.11
CA ALA L 242 13.55 -54.23 -37.11
C ALA L 242 13.39 -54.84 -35.74
N THR L 243 12.30 -55.57 -35.52
CA THR L 243 12.05 -56.27 -34.27
C THR L 243 11.78 -57.73 -34.60
N LEU L 244 12.62 -58.62 -34.07
CA LEU L 244 12.42 -60.06 -34.22
C LEU L 244 12.29 -60.63 -32.80
N SER L 245 11.06 -60.98 -32.42
CA SER L 245 10.70 -61.34 -31.06
C SER L 245 10.22 -62.78 -31.04
N LEU L 246 11.15 -63.70 -30.78
CA LEU L 246 10.85 -65.13 -30.76
C LEU L 246 10.91 -65.72 -29.35
N GLN L 247 11.03 -64.88 -28.32
CA GLN L 247 11.35 -65.33 -26.97
C GLN L 247 10.19 -66.09 -26.32
N GLY L 248 10.52 -66.86 -25.29
CA GLY L 248 9.51 -67.51 -24.49
C GLY L 248 8.91 -68.75 -25.10
N ASN L 249 9.55 -69.34 -26.11
CA ASN L 249 9.03 -70.49 -26.80
C ASN L 249 9.85 -71.75 -26.46
N ARG L 250 9.81 -72.74 -27.35
CA ARG L 250 10.50 -74.02 -27.19
C ARG L 250 11.42 -74.30 -28.38
N LEU L 251 12.03 -73.24 -28.91
CA LEU L 251 12.92 -73.38 -30.07
C LEU L 251 14.18 -74.15 -29.69
N THR L 252 14.61 -75.03 -30.59
CA THR L 252 15.79 -75.85 -30.38
C THR L 252 16.79 -75.58 -31.51
N GLY L 253 17.99 -76.11 -31.33
CA GLY L 253 19.04 -75.94 -32.32
C GLY L 253 19.87 -74.70 -32.07
N ARG L 254 20.80 -74.48 -32.99
CA ARG L 254 21.69 -73.34 -32.91
C ARG L 254 21.03 -72.08 -33.45
N ILE L 255 21.68 -70.95 -33.20
CA ILE L 255 21.23 -69.66 -33.72
C ILE L 255 21.72 -69.53 -35.16
N PRO L 256 20.83 -69.48 -36.16
CA PRO L 256 21.27 -69.33 -37.55
C PRO L 256 22.19 -68.14 -37.75
N GLU L 257 23.39 -68.41 -38.28
CA GLU L 257 24.39 -67.37 -38.49
C GLU L 257 23.90 -66.27 -39.43
N VAL L 258 22.96 -66.60 -40.31
CA VAL L 258 22.46 -65.64 -41.30
C VAL L 258 21.81 -64.43 -40.63
N ILE L 259 21.35 -64.58 -39.39
CA ILE L 259 20.77 -63.47 -38.65
C ILE L 259 21.76 -62.31 -38.54
N GLY L 260 23.06 -62.59 -38.70
CA GLY L 260 24.09 -61.56 -38.66
C GLY L 260 24.10 -60.63 -39.86
N LEU L 261 23.34 -60.93 -40.91
CA LEU L 261 23.27 -60.07 -42.08
C LEU L 261 22.05 -59.15 -42.06
N MET L 262 21.13 -59.35 -41.11
CA MET L 262 19.92 -58.53 -41.00
C MET L 262 20.27 -57.20 -40.34
N GLN L 263 20.91 -56.34 -41.12
CA GLN L 263 21.45 -55.10 -40.56
C GLN L 263 20.37 -54.05 -40.26
N ALA L 264 19.15 -54.23 -40.75
CA ALA L 264 18.06 -53.33 -40.36
C ALA L 264 17.53 -53.67 -38.97
N LEU L 265 17.87 -54.84 -38.43
CA LEU L 265 17.44 -55.27 -37.11
C LEU L 265 17.76 -54.23 -36.05
N ALA L 266 16.78 -53.96 -35.17
CA ALA L 266 17.00 -53.08 -34.03
C ALA L 266 16.72 -53.73 -32.69
N VAL L 267 15.95 -54.82 -32.66
CA VAL L 267 15.68 -55.56 -31.43
C VAL L 267 15.69 -57.04 -31.79
N LEU L 268 16.58 -57.80 -31.17
CA LEU L 268 16.68 -59.23 -31.43
C LEU L 268 16.49 -59.96 -30.10
N ASP L 269 15.41 -60.74 -30.01
CA ASP L 269 15.07 -61.41 -28.75
C ASP L 269 14.85 -62.89 -29.03
N LEU L 270 15.85 -63.71 -28.69
CA LEU L 270 15.78 -65.16 -28.86
C LEU L 270 15.74 -65.88 -27.50
N SER L 271 15.39 -65.16 -26.45
CA SER L 271 15.59 -65.62 -25.08
C SER L 271 14.51 -66.63 -24.66
N ASP L 272 14.75 -67.25 -23.51
CA ASP L 272 13.80 -68.19 -22.87
C ASP L 272 13.35 -69.27 -23.84
N ASN L 273 14.31 -69.83 -24.59
CA ASN L 273 14.06 -71.00 -25.41
C ASN L 273 14.92 -72.17 -24.95
N GLU L 274 15.22 -73.10 -25.85
CA GLU L 274 16.10 -74.23 -25.58
C GLU L 274 17.21 -74.28 -26.62
N LEU L 275 17.72 -73.11 -27.01
CA LEU L 275 18.78 -73.03 -28.00
C LEU L 275 20.09 -73.57 -27.44
N VAL L 276 20.99 -73.96 -28.35
CA VAL L 276 22.26 -74.57 -28.00
C VAL L 276 23.33 -73.98 -28.92
N GLY L 277 24.57 -74.38 -28.67
CA GLY L 277 25.69 -73.93 -29.46
C GLY L 277 26.18 -72.55 -29.09
N PRO L 278 27.09 -72.01 -29.89
CA PRO L 278 27.74 -70.75 -29.53
C PRO L 278 26.91 -69.54 -29.95
N ILE L 279 27.30 -68.39 -29.40
CA ILE L 279 26.82 -67.08 -29.85
C ILE L 279 27.55 -66.77 -31.15
N PRO L 280 26.88 -66.75 -32.30
CA PRO L 280 27.57 -66.50 -33.56
C PRO L 280 28.26 -65.15 -33.55
N PRO L 281 29.57 -65.12 -33.83
CA PRO L 281 30.30 -63.84 -33.81
C PRO L 281 29.84 -62.85 -34.87
N ILE L 282 29.18 -63.32 -35.92
CA ILE L 282 28.71 -62.43 -36.98
C ILE L 282 27.75 -61.39 -36.43
N LEU L 283 27.08 -61.69 -35.31
CA LEU L 283 26.23 -60.73 -34.62
C LEU L 283 26.94 -59.40 -34.37
N GLY L 284 28.28 -59.40 -34.46
CA GLY L 284 29.02 -58.16 -34.27
C GLY L 284 28.65 -57.09 -35.29
N ASN L 285 28.42 -57.49 -36.54
CA ASN L 285 28.13 -56.49 -37.56
C ASN L 285 26.65 -56.09 -37.59
N LEU L 286 25.91 -56.42 -36.53
CA LEU L 286 24.57 -55.88 -36.32
C LEU L 286 24.65 -54.48 -35.71
N SER L 287 25.21 -53.57 -36.49
CA SER L 287 25.56 -52.22 -36.03
C SER L 287 24.37 -51.32 -35.78
N PHE L 288 23.11 -51.75 -35.89
CA PHE L 288 21.98 -50.90 -35.59
C PHE L 288 21.08 -51.44 -34.49
N THR L 289 21.35 -52.63 -33.96
CA THR L 289 20.52 -53.17 -32.88
C THR L 289 20.91 -52.55 -31.55
N GLY L 290 19.90 -52.31 -30.72
CA GLY L 290 20.12 -51.73 -29.41
C GLY L 290 19.73 -52.69 -28.30
N LYS L 291 18.98 -53.73 -28.64
CA LYS L 291 18.59 -54.77 -27.69
C LYS L 291 19.01 -56.13 -28.22
N LEU L 292 19.85 -56.82 -27.46
CA LEU L 292 20.23 -58.21 -27.73
C LEU L 292 19.86 -59.02 -26.49
N TYR L 293 18.79 -59.80 -26.62
CA TYR L 293 18.29 -60.62 -25.51
C TYR L 293 18.48 -62.09 -25.88
N LEU L 294 19.55 -62.69 -25.39
CA LEU L 294 19.84 -64.10 -25.60
C LEU L 294 19.78 -64.92 -24.31
N HIS L 295 19.18 -64.36 -23.25
CA HIS L 295 19.23 -64.99 -21.94
C HIS L 295 18.32 -66.22 -21.86
N GLY L 296 18.59 -67.08 -20.88
CA GLY L 296 17.71 -68.18 -20.60
C GLY L 296 17.72 -69.34 -21.58
N ASN L 297 18.86 -69.58 -22.25
CA ASN L 297 19.00 -70.70 -23.18
C ASN L 297 20.03 -71.70 -22.63
N MET L 298 20.70 -72.41 -23.53
CA MET L 298 21.82 -73.28 -23.21
C MET L 298 22.99 -72.97 -24.12
N LEU L 299 23.24 -71.68 -24.35
CA LEU L 299 24.34 -71.24 -25.19
C LEU L 299 25.66 -71.64 -24.57
N THR L 300 26.71 -71.62 -25.39
CA THR L 300 27.97 -72.24 -25.05
C THR L 300 29.09 -71.36 -25.59
N GLY L 301 30.23 -71.37 -24.92
CA GLY L 301 31.36 -70.61 -25.40
C GLY L 301 31.37 -69.19 -24.85
N PRO L 302 32.07 -68.30 -25.53
CA PRO L 302 32.37 -66.98 -24.98
C PRO L 302 31.26 -65.97 -25.22
N ILE L 303 31.42 -64.82 -24.58
CA ILE L 303 30.81 -63.57 -25.01
C ILE L 303 31.71 -63.13 -26.16
N PRO L 304 31.26 -63.22 -27.41
CA PRO L 304 32.15 -62.85 -28.52
C PRO L 304 32.56 -61.38 -28.40
N SER L 305 33.87 -61.14 -28.52
CA SER L 305 34.37 -59.77 -28.44
C SER L 305 33.82 -58.90 -29.55
N GLU L 306 33.37 -59.52 -30.65
CA GLU L 306 32.71 -58.76 -31.71
C GLU L 306 31.43 -58.10 -31.22
N LEU L 307 30.89 -58.54 -30.08
CA LEU L 307 29.75 -57.84 -29.48
C LEU L 307 30.09 -56.39 -29.17
N GLY L 308 31.37 -56.07 -29.03
CA GLY L 308 31.78 -54.69 -28.84
C GLY L 308 31.73 -53.83 -30.08
N ASN L 309 31.59 -54.45 -31.25
CA ASN L 309 31.42 -53.71 -32.50
C ASN L 309 29.99 -53.22 -32.68
N MET L 310 29.04 -53.67 -31.86
CA MET L 310 27.67 -53.17 -31.94
C MET L 310 27.61 -51.77 -31.36
N SER L 311 27.83 -50.76 -32.21
CA SER L 311 27.94 -49.38 -31.75
C SER L 311 26.74 -48.95 -30.94
N ARG L 312 25.54 -49.36 -31.35
CA ARG L 312 24.30 -48.84 -30.78
C ARG L 312 23.68 -49.78 -29.75
N LEU L 313 24.40 -50.80 -29.31
CA LEU L 313 23.86 -51.73 -28.32
C LEU L 313 23.64 -51.01 -27.00
N SER L 314 22.45 -51.20 -26.40
CA SER L 314 22.09 -50.49 -25.17
C SER L 314 21.60 -51.46 -24.10
N TYR L 315 21.02 -52.58 -24.50
CA TYR L 315 20.47 -53.56 -23.57
C TYR L 315 21.01 -54.92 -23.97
N LEU L 316 21.91 -55.47 -23.15
CA LEU L 316 22.53 -56.75 -23.47
C LEU L 316 22.28 -57.72 -22.32
N GLN L 317 21.46 -58.74 -22.58
CA GLN L 317 21.15 -59.75 -21.57
C GLN L 317 21.58 -61.12 -22.09
N LEU L 318 22.63 -61.66 -21.47
CA LEU L 318 23.13 -62.99 -21.80
C LEU L 318 23.05 -63.94 -20.61
N ASN L 319 22.18 -63.64 -19.63
CA ASN L 319 22.18 -64.39 -18.39
C ASN L 319 21.57 -65.78 -18.58
N ASP L 320 21.68 -66.58 -17.53
CA ASP L 320 21.09 -67.92 -17.47
C ASP L 320 21.43 -68.75 -18.71
N ASN L 321 22.72 -68.79 -19.03
CA ASN L 321 23.23 -69.61 -20.13
C ASN L 321 24.31 -70.55 -19.63
N LYS L 322 25.28 -70.88 -20.48
CA LYS L 322 26.41 -71.71 -20.09
C LYS L 322 27.71 -71.15 -20.69
N LEU L 323 27.80 -69.83 -20.76
CA LEU L 323 28.97 -69.20 -21.35
C LEU L 323 30.19 -69.35 -20.46
N VAL L 324 31.37 -69.38 -21.08
CA VAL L 324 32.61 -69.59 -20.35
C VAL L 324 33.62 -68.50 -20.72
N GLY L 325 34.84 -68.64 -20.24
CA GLY L 325 35.86 -67.67 -20.56
C GLY L 325 35.72 -66.37 -19.78
N THR L 326 36.38 -65.34 -20.31
CA THR L 326 36.41 -64.02 -19.68
C THR L 326 35.41 -63.07 -20.31
N ILE L 327 35.10 -62.03 -19.56
CA ILE L 327 34.33 -60.90 -20.06
C ILE L 327 35.26 -60.14 -21.00
N PRO L 328 34.90 -60.01 -22.27
CA PRO L 328 35.81 -59.37 -23.23
C PRO L 328 35.99 -57.89 -22.91
N PRO L 329 37.23 -57.41 -22.85
CA PRO L 329 37.45 -55.96 -22.62
C PRO L 329 36.85 -55.10 -23.71
N GLU L 330 36.65 -55.65 -24.92
CA GLU L 330 36.08 -54.89 -26.03
C GLU L 330 34.66 -54.43 -25.75
N LEU L 331 33.98 -55.04 -24.76
CA LEU L 331 32.69 -54.54 -24.31
C LEU L 331 32.76 -53.08 -23.88
N GLY L 332 33.97 -52.57 -23.59
CA GLY L 332 34.11 -51.17 -23.24
C GLY L 332 33.97 -50.22 -24.42
N LYS L 333 33.86 -50.74 -25.65
CA LYS L 333 33.57 -49.87 -26.78
C LYS L 333 32.12 -49.44 -26.82
N LEU L 334 31.24 -50.16 -26.13
CA LEU L 334 29.80 -49.88 -26.12
C LEU L 334 29.56 -48.65 -25.26
N GLU L 335 29.81 -47.49 -25.85
CA GLU L 335 29.65 -46.23 -25.13
C GLU L 335 28.19 -45.97 -24.75
N GLN L 336 27.25 -46.57 -25.47
CA GLN L 336 25.83 -46.38 -25.22
C GLN L 336 25.18 -47.55 -24.49
N LEU L 337 25.98 -48.47 -23.95
CA LEU L 337 25.42 -49.60 -23.22
C LEU L 337 24.75 -49.10 -21.94
N PHE L 338 23.50 -49.49 -21.75
CA PHE L 338 22.71 -49.05 -20.60
C PHE L 338 22.53 -50.14 -19.55
N GLU L 339 22.28 -51.39 -19.96
CA GLU L 339 22.09 -52.50 -19.04
C GLU L 339 22.87 -53.71 -19.53
N LEU L 340 23.63 -54.30 -18.60
CA LEU L 340 24.48 -55.46 -18.89
C LEU L 340 24.17 -56.54 -17.86
N ASN L 341 23.62 -57.66 -18.32
CA ASN L 341 23.25 -58.75 -17.42
C ASN L 341 23.92 -60.03 -17.91
N LEU L 342 25.05 -60.37 -17.29
CA LEU L 342 25.78 -61.59 -17.57
C LEU L 342 25.62 -62.65 -16.48
N ALA L 343 24.54 -62.56 -15.70
CA ALA L 343 24.40 -63.39 -14.50
C ALA L 343 24.28 -64.88 -14.85
N ASN L 344 24.50 -65.71 -13.83
CA ASN L 344 24.26 -67.16 -13.90
C ASN L 344 24.95 -67.80 -15.10
N ASN L 345 26.27 -67.63 -15.16
CA ASN L 345 27.05 -68.29 -16.20
C ASN L 345 28.25 -69.03 -15.61
N ARG L 346 29.33 -69.16 -16.38
CA ARG L 346 30.57 -69.80 -15.95
C ARG L 346 31.76 -68.95 -16.35
N LEU L 347 31.54 -67.64 -16.45
CA LEU L 347 32.61 -66.71 -16.80
C LEU L 347 33.73 -66.74 -15.76
N VAL L 348 34.87 -66.20 -16.16
CA VAL L 348 36.12 -66.42 -15.45
C VAL L 348 36.94 -65.14 -15.58
N GLY L 349 37.80 -64.90 -14.59
CA GLY L 349 38.75 -63.81 -14.66
C GLY L 349 38.21 -62.50 -14.10
N PRO L 350 38.98 -61.44 -14.28
CA PRO L 350 38.62 -60.15 -13.70
C PRO L 350 37.47 -59.47 -14.46
N ILE L 351 36.77 -58.61 -13.74
CA ILE L 351 35.91 -57.62 -14.38
C ILE L 351 36.83 -56.67 -15.13
N PRO L 352 36.71 -56.55 -16.44
CA PRO L 352 37.66 -55.73 -17.20
C PRO L 352 37.59 -54.27 -16.78
N SER L 353 38.76 -53.66 -16.65
CA SER L 353 38.82 -52.23 -16.34
C SER L 353 38.20 -51.40 -17.46
N ASN L 354 38.40 -51.84 -18.72
CA ASN L 354 37.92 -51.08 -19.88
C ASN L 354 36.41 -50.88 -19.85
N ILE L 355 35.69 -51.64 -19.03
CA ILE L 355 34.24 -51.55 -18.98
C ILE L 355 33.82 -50.27 -18.27
N SER L 356 34.79 -49.48 -17.82
CA SER L 356 34.47 -48.17 -17.26
C SER L 356 34.23 -47.13 -18.34
N SER L 357 34.47 -47.47 -19.61
CA SER L 357 34.18 -46.58 -20.72
C SER L 357 32.70 -46.59 -21.10
N CYS L 358 31.93 -47.58 -20.64
CA CYS L 358 30.47 -47.57 -20.77
C CYS L 358 29.94 -46.58 -19.74
N ALA L 359 30.07 -45.30 -20.08
CA ALA L 359 29.71 -44.23 -19.15
C ALA L 359 28.23 -44.29 -18.78
N ALA L 360 27.37 -44.45 -19.78
CA ALA L 360 25.92 -44.50 -19.56
C ALA L 360 25.46 -45.81 -18.92
N LEU L 361 26.37 -46.73 -18.62
CA LEU L 361 25.98 -48.00 -18.04
C LEU L 361 25.16 -47.77 -16.77
N ASN L 362 24.04 -48.47 -16.67
CA ASN L 362 23.03 -48.18 -15.65
C ASN L 362 22.71 -49.36 -14.76
N GLN L 363 22.75 -50.58 -15.28
CA GLN L 363 22.59 -51.78 -14.47
C GLN L 363 23.67 -52.78 -14.86
N PHE L 364 24.36 -53.32 -13.86
CA PHE L 364 25.48 -54.24 -14.06
C PHE L 364 25.26 -55.45 -13.17
N ASN L 365 25.08 -56.62 -13.78
CA ASN L 365 24.72 -57.83 -13.02
C ASN L 365 25.57 -58.98 -13.53
N VAL L 366 26.52 -59.44 -12.72
CA VAL L 366 27.37 -60.58 -13.05
C VAL L 366 27.22 -61.68 -12.00
N HIS L 367 26.06 -61.72 -11.36
CA HIS L 367 25.82 -62.68 -10.29
C HIS L 367 25.97 -64.12 -10.76
N GLY L 368 26.55 -64.96 -9.91
CA GLY L 368 26.52 -66.40 -10.13
C GLY L 368 27.56 -66.94 -11.08
N ASN L 369 28.74 -66.33 -11.14
CA ASN L 369 29.80 -66.75 -12.05
C ASN L 369 30.98 -67.29 -11.25
N LEU L 370 32.19 -67.17 -11.81
CA LEU L 370 33.44 -67.54 -11.16
C LEU L 370 34.48 -66.43 -11.37
N LEU L 371 34.02 -65.18 -11.42
CA LEU L 371 34.94 -64.08 -11.67
C LEU L 371 35.89 -63.92 -10.49
N SER L 372 37.02 -63.28 -10.76
CA SER L 372 38.14 -63.27 -9.84
C SER L 372 38.68 -61.85 -9.75
N GLY L 373 39.68 -61.68 -8.89
CA GLY L 373 40.33 -60.41 -8.73
C GLY L 373 39.52 -59.45 -7.89
N SER L 374 39.93 -58.19 -7.94
CA SER L 374 39.29 -57.11 -7.21
C SER L 374 38.41 -56.28 -8.13
N ILE L 375 37.51 -55.51 -7.52
CA ILE L 375 36.78 -54.47 -8.23
C ILE L 375 37.78 -53.44 -8.71
N PRO L 376 37.94 -53.23 -10.01
CA PRO L 376 38.87 -52.21 -10.48
C PRO L 376 38.43 -50.83 -10.00
N LEU L 377 39.41 -49.93 -9.90
CA LEU L 377 39.06 -48.59 -9.44
C LEU L 377 38.21 -47.86 -10.45
N ALA L 378 38.39 -48.14 -11.75
CA ALA L 378 37.71 -47.34 -12.75
C ALA L 378 36.19 -47.47 -12.68
N PHE L 379 35.67 -48.33 -11.82
CA PHE L 379 34.23 -48.38 -11.57
C PHE L 379 33.69 -47.11 -10.95
N ARG L 380 34.56 -46.26 -10.39
CA ARG L 380 34.11 -44.97 -9.88
C ARG L 380 33.68 -44.03 -10.99
N ASN L 381 34.03 -44.35 -12.24
CA ASN L 381 33.63 -43.54 -13.38
C ASN L 381 32.22 -43.87 -13.84
N LEU L 382 31.68 -45.01 -13.42
CA LEU L 382 30.32 -45.41 -13.75
C LEU L 382 29.34 -44.55 -12.96
N GLY L 383 29.24 -43.27 -13.33
CA GLY L 383 28.40 -42.35 -12.57
C GLY L 383 26.93 -42.70 -12.60
N SER L 384 26.43 -43.15 -13.76
CA SER L 384 25.02 -43.43 -13.94
C SER L 384 24.62 -44.81 -13.44
N LEU L 385 25.57 -45.60 -12.94
CA LEU L 385 25.27 -46.93 -12.44
C LEU L 385 24.21 -46.86 -11.36
N THR L 386 23.32 -47.87 -11.34
CA THR L 386 22.15 -47.85 -10.47
C THR L 386 21.96 -49.20 -9.78
N TYR L 387 22.14 -50.29 -10.52
CA TYR L 387 22.01 -51.64 -10.01
C TYR L 387 23.38 -52.29 -10.12
N LEU L 388 23.91 -52.80 -9.02
CA LEU L 388 25.24 -53.40 -9.05
C LEU L 388 25.18 -54.72 -8.29
N ASN L 389 25.05 -55.83 -9.03
CA ASN L 389 24.93 -57.16 -8.46
C ASN L 389 26.16 -57.98 -8.85
N LEU L 390 27.19 -57.91 -8.00
CA LEU L 390 28.39 -58.72 -8.14
C LEU L 390 28.31 -60.00 -7.31
N SER L 391 27.12 -60.37 -6.86
CA SER L 391 26.98 -61.40 -5.84
C SER L 391 27.40 -62.77 -6.37
N SER L 392 27.54 -63.72 -5.43
CA SER L 392 27.93 -65.10 -5.69
C SER L 392 29.07 -65.22 -6.70
N ASN L 393 30.28 -64.83 -6.30
CA ASN L 393 31.43 -64.90 -7.19
C ASN L 393 32.67 -65.25 -6.35
N ASN L 394 33.85 -64.88 -6.85
CA ASN L 394 35.11 -65.14 -6.19
C ASN L 394 35.98 -63.90 -6.17
N PHE L 395 35.36 -62.74 -5.96
CA PHE L 395 36.12 -61.50 -5.88
C PHE L 395 36.86 -61.41 -4.55
N LYS L 396 37.99 -60.71 -4.56
CA LYS L 396 38.77 -60.50 -3.35
C LYS L 396 39.16 -59.04 -3.24
N GLY L 397 39.98 -58.70 -2.27
CA GLY L 397 40.31 -57.31 -2.01
C GLY L 397 39.29 -56.66 -1.10
N LYS L 398 39.42 -55.34 -0.97
CA LYS L 398 38.54 -54.56 -0.11
C LYS L 398 37.48 -53.84 -0.93
N ILE L 399 36.31 -53.69 -0.33
CA ILE L 399 35.24 -52.87 -0.92
C ILE L 399 35.82 -51.47 -1.08
N PRO L 400 35.88 -50.95 -2.31
CA PRO L 400 36.56 -49.67 -2.52
C PRO L 400 35.82 -48.53 -1.84
N VAL L 401 36.58 -47.59 -1.28
CA VAL L 401 36.00 -46.34 -0.79
C VAL L 401 35.21 -45.65 -1.91
N GLU L 402 35.78 -45.67 -3.13
CA GLU L 402 35.17 -44.97 -4.26
C GLU L 402 33.80 -45.52 -4.60
N LEU L 403 33.50 -46.77 -4.21
CA LEU L 403 32.19 -47.34 -4.44
C LEU L 403 31.08 -46.47 -3.84
N GLY L 404 31.40 -45.72 -2.79
CA GLY L 404 30.39 -44.87 -2.17
C GLY L 404 30.08 -43.61 -2.95
N HIS L 405 30.88 -43.27 -3.96
CA HIS L 405 30.70 -42.06 -4.73
C HIS L 405 29.83 -42.27 -5.97
N ILE L 406 29.07 -43.36 -6.02
CA ILE L 406 28.13 -43.62 -7.11
C ILE L 406 26.78 -43.25 -6.54
N ILE L 407 26.42 -41.96 -6.72
CA ILE L 407 25.36 -41.34 -5.93
C ILE L 407 24.00 -41.98 -6.19
N ASN L 408 23.81 -42.58 -7.35
CA ASN L 408 22.49 -43.06 -7.76
C ASN L 408 22.30 -44.55 -7.50
N LEU L 409 23.24 -45.20 -6.82
CA LEU L 409 23.07 -46.61 -6.46
C LEU L 409 21.84 -46.79 -5.57
N ASP L 410 20.97 -47.72 -5.96
CA ASP L 410 19.83 -48.11 -5.14
C ASP L 410 19.79 -49.59 -4.79
N LYS L 411 20.57 -50.44 -5.46
CA LYS L 411 20.69 -51.85 -5.11
C LYS L 411 22.14 -52.27 -5.26
N LEU L 412 22.73 -52.73 -4.16
CA LEU L 412 24.15 -53.07 -4.11
C LEU L 412 24.28 -54.45 -3.45
N ASP L 413 24.67 -55.44 -4.25
CA ASP L 413 24.85 -56.81 -3.78
C ASP L 413 26.28 -57.25 -4.07
N LEU L 414 27.08 -57.34 -3.01
CA LEU L 414 28.43 -57.88 -3.06
C LEU L 414 28.52 -59.23 -2.35
N SER L 415 27.37 -59.84 -2.05
CA SER L 415 27.34 -61.00 -1.18
C SER L 415 27.97 -62.22 -1.86
N GLY L 416 28.32 -63.20 -1.04
CA GLY L 416 28.85 -64.45 -1.55
C GLY L 416 30.22 -64.35 -2.18
N ASN L 417 31.07 -63.42 -1.71
CA ASN L 417 32.41 -63.30 -2.24
C ASN L 417 33.50 -63.51 -1.19
N ASN L 418 34.68 -62.94 -1.41
CA ASN L 418 35.81 -63.01 -0.48
C ASN L 418 36.40 -61.62 -0.29
N PHE L 419 35.55 -60.64 0.00
CA PHE L 419 36.03 -59.28 0.26
C PHE L 419 36.66 -59.19 1.64
N SER L 420 37.69 -58.38 1.74
CA SER L 420 38.47 -58.22 2.96
C SER L 420 38.39 -56.77 3.42
N GLY L 421 39.11 -56.48 4.50
CA GLY L 421 39.11 -55.14 5.08
C GLY L 421 37.80 -54.83 5.79
N SER L 422 37.67 -53.55 6.16
CA SER L 422 36.47 -53.05 6.81
C SER L 422 35.58 -52.34 5.81
N ILE L 423 34.31 -52.19 6.18
CA ILE L 423 33.34 -51.54 5.30
C ILE L 423 33.67 -50.05 5.19
N PRO L 424 33.76 -49.50 3.99
CA PRO L 424 34.03 -48.06 3.86
C PRO L 424 32.88 -47.25 4.44
N LEU L 425 33.23 -46.13 5.08
CA LEU L 425 32.20 -45.26 5.65
C LEU L 425 31.40 -44.55 4.57
N THR L 426 31.96 -44.43 3.36
CA THR L 426 31.24 -43.77 2.27
C THR L 426 29.99 -44.53 1.88
N LEU L 427 29.96 -45.85 2.10
CA LEU L 427 28.73 -46.61 1.89
C LEU L 427 27.56 -45.99 2.65
N GLY L 428 27.84 -45.29 3.75
CA GLY L 428 26.78 -44.66 4.51
C GLY L 428 26.11 -43.51 3.81
N ASP L 429 26.80 -42.85 2.87
CA ASP L 429 26.22 -41.72 2.15
C ASP L 429 25.79 -42.10 0.74
N LEU L 430 25.24 -43.31 0.57
CA LEU L 430 24.48 -43.65 -0.64
C LEU L 430 23.04 -43.27 -0.33
N GLU L 431 22.73 -42.00 -0.59
CA GLU L 431 21.46 -41.40 -0.17
C GLU L 431 20.25 -42.22 -0.63
N HIS L 432 20.29 -42.71 -1.88
CA HIS L 432 19.13 -43.37 -2.48
C HIS L 432 19.19 -44.89 -2.38
N LEU L 433 20.22 -45.45 -1.77
CA LEU L 433 20.34 -46.89 -1.61
C LEU L 433 19.11 -47.48 -0.93
N LEU L 434 18.52 -48.51 -1.57
CA LEU L 434 17.42 -49.24 -0.97
C LEU L 434 17.79 -50.62 -0.45
N ILE L 435 18.70 -51.34 -1.09
CA ILE L 435 19.09 -52.68 -0.66
C ILE L 435 20.60 -52.74 -0.61
N LEU L 436 21.13 -53.24 0.51
CA LEU L 436 22.57 -53.35 0.73
C LEU L 436 22.85 -54.75 1.30
N ASN L 437 23.27 -55.68 0.43
CA ASN L 437 23.58 -57.04 0.84
C ASN L 437 25.09 -57.26 0.72
N LEU L 438 25.79 -57.26 1.86
CA LEU L 438 27.21 -57.53 1.92
C LEU L 438 27.53 -58.88 2.56
N SER L 439 26.54 -59.77 2.70
CA SER L 439 26.71 -60.97 3.50
C SER L 439 27.68 -61.94 2.81
N ARG L 440 28.15 -62.91 3.61
CA ARG L 440 28.98 -64.02 3.12
C ARG L 440 30.28 -63.50 2.47
N ASN L 441 31.11 -62.91 3.31
CA ASN L 441 32.44 -62.46 2.91
C ASN L 441 33.38 -62.64 4.10
N HIS L 442 34.50 -61.93 4.08
CA HIS L 442 35.46 -61.90 5.18
C HIS L 442 35.66 -60.48 5.69
N LEU L 443 34.58 -59.70 5.71
CA LEU L 443 34.66 -58.32 6.18
C LEU L 443 34.95 -58.29 7.68
N SER L 444 35.83 -57.38 8.08
CA SER L 444 36.23 -57.22 9.46
C SER L 444 35.96 -55.77 9.89
N GLY L 445 36.36 -55.44 11.11
CA GLY L 445 36.12 -54.11 11.63
C GLY L 445 34.73 -53.98 12.22
N GLN L 446 34.33 -52.73 12.45
CA GLN L 446 33.04 -52.43 13.02
C GLN L 446 31.98 -52.26 11.93
N LEU L 447 30.73 -52.51 12.31
CA LEU L 447 29.59 -52.13 11.50
C LEU L 447 29.48 -50.61 11.50
N PRO L 448 29.61 -49.93 10.37
CA PRO L 448 29.76 -48.47 10.40
C PRO L 448 28.50 -47.77 10.88
N ALA L 449 28.68 -46.83 11.81
CA ALA L 449 27.57 -46.00 12.28
C ALA L 449 27.05 -45.08 11.18
N GLU L 450 27.87 -44.76 10.17
CA GLU L 450 27.42 -43.94 9.06
C GLU L 450 26.27 -44.59 8.28
N PHE L 451 26.04 -45.89 8.47
CA PHE L 451 24.84 -46.53 7.92
C PHE L 451 23.56 -45.85 8.38
N GLY L 452 23.62 -45.05 9.45
CA GLY L 452 22.47 -44.27 9.86
C GLY L 452 22.04 -43.23 8.84
N ASN L 453 22.95 -42.79 7.97
CA ASN L 453 22.63 -41.80 6.96
C ASN L 453 21.90 -42.40 5.76
N LEU L 454 21.74 -43.72 5.71
CA LEU L 454 21.02 -44.37 4.62
C LEU L 454 19.54 -44.06 4.79
N ARG L 455 19.17 -42.85 4.34
CA ARG L 455 17.80 -42.36 4.47
C ARG L 455 16.79 -43.38 3.98
N SER L 456 16.96 -43.85 2.75
CA SER L 456 15.94 -44.64 2.06
C SER L 456 16.07 -46.14 2.32
N ILE L 457 17.12 -46.59 2.99
CA ILE L 457 17.42 -48.02 3.06
C ILE L 457 16.24 -48.79 3.64
N GLN L 458 16.01 -49.99 3.10
CA GLN L 458 14.98 -50.89 3.57
C GLN L 458 15.50 -52.28 3.93
N MET L 459 16.68 -52.67 3.44
CA MET L 459 17.26 -53.97 3.74
C MET L 459 18.77 -53.85 3.88
N ILE L 460 19.28 -54.35 4.99
CA ILE L 460 20.72 -54.36 5.29
C ILE L 460 21.10 -55.77 5.72
N ASP L 461 21.94 -56.43 4.94
CA ASP L 461 22.45 -57.76 5.25
C ASP L 461 23.97 -57.73 5.24
N VAL L 462 24.58 -58.07 6.37
CA VAL L 462 26.03 -58.15 6.50
C VAL L 462 26.40 -59.42 7.27
N SER L 463 25.52 -60.42 7.21
CA SER L 463 25.73 -61.65 7.96
C SER L 463 26.91 -62.45 7.41
N PHE L 464 27.33 -63.46 8.18
CA PHE L 464 28.42 -64.36 7.81
C PHE L 464 29.67 -63.61 7.39
N ASN L 465 30.16 -62.77 8.32
CA ASN L 465 31.41 -62.06 8.13
C ASN L 465 32.28 -62.20 9.38
N LEU L 466 33.18 -61.24 9.58
CA LEU L 466 34.01 -61.17 10.78
C LEU L 466 33.82 -59.83 11.47
N LEU L 467 32.64 -59.23 11.32
CA LEU L 467 32.36 -57.92 11.89
C LEU L 467 32.44 -57.97 13.42
N SER L 468 33.13 -56.99 13.99
CA SER L 468 33.33 -56.89 15.42
C SER L 468 32.71 -55.58 15.91
N GLY L 469 32.98 -55.25 17.17
CA GLY L 469 32.43 -54.04 17.74
C GLY L 469 30.97 -54.21 18.15
N VAL L 470 30.22 -53.11 18.07
CA VAL L 470 28.87 -53.03 18.59
C VAL L 470 27.90 -52.84 17.44
N ILE L 471 26.64 -53.23 17.67
CA ILE L 471 25.55 -52.89 16.78
C ILE L 471 25.40 -51.38 16.80
N PRO L 472 25.60 -50.68 15.69
CA PRO L 472 25.50 -49.22 15.70
C PRO L 472 24.12 -48.77 16.19
N THR L 473 24.12 -47.85 17.15
CA THR L 473 22.87 -47.38 17.72
C THR L 473 22.14 -46.41 16.80
N GLU L 474 22.82 -45.87 15.80
CA GLU L 474 22.19 -44.93 14.88
C GLU L 474 21.28 -45.61 13.88
N LEU L 475 21.31 -46.95 13.80
CA LEU L 475 20.37 -47.67 12.95
C LEU L 475 18.92 -47.37 13.30
N GLY L 476 18.66 -46.91 14.53
CA GLY L 476 17.32 -46.48 14.91
C GLY L 476 16.78 -45.34 14.07
N GLN L 477 17.66 -44.57 13.42
CA GLN L 477 17.21 -43.47 12.57
C GLN L 477 16.60 -43.94 11.26
N LEU L 478 16.76 -45.21 10.92
CA LEU L 478 16.37 -45.71 9.60
C LEU L 478 14.87 -45.98 9.59
N GLN L 479 14.12 -45.11 8.91
CA GLN L 479 12.67 -45.13 8.96
C GLN L 479 12.03 -46.07 7.95
N ASN L 480 12.79 -46.59 7.00
CA ASN L 480 12.29 -47.55 6.03
C ASN L 480 12.89 -48.94 6.19
N LEU L 481 13.92 -49.08 7.03
CA LEU L 481 14.57 -50.36 7.27
C LEU L 481 13.59 -51.40 7.80
N ASN L 482 13.26 -52.39 6.98
CA ASN L 482 12.36 -53.46 7.38
C ASN L 482 13.07 -54.81 7.59
N SER L 483 14.30 -54.96 7.10
CA SER L 483 15.08 -56.19 7.29
C SER L 483 16.50 -55.84 7.72
N LEU L 484 16.87 -56.26 8.94
CA LEU L 484 18.20 -56.04 9.48
C LEU L 484 18.78 -57.41 9.85
N ILE L 485 19.74 -57.88 9.05
CA ILE L 485 20.30 -59.22 9.17
C ILE L 485 21.78 -59.08 9.51
N LEU L 486 22.14 -59.42 10.76
CA LEU L 486 23.50 -59.26 11.24
C LEU L 486 24.14 -60.56 11.73
N ASN L 487 23.49 -61.70 11.51
CA ASN L 487 23.88 -62.93 12.18
C ASN L 487 25.26 -63.41 11.73
N ASN L 488 25.79 -64.37 12.49
CA ASN L 488 27.10 -64.99 12.21
C ASN L 488 28.19 -63.95 12.00
N ASN L 489 28.36 -63.10 13.00
CA ASN L 489 29.51 -62.21 13.07
C ASN L 489 30.15 -62.38 14.44
N LYS L 490 30.88 -61.36 14.86
CA LYS L 490 31.45 -61.31 16.20
C LYS L 490 31.11 -59.97 16.85
N LEU L 491 29.92 -59.44 16.53
CA LEU L 491 29.43 -58.25 17.20
C LEU L 491 29.19 -58.55 18.67
N HIS L 492 29.56 -57.61 19.53
CA HIS L 492 29.36 -57.72 20.96
C HIS L 492 28.56 -56.52 21.45
N GLY L 493 28.26 -56.53 22.73
CA GLY L 493 27.47 -55.47 23.32
C GLY L 493 25.99 -55.79 23.27
N LYS L 494 25.21 -54.81 23.70
CA LYS L 494 23.77 -54.99 23.83
C LYS L 494 23.05 -54.53 22.57
N ILE L 495 21.90 -55.16 22.33
CA ILE L 495 21.00 -54.77 21.25
C ILE L 495 20.48 -53.38 21.57
N PRO L 496 20.69 -52.40 20.70
CA PRO L 496 20.34 -51.02 21.05
C PRO L 496 18.84 -50.87 21.30
N ASP L 497 18.52 -50.02 22.28
CA ASP L 497 17.13 -49.69 22.56
C ASP L 497 16.50 -48.87 21.44
N GLN L 498 17.32 -48.16 20.67
CA GLN L 498 16.84 -47.30 19.60
C GLN L 498 16.33 -48.08 18.40
N LEU L 499 16.67 -49.37 18.28
CA LEU L 499 16.10 -50.21 17.23
C LEU L 499 14.58 -50.24 17.30
N THR L 500 13.98 -49.85 18.43
CA THR L 500 12.53 -49.80 18.54
C THR L 500 11.93 -48.65 17.74
N ASN L 501 12.73 -47.69 17.29
CA ASN L 501 12.23 -46.58 16.50
C ASN L 501 12.24 -46.86 15.00
N CYS L 502 12.78 -48.01 14.58
CA CYS L 502 12.65 -48.44 13.20
C CYS L 502 11.18 -48.77 12.94
N PHE L 503 10.42 -47.77 12.49
CA PHE L 503 8.98 -47.86 12.38
C PHE L 503 8.51 -49.05 11.54
N THR L 504 9.38 -49.61 10.70
CA THR L 504 8.98 -50.65 9.76
C THR L 504 9.78 -51.94 9.90
N LEU L 505 10.54 -52.09 10.99
CA LEU L 505 11.44 -53.23 11.14
C LEU L 505 10.63 -54.49 11.42
N VAL L 506 10.55 -55.38 10.44
CA VAL L 506 9.74 -56.59 10.55
C VAL L 506 10.61 -57.82 10.76
N ASN L 507 11.78 -57.85 10.14
CA ASN L 507 12.67 -59.00 10.24
C ASN L 507 14.04 -58.58 10.75
N LEU L 508 14.48 -59.24 11.81
CA LEU L 508 15.75 -58.95 12.47
C LEU L 508 16.43 -60.26 12.83
N ASN L 509 17.68 -60.43 12.41
CA ASN L 509 18.43 -61.64 12.72
C ASN L 509 19.83 -61.24 13.17
N VAL L 510 20.08 -61.30 14.47
CA VAL L 510 21.37 -60.97 15.06
C VAL L 510 21.96 -62.20 15.78
N SER L 511 21.49 -63.39 15.43
CA SER L 511 21.91 -64.61 16.10
C SER L 511 23.40 -64.89 15.85
N PHE L 512 23.95 -65.80 16.63
CA PHE L 512 25.33 -66.28 16.48
C PHE L 512 26.33 -65.13 16.47
N ASN L 513 26.23 -64.28 17.49
CA ASN L 513 27.24 -63.26 17.73
C ASN L 513 27.85 -63.43 19.12
N ASN L 514 28.38 -62.33 19.67
CA ASN L 514 28.79 -62.29 21.07
C ASN L 514 27.98 -61.25 21.82
N LEU L 515 26.75 -61.01 21.36
CA LEU L 515 25.88 -60.01 21.98
C LEU L 515 25.49 -60.44 23.39
N SER L 516 25.41 -59.45 24.28
CA SER L 516 24.98 -59.63 25.65
C SER L 516 23.82 -58.68 25.95
N GLY L 517 23.20 -58.87 27.10
CA GLY L 517 22.09 -58.04 27.53
C GLY L 517 20.74 -58.73 27.39
N ILE L 518 19.70 -57.90 27.37
CA ILE L 518 18.36 -58.33 27.04
C ILE L 518 17.94 -57.64 25.75
N VAL L 519 16.83 -58.13 25.19
CA VAL L 519 16.24 -57.55 23.99
C VAL L 519 15.30 -56.43 24.42
N PRO L 520 15.42 -55.24 23.84
CA PRO L 520 14.55 -54.14 24.24
C PRO L 520 13.14 -54.37 23.73
N PRO L 521 12.16 -53.61 24.23
CA PRO L 521 10.79 -53.73 23.73
C PRO L 521 10.66 -53.39 22.26
N MET L 522 10.52 -54.40 21.41
CA MET L 522 10.32 -54.20 19.99
C MET L 522 8.83 -54.20 19.67
N LYS L 523 8.41 -53.22 18.85
CA LYS L 523 7.00 -53.10 18.47
C LYS L 523 6.55 -54.16 17.48
N ASN L 524 7.46 -55.02 17.02
CA ASN L 524 7.14 -56.11 16.11
C ASN L 524 7.88 -57.37 16.53
N PHE L 525 7.98 -57.59 17.84
CA PHE L 525 8.75 -58.71 18.37
C PHE L 525 8.20 -60.05 17.92
N SER L 526 6.92 -60.12 17.55
CA SER L 526 6.27 -61.38 17.20
C SER L 526 6.47 -61.76 15.74
N ARG L 527 6.81 -60.80 14.88
CA ARG L 527 7.07 -61.09 13.47
C ARG L 527 8.44 -61.70 13.24
N PHE L 528 9.31 -61.72 14.25
CA PHE L 528 10.64 -62.28 14.12
C PHE L 528 10.59 -63.80 14.06
N ALA L 529 11.64 -64.38 13.48
CA ALA L 529 11.84 -65.81 13.49
C ALA L 529 12.12 -66.29 14.93
N PRO L 530 11.95 -67.58 15.20
CA PRO L 530 12.30 -68.08 16.54
C PRO L 530 13.79 -67.95 16.86
N ALA L 531 14.66 -68.31 15.92
CA ALA L 531 16.10 -68.30 16.14
C ALA L 531 16.73 -66.93 15.89
N SER L 532 15.98 -65.86 16.17
CA SER L 532 16.49 -64.52 15.91
C SER L 532 17.70 -64.18 16.76
N PHE L 533 17.80 -64.76 17.96
CA PHE L 533 18.84 -64.40 18.90
C PHE L 533 19.66 -65.56 19.41
N VAL L 534 19.43 -66.78 18.91
CA VAL L 534 20.17 -67.94 19.41
C VAL L 534 21.65 -67.81 19.08
N GLY L 535 22.49 -68.49 19.86
CA GLY L 535 23.92 -68.50 19.64
C GLY L 535 24.66 -67.33 20.25
N ASN L 536 23.97 -66.44 20.94
CA ASN L 536 24.63 -65.43 21.76
C ASN L 536 24.76 -65.96 23.18
N PRO L 537 25.98 -66.17 23.68
CA PRO L 537 26.13 -66.78 25.01
C PRO L 537 25.48 -65.97 26.12
N TYR L 538 25.95 -64.74 26.30
CA TYR L 538 25.53 -63.87 27.39
C TYR L 538 24.26 -63.07 27.08
N LEU L 539 23.47 -63.47 26.09
CA LEU L 539 22.20 -62.83 25.80
C LEU L 539 21.09 -63.54 26.57
N CYS L 540 20.29 -62.78 27.30
CA CYS L 540 19.30 -63.30 28.25
C CYS L 540 17.91 -63.12 27.64
N GLY L 541 17.30 -64.24 27.24
CA GLY L 541 15.93 -64.22 26.76
C GLY L 541 15.14 -65.46 27.13
N ASN L 542 14.01 -65.66 26.45
CA ASN L 542 13.12 -66.79 26.72
C ASN L 542 13.22 -67.79 25.56
N TRP L 543 14.39 -68.40 25.43
CA TRP L 543 14.62 -69.40 24.40
C TRP L 543 15.71 -70.36 24.88
N VAL L 544 15.80 -71.49 24.20
CA VAL L 544 16.80 -72.50 24.55
C VAL L 544 18.15 -72.07 24.00
N GLY L 545 19.20 -72.30 24.77
CA GLY L 545 20.53 -71.82 24.45
C GLY L 545 20.90 -70.51 25.10
N SER L 546 19.97 -69.85 25.79
CA SER L 546 20.27 -68.68 26.59
C SER L 546 20.48 -69.09 28.04
N ILE L 547 21.29 -68.31 28.76
CA ILE L 547 21.46 -68.54 30.19
C ILE L 547 20.19 -68.25 30.97
N CYS L 548 19.22 -67.56 30.36
CA CYS L 548 17.92 -67.35 30.97
C CYS L 548 16.86 -68.27 30.36
#